data_8TS6
#
_entry.id   8TS6
#
_cell.length_a   1.00
_cell.length_b   1.00
_cell.length_c   1.00
_cell.angle_alpha   90.00
_cell.angle_beta   90.00
_cell.angle_gamma   90.00
#
_symmetry.space_group_name_H-M   'P 1'
#
_entity_poly.entity_id   1
_entity_poly.type   'polypeptide(L)'
_entity_poly.pdbx_seq_one_letter_code
;MLYTDSLNYKQLSTVSDDMQSYLPVAKEIAKIAQGGHELDPEDYLLIRDEESPGVTKKRIEKFAPENYLGAAIRLQRVLQ
KSGVLEIKSDSLPGDLTVWESFFNKVDKRNSSLKDFVIDVFTEALVNKYCYVQVELSKLDFDTVTEAEAEGILSTRKPYY
FKIPLQSIMVEKCDGDTIQWIKYKRLDKIDNPFDKTIYNMSYVLIDDQHITTWTYYDIIVSDSGGISKIWDQSLNYGKGA
YRSIDKEKDKADPVSFAHNRGSCPVVRYRMDESLYMADQVYLAQRMIYGLSMNLFHTAANAGFVQKWIRPYIAGNDTRIS
KESGGASYIPLPKEALNEIIKKYAESLGDESVIMADFFTFEELAGTSVEMQIGLIERLRNYIFTAILFNNAKFEQSTSDS
QSGAAKEIDFYVQNLALKDHGSGIVEFTRSLLHHTAKAFGYDSGGSIVVSGMDRYDVRPIEQVLSLIERLFKLPQLAIPK
DLLIESMSQLSRLIIENTTFEYKNTLNDAIISNIDEYLNSVKKQSNDAFNETVK
;
_entity_poly.pdbx_strand_id   A,B,C,D,E,F,G,H,I,J,K,L
#
# COMPACT_ATOMS: atom_id res chain seq x y z
N MET A 1 -34.74 -65.15 13.29
CA MET A 1 -35.61 -66.26 13.66
C MET A 1 -35.17 -66.86 15.00
N LEU A 2 -35.81 -67.95 15.39
CA LEU A 2 -35.55 -68.57 16.69
C LEU A 2 -34.52 -69.68 16.52
N TYR A 3 -33.33 -69.46 17.08
CA TYR A 3 -32.28 -70.47 17.08
C TYR A 3 -32.24 -71.15 18.44
N THR A 4 -32.18 -72.48 18.44
CA THR A 4 -32.14 -73.26 19.68
C THR A 4 -31.07 -74.34 19.66
N ASP A 5 -30.14 -74.30 18.71
CA ASP A 5 -29.13 -75.33 18.55
C ASP A 5 -27.76 -74.75 18.87
N SER A 6 -27.01 -75.44 19.74
CA SER A 6 -25.65 -75.02 20.04
C SER A 6 -24.78 -75.14 18.79
N LEU A 7 -23.84 -74.21 18.64
CA LEU A 7 -22.98 -74.14 17.48
C LEU A 7 -21.52 -74.20 17.92
N ASN A 8 -20.71 -74.90 17.13
CA ASN A 8 -19.28 -74.96 17.39
C ASN A 8 -18.62 -73.62 17.10
N TYR A 9 -17.42 -73.44 17.66
CA TYR A 9 -16.72 -72.17 17.51
C TYR A 9 -16.47 -71.81 16.05
N LYS A 10 -16.26 -72.82 15.20
CA LYS A 10 -16.04 -72.55 13.79
C LYS A 10 -17.26 -71.89 13.16
N GLN A 11 -18.45 -72.37 13.50
CA GLN A 11 -19.67 -71.79 12.95
C GLN A 11 -19.86 -70.35 13.41
N LEU A 12 -19.62 -70.08 14.70
CA LEU A 12 -19.78 -68.71 15.20
C LEU A 12 -18.74 -67.79 14.58
N SER A 13 -17.50 -68.25 14.44
CA SER A 13 -16.39 -67.37 14.10
C SER A 13 -16.29 -67.07 12.62
N THR A 14 -17.22 -67.54 11.79
CA THR A 14 -17.13 -67.31 10.36
C THR A 14 -17.30 -65.83 10.05
N VAL A 15 -16.57 -65.36 9.04
CA VAL A 15 -16.61 -63.97 8.59
C VAL A 15 -16.83 -63.97 7.08
N SER A 16 -17.74 -63.13 6.61
CA SER A 16 -18.02 -63.08 5.19
C SER A 16 -16.81 -62.60 4.41
N ASP A 17 -16.73 -62.99 3.14
CA ASP A 17 -15.54 -62.71 2.35
C ASP A 17 -15.33 -61.21 2.18
N ASP A 18 -16.40 -60.46 1.93
CA ASP A 18 -16.24 -59.02 1.76
C ASP A 18 -15.73 -58.37 3.04
N MET A 19 -16.26 -58.79 4.20
CA MET A 19 -15.74 -58.28 5.46
C MET A 19 -14.30 -58.72 5.68
N GLN A 20 -13.97 -59.96 5.32
CA GLN A 20 -12.58 -60.41 5.43
C GLN A 20 -11.64 -59.54 4.59
N SER A 21 -12.11 -59.09 3.43
CA SER A 21 -11.26 -58.25 2.58
C SER A 21 -11.19 -56.83 3.11
N TYR A 22 -12.29 -56.32 3.68
CA TYR A 22 -12.37 -54.91 4.02
C TYR A 22 -11.83 -54.59 5.41
N LEU A 23 -11.95 -55.50 6.38
CA LEU A 23 -11.50 -55.19 7.74
C LEU A 23 -10.03 -54.84 7.84
N PRO A 24 -9.08 -55.53 7.19
CA PRO A 24 -7.68 -55.13 7.34
C PRO A 24 -7.38 -53.70 6.91
N VAL A 25 -7.92 -53.27 5.77
CA VAL A 25 -7.64 -51.91 5.30
C VAL A 25 -8.29 -50.88 6.23
N ALA A 26 -9.49 -51.19 6.74
CA ALA A 26 -10.13 -50.29 7.69
C ALA A 26 -9.30 -50.17 8.96
N LYS A 27 -8.77 -51.30 9.45
CA LYS A 27 -7.92 -51.26 10.64
C LYS A 27 -6.66 -50.45 10.38
N GLU A 28 -6.04 -50.64 9.22
CA GLU A 28 -4.84 -49.89 8.88
C GLU A 28 -5.12 -48.40 8.83
N ILE A 29 -6.21 -48.01 8.17
CA ILE A 29 -6.54 -46.59 8.06
C ILE A 29 -6.86 -45.99 9.43
N ALA A 30 -7.59 -46.74 10.25
CA ALA A 30 -7.91 -46.25 11.60
C ALA A 30 -6.64 -46.08 12.42
N LYS A 31 -5.72 -47.04 12.35
CA LYS A 31 -4.46 -46.92 13.09
C LYS A 31 -3.66 -45.72 12.61
N ILE A 32 -3.60 -45.51 11.30
CA ILE A 32 -2.85 -44.36 10.76
C ILE A 32 -3.47 -43.06 11.23
N ALA A 33 -4.80 -42.96 11.15
CA ALA A 33 -5.47 -41.70 11.46
C ALA A 33 -5.41 -41.38 12.95
N GLN A 34 -5.70 -42.37 13.80
CA GLN A 34 -5.73 -42.12 15.24
C GLN A 34 -4.34 -41.78 15.77
N GLY A 35 -3.31 -42.45 15.27
CA GLY A 35 -1.96 -42.18 15.74
C GLY A 35 -1.82 -42.44 17.22
N GLY A 36 -1.20 -41.51 17.93
CA GLY A 36 -1.04 -41.66 19.36
C GLY A 36 0.02 -42.69 19.72
N HIS A 37 -0.07 -43.16 20.97
CA HIS A 37 0.90 -44.12 21.48
C HIS A 37 0.74 -45.50 20.84
N GLU A 38 -0.40 -45.77 20.20
CA GLU A 38 -0.61 -47.08 19.59
C GLU A 38 0.28 -47.31 18.37
N LEU A 39 0.87 -46.25 17.81
CA LEU A 39 1.72 -46.42 16.65
C LEU A 39 2.99 -47.18 17.01
N ASP A 40 3.39 -48.07 16.11
CA ASP A 40 4.63 -48.83 16.26
C ASP A 40 5.62 -48.33 15.23
N PRO A 41 6.75 -47.73 15.64
CA PRO A 41 7.70 -47.20 14.66
C PRO A 41 8.23 -48.23 13.70
N GLU A 42 8.35 -49.49 14.13
CA GLU A 42 8.87 -50.55 13.26
C GLU A 42 8.11 -50.61 11.94
N ASP A 43 6.80 -50.44 11.99
CA ASP A 43 5.96 -50.55 10.80
C ASP A 43 6.14 -49.39 9.83
N TYR A 44 6.83 -48.32 10.23
CA TYR A 44 6.95 -47.12 9.40
C TYR A 44 8.41 -46.75 9.23
N LEU A 45 9.24 -47.74 8.91
CA LEU A 45 10.67 -47.54 8.73
C LEU A 45 11.01 -47.57 7.25
N LEU A 46 11.66 -46.52 6.78
CA LEU A 46 12.25 -46.51 5.44
C LEU A 46 13.73 -46.91 5.52
N ILE A 47 13.94 -48.11 6.07
CA ILE A 47 15.29 -48.60 6.34
C ILE A 47 16.02 -48.90 5.04
N ARG A 48 17.32 -48.62 5.03
CA ARG A 48 18.16 -48.88 3.86
C ARG A 48 18.47 -50.39 3.79
N ASP A 49 17.39 -51.16 3.61
CA ASP A 49 17.47 -52.58 3.26
C ASP A 49 18.28 -53.37 4.28
N GLU A 50 17.77 -53.40 5.52
CA GLU A 50 18.30 -54.26 6.58
C GLU A 50 19.76 -53.94 6.88
N GLU A 51 19.99 -52.74 7.43
CA GLU A 51 21.29 -52.39 7.96
C GLU A 51 21.39 -52.89 9.40
N SER A 52 22.46 -52.51 10.10
CA SER A 52 22.68 -53.01 11.45
C SER A 52 21.53 -52.62 12.37
N PRO A 53 21.06 -53.52 13.23
CA PRO A 53 19.93 -53.19 14.11
C PRO A 53 20.22 -52.06 15.08
N GLY A 54 21.49 -51.81 15.42
CA GLY A 54 21.78 -50.72 16.33
C GLY A 54 21.37 -49.37 15.78
N VAL A 55 21.73 -49.11 14.53
CA VAL A 55 21.30 -47.87 13.88
C VAL A 55 19.80 -47.86 13.69
N THR A 56 19.17 -49.02 13.46
CA THR A 56 17.72 -49.06 13.34
C THR A 56 17.05 -48.61 14.63
N LYS A 57 17.52 -49.12 15.76
CA LYS A 57 16.94 -48.70 17.04
C LYS A 57 17.26 -47.25 17.36
N LYS A 58 18.45 -46.77 16.97
CA LYS A 58 18.76 -45.37 17.17
C LYS A 58 17.83 -44.48 16.36
N ARG A 59 17.53 -44.89 15.12
CA ARG A 59 16.58 -44.15 14.30
C ARG A 59 15.18 -44.21 14.90
N ILE A 60 14.78 -45.37 15.42
CA ILE A 60 13.47 -45.51 16.04
C ILE A 60 13.34 -44.58 17.24
N GLU A 61 14.43 -44.37 17.97
CA GLU A 61 14.38 -43.48 19.13
C GLU A 61 13.95 -42.07 18.76
N LYS A 62 14.09 -41.68 17.50
CA LYS A 62 13.73 -40.33 17.05
C LYS A 62 12.41 -40.32 16.31
N PHE A 63 11.45 -41.14 16.74
CA PHE A 63 10.15 -41.23 16.09
C PHE A 63 9.22 -40.17 16.69
N ALA A 64 8.91 -39.15 15.91
CA ALA A 64 8.01 -38.07 16.33
C ALA A 64 6.89 -37.97 15.30
N PRO A 65 5.82 -38.73 15.47
CA PRO A 65 4.75 -38.74 14.46
C PRO A 65 4.00 -37.41 14.44
N GLU A 66 3.84 -36.89 13.23
CA GLU A 66 3.04 -35.68 13.00
C GLU A 66 1.76 -36.12 12.29
N ASN A 67 0.72 -36.38 13.08
CA ASN A 67 -0.54 -36.92 12.56
C ASN A 67 -1.37 -35.78 11.98
N TYR A 68 -0.96 -35.33 10.80
CA TYR A 68 -1.74 -34.31 10.11
C TYR A 68 -3.10 -34.84 9.68
N LEU A 69 -3.20 -36.14 9.41
CA LEU A 69 -4.51 -36.72 9.12
C LEU A 69 -5.43 -36.63 10.34
N GLY A 70 -4.88 -36.86 11.53
CA GLY A 70 -5.67 -36.66 12.73
C GLY A 70 -6.12 -35.23 12.88
N ALA A 71 -5.25 -34.27 12.55
CA ALA A 71 -5.64 -32.87 12.61
C ALA A 71 -6.75 -32.56 11.63
N ALA A 72 -6.68 -33.13 10.42
CA ALA A 72 -7.74 -32.92 9.44
C ALA A 72 -9.06 -33.52 9.90
N ILE A 73 -9.01 -34.71 10.49
CA ILE A 73 -10.23 -35.33 11.01
C ILE A 73 -10.82 -34.47 12.13
N ARG A 74 -9.97 -33.97 13.01
CA ARG A 74 -10.42 -33.09 14.08
C ARG A 74 -11.06 -31.82 13.50
N LEU A 75 -10.44 -31.24 12.48
CA LEU A 75 -10.98 -30.03 11.87
C LEU A 75 -12.35 -30.29 11.25
N GLN A 76 -12.49 -31.40 10.51
CA GLN A 76 -13.77 -31.71 9.89
C GLN A 76 -14.83 -31.97 10.94
N ARG A 77 -14.49 -32.70 11.99
CA ARG A 77 -15.46 -32.97 13.05
C ARG A 77 -15.91 -31.69 13.71
N VAL A 78 -14.98 -30.79 14.03
CA VAL A 78 -15.32 -29.54 14.69
C VAL A 78 -16.19 -28.67 13.78
N LEU A 79 -15.81 -28.57 12.50
CA LEU A 79 -16.60 -27.78 11.55
C LEU A 79 -18.02 -28.31 11.44
N GLN A 80 -18.18 -29.64 11.36
CA GLN A 80 -19.53 -30.19 11.29
C GLN A 80 -20.28 -29.97 12.60
N LYS A 81 -19.59 -30.07 13.74
CA LYS A 81 -20.20 -29.78 15.03
C LYS A 81 -20.68 -28.35 15.13
N SER A 82 -20.06 -27.43 14.39
CA SER A 82 -20.48 -26.04 14.41
C SER A 82 -21.91 -25.84 13.89
N GLY A 83 -22.47 -26.81 13.19
CA GLY A 83 -23.81 -26.68 12.68
C GLY A 83 -24.86 -26.82 13.76
N VAL A 84 -26.12 -26.74 13.33
CA VAL A 84 -27.28 -26.80 14.22
C VAL A 84 -28.13 -27.99 13.81
N LEU A 85 -28.59 -28.76 14.80
CA LEU A 85 -29.48 -29.88 14.58
C LEU A 85 -30.82 -29.57 15.23
N GLU A 86 -31.89 -29.72 14.46
CA GLU A 86 -33.23 -29.32 14.87
C GLU A 86 -34.19 -30.50 14.79
N ILE A 87 -34.97 -30.69 15.85
CA ILE A 87 -36.00 -31.72 15.90
C ILE A 87 -37.33 -31.02 16.12
N LYS A 88 -38.31 -31.33 15.28
CA LYS A 88 -39.63 -30.72 15.41
C LYS A 88 -40.51 -31.55 16.31
N SER A 89 -40.94 -30.98 17.43
CA SER A 89 -41.66 -31.76 18.45
C SER A 89 -42.99 -32.29 17.92
N ASP A 90 -43.72 -31.47 17.15
CA ASP A 90 -45.04 -31.88 16.69
C ASP A 90 -44.99 -33.09 15.77
N SER A 91 -43.89 -33.32 15.08
CA SER A 91 -43.76 -34.45 14.18
C SER A 91 -43.45 -35.75 14.91
N LEU A 92 -43.09 -35.69 16.18
CA LEU A 92 -42.78 -36.91 16.92
C LEU A 92 -44.06 -37.67 17.23
N PRO A 93 -44.17 -38.94 16.83
CA PRO A 93 -45.37 -39.70 17.15
C PRO A 93 -45.45 -40.02 18.64
N GLY A 94 -46.66 -40.29 19.09
CA GLY A 94 -46.87 -40.66 20.47
C GLY A 94 -46.69 -39.49 21.43
N ASP A 95 -46.56 -39.84 22.70
CA ASP A 95 -46.41 -38.84 23.75
C ASP A 95 -45.11 -38.08 23.59
N LEU A 96 -45.17 -36.77 23.78
CA LEU A 96 -43.96 -35.94 23.70
C LEU A 96 -43.11 -36.06 24.95
N THR A 97 -43.73 -36.31 26.11
CA THR A 97 -42.99 -36.36 27.36
C THR A 97 -41.97 -37.50 27.35
N VAL A 98 -42.36 -38.67 26.85
CA VAL A 98 -41.42 -39.78 26.78
C VAL A 98 -40.30 -39.46 25.81
N TRP A 99 -40.60 -38.74 24.73
CA TRP A 99 -39.54 -38.34 23.80
C TRP A 99 -38.54 -37.41 24.48
N GLU A 100 -39.03 -36.45 25.26
CA GLU A 100 -38.11 -35.57 25.99
C GLU A 100 -37.29 -36.35 27.01
N SER A 101 -37.92 -37.28 27.71
CA SER A 101 -37.20 -38.10 28.68
C SER A 101 -36.09 -38.89 28.01
N PHE A 102 -36.38 -39.47 26.84
CA PHE A 102 -35.35 -40.17 26.10
C PHE A 102 -34.25 -39.23 25.64
N PHE A 103 -34.62 -38.04 25.16
CA PHE A 103 -33.63 -37.09 24.66
C PHE A 103 -32.77 -36.50 25.76
N ASN A 104 -33.17 -36.65 27.02
CA ASN A 104 -32.27 -36.25 28.10
C ASN A 104 -30.97 -37.04 28.06
N LYS A 105 -31.06 -38.34 27.80
CA LYS A 105 -29.89 -39.22 27.71
C LYS A 105 -30.16 -40.23 26.61
N VAL A 106 -29.60 -40.00 25.43
CA VAL A 106 -29.87 -40.86 24.28
C VAL A 106 -29.00 -42.10 24.25
N ASP A 107 -27.96 -42.19 25.07
CA ASP A 107 -27.09 -43.35 25.08
C ASP A 107 -26.43 -43.48 26.45
N LYS A 108 -25.72 -44.59 26.63
CA LYS A 108 -25.06 -44.85 27.90
C LYS A 108 -23.90 -43.90 28.16
N ARG A 109 -23.44 -43.17 27.14
CA ARG A 109 -22.37 -42.21 27.29
C ARG A 109 -22.85 -40.84 27.71
N ASN A 110 -24.16 -40.69 27.97
CA ASN A 110 -24.81 -39.49 28.46
C ASN A 110 -24.81 -38.34 27.45
N SER A 111 -24.28 -38.54 26.25
CA SER A 111 -24.27 -37.48 25.26
C SER A 111 -25.68 -37.20 24.75
N SER A 112 -25.90 -35.98 24.28
CA SER A 112 -27.19 -35.61 23.72
C SER A 112 -27.29 -36.14 22.28
N LEU A 113 -28.44 -35.90 21.65
CA LEU A 113 -28.68 -36.43 20.32
C LEU A 113 -27.68 -35.88 19.31
N LYS A 114 -27.46 -34.56 19.33
CA LYS A 114 -26.51 -33.97 18.40
C LYS A 114 -25.09 -34.48 18.65
N ASP A 115 -24.71 -34.60 19.92
CA ASP A 115 -23.38 -35.11 20.23
C ASP A 115 -23.21 -36.55 19.75
N PHE A 116 -24.23 -37.38 19.95
CA PHE A 116 -24.15 -38.76 19.51
C PHE A 116 -24.05 -38.84 17.98
N VAL A 117 -24.85 -38.04 17.28
CA VAL A 117 -24.81 -38.08 15.82
C VAL A 117 -23.47 -37.58 15.31
N ILE A 118 -22.90 -36.57 15.96
CA ILE A 118 -21.59 -36.08 15.54
C ILE A 118 -20.51 -37.13 15.81
N ASP A 119 -20.64 -37.86 16.92
CA ASP A 119 -19.69 -38.95 17.17
C ASP A 119 -19.82 -40.03 16.12
N VAL A 120 -21.05 -40.37 15.72
CA VAL A 120 -21.25 -41.34 14.66
C VAL A 120 -20.63 -40.84 13.36
N PHE A 121 -20.82 -39.55 13.06
CA PHE A 121 -20.23 -38.96 11.86
C PHE A 121 -18.71 -39.04 11.91
N THR A 122 -18.13 -38.78 13.07
CA THR A 122 -16.67 -38.86 13.20
C THR A 122 -16.18 -40.28 13.00
N GLU A 123 -16.87 -41.25 13.59
CA GLU A 123 -16.47 -42.64 13.42
C GLU A 123 -16.55 -43.05 11.96
N ALA A 124 -17.59 -42.61 11.25
CA ALA A 124 -17.67 -42.88 9.82
C ALA A 124 -16.57 -42.13 9.07
N LEU A 125 -16.20 -40.95 9.54
CA LEU A 125 -15.19 -40.15 8.86
C LEU A 125 -13.83 -40.84 8.91
N VAL A 126 -13.45 -41.37 10.07
CA VAL A 126 -12.17 -42.09 10.14
C VAL A 126 -12.27 -43.40 9.37
N ASN A 127 -13.42 -44.07 9.41
CA ASN A 127 -13.63 -45.29 8.65
C ASN A 127 -15.13 -45.47 8.44
N LYS A 128 -15.54 -45.67 7.19
CA LYS A 128 -16.95 -45.66 6.84
C LYS A 128 -17.72 -46.78 7.53
N TYR A 129 -19.03 -46.83 7.31
CA TYR A 129 -19.91 -47.87 7.86
C TYR A 129 -19.87 -47.87 9.39
N CYS A 130 -20.36 -46.78 9.97
CA CYS A 130 -20.57 -46.72 11.41
C CYS A 130 -21.93 -47.34 11.74
N TYR A 131 -21.93 -48.33 12.62
CA TYR A 131 -23.14 -49.09 12.93
C TYR A 131 -23.67 -48.69 14.30
N VAL A 132 -24.98 -48.48 14.37
CA VAL A 132 -25.65 -48.11 15.61
C VAL A 132 -26.81 -49.06 15.85
N GLN A 133 -26.98 -49.48 17.09
CA GLN A 133 -28.08 -50.36 17.48
C GLN A 133 -28.91 -49.68 18.55
N VAL A 134 -30.21 -49.92 18.52
CA VAL A 134 -31.16 -49.37 19.49
C VAL A 134 -31.72 -50.52 20.30
N GLU A 135 -31.56 -50.47 21.62
CA GLU A 135 -32.03 -51.55 22.47
C GLU A 135 -32.74 -51.00 23.69
N LEU A 136 -33.09 -51.90 24.61
CA LEU A 136 -33.89 -51.58 25.79
C LEU A 136 -33.22 -52.15 27.03
N SER A 137 -33.94 -52.09 28.14
CA SER A 137 -33.52 -52.74 29.37
C SER A 137 -34.34 -54.00 29.60
N LYS A 138 -33.77 -54.94 30.34
CA LYS A 138 -34.36 -56.26 30.53
C LYS A 138 -34.92 -56.40 31.95
N LEU A 139 -36.16 -56.88 32.03
CA LEU A 139 -36.82 -57.13 33.32
C LEU A 139 -37.47 -58.51 33.26
N ASP A 140 -37.25 -59.31 34.30
CA ASP A 140 -37.78 -60.67 34.35
C ASP A 140 -38.44 -60.91 35.70
N PHE A 141 -39.61 -61.54 35.68
CA PHE A 141 -40.36 -61.86 36.88
C PHE A 141 -41.07 -63.20 36.70
N ASP A 142 -41.43 -63.81 37.82
CA ASP A 142 -42.11 -65.09 37.85
C ASP A 142 -43.57 -64.91 38.25
N THR A 143 -44.36 -65.94 37.99
CA THR A 143 -45.81 -65.93 38.25
C THR A 143 -46.47 -64.71 37.62
N VAL A 144 -46.09 -64.45 36.36
CA VAL A 144 -46.53 -63.25 35.66
C VAL A 144 -47.97 -63.39 35.23
N THR A 145 -48.78 -62.38 35.51
CA THR A 145 -50.16 -62.29 35.06
C THR A 145 -50.22 -61.32 33.88
N GLU A 146 -51.45 -61.02 33.42
CA GLU A 146 -51.62 -60.10 32.30
C GLU A 146 -51.18 -58.68 32.68
N ALA A 147 -51.50 -58.25 33.90
CA ALA A 147 -51.10 -56.92 34.33
C ALA A 147 -49.58 -56.80 34.42
N GLU A 148 -48.91 -57.85 34.89
CA GLU A 148 -47.45 -57.83 34.96
C GLU A 148 -46.85 -57.74 33.56
N ALA A 149 -47.41 -58.48 32.60
CA ALA A 149 -46.94 -58.39 31.22
C ALA A 149 -47.17 -57.00 30.66
N GLU A 150 -48.32 -56.39 30.96
CA GLU A 150 -48.60 -55.03 30.49
C GLU A 150 -47.57 -54.05 31.06
N GLY A 151 -47.26 -54.18 32.36
CA GLY A 151 -46.25 -53.31 32.96
C GLY A 151 -44.88 -53.51 32.34
N ILE A 152 -44.50 -54.77 32.10
CA ILE A 152 -43.20 -55.05 31.47
C ILE A 152 -43.13 -54.42 30.09
N LEU A 153 -44.22 -54.54 29.32
CA LEU A 153 -44.23 -53.92 27.99
C LEU A 153 -44.17 -52.41 28.09
N SER A 154 -44.77 -51.83 29.13
CA SER A 154 -44.81 -50.38 29.28
C SER A 154 -43.54 -49.80 29.92
N THR A 155 -42.65 -50.64 30.43
CA THR A 155 -41.44 -50.18 31.12
C THR A 155 -40.19 -50.27 30.24
N ARG A 156 -40.31 -49.99 28.95
CA ARG A 156 -39.17 -50.06 28.05
C ARG A 156 -38.50 -48.69 27.92
N LYS A 157 -37.18 -48.67 28.08
CA LYS A 157 -36.38 -47.44 28.02
C LYS A 157 -35.23 -47.64 27.04
N PRO A 158 -35.40 -47.24 25.79
CA PRO A 158 -34.40 -47.54 24.77
C PRO A 158 -33.19 -46.62 24.86
N TYR A 159 -32.10 -47.08 24.24
CA TYR A 159 -30.89 -46.29 24.14
C TYR A 159 -30.05 -46.84 22.99
N TYR A 160 -29.05 -46.04 22.60
CA TYR A 160 -28.22 -46.32 21.44
C TYR A 160 -26.90 -46.96 21.87
N PHE A 161 -26.29 -47.66 20.92
CA PHE A 161 -25.04 -48.36 21.16
C PHE A 161 -24.27 -48.46 19.86
N LYS A 162 -23.06 -47.93 19.85
CA LYS A 162 -22.23 -47.90 18.66
C LYS A 162 -21.43 -49.19 18.55
N ILE A 163 -21.69 -49.97 17.51
CA ILE A 163 -20.99 -51.23 17.30
C ILE A 163 -19.66 -50.93 16.61
N PRO A 164 -18.54 -51.35 17.18
CA PRO A 164 -17.25 -51.14 16.51
C PRO A 164 -17.22 -51.85 15.16
N LEU A 165 -16.59 -51.19 14.19
CA LEU A 165 -16.53 -51.77 12.84
C LEU A 165 -15.76 -53.08 12.83
N GLN A 166 -14.63 -53.13 13.54
CA GLN A 166 -13.83 -54.34 13.56
C GLN A 166 -14.54 -55.50 14.22
N SER A 167 -15.57 -55.23 15.03
CA SER A 167 -16.34 -56.30 15.64
C SER A 167 -17.43 -56.85 14.73
N ILE A 168 -17.65 -56.23 13.57
CA ILE A 168 -18.63 -56.74 12.62
C ILE A 168 -18.09 -58.01 11.97
N MET A 169 -18.91 -59.05 11.92
CA MET A 169 -18.49 -60.31 11.33
C MET A 169 -19.17 -60.59 10.00
N VAL A 170 -20.50 -60.44 9.92
CA VAL A 170 -21.21 -60.65 8.68
C VAL A 170 -22.51 -59.86 8.75
N GLU A 171 -22.99 -59.41 7.60
CA GLU A 171 -24.28 -58.74 7.58
C GLU A 171 -24.91 -58.88 6.20
N LYS A 172 -26.22 -59.09 6.18
CA LYS A 172 -26.99 -59.07 4.95
C LYS A 172 -27.80 -57.78 4.95
N CYS A 173 -27.51 -56.91 3.99
CA CYS A 173 -28.16 -55.62 3.87
C CYS A 173 -28.38 -55.31 2.40
N ASP A 174 -29.55 -54.76 2.09
CA ASP A 174 -29.87 -54.28 0.75
C ASP A 174 -29.88 -52.76 0.80
N GLY A 175 -29.04 -52.13 -0.03
CA GLY A 175 -28.87 -50.70 0.05
C GLY A 175 -28.34 -50.29 1.40
N ASP A 176 -29.07 -49.42 2.11
CA ASP A 176 -28.70 -49.04 3.46
C ASP A 176 -29.41 -49.84 4.54
N THR A 177 -30.62 -50.32 4.27
CA THR A 177 -31.35 -51.12 5.25
C THR A 177 -30.65 -52.45 5.46
N ILE A 178 -30.54 -52.86 6.73
CA ILE A 178 -29.84 -54.07 7.11
C ILE A 178 -30.85 -55.16 7.39
N GLN A 179 -30.83 -56.22 6.59
CA GLN A 179 -31.73 -57.34 6.84
C GLN A 179 -31.37 -58.06 8.12
N TRP A 180 -30.10 -58.39 8.30
CA TRP A 180 -29.66 -58.98 9.57
C TRP A 180 -28.15 -58.82 9.68
N ILE A 181 -27.64 -59.01 10.90
CA ILE A 181 -26.22 -58.81 11.12
C ILE A 181 -25.71 -59.61 12.32
N LYS A 182 -24.59 -60.31 12.14
CA LYS A 182 -23.91 -61.00 13.22
C LYS A 182 -22.58 -60.33 13.49
N TYR A 183 -22.36 -59.93 14.74
CA TYR A 183 -21.11 -59.30 15.16
C TYR A 183 -20.64 -59.95 16.45
N LYS A 184 -19.46 -59.52 16.91
CA LYS A 184 -18.82 -60.07 18.10
C LYS A 184 -18.72 -58.99 19.17
N ARG A 185 -18.59 -59.45 20.41
CA ARG A 185 -18.55 -58.53 21.56
C ARG A 185 -17.75 -59.21 22.66
N LEU A 186 -16.59 -58.67 22.98
CA LEU A 186 -15.74 -59.16 24.06
C LEU A 186 -16.06 -58.36 25.31
N ASP A 187 -16.76 -58.98 26.25
CA ASP A 187 -17.17 -58.28 27.47
C ASP A 187 -16.35 -58.78 28.65
N LYS A 188 -15.77 -57.84 29.39
CA LYS A 188 -14.87 -58.17 30.49
C LYS A 188 -15.62 -58.08 31.80
N ILE A 189 -15.65 -59.19 32.53
CA ILE A 189 -16.15 -59.22 33.90
C ILE A 189 -14.99 -58.84 34.81
N ASP A 190 -15.08 -57.67 35.43
CA ASP A 190 -14.02 -57.16 36.28
C ASP A 190 -14.31 -57.53 37.73
N ASN A 191 -13.33 -58.12 38.39
CA ASN A 191 -13.45 -58.47 39.79
C ASN A 191 -12.63 -57.50 40.62
N PRO A 192 -13.22 -56.87 41.63
CA PRO A 192 -12.48 -55.87 42.41
C PRO A 192 -11.27 -56.42 43.13
N PHE A 193 -11.19 -57.73 43.36
CA PHE A 193 -10.08 -58.34 44.08
C PHE A 193 -9.61 -59.60 43.38
N ASP A 194 -9.58 -59.59 42.05
CA ASP A 194 -9.14 -60.75 41.29
C ASP A 194 -8.82 -60.32 39.87
N LYS A 195 -8.21 -61.24 39.12
CA LYS A 195 -7.87 -60.98 37.73
C LYS A 195 -9.13 -60.81 36.90
N THR A 196 -9.05 -59.93 35.91
CA THR A 196 -10.18 -59.70 35.01
C THR A 196 -10.49 -60.96 34.21
N ILE A 197 -11.78 -61.30 34.13
CA ILE A 197 -12.24 -62.43 33.34
C ILE A 197 -12.83 -61.88 32.05
N TYR A 198 -12.79 -62.68 30.99
CA TYR A 198 -13.30 -62.28 29.69
C TYR A 198 -14.35 -63.26 29.21
N ASN A 199 -15.38 -62.74 28.57
CA ASN A 199 -16.38 -63.56 27.89
C ASN A 199 -16.49 -63.08 26.45
N MET A 200 -16.80 -64.01 25.56
CA MET A 200 -16.95 -63.72 24.14
C MET A 200 -18.39 -63.98 23.75
N SER A 201 -19.05 -62.99 23.17
CA SER A 201 -20.42 -63.12 22.75
C SER A 201 -20.51 -62.90 21.25
N TYR A 202 -21.27 -63.74 20.58
CA TYR A 202 -21.60 -63.58 19.17
C TYR A 202 -23.08 -63.24 19.10
N VAL A 203 -23.38 -62.04 18.63
CA VAL A 203 -24.73 -61.51 18.62
C VAL A 203 -25.23 -61.49 17.19
N LEU A 204 -26.34 -62.18 16.95
CA LEU A 204 -27.02 -62.19 15.67
C LEU A 204 -28.34 -61.45 15.83
N ILE A 205 -28.49 -60.35 15.09
CA ILE A 205 -29.69 -59.53 15.12
C ILE A 205 -30.44 -59.78 13.82
N ASP A 206 -31.70 -60.19 13.95
CA ASP A 206 -32.53 -60.62 12.84
C ASP A 206 -33.72 -59.68 12.70
N ASP A 207 -34.66 -60.07 11.83
CA ASP A 207 -35.82 -59.22 11.58
C ASP A 207 -36.70 -59.09 12.82
N GLN A 208 -36.94 -60.19 13.52
CA GLN A 208 -37.81 -60.17 14.70
C GLN A 208 -37.21 -60.91 15.89
N HIS A 209 -35.95 -61.33 15.82
CA HIS A 209 -35.31 -62.01 16.94
C HIS A 209 -33.87 -61.53 17.07
N ILE A 210 -33.35 -61.61 18.29
CA ILE A 210 -31.95 -61.33 18.58
C ILE A 210 -31.42 -62.47 19.45
N THR A 211 -30.26 -62.99 19.09
CA THR A 211 -29.69 -64.17 19.72
C THR A 211 -28.24 -63.90 20.08
N THR A 212 -27.79 -64.53 21.16
CA THR A 212 -26.40 -64.41 21.61
C THR A 212 -25.87 -65.79 21.95
N TRP A 213 -24.68 -66.09 21.44
CA TRP A 213 -23.92 -67.26 21.85
C TRP A 213 -22.73 -66.80 22.69
N THR A 214 -22.60 -67.35 23.88
CA THR A 214 -21.61 -66.86 24.83
C THR A 214 -20.64 -67.96 25.23
N TYR A 215 -19.35 -67.68 25.09
CA TYR A 215 -18.27 -68.49 25.63
C TYR A 215 -17.72 -67.79 26.87
N TYR A 216 -17.69 -68.50 27.98
CA TYR A 216 -17.37 -67.92 29.28
C TYR A 216 -15.94 -68.20 29.68
N ASP A 217 -15.29 -67.20 30.28
CA ASP A 217 -13.94 -67.33 30.82
C ASP A 217 -12.97 -67.82 29.74
N ILE A 218 -12.84 -67.00 28.70
CA ILE A 218 -11.99 -67.32 27.57
C ILE A 218 -10.77 -66.41 27.60
N ILE A 219 -9.82 -66.71 26.72
CA ILE A 219 -8.63 -65.89 26.52
C ILE A 219 -8.67 -65.35 25.11
N VAL A 220 -8.54 -64.05 24.97
CA VAL A 220 -8.55 -63.42 23.64
C VAL A 220 -7.23 -63.72 22.94
N SER A 221 -7.33 -63.99 21.64
CA SER A 221 -6.15 -64.28 20.82
C SER A 221 -5.71 -63.03 20.08
N ASP A 222 -4.50 -63.11 19.51
CA ASP A 222 -3.95 -61.98 18.76
C ASP A 222 -4.76 -61.65 17.53
N SER A 223 -5.53 -62.60 17.01
CA SER A 223 -6.39 -62.35 15.86
C SER A 223 -7.76 -61.81 16.26
N GLY A 224 -7.97 -61.51 17.54
CA GLY A 224 -9.24 -61.05 18.01
C GLY A 224 -10.22 -62.15 18.36
N GLY A 225 -9.86 -63.42 18.17
CA GLY A 225 -10.71 -64.53 18.47
C GLY A 225 -10.40 -65.14 19.83
N ILE A 226 -10.80 -66.40 19.99
CA ILE A 226 -10.59 -67.13 21.23
C ILE A 226 -9.41 -68.06 21.05
N SER A 227 -8.49 -68.04 22.02
CA SER A 227 -7.34 -68.94 22.03
C SER A 227 -7.49 -70.06 23.05
N LYS A 228 -7.82 -69.71 24.29
CA LYS A 228 -7.98 -70.69 25.36
C LYS A 228 -9.30 -70.43 26.06
N ILE A 229 -9.92 -71.51 26.56
CA ILE A 229 -11.14 -71.40 27.34
C ILE A 229 -10.97 -72.14 28.66
N TRP A 230 -11.74 -71.74 29.64
CA TRP A 230 -11.73 -72.41 30.93
C TRP A 230 -12.43 -73.76 30.83
N ASP A 231 -12.00 -74.68 31.69
CA ASP A 231 -12.62 -76.00 31.77
C ASP A 231 -12.56 -76.44 33.22
N GLN A 232 -13.72 -76.47 33.88
CA GLN A 232 -13.76 -76.84 35.28
C GLN A 232 -13.38 -78.30 35.47
N SER A 233 -13.75 -79.16 34.52
CA SER A 233 -13.41 -80.56 34.61
C SER A 233 -11.91 -80.81 34.51
N LEU A 234 -11.16 -79.86 33.96
CA LEU A 234 -9.72 -80.02 33.82
C LEU A 234 -9.05 -80.00 35.20
N ASN A 235 -7.74 -80.23 35.20
CA ASN A 235 -6.94 -80.23 36.42
C ASN A 235 -7.53 -81.21 37.45
N TYR A 236 -7.88 -82.40 36.98
CA TYR A 236 -8.51 -83.43 37.82
C TYR A 236 -9.78 -82.90 38.48
N GLY A 237 -10.52 -82.08 37.74
CA GLY A 237 -11.74 -81.48 38.23
C GLY A 237 -11.57 -80.11 38.85
N LYS A 238 -10.34 -79.65 39.06
CA LYS A 238 -10.13 -78.32 39.62
C LYS A 238 -10.31 -77.23 38.58
N GLY A 239 -10.06 -77.53 37.31
CA GLY A 239 -10.27 -76.57 36.24
C GLY A 239 -8.97 -75.91 35.81
N ALA A 240 -8.88 -75.65 34.51
CA ALA A 240 -7.70 -75.01 33.94
C ALA A 240 -8.05 -74.48 32.55
N TYR A 241 -7.11 -73.77 31.95
CA TYR A 241 -7.29 -73.22 30.61
C TYR A 241 -6.79 -74.22 29.58
N ARG A 242 -7.66 -74.55 28.62
CA ARG A 242 -7.32 -75.49 27.56
C ARG A 242 -7.63 -74.87 26.22
N SER A 243 -6.94 -75.37 25.18
CA SER A 243 -7.09 -74.80 23.85
C SER A 243 -8.52 -74.96 23.34
N ILE A 244 -8.96 -73.98 22.56
CA ILE A 244 -10.32 -73.97 22.04
C ILE A 244 -10.46 -75.04 20.97
N ASP A 245 -11.57 -75.77 21.01
CA ASP A 245 -11.90 -76.78 20.01
C ASP A 245 -12.91 -76.21 19.04
N LYS A 246 -12.58 -76.24 17.75
CA LYS A 246 -13.43 -75.65 16.73
C LYS A 246 -14.62 -76.51 16.35
N GLU A 247 -14.70 -77.73 16.87
CA GLU A 247 -15.83 -78.61 16.58
C GLU A 247 -16.57 -79.12 17.80
N LYS A 248 -15.93 -79.15 18.97
CA LYS A 248 -16.54 -79.71 20.17
C LYS A 248 -16.93 -78.68 21.20
N ASP A 249 -16.32 -77.50 21.19
CA ASP A 249 -16.66 -76.44 22.13
C ASP A 249 -17.84 -75.66 21.55
N LYS A 250 -19.03 -75.92 22.09
CA LYS A 250 -20.27 -75.36 21.57
C LYS A 250 -20.89 -74.41 22.59
N ALA A 251 -21.48 -73.34 22.09
CA ALA A 251 -22.14 -72.34 22.92
C ALA A 251 -23.65 -72.46 22.75
N ASP A 252 -24.37 -72.50 23.86
CA ASP A 252 -25.82 -72.61 23.81
C ASP A 252 -26.42 -71.23 23.53
N PRO A 253 -27.22 -71.08 22.49
CA PRO A 253 -27.81 -69.76 22.20
C PRO A 253 -28.82 -69.34 23.25
N VAL A 254 -28.89 -68.04 23.47
CA VAL A 254 -29.97 -67.42 24.24
C VAL A 254 -30.58 -66.34 23.35
N SER A 255 -31.87 -66.48 23.08
CA SER A 255 -32.52 -65.63 22.09
C SER A 255 -33.83 -65.08 22.64
N PHE A 256 -34.22 -63.93 22.12
CA PHE A 256 -35.53 -63.39 22.44
C PHE A 256 -35.97 -62.47 21.31
N ALA A 257 -37.28 -62.25 21.22
CA ALA A 257 -37.87 -61.46 20.15
C ALA A 257 -38.06 -60.03 20.63
N HIS A 258 -37.47 -59.09 19.90
CA HIS A 258 -37.59 -57.68 20.24
C HIS A 258 -38.88 -57.06 19.72
N ASN A 259 -39.61 -57.75 18.85
CA ASN A 259 -40.90 -57.30 18.33
C ASN A 259 -40.79 -55.95 17.64
N ARG A 260 -39.60 -55.59 17.17
CA ARG A 260 -39.44 -54.34 16.44
C ARG A 260 -40.06 -54.42 15.05
N GLY A 261 -40.18 -55.61 14.48
CA GLY A 261 -40.65 -55.75 13.12
C GLY A 261 -39.58 -55.53 12.07
N SER A 262 -38.39 -55.09 12.47
CA SER A 262 -37.28 -54.89 11.56
C SER A 262 -36.00 -54.94 12.37
N CYS A 263 -34.88 -55.07 11.68
CA CYS A 263 -33.60 -55.16 12.36
C CYS A 263 -33.28 -53.83 13.03
N PRO A 264 -33.11 -53.78 14.35
CA PRO A 264 -32.91 -52.51 15.05
C PRO A 264 -31.47 -52.02 14.96
N VAL A 265 -30.95 -51.91 13.74
CA VAL A 265 -29.63 -51.35 13.50
C VAL A 265 -29.72 -50.38 12.33
N VAL A 266 -28.85 -49.37 12.36
CA VAL A 266 -28.75 -48.39 11.29
C VAL A 266 -27.27 -48.18 10.98
N ARG A 267 -26.94 -48.15 9.70
CA ARG A 267 -25.57 -47.96 9.26
C ARG A 267 -25.45 -46.60 8.59
N TYR A 268 -24.55 -45.78 9.09
CA TYR A 268 -24.19 -44.53 8.43
C TYR A 268 -22.99 -44.80 7.52
N ARG A 269 -23.14 -44.47 6.25
CA ARG A 269 -22.14 -44.79 5.24
C ARG A 269 -21.76 -43.48 4.55
N MET A 270 -20.58 -42.97 4.87
CA MET A 270 -20.08 -41.78 4.20
C MET A 270 -19.83 -42.07 2.74
N ASP A 271 -20.22 -41.14 1.86
CA ASP A 271 -20.07 -41.33 0.43
C ASP A 271 -18.59 -41.47 0.07
N GLU A 272 -18.31 -42.30 -0.93
CA GLU A 272 -16.93 -42.58 -1.30
C GLU A 272 -16.20 -41.32 -1.74
N SER A 273 -16.88 -40.47 -2.52
CA SER A 273 -16.26 -39.22 -2.97
C SER A 273 -15.93 -38.31 -1.80
N LEU A 274 -16.68 -38.41 -0.70
CA LEU A 274 -16.43 -37.57 0.46
C LEU A 274 -15.46 -38.20 1.46
N TYR A 275 -15.33 -39.52 1.43
CA TYR A 275 -14.44 -40.23 2.36
C TYR A 275 -13.00 -39.97 1.95
N MET A 276 -12.34 -39.04 2.63
CA MET A 276 -10.99 -38.65 2.28
C MET A 276 -9.91 -39.49 2.94
N ALA A 277 -10.22 -40.14 4.06
CA ALA A 277 -9.20 -40.90 4.79
C ALA A 277 -8.63 -42.03 3.94
N ASP A 278 -9.40 -42.53 2.97
CA ASP A 278 -8.92 -43.60 2.11
C ASP A 278 -7.79 -43.14 1.20
N GLN A 279 -7.63 -41.83 1.00
CA GLN A 279 -6.69 -41.32 0.02
C GLN A 279 -5.54 -40.52 0.62
N VAL A 280 -5.38 -40.54 1.95
CA VAL A 280 -4.33 -39.76 2.57
C VAL A 280 -3.54 -40.59 3.58
N TYR A 281 -4.08 -41.76 3.95
CA TYR A 281 -3.43 -42.55 4.99
C TYR A 281 -2.05 -43.01 4.55
N LEU A 282 -1.90 -43.38 3.27
CA LEU A 282 -0.58 -43.71 2.75
C LEU A 282 0.34 -42.51 2.85
N ALA A 283 -0.17 -41.31 2.52
CA ALA A 283 0.63 -40.10 2.68
C ALA A 283 1.02 -39.88 4.13
N GLN A 284 0.12 -40.21 5.06
CA GLN A 284 0.43 -40.01 6.48
C GLN A 284 1.53 -40.96 6.95
N ARG A 285 1.48 -42.23 6.54
CA ARG A 285 2.54 -43.15 6.93
C ARG A 285 3.86 -42.78 6.24
N MET A 286 3.78 -42.27 5.01
CA MET A 286 4.97 -41.74 4.36
C MET A 286 5.55 -40.57 5.15
N ILE A 287 4.67 -39.72 5.70
CA ILE A 287 5.13 -38.62 6.54
C ILE A 287 5.83 -39.15 7.78
N TYR A 288 5.26 -40.18 8.41
CA TYR A 288 5.92 -40.79 9.56
C TYR A 288 7.34 -41.22 9.21
N GLY A 289 7.47 -42.00 8.14
CA GLY A 289 8.79 -42.50 7.77
C GLY A 289 9.76 -41.39 7.42
N LEU A 290 9.30 -40.42 6.63
CA LEU A 290 10.17 -39.34 6.21
C LEU A 290 10.60 -38.49 7.39
N SER A 291 9.70 -38.23 8.33
CA SER A 291 10.07 -37.46 9.53
C SER A 291 11.12 -38.21 10.34
N MET A 292 10.94 -39.52 10.51
CA MET A 292 11.93 -40.28 11.26
C MET A 292 13.30 -40.21 10.58
N ASN A 293 13.33 -40.40 9.26
CA ASN A 293 14.60 -40.33 8.55
C ASN A 293 15.21 -38.94 8.63
N LEU A 294 14.39 -37.90 8.52
CA LEU A 294 14.87 -36.54 8.58
C LEU A 294 15.51 -36.24 9.93
N PHE A 295 14.84 -36.63 11.02
CA PHE A 295 15.41 -36.36 12.34
C PHE A 295 16.67 -37.17 12.56
N HIS A 296 16.71 -38.42 12.07
CA HIS A 296 17.93 -39.20 12.20
C HIS A 296 19.09 -38.53 11.45
N THR A 297 18.84 -38.06 10.23
CA THR A 297 19.89 -37.40 9.46
C THR A 297 20.35 -36.13 10.14
N ALA A 298 19.41 -35.33 10.65
CA ALA A 298 19.78 -34.09 11.31
C ALA A 298 20.59 -34.36 12.57
N ALA A 299 20.20 -35.36 13.35
CA ALA A 299 20.96 -35.69 14.55
C ALA A 299 22.36 -36.18 14.21
N ASN A 300 22.49 -37.01 13.18
CA ASN A 300 23.79 -37.53 12.82
C ASN A 300 24.66 -36.52 12.08
N ALA A 301 24.08 -35.42 11.60
CA ALA A 301 24.87 -34.37 10.95
C ALA A 301 24.81 -33.06 11.71
N GLY A 302 24.35 -33.08 12.96
CA GLY A 302 24.27 -31.85 13.75
C GLY A 302 25.55 -31.45 14.42
N PHE A 303 26.57 -32.30 14.39
CA PHE A 303 27.84 -31.96 15.01
C PHE A 303 28.50 -30.78 14.29
N VAL A 304 29.30 -30.04 15.04
CA VAL A 304 30.19 -29.04 14.47
C VAL A 304 31.61 -29.48 14.80
N GLN A 305 32.38 -29.83 13.77
CA GLN A 305 33.69 -30.42 13.96
C GLN A 305 34.77 -29.38 13.69
N LYS A 306 35.78 -29.37 14.55
CA LYS A 306 36.89 -28.45 14.42
C LYS A 306 38.18 -29.23 14.27
N TRP A 307 38.80 -29.11 13.10
CA TRP A 307 40.05 -29.82 12.85
C TRP A 307 41.21 -28.84 12.71
N ILE A 308 42.42 -29.38 12.80
CA ILE A 308 43.62 -28.56 12.82
C ILE A 308 44.63 -29.15 11.85
N ARG A 309 45.64 -28.37 11.53
CA ARG A 309 46.83 -28.84 10.86
C ARG A 309 48.01 -28.43 11.73
N PRO A 310 48.62 -29.35 12.46
CA PRO A 310 49.64 -28.96 13.44
C PRO A 310 50.80 -28.23 12.78
N TYR A 311 51.33 -27.25 13.50
CA TYR A 311 52.43 -26.44 13.00
C TYR A 311 53.75 -27.01 13.50
N ILE A 312 54.70 -27.20 12.58
CA ILE A 312 55.97 -27.80 12.91
C ILE A 312 57.09 -26.76 12.90
N PRO A 332 56.93 -38.86 14.29
CA PRO A 332 56.89 -39.07 15.75
C PRO A 332 55.46 -39.05 16.29
N LYS A 333 54.87 -40.24 16.42
CA LYS A 333 53.48 -40.31 16.86
C LYS A 333 53.30 -39.81 18.28
N GLU A 334 54.30 -40.04 19.15
CA GLU A 334 54.21 -39.52 20.51
C GLU A 334 54.24 -38.00 20.52
N ALA A 335 55.06 -37.40 19.66
CA ALA A 335 55.08 -35.95 19.55
C ALA A 335 53.74 -35.43 19.04
N LEU A 336 53.13 -36.15 18.09
CA LEU A 336 51.83 -35.75 17.59
C LEU A 336 50.77 -35.84 18.68
N ASN A 337 50.83 -36.88 19.51
CA ASN A 337 49.91 -36.99 20.63
C ASN A 337 50.08 -35.82 21.59
N GLU A 338 51.33 -35.48 21.91
CA GLU A 338 51.58 -34.32 22.77
C GLU A 338 51.01 -33.05 22.15
N ILE A 339 51.24 -32.85 20.84
CA ILE A 339 50.77 -31.64 20.18
C ILE A 339 49.25 -31.57 20.18
N ILE A 340 48.59 -32.68 19.88
CA ILE A 340 47.13 -32.66 19.81
C ILE A 340 46.53 -32.41 21.19
N LYS A 341 47.23 -32.83 22.23
CA LYS A 341 46.75 -32.59 23.59
C LYS A 341 46.84 -31.12 23.87
N LYS A 342 48.01 -30.53 23.61
CA LYS A 342 48.20 -29.10 23.83
C LYS A 342 47.15 -28.29 23.08
N TYR A 343 46.90 -28.65 21.83
CA TYR A 343 45.94 -27.91 21.02
C TYR A 343 44.57 -27.92 21.66
N ALA A 344 44.10 -29.10 22.08
CA ALA A 344 42.81 -29.20 22.74
C ALA A 344 42.75 -28.32 23.97
N GLU A 345 43.78 -28.37 24.80
CA GLU A 345 43.81 -27.56 26.02
C GLU A 345 43.66 -26.08 25.74
N SER A 346 44.40 -25.57 24.77
CA SER A 346 44.35 -24.15 24.46
C SER A 346 43.42 -23.82 23.30
N LEU A 347 42.20 -24.31 23.35
CA LEU A 347 41.23 -24.01 22.31
C LEU A 347 40.07 -23.22 22.86
N GLY A 348 40.27 -21.95 23.15
CA GLY A 348 39.22 -21.12 23.68
C GLY A 348 39.48 -19.66 23.37
N ASP A 349 38.58 -18.80 23.85
CA ASP A 349 38.70 -17.37 23.62
C ASP A 349 39.90 -16.78 24.35
N GLU A 350 40.36 -17.42 25.43
CA GLU A 350 41.43 -16.89 26.25
C GLU A 350 42.80 -17.44 25.86
N SER A 351 42.98 -17.78 24.58
CA SER A 351 44.25 -18.31 24.11
C SER A 351 44.35 -18.12 22.61
N VAL A 352 45.58 -17.88 22.14
CA VAL A 352 45.89 -17.82 20.73
C VAL A 352 46.67 -19.07 20.36
N ILE A 353 46.08 -19.92 19.54
CA ILE A 353 46.70 -21.18 19.18
C ILE A 353 47.71 -20.93 18.06
N MET A 354 48.63 -21.88 17.89
CA MET A 354 49.77 -21.72 17.01
C MET A 354 49.69 -22.63 15.80
N ALA A 355 48.47 -23.00 15.39
CA ALA A 355 48.27 -24.03 14.39
C ALA A 355 48.48 -23.47 12.99
N ASP A 356 48.20 -24.30 11.98
CA ASP A 356 48.35 -23.93 10.58
C ASP A 356 47.02 -23.79 9.85
N PHE A 357 45.97 -24.45 10.31
CA PHE A 357 44.65 -24.33 9.71
C PHE A 357 43.63 -24.90 10.69
N PHE A 358 42.68 -24.07 11.13
CA PHE A 358 41.76 -24.46 12.20
C PHE A 358 40.32 -24.07 11.82
N THR A 359 39.89 -24.43 10.62
CA THR A 359 38.53 -24.08 10.24
C THR A 359 37.51 -24.80 11.13
N PHE A 360 36.37 -24.15 11.33
CA PHE A 360 35.24 -24.74 12.03
C PHE A 360 34.36 -25.41 10.98
N GLU A 361 34.47 -26.72 10.86
CA GLU A 361 33.72 -27.44 9.84
C GLU A 361 32.28 -27.63 10.31
N GLU A 362 31.33 -27.35 9.43
CA GLU A 362 29.92 -27.38 9.78
C GLU A 362 29.09 -27.77 8.57
N LEU A 363 27.97 -28.43 8.82
CA LEU A 363 27.05 -28.76 7.74
C LEU A 363 26.37 -27.50 7.21
N ALA A 364 26.40 -27.32 5.90
CA ALA A 364 25.69 -26.19 5.31
C ALA A 364 24.19 -26.34 5.46
N GLY A 365 23.63 -27.42 4.92
CA GLY A 365 22.23 -27.73 5.10
C GLY A 365 21.39 -27.34 3.91
N THR A 366 21.19 -28.27 2.98
CA THR A 366 20.26 -28.07 1.88
C THR A 366 19.41 -29.31 1.70
N SER A 367 19.92 -30.46 2.16
CA SER A 367 19.14 -31.69 2.12
C SER A 367 18.09 -31.72 3.21
N VAL A 368 18.41 -31.16 4.39
CA VAL A 368 17.43 -31.14 5.47
C VAL A 368 16.22 -30.31 5.08
N GLU A 369 16.45 -29.12 4.52
CA GLU A 369 15.33 -28.33 4.04
C GLU A 369 14.64 -28.96 2.84
N MET A 370 15.36 -29.76 2.05
CA MET A 370 14.71 -30.51 0.98
C MET A 370 13.70 -31.51 1.53
N GLN A 371 14.12 -32.29 2.53
CA GLN A 371 13.20 -33.24 3.15
C GLN A 371 12.07 -32.51 3.87
N ILE A 372 12.37 -31.35 4.47
CA ILE A 372 11.32 -30.55 5.09
C ILE A 372 10.30 -30.12 4.05
N GLY A 373 10.76 -29.70 2.87
CA GLY A 373 9.84 -29.35 1.81
C GLY A 373 9.01 -30.52 1.33
N LEU A 374 9.62 -31.70 1.26
CA LEU A 374 8.87 -32.89 0.86
C LEU A 374 7.77 -33.21 1.87
N ILE A 375 8.10 -33.18 3.15
CA ILE A 375 7.09 -33.42 4.19
C ILE A 375 6.03 -32.34 4.15
N GLU A 376 6.43 -31.10 3.89
CA GLU A 376 5.46 -30.01 3.80
C GLU A 376 4.51 -30.22 2.64
N ARG A 377 5.02 -30.69 1.50
CA ARG A 377 4.14 -30.92 0.36
C ARG A 377 3.21 -32.11 0.62
N LEU A 378 3.68 -33.13 1.35
CA LEU A 378 2.78 -34.21 1.72
C LEU A 378 1.67 -33.72 2.64
N ARG A 379 2.02 -32.87 3.62
CA ARG A 379 1.02 -32.27 4.49
C ARG A 379 0.05 -31.39 3.71
N ASN A 380 0.56 -30.64 2.73
CA ASN A 380 -0.30 -29.81 1.90
C ASN A 380 -1.27 -30.67 1.10
N TYR A 381 -0.80 -31.79 0.57
CA TYR A 381 -1.72 -32.69 -0.12
C TYR A 381 -2.78 -33.23 0.83
N ILE A 382 -2.36 -33.60 2.04
CA ILE A 382 -3.31 -34.11 3.02
C ILE A 382 -4.40 -33.09 3.31
N PHE A 383 -4.00 -31.82 3.47
CA PHE A 383 -4.97 -30.77 3.77
C PHE A 383 -5.74 -30.29 2.55
N THR A 384 -5.25 -30.57 1.34
CA THR A 384 -5.99 -30.22 0.13
C THR A 384 -6.85 -31.37 -0.38
N ALA A 385 -6.74 -32.55 0.24
CA ALA A 385 -7.71 -33.60 -0.06
C ALA A 385 -9.12 -33.13 0.27
N ILE A 386 -9.28 -32.49 1.40
CA ILE A 386 -10.43 -31.65 1.67
C ILE A 386 -10.11 -30.26 1.16
N LEU A 387 -11.12 -29.54 0.68
CA LEU A 387 -10.85 -28.25 0.06
C LEU A 387 -10.51 -27.20 1.11
N PHE A 388 -9.35 -27.35 1.75
CA PHE A 388 -8.94 -26.46 2.83
C PHE A 388 -7.48 -26.07 2.63
N ASN A 389 -7.14 -24.87 3.10
CA ASN A 389 -5.79 -24.33 2.98
C ASN A 389 -5.15 -24.27 4.36
N ASN A 390 -4.02 -24.96 4.51
CA ASN A 390 -3.30 -24.97 5.79
C ASN A 390 -2.60 -23.65 6.09
N ALA A 391 -2.47 -22.77 5.10
CA ALA A 391 -1.79 -21.49 5.31
C ALA A 391 -2.50 -20.63 6.34
N LYS A 392 -3.75 -20.97 6.68
CA LYS A 392 -4.43 -20.28 7.77
C LYS A 392 -3.62 -20.37 9.06
N PHE A 393 -2.98 -21.51 9.30
CA PHE A 393 -2.14 -21.69 10.48
C PHE A 393 -0.72 -22.05 10.09
N GLU A 394 -0.19 -21.39 9.07
CA GLU A 394 1.20 -21.54 8.66
C GLU A 394 1.99 -20.25 8.82
N GLN A 395 1.39 -19.10 8.51
CA GLN A 395 2.06 -17.82 8.66
C GLN A 395 1.06 -16.71 8.96
N ALA A 404 -12.38 -8.51 12.43
CA ALA A 404 -12.58 -8.24 11.02
C ALA A 404 -11.91 -9.31 10.16
N ALA A 405 -10.58 -9.26 10.08
CA ALA A 405 -9.84 -10.24 9.30
C ALA A 405 -9.50 -11.48 10.13
N LYS A 406 -8.80 -11.28 11.25
CA LYS A 406 -8.45 -12.39 12.11
C LYS A 406 -9.66 -12.92 12.89
N GLU A 407 -10.78 -12.20 12.82
CA GLU A 407 -12.00 -12.67 13.47
C GLU A 407 -12.43 -14.03 12.91
N ILE A 408 -12.10 -14.32 11.65
CA ILE A 408 -12.40 -15.63 11.08
C ILE A 408 -11.62 -16.71 11.81
N ASP A 409 -10.33 -16.48 12.04
CA ASP A 409 -9.53 -17.44 12.80
C ASP A 409 -10.04 -17.57 14.23
N PHE A 410 -10.44 -16.45 14.83
CA PHE A 410 -11.01 -16.51 16.16
C PHE A 410 -12.28 -17.37 16.19
N TYR A 411 -13.12 -17.23 15.17
CA TYR A 411 -14.32 -18.06 15.08
C TYR A 411 -13.96 -19.53 14.87
N VAL A 412 -12.90 -19.78 14.10
CA VAL A 412 -12.43 -21.15 13.93
C VAL A 412 -12.06 -21.77 15.26
N GLN A 413 -11.36 -21.00 16.11
CA GLN A 413 -11.09 -21.46 17.47
C GLN A 413 -12.38 -21.65 18.25
N ASN A 414 -13.32 -20.72 18.11
CA ASN A 414 -14.58 -20.80 18.83
C ASN A 414 -15.35 -22.06 18.47
N LEU A 415 -15.12 -22.61 17.28
CA LEU A 415 -15.80 -23.86 16.92
C LEU A 415 -15.41 -25.00 17.85
N ALA A 416 -14.11 -25.23 18.02
CA ALA A 416 -13.66 -26.26 18.96
C ALA A 416 -14.04 -25.89 20.39
N LEU A 417 -14.04 -24.59 20.70
CA LEU A 417 -14.51 -24.16 22.01
C LEU A 417 -15.96 -24.57 22.24
N LYS A 418 -16.81 -24.42 21.22
CA LYS A 418 -18.21 -24.81 21.34
C LYS A 418 -18.35 -26.31 21.49
N ASP A 419 -17.53 -27.09 20.78
CA ASP A 419 -17.59 -28.54 20.93
C ASP A 419 -17.25 -28.95 22.36
N HIS A 420 -16.11 -28.47 22.86
CA HIS A 420 -15.74 -28.77 24.24
C HIS A 420 -16.77 -28.24 25.23
N GLY A 421 -17.41 -27.11 24.90
CA GLY A 421 -18.43 -26.58 25.78
C GLY A 421 -19.66 -27.47 25.84
N SER A 422 -20.05 -28.04 24.71
CA SER A 422 -21.17 -29.00 24.73
C SER A 422 -20.83 -30.20 25.59
N GLY A 423 -19.62 -30.73 25.43
CA GLY A 423 -19.20 -31.84 26.30
C GLY A 423 -19.21 -31.44 27.76
N ILE A 424 -18.73 -30.24 28.08
CA ILE A 424 -18.70 -29.75 29.44
C ILE A 424 -20.10 -29.61 29.99
N VAL A 425 -21.04 -29.13 29.18
CA VAL A 425 -22.42 -28.96 29.64
C VAL A 425 -23.03 -30.33 29.95
N GLU A 426 -22.77 -31.32 29.10
CA GLU A 426 -23.26 -32.66 29.39
C GLU A 426 -22.70 -33.17 30.72
N PHE A 427 -21.39 -33.02 30.92
CA PHE A 427 -20.78 -33.47 32.17
C PHE A 427 -21.36 -32.74 33.36
N THR A 428 -21.58 -31.44 33.22
CA THR A 428 -22.13 -30.64 34.31
C THR A 428 -23.55 -31.06 34.64
N ARG A 429 -24.35 -31.38 33.62
CA ARG A 429 -25.69 -31.88 33.87
C ARG A 429 -25.65 -33.18 34.65
N SER A 430 -24.75 -34.10 34.27
CA SER A 430 -24.63 -35.35 35.01
C SER A 430 -24.19 -35.10 36.46
N LEU A 431 -23.22 -34.20 36.64
CA LEU A 431 -22.73 -33.90 37.98
C LEU A 431 -23.84 -33.29 38.84
N LEU A 432 -24.62 -32.38 38.26
CA LEU A 432 -25.71 -31.78 39.02
C LEU A 432 -26.80 -32.79 39.35
N HIS A 433 -27.05 -33.73 38.44
CA HIS A 433 -27.99 -34.80 38.75
C HIS A 433 -27.52 -35.62 39.95
N HIS A 434 -26.23 -36.00 39.95
CA HIS A 434 -25.71 -36.75 41.08
C HIS A 434 -25.76 -35.93 42.36
N THR A 435 -25.44 -34.63 42.27
CA THR A 435 -25.49 -33.78 43.46
C THR A 435 -26.90 -33.68 44.01
N ALA A 436 -27.89 -33.51 43.13
CA ALA A 436 -29.28 -33.49 43.57
C ALA A 436 -29.67 -34.79 44.23
N LYS A 437 -29.20 -35.91 43.68
CA LYS A 437 -29.45 -37.20 44.32
C LYS A 437 -28.78 -37.27 45.68
N ALA A 438 -27.66 -36.56 45.86
CA ALA A 438 -26.99 -36.55 47.16
C ALA A 438 -27.84 -35.90 48.23
N PHE A 439 -28.53 -34.81 47.89
CA PHE A 439 -29.42 -34.16 48.84
C PHE A 439 -30.66 -34.98 49.15
N GLY A 440 -30.82 -36.14 48.53
CA GLY A 440 -32.02 -36.93 48.66
C GLY A 440 -33.14 -36.53 47.74
N TYR A 441 -32.95 -35.52 46.91
CA TYR A 441 -33.96 -35.13 45.93
C TYR A 441 -33.96 -36.12 44.77
N ASP A 442 -35.14 -36.28 44.16
CA ASP A 442 -35.32 -37.23 43.07
C ASP A 442 -35.11 -36.61 41.70
N SER A 443 -34.28 -35.57 41.62
CA SER A 443 -34.03 -34.83 40.37
C SER A 443 -35.37 -34.31 39.86
N GLY A 444 -35.51 -34.21 38.54
CA GLY A 444 -36.72 -33.67 37.95
C GLY A 444 -36.42 -32.55 36.98
N GLY A 445 -36.83 -32.71 35.73
CA GLY A 445 -36.42 -31.80 34.69
C GLY A 445 -34.97 -31.93 34.28
N SER A 446 -34.25 -32.88 34.86
CA SER A 446 -32.86 -33.19 34.56
C SER A 446 -31.93 -31.99 34.73
N ILE A 447 -32.39 -30.93 35.41
CA ILE A 447 -31.56 -29.77 35.74
C ILE A 447 -31.00 -29.16 34.47
N VAL A 448 -31.77 -28.28 33.83
CA VAL A 448 -31.32 -27.68 32.58
C VAL A 448 -30.11 -26.81 32.83
N VAL A 449 -29.12 -26.93 31.95
CA VAL A 449 -27.89 -26.14 32.03
C VAL A 449 -27.60 -25.58 30.65
N SER A 450 -27.36 -24.27 30.57
CA SER A 450 -27.03 -23.62 29.32
C SER A 450 -25.67 -22.94 29.44
N GLY A 451 -25.23 -22.34 28.34
CA GLY A 451 -23.96 -21.67 28.26
C GLY A 451 -22.92 -22.52 27.55
N MET A 452 -21.68 -22.02 27.57
CA MET A 452 -20.56 -22.66 26.91
C MET A 452 -20.83 -22.92 25.43
N ASP A 453 -21.56 -22.01 24.80
CA ASP A 453 -21.93 -22.16 23.40
C ASP A 453 -21.67 -20.91 22.56
N ARG A 454 -21.41 -19.76 23.18
CA ARG A 454 -21.19 -18.52 22.45
C ARG A 454 -19.87 -17.93 22.95
N TYR A 455 -18.78 -18.33 22.32
CA TYR A 455 -17.46 -17.78 22.59
C TYR A 455 -17.19 -16.69 21.56
N ASP A 456 -17.12 -15.45 22.02
CA ASP A 456 -16.95 -14.33 21.10
C ASP A 456 -16.26 -13.18 21.82
N VAL A 457 -15.39 -12.49 21.10
CA VAL A 457 -14.71 -11.31 21.65
C VAL A 457 -15.73 -10.19 21.83
N ARG A 458 -15.66 -9.52 22.98
CA ARG A 458 -16.54 -8.40 23.28
C ARG A 458 -17.99 -8.87 23.22
N PRO A 459 -18.44 -9.69 24.16
CA PRO A 459 -19.77 -10.31 24.03
C PRO A 459 -20.90 -9.47 24.61
N ILE A 460 -20.56 -8.48 25.44
CA ILE A 460 -21.59 -7.74 26.16
C ILE A 460 -22.46 -6.96 25.18
N GLU A 461 -21.83 -6.21 24.28
CA GLU A 461 -22.61 -5.40 23.36
C GLU A 461 -23.32 -6.24 22.31
N GLN A 462 -22.84 -7.47 22.05
CA GLN A 462 -23.60 -8.37 21.20
C GLN A 462 -24.93 -8.74 21.84
N VAL A 463 -24.90 -9.04 23.14
CA VAL A 463 -26.14 -9.34 23.85
C VAL A 463 -27.02 -8.10 23.92
N LEU A 464 -26.40 -6.93 24.11
CA LEU A 464 -27.18 -5.69 24.11
C LEU A 464 -27.87 -5.47 22.77
N SER A 465 -27.15 -5.71 21.67
CA SER A 465 -27.75 -5.60 20.34
C SER A 465 -28.87 -6.59 20.16
N LEU A 466 -28.69 -7.83 20.64
CA LEU A 466 -29.77 -8.81 20.56
C LEU A 466 -31.00 -8.33 21.31
N ILE A 467 -30.80 -7.80 22.52
CA ILE A 467 -31.92 -7.28 23.31
C ILE A 467 -32.64 -6.16 22.56
N GLU A 468 -31.86 -5.22 22.02
CA GLU A 468 -32.44 -4.08 21.32
C GLU A 468 -33.23 -4.53 20.09
N ARG A 469 -32.65 -5.45 19.31
CA ARG A 469 -33.34 -5.92 18.12
C ARG A 469 -34.62 -6.66 18.49
N LEU A 470 -34.60 -7.44 19.58
CA LEU A 470 -35.81 -8.09 20.03
C LEU A 470 -36.87 -7.08 20.43
N PHE A 471 -36.46 -6.01 21.13
CA PHE A 471 -37.44 -5.03 21.59
C PHE A 471 -37.97 -4.17 20.45
N LYS A 472 -37.20 -4.01 19.36
CA LYS A 472 -37.70 -3.22 18.24
C LYS A 472 -38.78 -3.95 17.46
N LEU A 473 -38.91 -5.26 17.64
CA LEU A 473 -39.94 -6.02 16.94
C LEU A 473 -41.32 -5.68 17.50
N PRO A 474 -42.38 -5.99 16.75
CA PRO A 474 -43.73 -5.82 17.29
C PRO A 474 -43.90 -6.56 18.61
N GLN A 475 -44.15 -5.80 19.67
CA GLN A 475 -44.16 -6.36 21.01
C GLN A 475 -45.22 -7.44 21.17
N LEU A 476 -46.31 -7.34 20.42
CA LEU A 476 -47.35 -8.37 20.49
C LEU A 476 -46.86 -9.71 19.94
N ALA A 477 -45.77 -9.71 19.17
CA ALA A 477 -45.27 -10.92 18.54
C ALA A 477 -44.12 -11.56 19.29
N ILE A 478 -43.69 -11.00 20.41
CA ILE A 478 -42.55 -11.51 21.16
C ILE A 478 -43.07 -12.14 22.45
N PRO A 479 -42.89 -13.45 22.65
CA PRO A 479 -43.30 -14.05 23.92
C PRO A 479 -42.42 -13.57 25.06
N LYS A 480 -43.00 -13.60 26.27
CA LYS A 480 -42.26 -13.14 27.43
C LYS A 480 -41.07 -14.05 27.72
N ASP A 481 -41.17 -15.33 27.35
CA ASP A 481 -40.09 -16.27 27.65
C ASP A 481 -38.81 -15.91 26.91
N LEU A 482 -38.92 -15.50 25.65
CA LEU A 482 -37.74 -15.13 24.89
C LEU A 482 -37.06 -13.91 25.50
N LEU A 483 -37.84 -12.89 25.86
CA LEU A 483 -37.29 -11.71 26.50
C LEU A 483 -36.64 -12.07 27.83
N ILE A 484 -37.29 -12.94 28.61
CA ILE A 484 -36.71 -13.36 29.88
C ILE A 484 -35.38 -14.05 29.67
N GLU A 485 -35.31 -14.95 28.67
CA GLU A 485 -34.06 -15.66 28.41
C GLU A 485 -32.96 -14.72 27.99
N SER A 486 -33.26 -13.79 27.07
CA SER A 486 -32.23 -12.87 26.59
C SER A 486 -31.76 -11.93 27.71
N MET A 487 -32.69 -11.40 28.50
CA MET A 487 -32.32 -10.54 29.61
C MET A 487 -31.53 -11.30 30.67
N SER A 488 -31.88 -12.56 30.93
CA SER A 488 -31.12 -13.37 31.86
C SER A 488 -29.70 -13.61 31.36
N GLN A 489 -29.55 -13.84 30.04
CA GLN A 489 -28.23 -13.99 29.48
C GLN A 489 -27.41 -12.73 29.67
N LEU A 490 -28.03 -11.57 29.43
CA LEU A 490 -27.34 -10.30 29.65
C LEU A 490 -26.95 -10.14 31.13
N SER A 491 -27.86 -10.50 32.03
CA SER A 491 -27.60 -10.35 33.46
C SER A 491 -26.44 -11.23 33.91
N ARG A 492 -26.41 -12.48 33.44
CA ARG A 492 -25.33 -13.36 33.83
C ARG A 492 -24.04 -13.08 33.10
N LEU A 493 -24.09 -12.30 32.02
CA LEU A 493 -22.86 -11.87 31.38
C LEU A 493 -22.28 -10.61 32.03
N ILE A 494 -23.13 -9.69 32.46
CA ILE A 494 -22.63 -8.42 32.99
C ILE A 494 -21.94 -8.63 34.33
N ILE A 495 -22.51 -9.49 35.18
CA ILE A 495 -21.90 -9.81 36.48
C ILE A 495 -21.49 -11.27 36.46
N GLU A 496 -20.21 -11.51 36.73
CA GLU A 496 -19.68 -12.85 36.89
C GLU A 496 -18.90 -12.90 38.20
N ASN A 497 -18.44 -14.10 38.56
CA ASN A 497 -17.72 -14.34 39.81
C ASN A 497 -18.56 -14.03 41.04
N THR A 498 -19.84 -13.77 40.87
CA THR A 498 -20.74 -13.44 41.96
C THR A 498 -21.42 -14.70 42.49
N THR A 499 -21.90 -14.59 43.73
CA THR A 499 -22.61 -15.70 44.36
C THR A 499 -23.87 -16.03 43.56
N PHE A 500 -24.18 -17.33 43.51
CA PHE A 500 -25.40 -17.77 42.83
C PHE A 500 -26.63 -17.09 43.38
N GLU A 501 -26.60 -16.71 44.65
CA GLU A 501 -27.72 -15.97 45.23
C GLU A 501 -27.92 -14.64 44.52
N TYR A 502 -26.84 -13.91 44.25
CA TYR A 502 -26.95 -12.62 43.59
C TYR A 502 -27.54 -12.75 42.20
N LYS A 503 -27.06 -13.73 41.42
CA LYS A 503 -27.59 -13.94 40.09
C LYS A 503 -29.06 -14.36 40.14
N ASN A 504 -29.43 -15.21 41.11
CA ASN A 504 -30.82 -15.60 41.24
C ASN A 504 -31.71 -14.42 41.56
N THR A 505 -31.27 -13.54 42.45
CA THR A 505 -32.04 -12.35 42.78
C THR A 505 -32.21 -11.46 41.57
N LEU A 506 -31.13 -11.23 40.82
CA LEU A 506 -31.22 -10.39 39.63
C LEU A 506 -32.17 -11.00 38.61
N ASN A 507 -32.07 -12.32 38.40
CA ASN A 507 -32.95 -12.97 37.42
C ASN A 507 -34.40 -12.91 37.85
N ASP A 508 -34.69 -13.09 39.14
CA ASP A 508 -36.07 -12.99 39.60
C ASP A 508 -36.61 -11.58 39.41
N ALA A 509 -35.80 -10.56 39.71
CA ALA A 509 -36.24 -9.18 39.48
C ALA A 509 -36.52 -8.94 38.01
N ILE A 510 -35.63 -9.45 37.14
CA ILE A 510 -35.83 -9.29 35.71
C ILE A 510 -37.12 -9.97 35.26
N ILE A 511 -37.38 -11.17 35.76
CA ILE A 511 -38.58 -11.90 35.37
C ILE A 511 -39.82 -11.14 35.79
N SER A 512 -39.84 -10.65 37.04
CA SER A 512 -41.01 -9.90 37.50
C SER A 512 -41.23 -8.64 36.68
N ASN A 513 -40.16 -7.91 36.41
CA ASN A 513 -40.29 -6.65 35.66
C ASN A 513 -40.76 -6.91 34.24
N ILE A 514 -40.22 -7.94 33.59
CA ILE A 514 -40.64 -8.28 32.24
C ILE A 514 -42.10 -8.69 32.22
N ASP A 515 -42.53 -9.47 33.21
CA ASP A 515 -43.93 -9.86 33.29
C ASP A 515 -44.83 -8.63 33.43
N GLU A 516 -44.43 -7.70 34.29
CA GLU A 516 -45.22 -6.47 34.45
C GLU A 516 -45.30 -5.68 33.16
N TYR A 517 -44.17 -5.53 32.46
CA TYR A 517 -44.16 -4.78 31.21
C TYR A 517 -45.02 -5.44 30.15
N LEU A 518 -44.94 -6.78 30.04
CA LEU A 518 -45.74 -7.49 29.05
C LEU A 518 -47.22 -7.37 29.37
N ASN A 519 -47.59 -7.49 30.65
CA ASN A 519 -48.99 -7.33 31.02
C ASN A 519 -49.47 -5.92 30.72
N SER A 520 -48.64 -4.92 30.99
CA SER A 520 -49.01 -3.54 30.72
C SER A 520 -49.25 -3.32 29.23
N VAL A 521 -48.34 -3.81 28.39
CA VAL A 521 -48.52 -3.60 26.95
C VAL A 521 -49.72 -4.40 26.45
N LYS A 522 -49.98 -5.57 27.03
CA LYS A 522 -51.14 -6.35 26.64
C LYS A 522 -52.43 -5.60 26.95
N LYS A 523 -52.55 -5.09 28.17
CA LYS A 523 -53.75 -4.34 28.53
C LYS A 523 -53.87 -3.03 27.78
N GLN A 524 -52.75 -2.43 27.37
CA GLN A 524 -52.82 -1.26 26.50
C GLN A 524 -53.36 -1.63 25.13
N SER A 525 -52.90 -2.76 24.57
CA SER A 525 -53.37 -3.19 23.27
C SER A 525 -54.83 -3.62 23.31
N ASN A 526 -55.29 -4.15 24.44
CA ASN A 526 -56.67 -4.62 24.54
C ASN A 526 -57.66 -3.47 24.34
N ASP A 527 -57.38 -2.31 24.94
CA ASP A 527 -58.25 -1.16 24.81
C ASP A 527 -57.51 0.04 24.25
N MET B 1 -21.90 -53.40 47.85
CA MET B 1 -22.51 -54.29 48.83
C MET B 1 -21.76 -54.24 50.15
N LEU B 2 -22.17 -55.06 51.10
CA LEU B 2 -21.59 -55.05 52.44
C LEU B 2 -20.44 -56.03 52.52
N TYR B 3 -19.22 -55.52 52.70
CA TYR B 3 -18.06 -56.36 52.91
C TYR B 3 -17.67 -56.34 54.38
N THR B 4 -17.39 -57.51 54.94
CA THR B 4 -17.00 -57.62 56.34
C THR B 4 -15.80 -58.54 56.54
N ASP B 5 -15.09 -58.89 55.48
CA ASP B 5 -13.98 -59.83 55.55
C ASP B 5 -12.67 -59.09 55.30
N SER B 6 -11.70 -59.29 56.19
CA SER B 6 -10.38 -58.73 55.98
C SER B 6 -9.74 -59.35 54.74
N LEU B 7 -9.00 -58.54 54.00
CA LEU B 7 -8.39 -58.97 52.75
C LEU B 7 -6.88 -58.74 52.81
N ASN B 8 -6.13 -59.67 52.22
CA ASN B 8 -4.69 -59.55 52.17
C ASN B 8 -4.29 -58.45 51.19
N TYR B 9 -3.06 -57.96 51.36
CA TYR B 9 -2.58 -56.86 50.52
C TYR B 9 -2.62 -57.20 49.04
N LYS B 10 -2.42 -58.47 48.70
CA LYS B 10 -2.49 -58.87 47.29
C LYS B 10 -3.89 -58.63 46.73
N GLN B 11 -4.92 -58.98 47.49
CA GLN B 11 -6.29 -58.76 47.03
C GLN B 11 -6.60 -57.28 46.86
N LEU B 12 -6.18 -56.45 47.82
CA LEU B 12 -6.43 -55.02 47.70
C LEU B 12 -5.68 -54.41 46.53
N SER B 13 -4.43 -54.81 46.33
CA SER B 13 -3.55 -54.11 45.39
C SER B 13 -3.75 -54.54 43.95
N THR B 14 -4.73 -55.38 43.66
CA THR B 14 -4.93 -55.84 42.29
C THR B 14 -5.37 -54.67 41.39
N VAL B 15 -4.94 -54.71 40.14
CA VAL B 15 -5.26 -53.69 39.15
C VAL B 15 -5.72 -54.40 37.89
N SER B 16 -6.81 -53.91 37.30
CA SER B 16 -7.35 -54.53 36.10
C SER B 16 -6.36 -54.40 34.95
N ASP B 17 -6.46 -55.33 34.00
CA ASP B 17 -5.48 -55.38 32.92
C ASP B 17 -5.52 -54.13 32.06
N ASP B 18 -6.71 -53.63 31.75
CA ASP B 18 -6.81 -52.43 30.94
C ASP B 18 -6.19 -51.23 31.65
N MET B 19 -6.43 -51.10 32.95
CA MET B 19 -5.79 -50.03 33.71
C MET B 19 -4.29 -50.23 33.78
N GLN B 20 -3.84 -51.48 33.95
CA GLN B 20 -2.41 -51.75 33.94
C GLN B 20 -1.77 -51.33 32.63
N SER B 21 -2.48 -51.50 31.51
CA SER B 21 -1.93 -51.11 30.22
C SER B 21 -1.98 -49.60 30.03
N TYR B 22 -3.03 -48.95 30.53
CA TYR B 22 -3.25 -47.54 30.22
C TYR B 22 -2.53 -46.59 31.16
N LEU B 23 -2.35 -46.95 32.43
CA LEU B 23 -1.73 -46.03 33.38
C LEU B 23 -0.33 -45.59 32.99
N PRO B 24 0.58 -46.45 32.54
CA PRO B 24 1.93 -45.96 32.20
C PRO B 24 1.94 -44.89 31.12
N VAL B 25 1.15 -45.05 30.06
CA VAL B 25 1.15 -44.04 29.00
C VAL B 25 0.53 -42.74 29.50
N ALA B 26 -0.50 -42.85 30.34
CA ALA B 26 -1.10 -41.64 30.92
C ALA B 26 -0.09 -40.91 31.79
N LYS B 27 0.67 -41.64 32.60
CA LYS B 27 1.70 -41.02 33.42
C LYS B 27 2.77 -40.36 32.57
N GLU B 28 3.20 -41.03 31.50
CA GLU B 28 4.20 -40.46 30.61
C GLU B 28 3.71 -39.18 29.98
N ILE B 29 2.47 -39.18 29.48
CA ILE B 29 1.92 -38.00 28.82
C ILE B 29 1.77 -36.86 29.84
N ALA B 30 1.30 -37.17 31.04
CA ALA B 30 1.16 -36.15 32.07
C ALA B 30 2.51 -35.54 32.43
N LYS B 31 3.53 -36.38 32.59
CA LYS B 31 4.86 -35.87 32.90
C LYS B 31 5.39 -34.99 31.78
N ILE B 32 5.19 -35.41 30.53
CA ILE B 32 5.67 -34.62 29.41
C ILE B 32 4.96 -33.27 29.36
N ALA B 33 3.64 -33.28 29.55
CA ALA B 33 2.86 -32.04 29.40
C ALA B 33 3.14 -31.08 30.54
N GLN B 34 3.12 -31.57 31.79
CA GLN B 34 3.32 -30.69 32.94
C GLN B 34 4.70 -30.08 32.94
N GLY B 35 5.72 -30.86 32.61
CA GLY B 35 7.08 -30.33 32.59
C GLY B 35 7.51 -29.87 33.97
N GLY B 36 8.11 -28.68 34.01
CA GLY B 36 8.54 -28.14 35.29
C GLY B 36 9.78 -28.83 35.83
N HIS B 37 9.96 -28.69 37.14
CA HIS B 37 11.14 -29.26 37.79
C HIS B 37 11.08 -30.78 37.86
N GLU B 38 9.90 -31.37 37.66
CA GLU B 38 9.79 -32.83 37.73
C GLU B 38 10.48 -33.53 36.58
N LEU B 39 10.82 -32.81 35.51
CA LEU B 39 11.47 -33.43 34.37
C LEU B 39 12.88 -33.89 34.74
N ASP B 40 13.24 -35.08 34.25
CA ASP B 40 14.58 -35.61 34.43
C ASP B 40 15.29 -35.61 33.08
N PRO B 41 16.37 -34.83 32.92
CA PRO B 41 17.01 -34.76 31.61
C PRO B 41 17.52 -36.09 31.10
N GLU B 42 17.90 -37.00 32.00
CA GLU B 42 18.41 -38.31 31.59
C GLU B 42 17.44 -39.02 30.64
N ASP B 43 16.14 -38.90 30.91
CA ASP B 43 15.14 -39.58 30.12
C ASP B 43 14.97 -38.99 28.72
N TYR B 44 15.55 -37.83 28.44
CA TYR B 44 15.34 -37.15 27.17
C TYR B 44 16.69 -36.82 26.53
N LEU B 45 17.58 -37.80 26.50
CA LEU B 45 18.90 -37.64 25.94
C LEU B 45 18.99 -38.34 24.60
N LEU B 46 19.39 -37.59 23.57
CA LEU B 46 19.72 -38.18 22.27
C LEU B 46 21.23 -38.43 22.18
N ILE B 47 21.71 -39.23 23.14
CA ILE B 47 23.13 -39.48 23.28
C ILE B 47 23.64 -40.28 22.11
N ARG B 48 24.87 -39.99 21.68
CA ARG B 48 25.53 -40.71 20.59
C ARG B 48 26.04 -42.05 21.12
N ASP B 49 25.10 -42.88 21.54
CA ASP B 49 25.33 -44.29 21.85
C ASP B 49 26.42 -44.47 22.92
N GLU B 50 26.13 -43.96 24.11
CA GLU B 50 26.95 -44.19 25.30
C GLU B 50 28.38 -43.68 25.11
N GLU B 51 28.48 -42.35 25.02
CA GLU B 51 29.79 -41.70 25.02
C GLU B 51 30.23 -41.47 26.47
N SER B 52 31.33 -40.77 26.66
CA SER B 52 31.88 -40.59 28.01
C SER B 52 30.87 -39.87 28.90
N PRO B 53 30.69 -40.34 30.14
CA PRO B 53 29.68 -39.72 31.02
C PRO B 53 29.97 -38.27 31.35
N GLY B 54 31.22 -37.83 31.29
CA GLY B 54 31.52 -36.43 31.58
C GLY B 54 30.83 -35.49 30.60
N VAL B 55 30.94 -35.78 29.30
CA VAL B 55 30.24 -34.99 28.32
C VAL B 55 28.73 -35.14 28.45
N THR B 56 28.26 -36.31 28.89
CA THR B 56 26.83 -36.48 29.12
C THR B 56 26.33 -35.54 30.20
N LYS B 57 27.05 -35.44 31.31
CA LYS B 57 26.64 -34.52 32.37
C LYS B 57 26.79 -33.07 31.94
N LYS B 58 27.82 -32.77 31.14
CA LYS B 58 27.95 -31.41 30.63
C LYS B 58 26.78 -31.04 29.74
N ARG B 59 26.32 -31.99 28.92
CA ARG B 59 25.14 -31.76 28.10
C ARG B 59 23.89 -31.60 28.95
N ILE B 60 23.77 -32.42 30.00
CA ILE B 60 22.62 -32.33 30.89
C ILE B 60 22.56 -30.97 31.57
N GLU B 61 23.73 -30.40 31.89
CA GLU B 61 23.75 -29.07 32.49
C GLU B 61 23.07 -28.02 31.62
N LYS B 62 22.96 -28.27 30.31
CA LYS B 62 22.36 -27.32 29.37
C LYS B 62 20.92 -27.70 29.04
N PHE B 63 20.18 -28.25 30.00
CA PHE B 63 18.81 -28.67 29.77
C PHE B 63 17.88 -27.49 30.05
N ALA B 64 17.24 -26.98 29.00
CA ALA B 64 16.28 -25.88 29.11
C ALA B 64 14.99 -26.32 28.44
N PRO B 65 14.09 -26.97 29.17
CA PRO B 65 12.88 -27.51 28.56
C PRO B 65 11.95 -26.40 28.11
N GLU B 66 11.52 -26.48 26.85
CA GLU B 66 10.54 -25.56 26.29
C GLU B 66 9.23 -26.34 26.13
N ASN B 67 8.38 -26.25 27.15
CA ASN B 67 7.15 -27.03 27.20
C ASN B 67 6.07 -26.32 26.39
N TYR B 68 6.19 -26.44 25.07
CA TYR B 68 5.16 -25.89 24.19
C TYR B 68 3.83 -26.62 24.37
N LEU B 69 3.88 -27.90 24.71
CA LEU B 69 2.65 -28.63 25.02
C LEU B 69 1.95 -28.03 26.23
N GLY B 70 2.71 -27.67 27.25
CA GLY B 70 2.12 -26.99 28.40
C GLY B 70 1.49 -25.66 28.00
N ALA B 71 2.14 -24.93 27.10
CA ALA B 71 1.58 -23.67 26.62
C ALA B 71 0.28 -23.91 25.87
N ALA B 72 0.22 -24.97 25.06
CA ALA B 72 -1.01 -25.27 24.34
C ALA B 72 -2.13 -25.67 25.29
N ILE B 73 -1.81 -26.45 26.33
CA ILE B 73 -2.82 -26.82 27.32
C ILE B 73 -3.32 -25.59 28.04
N ARG B 74 -2.40 -24.69 28.42
CA ARG B 74 -2.79 -23.44 29.06
C ARG B 74 -3.70 -22.62 28.15
N LEU B 75 -3.35 -22.53 26.87
CA LEU B 75 -4.17 -21.77 25.93
C LEU B 75 -5.57 -22.35 25.81
N GLN B 76 -5.67 -23.68 25.68
CA GLN B 76 -6.98 -24.31 25.56
C GLN B 76 -7.80 -24.10 26.82
N ARG B 77 -7.18 -24.26 27.99
CA ARG B 77 -7.89 -24.05 29.24
C ARG B 77 -8.40 -22.63 29.36
N VAL B 78 -7.56 -21.65 29.02
CA VAL B 78 -7.96 -20.25 29.11
C VAL B 78 -9.09 -19.94 28.13
N LEU B 79 -8.97 -20.43 26.90
CA LEU B 79 -10.02 -20.21 25.91
C LEU B 79 -11.34 -20.80 26.36
N GLN B 80 -11.33 -22.02 26.91
CA GLN B 80 -12.56 -22.61 27.40
C GLN B 80 -13.10 -21.84 28.60
N LYS B 81 -12.22 -21.37 29.48
CA LYS B 81 -12.63 -20.55 30.61
C LYS B 81 -13.29 -19.25 30.16
N SER B 82 -12.93 -18.75 28.98
CA SER B 82 -13.54 -17.54 28.46
C SER B 82 -15.04 -17.66 28.24
N GLY B 83 -15.58 -18.88 28.17
CA GLY B 83 -16.99 -19.06 27.96
C GLY B 83 -17.80 -18.76 29.21
N VAL B 84 -19.11 -18.92 29.09
CA VAL B 84 -20.06 -18.66 30.16
C VAL B 84 -20.80 -19.95 30.48
N LEU B 85 -20.86 -20.29 31.76
CA LEU B 85 -21.61 -21.43 32.24
C LEU B 85 -22.68 -20.93 33.21
N GLU B 86 -23.93 -21.32 32.96
CA GLU B 86 -25.07 -20.81 33.71
C GLU B 86 -25.95 -21.97 34.13
N ILE B 87 -26.57 -21.82 35.31
CA ILE B 87 -27.52 -22.79 35.84
C ILE B 87 -28.86 -22.07 36.00
N LYS B 88 -29.89 -22.59 35.35
CA LYS B 88 -31.21 -22.01 35.48
C LYS B 88 -31.89 -22.54 36.73
N SER B 89 -32.09 -21.65 37.72
CA SER B 89 -32.45 -22.09 39.07
C SER B 89 -33.80 -22.78 39.12
N ASP B 90 -34.75 -22.34 38.30
CA ASP B 90 -36.11 -22.88 38.40
C ASP B 90 -36.17 -24.38 38.16
N SER B 91 -35.18 -24.95 37.47
CA SER B 91 -35.16 -26.38 37.23
C SER B 91 -34.51 -27.18 38.35
N LEU B 92 -33.92 -26.52 39.33
CA LEU B 92 -33.28 -27.23 40.43
C LEU B 92 -34.35 -27.84 41.32
N PRO B 93 -34.33 -29.15 41.57
CA PRO B 93 -35.32 -29.76 42.46
C PRO B 93 -35.08 -29.35 43.90
N GLY B 94 -36.14 -29.44 44.69
CA GLY B 94 -36.04 -29.14 46.10
C GLY B 94 -35.88 -27.65 46.36
N ASP B 95 -35.47 -27.35 47.60
CA ASP B 95 -35.29 -25.98 48.03
C ASP B 95 -34.17 -25.32 47.25
N LEU B 96 -34.38 -24.06 46.86
CA LEU B 96 -33.35 -23.31 46.16
C LEU B 96 -32.28 -22.79 47.12
N THR B 97 -32.66 -22.52 48.37
CA THR B 97 -31.70 -21.96 49.32
C THR B 97 -30.54 -22.91 49.58
N VAL B 98 -30.84 -24.20 49.73
CA VAL B 98 -29.77 -25.17 49.94
C VAL B 98 -28.89 -25.27 48.70
N TRP B 99 -29.48 -25.15 47.51
CA TRP B 99 -28.68 -25.16 46.29
C TRP B 99 -27.72 -23.99 46.25
N GLU B 100 -28.19 -22.80 46.62
CA GLU B 100 -27.31 -21.64 46.65
C GLU B 100 -26.22 -21.81 47.70
N SER B 101 -26.58 -22.32 48.88
CA SER B 101 -25.57 -22.55 49.91
C SER B 101 -24.50 -23.51 49.44
N PHE B 102 -24.90 -24.58 48.75
CA PHE B 102 -23.92 -25.51 48.18
C PHE B 102 -23.07 -24.82 47.12
N PHE B 103 -23.69 -24.00 46.27
CA PHE B 103 -22.95 -23.35 45.19
C PHE B 103 -22.02 -22.27 45.70
N ASN B 104 -22.16 -21.85 46.96
CA ASN B 104 -21.16 -20.95 47.53
C ASN B 104 -19.77 -21.60 47.54
N LYS B 105 -19.71 -22.89 47.90
CA LYS B 105 -18.46 -23.64 47.92
C LYS B 105 -18.77 -25.06 47.46
N VAL B 106 -18.49 -25.35 46.20
CA VAL B 106 -18.82 -26.65 45.63
C VAL B 106 -17.81 -27.73 45.96
N ASP B 107 -16.65 -27.38 46.50
CA ASP B 107 -15.64 -28.37 46.83
C ASP B 107 -14.74 -27.82 47.93
N LYS B 108 -13.84 -28.68 48.40
CA LYS B 108 -12.94 -28.29 49.48
C LYS B 108 -11.90 -27.27 49.03
N ARG B 109 -11.74 -27.07 47.73
CA ARG B 109 -10.80 -26.09 47.19
C ARG B 109 -11.41 -24.70 47.06
N ASN B 110 -12.65 -24.51 47.51
CA ASN B 110 -13.36 -23.24 47.57
C ASN B 110 -13.72 -22.69 46.19
N SER B 111 -13.38 -23.39 45.11
CA SER B 111 -13.71 -22.90 43.77
C SER B 111 -15.20 -22.96 43.53
N SER B 112 -15.68 -22.09 42.64
CA SER B 112 -17.08 -22.09 42.25
C SER B 112 -17.35 -23.25 41.29
N LEU B 113 -18.62 -23.38 40.89
CA LEU B 113 -19.00 -24.49 40.02
C LEU B 113 -18.28 -24.41 38.68
N LYS B 114 -18.26 -23.23 38.07
CA LYS B 114 -17.59 -23.08 36.77
C LYS B 114 -16.10 -23.34 36.91
N ASP B 115 -15.47 -22.84 37.97
CA ASP B 115 -14.05 -23.08 38.17
C ASP B 115 -13.75 -24.56 38.34
N PHE B 116 -14.58 -25.25 39.13
CA PHE B 116 -14.37 -26.69 39.32
C PHE B 116 -14.54 -27.45 38.03
N VAL B 117 -15.56 -27.11 37.24
CA VAL B 117 -15.78 -27.81 35.99
C VAL B 117 -14.64 -27.54 35.01
N ILE B 118 -14.12 -26.32 35.00
CA ILE B 118 -12.99 -26.00 34.13
C ILE B 118 -11.74 -26.76 34.59
N ASP B 119 -11.55 -26.90 35.90
CA ASP B 119 -10.42 -27.70 36.38
C ASP B 119 -10.56 -29.16 35.98
N VAL B 120 -11.78 -29.70 36.05
CA VAL B 120 -12.02 -31.06 35.61
C VAL B 120 -11.72 -31.19 34.12
N PHE B 121 -12.16 -30.20 33.33
CA PHE B 121 -11.88 -30.21 31.90
C PHE B 121 -10.39 -30.16 31.63
N THR B 122 -9.65 -29.36 32.41
CA THR B 122 -8.19 -29.29 32.23
C THR B 122 -7.54 -30.62 32.56
N GLU B 123 -7.96 -31.25 33.66
CA GLU B 123 -7.40 -32.54 34.03
C GLU B 123 -7.66 -33.58 32.95
N ALA B 124 -8.86 -33.56 32.38
CA ALA B 124 -9.14 -34.46 31.26
C ALA B 124 -8.33 -34.09 30.04
N LEU B 125 -8.06 -32.80 29.84
CA LEU B 125 -7.33 -32.35 28.67
C LEU B 125 -5.89 -32.85 28.71
N VAL B 126 -5.25 -32.78 29.87
CA VAL B 126 -3.89 -33.32 29.95
C VAL B 126 -3.90 -34.83 29.87
N ASN B 127 -4.90 -35.47 30.48
CA ASN B 127 -5.06 -36.93 30.39
C ASN B 127 -6.52 -37.25 30.62
N LYS B 128 -7.11 -38.03 29.71
CA LYS B 128 -8.55 -38.24 29.71
C LYS B 128 -9.02 -38.96 30.97
N TYR B 129 -10.34 -39.17 31.08
CA TYR B 129 -10.95 -39.89 32.20
C TYR B 129 -10.64 -39.19 33.53
N CYS B 130 -11.19 -37.99 33.68
CA CYS B 130 -11.14 -37.30 34.95
C CYS B 130 -12.31 -37.76 35.82
N TYR B 131 -12.01 -38.22 37.03
CA TYR B 131 -13.01 -38.81 37.91
C TYR B 131 -13.35 -37.86 39.04
N VAL B 132 -14.64 -37.70 39.30
CA VAL B 132 -15.14 -36.85 40.37
C VAL B 132 -16.07 -37.66 41.25
N GLN B 133 -15.97 -37.47 42.56
CA GLN B 133 -16.83 -38.13 43.52
C GLN B 133 -17.56 -37.10 44.36
N VAL B 134 -18.82 -37.38 44.69
CA VAL B 134 -19.65 -36.49 45.49
C VAL B 134 -19.89 -37.18 46.83
N GLU B 135 -19.49 -36.52 47.92
CA GLU B 135 -19.64 -37.12 49.24
C GLU B 135 -20.19 -36.09 50.22
N LEU B 136 -20.27 -36.49 51.49
CA LEU B 136 -20.86 -35.70 52.55
C LEU B 136 -19.87 -35.57 53.70
N SER B 137 -20.35 -35.00 54.81
CA SER B 137 -19.60 -34.97 56.05
C SER B 137 -20.12 -36.06 56.99
N LYS B 138 -19.25 -36.49 57.90
CA LYS B 138 -19.57 -37.61 58.78
C LYS B 138 -19.86 -37.11 60.19
N LEU B 139 -20.99 -37.54 60.75
CA LEU B 139 -21.38 -37.22 62.11
C LEU B 139 -21.85 -38.49 62.80
N ASP B 140 -21.31 -38.77 63.98
CA ASP B 140 -21.62 -39.98 64.72
C ASP B 140 -21.98 -39.62 66.16
N PHE B 141 -23.05 -40.24 66.67
CA PHE B 141 -23.50 -40.03 68.04
C PHE B 141 -24.03 -41.33 68.61
N ASP B 142 -24.08 -41.40 69.93
CA ASP B 142 -24.57 -42.56 70.66
C ASP B 142 -25.95 -42.28 71.25
N THR B 143 -26.62 -43.34 71.67
CA THR B 143 -27.98 -43.28 72.22
C THR B 143 -28.90 -42.53 71.27
N VAL B 144 -28.82 -42.87 69.99
CA VAL B 144 -29.55 -42.16 68.95
C VAL B 144 -31.01 -42.57 68.97
N THR B 145 -31.89 -41.58 68.95
CA THR B 145 -33.32 -41.79 68.81
C THR B 145 -33.74 -41.49 67.38
N GLU B 146 -35.05 -41.51 67.12
CA GLU B 146 -35.55 -41.21 65.78
C GLU B 146 -35.28 -39.76 65.40
N ALA B 147 -35.44 -38.83 66.35
CA ALA B 147 -35.17 -37.42 66.07
C ALA B 147 -33.71 -37.18 65.75
N GLU B 148 -32.81 -37.86 66.48
CA GLU B 148 -31.39 -37.72 66.20
C GLU B 148 -31.04 -38.23 64.81
N ALA B 149 -31.62 -39.36 64.42
CA ALA B 149 -31.39 -39.88 63.07
C ALA B 149 -31.94 -38.93 62.02
N GLU B 150 -33.12 -38.35 62.28
CA GLU B 150 -33.68 -37.36 61.34
C GLU B 150 -32.75 -36.17 61.18
N GLY B 151 -32.23 -35.66 62.29
CA GLY B 151 -31.29 -34.55 62.21
C GLY B 151 -30.02 -34.91 61.46
N ILE B 152 -29.48 -36.10 61.71
CA ILE B 152 -28.28 -36.55 61.01
C ILE B 152 -28.54 -36.63 59.51
N LEU B 153 -29.70 -37.16 59.12
CA LEU B 153 -30.04 -37.23 57.71
C LEU B 153 -30.20 -35.83 57.11
N SER B 154 -30.78 -34.90 57.88
CA SER B 154 -31.02 -33.55 57.37
C SER B 154 -29.77 -32.67 57.39
N THR B 155 -28.70 -33.09 58.05
CA THR B 155 -27.48 -32.28 58.14
C THR B 155 -26.39 -32.75 57.18
N ARG B 156 -26.76 -33.17 55.98
CA ARG B 156 -25.77 -33.59 54.98
C ARG B 156 -25.33 -32.40 54.14
N LYS B 157 -24.02 -32.23 54.00
CA LYS B 157 -23.43 -31.13 53.24
C LYS B 157 -22.48 -31.71 52.21
N PRO B 158 -22.94 -31.92 50.98
CA PRO B 158 -22.12 -32.60 49.98
C PRO B 158 -21.05 -31.68 49.40
N TYR B 159 -20.03 -32.32 48.82
CA TYR B 159 -18.97 -31.62 48.13
C TYR B 159 -18.27 -32.60 47.19
N TYR B 160 -17.50 -32.03 46.27
CA TYR B 160 -16.85 -32.77 45.21
C TYR B 160 -15.39 -33.07 45.56
N PHE B 161 -14.87 -34.11 44.93
CA PHE B 161 -13.50 -34.55 45.18
C PHE B 161 -12.97 -35.19 43.91
N LYS B 162 -11.86 -34.64 43.40
CA LYS B 162 -11.28 -35.12 42.14
C LYS B 162 -10.33 -36.27 42.44
N ILE B 163 -10.67 -37.46 41.95
CA ILE B 163 -9.84 -38.64 42.16
C ILE B 163 -8.72 -38.64 41.11
N PRO B 164 -7.45 -38.68 41.53
CA PRO B 164 -6.36 -38.73 40.54
C PRO B 164 -6.47 -39.98 39.69
N LEU B 165 -6.13 -39.83 38.40
CA LEU B 165 -6.22 -40.95 37.48
C LEU B 165 -5.26 -42.07 37.88
N GLN B 166 -4.04 -41.71 38.28
CA GLN B 166 -3.06 -42.72 38.66
C GLN B 166 -3.47 -43.48 39.90
N SER B 167 -4.38 -42.95 40.71
CA SER B 167 -4.87 -43.65 41.88
C SER B 167 -6.01 -44.62 41.55
N ILE B 168 -6.53 -44.59 40.33
CA ILE B 168 -7.57 -45.53 39.93
C ILE B 168 -6.98 -46.92 39.79
N MET B 169 -7.63 -47.91 40.38
CA MET B 169 -7.15 -49.28 40.33
C MET B 169 -8.00 -50.18 39.44
N VAL B 170 -9.32 -50.15 39.60
CA VAL B 170 -10.21 -50.95 38.77
C VAL B 170 -11.57 -50.28 38.79
N GLU B 171 -12.31 -50.43 37.70
CA GLU B 171 -13.68 -49.91 37.68
C GLU B 171 -14.50 -50.70 36.68
N LYS B 172 -15.74 -50.99 37.06
CA LYS B 172 -16.73 -51.57 36.16
C LYS B 172 -17.69 -50.46 35.77
N CYS B 173 -17.68 -50.09 34.49
CA CYS B 173 -18.51 -49.03 33.96
C CYS B 173 -18.99 -49.43 32.59
N ASP B 174 -20.26 -49.14 32.32
CA ASP B 174 -20.86 -49.33 31.01
C ASP B 174 -21.14 -47.97 30.40
N GLY B 175 -20.63 -47.73 29.20
CA GLY B 175 -20.70 -46.42 28.61
C GLY B 175 -19.96 -45.41 29.46
N ASP B 176 -20.66 -44.35 29.89
CA ASP B 176 -20.08 -43.38 30.80
C ASP B 176 -20.49 -43.60 32.25
N THR B 177 -21.63 -44.23 32.50
CA THR B 177 -22.05 -44.54 33.85
C THR B 177 -21.12 -45.58 34.45
N ILE B 178 -20.80 -45.40 35.73
CA ILE B 178 -19.86 -46.27 36.43
C ILE B 178 -20.64 -47.14 37.40
N GLN B 179 -20.58 -48.46 37.19
CA GLN B 179 -21.26 -49.37 38.10
C GLN B 179 -20.58 -49.40 39.45
N TRP B 180 -19.25 -49.55 39.47
CA TRP B 180 -18.52 -49.47 40.73
C TRP B 180 -17.06 -49.20 40.42
N ILE B 181 -16.31 -48.80 41.45
CA ILE B 181 -14.91 -48.45 41.24
C ILE B 181 -14.10 -48.60 42.52
N LYS B 182 -12.93 -49.24 42.41
CA LYS B 182 -11.98 -49.34 43.50
C LYS B 182 -10.73 -48.55 43.14
N TYR B 183 -10.35 -47.63 44.02
CA TYR B 183 -9.16 -46.81 43.84
C TYR B 183 -8.38 -46.77 45.14
N LYS B 184 -7.23 -46.11 45.10
CA LYS B 184 -6.32 -46.03 46.24
C LYS B 184 -6.20 -44.57 46.68
N ARG B 185 -5.76 -44.39 47.92
CA ARG B 185 -5.65 -43.06 48.51
C ARG B 185 -4.57 -43.10 49.58
N LEU B 186 -3.48 -42.38 49.36
CA LEU B 186 -2.40 -42.26 50.32
C LEU B 186 -2.62 -41.00 51.14
N ASP B 187 -3.04 -41.15 52.38
CA ASP B 187 -3.33 -40.00 53.23
C ASP B 187 -2.26 -39.87 54.29
N LYS B 188 -1.69 -38.67 54.41
CA LYS B 188 -0.57 -38.41 55.31
C LYS B 188 -1.09 -37.78 56.59
N ILE B 189 -0.82 -38.44 57.71
CA ILE B 189 -1.07 -37.87 59.02
C ILE B 189 0.17 -37.07 59.39
N ASP B 190 0.03 -35.75 59.42
CA ASP B 190 1.14 -34.85 59.72
C ASP B 190 1.16 -34.53 61.21
N ASN B 191 2.31 -34.72 61.82
CA ASN B 191 2.49 -34.39 63.22
C ASN B 191 3.28 -33.10 63.33
N PRO B 192 2.79 -32.10 64.05
CA PRO B 192 3.49 -30.81 64.11
C PRO B 192 4.88 -30.89 64.72
N PHE B 193 5.18 -31.94 65.49
CA PHE B 193 6.48 -32.08 66.14
C PHE B 193 7.01 -33.50 65.99
N ASP B 194 6.80 -34.09 64.82
CA ASP B 194 7.27 -35.45 64.57
C ASP B 194 7.26 -35.71 63.07
N LYS B 195 7.87 -36.83 62.69
CA LYS B 195 7.93 -37.22 61.29
C LYS B 195 6.53 -37.52 60.76
N THR B 196 6.31 -37.18 59.49
CA THR B 196 5.02 -37.46 58.86
C THR B 196 4.76 -38.96 58.79
N ILE B 197 3.55 -39.36 59.17
CA ILE B 197 3.14 -40.75 59.07
C ILE B 197 2.25 -40.88 57.83
N TYR B 198 2.24 -42.07 57.24
CA TYR B 198 1.45 -42.33 56.04
C TYR B 198 0.49 -43.48 56.29
N ASN B 199 -0.72 -43.35 55.74
CA ASN B 199 -1.69 -44.44 55.71
C ASN B 199 -2.10 -44.68 54.27
N MET B 200 -2.43 -45.93 53.97
CA MET B 200 -2.83 -46.34 52.64
C MET B 200 -4.24 -46.90 52.71
N SER B 201 -5.18 -46.24 52.04
CA SER B 201 -6.57 -46.68 52.04
C SER B 201 -6.95 -47.14 50.65
N TYR B 202 -7.69 -48.23 50.58
CA TYR B 202 -8.28 -48.72 49.35
C TYR B 202 -9.78 -48.54 49.46
N VAL B 203 -10.34 -47.73 48.57
CA VAL B 203 -11.74 -47.34 48.64
C VAL B 203 -12.48 -48.02 47.50
N LEU B 204 -13.51 -48.78 47.84
CA LEU B 204 -14.39 -49.42 46.88
C LEU B 204 -15.75 -48.77 46.98
N ILE B 205 -16.18 -48.12 45.90
CA ILE B 205 -17.46 -47.45 45.82
C ILE B 205 -18.39 -48.30 44.98
N ASP B 206 -19.53 -48.66 45.54
CA ASP B 206 -20.47 -49.60 44.95
C ASP B 206 -21.80 -48.89 44.70
N ASP B 207 -22.80 -49.67 44.30
CA ASP B 207 -24.10 -49.09 43.98
C ASP B 207 -24.76 -48.46 45.20
N GLN B 208 -24.71 -49.14 46.35
CA GLN B 208 -25.35 -48.62 47.56
C GLN B 208 -24.46 -48.70 48.79
N HIS B 209 -23.18 -49.04 48.63
CA HIS B 209 -22.25 -49.08 49.75
C HIS B 209 -20.91 -48.52 49.33
N ILE B 210 -20.18 -48.01 50.31
CA ILE B 210 -18.80 -47.57 50.13
C ILE B 210 -17.97 -48.16 51.26
N THR B 211 -16.83 -48.74 50.91
CA THR B 211 -15.99 -49.47 51.85
C THR B 211 -14.55 -48.99 51.73
N THR B 212 -13.83 -49.04 52.85
CA THR B 212 -12.43 -48.66 52.88
C THR B 212 -11.63 -49.68 53.67
N TRP B 213 -10.51 -50.12 53.11
CA TRP B 213 -9.53 -50.93 53.81
C TRP B 213 -8.29 -50.08 54.06
N THR B 214 -7.89 -49.95 55.31
CA THR B 214 -6.83 -49.02 55.67
C THR B 214 -5.66 -49.76 56.29
N TYR B 215 -4.46 -49.49 55.76
CA TYR B 215 -3.20 -49.92 56.34
C TYR B 215 -2.53 -48.71 56.98
N TYR B 216 -2.20 -48.84 58.26
CA TYR B 216 -1.75 -47.71 59.07
C TYR B 216 -0.23 -47.72 59.21
N ASP B 217 0.36 -46.53 59.17
CA ASP B 217 1.79 -46.33 59.38
C ASP B 217 2.60 -47.21 58.44
N ILE B 218 2.44 -46.93 57.15
CA ILE B 218 3.10 -47.68 56.10
C ILE B 218 4.15 -46.80 55.45
N ILE B 219 4.95 -47.41 54.57
CA ILE B 219 5.94 -46.71 53.77
C ILE B 219 5.56 -46.87 52.31
N VAL B 220 5.50 -45.77 51.59
CA VAL B 220 5.16 -45.83 50.17
C VAL B 220 6.36 -46.35 49.39
N SER B 221 6.09 -47.21 48.42
CA SER B 221 7.13 -47.79 47.58
C SER B 221 7.26 -47.00 46.28
N ASP B 222 8.35 -47.28 45.56
CA ASP B 222 8.60 -46.59 44.30
C ASP B 222 7.55 -46.92 43.24
N SER B 223 6.83 -48.02 43.38
CA SER B 223 5.76 -48.38 42.47
C SER B 223 4.42 -47.77 42.88
N GLY B 224 4.41 -46.93 43.91
CA GLY B 224 3.18 -46.36 44.42
C GLY B 224 2.44 -47.22 45.41
N GLY B 225 2.94 -48.42 45.71
CA GLY B 225 2.32 -49.31 46.66
C GLY B 225 2.95 -49.21 48.03
N ILE B 226 2.77 -50.29 48.81
CA ILE B 226 3.29 -50.37 50.16
C ILE B 226 4.56 -51.20 50.16
N SER B 227 5.61 -50.67 50.79
CA SER B 227 6.87 -51.39 50.93
C SER B 227 7.06 -51.93 52.34
N LYS B 228 6.92 -51.10 53.36
CA LYS B 228 7.10 -51.49 54.74
C LYS B 228 5.91 -51.01 55.56
N ILE B 229 5.57 -51.75 56.61
CA ILE B 229 4.50 -51.37 57.51
C ILE B 229 5.01 -51.43 58.93
N TRP B 230 4.36 -50.67 59.80
CA TRP B 230 4.69 -50.67 61.21
C TRP B 230 4.20 -51.96 61.86
N ASP B 231 4.91 -52.39 62.91
CA ASP B 231 4.52 -53.56 63.68
C ASP B 231 4.89 -53.27 65.12
N GLN B 232 3.87 -53.06 65.96
CA GLN B 232 4.14 -52.75 67.36
C GLN B 232 4.75 -53.94 68.08
N SER B 233 4.35 -55.15 67.72
CA SER B 233 4.93 -56.35 68.33
C SER B 233 6.40 -56.52 68.01
N LEU B 234 6.88 -55.89 66.94
CA LEU B 234 8.28 -56.01 66.55
C LEU B 234 9.18 -55.32 67.57
N ASN B 235 10.48 -55.44 67.34
CA ASN B 235 11.49 -54.83 68.21
C ASN B 235 11.30 -55.25 69.66
N TYR B 236 11.07 -56.55 69.86
CA TYR B 236 10.80 -57.11 71.19
C TYR B 236 9.59 -56.43 71.84
N GLY B 237 8.59 -56.10 71.02
CA GLY B 237 7.40 -55.44 71.49
C GLY B 237 7.42 -53.93 71.39
N LYS B 238 8.59 -53.34 71.09
CA LYS B 238 8.66 -51.89 70.97
C LYS B 238 8.12 -51.40 69.63
N GLY B 239 8.18 -52.24 68.61
CA GLY B 239 7.65 -51.89 67.30
C GLY B 239 8.73 -51.41 66.35
N ALA B 240 8.57 -51.76 65.09
CA ALA B 240 9.52 -51.38 64.05
C ALA B 240 8.87 -51.57 62.69
N TYR B 241 9.57 -51.15 61.65
CA TYR B 241 9.08 -51.29 60.28
C TYR B 241 9.55 -52.62 59.71
N ARG B 242 8.58 -53.39 59.18
CA ARG B 242 8.87 -54.69 58.60
C ARG B 242 8.24 -54.78 57.22
N SER B 243 8.79 -55.66 56.39
CA SER B 243 8.33 -55.78 55.01
C SER B 243 6.86 -56.23 54.97
N ILE B 244 6.15 -55.74 53.97
CA ILE B 244 4.72 -56.05 53.82
C ILE B 244 4.57 -57.49 53.39
N ASP B 245 3.60 -58.19 53.99
CA ASP B 245 3.27 -59.55 53.63
C ASP B 245 2.02 -59.56 52.75
N LYS B 246 2.13 -60.15 51.57
CA LYS B 246 1.03 -60.13 50.61
C LYS B 246 -0.06 -61.14 50.92
N GLU B 247 0.14 -62.01 51.91
CA GLU B 247 -0.87 -62.99 52.27
C GLU B 247 -1.30 -62.92 53.72
N LYS B 248 -0.50 -62.35 54.62
CA LYS B 248 -0.82 -62.35 56.04
C LYS B 248 -1.19 -60.97 56.57
N ASP B 249 -0.74 -59.90 55.92
CA ASP B 249 -1.08 -58.54 56.37
C ASP B 249 -2.44 -58.18 55.80
N LYS B 250 -3.46 -58.21 56.64
CA LYS B 250 -4.84 -58.02 56.23
C LYS B 250 -5.40 -56.74 56.86
N ALA B 251 -6.22 -56.04 56.10
CA ALA B 251 -6.87 -54.82 56.56
C ALA B 251 -8.35 -55.09 56.79
N ASP B 252 -8.86 -54.65 57.94
CA ASP B 252 -10.26 -54.84 58.25
C ASP B 252 -11.10 -53.79 57.55
N PRO B 253 -12.08 -54.16 56.74
CA PRO B 253 -12.90 -53.17 56.05
C PRO B 253 -13.76 -52.37 57.01
N VAL B 254 -13.98 -51.11 56.65
CA VAL B 254 -14.99 -50.26 57.29
C VAL B 254 -15.89 -49.75 56.18
N SER B 255 -17.18 -50.05 56.27
CA SER B 255 -18.11 -49.77 55.19
C SER B 255 -19.36 -49.10 55.72
N PHE B 256 -20.02 -48.34 54.85
CA PHE B 256 -21.32 -47.78 55.17
C PHE B 256 -22.08 -47.51 53.90
N ALA B 257 -23.40 -47.42 54.02
CA ALA B 257 -24.29 -47.25 52.88
C ALA B 257 -24.60 -45.78 52.71
N HIS B 258 -24.28 -45.24 51.54
CA HIS B 258 -24.55 -43.84 51.25
C HIS B 258 -25.99 -43.59 50.82
N ASN B 259 -26.75 -44.65 50.51
CA ASN B 259 -28.16 -44.54 50.15
C ASN B 259 -28.38 -43.66 48.92
N ARG B 260 -27.34 -43.50 48.10
CA ARG B 260 -27.50 -42.73 46.87
C ARG B 260 -28.34 -43.46 45.84
N GLY B 261 -28.38 -44.79 45.90
CA GLY B 261 -29.06 -45.57 44.88
C GLY B 261 -28.23 -45.80 43.63
N SER B 262 -27.08 -45.16 43.51
CA SER B 262 -26.19 -45.35 42.38
C SER B 262 -24.79 -44.96 42.82
N CYS B 263 -23.80 -45.34 42.02
CA CYS B 263 -22.42 -45.04 42.37
C CYS B 263 -22.20 -43.53 42.32
N PRO B 264 -21.81 -42.90 43.42
CA PRO B 264 -21.67 -41.42 43.43
C PRO B 264 -20.35 -40.94 42.83
N VAL B 265 -20.06 -41.39 41.62
CA VAL B 265 -18.91 -40.92 40.87
C VAL B 265 -19.34 -40.60 39.45
N VAL B 266 -18.64 -39.66 38.83
CA VAL B 266 -18.86 -39.28 37.44
C VAL B 266 -17.51 -39.18 36.75
N ARG B 267 -17.43 -39.70 35.54
CA ARG B 267 -16.20 -39.66 34.76
C ARG B 267 -16.41 -38.75 33.57
N TYR B 268 -15.55 -37.74 33.43
CA TYR B 268 -15.52 -36.93 32.23
C TYR B 268 -14.48 -37.52 31.29
N ARG B 269 -14.90 -37.79 30.06
CA ARG B 269 -14.09 -38.51 29.08
C ARG B 269 -14.01 -37.65 27.82
N MET B 270 -12.86 -37.00 27.62
CA MET B 270 -12.65 -36.22 26.42
C MET B 270 -12.62 -37.14 25.20
N ASP B 271 -13.29 -36.71 24.13
CA ASP B 271 -13.36 -37.52 22.93
C ASP B 271 -11.98 -37.72 22.33
N GLU B 272 -11.76 -38.91 21.77
CA GLU B 272 -10.43 -39.26 21.27
C GLU B 272 -9.99 -38.31 20.16
N SER B 273 -10.91 -37.94 19.25
CA SER B 273 -10.56 -37.01 18.19
C SER B 273 -10.18 -35.65 18.73
N LEU B 274 -10.71 -35.27 19.89
CA LEU B 274 -10.40 -33.98 20.51
C LEU B 274 -9.17 -34.03 21.40
N TYR B 275 -8.85 -35.19 21.96
CA TYR B 275 -7.71 -35.33 22.87
C TYR B 275 -6.43 -35.23 22.07
N MET B 276 -5.80 -34.06 22.11
CA MET B 276 -4.61 -33.80 21.31
C MET B 276 -3.31 -34.20 22.01
N ALA B 277 -3.31 -34.27 23.35
CA ALA B 277 -2.09 -34.56 24.08
C ALA B 277 -1.52 -35.92 23.72
N ASP B 278 -2.36 -36.84 23.26
CA ASP B 278 -1.89 -38.16 22.86
C ASP B 278 -1.01 -38.11 21.62
N GLN B 279 -1.08 -37.03 20.85
CA GLN B 279 -0.42 -36.98 19.54
C GLN B 279 0.69 -35.93 19.48
N VAL B 280 1.09 -35.35 20.60
CA VAL B 280 2.12 -34.31 20.57
C VAL B 280 3.17 -34.55 21.64
N TYR B 281 2.89 -35.45 22.58
CA TYR B 281 3.81 -35.65 23.69
C TYR B 281 5.15 -36.18 23.20
N LEU B 282 5.13 -37.09 22.22
CA LEU B 282 6.38 -37.54 21.61
C LEU B 282 7.12 -36.39 20.96
N ALA B 283 6.38 -35.50 20.28
CA ALA B 283 7.00 -34.31 19.70
C ALA B 283 7.60 -33.44 20.79
N GLN B 284 6.93 -33.34 21.94
CA GLN B 284 7.46 -32.51 23.02
C GLN B 284 8.75 -33.09 23.59
N ARG B 285 8.81 -34.41 23.77
CA ARG B 285 10.06 -34.99 24.29
C ARG B 285 11.17 -34.91 23.25
N MET B 286 10.83 -35.03 21.97
CA MET B 286 11.82 -34.77 20.93
C MET B 286 12.31 -33.34 20.99
N ILE B 287 11.41 -32.39 21.28
CA ILE B 287 11.82 -31.00 21.43
C ILE B 287 12.80 -30.85 22.58
N TYR B 288 12.51 -31.50 23.70
CA TYR B 288 13.45 -31.47 24.83
C TYR B 288 14.83 -31.95 24.41
N GLY B 289 14.89 -33.14 23.79
CA GLY B 289 16.18 -33.69 23.42
C GLY B 289 16.92 -32.83 22.41
N LEU B 290 16.19 -32.36 21.38
CA LEU B 290 16.80 -31.55 20.35
C LEU B 290 17.30 -30.22 20.90
N SER B 291 16.54 -29.61 21.80
CA SER B 291 16.98 -28.37 22.42
C SER B 291 18.25 -28.58 23.23
N MET B 292 18.32 -29.67 23.99
CA MET B 292 19.52 -29.95 24.76
C MET B 292 20.73 -30.13 23.84
N ASN B 293 20.56 -30.91 22.77
CA ASN B 293 21.66 -31.12 21.83
C ASN B 293 22.06 -29.83 21.15
N LEU B 294 21.08 -29.00 20.78
CA LEU B 294 21.37 -27.74 20.11
C LEU B 294 22.18 -26.81 21.00
N PHE B 295 21.76 -26.68 22.27
CA PHE B 295 22.50 -25.81 23.17
C PHE B 295 23.90 -26.34 23.45
N HIS B 296 24.04 -27.67 23.57
CA HIS B 296 25.37 -28.23 23.75
C HIS B 296 26.26 -27.93 22.55
N THR B 297 25.75 -28.12 21.34
CA THR B 297 26.53 -27.83 20.15
C THR B 297 26.91 -26.36 20.07
N ALA B 298 25.96 -25.47 20.34
CA ALA B 298 26.24 -24.05 20.27
C ALA B 298 27.28 -23.64 21.30
N ALA B 299 27.19 -24.18 22.51
CA ALA B 299 28.18 -23.87 23.54
C ALA B 299 29.56 -24.39 23.16
N ASN B 300 29.63 -25.60 22.60
CA ASN B 300 30.92 -26.17 22.25
C ASN B 300 31.50 -25.59 20.97
N ALA B 301 30.72 -24.83 20.20
CA ALA B 301 31.23 -24.22 18.97
C ALA B 301 30.97 -22.72 18.92
N GLY B 302 30.66 -22.10 20.07
CA GLY B 302 30.34 -20.69 20.08
C GLY B 302 31.53 -19.76 20.23
N PHE B 303 32.64 -20.26 20.73
CA PHE B 303 33.79 -19.40 20.97
C PHE B 303 34.49 -19.05 19.67
N VAL B 304 35.31 -18.00 19.71
CA VAL B 304 36.07 -17.53 18.56
C VAL B 304 37.53 -17.80 18.82
N GLN B 305 38.16 -18.56 17.93
CA GLN B 305 39.56 -18.91 18.07
C GLN B 305 40.41 -18.06 17.15
N LYS B 306 41.57 -17.64 17.62
CA LYS B 306 42.46 -16.81 16.84
C LYS B 306 43.85 -17.45 16.78
N TRP B 307 44.23 -17.86 15.57
CA TRP B 307 45.51 -18.51 15.39
C TRP B 307 46.46 -17.62 14.59
N ILE B 308 47.74 -17.95 14.65
CA ILE B 308 48.78 -17.18 14.00
C ILE B 308 49.64 -18.10 13.16
N ARG B 309 50.54 -17.51 12.41
CA ARG B 309 51.60 -18.20 11.71
C ARG B 309 52.88 -17.41 11.96
N PRO B 310 53.74 -17.87 12.86
CA PRO B 310 54.86 -17.03 13.29
C PRO B 310 55.76 -16.64 12.14
N TYR B 311 56.28 -15.41 12.22
CA TYR B 311 57.14 -14.86 11.19
C TYR B 311 58.60 -15.09 11.56
N ILE B 312 59.37 -15.60 10.61
CA ILE B 312 60.77 -15.92 10.86
C ILE B 312 61.68 -14.98 10.09
N PRO B 332 63.66 -24.92 16.69
CA PRO B 332 63.91 -24.46 18.05
C PRO B 332 62.61 -24.27 18.84
N LYS B 333 62.23 -25.30 19.60
CA LYS B 333 60.96 -25.24 20.32
C LYS B 333 60.96 -24.16 21.39
N GLU B 334 62.12 -23.92 22.03
CA GLU B 334 62.19 -22.85 23.02
C GLU B 334 62.00 -21.49 22.36
N ALA B 335 62.56 -21.30 21.16
CA ALA B 335 62.34 -20.07 20.43
C ALA B 335 60.88 -19.91 20.06
N LEU B 336 60.23 -21.01 19.67
CA LEU B 336 58.80 -20.95 19.37
C LEU B 336 57.99 -20.59 20.61
N ASN B 337 58.36 -21.13 21.77
CA ASN B 337 57.67 -20.76 22.99
C ASN B 337 57.84 -19.27 23.28
N GLU B 338 59.06 -18.76 23.12
CA GLU B 338 59.28 -17.33 23.31
C GLU B 338 58.42 -16.51 22.34
N ILE B 339 58.34 -16.95 21.09
CA ILE B 339 57.54 -16.23 20.08
C ILE B 339 56.06 -16.17 20.43
N ILE B 340 55.47 -17.31 20.78
CA ILE B 340 54.03 -17.33 21.07
C ILE B 340 53.71 -16.53 22.33
N LYS B 341 54.65 -16.48 23.28
CA LYS B 341 54.43 -15.68 24.47
C LYS B 341 54.36 -14.22 24.05
N LYS B 342 55.36 -13.77 23.31
CA LYS B 342 55.37 -12.39 22.83
C LYS B 342 54.11 -12.07 22.04
N TYR B 343 53.71 -12.96 21.14
CA TYR B 343 52.53 -12.71 20.32
C TYR B 343 51.30 -12.48 21.19
N ALA B 344 51.08 -13.37 22.15
CA ALA B 344 49.94 -13.22 23.05
C ALA B 344 49.95 -11.89 23.77
N GLU B 345 51.11 -11.51 24.30
CA GLU B 345 51.23 -10.23 25.00
C GLU B 345 50.83 -9.06 24.12
N SER B 346 51.32 -9.04 22.89
CA SER B 346 51.01 -7.92 22.00
C SER B 346 49.88 -8.22 21.03
N LEU B 347 48.75 -8.69 21.54
CA LEU B 347 47.61 -8.96 20.68
C LEU B 347 46.42 -8.09 21.08
N GLY B 348 46.49 -6.80 20.77
CA GLY B 348 45.40 -5.89 21.09
C GLY B 348 45.37 -4.73 20.13
N ASP B 349 44.50 -3.77 20.44
CA ASP B 349 44.39 -2.58 19.60
C ASP B 349 45.61 -1.68 19.69
N GLU B 350 46.34 -1.74 20.80
CA GLU B 350 47.47 -0.84 21.04
C GLU B 350 48.80 -1.46 20.62
N SER B 351 48.78 -2.33 19.62
CA SER B 351 50.00 -2.96 19.15
C SER B 351 49.82 -3.45 17.73
N VAL B 352 50.89 -3.37 16.95
CA VAL B 352 50.93 -3.95 15.60
C VAL B 352 51.82 -5.19 15.66
N ILE B 353 51.22 -6.34 15.44
CA ILE B 353 51.95 -7.60 15.54
C ILE B 353 52.69 -7.84 14.23
N MET B 354 53.72 -8.68 14.29
CA MET B 354 54.64 -8.88 13.20
C MET B 354 54.48 -10.26 12.55
N ALA B 355 53.28 -10.82 12.65
CA ALA B 355 53.06 -12.21 12.29
C ALA B 355 52.95 -12.36 10.77
N ASP B 356 52.61 -13.57 10.32
CA ASP B 356 52.46 -13.89 8.91
C ASP B 356 51.02 -14.15 8.51
N PHE B 357 50.18 -14.60 9.44
CA PHE B 357 48.78 -14.84 9.16
C PHE B 357 48.04 -14.94 10.49
N PHE B 358 47.07 -14.05 10.72
CA PHE B 358 46.41 -13.96 12.02
C PHE B 358 44.90 -13.85 11.85
N THR B 359 44.30 -14.75 11.06
CA THR B 359 42.86 -14.68 10.88
C THR B 359 42.14 -14.96 12.19
N PHE B 360 40.97 -14.34 12.34
CA PHE B 360 40.06 -14.61 13.45
C PHE B 360 39.14 -15.73 13.01
N GLU B 361 39.40 -16.94 13.48
CA GLU B 361 38.60 -18.08 13.06
C GLU B 361 37.32 -18.13 13.88
N GLU B 362 36.18 -18.25 13.19
CA GLU B 362 34.88 -18.20 13.82
C GLU B 362 33.93 -19.16 13.13
N LEU B 363 32.99 -19.72 13.89
CA LEU B 363 31.96 -20.55 13.32
C LEU B 363 31.02 -19.72 12.46
N ALA B 364 30.78 -20.17 11.23
CA ALA B 364 29.83 -19.47 10.37
C ALA B 364 28.42 -19.62 10.90
N GLY B 365 27.94 -20.85 11.02
CA GLY B 365 26.65 -21.14 11.62
C GLY B 365 25.60 -21.36 10.57
N THR B 366 25.38 -22.63 10.21
CA THR B 366 24.29 -23.00 9.33
C THR B 366 23.55 -24.20 9.92
N SER B 367 24.26 -25.01 10.70
CA SER B 367 23.65 -26.14 11.36
C SER B 367 22.82 -25.71 12.57
N VAL B 368 23.25 -24.66 13.27
CA VAL B 368 22.52 -24.19 14.43
C VAL B 368 21.13 -23.71 14.01
N GLU B 369 21.05 -22.89 12.96
CA GLU B 369 19.75 -22.48 12.46
C GLU B 369 18.98 -23.65 11.85
N MET B 370 19.67 -24.67 11.34
CA MET B 370 18.97 -25.87 10.89
C MET B 370 18.24 -26.55 12.03
N GLN B 371 18.93 -26.76 13.15
CA GLN B 371 18.29 -27.37 14.31
C GLN B 371 17.22 -26.46 14.88
N ILE B 372 17.44 -25.15 14.84
CA ILE B 372 16.42 -24.21 15.27
C ILE B 372 15.17 -24.36 14.42
N GLY B 373 15.34 -24.49 13.10
CA GLY B 373 14.19 -24.70 12.23
C GLY B 373 13.49 -26.01 12.49
N LEU B 374 14.25 -27.06 12.80
CA LEU B 374 13.64 -28.34 13.15
C LEU B 374 12.78 -28.23 14.41
N ILE B 375 13.33 -27.59 15.45
CA ILE B 375 12.56 -27.39 16.67
C ILE B 375 11.36 -26.51 16.40
N GLU B 376 11.52 -25.51 15.54
CA GLU B 376 10.41 -24.63 15.20
C GLU B 376 9.30 -25.40 14.49
N ARG B 377 9.66 -26.31 13.59
CA ARG B 377 8.63 -27.09 12.91
C ARG B 377 7.96 -28.07 13.86
N LEU B 378 8.70 -28.61 14.83
CA LEU B 378 8.05 -29.44 15.84
C LEU B 378 7.05 -28.63 16.67
N ARG B 379 7.45 -27.42 17.08
CA ARG B 379 6.53 -26.56 17.80
C ARG B 379 5.33 -26.18 16.95
N ASN B 380 5.54 -25.92 15.65
CA ASN B 380 4.44 -25.61 14.76
C ASN B 380 3.47 -26.78 14.64
N TYR B 381 4.00 -28.00 14.57
CA TYR B 381 3.10 -29.16 14.57
C TYR B 381 2.34 -29.25 15.87
N ILE B 382 3.01 -29.00 17.00
CA ILE B 382 2.33 -29.06 18.29
C ILE B 382 1.18 -28.07 18.32
N PHE B 383 1.40 -26.85 17.82
CA PHE B 383 0.36 -25.84 17.85
C PHE B 383 -0.67 -26.01 16.74
N THR B 384 -0.37 -26.79 15.71
CA THR B 384 -1.35 -27.07 14.67
C THR B 384 -2.11 -28.37 14.92
N ALA B 385 -1.73 -29.13 15.94
CA ALA B 385 -2.57 -30.25 16.36
C ALA B 385 -3.95 -29.75 16.76
N ILE B 386 -4.00 -28.66 17.50
CA ILE B 386 -5.20 -27.85 17.62
C ILE B 386 -5.19 -26.84 16.49
N LEU B 387 -6.36 -26.48 15.98
CA LEU B 387 -6.41 -25.62 14.82
C LEU B 387 -6.04 -24.18 15.18
N PHE B 388 -4.79 -23.96 15.58
CA PHE B 388 -4.34 -22.66 16.03
C PHE B 388 -3.01 -22.33 15.37
N ASN B 389 -2.78 -21.03 15.16
CA ASN B 389 -1.57 -20.52 14.53
C ASN B 389 -0.72 -19.81 15.57
N ASN B 390 0.51 -20.30 15.75
CA ASN B 390 1.44 -19.69 16.70
C ASN B 390 2.01 -18.37 16.22
N ALA B 391 1.85 -18.05 14.93
CA ALA B 391 2.39 -16.81 14.39
C ALA B 391 1.79 -15.58 15.06
N LYS B 392 0.68 -15.75 15.77
CA LYS B 392 0.13 -14.64 16.56
C LYS B 392 1.16 -14.10 17.52
N PHE B 393 1.98 -14.97 18.11
CA PHE B 393 3.04 -14.56 19.02
C PHE B 393 4.41 -14.98 18.51
N GLU B 394 4.64 -14.83 17.21
CA GLU B 394 5.94 -15.06 16.61
C GLU B 394 6.55 -13.81 16.02
N GLN B 395 5.75 -12.93 15.44
CA GLN B 395 6.24 -11.68 14.87
C GLN B 395 5.16 -10.61 14.89
N ALA B 404 -8.77 -2.59 17.24
CA ALA B 404 -9.04 -2.93 15.84
C ALA B 404 -8.38 -4.24 15.46
N ALA B 405 -7.09 -4.19 15.13
CA ALA B 405 -6.35 -5.38 14.75
C ALA B 405 -5.71 -6.05 15.96
N LYS B 406 -4.88 -5.31 16.69
CA LYS B 406 -4.22 -5.86 17.87
C LYS B 406 -5.19 -6.03 19.03
N GLU B 407 -6.41 -5.50 18.91
CA GLU B 407 -7.41 -5.70 19.95
C GLU B 407 -7.72 -7.17 20.15
N ILE B 408 -7.58 -7.98 19.10
CA ILE B 408 -7.79 -9.42 19.23
C ILE B 408 -6.74 -10.03 20.17
N ASP B 409 -5.48 -9.65 19.99
CA ASP B 409 -4.43 -10.13 20.89
C ASP B 409 -4.65 -9.61 22.30
N PHE B 410 -5.10 -8.35 22.42
CA PHE B 410 -5.40 -7.82 23.74
C PHE B 410 -6.50 -8.62 24.43
N TYR B 411 -7.53 -9.01 23.68
CA TYR B 411 -8.60 -9.84 24.22
C TYR B 411 -8.08 -11.22 24.59
N VAL B 412 -7.15 -11.77 23.79
CA VAL B 412 -6.53 -13.04 24.13
C VAL B 412 -5.85 -12.96 25.49
N GLN B 413 -5.11 -11.87 25.72
CA GLN B 413 -4.54 -11.66 27.04
C GLN B 413 -5.63 -11.52 28.11
N ASN B 414 -6.69 -10.78 27.78
CA ASN B 414 -7.79 -10.59 28.73
C ASN B 414 -8.43 -11.90 29.14
N LEU B 415 -8.32 -12.93 28.31
CA LEU B 415 -8.88 -14.22 28.67
C LEU B 415 -8.19 -14.80 29.90
N ALA B 416 -6.85 -14.87 29.86
CA ALA B 416 -6.10 -15.33 31.02
C ALA B 416 -6.27 -14.37 32.19
N LEU B 417 -6.40 -13.08 31.89
CA LEU B 417 -6.68 -12.12 32.95
C LEU B 417 -7.99 -12.45 33.65
N LYS B 418 -9.02 -12.82 32.89
CA LYS B 418 -10.30 -13.17 33.48
C LYS B 418 -10.20 -14.45 34.31
N ASP B 419 -9.42 -15.43 33.84
CA ASP B 419 -9.23 -16.65 34.62
C ASP B 419 -8.59 -16.34 35.97
N HIS B 420 -7.46 -15.62 35.94
CA HIS B 420 -6.81 -15.24 37.19
C HIS B 420 -7.72 -14.36 38.04
N GLY B 421 -8.57 -13.55 37.41
CA GLY B 421 -9.50 -12.72 38.17
C GLY B 421 -10.55 -13.53 38.89
N SER B 422 -11.05 -14.59 38.25
CA SER B 422 -11.99 -15.48 38.92
C SER B 422 -11.34 -16.15 40.12
N GLY B 423 -10.10 -16.63 39.95
CA GLY B 423 -9.38 -17.18 41.09
C GLY B 423 -9.19 -16.16 42.20
N ILE B 424 -8.84 -14.93 41.83
CA ILE B 424 -8.64 -13.86 42.81
C ILE B 424 -9.93 -13.55 43.55
N VAL B 425 -11.06 -13.54 42.83
CA VAL B 425 -12.34 -13.26 43.47
C VAL B 425 -12.69 -14.36 44.46
N GLU B 426 -12.44 -15.61 44.09
CA GLU B 426 -12.67 -16.71 45.05
C GLU B 426 -11.83 -16.53 46.31
N PHE B 427 -10.53 -16.23 46.13
CA PHE B 427 -9.66 -16.03 47.28
C PHE B 427 -10.12 -14.85 48.12
N THR B 428 -10.55 -13.77 47.48
CA THR B 428 -11.02 -12.60 48.20
C THR B 428 -12.29 -12.90 48.99
N ARG B 429 -13.19 -13.69 48.41
CA ARG B 429 -14.38 -14.09 49.15
C ARG B 429 -14.00 -14.89 50.39
N SER B 430 -13.05 -15.83 50.26
CA SER B 430 -12.61 -16.59 51.42
C SER B 430 -11.98 -15.67 52.48
N LEU B 431 -11.14 -14.74 52.04
CA LEU B 431 -10.48 -13.84 52.96
C LEU B 431 -11.49 -12.97 53.69
N LEU B 432 -12.50 -12.46 52.96
CA LEU B 432 -13.52 -11.64 53.59
C LEU B 432 -14.36 -12.44 54.56
N HIS B 433 -14.64 -13.71 54.25
CA HIS B 433 -15.35 -14.56 55.20
C HIS B 433 -14.55 -14.72 56.48
N HIS B 434 -13.25 -14.98 56.36
CA HIS B 434 -12.42 -15.12 57.55
C HIS B 434 -12.36 -13.81 58.33
N THR B 435 -12.26 -12.68 57.64
CA THR B 435 -12.22 -11.40 58.31
C THR B 435 -13.52 -11.13 59.06
N ALA B 436 -14.66 -11.43 58.43
CA ALA B 436 -15.94 -11.27 59.11
C ALA B 436 -16.01 -12.16 60.35
N LYS B 437 -15.49 -13.39 60.25
CA LYS B 437 -15.43 -14.24 61.41
C LYS B 437 -14.53 -13.65 62.49
N ALA B 438 -13.50 -12.90 62.08
CA ALA B 438 -12.62 -12.27 63.06
C ALA B 438 -13.35 -11.21 63.88
N PHE B 439 -14.24 -10.45 63.24
CA PHE B 439 -15.03 -9.45 63.96
C PHE B 439 -16.04 -10.07 64.90
N GLY B 440 -16.21 -11.39 64.86
CA GLY B 440 -17.26 -12.05 65.62
C GLY B 440 -18.57 -12.19 64.88
N TYR B 441 -18.68 -11.61 63.69
CA TYR B 441 -19.88 -11.79 62.88
C TYR B 441 -19.90 -13.19 62.28
N ASP B 442 -21.11 -13.74 62.13
CA ASP B 442 -21.29 -15.11 61.66
C ASP B 442 -21.41 -15.20 60.14
N SER B 443 -20.81 -14.27 59.41
CA SER B 443 -20.91 -14.20 57.95
C SER B 443 -22.40 -14.07 57.59
N GLY B 444 -22.80 -14.63 56.46
CA GLY B 444 -24.16 -14.49 55.99
C GLY B 444 -24.21 -13.89 54.60
N GLY B 445 -24.75 -14.64 53.65
CA GLY B 445 -24.66 -14.27 52.26
C GLY B 445 -23.30 -14.46 51.65
N SER B 446 -22.34 -14.97 52.42
CA SER B 446 -20.98 -15.28 51.99
C SER B 446 -20.25 -14.09 51.39
N ILE B 447 -20.75 -12.86 51.61
CA ILE B 447 -20.08 -11.64 51.18
C ILE B 447 -19.86 -11.66 49.68
N VAL B 448 -20.87 -11.28 48.91
CA VAL B 448 -20.75 -11.33 47.45
C VAL B 448 -19.69 -10.34 47.00
N VAL B 449 -18.82 -10.80 46.09
CA VAL B 449 -17.73 -10.00 45.55
C VAL B 449 -17.74 -10.15 44.04
N SER B 450 -17.71 -9.02 43.34
CA SER B 450 -17.68 -9.01 41.88
C SER B 450 -16.44 -8.26 41.41
N GLY B 451 -16.29 -8.19 40.09
CA GLY B 451 -15.15 -7.55 39.47
C GLY B 451 -14.14 -8.57 38.96
N MET B 452 -13.03 -8.03 38.47
CA MET B 452 -11.94 -8.84 37.91
C MET B 452 -12.44 -9.75 36.80
N ASP B 453 -13.40 -9.26 36.01
CA ASP B 453 -13.98 -10.04 34.94
C ASP B 453 -14.05 -9.33 33.61
N ARG B 454 -13.84 -8.01 33.57
CA ARG B 454 -13.92 -7.22 32.34
C ARG B 454 -12.64 -6.40 32.22
N TYR B 455 -11.63 -6.99 31.61
CA TYR B 455 -10.37 -6.30 31.31
C TYR B 455 -10.44 -5.79 29.89
N ASP B 456 -10.48 -4.47 29.73
CA ASP B 456 -10.64 -3.90 28.41
C ASP B 456 -10.03 -2.51 28.37
N VAL B 457 -9.41 -2.18 27.25
CA VAL B 457 -8.83 -0.85 27.05
C VAL B 457 -9.97 0.17 26.97
N ARG B 458 -9.81 1.30 27.66
CA ARG B 458 -10.79 2.38 27.65
C ARG B 458 -12.14 1.84 28.13
N PRO B 459 -12.27 1.50 29.41
CA PRO B 459 -13.49 0.83 29.87
C PRO B 459 -14.62 1.78 30.25
N ILE B 460 -14.29 3.06 30.47
CA ILE B 460 -15.29 3.99 30.99
C ILE B 460 -16.41 4.19 30.00
N GLU B 461 -16.06 4.49 28.73
CA GLU B 461 -17.10 4.75 27.75
C GLU B 461 -17.85 3.48 27.37
N GLN B 462 -17.25 2.30 27.55
CA GLN B 462 -18.02 1.06 27.35
C GLN B 462 -19.13 0.95 28.38
N VAL B 463 -18.84 1.28 29.64
CA VAL B 463 -19.88 1.27 30.67
C VAL B 463 -20.89 2.36 30.39
N LEU B 464 -20.44 3.52 29.90
CA LEU B 464 -21.38 4.58 29.54
C LEU B 464 -22.32 4.12 28.43
N SER B 465 -21.78 3.43 27.42
CA SER B 465 -22.61 2.90 26.34
C SER B 465 -23.59 1.87 26.87
N LEU B 466 -23.15 1.01 27.79
CA LEU B 466 -24.07 0.05 28.39
C LEU B 466 -25.20 0.75 29.11
N ILE B 467 -24.88 1.79 29.88
CA ILE B 467 -25.90 2.55 30.60
C ILE B 467 -26.90 3.17 29.62
N GLU B 468 -26.38 3.80 28.56
CA GLU B 468 -27.24 4.46 27.60
C GLU B 468 -28.15 3.47 26.88
N ARG B 469 -27.59 2.34 26.46
CA ARG B 469 -28.39 1.33 25.77
C ARG B 469 -29.46 0.76 26.70
N LEU B 470 -29.13 0.57 27.98
CA LEU B 470 -30.14 0.11 28.94
C LEU B 470 -31.25 1.14 29.08
N PHE B 471 -30.89 2.43 29.14
CA PHE B 471 -31.91 3.45 29.33
C PHE B 471 -32.76 3.68 28.09
N LYS B 472 -32.22 3.40 26.91
CA LYS B 472 -33.01 3.56 25.68
C LYS B 472 -34.10 2.49 25.55
N LEU B 473 -34.00 1.41 26.32
CA LEU B 473 -35.00 0.37 26.28
C LEU B 473 -36.30 0.84 26.92
N PRO B 474 -37.41 0.17 26.63
CA PRO B 474 -38.67 0.49 27.32
C PRO B 474 -38.50 0.43 28.83
N GLN B 475 -38.69 1.58 29.48
CA GLN B 475 -38.37 1.71 30.89
C GLN B 475 -39.20 0.74 31.74
N LEU B 476 -40.42 0.42 31.29
CA LEU B 476 -41.25 -0.51 32.05
C LEU B 476 -40.67 -1.92 32.06
N ALA B 477 -39.77 -2.23 31.15
CA ALA B 477 -39.20 -3.57 31.04
C ALA B 477 -37.86 -3.73 31.73
N ILE B 478 -37.34 -2.68 32.35
CA ILE B 478 -36.02 -2.71 32.98
C ILE B 478 -36.22 -2.71 34.50
N PRO B 479 -35.82 -3.76 35.20
CA PRO B 479 -35.89 -3.73 36.66
C PRO B 479 -34.90 -2.75 37.24
N LYS B 480 -35.23 -2.24 38.43
CA LYS B 480 -34.37 -1.26 39.08
C LYS B 480 -33.03 -1.88 39.46
N ASP B 481 -33.01 -3.20 39.71
CA ASP B 481 -31.77 -3.84 40.13
C ASP B 481 -30.70 -3.78 39.05
N LEU B 482 -31.10 -4.02 37.79
CA LEU B 482 -30.12 -3.97 36.69
C LEU B 482 -29.54 -2.57 36.54
N LEU B 483 -30.39 -1.55 36.59
CA LEU B 483 -29.91 -0.18 36.49
C LEU B 483 -28.99 0.16 37.67
N ILE B 484 -29.36 -0.29 38.86
CA ILE B 484 -28.52 -0.04 40.04
C ILE B 484 -27.16 -0.69 39.86
N GLU B 485 -27.14 -1.94 39.36
CA GLU B 485 -25.87 -2.63 39.16
C GLU B 485 -25.01 -1.92 38.14
N SER B 486 -25.59 -1.53 37.00
CA SER B 486 -24.81 -0.87 35.97
C SER B 486 -24.29 0.49 36.44
N MET B 487 -25.14 1.27 37.11
CA MET B 487 -24.70 2.56 37.63
C MET B 487 -23.63 2.39 38.70
N SER B 488 -23.75 1.37 39.54
CA SER B 488 -22.71 1.12 40.54
C SER B 488 -21.39 0.74 39.88
N GLN B 489 -21.44 -0.05 38.82
CA GLN B 489 -20.23 -0.37 38.08
C GLN B 489 -19.58 0.89 37.52
N LEU B 490 -20.40 1.78 36.95
CA LEU B 490 -19.87 3.04 36.44
C LEU B 490 -19.27 3.87 37.56
N SER B 491 -19.93 3.92 38.72
CA SER B 491 -19.46 4.72 39.83
C SER B 491 -18.12 4.20 40.35
N ARG B 492 -18.00 2.89 40.49
CA ARG B 492 -16.74 2.33 40.98
C ARG B 492 -15.65 2.33 39.93
N LEU B 493 -16.00 2.52 38.65
CA LEU B 493 -14.98 2.67 37.64
C LEU B 493 -14.49 4.11 37.52
N ILE B 494 -15.38 5.09 37.68
CA ILE B 494 -14.98 6.48 37.49
C ILE B 494 -14.05 6.95 38.59
N ILE B 495 -14.32 6.56 39.83
CA ILE B 495 -13.47 6.91 40.97
C ILE B 495 -12.86 5.63 41.52
N GLU B 496 -11.53 5.58 41.54
CA GLU B 496 -10.80 4.50 42.15
C GLU B 496 -9.80 5.09 43.12
N ASN B 497 -9.11 4.23 43.87
CA ASN B 497 -8.17 4.61 44.91
C ASN B 497 -8.81 5.42 46.02
N THR B 498 -10.14 5.47 46.06
CA THR B 498 -10.87 6.22 47.07
C THR B 498 -11.23 5.32 48.23
N THR B 499 -11.52 5.95 49.37
CA THR B 499 -11.93 5.22 50.56
C THR B 499 -13.24 4.49 50.30
N PHE B 500 -13.39 3.30 50.91
CA PHE B 500 -14.62 2.54 50.77
C PHE B 500 -15.82 3.35 51.21
N GLU B 501 -15.63 4.27 52.15
CA GLU B 501 -16.72 5.15 52.57
C GLU B 501 -17.23 5.99 51.41
N TYR B 502 -16.32 6.54 50.61
CA TYR B 502 -16.74 7.39 49.49
C TYR B 502 -17.55 6.60 48.46
N LYS B 503 -17.06 5.40 48.12
CA LYS B 503 -17.79 4.57 47.16
C LYS B 503 -19.14 4.16 47.72
N ASN B 504 -19.20 3.83 49.01
CA ASN B 504 -20.48 3.46 49.62
C ASN B 504 -21.46 4.62 49.57
N THR B 505 -21.01 5.83 49.87
CA THR B 505 -21.88 6.99 49.82
C THR B 505 -22.40 7.22 48.40
N LEU B 506 -21.51 7.13 47.41
CA LEU B 506 -21.93 7.33 46.04
C LEU B 506 -22.93 6.27 45.61
N ASN B 507 -22.69 5.01 45.98
CA ASN B 507 -23.61 3.94 45.62
C ASN B 507 -24.96 4.12 46.29
N ASP B 508 -24.98 4.55 47.55
CA ASP B 508 -26.25 4.78 48.22
C ASP B 508 -27.04 5.90 47.56
N ALA B 509 -26.35 6.99 47.18
CA ALA B 509 -27.01 8.08 46.48
C ALA B 509 -27.58 7.59 45.15
N ILE B 510 -26.79 6.80 44.42
CA ILE B 510 -27.25 6.26 43.15
C ILE B 510 -28.49 5.39 43.35
N ILE B 511 -28.48 4.54 44.36
CA ILE B 511 -29.61 3.65 44.61
C ILE B 511 -30.86 4.47 44.92
N SER B 512 -30.73 5.46 45.79
CA SER B 512 -31.90 6.29 46.13
C SER B 512 -32.44 7.01 44.91
N ASN B 513 -31.54 7.59 44.09
CA ASN B 513 -31.99 8.34 42.92
C ASN B 513 -32.66 7.43 41.90
N ILE B 514 -32.10 6.24 41.70
CA ILE B 514 -32.69 5.29 40.75
C ILE B 514 -34.06 4.85 41.23
N ASP B 515 -34.19 4.59 42.53
CA ASP B 515 -35.50 4.21 43.08
C ASP B 515 -36.51 5.33 42.86
N GLU B 516 -36.11 6.58 43.11
CA GLU B 516 -37.02 7.69 42.89
C GLU B 516 -37.44 7.80 41.43
N TYR B 517 -36.48 7.66 40.51
CA TYR B 517 -36.80 7.74 39.08
C TYR B 517 -37.73 6.62 38.65
N LEU B 518 -37.48 5.40 39.12
CA LEU B 518 -38.33 4.28 38.76
C LEU B 518 -39.74 4.45 39.30
N ASN B 519 -39.86 4.92 40.55
CA ASN B 519 -41.18 5.17 41.10
C ASN B 519 -41.91 6.27 40.33
N SER B 520 -41.19 7.32 39.94
CA SER B 520 -41.79 8.40 39.18
C SER B 520 -42.31 7.89 37.84
N VAL B 521 -41.50 7.11 37.13
CA VAL B 521 -41.93 6.62 35.83
C VAL B 521 -43.08 5.62 35.99
N LYS B 522 -43.08 4.85 37.08
CA LYS B 522 -44.19 3.93 37.32
C LYS B 522 -45.49 4.68 37.53
N LYS B 523 -45.47 5.71 38.39
CA LYS B 523 -46.68 6.48 38.62
C LYS B 523 -47.09 7.29 37.40
N GLN B 524 -46.15 7.68 36.54
CA GLN B 524 -46.51 8.32 35.29
C GLN B 524 -47.21 7.34 34.35
N SER B 525 -46.70 6.11 34.29
CA SER B 525 -47.31 5.10 33.42
C SER B 525 -48.68 4.67 33.94
N ASN B 526 -48.87 4.65 35.25
CA ASN B 526 -50.15 4.21 35.81
C ASN B 526 -51.29 5.12 35.37
N ASP B 527 -51.06 6.43 35.36
CA ASP B 527 -52.09 7.38 34.95
C ASP B 527 -51.60 8.23 33.78
N MET C 1 -5.10 -26.61 69.87
CA MET C 1 -5.38 -26.99 71.25
C MET C 1 -4.42 -26.29 72.21
N LEU C 2 -4.54 -26.62 73.49
CA LEU C 2 -3.75 -25.96 74.53
C LEU C 2 -2.46 -26.74 74.78
N TYR C 3 -1.32 -26.14 74.43
CA TYR C 3 -0.03 -26.73 74.72
C TYR C 3 0.60 -26.01 75.90
N THR C 4 1.13 -26.78 76.86
CA THR C 4 1.77 -26.21 78.04
C THR C 4 3.09 -26.89 78.36
N ASP C 5 3.71 -27.59 77.42
CA ASP C 5 4.94 -28.32 77.64
C ASP C 5 6.07 -27.72 76.82
N SER C 6 7.19 -27.45 77.47
CA SER C 6 8.37 -26.98 76.76
C SER C 6 8.87 -28.07 75.81
N LEU C 7 9.34 -27.66 74.64
CA LEU C 7 9.79 -28.57 73.61
C LEU C 7 11.22 -28.27 73.22
N ASN C 8 11.99 -29.32 72.98
CA ASN C 8 13.37 -29.15 72.55
C ASN C 8 13.43 -28.61 71.12
N TYR C 9 14.58 -28.03 70.77
CA TYR C 9 14.73 -27.41 69.46
C TYR C 9 14.47 -28.40 68.33
N LYS C 10 14.80 -29.67 68.54
CA LYS C 10 14.55 -30.68 67.51
C LYS C 10 13.06 -30.81 67.23
N GLN C 11 12.24 -30.79 68.28
CA GLN C 11 10.80 -30.92 68.08
C GLN C 11 10.23 -29.72 67.35
N LEU C 12 10.66 -28.51 67.71
CA LEU C 12 10.16 -27.32 67.01
C LEU C 12 10.61 -27.29 65.56
N SER C 13 11.87 -27.63 65.31
CA SER C 13 12.45 -27.41 63.99
C SER C 13 12.08 -28.46 62.96
N THR C 14 11.19 -29.40 63.29
CA THR C 14 10.83 -30.43 62.33
C THR C 14 10.08 -29.83 61.16
N VAL C 15 10.31 -30.40 59.97
CA VAL C 15 9.67 -29.97 58.74
C VAL C 15 9.12 -31.20 58.04
N SER C 16 7.87 -31.12 57.58
CA SER C 16 7.24 -32.25 56.94
C SER C 16 7.95 -32.60 55.64
N ASP C 17 7.84 -33.87 55.24
CA ASP C 17 8.59 -34.36 54.10
C ASP C 17 8.22 -33.62 52.82
N ASP C 18 6.93 -33.37 52.60
CA ASP C 18 6.52 -32.66 51.39
C ASP C 18 7.08 -31.24 51.37
N MET C 19 7.06 -30.55 52.51
CA MET C 19 7.67 -29.23 52.57
C MET C 19 9.18 -29.31 52.38
N GLN C 20 9.83 -30.33 52.95
CA GLN C 20 11.25 -30.51 52.73
C GLN C 20 11.57 -30.69 51.26
N SER C 21 10.70 -31.38 50.51
CA SER C 21 10.94 -31.59 49.10
C SER C 21 10.64 -30.33 48.29
N TYR C 22 9.62 -29.57 48.69
CA TYR C 22 9.14 -28.48 47.86
C TYR C 22 9.86 -27.16 48.11
N LEU C 23 10.31 -26.89 49.33
CA LEU C 23 10.95 -25.61 49.62
C LEU C 23 12.19 -25.32 48.77
N PRO C 24 13.11 -26.26 48.54
CA PRO C 24 14.29 -25.91 47.72
C PRO C 24 13.95 -25.45 46.31
N VAL C 25 13.02 -26.13 45.64
CA VAL C 25 12.69 -25.73 44.27
C VAL C 25 11.98 -24.38 44.27
N ALA C 26 11.13 -24.13 45.26
CA ALA C 26 10.48 -22.83 45.38
C ALA C 26 11.51 -21.73 45.59
N LYS C 27 12.50 -21.97 46.45
CA LYS C 27 13.55 -20.98 46.67
C LYS C 27 14.35 -20.73 45.40
N GLU C 28 14.68 -21.80 44.67
CA GLU C 28 15.42 -21.64 43.42
C GLU C 28 14.62 -20.82 42.41
N ILE C 29 13.34 -21.13 42.26
CA ILE C 29 12.51 -20.40 41.30
C ILE C 29 12.38 -18.94 41.71
N ALA C 30 12.18 -18.68 43.01
CA ALA C 30 12.07 -17.31 43.47
C ALA C 30 13.35 -16.53 43.24
N LYS C 31 14.50 -17.16 43.50
CA LYS C 31 15.78 -16.49 43.27
C LYS C 31 15.98 -16.19 41.79
N ILE C 32 15.62 -17.14 40.93
CA ILE C 32 15.76 -16.93 39.49
C ILE C 32 14.87 -15.79 39.03
N ALA C 33 13.61 -15.78 39.48
CA ALA C 33 12.66 -14.79 38.99
C ALA C 33 12.98 -13.40 39.51
N GLN C 34 13.28 -13.27 40.81
CA GLN C 34 13.52 -11.96 41.38
C GLN C 34 14.79 -11.33 40.80
N GLY C 35 15.84 -12.12 40.62
CA GLY C 35 17.07 -11.59 40.07
C GLY C 35 17.66 -10.52 40.98
N GLY C 36 18.08 -9.41 40.37
CA GLY C 36 18.63 -8.32 41.15
C GLY C 36 20.03 -8.62 41.64
N HIS C 37 20.42 -7.89 42.69
CA HIS C 37 21.76 -8.03 43.24
C HIS C 37 21.94 -9.35 43.99
N GLU C 38 20.85 -10.04 44.33
CA GLU C 38 20.96 -11.30 45.05
C GLU C 38 21.55 -12.42 44.19
N LEU C 39 21.58 -12.24 42.88
CA LEU C 39 22.12 -13.28 42.00
C LEU C 39 23.61 -13.44 42.22
N ASP C 40 24.06 -14.70 42.25
CA ASP C 40 25.47 -15.02 42.35
C ASP C 40 25.94 -15.60 41.02
N PRO C 41 26.84 -14.93 40.30
CA PRO C 41 27.24 -15.45 38.97
C PRO C 41 27.84 -16.83 39.01
N GLU C 42 28.48 -17.21 40.11
CA GLU C 42 29.10 -18.53 40.21
C GLU C 42 28.11 -19.65 39.90
N ASP C 43 26.87 -19.49 40.34
CA ASP C 43 25.86 -20.52 40.17
C ASP C 43 25.36 -20.65 38.74
N TYR C 44 25.71 -19.71 37.85
CA TYR C 44 25.19 -19.69 36.49
C TYR C 44 26.33 -19.63 35.49
N LEU C 45 27.34 -20.47 35.69
CA LEU C 45 28.51 -20.51 34.84
C LEU C 45 28.46 -21.74 33.94
N LEU C 46 28.57 -21.52 32.64
CA LEU C 46 28.75 -22.62 31.68
C LEU C 46 30.23 -22.80 31.39
N ILE C 47 30.98 -23.05 32.47
CA ILE C 47 32.43 -23.13 32.40
C ILE C 47 32.85 -24.36 31.60
N ARG C 48 33.91 -24.22 30.82
CA ARG C 48 34.46 -25.33 30.03
C ARG C 48 35.27 -26.24 30.95
N ASP C 49 34.54 -26.87 31.88
CA ASP C 49 35.05 -27.98 32.69
C ASP C 49 36.32 -27.59 33.46
N GLU C 50 36.16 -26.61 34.35
CA GLU C 50 37.19 -26.21 35.31
C GLU C 50 38.46 -25.74 34.61
N GLU C 51 38.36 -24.59 33.95
CA GLU C 51 39.54 -23.93 33.40
C GLU C 51 40.17 -23.06 34.48
N SER C 52 41.20 -22.30 34.13
CA SER C 52 41.93 -21.51 35.11
C SER C 52 40.99 -20.52 35.80
N PRO C 53 41.11 -20.34 37.12
CA PRO C 53 40.20 -19.42 37.81
C PRO C 53 40.32 -17.98 37.37
N GLY C 54 41.46 -17.56 36.82
CA GLY C 54 41.59 -16.19 36.36
C GLY C 54 40.62 -15.85 35.26
N VAL C 55 40.53 -16.72 34.24
CA VAL C 55 39.55 -16.51 33.19
C VAL C 55 38.14 -16.65 33.71
N THR C 56 37.92 -17.51 34.71
CA THR C 56 36.58 -17.63 35.29
C THR C 56 36.16 -16.32 35.93
N LYS C 57 37.05 -15.68 36.69
CA LYS C 57 36.71 -14.41 37.31
C LYS C 57 36.57 -13.31 36.27
N LYS C 58 37.39 -13.34 35.20
CA LYS C 58 37.23 -12.36 34.14
C LYS C 58 35.88 -12.51 33.46
N ARG C 59 35.42 -13.75 33.26
CA ARG C 59 34.10 -13.98 32.70
C ARG C 59 33.01 -13.53 33.65
N ILE C 60 33.19 -13.76 34.95
CA ILE C 60 32.22 -13.34 35.95
C ILE C 60 32.08 -11.82 35.95
N GLU C 61 33.17 -11.10 35.72
CA GLU C 61 33.11 -9.65 35.70
C GLU C 61 32.13 -9.14 34.65
N LYS C 62 31.82 -9.93 33.63
CA LYS C 62 30.91 -9.53 32.56
C LYS C 62 29.51 -10.11 32.76
N PHE C 63 29.06 -10.22 34.00
CA PHE C 63 27.74 -10.78 34.31
C PHE C 63 26.71 -9.66 34.21
N ALA C 64 25.84 -9.74 33.21
CA ALA C 64 24.77 -8.78 33.00
C ALA C 64 23.46 -9.54 32.91
N PRO C 65 22.83 -9.82 34.05
CA PRO C 65 21.61 -10.64 34.03
C PRO C 65 20.46 -9.91 33.35
N GLU C 66 19.81 -10.58 32.41
CA GLU C 66 18.62 -10.08 31.74
C GLU C 66 17.45 -10.91 32.22
N ASN C 67 16.77 -10.41 33.26
CA ASN C 67 15.69 -11.14 33.91
C ASN C 67 14.41 -10.94 33.13
N TYR C 68 14.30 -11.65 32.01
CA TYR C 68 13.07 -11.61 31.24
C TYR C 68 11.92 -12.25 32.00
N LEU C 69 12.21 -13.23 32.86
CA LEU C 69 11.17 -13.79 33.71
C LEU C 69 10.62 -12.74 34.66
N GLY C 70 11.49 -11.91 35.23
CA GLY C 70 11.02 -10.80 36.05
C GLY C 70 10.14 -9.85 35.27
N ALA C 71 10.51 -9.57 34.02
CA ALA C 71 9.69 -8.72 33.17
C ALA C 71 8.32 -9.34 32.93
N ALA C 72 8.27 -10.65 32.68
CA ALA C 72 7.00 -11.32 32.46
C ALA C 72 6.13 -11.28 33.72
N ILE C 73 6.75 -11.51 34.88
CA ILE C 73 5.99 -11.45 36.13
C ILE C 73 5.45 -10.05 36.35
N ARG C 74 6.27 -9.03 36.09
CA ARG C 74 5.82 -7.65 36.20
C ARG C 74 4.66 -7.37 35.25
N LEU C 75 4.76 -7.87 34.02
CA LEU C 75 3.70 -7.66 33.04
C LEU C 75 2.39 -8.30 33.50
N GLN C 76 2.46 -9.54 33.97
CA GLN C 76 1.25 -10.22 34.44
C GLN C 76 0.65 -9.50 35.64
N ARG C 77 1.49 -9.07 36.59
CA ARG C 77 0.98 -8.35 37.75
C ARG C 77 0.29 -7.06 37.34
N VAL C 78 0.91 -6.30 36.44
CA VAL C 78 0.34 -5.04 36.00
C VAL C 78 -0.98 -5.27 35.27
N LEU C 79 -1.02 -6.27 34.39
CA LEU C 79 -2.24 -6.57 33.66
C LEU C 79 -3.37 -6.95 34.61
N GLN C 80 -3.07 -7.78 35.61
CA GLN C 80 -4.10 -8.15 36.57
C GLN C 80 -4.53 -6.94 37.41
N LYS C 81 -3.57 -6.08 37.78
CA LYS C 81 -3.90 -4.87 38.50
C LYS C 81 -4.81 -3.95 37.70
N SER C 82 -4.74 -4.02 36.37
CA SER C 82 -5.60 -3.19 35.53
C SER C 82 -7.08 -3.50 35.70
N GLY C 83 -7.43 -4.63 36.30
CA GLY C 83 -8.82 -4.97 36.51
C GLY C 83 -9.46 -4.17 37.63
N VAL C 84 -10.72 -4.48 37.89
CA VAL C 84 -11.52 -3.80 38.89
C VAL C 84 -11.98 -4.82 39.92
N LEU C 85 -11.80 -4.50 41.19
CA LEU C 85 -12.28 -5.33 42.29
C LEU C 85 -13.25 -4.51 43.14
N GLU C 86 -14.44 -5.07 43.37
CA GLU C 86 -15.52 -4.36 44.05
C GLU C 86 -16.13 -5.23 45.12
N ILE C 87 -16.62 -4.59 46.18
CA ILE C 87 -17.29 -5.27 47.29
C ILE C 87 -18.69 -4.69 47.42
N LYS C 88 -19.69 -5.56 47.43
CA LYS C 88 -21.06 -5.12 47.65
C LYS C 88 -21.28 -4.85 49.14
N SER C 89 -21.49 -3.58 49.50
CA SER C 89 -21.55 -3.21 50.90
C SER C 89 -22.73 -3.88 51.62
N ASP C 90 -23.88 -3.98 50.95
CA ASP C 90 -25.07 -4.52 51.60
C ASP C 90 -24.90 -5.98 52.03
N SER C 91 -24.00 -6.72 51.39
CA SER C 91 -23.79 -8.12 51.73
C SER C 91 -22.84 -8.30 52.92
N LEU C 92 -22.21 -7.24 53.39
CA LEU C 92 -21.32 -7.35 54.53
C LEU C 92 -22.11 -7.56 55.81
N PRO C 93 -21.85 -8.61 56.57
CA PRO C 93 -22.57 -8.81 57.84
C PRO C 93 -22.15 -7.77 58.87
N GLY C 94 -23.04 -7.54 59.83
CA GLY C 94 -22.74 -6.63 60.91
C GLY C 94 -22.76 -5.17 60.47
N ASP C 95 -22.20 -4.34 61.34
CA ASP C 95 -22.15 -2.90 61.09
C ASP C 95 -21.27 -2.61 59.87
N LEU C 96 -21.73 -1.69 59.04
CA LEU C 96 -20.95 -1.30 57.87
C LEU C 96 -19.82 -0.34 58.22
N THR C 97 -20.01 0.48 59.25
CA THR C 97 -19.00 1.47 59.61
C THR C 97 -17.69 0.81 60.00
N VAL C 98 -17.76 -0.27 60.78
CA VAL C 98 -16.53 -0.97 61.15
C VAL C 98 -15.88 -1.59 59.94
N TRP C 99 -16.67 -2.06 58.98
CA TRP C 99 -16.09 -2.59 57.74
C TRP C 99 -15.35 -1.50 56.98
N GLU C 100 -15.93 -0.31 56.88
CA GLU C 100 -15.23 0.79 56.22
C GLU C 100 -13.96 1.16 56.96
N SER C 101 -14.02 1.22 58.29
CA SER C 101 -12.83 1.54 59.07
C SER C 101 -11.73 0.52 58.83
N PHE C 102 -12.08 -0.76 58.78
CA PHE C 102 -11.10 -1.78 58.46
C PHE C 102 -10.55 -1.60 57.05
N PHE C 103 -11.43 -1.31 56.09
CA PHE C 103 -10.98 -1.18 54.70
C PHE C 103 -10.16 0.08 54.48
N ASN C 104 -10.13 1.01 55.42
CA ASN C 104 -9.20 2.12 55.32
C ASN C 104 -7.75 1.63 55.29
N LYS C 105 -7.43 0.64 56.13
CA LYS C 105 -6.09 0.06 56.19
C LYS C 105 -6.27 -1.43 56.48
N VAL C 106 -6.17 -2.25 55.43
CA VAL C 106 -6.42 -3.69 55.58
C VAL C 106 -5.23 -4.45 56.12
N ASP C 107 -4.05 -3.83 56.18
CA ASP C 107 -2.86 -4.51 56.69
C ASP C 107 -1.89 -3.47 57.21
N LYS C 108 -0.80 -3.98 57.80
CA LYS C 108 0.22 -3.10 58.37
C LYS C 108 0.99 -2.33 57.31
N ARG C 109 0.89 -2.74 56.04
CA ARG C 109 1.58 -2.07 54.96
C ARG C 109 0.77 -0.93 54.36
N ASN C 110 -0.38 -0.61 54.94
CA ASN C 110 -1.25 0.51 54.58
C ASN C 110 -1.92 0.34 53.22
N SER C 111 -1.69 -0.77 52.53
CA SER C 111 -2.31 -0.98 51.23
C SER C 111 -3.81 -1.20 51.37
N SER C 112 -4.53 -0.89 50.30
CA SER C 112 -5.97 -1.14 50.27
C SER C 112 -6.25 -2.61 50.00
N LEU C 113 -7.53 -2.98 49.99
CA LEU C 113 -7.90 -4.37 49.79
C LEU C 113 -7.44 -4.88 48.43
N LYS C 114 -7.70 -4.11 47.37
CA LYS C 114 -7.28 -4.54 46.04
C LYS C 114 -5.77 -4.63 45.95
N ASP C 115 -5.05 -3.66 46.52
CA ASP C 115 -3.59 -3.70 46.48
C ASP C 115 -3.05 -4.91 47.21
N PHE C 116 -3.61 -5.21 48.38
CA PHE C 116 -3.16 -6.38 49.13
C PHE C 116 -3.44 -7.66 48.38
N VAL C 117 -4.62 -7.78 47.77
CA VAL C 117 -4.95 -8.99 47.03
C VAL C 117 -4.05 -9.14 45.82
N ILE C 118 -3.72 -8.03 45.16
CA ILE C 118 -2.82 -8.09 44.01
C ILE C 118 -1.42 -8.49 44.45
N ASP C 119 -0.98 -7.99 45.62
CA ASP C 119 0.32 -8.42 46.14
C ASP C 119 0.33 -9.91 46.45
N VAL C 120 -0.76 -10.41 47.02
CA VAL C 120 -0.87 -11.84 47.28
C VAL C 120 -0.83 -12.62 45.97
N PHE C 121 -1.54 -12.13 44.96
CA PHE C 121 -1.52 -12.78 43.65
C PHE C 121 -0.12 -12.79 43.06
N THR C 122 0.62 -11.69 43.21
CA THR C 122 1.98 -11.63 42.69
C THR C 122 2.88 -12.62 43.42
N GLU C 123 2.75 -12.69 44.74
CA GLU C 123 3.56 -13.63 45.50
C GLU C 123 3.27 -15.07 45.08
N ALA C 124 1.99 -15.38 44.85
CA ALA C 124 1.66 -16.71 44.34
C ALA C 124 2.17 -16.91 42.92
N LEU C 125 2.20 -15.84 42.13
CA LEU C 125 2.66 -15.95 40.75
C LEU C 125 4.14 -16.30 40.69
N VAL C 126 4.96 -15.67 41.52
CA VAL C 126 6.38 -16.02 41.53
C VAL C 126 6.58 -17.41 42.14
N ASN C 127 5.77 -17.76 43.15
CA ASN C 127 5.83 -19.09 43.73
C ASN C 127 4.49 -19.36 44.40
N LYS C 128 3.88 -20.51 44.09
CA LYS C 128 2.51 -20.78 44.52
C LYS C 128 2.38 -20.85 46.03
N TYR C 129 1.15 -21.04 46.51
CA TYR C 129 0.86 -21.18 47.94
C TYR C 129 1.29 -19.94 48.72
N CYS C 130 0.61 -18.84 48.44
CA CYS C 130 0.78 -17.64 49.24
C CYS C 130 -0.15 -17.71 50.46
N TYR C 131 0.43 -17.57 51.64
CA TYR C 131 -0.31 -17.75 52.89
C TYR C 131 -0.57 -16.40 53.54
N VAL C 132 -1.81 -16.20 53.98
CA VAL C 132 -2.22 -14.97 54.65
C VAL C 132 -2.87 -15.34 55.97
N GLN C 133 -2.56 -14.58 57.01
CA GLN C 133 -3.15 -14.78 58.33
C GLN C 133 -3.86 -13.51 58.77
N VAL C 134 -4.97 -13.68 59.48
CA VAL C 134 -5.76 -12.56 59.98
C VAL C 134 -5.65 -12.55 61.50
N GLU C 135 -5.17 -11.45 62.06
CA GLU C 135 -4.98 -11.38 63.50
C GLU C 135 -5.49 -10.05 64.03
N LEU C 136 -5.30 -9.83 65.33
CA LEU C 136 -5.82 -8.67 66.03
C LEU C 136 -4.69 -7.97 66.77
N SER C 137 -5.04 -7.00 67.59
CA SER C 137 -4.11 -6.35 68.50
C SER C 137 -4.30 -6.90 69.91
N LYS C 138 -3.23 -6.84 70.70
CA LYS C 138 -3.23 -7.45 72.02
C LYS C 138 -3.33 -6.37 73.10
N LEU C 139 -4.26 -6.57 74.03
CA LEU C 139 -4.44 -5.67 75.17
C LEU C 139 -4.57 -6.51 76.42
N ASP C 140 -3.77 -6.19 77.45
CA ASP C 140 -3.76 -6.93 78.70
C ASP C 140 -3.92 -5.98 79.87
N PHE C 141 -4.80 -6.34 80.80
CA PHE C 141 -5.05 -5.54 82.00
C PHE C 141 -5.29 -6.45 83.18
N ASP C 142 -5.10 -5.90 84.38
CA ASP C 142 -5.26 -6.63 85.62
C ASP C 142 -6.52 -6.18 86.34
N THR C 143 -6.95 -6.98 87.32
CA THR C 143 -8.17 -6.73 88.07
C THR C 143 -9.36 -6.54 87.13
N VAL C 144 -9.45 -7.43 86.15
CA VAL C 144 -10.45 -7.31 85.10
C VAL C 144 -11.82 -7.74 85.62
N THR C 145 -12.83 -6.92 85.37
CA THR C 145 -14.21 -7.25 85.67
C THR C 145 -14.92 -7.66 84.37
N GLU C 146 -16.23 -7.87 84.45
CA GLU C 146 -16.99 -8.25 83.27
C GLU C 146 -17.02 -7.12 82.24
N ALA C 147 -17.15 -5.87 82.70
CA ALA C 147 -17.16 -4.74 81.78
C ALA C 147 -15.81 -4.59 81.07
N GLU C 148 -14.71 -4.81 81.80
CA GLU C 148 -13.40 -4.74 81.17
C GLU C 148 -13.24 -5.82 80.10
N ALA C 149 -13.70 -7.04 80.39
CA ALA C 149 -13.66 -8.10 79.39
C ALA C 149 -14.52 -7.76 78.18
N GLU C 150 -15.69 -7.17 78.41
CA GLU C 150 -16.54 -6.76 77.30
C GLU C 150 -15.84 -5.72 76.43
N GLY C 151 -15.20 -4.74 77.06
CA GLY C 151 -14.46 -3.74 76.30
C GLY C 151 -13.31 -4.33 75.52
N ILE C 152 -12.58 -5.26 76.14
CA ILE C 152 -11.47 -5.92 75.45
C ILE C 152 -11.98 -6.68 74.24
N LEU C 153 -13.09 -7.38 74.39
CA LEU C 153 -13.68 -8.10 73.25
C LEU C 153 -14.14 -7.14 72.17
N SER C 154 -14.68 -5.98 72.55
CA SER C 154 -15.19 -5.02 71.59
C SER C 154 -14.10 -4.16 70.94
N THR C 155 -12.88 -4.20 71.45
CA THR C 155 -11.79 -3.37 70.93
C THR C 155 -10.83 -4.16 70.04
N ARG C 156 -11.35 -5.09 69.24
CA ARG C 156 -10.49 -5.88 68.35
C ARG C 156 -10.39 -5.21 66.99
N LYS C 157 -9.16 -5.06 66.50
CA LYS C 157 -8.88 -4.41 65.22
C LYS C 157 -8.06 -5.35 64.36
N PRO C 158 -8.69 -6.12 63.49
CA PRO C 158 -7.98 -7.14 62.72
C PRO C 158 -7.17 -6.55 61.58
N TYR C 159 -6.19 -7.33 61.13
CA TYR C 159 -5.39 -6.98 59.97
C TYR C 159 -4.74 -8.24 59.43
N TYR C 160 -4.23 -8.13 58.21
CA TYR C 160 -3.67 -9.24 57.48
C TYR C 160 -2.15 -9.26 57.60
N PHE C 161 -1.59 -10.44 57.38
CA PHE C 161 -0.15 -10.65 57.48
C PHE C 161 0.25 -11.77 56.54
N LYS C 162 1.15 -11.47 55.60
CA LYS C 162 1.57 -12.42 54.59
C LYS C 162 2.73 -13.26 55.14
N ILE C 163 2.49 -14.56 55.32
CA ILE C 163 3.51 -15.46 55.82
C ILE C 163 4.43 -15.86 54.68
N PRO C 164 5.73 -15.67 54.79
CA PRO C 164 6.64 -16.10 53.72
C PRO C 164 6.56 -17.60 53.53
N LEU C 165 6.65 -18.03 52.27
CA LEU C 165 6.56 -19.45 51.97
C LEU C 165 7.71 -20.23 52.58
N GLN C 166 8.93 -19.68 52.50
CA GLN C 166 10.09 -20.37 53.05
C GLN C 166 10.01 -20.50 54.56
N SER C 167 9.19 -19.69 55.23
CA SER C 167 9.01 -19.81 56.67
C SER C 167 7.99 -20.86 57.05
N ILE C 168 7.27 -21.43 56.10
CA ILE C 168 6.32 -22.50 56.39
C ILE C 168 7.09 -23.76 56.75
N MET C 169 6.70 -24.41 57.83
CA MET C 169 7.37 -25.63 58.26
C MET C 169 6.51 -26.87 58.10
N VAL C 170 5.25 -26.83 58.52
CA VAL C 170 4.35 -27.97 58.35
C VAL C 170 2.94 -27.44 58.37
N GLU C 171 2.03 -28.13 57.68
CA GLU C 171 0.63 -27.74 57.74
C GLU C 171 -0.24 -28.93 57.40
N LYS C 172 -1.34 -29.07 58.12
CA LYS C 172 -2.38 -30.05 57.81
C LYS C 172 -3.53 -29.29 57.19
N CYS C 173 -3.81 -29.58 55.91
CA CYS C 173 -4.86 -28.92 55.17
C CYS C 173 -5.53 -29.93 54.26
N ASP C 174 -6.85 -29.83 54.16
CA ASP C 174 -7.64 -30.64 53.23
C ASP C 174 -8.16 -29.72 52.15
N GLY C 175 -7.84 -30.02 50.90
CA GLY C 175 -8.16 -29.12 49.80
C GLY C 175 -7.49 -27.78 49.99
N ASP C 176 -8.29 -26.71 50.03
CA ASP C 176 -7.76 -25.38 50.29
C ASP C 176 -7.87 -24.96 51.75
N THR C 177 -8.82 -25.48 52.49
CA THR C 177 -8.95 -25.17 53.90
C THR C 177 -7.80 -25.77 54.68
N ILE C 178 -7.27 -24.99 55.63
CA ILE C 178 -6.11 -25.39 56.42
C ILE C 178 -6.58 -25.77 57.82
N GLN C 179 -6.38 -27.04 58.19
CA GLN C 179 -6.74 -27.46 59.54
C GLN C 179 -5.83 -26.81 60.57
N TRP C 180 -4.51 -26.87 60.36
CA TRP C 180 -3.59 -26.19 61.24
C TRP C 180 -2.27 -26.00 60.52
N ILE C 181 -1.42 -25.12 61.08
CA ILE C 181 -0.15 -24.83 60.42
C ILE C 181 0.89 -24.34 61.42
N LYS C 182 2.10 -24.90 61.34
CA LYS C 182 3.23 -24.43 62.13
C LYS C 182 4.26 -23.83 61.19
N TYR C 183 4.65 -22.59 61.46
CA TYR C 183 5.65 -21.87 60.68
C TYR C 183 6.64 -21.21 61.62
N LYS C 184 7.66 -20.59 61.03
CA LYS C 184 8.72 -19.95 61.78
C LYS C 184 8.74 -18.46 61.48
N ARG C 185 9.34 -17.70 62.40
CA ARG C 185 9.36 -16.24 62.30
C ARG C 185 10.60 -15.74 63.04
N LEU C 186 11.53 -15.15 62.30
CA LEU C 186 12.73 -14.55 62.87
C LEU C 186 12.46 -13.07 63.08
N ASP C 187 12.28 -12.66 64.32
CA ASP C 187 11.98 -11.27 64.63
C ASP C 187 13.19 -10.61 65.24
N LYS C 188 13.58 -9.46 64.69
CA LYS C 188 14.78 -8.76 65.09
C LYS C 188 14.43 -7.63 66.04
N ILE C 189 14.99 -7.68 67.24
CA ILE C 189 14.90 -6.58 68.20
C ILE C 189 16.05 -5.63 67.89
N ASP C 190 15.72 -4.45 67.37
CA ASP C 190 16.71 -3.47 66.98
C ASP C 190 16.94 -2.50 68.13
N ASN C 191 18.20 -2.32 68.50
CA ASN C 191 18.57 -1.39 69.54
C ASN C 191 19.18 -0.16 68.91
N PRO C 192 18.66 1.04 69.22
CA PRO C 192 19.17 2.25 68.56
C PRO C 192 20.64 2.53 68.83
N PHE C 193 21.22 1.95 69.89
CA PHE C 193 22.61 2.20 70.25
C PHE C 193 23.30 0.89 70.61
N ASP C 194 23.00 -0.19 69.89
CA ASP C 194 23.60 -1.47 70.16
C ASP C 194 23.38 -2.39 68.97
N LYS C 195 24.07 -3.52 68.98
CA LYS C 195 23.95 -4.50 67.91
C LYS C 195 22.54 -5.10 67.89
N THR C 196 22.04 -5.39 66.70
CA THR C 196 20.72 -5.99 66.55
C THR C 196 20.68 -7.37 67.20
N ILE C 197 19.63 -7.62 67.97
CA ILE C 197 19.40 -8.93 68.57
C ILE C 197 18.35 -9.65 67.74
N TYR C 198 18.41 -10.98 67.75
CA TYR C 198 17.46 -11.81 67.00
C TYR C 198 16.75 -12.76 67.94
N ASN C 199 15.44 -12.95 67.71
CA ASN C 199 14.67 -13.99 68.37
C ASN C 199 14.04 -14.87 67.31
N MET C 200 13.84 -16.13 67.67
CA MET C 200 13.27 -17.12 66.77
C MET C 200 11.97 -17.62 67.38
N SER C 201 10.88 -17.49 66.65
CA SER C 201 9.57 -17.93 67.15
C SER C 201 9.02 -19.00 66.22
N TYR C 202 8.47 -20.04 66.83
CA TYR C 202 7.76 -21.09 66.10
C TYR C 202 6.30 -20.96 66.47
N VAL C 203 5.47 -20.65 65.48
CA VAL C 203 4.07 -20.34 65.68
C VAL C 203 3.25 -21.49 65.14
N LEU C 204 2.43 -22.08 66.01
CA LEU C 204 1.48 -23.12 65.63
C LEU C 204 0.07 -22.55 65.75
N ILE C 205 -0.62 -22.47 64.61
CA ILE C 205 -1.98 -21.96 64.55
C ILE C 205 -2.90 -23.16 64.39
N ASP C 206 -3.85 -23.30 65.30
CA ASP C 206 -4.73 -24.45 65.40
C ASP C 206 -6.17 -24.01 65.18
N ASP C 207 -7.11 -24.94 65.41
CA ASP C 207 -8.52 -24.66 65.18
C ASP C 207 -9.03 -23.56 66.10
N GLN C 208 -8.70 -23.63 67.39
CA GLN C 208 -9.19 -22.66 68.36
C GLN C 208 -8.09 -22.12 69.26
N HIS C 209 -6.82 -22.42 68.99
CA HIS C 209 -5.72 -21.90 69.78
C HIS C 209 -4.57 -21.52 68.86
N ILE C 210 -3.76 -20.58 69.33
CA ILE C 210 -2.52 -20.20 68.66
C ILE C 210 -1.42 -20.16 69.71
N THR C 211 -0.29 -20.78 69.39
CA THR C 211 0.80 -20.95 70.34
C THR C 211 2.11 -20.51 69.71
N THR C 212 3.01 -20.01 70.53
CA THR C 212 4.33 -19.58 70.07
C THR C 212 5.40 -20.08 71.03
N TRP C 213 6.43 -20.70 70.48
CA TRP C 213 7.64 -21.05 71.24
C TRP C 213 8.75 -20.11 70.81
N THR C 214 9.37 -19.43 71.77
CA THR C 214 10.33 -18.38 71.46
C THR C 214 11.69 -18.71 72.05
N TYR C 215 12.72 -18.62 71.22
CA TYR C 215 14.11 -18.66 71.63
C TYR C 215 14.69 -17.26 71.52
N TYR C 216 15.25 -16.76 72.62
CA TYR C 216 15.66 -15.36 72.72
C TYR C 216 17.17 -15.22 72.52
N ASP C 217 17.55 -14.16 71.81
CA ASP C 217 18.95 -13.81 71.59
C ASP C 217 19.72 -14.97 70.97
N ILE C 218 19.29 -15.33 69.77
CA ILE C 218 19.87 -16.45 69.04
C ILE C 218 20.66 -15.91 67.85
N ILE C 219 21.36 -16.81 67.18
CA ILE C 219 22.08 -16.50 65.96
C ILE C 219 21.49 -17.35 64.84
N VAL C 220 21.15 -16.70 63.75
CA VAL C 220 20.57 -17.41 62.61
C VAL C 220 21.67 -18.16 61.88
N SER C 221 21.38 -19.41 61.50
CA SER C 221 22.32 -20.24 60.78
C SER C 221 22.11 -20.12 59.28
N ASP C 222 23.07 -20.63 58.51
CA ASP C 222 23.00 -20.57 57.06
C ASP C 222 21.83 -21.39 56.51
N SER C 223 21.33 -22.35 57.27
CA SER C 223 20.17 -23.14 56.86
C SER C 223 18.85 -22.49 57.26
N GLY C 224 18.88 -21.28 57.81
CA GLY C 224 17.69 -20.62 58.27
C GLY C 224 17.27 -20.97 59.68
N GLY C 225 18.00 -21.86 60.35
CA GLY C 225 17.70 -22.26 61.71
C GLY C 225 18.53 -21.52 62.72
N ILE C 226 18.65 -22.10 63.90
CA ILE C 226 19.40 -21.53 65.00
C ILE C 226 20.76 -22.21 65.09
N SER C 227 21.82 -21.41 65.17
CA SER C 227 23.18 -21.93 65.34
C SER C 227 23.70 -21.74 66.76
N LYS C 228 23.62 -20.53 67.30
CA LYS C 228 24.10 -20.22 68.63
C LYS C 228 23.02 -19.47 69.38
N ILE C 229 22.96 -19.68 70.70
CA ILE C 229 22.02 -18.99 71.56
C ILE C 229 22.77 -18.36 72.71
N TRP C 230 22.18 -17.32 73.29
CA TRP C 230 22.76 -16.66 74.44
C TRP C 230 22.59 -17.53 75.69
N ASP C 231 23.51 -17.36 76.63
CA ASP C 231 23.43 -18.07 77.90
C ASP C 231 24.01 -17.14 78.96
N GLN C 232 23.16 -16.63 79.84
CA GLN C 232 23.62 -15.70 80.85
C GLN C 232 24.53 -16.39 81.85
N SER C 233 24.27 -17.66 82.16
CA SER C 233 25.12 -18.40 83.07
C SER C 233 26.52 -18.63 82.52
N LEU C 234 26.69 -18.55 81.20
CA LEU C 234 27.99 -18.76 80.59
C LEU C 234 28.95 -17.63 80.98
N ASN C 235 30.21 -17.77 80.56
CA ASN C 235 31.25 -16.79 80.83
C ASN C 235 31.36 -16.51 82.32
N TYR C 236 31.35 -17.58 83.12
CA TYR C 236 31.41 -17.48 84.58
C TYR C 236 30.26 -16.64 85.11
N GLY C 237 29.09 -16.76 84.47
CA GLY C 237 27.91 -16.02 84.86
C GLY C 237 27.72 -14.71 84.11
N LYS C 238 28.71 -14.28 83.33
CA LYS C 238 28.56 -13.05 82.57
C LYS C 238 27.71 -13.25 81.32
N GLY C 239 27.70 -14.46 80.77
CA GLY C 239 26.89 -14.77 79.61
C GLY C 239 27.69 -14.71 78.32
N ALA C 240 27.38 -15.64 77.42
CA ALA C 240 28.06 -15.72 76.13
C ALA C 240 27.21 -16.55 75.18
N TYR C 241 27.65 -16.64 73.93
CA TYR C 241 26.95 -17.42 72.92
C TYR C 241 27.49 -18.85 72.90
N ARG C 242 26.59 -19.81 72.99
CA ARG C 242 26.95 -21.22 72.98
C ARG C 242 26.12 -21.96 71.95
N SER C 243 26.63 -23.10 71.50
CA SER C 243 25.96 -23.86 70.46
C SER C 243 24.59 -24.36 70.95
N ILE C 244 23.65 -24.42 70.02
CA ILE C 244 22.29 -24.83 70.34
C ILE C 244 22.27 -26.32 70.64
N ASP C 245 21.52 -26.71 71.67
CA ASP C 245 21.34 -28.12 72.02
C ASP C 245 19.97 -28.57 71.54
N LYS C 246 19.96 -29.64 70.74
CA LYS C 246 18.71 -30.12 70.13
C LYS C 246 17.86 -30.93 71.08
N GLU C 247 18.35 -31.24 72.28
CA GLU C 247 17.58 -32.00 73.26
C GLU C 247 17.40 -31.30 74.59
N LYS C 248 18.25 -30.34 74.94
CA LYS C 248 18.19 -29.69 76.24
C LYS C 248 17.74 -28.25 76.20
N ASP C 249 17.88 -27.57 75.06
CA ASP C 249 17.44 -26.18 74.93
C ASP C 249 15.97 -26.18 74.58
N LYS C 250 15.13 -25.89 75.57
CA LYS C 250 13.68 -25.97 75.43
C LYS C 250 13.07 -24.58 75.53
N ALA C 251 12.03 -24.35 74.73
CA ALA C 251 11.30 -23.09 74.73
C ALA C 251 9.94 -23.29 75.39
N ASP C 252 9.59 -22.40 76.30
CA ASP C 252 8.30 -22.48 76.97
C ASP C 252 7.21 -21.91 76.08
N PRO C 253 6.16 -22.66 75.76
CA PRO C 253 5.10 -22.14 74.90
C PRO C 253 4.31 -21.03 75.59
N VAL C 254 3.85 -20.08 74.77
CA VAL C 254 2.86 -19.10 75.18
C VAL C 254 1.70 -19.21 74.20
N SER C 255 0.51 -19.50 74.72
CA SER C 255 -0.63 -19.80 73.86
C SER C 255 -1.85 -19.04 74.32
N PHE C 256 -2.75 -18.78 73.37
CA PHE C 256 -4.03 -18.19 73.70
C PHE C 256 -5.05 -18.57 72.63
N ALA C 257 -6.32 -18.50 73.00
CA ALA C 257 -7.41 -18.91 72.13
C ALA C 257 -7.95 -17.70 71.39
N HIS C 258 -7.93 -17.76 70.06
CA HIS C 258 -8.45 -16.66 69.25
C HIS C 258 -9.97 -16.72 69.09
N ASN C 259 -10.60 -17.83 69.46
CA ASN C 259 -12.04 -17.98 69.42
C ASN C 259 -12.60 -17.76 68.01
N ARG C 260 -11.78 -17.97 67.00
CA ARG C 260 -12.26 -17.86 65.63
C ARG C 260 -13.15 -19.03 65.23
N GLY C 261 -12.99 -20.18 65.88
CA GLY C 261 -13.71 -21.37 65.49
C GLY C 261 -13.10 -22.12 64.32
N SER C 262 -12.09 -21.54 63.68
CA SER C 262 -11.38 -22.19 62.57
C SER C 262 -10.01 -21.56 62.48
N CYS C 263 -9.13 -22.22 61.75
CA CYS C 263 -7.76 -21.73 61.61
C CYS C 263 -7.79 -20.41 60.84
N PRO C 264 -7.30 -19.31 61.40
CA PRO C 264 -7.41 -18.01 60.74
C PRO C 264 -6.29 -17.77 59.72
N VAL C 265 -6.15 -18.70 58.79
CA VAL C 265 -5.23 -18.55 57.67
C VAL C 265 -5.94 -18.95 56.39
N VAL C 266 -5.49 -18.36 55.29
CA VAL C 266 -6.01 -18.65 53.96
C VAL C 266 -4.84 -18.81 53.01
N ARG C 267 -4.89 -19.83 52.17
CA ARG C 267 -3.84 -20.09 51.20
C ARG C 267 -4.37 -19.85 49.80
N TYR C 268 -3.71 -18.97 49.06
CA TYR C 268 -4.00 -18.78 47.65
C TYR C 268 -3.06 -19.69 46.86
N ARG C 269 -3.65 -20.54 46.02
CA ARG C 269 -2.91 -21.56 45.29
C ARG C 269 -3.20 -21.36 43.80
N MET C 270 -2.22 -20.82 43.09
CA MET C 270 -2.37 -20.67 41.65
C MET C 270 -2.41 -22.04 40.98
N ASP C 271 -3.30 -22.19 40.01
CA ASP C 271 -3.46 -23.47 39.33
C ASP C 271 -2.17 -23.83 38.59
N GLU C 272 -1.88 -25.13 38.56
CA GLU C 272 -0.63 -25.59 37.96
C GLU C 272 -0.53 -25.22 36.49
N SER C 273 -1.64 -25.34 35.76
CA SER C 273 -1.65 -24.98 34.35
C SER C 273 -1.38 -23.49 34.16
N LEU C 274 -1.74 -22.66 35.14
CA LEU C 274 -1.50 -21.23 35.05
C LEU C 274 -0.13 -20.82 35.58
N TYR C 275 0.43 -21.60 36.51
CA TYR C 275 1.72 -21.27 37.11
C TYR C 275 2.82 -21.48 36.08
N MET C 276 3.28 -20.40 35.45
CA MET C 276 4.25 -20.49 34.38
C MET C 276 5.70 -20.44 34.86
N ALA C 277 5.94 -19.88 36.06
CA ALA C 277 7.31 -19.75 36.55
C ALA C 277 7.99 -21.10 36.70
N ASP C 278 7.22 -22.16 36.92
CA ASP C 278 7.81 -23.49 37.04
C ASP C 278 8.41 -23.99 35.74
N GLN C 279 8.05 -23.39 34.60
CA GLN C 279 8.44 -23.90 33.30
C GLN C 279 9.36 -22.97 32.54
N VAL C 280 9.85 -21.90 33.16
CA VAL C 280 10.69 -20.95 32.44
C VAL C 280 11.93 -20.60 33.24
N TYR C 281 11.96 -20.97 34.52
CA TYR C 281 13.09 -20.57 35.37
C TYR C 281 14.39 -21.20 34.88
N LEU C 282 14.32 -22.46 34.44
CA LEU C 282 15.50 -23.08 33.84
C LEU C 282 15.94 -22.33 32.60
N ALA C 283 14.97 -21.91 31.76
CA ALA C 283 15.31 -21.09 30.61
C ALA C 283 15.95 -19.78 31.04
N GLN C 284 15.49 -19.20 32.15
CA GLN C 284 16.06 -17.94 32.61
C GLN C 284 17.50 -18.11 33.07
N ARG C 285 17.81 -19.17 33.82
CA ARG C 285 19.19 -19.37 34.23
C ARG C 285 20.07 -19.73 33.04
N MET C 286 19.50 -20.44 32.06
CA MET C 286 20.22 -20.69 30.82
C MET C 286 20.54 -19.37 30.11
N ILE C 287 19.59 -18.43 30.14
CA ILE C 287 19.83 -17.11 29.56
C ILE C 287 20.96 -16.41 30.30
N TYR C 288 20.96 -16.49 31.62
CA TYR C 288 22.05 -15.90 32.39
C TYR C 288 23.41 -16.45 31.93
N GLY C 289 23.53 -17.77 31.88
CA GLY C 289 24.80 -18.36 31.49
C GLY C 289 25.20 -18.01 30.07
N LEU C 290 24.24 -18.10 29.15
CA LEU C 290 24.54 -17.80 27.75
C LEU C 290 24.93 -16.35 27.54
N SER C 291 24.27 -15.43 28.24
CA SER C 291 24.63 -14.02 28.14
C SER C 291 26.04 -13.79 28.66
N MET C 292 26.38 -14.41 29.80
CA MET C 292 27.73 -14.23 30.32
C MET C 292 28.77 -14.75 29.33
N ASN C 293 28.54 -15.94 28.77
CA ASN C 293 29.48 -16.49 27.80
C ASN C 293 29.57 -15.62 26.56
N LEU C 294 28.43 -15.12 26.08
CA LEU C 294 28.41 -14.28 24.89
C LEU C 294 29.21 -13.01 25.09
N PHE C 295 29.01 -12.34 26.23
CA PHE C 295 29.76 -11.12 26.48
C PHE C 295 31.24 -11.40 26.64
N HIS C 296 31.60 -12.51 27.29
CA HIS C 296 33.01 -12.86 27.41
C HIS C 296 33.63 -13.09 26.04
N THR C 297 32.95 -13.84 25.18
CA THR C 297 33.48 -14.10 23.84
C THR C 297 33.61 -12.81 23.04
N ALA C 298 32.60 -11.95 23.09
CA ALA C 298 32.63 -10.71 22.33
C ALA C 298 33.76 -9.81 22.82
N ALA C 299 33.96 -9.72 24.14
CA ALA C 299 35.04 -8.91 24.67
C ALA C 299 36.40 -9.47 24.26
N ASN C 300 36.56 -10.79 24.31
CA ASN C 300 37.85 -11.38 23.97
C ASN C 300 38.13 -11.39 22.47
N ALA C 301 37.10 -11.21 21.62
CA ALA C 301 37.32 -11.19 20.18
C ALA C 301 36.84 -9.90 19.54
N GLY C 302 36.63 -8.85 20.32
CA GLY C 302 36.09 -7.62 19.78
C GLY C 302 37.12 -6.66 19.22
N PHE C 303 38.38 -6.79 19.62
CA PHE C 303 39.39 -5.83 19.19
C PHE C 303 39.77 -6.07 17.73
N VAL C 304 40.46 -5.09 17.16
CA VAL C 304 40.92 -5.14 15.78
C VAL C 304 42.44 -5.19 15.81
N GLN C 305 43.01 -6.22 15.18
CA GLN C 305 44.46 -6.40 15.16
C GLN C 305 44.99 -6.04 13.78
N LYS C 306 46.15 -5.41 13.77
CA LYS C 306 46.78 -4.99 12.52
C LYS C 306 48.19 -5.53 12.44
N TRP C 307 48.43 -6.41 11.49
CA TRP C 307 49.74 -7.01 11.32
C TRP C 307 50.40 -6.54 10.03
N ILE C 308 51.71 -6.75 9.95
CA ILE C 308 52.50 -6.29 8.83
C ILE C 308 53.34 -7.44 8.29
N ARG C 309 53.94 -7.21 7.15
CA ARG C 309 54.96 -8.08 6.59
C ARG C 309 56.12 -7.19 6.21
N PRO C 310 57.19 -7.15 7.00
CA PRO C 310 58.24 -6.15 6.77
C PRO C 310 58.86 -6.28 5.40
N TYR C 311 59.21 -5.13 4.82
CA TYR C 311 59.80 -5.07 3.50
C TYR C 311 61.31 -5.06 3.61
N ILE C 312 61.97 -5.88 2.79
CA ILE C 312 63.42 -6.01 2.85
C ILE C 312 64.05 -5.44 1.59
N PRO C 332 68.51 -11.21 11.22
CA PRO C 332 68.92 -10.16 12.16
C PRO C 332 67.78 -9.71 13.06
N LYS C 333 67.72 -10.27 14.28
CA LYS C 333 66.60 -9.95 15.18
C LYS C 333 66.64 -8.50 15.61
N GLU C 334 67.84 -7.93 15.80
CA GLU C 334 67.94 -6.52 16.17
C GLU C 334 67.42 -5.63 15.04
N ALA C 335 67.74 -5.98 13.80
CA ALA C 335 67.21 -5.23 12.67
C ALA C 335 65.69 -5.34 12.61
N LEU C 336 65.15 -6.53 12.90
CA LEU C 336 63.71 -6.70 12.93
C LEU C 336 63.07 -5.85 14.03
N ASN C 337 63.72 -5.78 15.19
CA ASN C 337 63.20 -4.91 16.26
C ASN C 337 63.20 -3.46 15.83
N GLU C 338 64.29 -3.01 15.19
CA GLU C 338 64.33 -1.64 14.68
C GLU C 338 63.20 -1.40 13.68
N ILE C 339 62.97 -2.36 12.79
CA ILE C 339 61.92 -2.22 11.77
C ILE C 339 60.53 -2.09 12.38
N ILE C 340 60.18 -2.97 13.32
CA ILE C 340 58.83 -2.92 13.89
C ILE C 340 58.63 -1.66 14.71
N LYS C 341 59.70 -1.15 15.33
CA LYS C 341 59.58 0.11 16.06
C LYS C 341 59.23 1.20 15.08
N LYS C 342 60.02 1.31 14.01
CA LYS C 342 59.75 2.32 12.98
C LYS C 342 58.34 2.20 12.44
N TYR C 343 57.92 0.98 12.11
CA TYR C 343 56.58 0.77 11.56
C TYR C 343 55.51 1.30 12.49
N ALA C 344 55.59 0.94 13.76
CA ALA C 344 54.60 1.41 14.74
C ALA C 344 54.54 2.92 14.78
N GLU C 345 55.69 3.59 14.80
CA GLU C 345 55.73 5.04 14.83
C GLU C 345 55.01 5.66 13.65
N SER C 346 55.26 5.14 12.45
CA SER C 346 54.66 5.71 11.25
C SER C 346 53.43 4.93 10.79
N LEU C 347 52.50 4.69 11.70
CA LEU C 347 51.27 3.99 11.33
C LEU C 347 50.05 4.89 11.55
N GLY C 348 49.88 5.90 10.71
CA GLY C 348 48.75 6.80 10.82
C GLY C 348 48.39 7.38 9.48
N ASP C 349 47.47 8.35 9.52
CA ASP C 349 47.02 8.99 8.29
C ASP C 349 48.08 9.89 7.69
N GLU C 350 49.00 10.41 8.51
CA GLU C 350 50.01 11.37 8.05
C GLU C 350 51.32 10.69 7.66
N SER C 351 51.26 9.44 7.19
CA SER C 351 52.47 8.74 6.78
C SER C 351 52.10 7.63 5.81
N VAL C 352 52.99 7.39 4.85
CA VAL C 352 52.89 6.27 3.94
C VAL C 352 53.94 5.24 4.33
N ILE C 353 53.50 4.08 4.78
CA ILE C 353 54.41 3.06 5.24
C ILE C 353 54.94 2.28 4.04
N MET C 354 56.04 1.59 4.24
CA MET C 354 56.79 0.96 3.16
C MET C 354 56.71 -0.56 3.23
N ALA C 355 55.68 -1.09 3.87
CA ALA C 355 55.61 -2.51 4.20
C ALA C 355 55.22 -3.34 2.99
N ASP C 356 55.03 -4.63 3.19
CA ASP C 356 54.67 -5.57 2.15
C ASP C 356 53.23 -6.06 2.24
N PHE C 357 52.64 -6.04 3.43
CA PHE C 357 51.25 -6.45 3.61
C PHE C 357 50.78 -5.96 4.97
N PHE C 358 49.75 -5.14 4.99
CA PHE C 358 49.31 -4.49 6.23
C PHE C 358 47.79 -4.55 6.37
N THR C 359 47.22 -5.74 6.23
CA THR C 359 45.78 -5.84 6.36
C THR C 359 45.33 -5.52 7.79
N PHE C 360 44.13 -4.97 7.89
CA PHE C 360 43.48 -4.74 9.19
C PHE C 360 42.66 -5.98 9.51
N GLU C 361 43.19 -6.83 10.38
CA GLU C 361 42.50 -8.07 10.71
C GLU C 361 41.40 -7.79 11.70
N GLU C 362 40.21 -8.32 11.43
CA GLU C 362 39.04 -8.04 12.25
C GLU C 362 38.12 -9.25 12.26
N LEU C 363 37.42 -9.45 13.37
CA LEU C 363 36.43 -10.51 13.45
C LEU C 363 35.23 -10.17 12.57
N ALA C 364 34.82 -11.14 11.74
CA ALA C 364 33.63 -10.94 10.92
C ALA C 364 32.38 -10.90 11.78
N GLY C 365 32.12 -11.98 12.51
CA GLY C 365 31.03 -12.04 13.46
C GLY C 365 29.82 -12.76 12.90
N THR C 366 29.75 -14.06 13.16
CA THR C 366 28.58 -14.86 12.82
C THR C 366 28.19 -15.72 14.01
N SER C 367 29.16 -16.03 14.86
CA SER C 367 28.87 -16.77 16.09
C SER C 367 28.23 -15.89 17.14
N VAL C 368 28.64 -14.62 17.20
CA VAL C 368 28.05 -13.70 18.17
C VAL C 368 26.56 -13.53 17.89
N GLU C 369 26.20 -13.29 16.63
CA GLU C 369 24.79 -13.20 16.29
C GLU C 369 24.09 -14.54 16.42
N MET C 370 24.80 -15.65 16.28
CA MET C 370 24.20 -16.96 16.55
C MET C 370 23.78 -17.08 18.01
N GLN C 371 24.68 -16.72 18.93
CA GLN C 371 24.35 -16.76 20.34
C GLN C 371 23.27 -15.74 20.68
N ILE C 372 23.29 -14.60 20.00
CA ILE C 372 22.22 -13.62 20.19
C ILE C 372 20.88 -14.20 19.79
N GLY C 373 20.84 -14.92 18.66
CA GLY C 373 19.62 -15.57 18.25
C GLY C 373 19.16 -16.64 19.23
N LEU C 374 20.11 -17.39 19.80
CA LEU C 374 19.76 -18.40 20.79
C LEU C 374 19.13 -17.75 22.02
N ILE C 375 19.75 -16.68 22.53
CA ILE C 375 19.20 -15.99 23.69
C ILE C 375 17.83 -15.39 23.33
N GLU C 376 17.70 -14.88 22.11
CA GLU C 376 16.43 -14.30 21.68
C GLU C 376 15.34 -15.37 21.64
N ARG C 377 15.67 -16.56 21.17
CA ARG C 377 14.66 -17.62 21.12
C ARG C 377 14.31 -18.11 22.53
N LEU C 378 15.28 -18.11 23.45
CA LEU C 378 14.95 -18.43 24.84
C LEU C 378 14.00 -17.39 25.43
N ARG C 379 14.28 -16.11 25.18
CA ARG C 379 13.38 -15.06 25.65
C ARG C 379 12.01 -15.17 25.00
N ASN C 380 11.96 -15.51 23.72
CA ASN C 380 10.69 -15.69 23.04
C ASN C 380 9.90 -16.84 23.66
N TYR C 381 10.57 -17.94 24.01
CA TYR C 381 9.88 -19.02 24.69
C TYR C 381 9.37 -18.56 26.05
N ILE C 382 10.17 -17.79 26.78
CA ILE C 382 9.75 -17.30 28.09
C ILE C 382 8.49 -16.46 27.95
N PHE C 383 8.44 -15.59 26.95
CA PHE C 383 7.29 -14.73 26.76
C PHE C 383 6.12 -15.42 26.08
N THR C 384 6.34 -16.57 25.44
CA THR C 384 5.24 -17.36 24.89
C THR C 384 4.74 -18.43 25.83
N ALA C 385 5.40 -18.62 26.98
CA ALA C 385 4.82 -19.47 28.02
C ALA C 385 3.48 -18.92 28.45
N ILE C 386 3.40 -17.62 28.63
CA ILE C 386 2.13 -16.91 28.66
C ILE C 386 1.79 -16.54 27.23
N LEU C 387 0.51 -16.51 26.90
CA LEU C 387 0.12 -16.29 25.50
C LEU C 387 0.34 -14.83 25.11
N PHE C 388 1.59 -14.40 25.05
CA PHE C 388 1.92 -13.01 24.78
C PHE C 388 3.04 -12.94 23.76
N ASN C 389 3.04 -11.87 22.97
CA ASN C 389 4.04 -11.64 21.93
C ASN C 389 4.95 -10.49 22.35
N ASN C 390 6.25 -10.77 22.42
CA ASN C 390 7.23 -9.75 22.79
C ASN C 390 7.50 -8.76 21.68
N ALA C 391 7.05 -9.05 20.45
CA ALA C 391 7.31 -8.15 19.33
C ALA C 391 6.65 -6.79 19.53
N LYS C 392 5.73 -6.68 20.48
CA LYS C 392 5.18 -5.37 20.83
C LYS C 392 6.28 -4.40 21.21
N PHE C 393 7.32 -4.88 21.89
CA PHE C 393 8.46 -4.04 22.26
C PHE C 393 9.75 -4.59 21.70
N GLU C 394 9.71 -5.04 20.45
CA GLU C 394 10.91 -5.47 19.73
C GLU C 394 11.23 -4.59 18.53
N GLN C 395 10.21 -4.12 17.82
CA GLN C 395 10.41 -3.23 16.67
C GLN C 395 9.22 -2.31 16.47
N ALA C 404 -5.02 5.13 18.08
CA ALA C 404 -5.59 4.13 17.18
C ALA C 404 -4.79 2.83 17.24
N ALA C 405 -3.60 2.85 16.63
CA ALA C 405 -2.75 1.66 16.63
C ALA C 405 -1.81 1.66 17.83
N LYS C 406 -0.99 2.70 17.97
CA LYS C 406 -0.06 2.79 19.09
C LYS C 406 -0.78 3.11 20.39
N GLU C 407 -2.07 3.46 20.31
CA GLU C 407 -2.84 3.71 21.53
C GLU C 407 -2.90 2.47 22.41
N ILE C 408 -2.82 1.29 21.82
CA ILE C 408 -2.78 0.07 22.62
C ILE C 408 -1.51 0.01 23.46
N ASP C 409 -0.36 0.34 22.86
CA ASP C 409 0.88 0.39 23.63
C ASP C 409 0.82 1.48 24.69
N PHE C 410 0.21 2.62 24.35
CA PHE C 410 0.06 3.67 25.33
C PHE C 410 -0.77 3.21 26.52
N TYR C 411 -1.84 2.46 26.26
CA TYR C 411 -2.66 1.92 27.33
C TYR C 411 -1.88 0.88 28.14
N VAL C 412 -1.04 0.10 27.48
CA VAL C 412 -0.19 -0.85 28.19
C VAL C 412 0.70 -0.11 29.19
N GLN C 413 1.29 1.00 28.76
CA GLN C 413 2.05 1.84 29.69
C GLN C 413 1.15 2.38 30.80
N ASN C 414 -0.06 2.81 30.43
CA ASN C 414 -0.99 3.37 31.41
C ASN C 414 -1.34 2.36 32.49
N LEU C 415 -1.24 1.07 32.19
CA LEU C 415 -1.54 0.06 33.20
C LEU C 415 -0.55 0.15 34.37
N ALA C 416 0.75 0.14 34.07
CA ALA C 416 1.75 0.30 35.12
C ALA C 416 1.65 1.68 35.75
N LEU C 417 1.28 2.68 34.95
CA LEU C 417 1.06 4.01 35.51
C LEU C 417 -0.04 3.97 36.56
N LYS C 418 -1.13 3.25 36.29
CA LYS C 418 -2.23 3.14 37.25
C LYS C 418 -1.79 2.38 38.50
N ASP C 419 -0.97 1.34 38.34
CA ASP C 419 -0.47 0.63 39.51
C ASP C 419 0.34 1.55 40.42
N HIS C 420 1.33 2.24 39.83
CA HIS C 420 2.12 3.17 40.61
C HIS C 420 1.26 4.30 41.17
N GLY C 421 0.21 4.69 40.45
CA GLY C 421 -0.68 5.72 40.96
C GLY C 421 -1.46 5.27 42.17
N SER C 422 -1.90 4.02 42.18
CA SER C 422 -2.58 3.49 43.36
C SER C 422 -1.63 3.49 44.56
N GLY C 423 -0.39 3.04 44.34
CA GLY C 423 0.58 3.10 45.42
C GLY C 423 0.82 4.53 45.91
N ILE C 424 0.92 5.47 44.97
CA ILE C 424 1.14 6.87 45.30
C ILE C 424 -0.03 7.42 46.10
N VAL C 425 -1.25 7.06 45.73
CA VAL C 425 -2.43 7.54 46.44
C VAL C 425 -2.45 7.00 47.87
N GLU C 426 -2.08 5.72 48.04
CA GLU C 426 -1.99 5.18 49.39
C GLU C 426 -0.97 5.95 50.22
N PHE C 427 0.22 6.20 49.64
CA PHE C 427 1.25 6.94 50.37
C PHE C 427 0.77 8.35 50.70
N THR C 428 0.09 9.00 49.77
CA THR C 428 -0.41 10.35 49.99
C THR C 428 -1.46 10.37 51.08
N ARG C 429 -2.33 9.37 51.13
CA ARG C 429 -3.30 9.28 52.21
C ARG C 429 -2.60 9.17 53.56
N SER C 430 -1.58 8.32 53.64
CA SER C 430 -0.84 8.20 54.89
C SER C 430 -0.17 9.51 55.28
N LEU C 431 0.44 10.18 54.29
CA LEU C 431 1.12 11.45 54.56
C LEU C 431 0.13 12.50 55.04
N LEU C 432 -1.04 12.56 54.42
CA LEU C 432 -2.04 13.54 54.83
C LEU C 432 -2.58 13.23 56.22
N HIS C 433 -2.72 11.94 56.55
CA HIS C 433 -3.12 11.58 57.90
C HIS C 433 -2.10 12.07 58.92
N HIS C 434 -0.82 11.84 58.65
CA HIS C 434 0.21 12.31 59.57
C HIS C 434 0.22 13.84 59.66
N THR C 435 0.03 14.51 58.52
CA THR C 435 0.00 15.97 58.53
C THR C 435 -1.17 16.49 59.35
N ALA C 436 -2.35 15.89 59.20
CA ALA C 436 -3.50 16.28 60.01
C ALA C 436 -3.23 16.05 61.49
N LYS C 437 -2.56 14.95 61.82
CA LYS C 437 -2.17 14.73 63.19
C LYS C 437 -1.19 15.79 63.68
N ALA C 438 -0.37 16.34 62.76
CA ALA C 438 0.57 17.38 63.14
C ALA C 438 -0.16 18.66 63.55
N PHE C 439 -1.25 19.00 62.85
CA PHE C 439 -2.04 20.17 63.22
C PHE C 439 -2.79 19.98 64.53
N GLY C 440 -2.71 18.81 65.14
CA GLY C 440 -3.48 18.51 66.32
C GLY C 440 -4.87 17.98 66.05
N TYR C 441 -5.26 17.88 64.78
CA TYR C 441 -6.54 17.30 64.43
C TYR C 441 -6.48 15.77 64.55
N ASP C 442 -7.63 15.17 64.87
CA ASP C 442 -7.71 13.74 65.11
C ASP C 442 -8.07 12.95 63.85
N SER C 443 -7.72 13.47 62.67
CA SER C 443 -8.08 12.86 61.38
C SER C 443 -9.61 12.74 61.33
N GLY C 444 -10.11 11.71 60.67
CA GLY C 444 -11.55 11.55 60.51
C GLY C 444 -11.94 11.46 59.04
N GLY C 445 -12.53 10.34 58.65
CA GLY C 445 -12.76 10.08 57.25
C GLY C 445 -11.51 9.67 56.49
N SER C 446 -10.37 9.60 57.16
CA SER C 446 -9.09 9.19 56.61
C SER C 446 -8.65 10.02 55.40
N ILE C 447 -9.26 11.18 55.20
CA ILE C 447 -8.86 12.11 54.14
C ILE C 447 -8.90 11.41 52.79
N VAL C 448 -10.09 11.37 52.17
CA VAL C 448 -10.22 10.67 50.91
C VAL C 448 -9.42 11.39 49.83
N VAL C 449 -8.65 10.61 49.07
CA VAL C 449 -7.81 11.12 48.00
C VAL C 449 -8.06 10.28 46.76
N SER C 450 -8.33 10.95 45.64
CA SER C 450 -8.55 10.27 44.37
C SER C 450 -7.55 10.78 43.34
N GLY C 451 -7.65 10.23 42.14
CA GLY C 451 -6.76 10.58 41.05
C GLY C 451 -5.71 9.51 40.82
N MET C 452 -4.79 9.83 39.92
CA MET C 452 -3.70 8.93 39.53
C MET C 452 -4.23 7.58 39.07
N ASP C 453 -5.38 7.59 38.39
CA ASP C 453 -6.01 6.36 37.94
C ASP C 453 -6.42 6.39 36.47
N ARG C 454 -6.41 7.55 35.82
CA ARG C 454 -6.82 7.68 34.43
C ARG C 454 -5.72 8.43 33.68
N TYR C 455 -4.76 7.67 33.14
CA TYR C 455 -3.70 8.21 32.31
C TYR C 455 -4.10 8.01 30.86
N ASP C 456 -4.34 9.10 30.15
CA ASP C 456 -4.81 9.00 28.77
C ASP C 456 -4.42 10.25 28.01
N VAL C 457 -4.07 10.06 26.74
CA VAL C 457 -3.75 11.19 25.87
C VAL C 457 -5.01 11.99 25.61
N ARG C 458 -4.89 13.33 25.68
CA ARG C 458 -6.01 14.22 25.43
C ARG C 458 -7.15 13.90 26.39
N PRO C 459 -7.00 14.19 27.68
CA PRO C 459 -8.00 13.75 28.66
C PRO C 459 -9.16 14.70 28.83
N ILE C 460 -9.00 15.96 28.39
CA ILE C 460 -10.03 16.97 28.65
C ILE C 460 -11.32 16.62 27.95
N GLU C 461 -11.25 16.32 26.65
CA GLU C 461 -12.48 16.04 25.90
C GLU C 461 -13.09 14.70 26.29
N GLN C 462 -12.30 13.77 26.84
CA GLN C 462 -12.89 12.55 27.38
C GLN C 462 -13.78 12.86 28.57
N VAL C 463 -13.33 13.74 29.46
CA VAL C 463 -14.16 14.15 30.59
C VAL C 463 -15.35 14.94 30.10
N LEU C 464 -15.16 15.78 29.08
CA LEU C 464 -16.30 16.51 28.50
C LEU C 464 -17.34 15.54 27.95
N SER C 465 -16.89 14.50 27.24
CA SER C 465 -17.81 13.50 26.72
C SER C 465 -18.53 12.77 27.85
N LEU C 466 -17.81 12.44 28.92
CA LEU C 466 -18.44 11.82 30.07
C LEU C 466 -19.54 12.72 30.65
N ILE C 467 -19.24 14.01 30.80
CA ILE C 467 -20.21 14.95 31.33
C ILE C 467 -21.44 15.01 30.43
N GLU C 468 -21.21 15.11 29.11
CA GLU C 468 -22.32 15.22 28.17
C GLU C 468 -23.18 13.97 28.19
N ARG C 469 -22.55 12.80 28.18
CA ARG C 469 -23.31 11.55 28.21
C ARG C 469 -24.10 11.42 29.50
N LEU C 470 -23.53 11.85 30.62
CA LEU C 470 -24.28 11.84 31.88
C LEU C 470 -25.48 12.76 31.80
N PHE C 471 -25.32 13.95 31.22
CA PHE C 471 -26.42 14.90 31.16
C PHE C 471 -27.49 14.49 30.16
N LYS C 472 -27.14 13.71 29.15
CA LYS C 472 -28.14 13.24 28.19
C LYS C 472 -29.05 12.17 28.78
N LEU C 473 -28.66 11.58 29.90
CA LEU C 473 -29.48 10.57 30.55
C LEU C 473 -30.71 11.20 31.18
N PRO C 474 -31.74 10.41 31.48
CA PRO C 474 -32.89 10.93 32.20
C PRO C 474 -32.46 11.61 33.50
N GLN C 475 -32.71 12.91 33.59
CA GLN C 475 -32.19 13.71 34.69
C GLN C 475 -32.72 13.21 36.03
N LEU C 476 -33.92 12.65 36.05
CA LEU C 476 -34.47 12.13 37.30
C LEU C 476 -33.71 10.92 37.81
N ALA C 477 -32.93 10.25 36.95
CA ALA C 477 -32.23 9.04 37.33
C ALA C 477 -30.77 9.28 37.69
N ILE C 478 -30.30 10.52 37.67
CA ILE C 478 -28.90 10.83 37.93
C ILE C 478 -28.81 11.52 39.29
N PRO C 479 -28.15 10.92 40.28
CA PRO C 479 -27.97 11.61 41.56
C PRO C 479 -27.05 12.81 41.41
N LYS C 480 -27.24 13.78 42.30
CA LYS C 480 -26.43 14.99 42.25
C LYS C 480 -24.97 14.70 42.55
N ASP C 481 -24.71 13.65 43.34
CA ASP C 481 -23.33 13.34 43.72
C ASP C 481 -22.49 12.95 42.52
N LEU C 482 -23.05 12.15 41.61
CA LEU C 482 -22.31 11.74 40.43
C LEU C 482 -21.97 12.95 39.55
N LEU C 483 -22.95 13.83 39.34
CA LEU C 483 -22.70 15.03 38.56
C LEU C 483 -21.64 15.91 39.23
N ILE C 484 -21.72 16.06 40.55
CA ILE C 484 -20.74 16.85 41.27
C ILE C 484 -19.35 16.25 41.10
N GLU C 485 -19.23 14.93 41.22
CA GLU C 485 -17.93 14.28 41.08
C GLU C 485 -17.35 14.49 39.68
N SER C 486 -18.18 14.27 38.65
CA SER C 486 -17.70 14.41 37.28
C SER C 486 -17.31 15.86 36.97
N MET C 487 -18.15 16.82 37.39
CA MET C 487 -17.83 18.22 37.17
C MET C 487 -16.57 18.63 37.93
N SER C 488 -16.39 18.12 39.14
CA SER C 488 -15.17 18.42 39.90
C SER C 488 -13.95 17.85 39.19
N GLN C 489 -14.06 16.64 38.63
CA GLN C 489 -12.95 16.08 37.87
C GLN C 489 -12.61 16.96 36.68
N LEU C 490 -13.64 17.43 35.97
CA LEU C 490 -13.40 18.35 34.85
C LEU C 490 -12.74 19.64 35.33
N SER C 491 -13.19 20.18 36.46
CA SER C 491 -12.65 21.43 36.96
C SER C 491 -11.19 21.28 37.35
N ARG C 492 -10.85 20.19 38.02
CA ARG C 492 -9.45 19.99 38.40
C ARG C 492 -8.58 19.58 37.23
N LEU C 493 -9.17 19.10 36.14
CA LEU C 493 -8.37 18.82 34.95
C LEU C 493 -8.12 20.07 34.12
N ILE C 494 -9.12 20.97 34.02
CA ILE C 494 -8.97 22.13 33.15
C ILE C 494 -7.94 23.10 33.71
N ILE C 495 -7.93 23.31 35.02
CA ILE C 495 -6.96 24.19 35.66
C ILE C 495 -6.07 23.34 36.56
N GLU C 496 -4.78 23.40 36.33
CA GLU C 496 -3.79 22.74 37.18
C GLU C 496 -2.73 23.77 37.55
N ASN C 497 -1.82 23.37 38.44
CA ASN C 497 -0.77 24.22 38.95
C ASN C 497 -1.30 25.43 39.72
N THR C 498 -2.60 25.45 40.00
CA THR C 498 -3.23 26.55 40.72
C THR C 498 -3.28 26.26 42.21
N THR C 499 -3.45 27.33 42.98
CA THR C 499 -3.54 27.20 44.42
C THR C 499 -4.75 26.34 44.80
N PHE C 500 -4.59 25.57 45.88
CA PHE C 500 -5.70 24.75 46.37
C PHE C 500 -6.92 25.60 46.69
N GLU C 501 -6.70 26.86 47.08
CA GLU C 501 -7.82 27.77 47.31
C GLU C 501 -8.65 27.97 46.05
N TYR C 502 -7.99 28.16 44.91
CA TYR C 502 -8.72 28.39 43.67
C TYR C 502 -9.56 27.18 43.28
N LYS C 503 -8.98 25.98 43.37
CA LYS C 503 -9.73 24.77 43.06
C LYS C 503 -10.88 24.58 44.03
N ASN C 504 -10.67 24.87 45.32
CA ASN C 504 -11.75 24.74 46.29
C ASN C 504 -12.89 25.69 45.97
N THR C 505 -12.57 26.93 45.59
CA THR C 505 -13.61 27.90 45.25
C THR C 505 -14.39 27.43 44.02
N LEU C 506 -13.67 26.95 43.00
CA LEU C 506 -14.35 26.48 41.80
C LEU C 506 -15.25 25.29 42.11
N ASN C 507 -14.76 24.35 42.92
CA ASN C 507 -15.57 23.19 43.27
C ASN C 507 -16.79 23.58 44.08
N ASP C 508 -16.65 24.53 45.00
CA ASP C 508 -17.81 24.96 45.77
C ASP C 508 -18.85 25.63 44.88
N ALA C 509 -18.41 26.45 43.93
CA ALA C 509 -19.35 27.06 43.00
C ALA C 509 -20.05 25.99 42.17
N ILE C 510 -19.30 24.99 41.71
CA ILE C 510 -19.89 23.91 40.94
C ILE C 510 -20.94 23.17 41.76
N ILE C 511 -20.62 22.88 43.02
CA ILE C 511 -21.55 22.15 43.88
C ILE C 511 -22.83 22.94 44.05
N SER C 512 -22.70 24.24 44.35
CA SER C 512 -23.89 25.06 44.55
C SER C 512 -24.75 25.12 43.29
N ASN C 513 -24.10 25.31 42.13
CA ASN C 513 -24.86 25.42 40.89
C ASN C 513 -25.55 24.11 40.55
N ILE C 514 -24.86 22.98 40.76
CA ILE C 514 -25.47 21.68 40.48
C ILE C 514 -26.65 21.43 41.41
N ASP C 515 -26.51 21.80 42.68
CA ASP C 515 -27.62 21.65 43.62
C ASP C 515 -28.82 22.48 43.17
N GLU C 516 -28.57 23.72 42.75
CA GLU C 516 -29.67 24.56 42.26
C GLU C 516 -30.34 23.96 41.05
N TYR C 517 -29.55 23.46 40.09
CA TYR C 517 -30.12 22.86 38.89
C TYR C 517 -30.94 21.62 39.21
N LEU C 518 -30.43 20.77 40.10
CA LEU C 518 -31.15 19.56 40.47
C LEU C 518 -32.46 19.91 41.17
N ASN C 519 -32.43 20.88 42.08
CA ASN C 519 -33.66 21.30 42.75
C ASN C 519 -34.66 21.88 41.75
N SER C 520 -34.18 22.67 40.78
CA SER C 520 -35.06 23.24 39.78
C SER C 520 -35.72 22.15 38.94
N VAL C 521 -34.94 21.17 38.50
CA VAL C 521 -35.52 20.13 37.67
C VAL C 521 -36.46 19.26 38.50
N LYS C 522 -36.16 19.06 39.78
CA LYS C 522 -37.05 18.30 40.64
C LYS C 522 -38.40 19.00 40.79
N LYS C 523 -38.38 20.30 41.08
CA LYS C 523 -39.64 21.02 41.21
C LYS C 523 -40.38 21.15 39.90
N GLN C 524 -39.66 21.17 38.76
CA GLN C 524 -40.33 21.14 37.47
C GLN C 524 -41.02 19.80 37.25
N SER C 525 -40.35 18.71 37.61
CA SER C 525 -40.94 17.39 37.44
C SER C 525 -42.12 17.16 38.37
N ASN C 526 -42.09 17.74 39.58
CA ASN C 526 -43.17 17.54 40.53
C ASN C 526 -44.49 18.09 40.00
N ASP C 527 -44.45 19.27 39.37
CA ASP C 527 -45.66 19.88 38.83
C ASP C 527 -45.52 20.12 37.33
N MET D 1 11.27 8.07 73.81
CA MET D 1 11.28 8.41 75.22
C MET D 1 12.25 9.56 75.49
N LEU D 2 12.45 9.87 76.77
CA LEU D 2 13.27 11.01 77.16
C LEU D 2 14.69 10.54 77.47
N TYR D 3 15.64 10.91 76.62
CA TYR D 3 17.05 10.60 76.85
C TYR D 3 17.75 11.82 77.43
N THR D 4 18.53 11.61 78.48
CA THR D 4 19.26 12.70 79.13
C THR D 4 20.71 12.33 79.41
N ASP D 5 21.24 11.28 78.80
CA ASP D 5 22.59 10.81 79.05
C ASP D 5 23.45 11.00 77.80
N SER D 6 24.62 11.59 77.96
CA SER D 6 25.55 11.73 76.85
C SER D 6 26.02 10.36 76.40
N LEU D 7 26.23 10.21 75.09
CA LEU D 7 26.62 8.94 74.50
C LEU D 7 27.91 9.12 73.72
N ASN D 8 28.78 8.12 73.80
CA ASN D 8 30.02 8.16 73.04
C ASN D 8 29.74 7.97 71.55
N TYR D 9 30.72 8.36 70.73
CA TYR D 9 30.54 8.31 69.28
C TYR D 9 30.22 6.90 68.79
N LYS D 10 30.77 5.88 69.45
CA LYS D 10 30.49 4.51 69.04
C LYS D 10 29.00 4.19 69.18
N GLN D 11 28.38 4.63 70.29
CA GLN D 11 26.97 4.37 70.48
C GLN D 11 26.12 5.09 69.44
N LEU D 12 26.44 6.35 69.13
CA LEU D 12 25.67 7.07 68.13
C LEU D 12 25.85 6.47 66.74
N SER D 13 27.07 6.07 66.40
CA SER D 13 27.40 5.71 65.03
C SER D 13 26.99 4.29 64.67
N THR D 14 26.35 3.55 65.56
CA THR D 14 25.98 2.17 65.24
C THR D 14 24.95 2.13 64.12
N VAL D 15 25.04 1.10 63.29
CA VAL D 15 24.14 0.89 62.17
C VAL D 15 23.64 -0.54 62.23
N SER D 16 22.34 -0.72 62.05
CA SER D 16 21.77 -2.06 62.13
C SER D 16 22.29 -2.93 61.00
N ASP D 17 22.30 -4.25 61.24
CA ASP D 17 22.90 -5.17 60.29
C ASP D 17 22.21 -5.13 58.93
N ASP D 18 20.87 -5.09 58.93
CA ASP D 18 20.15 -5.04 57.66
C ASP D 18 20.49 -3.77 56.88
N MET D 19 20.55 -2.64 57.57
CA MET D 19 20.96 -1.40 56.91
C MET D 19 22.40 -1.48 56.44
N GLN D 20 23.28 -2.08 57.25
CA GLN D 20 24.66 -2.27 56.83
C GLN D 20 24.75 -3.09 55.55
N SER D 21 23.89 -4.08 55.40
CA SER D 21 23.91 -4.90 54.19
C SER D 21 23.29 -4.17 53.01
N TYR D 22 22.25 -3.38 53.25
CA TYR D 22 21.48 -2.81 52.16
C TYR D 22 22.03 -1.49 51.63
N LEU D 23 22.64 -0.67 52.49
CA LEU D 23 23.13 0.62 52.03
C LEU D 23 24.14 0.56 50.89
N PRO D 24 25.14 -0.34 50.89
CA PRO D 24 26.08 -0.35 49.76
C PRO D 24 25.43 -0.60 48.40
N VAL D 25 24.50 -1.55 48.32
CA VAL D 25 23.88 -1.82 47.02
C VAL D 25 22.99 -0.66 46.60
N ALA D 26 22.32 -0.02 47.55
CA ALA D 26 21.51 1.15 47.23
C ALA D 26 22.39 2.27 46.71
N LYS D 27 23.54 2.50 47.34
CA LYS D 27 24.46 3.53 46.87
C LYS D 27 24.97 3.20 45.48
N GLU D 28 25.32 1.94 45.23
CA GLU D 28 25.80 1.54 43.91
C GLU D 28 24.73 1.77 42.84
N ILE D 29 23.50 1.37 43.12
CA ILE D 29 22.41 1.53 42.15
C ILE D 29 22.13 3.00 41.91
N ALA D 30 22.14 3.81 42.96
CA ALA D 30 21.91 5.24 42.80
C ALA D 30 23.01 5.87 41.96
N LYS D 31 24.27 5.50 42.22
CA LYS D 31 25.37 6.04 41.42
C LYS D 31 25.25 5.65 39.96
N ILE D 32 24.88 4.40 39.70
CA ILE D 32 24.73 3.94 38.32
C ILE D 32 23.60 4.70 37.62
N ALA D 33 22.46 4.84 38.30
CA ALA D 33 21.30 5.45 37.66
C ALA D 33 21.50 6.94 37.44
N GLN D 34 21.99 7.65 38.46
CA GLN D 34 22.15 9.10 38.33
C GLN D 34 23.18 9.46 37.27
N GLY D 35 24.28 8.71 37.20
CA GLY D 35 25.31 8.99 36.20
C GLY D 35 25.89 10.38 36.41
N GLY D 36 26.02 11.11 35.30
CA GLY D 36 26.55 12.45 35.39
C GLY D 36 28.05 12.48 35.63
N HIS D 37 28.52 13.64 36.12
CA HIS D 37 29.94 13.82 36.36
C HIS D 37 30.45 13.02 37.55
N GLU D 38 29.54 12.53 38.41
CA GLU D 38 29.97 11.77 39.57
C GLU D 38 30.54 10.40 39.20
N LEU D 39 30.31 9.93 37.99
CA LEU D 39 30.82 8.63 37.57
C LEU D 39 32.34 8.65 37.48
N ASP D 40 32.96 7.59 37.98
CA ASP D 40 34.41 7.42 37.88
C ASP D 40 34.71 6.33 36.85
N PRO D 41 35.36 6.66 35.73
CA PRO D 41 35.61 5.63 34.71
C PRO D 41 36.40 4.45 35.20
N GLU D 42 37.29 4.64 36.17
CA GLU D 42 38.10 3.54 36.70
C GLU D 42 37.25 2.37 37.15
N ASP D 43 36.10 2.65 37.76
CA ASP D 43 35.23 1.62 38.29
C ASP D 43 34.52 0.81 37.19
N TYR D 44 34.55 1.26 35.95
CA TYR D 44 33.82 0.62 34.87
C TYR D 44 34.74 0.28 33.71
N LEU D 45 35.88 -0.32 34.03
CA LEU D 45 36.87 -0.68 33.03
C LEU D 45 36.85 -2.17 32.81
N LEU D 46 36.69 -2.58 31.55
CA LEU D 46 36.87 -3.98 31.16
C LEU D 46 38.28 -4.20 30.63
N ILE D 47 39.24 -3.87 31.50
CA ILE D 47 40.64 -3.91 31.14
C ILE D 47 41.09 -5.35 30.91
N ARG D 48 41.99 -5.53 29.93
CA ARG D 48 42.54 -6.85 29.63
C ARG D 48 43.61 -7.20 30.67
N ASP D 49 43.16 -7.33 31.91
CA ASP D 49 43.94 -7.90 33.00
C ASP D 49 45.26 -7.15 33.22
N GLU D 50 45.13 -5.87 33.60
CA GLU D 50 46.27 -5.06 34.03
C GLU D 50 47.33 -4.93 32.93
N GLU D 51 46.96 -4.24 31.86
CA GLU D 51 47.92 -3.87 30.83
C GLU D 51 48.59 -2.55 31.24
N SER D 52 49.39 -1.98 30.34
CA SER D 52 50.15 -0.79 30.68
C SER D 52 49.22 0.36 31.06
N PRO D 53 49.53 1.13 32.10
CA PRO D 53 48.64 2.22 32.52
C PRO D 53 48.46 3.30 31.47
N GLY D 54 49.41 3.46 30.55
CA GLY D 54 49.25 4.47 29.52
C GLY D 54 48.04 4.21 28.64
N VAL D 55 47.90 2.97 28.16
CA VAL D 55 46.73 2.61 27.37
C VAL D 55 45.47 2.66 28.23
N THR D 56 45.57 2.35 29.52
CA THR D 56 44.41 2.44 30.38
C THR D 56 43.91 3.88 30.47
N LYS D 57 44.81 4.84 30.65
CA LYS D 57 44.39 6.23 30.71
C LYS D 57 43.90 6.72 29.35
N LYS D 58 44.51 6.24 28.25
CA LYS D 58 44.03 6.60 26.93
C LYS D 58 42.61 6.11 26.72
N ARG D 59 42.31 4.89 27.18
CA ARG D 59 40.96 4.36 27.10
C ARG D 59 40.00 5.16 27.99
N ILE D 60 40.46 5.53 29.18
CA ILE D 60 39.62 6.33 30.09
C ILE D 60 39.26 7.66 29.45
N GLU D 61 40.18 8.26 28.69
CA GLU D 61 39.89 9.52 28.03
C GLU D 61 38.69 9.42 27.10
N LYS D 62 38.35 8.22 26.65
CA LYS D 62 37.23 8.00 25.72
C LYS D 62 35.98 7.52 26.44
N PHE D 63 35.75 7.99 27.67
CA PHE D 63 34.60 7.57 28.46
C PHE D 63 33.42 8.47 28.14
N ALA D 64 32.41 7.92 27.50
CA ALA D 64 31.18 8.65 27.15
C ALA D 64 30.00 7.85 27.68
N PRO D 65 29.60 8.08 28.93
CA PRO D 65 28.54 7.27 29.53
C PRO D 65 27.20 7.57 28.88
N GLU D 66 26.51 6.51 28.47
CA GLU D 66 25.16 6.60 27.93
C GLU D 66 24.22 6.01 28.98
N ASN D 67 23.67 6.89 29.82
CA ASN D 67 22.85 6.47 30.97
C ASN D 67 21.43 6.23 30.48
N TYR D 68 21.23 5.07 29.84
CA TYR D 68 19.89 4.69 29.44
C TYR D 68 19.00 4.42 30.64
N LEU D 69 19.57 3.96 31.74
CA LEU D 69 18.80 3.79 32.97
C LEU D 69 18.27 5.14 33.46
N GLY D 70 19.09 6.18 33.38
CA GLY D 70 18.61 7.51 33.72
C GLY D 70 17.48 7.95 32.81
N ALA D 71 17.57 7.63 31.53
CA ALA D 71 16.50 7.97 30.60
C ALA D 71 15.22 7.22 30.95
N ALA D 72 15.33 5.95 31.33
CA ALA D 72 14.15 5.19 31.74
C ALA D 72 13.53 5.76 33.00
N ILE D 73 14.36 6.14 33.98
CA ILE D 73 13.84 6.75 35.20
C ILE D 73 13.14 8.05 34.88
N ARG D 74 13.73 8.87 34.02
CA ARG D 74 13.11 10.12 33.60
C ARG D 74 11.77 9.86 32.92
N LEU D 75 11.73 8.86 32.04
CA LEU D 75 10.48 8.55 31.34
C LEU D 75 9.40 8.11 32.32
N GLN D 76 9.73 7.24 33.27
CA GLN D 76 8.75 6.79 34.24
C GLN D 76 8.26 7.95 35.11
N ARG D 77 9.18 8.82 35.55
CA ARG D 77 8.78 9.95 36.37
C ARG D 77 7.85 10.88 35.61
N VAL D 78 8.18 11.16 34.35
CA VAL D 78 7.35 12.06 33.54
C VAL D 78 5.97 11.45 33.30
N LEU D 79 5.94 10.15 32.96
CA LEU D 79 4.66 9.49 32.73
C LEU D 79 3.79 9.52 33.97
N GLN D 80 4.38 9.24 35.15
CA GLN D 80 3.59 9.30 36.37
C GLN D 80 3.16 10.73 36.68
N LYS D 81 4.01 11.71 36.40
CA LYS D 81 3.65 13.11 36.58
C LYS D 81 2.49 13.51 35.69
N SER D 82 2.31 12.84 34.55
CA SER D 82 1.20 13.15 33.65
C SER D 82 -0.16 12.89 34.29
N GLY D 83 -0.23 12.14 35.38
CA GLY D 83 -1.49 11.86 36.02
C GLY D 83 -2.02 13.05 36.78
N VAL D 84 -3.17 12.83 37.43
CA VAL D 84 -3.87 13.87 38.18
C VAL D 84 -3.99 13.41 39.63
N LEU D 85 -3.65 14.29 40.55
CA LEU D 85 -3.79 14.05 41.98
C LEU D 85 -4.71 15.11 42.57
N GLU D 86 -5.74 14.67 43.29
CA GLU D 86 -6.77 15.55 43.80
C GLU D 86 -7.06 15.23 45.25
N ILE D 87 -7.43 16.27 46.01
CA ILE D 87 -7.78 16.14 47.42
C ILE D 87 -9.20 16.65 47.59
N LYS D 88 -10.04 15.85 48.24
CA LYS D 88 -11.40 16.28 48.55
C LYS D 88 -11.39 17.18 49.77
N SER D 89 -11.72 18.46 49.57
CA SER D 89 -11.62 19.43 50.66
C SER D 89 -12.52 19.10 51.84
N ASP D 90 -13.74 18.63 51.56
CA ASP D 90 -14.70 18.38 52.63
C ASP D 90 -14.23 17.29 53.59
N SER D 91 -13.36 16.39 53.15
CA SER D 91 -12.87 15.32 54.01
C SER D 91 -11.71 15.75 54.90
N LEU D 92 -11.17 16.94 54.70
CA LEU D 92 -10.08 17.42 55.53
C LEU D 92 -10.60 17.79 56.92
N PRO D 93 -10.07 17.21 57.99
CA PRO D 93 -10.53 17.58 59.33
C PRO D 93 -10.09 18.99 59.69
N GLY D 94 -10.83 19.60 60.60
CA GLY D 94 -10.48 20.92 61.07
C GLY D 94 -10.79 22.01 60.05
N ASP D 95 -10.20 23.17 60.31
CA ASP D 95 -10.41 24.32 59.45
C ASP D 95 -9.83 24.07 58.07
N LEU D 96 -10.57 24.48 57.04
CA LEU D 96 -10.08 24.34 55.67
C LEU D 96 -9.05 25.41 55.31
N THR D 97 -9.17 26.60 55.92
CA THR D 97 -8.26 27.70 55.59
C THR D 97 -6.82 27.34 55.92
N VAL D 98 -6.59 26.72 57.09
CA VAL D 98 -5.24 26.33 57.44
C VAL D 98 -4.73 25.25 56.50
N TRP D 99 -5.60 24.36 56.06
CA TRP D 99 -5.19 23.34 55.09
C TRP D 99 -4.74 23.99 53.78
N GLU D 100 -5.50 24.97 53.30
CA GLU D 100 -5.12 25.66 52.07
C GLU D 100 -3.80 26.42 52.25
N SER D 101 -3.64 27.08 53.40
CA SER D 101 -2.40 27.79 53.67
C SER D 101 -1.21 26.84 53.67
N PHE D 102 -1.37 25.66 54.27
CA PHE D 102 -0.30 24.67 54.22
C PHE D 102 -0.05 24.21 52.80
N PHE D 103 -1.12 23.98 52.02
CA PHE D 103 -0.96 23.48 50.67
C PHE D 103 -0.36 24.52 49.72
N ASN D 104 -0.32 25.79 50.14
CA ASN D 104 0.41 26.78 49.34
C ASN D 104 1.88 26.40 49.23
N LYS D 105 2.49 25.95 50.34
CA LYS D 105 3.89 25.53 50.36
C LYS D 105 3.99 24.34 51.30
N VAL D 106 4.03 23.13 50.73
CA VAL D 106 4.05 21.92 51.55
C VAL D 106 5.43 21.57 52.09
N ASP D 107 6.48 22.21 51.61
CA ASP D 107 7.82 21.91 52.07
C ASP D 107 8.72 23.10 51.83
N LYS D 108 9.96 23.01 52.34
CA LYS D 108 10.91 24.10 52.20
C LYS D 108 11.36 24.30 50.76
N ARG D 109 11.09 23.34 49.88
CA ARG D 109 11.45 23.45 48.48
C ARG D 109 10.38 24.16 47.65
N ASN D 110 9.32 24.64 48.28
CA ASN D 110 8.24 25.42 47.68
C ASN D 110 7.38 24.62 46.71
N SER D 111 7.65 23.33 46.53
CA SER D 111 6.85 22.53 45.62
C SER D 111 5.45 22.30 46.17
N SER D 112 4.50 22.07 45.26
CA SER D 112 3.14 21.76 45.65
C SER D 112 3.06 20.31 46.12
N LEU D 113 1.87 19.91 46.58
CA LEU D 113 1.70 18.56 47.11
C LEU D 113 1.98 17.51 46.05
N LYS D 114 1.42 17.70 44.85
CA LYS D 114 1.64 16.73 43.78
C LYS D 114 3.11 16.67 43.40
N ASP D 115 3.77 17.83 43.31
CA ASP D 115 5.19 17.85 42.97
C ASP D 115 6.01 17.13 44.01
N PHE D 116 5.71 17.36 45.30
CA PHE D 116 6.45 16.69 46.36
C PHE D 116 6.24 15.19 46.32
N VAL D 117 5.00 14.75 46.10
CA VAL D 117 4.73 13.32 46.05
C VAL D 117 5.42 12.68 44.85
N ILE D 118 5.46 13.39 43.72
CA ILE D 118 6.14 12.85 42.55
C ILE D 118 7.65 12.77 42.80
N ASP D 119 8.20 13.76 43.50
CA ASP D 119 9.62 13.70 43.86
C ASP D 119 9.90 12.52 44.78
N VAL D 120 9.01 12.27 45.74
CA VAL D 120 9.15 11.11 46.61
C VAL D 120 9.08 9.83 45.80
N PHE D 121 8.15 9.77 44.85
CA PHE D 121 8.03 8.60 43.98
C PHE D 121 9.30 8.39 43.17
N THR D 122 9.89 9.47 42.65
CA THR D 122 11.11 9.35 41.88
C THR D 122 12.26 8.86 42.75
N GLU D 123 12.38 9.40 43.97
CA GLU D 123 13.43 8.95 44.88
C GLU D 123 13.27 7.47 45.20
N ALA D 124 12.04 7.01 45.40
CA ALA D 124 11.81 5.59 45.60
C ALA D 124 12.12 4.79 44.35
N LEU D 125 11.85 5.38 43.18
CA LEU D 125 12.08 4.68 41.92
C LEU D 125 13.55 4.40 41.70
N VAL D 126 14.41 5.39 41.95
CA VAL D 126 15.84 5.15 41.80
C VAL D 126 16.33 4.20 42.90
N ASN D 127 15.80 4.32 44.11
CA ASN D 127 16.14 3.42 45.20
C ASN D 127 14.99 3.42 46.20
N LYS D 128 14.50 2.23 46.55
CA LYS D 128 13.28 2.12 47.35
C LYS D 128 13.44 2.74 48.73
N TYR D 129 12.37 2.73 49.52
CA TYR D 129 12.37 3.24 50.88
C TYR D 129 12.73 4.73 50.92
N CYS D 130 11.85 5.54 50.34
CA CYS D 130 11.98 6.99 50.47
C CYS D 130 11.30 7.42 51.76
N TYR D 131 12.04 8.12 52.61
CA TYR D 131 11.57 8.51 53.94
C TYR D 131 11.22 9.98 53.98
N VAL D 132 10.07 10.29 54.56
CA VAL D 132 9.59 11.66 54.71
C VAL D 132 9.26 11.92 56.17
N GLN D 133 9.63 13.08 56.66
CA GLN D 133 9.33 13.50 58.02
C GLN D 133 8.52 14.78 57.99
N VAL D 134 7.57 14.90 58.93
CA VAL D 134 6.72 16.08 59.04
C VAL D 134 7.07 16.79 60.34
N GLU D 135 7.47 18.06 60.26
CA GLU D 135 7.88 18.78 61.45
C GLU D 135 7.27 20.18 61.45
N LEU D 136 7.69 20.99 62.42
CA LEU D 136 7.14 22.31 62.66
C LEU D 136 8.28 23.32 62.75
N SER D 137 7.93 24.54 63.15
CA SER D 137 8.90 25.57 63.46
C SER D 137 9.04 25.72 64.97
N LYS D 138 10.21 26.18 65.40
CA LYS D 138 10.54 26.26 66.82
C LYS D 138 10.47 27.71 67.31
N LEU D 139 9.75 27.92 68.41
CA LEU D 139 9.65 29.22 69.04
C LEU D 139 9.86 29.06 70.54
N ASP D 140 10.75 29.87 71.11
CA ASP D 140 11.09 29.80 72.52
C ASP D 140 11.00 31.18 73.14
N PHE D 141 10.39 31.26 74.31
CA PHE D 141 10.25 32.52 75.04
C PHE D 141 10.37 32.24 76.54
N ASP D 142 10.69 33.30 77.28
CA ASP D 142 10.85 33.23 78.73
C ASP D 142 9.67 33.90 79.42
N THR D 143 9.54 33.62 80.72
CA THR D 143 8.44 34.12 81.54
C THR D 143 7.09 33.79 80.90
N VAL D 144 6.97 32.55 80.44
CA VAL D 144 5.80 32.12 79.69
C VAL D 144 4.63 31.90 80.64
N THR D 145 3.48 32.45 80.29
CA THR D 145 2.23 32.23 81.00
C THR D 145 1.38 31.23 80.22
N GLU D 146 0.14 31.02 80.66
CA GLU D 146 -0.75 30.09 79.98
C GLU D 146 -1.11 30.61 78.59
N ALA D 147 -1.35 31.93 78.46
CA ALA D 147 -1.68 32.50 77.16
C ALA D 147 -0.52 32.38 76.18
N GLU D 148 0.71 32.58 76.67
CA GLU D 148 1.88 32.43 75.81
C GLU D 148 2.01 30.99 75.32
N ALA D 149 1.79 30.01 76.20
CA ALA D 149 1.83 28.62 75.79
C ALA D 149 0.73 28.31 74.77
N GLU D 150 -0.46 28.86 74.98
CA GLU D 150 -1.55 28.67 74.04
C GLU D 150 -1.19 29.22 72.66
N GLY D 151 -0.60 30.42 72.63
CA GLY D 151 -0.17 30.98 71.36
C GLY D 151 0.90 30.16 70.69
N ILE D 152 1.88 29.68 71.47
CA ILE D 152 2.93 28.84 70.91
C ILE D 152 2.35 27.58 70.30
N LEU D 153 1.39 26.95 71.00
CA LEU D 153 0.74 25.76 70.46
C LEU D 153 -0.03 26.09 69.19
N SER D 154 -0.69 27.25 69.15
CA SER D 154 -1.50 27.63 68.00
C SER D 154 -0.69 28.14 66.82
N THR D 155 0.60 28.40 66.99
CA THR D 155 1.44 28.94 65.92
C THR D 155 2.33 27.88 65.28
N ARG D 156 1.82 26.67 65.11
CA ARG D 156 2.59 25.60 64.48
C ARG D 156 2.35 25.58 62.98
N LYS D 157 3.45 25.54 62.20
CA LYS D 157 3.40 25.56 60.75
C LYS D 157 4.20 24.37 60.23
N PRO D 158 3.54 23.25 59.98
CA PRO D 158 4.27 22.03 59.60
C PRO D 158 4.76 22.07 58.16
N TYR D 159 5.75 21.22 57.90
CA TYR D 159 6.27 21.06 56.55
C TYR D 159 6.99 19.72 56.47
N TYR D 160 7.26 19.30 55.23
CA TYR D 160 7.83 18.00 54.94
C TYR D 160 9.33 18.11 54.72
N PHE D 161 10.01 16.98 54.92
CA PHE D 161 11.47 16.91 54.80
C PHE D 161 11.85 15.50 54.37
N LYS D 162 12.51 15.40 53.21
CA LYS D 162 12.89 14.10 52.66
C LYS D 162 14.22 13.68 53.25
N ILE D 163 14.22 12.59 54.02
CA ILE D 163 15.43 12.08 54.63
C ILE D 163 16.19 11.25 53.60
N PRO D 164 17.44 11.56 53.31
CA PRO D 164 18.21 10.74 52.37
C PRO D 164 18.33 9.31 52.87
N LEU D 165 18.26 8.36 51.93
CA LEU D 165 18.33 6.95 52.31
C LEU D 165 19.67 6.61 52.94
N GLN D 166 20.76 7.11 52.37
CA GLN D 166 22.09 6.81 52.89
C GLN D 166 22.30 7.38 54.29
N SER D 167 21.52 8.37 54.69
CA SER D 167 21.62 8.92 56.03
C SER D 167 20.86 8.10 57.07
N ILE D 168 20.08 7.11 56.64
CA ILE D 168 19.37 6.25 57.58
C ILE D 168 20.37 5.33 58.28
N MET D 169 20.28 5.26 59.60
CA MET D 169 21.18 4.40 60.36
C MET D 169 20.50 3.17 60.92
N VAL D 170 19.34 3.32 61.55
CA VAL D 170 18.61 2.19 62.09
C VAL D 170 17.15 2.60 62.21
N GLU D 171 16.25 1.63 62.08
CA GLU D 171 14.85 1.92 62.30
C GLU D 171 14.12 0.64 62.71
N LYS D 172 13.19 0.79 63.65
CA LYS D 172 12.28 -0.28 64.02
C LYS D 172 10.92 0.05 63.45
N CYS D 173 10.46 -0.80 62.53
CA CYS D 173 9.19 -0.59 61.84
C CYS D 173 8.52 -1.95 61.65
N ASP D 174 7.21 -1.97 61.82
CA ASP D 174 6.40 -3.15 61.56
C ASP D 174 5.55 -2.86 60.33
N GLY D 175 5.70 -3.70 59.30
CA GLY D 175 5.05 -3.43 58.04
C GLY D 175 5.54 -2.12 57.45
N ASP D 176 4.63 -1.18 57.22
CA ASP D 176 4.99 0.14 56.74
C ASP D 176 5.10 1.18 57.86
N THR D 177 4.33 1.03 58.93
CA THR D 177 4.41 1.96 60.05
C THR D 177 5.76 1.85 60.72
N ILE D 178 6.34 3.00 61.07
CA ILE D 178 7.67 3.08 61.66
C ILE D 178 7.53 3.34 63.15
N GLN D 179 7.96 2.39 63.97
CA GLN D 179 7.92 2.60 65.41
C GLN D 179 8.89 3.69 65.84
N TRP D 180 10.13 3.60 65.38
CA TRP D 180 11.10 4.66 65.65
C TRP D 180 12.23 4.56 64.65
N ILE D 181 13.02 5.63 64.55
CA ILE D 181 14.11 5.66 63.58
C ILE D 181 15.22 6.61 63.99
N LYS D 182 16.46 6.16 63.90
CA LYS D 182 17.63 7.00 64.12
C LYS D 182 18.38 7.15 62.80
N TYR D 183 18.62 8.40 62.40
CA TYR D 183 19.36 8.73 61.19
C TYR D 183 20.38 9.80 61.50
N LYS D 184 21.17 10.15 60.48
CA LYS D 184 22.24 11.12 60.61
C LYS D 184 21.97 12.32 59.72
N ARG D 185 22.61 13.44 60.06
CA ARG D 185 22.39 14.69 59.35
C ARG D 185 23.65 15.53 59.48
N LEU D 186 24.35 15.75 58.38
CA LEU D 186 25.55 16.59 58.34
C LEU D 186 25.11 17.98 57.92
N ASP D 187 25.11 18.92 58.87
CA ASP D 187 24.66 20.28 58.58
C ASP D 187 25.86 21.22 58.56
N LYS D 188 25.96 21.99 57.49
CA LYS D 188 27.11 22.87 57.27
C LYS D 188 26.75 24.30 57.69
N ILE D 189 27.52 24.83 58.63
CA ILE D 189 27.43 26.23 59.01
C ILE D 189 28.35 27.00 58.06
N ASP D 190 27.75 27.79 57.17
CA ASP D 190 28.50 28.54 56.18
C ASP D 190 28.79 29.93 56.71
N ASN D 191 30.05 30.33 56.64
CA ASN D 191 30.45 31.66 57.05
C ASN D 191 30.76 32.49 55.81
N PRO D 192 30.15 33.68 55.68
CA PRO D 192 30.36 34.46 54.45
C PRO D 192 31.79 34.90 54.24
N PHE D 193 32.63 34.90 55.27
CA PHE D 193 34.02 35.33 55.14
C PHE D 193 34.94 34.38 55.88
N ASP D 194 34.67 33.08 55.80
CA ASP D 194 35.49 32.09 56.48
C ASP D 194 35.19 30.71 55.90
N LYS D 195 36.03 29.76 56.26
CA LYS D 195 35.86 28.38 55.81
C LYS D 195 34.58 27.79 56.37
N THR D 196 33.93 26.96 55.57
CA THR D 196 32.71 26.29 56.00
C THR D 196 32.98 25.37 57.19
N ILE D 197 32.13 25.45 58.20
CA ILE D 197 32.20 24.57 59.36
C ILE D 197 31.15 23.49 59.20
N TYR D 198 31.41 22.33 59.80
CA TYR D 198 30.49 21.20 59.71
C TYR D 198 30.08 20.74 61.10
N ASN D 199 28.81 20.37 61.24
CA ASN D 199 28.31 19.73 62.45
C ASN D 199 27.65 18.42 62.06
N MET D 200 27.70 17.45 62.97
CA MET D 200 27.12 16.14 62.75
C MET D 200 26.03 15.93 63.78
N SER D 201 24.81 15.66 63.33
CA SER D 201 23.69 15.43 64.22
C SER D 201 23.18 14.02 64.02
N TYR D 202 22.88 13.34 65.12
CA TYR D 202 22.22 12.05 65.11
C TYR D 202 20.83 12.26 65.68
N VAL D 203 19.82 12.03 64.85
CA VAL D 203 18.43 12.33 65.21
C VAL D 203 17.72 11.01 65.43
N LEU D 204 17.16 10.85 66.62
CA LEU D 204 16.35 9.70 66.96
C LEU D 204 14.91 10.17 67.13
N ILE D 205 14.01 9.65 66.31
CA ILE D 205 12.60 9.99 66.32
C ILE D 205 11.85 8.81 66.91
N ASP D 206 11.10 9.07 67.97
CA ASP D 206 10.43 8.06 68.77
C ASP D 206 8.92 8.28 68.70
N ASP D 207 8.19 7.51 69.51
CA ASP D 207 6.73 7.58 69.49
C ASP D 207 6.24 8.96 69.94
N GLN D 208 6.81 9.50 71.01
CA GLN D 208 6.36 10.79 71.53
C GLN D 208 7.51 11.74 71.85
N HIS D 209 8.74 11.40 71.47
CA HIS D 209 9.88 12.28 71.68
C HIS D 209 10.78 12.25 70.47
N ILE D 210 11.52 13.34 70.28
CA ILE D 210 12.55 13.44 69.26
C ILE D 210 13.80 14.02 69.90
N THR D 211 14.94 13.39 69.64
CA THR D 211 16.19 13.73 70.30
C THR D 211 17.29 13.90 69.26
N THR D 212 18.24 14.78 69.55
CA THR D 212 19.37 15.01 68.67
C THR D 212 20.65 15.05 69.49
N TRP D 213 21.66 14.34 69.02
CA TRP D 213 23.02 14.43 69.56
C TRP D 213 23.89 15.14 68.53
N THR D 214 24.56 16.21 68.94
CA THR D 214 25.29 17.06 68.01
C THR D 214 26.77 17.10 68.37
N TYR D 215 27.61 16.83 67.39
CA TYR D 215 29.05 17.06 67.47
C TYR D 215 29.38 18.28 66.62
N TYR D 216 30.03 19.26 67.23
CA TYR D 216 30.24 20.57 66.62
C TYR D 216 31.64 20.69 66.05
N ASP D 217 31.73 21.33 64.89
CA ASP D 217 33.01 21.63 64.24
C ASP D 217 33.83 20.36 64.05
N ILE D 218 33.27 19.46 63.26
CA ILE D 218 33.88 18.17 62.99
C ILE D 218 34.35 18.14 61.54
N ILE D 219 35.06 17.07 61.20
CA ILE D 219 35.51 16.82 59.83
C ILE D 219 34.86 15.52 59.36
N VAL D 220 34.22 15.58 58.21
CA VAL D 220 33.57 14.39 57.66
C VAL D 220 34.63 13.45 57.13
N SER D 221 34.42 12.15 57.34
CA SER D 221 35.35 11.13 56.88
C SER D 221 34.87 10.53 55.56
N ASP D 222 35.75 9.78 54.92
CA ASP D 222 35.42 9.14 53.65
C ASP D 222 34.31 8.11 53.78
N SER D 223 34.08 7.58 54.98
CA SER D 223 33.01 6.64 55.22
C SER D 223 31.69 7.31 55.58
N GLY D 224 31.65 8.64 55.53
CA GLY D 224 30.46 9.37 55.91
C GLY D 224 30.36 9.69 57.38
N GLY D 225 31.32 9.25 58.19
CA GLY D 225 31.32 9.50 59.61
C GLY D 225 32.21 10.68 59.97
N ILE D 226 32.62 10.70 61.24
CA ILE D 226 33.47 11.76 61.77
C ILE D 226 34.89 11.26 61.82
N SER D 227 35.83 12.06 61.32
CA SER D 227 37.26 11.76 61.39
C SER D 227 37.98 12.59 62.44
N LYS D 228 37.80 13.91 62.40
CA LYS D 228 38.44 14.82 63.34
C LYS D 228 37.41 15.76 63.91
N ILE D 229 37.61 16.17 65.16
CA ILE D 229 36.74 17.13 65.81
C ILE D 229 37.58 18.27 66.36
N TRP D 230 36.96 19.43 66.53
CA TRP D 230 37.63 20.58 67.11
C TRP D 230 37.80 20.39 68.61
N ASP D 231 38.85 20.99 69.15
CA ASP D 231 39.11 20.95 70.58
C ASP D 231 39.71 22.30 70.95
N GLN D 232 38.94 23.12 71.67
CA GLN D 232 39.42 24.45 72.04
C GLN D 232 40.58 24.34 73.02
N SER D 233 40.55 23.34 73.90
CA SER D 233 41.64 23.15 74.86
C SER D 233 42.95 22.79 74.18
N LEU D 234 42.90 22.27 72.95
CA LEU D 234 44.11 21.87 72.25
C LEU D 234 44.93 23.11 71.87
N ASN D 235 46.10 22.85 71.28
CA ASN D 235 47.01 23.90 70.84
C ASN D 235 47.34 24.84 72.00
N TYR D 236 47.64 24.26 73.16
CA TYR D 236 47.93 25.02 74.38
C TYR D 236 46.77 25.95 74.73
N GLY D 237 45.54 25.48 74.48
CA GLY D 237 44.35 26.25 74.75
C GLY D 237 43.83 27.04 73.57
N LYS D 238 44.59 27.11 72.48
CA LYS D 238 44.12 27.84 71.31
C LYS D 238 43.13 27.03 70.48
N GLY D 239 43.21 25.71 70.55
CA GLY D 239 42.28 24.85 69.85
C GLY D 239 42.84 24.33 68.54
N ALA D 240 42.49 23.09 68.21
CA ALA D 240 42.96 22.45 66.99
C ALA D 240 42.08 21.24 66.71
N TYR D 241 42.29 20.62 65.55
CA TYR D 241 41.55 19.43 65.17
C TYR D 241 42.28 18.19 65.64
N ARG D 242 41.58 17.34 66.39
CA ARG D 242 42.14 16.11 66.92
C ARG D 242 41.25 14.95 66.54
N SER D 243 41.84 13.75 66.53
CA SER D 243 41.12 12.57 66.10
C SER D 243 39.96 12.27 67.04
N ILE D 244 38.89 11.73 66.46
CA ILE D 244 37.67 11.44 67.21
C ILE D 244 37.93 10.25 68.14
N ASP D 245 37.45 10.36 69.37
CA ASP D 245 37.53 9.26 70.34
C ASP D 245 36.18 8.57 70.42
N LYS D 246 36.19 7.26 70.20
CA LYS D 246 34.94 6.50 70.16
C LYS D 246 34.39 6.17 71.53
N GLU D 247 35.11 6.48 72.61
CA GLU D 247 34.64 6.20 73.95
C GLU D 247 34.61 7.43 74.86
N LYS D 248 35.37 8.48 74.56
CA LYS D 248 35.44 9.64 75.42
C LYS D 248 34.78 10.88 74.85
N ASP D 249 34.63 10.98 73.53
CA ASP D 249 33.97 12.11 72.90
C ASP D 249 32.46 11.85 72.93
N LYS D 250 31.77 12.51 73.85
CA LYS D 250 30.36 12.30 74.08
C LYS D 250 29.56 13.54 73.70
N ALA D 251 28.38 13.33 73.14
CA ALA D 251 27.48 14.40 72.75
C ALA D 251 26.31 14.46 73.72
N ASP D 252 26.00 15.65 74.21
CA ASP D 252 24.88 15.81 75.11
C ASP D 252 23.58 15.85 74.32
N PRO D 253 22.62 14.98 74.61
CA PRO D 253 21.35 14.99 73.86
C PRO D 253 20.54 16.24 74.15
N VAL D 254 19.82 16.67 73.12
CA VAL D 254 18.78 17.69 73.26
C VAL D 254 17.49 17.08 72.71
N SER D 255 16.47 16.99 73.55
CA SER D 255 15.25 16.27 73.20
C SER D 255 14.03 17.10 73.54
N PHE D 256 12.95 16.84 72.80
CA PHE D 256 11.67 17.45 73.13
C PHE D 256 10.56 16.56 72.59
N ALA D 257 9.37 16.72 73.17
CA ALA D 257 8.22 15.90 72.84
C ALA D 257 7.38 16.61 71.79
N HIS D 258 7.18 15.96 70.65
CA HIS D 258 6.36 16.54 69.59
C HIS D 258 4.87 16.34 69.81
N ASN D 259 4.48 15.47 70.75
CA ASN D 259 3.08 15.26 71.10
C ASN D 259 2.26 14.78 69.91
N ARG D 260 2.92 14.21 68.91
CA ARG D 260 2.19 13.64 67.78
C ARG D 260 1.42 12.39 68.13
N GLY D 261 1.86 11.67 69.17
CA GLY D 261 1.27 10.39 69.50
C GLY D 261 1.77 9.24 68.66
N SER D 262 2.57 9.50 67.64
CA SER D 262 3.16 8.47 66.80
C SER D 262 4.39 9.05 66.14
N CYS D 263 5.20 8.18 65.57
CA CYS D 263 6.43 8.62 64.94
C CYS D 263 6.09 9.43 63.69
N PRO D 264 6.50 10.70 63.61
CA PRO D 264 6.11 11.55 62.47
C PRO D 264 6.97 11.32 61.23
N VAL D 265 7.05 10.06 60.80
CA VAL D 265 7.74 9.71 59.57
C VAL D 265 6.88 8.74 58.78
N VAL D 266 7.02 8.79 57.46
CA VAL D 266 6.33 7.89 56.55
C VAL D 266 7.33 7.39 55.53
N ARG D 267 7.29 6.09 55.25
CA ARG D 267 8.19 5.47 54.30
C ARG D 267 7.39 5.01 53.09
N TYR D 268 7.77 5.49 51.92
CA TYR D 268 7.20 4.99 50.68
C TYR D 268 8.11 3.88 50.16
N ARG D 269 7.54 2.71 49.92
CA ARG D 269 8.27 1.50 49.56
C ARG D 269 7.71 0.98 48.25
N MET D 270 8.44 1.18 47.16
CA MET D 270 8.02 0.64 45.88
C MET D 270 8.07 -0.88 45.92
N ASP D 271 7.04 -1.52 45.36
CA ASP D 271 6.96 -2.96 45.37
C ASP D 271 8.14 -3.57 44.61
N GLU D 272 8.62 -4.71 45.10
CA GLU D 272 9.80 -5.34 44.51
C GLU D 272 9.58 -5.69 43.05
N SER D 273 8.40 -6.20 42.71
CA SER D 273 8.10 -6.54 41.33
C SER D 273 8.11 -5.32 40.43
N LEU D 274 7.82 -4.14 40.97
CA LEU D 274 7.81 -2.91 40.20
C LEU D 274 9.15 -2.20 40.19
N TYR D 275 10.00 -2.45 41.20
CA TYR D 275 11.30 -1.79 41.29
C TYR D 275 12.22 -2.38 40.24
N MET D 276 12.39 -1.68 39.13
CA MET D 276 13.17 -2.17 38.01
C MET D 276 14.65 -1.83 38.10
N ALA D 277 15.01 -0.79 38.86
CA ALA D 277 16.41 -0.37 38.92
C ALA D 277 17.31 -1.47 39.47
N ASP D 278 16.76 -2.36 40.29
CA ASP D 278 17.55 -3.45 40.85
C ASP D 278 18.00 -4.44 39.79
N GLN D 279 17.35 -4.46 38.64
CA GLN D 279 17.59 -5.49 37.63
C GLN D 279 18.21 -4.96 36.35
N VAL D 280 18.64 -3.70 36.31
CA VAL D 280 19.18 -3.14 35.09
C VAL D 280 20.49 -2.41 35.35
N TYR D 281 20.80 -2.15 36.63
CA TYR D 281 22.00 -1.35 36.93
C TYR D 281 23.26 -2.07 36.48
N LEU D 282 23.31 -3.40 36.65
CA LEU D 282 24.43 -4.16 36.12
C LEU D 282 24.52 -4.02 34.60
N ALA D 283 23.38 -4.07 33.92
CA ALA D 283 23.38 -3.85 32.48
C ALA D 283 23.89 -2.46 32.14
N GLN D 284 23.55 -1.46 32.95
CA GLN D 284 24.01 -0.10 32.68
C GLN D 284 25.52 0.02 32.83
N ARG D 285 26.09 -0.59 33.88
CA ARG D 285 27.54 -0.51 34.03
C ARG D 285 28.25 -1.32 32.95
N MET D 286 27.66 -2.43 32.51
CA MET D 286 28.19 -3.14 31.36
C MET D 286 28.15 -2.27 30.12
N ILE D 287 27.08 -1.47 29.97
CA ILE D 287 27.01 -0.55 28.84
C ILE D 287 28.13 0.47 28.91
N TYR D 288 28.39 1.00 30.11
CA TYR D 288 29.51 1.94 30.28
C TYR D 288 30.82 1.30 29.80
N GLY D 289 31.12 0.11 30.30
CA GLY D 289 32.38 -0.52 29.95
C GLY D 289 32.47 -0.86 28.47
N LEU D 290 31.39 -1.40 27.92
CA LEU D 290 31.40 -1.78 26.50
C LEU D 290 31.52 -0.56 25.60
N SER D 291 30.86 0.54 25.96
CA SER D 291 30.99 1.75 25.16
C SER D 291 32.42 2.28 25.20
N MET D 292 33.04 2.26 26.38
CA MET D 292 34.43 2.72 26.46
C MET D 292 35.33 1.86 25.59
N ASN D 293 35.18 0.54 25.67
CA ASN D 293 36.00 -0.36 24.86
C ASN D 293 35.74 -0.16 23.38
N LEU D 294 34.48 0.03 23.00
CA LEU D 294 34.14 0.22 21.59
C LEU D 294 34.75 1.48 21.04
N PHE D 295 34.66 2.59 21.79
CA PHE D 295 35.25 3.82 21.31
C PHE D 295 36.77 3.73 21.24
N HIS D 296 37.39 3.05 22.21
CA HIS D 296 38.83 2.86 22.15
C HIS D 296 39.23 2.07 20.91
N THR D 297 38.51 0.98 20.61
CA THR D 297 38.82 0.18 19.44
C THR D 297 38.63 0.98 18.16
N ALA D 298 37.53 1.73 18.08
CA ALA D 298 37.27 2.52 16.88
C ALA D 298 38.34 3.58 16.68
N ALA D 299 38.76 4.25 17.75
CA ALA D 299 39.80 5.25 17.64
C ALA D 299 41.13 4.62 17.22
N ASN D 300 41.46 3.46 17.78
CA ASN D 300 42.74 2.83 17.45
C ASN D 300 42.74 2.12 16.11
N ALA D 301 41.58 1.93 15.48
CA ALA D 301 41.51 1.28 14.18
C ALA D 301 40.73 2.10 13.16
N GLY D 302 40.52 3.39 13.42
CA GLY D 302 39.71 4.19 12.52
C GLY D 302 40.48 4.86 11.40
N PHE D 303 41.79 4.98 11.53
CA PHE D 303 42.57 5.68 10.51
C PHE D 303 42.72 4.81 9.27
N VAL D 304 43.11 5.45 8.17
CA VAL D 304 43.32 4.78 6.89
C VAL D 304 44.81 4.83 6.57
N GLN D 305 45.41 3.67 6.37
CA GLN D 305 46.83 3.56 6.10
C GLN D 305 47.06 3.29 4.62
N LYS D 306 48.12 3.88 4.08
CA LYS D 306 48.46 3.72 2.68
C LYS D 306 49.90 3.27 2.54
N TRP D 307 50.09 2.07 2.02
CA TRP D 307 51.43 1.54 1.84
C TRP D 307 51.77 1.40 0.36
N ILE D 308 53.06 1.22 0.09
CA ILE D 308 53.58 1.17 -1.26
C ILE D 308 54.45 -0.04 -1.42
N ARG D 309 54.86 -0.31 -2.64
CA ARG D 309 55.88 -1.28 -2.96
C ARG D 309 56.81 -0.61 -3.96
N PRO D 310 57.99 -0.16 -3.52
CA PRO D 310 58.81 0.68 -4.40
C PRO D 310 59.18 -0.03 -5.69
N TYR D 311 59.23 0.74 -6.76
CA TYR D 311 59.55 0.21 -8.08
C TYR D 311 61.04 0.39 -8.35
N ILE D 312 61.68 -0.68 -8.80
CA ILE D 312 63.13 -0.67 -9.03
C ILE D 312 63.43 -0.66 -10.53
N PRO D 332 70.33 -1.18 -0.54
CA PRO D 332 70.74 0.20 -0.28
C PRO D 332 69.71 0.96 0.56
N LYS D 333 69.93 1.00 1.87
CA LYS D 333 68.96 1.63 2.76
C LYS D 333 68.85 3.12 2.50
N GLU D 334 69.97 3.78 2.15
CA GLU D 334 69.90 5.20 1.83
C GLU D 334 69.08 5.44 0.58
N ALA D 335 69.23 4.57 -0.43
CA ALA D 335 68.40 4.69 -1.63
C ALA D 335 66.94 4.47 -1.30
N LEU D 336 66.64 3.53 -0.41
CA LEU D 336 65.26 3.32 0.00
C LEU D 336 64.71 4.53 0.73
N ASN D 337 65.52 5.16 1.58
CA ASN D 337 65.08 6.39 2.24
C ASN D 337 64.79 7.49 1.23
N GLU D 338 65.67 7.65 0.23
CA GLU D 338 65.41 8.63 -0.81
C GLU D 338 64.11 8.32 -1.54
N ILE D 339 63.87 7.04 -1.85
CA ILE D 339 62.65 6.64 -2.57
C ILE D 339 61.38 6.97 -1.78
N ILE D 340 61.34 6.59 -0.51
CA ILE D 340 60.12 6.82 0.29
C ILE D 340 59.88 8.32 0.50
N LYS D 341 60.94 9.12 0.54
CA LYS D 341 60.77 10.56 0.67
C LYS D 341 60.09 11.05 -0.58
N LYS D 342 60.63 10.71 -1.75
CA LYS D 342 60.03 11.11 -3.01
C LYS D 342 58.58 10.67 -3.11
N TYR D 343 58.31 9.42 -2.75
CA TYR D 343 56.94 8.89 -2.85
C TYR D 343 55.98 9.73 -2.04
N ALA D 344 56.33 10.01 -0.78
CA ALA D 344 55.49 10.83 0.08
C ALA D 344 55.20 12.18 -0.54
N GLU D 345 56.24 12.83 -1.06
CA GLU D 345 56.07 14.14 -1.68
C GLU D 345 55.07 14.10 -2.83
N SER D 346 55.19 13.11 -3.71
CA SER D 346 54.30 13.03 -4.86
C SER D 346 53.13 12.08 -4.64
N LEU D 347 52.41 12.25 -3.55
CA LEU D 347 51.24 11.41 -3.29
C LEU D 347 49.98 12.26 -3.22
N GLY D 348 49.50 12.72 -4.36
CA GLY D 348 48.30 13.52 -4.40
C GLY D 348 47.61 13.41 -5.75
N ASP D 349 46.57 14.21 -5.93
CA ASP D 349 45.83 14.19 -7.18
C ASP D 349 46.62 14.79 -8.33
N GLU D 350 47.58 15.66 -8.02
CA GLU D 350 48.34 16.38 -9.05
C GLU D 350 49.66 15.69 -9.39
N SER D 351 49.71 14.37 -9.27
CA SER D 351 50.93 13.63 -9.58
C SER D 351 50.59 12.19 -9.88
N VAL D 352 51.35 11.59 -10.78
CA VAL D 352 51.26 10.17 -11.08
C VAL D 352 52.51 9.49 -10.53
N ILE D 353 52.32 8.64 -9.53
CA ILE D 353 53.44 7.98 -8.87
C ILE D 353 53.86 6.78 -9.70
N MET D 354 55.08 6.31 -9.48
CA MET D 354 55.71 5.30 -10.30
C MET D 354 55.86 3.99 -9.55
N ALA D 355 55.02 3.74 -8.56
CA ALA D 355 55.21 2.64 -7.63
C ALA D 355 54.77 1.33 -8.26
N ASP D 356 54.76 0.26 -7.46
CA ASP D 356 54.37 -1.08 -7.91
C ASP D 356 53.08 -1.56 -7.29
N PHE D 357 52.71 -1.04 -6.11
CA PHE D 357 51.45 -1.40 -5.47
C PHE D 357 51.16 -0.38 -4.39
N PHE D 358 50.04 0.33 -4.49
CA PHE D 358 49.73 1.44 -3.60
C PHE D 358 48.29 1.36 -3.10
N THR D 359 47.88 0.20 -2.61
CA THR D 359 46.51 0.10 -2.12
C THR D 359 46.29 1.02 -0.92
N PHE D 360 45.05 1.50 -0.78
CA PHE D 360 44.62 2.27 0.38
C PHE D 360 44.06 1.28 1.39
N GLU D 361 44.86 0.92 2.39
CA GLU D 361 44.43 -0.06 3.37
C GLU D 361 43.49 0.59 4.36
N GLU D 362 42.36 -0.06 4.61
CA GLU D 362 41.32 0.49 5.46
C GLU D 362 40.63 -0.62 6.23
N LEU D 363 40.16 -0.30 7.43
CA LEU D 363 39.37 -1.24 8.21
C LEU D 363 38.00 -1.43 7.56
N ALA D 364 37.61 -2.69 7.35
CA ALA D 364 36.28 -2.97 6.80
C ALA D 364 35.21 -2.61 7.81
N GLY D 365 35.25 -3.23 8.99
CA GLY D 365 34.34 -2.89 10.06
C GLY D 365 33.19 -3.86 10.16
N THR D 366 33.35 -4.90 10.98
CA THR D 366 32.28 -5.83 11.28
C THR D 366 32.21 -6.06 12.79
N SER D 367 33.34 -5.89 13.47
CA SER D 367 33.37 -6.00 14.92
C SER D 367 32.79 -4.77 15.59
N VAL D 368 33.00 -3.59 15.00
CA VAL D 368 32.46 -2.37 15.58
C VAL D 368 30.94 -2.42 15.61
N GLU D 369 30.33 -2.83 14.49
CA GLU D 369 28.88 -2.99 14.49
C GLU D 369 28.43 -4.16 15.36
N MET D 370 29.29 -5.16 15.57
CA MET D 370 28.97 -6.22 16.51
C MET D 370 28.84 -5.67 17.93
N GLN D 371 29.82 -4.88 18.36
CA GLN D 371 29.75 -4.28 19.69
C GLN D 371 28.59 -3.29 19.78
N ILE D 372 28.31 -2.58 18.68
CA ILE D 372 27.17 -1.68 18.65
C ILE D 372 25.88 -2.46 18.86
N GLY D 373 25.76 -3.61 18.21
CA GLY D 373 24.57 -4.44 18.41
C GLY D 373 24.46 -4.98 19.82
N LEU D 374 25.60 -5.33 20.42
CA LEU D 374 25.57 -5.78 21.82
C LEU D 374 25.09 -4.67 22.74
N ILE D 375 25.62 -3.46 22.57
CA ILE D 375 25.19 -2.34 23.39
C ILE D 375 23.71 -2.04 23.13
N GLU D 376 23.28 -2.15 21.87
CA GLU D 376 21.89 -1.91 21.54
C GLU D 376 20.98 -2.93 22.21
N ARG D 377 21.39 -4.20 22.25
CA ARG D 377 20.55 -5.19 22.91
C ARG D 377 20.54 -5.00 24.42
N LEU D 378 21.65 -4.53 25.00
CA LEU D 378 21.62 -4.19 26.43
C LEU D 378 20.66 -3.04 26.70
N ARG D 379 20.69 -2.01 25.85
CA ARG D 379 19.75 -0.91 25.99
C ARG D 379 18.30 -1.37 25.80
N ASN D 380 18.08 -2.29 24.85
CA ASN D 380 16.74 -2.82 24.64
C ASN D 380 16.26 -3.59 25.86
N TYR D 381 17.15 -4.37 26.49
CA TYR D 381 16.75 -5.03 27.73
C TYR D 381 16.43 -4.01 28.82
N ILE D 382 17.23 -2.96 28.91
CA ILE D 382 16.96 -1.93 29.93
C ILE D 382 15.59 -1.32 29.72
N PHE D 383 15.24 -1.03 28.46
CA PHE D 383 13.95 -0.42 28.18
C PHE D 383 12.80 -1.41 28.18
N THR D 384 13.08 -2.71 28.08
CA THR D 384 12.03 -3.71 28.18
C THR D 384 11.87 -4.26 29.60
N ALA D 385 12.73 -3.86 30.53
CA ALA D 385 12.47 -4.16 31.93
C ALA D 385 11.15 -3.54 32.36
N ILE D 386 10.90 -2.31 31.96
CA ILE D 386 9.57 -1.74 31.95
C ILE D 386 8.95 -2.09 30.60
N LEU D 387 7.62 -2.27 30.59
CA LEU D 387 6.98 -2.71 29.35
C LEU D 387 6.91 -1.58 28.34
N PHE D 388 8.07 -1.15 27.83
CA PHE D 388 8.14 -0.03 26.91
C PHE D 388 9.05 -0.39 25.75
N ASN D 389 8.76 0.20 24.59
CA ASN D 389 9.51 -0.03 23.36
C ASN D 389 10.30 1.21 23.01
N ASN D 390 11.63 1.08 22.92
CA ASN D 390 12.49 2.20 22.58
C ASN D 390 12.41 2.58 21.11
N ALA D 391 11.79 1.72 20.26
CA ALA D 391 11.69 2.02 18.84
C ALA D 391 10.88 3.28 18.58
N LYS D 392 10.13 3.75 19.57
CA LYS D 392 9.44 5.03 19.43
C LYS D 392 10.43 6.15 19.09
N PHE D 393 11.62 6.09 19.65
CA PHE D 393 12.66 7.08 19.35
C PHE D 393 13.92 6.41 18.80
N GLU D 394 13.74 5.43 17.93
CA GLU D 394 14.83 4.78 17.23
C GLU D 394 14.79 5.00 15.72
N GLN D 395 13.59 5.03 15.13
CA GLN D 395 13.45 5.26 13.71
C GLN D 395 12.11 5.92 13.40
N ALA D 404 -2.55 12.56 14.70
CA ALA D 404 -3.07 11.23 14.43
C ALA D 404 -2.10 10.16 14.91
N ALA D 405 -1.05 9.90 14.12
CA ALA D 405 -0.06 8.90 14.49
C ALA D 405 1.07 9.52 15.32
N LYS D 406 1.75 10.53 14.77
CA LYS D 406 2.83 11.19 15.49
C LYS D 406 2.31 12.03 16.65
N GLU D 407 0.99 12.25 16.72
CA GLU D 407 0.41 12.98 17.83
C GLU D 407 0.70 12.29 19.16
N ILE D 408 0.86 10.97 19.15
CA ILE D 408 1.23 10.25 20.37
C ILE D 408 2.61 10.67 20.84
N ASP D 409 3.57 10.73 19.92
CA ASP D 409 4.91 11.20 20.29
C ASP D 409 4.88 12.66 20.74
N PHE D 410 4.06 13.47 20.08
CA PHE D 410 3.91 14.87 20.50
C PHE D 410 3.38 14.94 21.93
N TYR D 411 2.40 14.11 22.26
CA TYR D 411 1.88 14.08 23.62
C TYR D 411 2.95 13.58 24.61
N VAL D 412 3.76 12.63 24.18
CA VAL D 412 4.87 12.18 25.02
C VAL D 412 5.78 13.33 25.36
N GLN D 413 6.12 14.16 24.38
CA GLN D 413 6.88 15.38 24.64
C GLN D 413 6.12 16.31 25.58
N ASN D 414 4.81 16.46 25.33
CA ASN D 414 3.99 17.34 26.15
C ASN D 414 4.00 16.92 27.61
N LEU D 415 4.24 15.64 27.89
CA LEU D 415 4.30 15.20 29.28
C LEU D 415 5.45 15.88 30.03
N ALA D 416 6.67 15.80 29.47
CA ALA D 416 7.80 16.48 30.09
C ALA D 416 7.60 17.98 30.06
N LEU D 417 6.94 18.50 29.02
CA LEU D 417 6.62 19.91 28.99
C LEU D 417 5.74 20.30 30.16
N LYS D 418 4.75 19.46 30.49
CA LYS D 418 3.87 19.74 31.61
C LYS D 418 4.61 19.67 32.93
N ASP D 419 5.54 18.73 33.07
CA ASP D 419 6.34 18.66 34.29
C ASP D 419 7.16 19.92 34.49
N HIS D 420 7.91 20.32 33.46
CA HIS D 420 8.67 21.56 33.55
C HIS D 420 7.77 22.77 33.74
N GLY D 421 6.56 22.72 33.18
CA GLY D 421 5.63 23.82 33.37
C GLY D 421 5.15 23.93 34.81
N SER D 422 4.92 22.81 35.46
CA SER D 422 4.56 22.85 36.88
C SER D 422 5.69 23.44 37.71
N GLY D 423 6.92 23.02 37.43
CA GLY D 423 8.06 23.62 38.12
C GLY D 423 8.15 25.12 37.86
N ILE D 424 7.93 25.52 36.61
CA ILE D 424 7.99 26.93 36.25
C ILE D 424 6.90 27.72 36.97
N VAL D 425 5.70 27.15 37.08
CA VAL D 425 4.61 27.84 37.77
C VAL D 425 4.94 28.01 39.24
N GLU D 426 5.52 26.99 39.87
CA GLU D 426 5.94 27.14 41.25
C GLU D 426 6.97 28.26 41.40
N PHE D 427 7.98 28.28 40.52
CA PHE D 427 8.99 29.32 40.58
C PHE D 427 8.38 30.71 40.37
N THR D 428 7.44 30.81 39.43
CA THR D 428 6.79 32.09 39.15
C THR D 428 5.97 32.55 40.33
N ARG D 429 5.28 31.63 41.00
CA ARG D 429 4.54 32.00 42.21
C ARG D 429 5.49 32.56 43.27
N SER D 430 6.62 31.90 43.48
CA SER D 430 7.58 32.41 44.46
C SER D 430 8.11 33.79 44.06
N LEU D 431 8.43 33.96 42.77
CA LEU D 431 8.93 35.23 42.29
C LEU D 431 7.91 36.34 42.46
N LEU D 432 6.64 36.05 42.16
CA LEU D 432 5.61 37.06 42.31
C LEU D 432 5.38 37.39 43.78
N HIS D 433 5.49 36.39 44.66
CA HIS D 433 5.40 36.67 46.09
C HIS D 433 6.49 37.64 46.53
N HIS D 434 7.73 37.37 46.10
CA HIS D 434 8.82 38.29 46.45
C HIS D 434 8.61 39.67 45.86
N THR D 435 8.12 39.74 44.62
CA THR D 435 7.87 41.03 43.99
C THR D 435 6.80 41.81 44.74
N ALA D 436 5.73 41.13 45.14
CA ALA D 436 4.69 41.79 45.93
C ALA D 436 5.25 42.28 47.25
N LYS D 437 6.13 41.49 47.88
CA LYS D 437 6.78 41.96 49.09
C LYS D 437 7.66 43.18 48.82
N ALA D 438 8.20 43.29 47.60
CA ALA D 438 9.03 44.45 47.27
C ALA D 438 8.21 45.73 47.27
N PHE D 439 6.98 45.68 46.75
CA PHE D 439 6.11 46.85 46.77
C PHE D 439 5.64 47.21 48.17
N GLY D 440 5.98 46.41 49.18
CA GLY D 440 5.48 46.61 50.52
C GLY D 440 4.16 45.93 50.80
N TYR D 441 3.55 45.29 49.80
CA TYR D 441 2.32 44.55 50.02
C TYR D 441 2.62 43.25 50.75
N ASP D 442 1.68 42.83 51.59
CA ASP D 442 1.84 41.67 52.44
C ASP D 442 1.36 40.38 51.78
N SER D 443 1.41 40.31 50.45
CA SER D 443 0.91 39.16 49.68
C SER D 443 -0.56 38.96 50.03
N GLY D 444 -1.02 37.71 50.05
CA GLY D 444 -2.42 37.43 50.28
C GLY D 444 -3.03 36.66 49.13
N GLY D 445 -3.48 35.43 49.40
CA GLY D 445 -3.87 34.54 48.35
C GLY D 445 -2.72 33.92 47.59
N SER D 446 -1.48 34.27 47.95
CA SER D 446 -0.25 33.74 47.38
C SER D 446 -0.18 33.89 45.86
N ILE D 447 -1.00 34.78 45.27
CA ILE D 447 -0.94 35.10 43.85
C ILE D 447 -1.12 33.83 43.02
N VAL D 448 -2.37 33.45 42.77
CA VAL D 448 -2.62 32.23 42.00
C VAL D 448 -2.12 32.42 40.57
N VAL D 449 -1.42 31.41 40.06
CA VAL D 449 -0.86 31.43 38.72
C VAL D 449 -1.21 30.12 38.04
N SER D 450 -1.76 30.21 36.83
CA SER D 450 -2.11 29.04 36.05
C SER D 450 -1.38 29.07 34.71
N GLY D 451 -1.61 28.04 33.92
CA GLY D 451 -0.96 27.88 32.63
C GLY D 451 0.18 26.89 32.70
N MET D 452 0.89 26.80 31.57
CA MET D 452 2.02 25.87 31.42
C MET D 452 1.62 24.44 31.74
N ASP D 453 0.39 24.07 31.40
CA ASP D 453 -0.13 22.74 31.69
C ASP D 453 -0.80 22.09 30.50
N ARG D 454 -1.08 22.81 29.43
CA ARG D 454 -1.74 22.27 28.24
C ARG D 454 -0.92 22.65 27.02
N TYR D 455 0.02 21.77 26.67
CA TYR D 455 0.83 21.94 25.47
C TYR D 455 0.22 21.06 24.38
N ASP D 456 -0.32 21.69 23.34
CA ASP D 456 -1.01 20.95 22.29
C ASP D 456 -0.95 21.73 20.99
N VAL D 457 -0.77 21.01 19.89
CA VAL D 457 -0.77 21.63 18.57
C VAL D 457 -2.17 22.13 18.26
N ARG D 458 -2.26 23.34 17.71
CA ARG D 458 -3.52 23.95 17.32
C ARG D 458 -4.43 24.04 18.55
N PRO D 459 -4.11 24.89 19.52
CA PRO D 459 -4.85 24.89 20.78
C PRO D 459 -6.10 25.76 20.77
N ILE D 460 -6.20 26.68 19.81
CA ILE D 460 -7.29 27.65 19.83
C ILE D 460 -8.63 26.96 19.66
N GLU D 461 -8.75 26.10 18.64
CA GLU D 461 -10.03 25.45 18.41
C GLU D 461 -10.35 24.41 19.47
N GLN D 462 -9.34 23.88 20.18
CA GLN D 462 -9.63 23.03 21.32
C GLN D 462 -10.35 23.81 22.41
N VAL D 463 -9.88 25.03 22.69
CA VAL D 463 -10.55 25.87 23.68
C VAL D 463 -11.93 26.28 23.16
N LEU D 464 -12.05 26.54 21.86
CA LEU D 464 -13.35 26.85 21.30
C LEU D 464 -14.32 25.70 21.47
N SER D 465 -13.86 24.47 21.21
CA SER D 465 -14.70 23.30 21.40
C SER D 465 -15.09 23.13 22.86
N LEU D 466 -14.14 23.38 23.79
CA LEU D 466 -14.47 23.31 25.20
C LEU D 466 -15.57 24.32 25.55
N ILE D 467 -15.44 25.55 25.04
CA ILE D 467 -16.45 26.58 25.30
C ILE D 467 -17.80 26.14 24.77
N GLU D 468 -17.82 25.63 23.54
CA GLU D 468 -19.08 25.22 22.93
C GLU D 468 -19.73 24.07 23.70
N ARG D 469 -18.94 23.08 24.08
CA ARG D 469 -19.47 21.95 24.83
C ARG D 469 -20.01 22.40 26.18
N LEU D 470 -19.33 23.34 26.84
CA LEU D 470 -19.84 23.87 28.09
C LEU D 470 -21.16 24.58 27.88
N PHE D 471 -21.28 25.37 26.81
CA PHE D 471 -22.50 26.12 26.57
C PHE D 471 -23.65 25.23 26.13
N LYS D 472 -23.37 24.07 25.53
CA LYS D 472 -24.45 23.17 25.13
C LYS D 472 -25.08 22.46 26.32
N LEU D 473 -24.42 22.45 27.48
CA LEU D 473 -24.96 21.83 28.67
C LEU D 473 -26.13 22.64 29.21
N PRO D 474 -26.98 22.04 30.04
CA PRO D 474 -28.04 22.80 30.69
C PRO D 474 -27.48 23.99 31.43
N GLN D 475 -27.87 25.19 30.99
CA GLN D 475 -27.28 26.41 31.51
C GLN D 475 -27.49 26.57 33.01
N LEU D 476 -28.59 26.02 33.53
CA LEU D 476 -28.83 26.08 34.97
C LEU D 476 -27.82 25.26 35.75
N ALA D 477 -27.11 24.35 35.09
CA ALA D 477 -26.18 23.46 35.76
C ALA D 477 -24.72 23.91 35.67
N ILE D 478 -24.46 25.03 35.02
CA ILE D 478 -23.09 25.50 34.81
C ILE D 478 -22.87 26.73 35.68
N PRO D 479 -21.95 26.69 36.63
CA PRO D 479 -21.65 27.89 37.41
C PRO D 479 -20.98 28.95 36.56
N LYS D 480 -21.15 30.21 36.96
CA LYS D 480 -20.56 31.31 36.21
C LYS D 480 -19.04 31.27 36.28
N ASP D 481 -18.48 30.71 37.36
CA ASP D 481 -17.04 30.69 37.52
C ASP D 481 -16.37 29.81 36.46
N LEU D 482 -16.97 28.66 36.14
CA LEU D 482 -16.39 27.80 35.12
C LEU D 482 -16.40 28.48 33.76
N LEU D 483 -17.52 29.12 33.40
CA LEU D 483 -17.59 29.84 32.14
C LEU D 483 -16.58 30.97 32.10
N ILE D 484 -16.44 31.71 33.21
CA ILE D 484 -15.47 32.78 33.27
C ILE D 484 -14.07 32.25 33.06
N GLU D 485 -13.74 31.13 33.71
CA GLU D 485 -12.39 30.56 33.57
C GLU D 485 -12.12 30.13 32.13
N SER D 486 -13.08 29.43 31.52
CA SER D 486 -12.87 28.96 30.15
C SER D 486 -12.77 30.11 29.17
N MET D 487 -13.64 31.11 29.30
CA MET D 487 -13.57 32.28 28.44
C MET D 487 -12.28 33.06 28.64
N SER D 488 -11.81 33.16 29.88
CA SER D 488 -10.54 33.83 30.13
C SER D 488 -9.39 33.06 29.49
N GLN D 489 -9.43 31.74 29.55
CA GLN D 489 -8.40 30.94 28.88
C GLN D 489 -8.41 31.21 27.37
N LEU D 490 -9.61 31.25 26.79
CA LEU D 490 -9.70 31.57 25.36
C LEU D 490 -9.16 32.96 25.07
N SER D 491 -9.49 33.93 25.91
CA SER D 491 -9.05 35.30 25.69
C SER D 491 -7.54 35.42 25.76
N ARG D 492 -6.93 34.76 26.75
CA ARG D 492 -5.47 34.84 26.86
C ARG D 492 -4.76 33.96 25.85
N LEU D 493 -5.48 33.04 25.20
CA LEU D 493 -4.87 32.30 24.11
C LEU D 493 -4.96 33.04 22.78
N ILE D 494 -6.07 33.74 22.53
CA ILE D 494 -6.26 34.39 21.23
C ILE D 494 -5.29 35.54 21.06
N ILE D 495 -5.07 36.33 22.11
CA ILE D 495 -4.13 37.44 22.08
C ILE D 495 -2.98 37.13 23.03
N GLU D 496 -1.76 37.15 22.51
CA GLU D 496 -0.56 37.01 23.31
C GLU D 496 0.38 38.14 22.94
N ASN D 497 1.49 38.24 23.67
CA ASN D 497 2.48 39.29 23.50
C ASN D 497 1.91 40.68 23.77
N THR D 498 0.69 40.77 24.29
CA THR D 498 0.04 42.03 24.57
C THR D 498 0.31 42.47 26.01
N THR D 499 0.12 43.75 26.25
CA THR D 499 0.31 44.30 27.59
C THR D 499 -0.68 43.66 28.56
N PHE D 500 -0.23 43.47 29.80
CA PHE D 500 -1.09 42.93 30.85
C PHE D 500 -2.35 43.77 31.01
N GLU D 501 -2.26 45.07 30.74
CA GLU D 501 -3.44 45.93 30.79
C GLU D 501 -4.50 45.47 29.80
N TYR D 502 -4.09 45.15 28.57
CA TYR D 502 -5.05 44.72 27.56
C TYR D 502 -5.76 43.44 27.97
N LYS D 503 -4.99 42.46 28.46
CA LYS D 503 -5.59 41.21 28.90
C LYS D 503 -6.52 41.43 30.09
N ASN D 504 -6.13 42.30 31.02
CA ASN D 504 -7.00 42.58 32.15
C ASN D 504 -8.30 43.22 31.71
N THR D 505 -8.24 44.16 30.77
CA THR D 505 -9.46 44.80 30.27
C THR D 505 -10.36 43.77 29.60
N LEU D 506 -9.78 42.92 28.75
CA LEU D 506 -10.58 41.90 28.08
C LEU D 506 -11.22 40.94 29.08
N ASN D 507 -10.46 40.52 30.09
CA ASN D 507 -11.01 39.61 31.09
C ASN D 507 -12.12 40.27 31.90
N ASP D 508 -11.96 41.54 32.25
CA ASP D 508 -13.02 42.22 32.99
C ASP D 508 -14.28 42.35 32.14
N ALA D 509 -14.14 42.66 30.86
CA ALA D 509 -15.31 42.73 29.99
C ALA D 509 -15.99 41.37 29.89
N ILE D 510 -15.19 40.31 29.75
CA ILE D 510 -15.75 38.97 29.68
C ILE D 510 -16.51 38.63 30.96
N ILE D 511 -15.94 38.97 32.12
CA ILE D 511 -16.58 38.66 33.39
C ILE D 511 -17.91 39.39 33.49
N SER D 512 -17.92 40.68 33.16
CA SER D 512 -19.18 41.44 33.24
C SER D 512 -20.22 40.87 32.29
N ASN D 513 -19.83 40.54 31.07
CA ASN D 513 -20.79 40.03 30.09
C ASN D 513 -21.35 38.68 30.52
N ILE D 514 -20.48 37.80 31.04
CA ILE D 514 -20.93 36.49 31.50
C ILE D 514 -21.88 36.64 32.69
N ASP D 515 -21.57 37.56 33.60
CA ASP D 515 -22.47 37.79 34.72
C ASP D 515 -23.84 38.27 34.24
N GLU D 516 -23.85 39.19 33.28
CA GLU D 516 -25.13 39.66 32.74
C GLU D 516 -25.91 38.53 32.08
N TYR D 517 -25.24 37.70 31.29
CA TYR D 517 -25.91 36.59 30.62
C TYR D 517 -26.47 35.59 31.62
N LEU D 518 -25.69 35.26 32.65
CA LEU D 518 -26.15 34.31 33.65
C LEU D 518 -27.34 34.87 34.42
N ASN D 519 -27.29 36.15 34.78
CA ASN D 519 -28.43 36.76 35.48
C ASN D 519 -29.67 36.76 34.59
N SER D 520 -29.49 37.06 33.30
CA SER D 520 -30.62 37.06 32.38
C SER D 520 -31.25 35.68 32.26
N VAL D 521 -30.42 34.65 32.12
CA VAL D 521 -30.99 33.31 31.99
C VAL D 521 -31.61 32.86 33.30
N LYS D 522 -31.06 33.29 34.44
CA LYS D 522 -31.65 32.94 35.72
C LYS D 522 -33.04 33.57 35.86
N LYS D 523 -33.16 34.85 35.55
CA LYS D 523 -34.47 35.49 35.65
C LYS D 523 -35.45 34.97 34.60
N GLN D 524 -34.96 34.52 33.45
CA GLN D 524 -35.83 33.87 32.48
C GLN D 524 -36.36 32.54 33.02
N SER D 525 -35.48 31.77 33.67
CA SER D 525 -35.89 30.48 34.22
C SER D 525 -36.83 30.66 35.41
N ASN D 526 -36.66 31.73 36.18
CA ASN D 526 -37.52 31.94 37.35
C ASN D 526 -38.98 32.10 36.96
N ASP D 527 -39.25 32.84 35.89
CA ASP D 527 -40.62 33.05 35.43
C ASP D 527 -40.79 32.58 34.00
N MET E 1 22.62 41.61 58.09
CA MET E 1 22.84 42.52 59.21
C MET E 1 23.72 43.69 58.79
N LEU E 2 24.05 44.55 59.75
CA LEU E 2 24.79 45.78 59.46
C LEU E 2 26.29 45.52 59.61
N TYR E 3 27.01 45.58 58.50
CA TYR E 3 28.46 45.46 58.52
C TYR E 3 29.08 46.85 58.33
N THR E 4 30.08 47.17 59.15
CA THR E 4 30.76 48.45 59.07
C THR E 4 32.27 48.31 59.15
N ASP E 5 32.81 47.11 58.98
CA ASP E 5 34.24 46.86 59.12
C ASP E 5 34.83 46.52 57.75
N SER E 6 35.91 47.19 57.39
CA SER E 6 36.62 46.87 56.16
C SER E 6 37.20 45.47 56.25
N LEU E 7 37.18 44.75 55.13
CA LEU E 7 37.63 43.38 55.07
C LEU E 7 38.72 43.23 54.03
N ASN E 8 39.72 42.40 54.33
CA ASN E 8 40.79 42.14 53.39
C ASN E 8 40.28 41.31 52.22
N TYR E 9 41.06 41.34 51.12
CA TYR E 9 40.64 40.64 49.91
C TYR E 9 40.47 39.15 50.16
N LYS E 10 41.26 38.57 51.06
CA LYS E 10 41.10 37.16 51.37
C LYS E 10 39.73 36.87 51.95
N GLN E 11 39.25 37.72 52.85
CA GLN E 11 37.94 37.52 53.44
C GLN E 11 36.84 37.64 52.41
N LEU E 12 36.93 38.64 51.52
CA LEU E 12 35.91 38.80 50.49
C LEU E 12 35.91 37.63 49.52
N SER E 13 37.10 37.17 49.13
CA SER E 13 37.20 36.22 48.03
C SER E 13 36.96 34.78 48.43
N THR E 14 36.56 34.52 49.68
CA THR E 14 36.35 33.14 50.11
C THR E 14 35.17 32.53 49.38
N VAL E 15 35.27 31.24 49.09
CA VAL E 15 34.23 30.49 48.40
C VAL E 15 33.97 29.21 49.18
N SER E 16 32.70 28.89 49.38
CA SER E 16 32.34 27.71 50.16
C SER E 16 32.81 26.45 49.44
N ASP E 17 33.03 25.39 50.21
CA ASP E 17 33.61 24.17 49.66
C ASP E 17 32.69 23.55 48.62
N ASP E 18 31.38 23.51 48.90
CA ASP E 18 30.45 22.92 47.94
C ASP E 18 30.45 23.71 46.63
N MET E 19 30.46 25.03 46.71
CA MET E 19 30.55 25.84 45.50
C MET E 19 31.88 25.65 44.81
N GLN E 20 32.97 25.54 45.58
CA GLN E 20 34.27 25.26 44.98
C GLN E 20 34.26 23.94 44.21
N SER E 21 33.54 22.94 44.71
CA SER E 21 33.48 21.66 44.02
C SER E 21 32.56 21.72 42.81
N TYR E 22 31.47 22.48 42.91
CA TYR E 22 30.44 22.44 41.87
C TYR E 22 30.70 23.39 40.71
N LEU E 23 31.32 24.54 40.96
CA LEU E 23 31.52 25.51 39.89
C LEU E 23 32.32 24.98 38.70
N PRO E 24 33.43 24.26 38.87
CA PRO E 24 34.16 23.79 37.68
C PRO E 24 33.34 22.91 36.75
N VAL E 25 32.56 21.97 37.30
CA VAL E 25 31.77 21.10 36.43
C VAL E 25 30.66 21.89 35.75
N ALA E 26 30.07 22.86 36.46
CA ALA E 26 29.05 23.70 35.84
C ALA E 26 29.65 24.51 34.69
N LYS E 27 30.84 25.07 34.89
CA LYS E 27 31.51 25.81 33.82
C LYS E 27 31.80 24.91 32.64
N GLU E 28 32.29 23.69 32.90
CA GLU E 28 32.59 22.77 31.81
C GLU E 28 31.32 22.43 31.03
N ILE E 29 30.23 22.13 31.73
CA ILE E 29 28.99 21.77 31.05
C ILE E 29 28.46 22.95 30.26
N ALA E 30 28.52 24.16 30.82
CA ALA E 30 28.06 25.34 30.11
C ALA E 30 28.88 25.58 28.85
N LYS E 31 30.20 25.44 28.95
CA LYS E 31 31.05 25.63 27.78
C LYS E 31 30.76 24.59 26.72
N ILE E 32 30.54 23.33 27.11
CA ILE E 32 30.24 22.28 26.15
C ILE E 32 28.92 22.56 25.46
N ALA E 33 27.90 22.95 26.24
CA ALA E 33 26.57 23.13 25.67
C ALA E 33 26.50 24.35 24.77
N GLN E 34 27.03 25.49 25.23
CA GLN E 34 26.94 26.71 24.44
C GLN E 34 27.72 26.60 23.15
N GLY E 35 28.90 25.99 23.19
CA GLY E 35 29.69 25.85 21.97
C GLY E 35 30.07 27.20 21.41
N GLY E 36 29.90 27.34 20.09
CA GLY E 36 30.22 28.59 19.45
C GLY E 36 31.72 28.82 19.31
N HIS E 37 32.08 30.09 19.14
CA HIS E 37 33.48 30.44 18.96
C HIS E 37 34.30 30.29 20.24
N GLU E 38 33.64 30.17 21.40
CA GLU E 38 34.37 30.03 22.65
C GLU E 38 35.06 28.68 22.78
N LEU E 39 34.70 27.71 21.95
CA LEU E 39 35.32 26.40 22.03
C LEU E 39 36.78 26.45 21.62
N ASP E 40 37.63 25.74 22.36
CA ASP E 40 39.04 25.61 22.03
C ASP E 40 39.31 24.20 21.56
N PRO E 41 39.71 23.99 20.30
CA PRO E 41 39.91 22.63 19.81
C PRO E 41 40.94 21.84 20.60
N GLU E 42 41.94 22.51 21.17
CA GLU E 42 42.98 21.82 21.91
C GLU E 42 42.40 20.95 23.01
N ASP E 43 41.34 21.42 23.67
CA ASP E 43 40.73 20.69 24.78
C ASP E 43 39.96 19.46 24.33
N TYR E 44 39.72 19.29 23.04
CA TYR E 44 38.91 18.18 22.54
C TYR E 44 39.65 17.40 21.48
N LEU E 45 40.91 17.08 21.76
CA LEU E 45 41.77 16.35 20.83
C LEU E 45 41.92 14.91 21.30
N LEU E 46 41.60 13.97 20.42
CA LEU E 46 41.90 12.56 20.68
C LEU E 46 43.23 12.20 20.00
N ILE E 47 44.26 12.94 20.39
CA ILE E 47 45.58 12.81 19.78
C ILE E 47 46.16 11.44 20.10
N ARG E 48 46.89 10.86 19.14
CA ARG E 48 47.57 9.59 19.32
C ARG E 48 48.85 9.80 20.14
N ASP E 49 48.65 10.23 21.38
CA ASP E 49 49.69 10.27 22.41
C ASP E 49 50.89 11.11 21.97
N GLU E 50 50.63 12.40 21.78
CA GLU E 50 51.68 13.40 21.54
C GLU E 50 52.49 13.08 20.28
N GLU E 51 51.82 13.19 19.14
CA GLU E 51 52.51 13.09 17.85
C GLU E 51 53.06 14.47 17.49
N SER E 52 53.60 14.60 16.29
CA SER E 52 54.26 15.85 15.89
C SER E 52 53.26 17.00 15.93
N PRO E 53 53.66 18.18 16.44
CA PRO E 53 52.72 19.30 16.51
C PRO E 53 52.20 19.78 15.18
N GLY E 54 52.95 19.58 14.09
CA GLY E 54 52.46 20.01 12.79
C GLY E 54 51.17 19.32 12.39
N VAL E 55 51.14 17.99 12.53
CA VAL E 55 49.91 17.26 12.25
C VAL E 55 48.82 17.62 13.25
N THR E 56 49.19 17.93 14.49
CA THR E 56 48.18 18.35 15.46
C THR E 56 47.50 19.64 15.02
N LYS E 57 48.28 20.62 14.57
CA LYS E 57 47.68 21.87 14.11
C LYS E 57 46.90 21.66 12.81
N LYS E 58 47.37 20.77 11.93
CA LYS E 58 46.61 20.47 10.72
C LYS E 58 45.27 19.85 11.07
N ARG E 59 45.25 18.97 12.07
CA ARG E 59 43.99 18.38 12.53
C ARG E 59 43.09 19.44 13.16
N ILE E 60 43.68 20.35 13.94
CA ILE E 60 42.91 21.42 14.58
C ILE E 60 42.26 22.30 13.52
N GLU E 61 42.93 22.52 12.40
CA GLU E 61 42.35 23.32 11.33
C GLU E 61 41.03 22.75 10.82
N LYS E 62 40.79 21.46 11.04
CA LYS E 62 39.58 20.79 10.59
C LYS E 62 38.55 20.63 11.70
N PHE E 63 38.47 21.59 12.62
CA PHE E 63 37.55 21.52 13.75
C PHE E 63 36.22 22.13 13.34
N ALA E 64 35.19 21.29 13.23
CA ALA E 64 33.84 21.72 12.89
C ALA E 64 32.90 21.20 13.96
N PRO E 65 32.70 21.95 15.04
CA PRO E 65 31.88 21.44 16.14
C PRO E 65 30.43 21.32 15.75
N GLU E 66 29.85 20.17 16.04
CA GLU E 66 28.43 19.92 15.84
C GLU E 66 27.78 19.85 17.22
N ASN E 67 27.26 20.99 17.68
CA ASN E 67 26.72 21.11 19.03
C ASN E 67 25.28 20.59 19.05
N TYR E 68 25.16 19.27 19.01
CA TYR E 68 23.83 18.66 19.13
C TYR E 68 23.22 18.92 20.50
N LEU E 69 24.05 19.05 21.54
CA LEU E 69 23.52 19.42 22.84
C LEU E 69 22.90 20.81 22.81
N GLY E 70 23.54 21.75 22.10
CA GLY E 70 22.93 23.05 21.93
C GLY E 70 21.61 22.99 21.20
N ALA E 71 21.53 22.12 20.19
CA ALA E 71 20.27 21.94 19.47
C ALA E 71 19.19 21.38 20.39
N ALA E 72 19.56 20.42 21.25
CA ALA E 72 18.58 19.87 22.19
C ALA E 72 18.11 20.92 23.18
N ILE E 73 19.03 21.75 23.68
CA ILE E 73 18.66 22.82 24.59
C ILE E 73 17.72 23.80 23.91
N ARG E 74 18.04 24.16 22.66
CA ARG E 74 17.17 25.04 21.88
C ARG E 74 15.79 24.43 21.70
N LEU E 75 15.73 23.14 21.39
CA LEU E 75 14.45 22.47 21.20
C LEU E 75 13.62 22.48 22.48
N GLN E 76 14.26 22.16 23.61
CA GLN E 76 13.52 22.17 24.88
C GLN E 76 13.04 23.55 25.24
N ARG E 77 13.88 24.57 25.04
CA ARG E 77 13.46 25.94 25.34
C ARG E 77 12.28 26.36 24.48
N VAL E 78 12.34 26.04 23.18
CA VAL E 78 11.26 26.42 22.28
C VAL E 78 9.97 25.70 22.64
N LEU E 79 10.07 24.40 22.92
CA LEU E 79 8.89 23.63 23.31
C LEU E 79 8.26 24.18 24.57
N GLN E 80 9.06 24.53 25.57
CA GLN E 80 8.51 25.12 26.78
C GLN E 80 7.93 26.49 26.52
N LYS E 81 8.56 27.28 25.65
CA LYS E 81 8.03 28.58 25.27
C LYS E 81 6.68 28.45 24.57
N SER E 82 6.41 27.32 23.93
CA SER E 82 5.13 27.11 23.26
C SER E 82 3.95 27.11 24.23
N GLY E 83 4.19 26.95 25.52
CA GLY E 83 3.12 26.94 26.49
C GLY E 83 2.57 28.33 26.76
N VAL E 84 1.59 28.38 27.65
CA VAL E 84 0.90 29.60 28.02
C VAL E 84 1.09 29.84 29.51
N LEU E 85 1.46 31.07 29.87
CA LEU E 85 1.60 31.49 31.26
C LEU E 85 0.67 32.65 31.52
N GLU E 86 -0.16 32.54 32.55
CA GLU E 86 -1.19 33.51 32.84
C GLU E 86 -1.17 33.89 34.32
N ILE E 87 -1.54 35.13 34.60
CA ILE E 87 -1.61 35.65 35.96
C ILE E 87 -3.04 36.11 36.22
N LYS E 88 -3.64 35.61 37.30
CA LYS E 88 -4.97 36.06 37.67
C LYS E 88 -4.88 37.42 38.34
N SER E 89 -5.46 38.44 37.71
CA SER E 89 -5.31 39.81 38.19
C SER E 89 -5.94 39.99 39.57
N ASP E 90 -7.10 39.39 39.81
CA ASP E 90 -7.81 39.61 41.07
C ASP E 90 -7.03 39.11 42.27
N SER E 91 -6.13 38.15 42.09
CA SER E 91 -5.34 37.62 43.20
C SER E 91 -4.12 38.47 43.53
N LEU E 92 -3.81 39.46 42.71
CA LEU E 92 -2.66 40.32 42.99
C LEU E 92 -2.98 41.25 44.15
N PRO E 93 -2.18 41.27 45.21
CA PRO E 93 -2.45 42.20 46.30
C PRO E 93 -2.16 43.63 45.91
N GLY E 94 -2.78 44.56 46.63
CA GLY E 94 -2.56 45.96 46.38
C GLY E 94 -3.21 46.45 45.09
N ASP E 95 -2.78 47.63 44.68
CA ASP E 95 -3.31 48.25 43.47
C ASP E 95 -2.93 47.43 42.24
N LEU E 96 -3.90 47.27 41.33
CA LEU E 96 -3.64 46.55 40.10
C LEU E 96 -2.85 47.39 39.09
N THR E 97 -3.04 48.71 39.13
CA THR E 97 -2.38 49.58 38.16
C THR E 97 -0.86 49.49 38.28
N VAL E 98 -0.34 49.49 39.51
CA VAL E 98 1.09 49.38 39.69
C VAL E 98 1.58 48.02 39.21
N TRP E 99 0.78 46.97 39.40
CA TRP E 99 1.16 45.66 38.90
C TRP E 99 1.27 45.66 37.37
N GLU E 100 0.30 46.29 36.70
CA GLU E 100 0.37 46.38 35.25
C GLU E 100 1.57 47.19 34.79
N SER E 101 1.85 48.31 35.48
CA SER E 101 3.00 49.13 35.14
C SER E 101 4.29 48.32 35.28
N PHE E 102 4.41 47.54 36.35
CA PHE E 102 5.57 46.69 36.52
C PHE E 102 5.64 45.63 35.41
N PHE E 103 4.51 45.03 35.08
CA PHE E 103 4.49 43.97 34.07
C PHE E 103 4.75 44.50 32.67
N ASN E 104 4.68 45.81 32.46
CA ASN E 104 5.12 46.36 31.19
C ASN E 104 6.58 46.05 30.92
N LYS E 105 7.42 46.18 31.94
CA LYS E 105 8.86 45.88 31.84
C LYS E 105 9.30 45.27 33.16
N VAL E 106 9.41 43.93 33.18
CA VAL E 106 9.73 43.23 34.42
C VAL E 106 11.22 43.22 34.73
N ASP E 107 12.08 43.61 33.79
CA ASP E 107 13.51 43.61 34.03
C ASP E 107 14.17 44.62 33.10
N LYS E 108 15.47 44.83 33.32
CA LYS E 108 16.22 45.79 32.53
C LYS E 108 16.38 45.35 31.09
N ARG E 109 16.11 44.09 30.77
CA ARG E 109 16.20 43.58 29.42
C ARG E 109 14.93 43.76 28.62
N ASN E 110 13.92 44.43 29.20
CA ASN E 110 12.66 44.79 28.57
C ASN E 110 11.76 43.60 28.27
N SER E 111 12.18 42.38 28.60
CA SER E 111 11.36 41.21 28.33
C SER E 111 10.14 41.20 29.24
N SER E 112 9.08 40.54 28.76
CA SER E 112 7.87 40.39 29.56
C SER E 112 8.08 39.30 30.61
N LEU E 113 7.06 39.08 31.44
CA LEU E 113 7.18 38.12 32.53
C LEU E 113 7.42 36.71 32.00
N LYS E 114 6.64 36.30 30.99
CA LYS E 114 6.81 34.96 30.44
C LYS E 114 8.18 34.81 29.80
N ASP E 115 8.64 35.83 29.07
CA ASP E 115 9.95 35.76 28.45
C ASP E 115 11.05 35.65 29.49
N PHE E 116 10.95 36.43 30.56
CA PHE E 116 11.96 36.37 31.62
C PHE E 116 11.96 35.00 32.29
N VAL E 117 10.78 34.45 32.57
CA VAL E 117 10.72 33.14 33.22
C VAL E 117 11.26 32.06 32.30
N ILE E 118 11.00 32.16 31.00
CA ILE E 118 11.54 31.18 30.06
C ILE E 118 13.05 31.31 29.98
N ASP E 119 13.57 32.53 30.03
CA ASP E 119 15.03 32.70 30.05
C ASP E 119 15.64 32.10 31.31
N VAL E 120 14.98 32.29 32.45
CA VAL E 120 15.45 31.66 33.69
C VAL E 120 15.43 30.15 33.56
N PHE E 121 14.36 29.61 32.97
CA PHE E 121 14.26 28.18 32.76
C PHE E 121 15.39 27.69 31.85
N THR E 122 15.70 28.44 30.81
CA THR E 122 16.78 28.06 29.91
C THR E 122 18.13 28.06 30.62
N GLU E 123 18.38 29.10 31.43
CA GLU E 123 19.63 29.16 32.17
C GLU E 123 19.76 27.99 33.12
N ALA E 124 18.66 27.63 33.78
CA ALA E 124 18.69 26.44 34.64
C ALA E 124 18.87 25.17 33.81
N LEU E 125 18.31 25.14 32.61
CA LEU E 125 18.40 23.97 31.76
C LEU E 125 19.84 23.69 31.35
N VAL E 126 20.58 24.74 30.95
CA VAL E 126 21.98 24.52 30.61
C VAL E 126 22.80 24.21 31.86
N ASN E 127 22.49 24.86 32.98
CA ASN E 127 23.14 24.57 34.25
C ASN E 127 22.21 24.97 35.37
N LYS E 128 21.96 24.05 36.30
CA LYS E 128 20.93 24.25 37.31
C LYS E 128 21.23 25.43 38.22
N TYR E 129 20.31 25.71 39.15
CA TYR E 129 20.46 26.79 40.14
C TYR E 129 20.61 28.15 39.45
N CYS E 130 19.54 28.57 38.78
CA CYS E 130 19.49 29.92 38.24
C CYS E 130 18.99 30.87 39.32
N TYR E 131 19.75 31.93 39.58
CA TYR E 131 19.47 32.84 40.67
C TYR E 131 18.92 34.16 40.14
N VAL E 132 17.87 34.65 40.78
CA VAL E 132 17.22 35.90 40.40
C VAL E 132 17.10 36.77 41.64
N GLN E 133 17.37 38.06 41.47
CA GLN E 133 17.26 39.03 42.55
C GLN E 133 16.28 40.12 42.16
N VAL E 134 15.52 40.61 43.13
CA VAL E 134 14.53 41.65 42.91
C VAL E 134 15.00 42.89 43.66
N GLU E 135 15.19 44.00 42.94
CA GLU E 135 15.69 45.22 43.57
C GLU E 135 14.91 46.42 43.09
N LEU E 136 15.35 47.60 43.52
CA LEU E 136 14.66 48.86 43.26
C LEU E 136 15.65 49.85 42.63
N SER E 137 15.19 51.10 42.50
CA SER E 137 16.05 52.20 42.11
C SER E 137 16.43 53.02 43.34
N LYS E 138 17.56 53.70 43.26
CA LYS E 138 18.13 54.43 44.39
C LYS E 138 17.93 55.93 44.20
N LEU E 139 17.39 56.58 45.23
CA LEU E 139 17.18 58.02 45.25
C LEU E 139 17.66 58.56 46.59
N ASP E 140 18.50 59.59 46.55
CA ASP E 140 19.09 60.17 47.75
C ASP E 140 18.92 61.69 47.73
N PHE E 141 18.54 62.25 48.87
CA PHE E 141 18.36 63.68 49.01
C PHE E 141 18.78 64.13 50.40
N ASP E 142 19.07 65.42 50.53
CA ASP E 142 19.49 66.01 51.80
C ASP E 142 18.36 66.85 52.38
N THR E 143 18.51 67.17 53.66
CA THR E 143 17.51 67.93 54.42
C THR E 143 16.13 67.29 54.29
N VAL E 144 16.11 65.97 54.46
CA VAL E 144 14.89 65.19 54.24
C VAL E 144 13.95 65.37 55.43
N THR E 145 12.69 65.65 55.12
CA THR E 145 11.63 65.71 56.11
C THR E 145 10.80 64.42 56.04
N GLU E 146 9.70 64.38 56.80
CA GLU E 146 8.85 63.19 56.78
C GLU E 146 8.17 63.02 55.43
N ALA E 147 7.74 64.12 54.81
CA ALA E 147 7.10 64.03 53.50
C ALA E 147 8.09 63.53 52.45
N GLU E 148 9.33 63.98 52.51
CA GLU E 148 10.34 63.52 51.56
C GLU E 148 10.59 62.02 51.73
N ALA E 149 10.66 61.54 52.98
CA ALA E 149 10.83 60.11 53.21
C ALA E 149 9.63 59.33 52.69
N GLU E 150 8.42 59.86 52.90
CA GLU E 150 7.22 59.20 52.39
C GLU E 150 7.27 59.09 50.87
N GLY E 151 7.67 60.17 50.20
CA GLY E 151 7.79 60.13 48.74
C GLY E 151 8.85 59.14 48.28
N ILE E 152 9.99 59.10 48.96
CA ILE E 152 11.04 58.16 48.61
C ILE E 152 10.55 56.73 48.76
N LEU E 153 9.82 56.44 49.83
CA LEU E 153 9.25 55.11 50.02
C LEU E 153 8.23 54.78 48.94
N SER E 154 7.44 55.77 48.53
CA SER E 154 6.39 55.54 47.54
C SER E 154 6.91 55.51 46.11
N THR E 155 8.17 55.90 45.87
CA THR E 155 8.72 55.94 44.51
C THR E 155 9.62 54.75 44.21
N ARG E 156 9.26 53.56 44.69
CA ARG E 156 10.06 52.37 44.43
C ARG E 156 9.58 51.65 43.18
N LYS E 157 10.50 51.32 42.28
CA LYS E 157 10.21 50.66 41.02
C LYS E 157 11.07 49.41 40.92
N PRO E 158 10.54 48.26 41.30
CA PRO E 158 11.37 47.05 41.34
C PRO E 158 11.59 46.46 39.95
N TYR E 159 12.63 45.63 39.87
CA TYR E 159 12.94 44.90 38.65
C TYR E 159 13.82 43.71 39.01
N TYR E 160 13.92 42.79 38.07
CA TYR E 160 14.63 41.53 38.26
C TYR E 160 16.03 41.60 37.67
N PHE E 161 16.90 40.73 38.19
CA PHE E 161 18.30 40.69 37.77
C PHE E 161 18.81 39.27 37.93
N LYS E 162 19.27 38.68 36.83
CA LYS E 162 19.73 37.30 36.84
C LYS E 162 21.19 37.25 37.24
N ILE E 163 21.48 36.64 38.39
CA ILE E 163 22.84 36.52 38.87
C ILE E 163 23.51 35.33 38.19
N PRO E 164 24.63 35.53 37.51
CA PRO E 164 25.33 34.39 36.89
C PRO E 164 25.75 33.38 37.93
N LEU E 165 25.65 32.10 37.55
CA LEU E 165 26.01 31.03 38.48
C LEU E 165 27.49 31.08 38.85
N GLN E 166 28.35 31.35 37.87
CA GLN E 166 29.78 31.40 38.13
C GLN E 166 30.16 32.55 39.05
N SER E 167 29.30 33.56 39.19
CA SER E 167 29.57 34.66 40.10
C SER E 167 29.11 34.37 41.52
N ILE E 168 28.42 33.25 41.75
CA ILE E 168 28.01 32.89 43.09
C ILE E 168 29.22 32.43 43.88
N MET E 169 29.36 32.95 45.10
CA MET E 169 30.50 32.60 45.94
C MET E 169 30.12 31.73 47.12
N VAL E 170 29.08 32.11 47.88
CA VAL E 170 28.63 31.31 49.01
C VAL E 170 27.17 31.65 49.26
N GLU E 171 26.42 30.68 49.77
CA GLU E 171 25.04 30.97 50.13
C GLU E 171 24.60 30.00 51.21
N LYS E 172 23.85 30.52 52.17
CA LYS E 172 23.18 29.71 53.18
C LYS E 172 21.71 29.65 52.83
N CYS E 173 21.23 28.46 52.50
CA CYS E 173 19.85 28.24 52.09
C CYS E 173 19.38 26.90 52.63
N ASP E 174 18.13 26.88 53.08
CA ASP E 174 17.47 25.66 53.52
C ASP E 174 16.38 25.32 52.50
N GLY E 175 16.46 24.12 51.94
CA GLY E 175 15.55 23.76 50.86
C GLY E 175 15.74 24.67 49.67
N ASP E 176 14.68 25.35 49.26
CA ASP E 176 14.76 26.34 48.19
C ASP E 176 14.89 27.76 48.69
N THR E 177 14.38 28.07 49.89
CA THR E 177 14.51 29.40 50.45
C THR E 177 15.96 29.68 50.78
N ILE E 178 16.41 30.90 50.46
CA ILE E 178 17.80 31.30 50.65
C ILE E 178 17.88 32.23 51.85
N GLN E 179 18.58 31.80 52.89
CA GLN E 179 18.76 32.65 54.07
C GLN E 179 19.61 33.87 53.73
N TRP E 180 20.77 33.65 53.11
CA TRP E 180 21.59 34.77 52.68
C TRP E 180 22.55 34.28 51.60
N ILE E 181 23.14 35.23 50.88
CA ILE E 181 24.03 34.86 49.78
C ILE E 181 25.05 35.95 49.47
N LYS E 182 26.31 35.57 49.32
CA LYS E 182 27.37 36.46 48.90
C LYS E 182 27.85 36.05 47.52
N TYR E 183 27.83 36.98 46.59
CA TYR E 183 28.29 36.75 45.22
C TYR E 183 29.19 37.91 44.79
N LYS E 184 29.74 37.79 43.59
CA LYS E 184 30.65 38.78 43.04
C LYS E 184 30.05 39.41 41.80
N ARG E 185 30.57 40.58 41.45
CA ARG E 185 30.05 41.34 40.32
C ARG E 185 31.17 42.22 39.77
N LEU E 186 31.59 41.94 38.55
CA LEU E 186 32.62 42.73 37.87
C LEU E 186 31.91 43.76 37.00
N ASP E 187 31.94 45.02 37.41
CA ASP E 187 31.26 46.08 36.68
C ASP E 187 32.28 46.96 35.99
N LYS E 188 32.09 47.18 34.70
CA LYS E 188 33.04 47.91 33.88
C LYS E 188 32.57 49.35 33.70
N ILE E 189 33.40 50.29 34.13
CA ILE E 189 33.17 51.70 33.86
C ILE E 189 33.79 52.00 32.51
N ASP E 190 32.95 52.23 31.51
CA ASP E 190 33.40 52.48 30.14
C ASP E 190 33.56 53.97 29.93
N ASN E 191 34.73 54.36 29.43
CA ASN E 191 35.00 55.75 29.13
C ASN E 191 34.95 55.95 27.63
N PRO E 192 34.16 56.89 27.12
CA PRO E 192 34.03 57.04 25.66
C PRO E 192 35.33 57.41 24.97
N PHE E 193 36.31 57.95 25.68
CA PHE E 193 37.57 58.36 25.08
C PHE E 193 38.75 57.90 25.92
N ASP E 194 38.66 56.69 26.49
CA ASP E 194 39.74 56.16 27.31
C ASP E 194 39.54 54.66 27.46
N LYS E 195 40.56 54.01 28.00
CA LYS E 195 40.53 52.58 28.24
C LYS E 195 39.46 52.24 29.27
N THR E 196 38.80 51.09 29.07
CA THR E 196 37.78 50.64 30.00
C THR E 196 38.39 50.38 31.38
N ILE E 197 37.73 50.87 32.41
CA ILE E 197 38.13 50.62 33.79
C ILE E 197 37.23 49.54 34.36
N TYR E 198 37.75 48.77 35.31
CA TYR E 198 37.01 47.69 35.94
C TYR E 198 36.92 47.89 37.44
N ASN E 199 35.76 47.57 38.02
CA ASN E 199 35.59 47.52 39.44
C ASN E 199 35.07 46.15 39.84
N MET E 200 35.44 45.70 41.02
CA MET E 200 35.05 44.40 41.53
C MET E 200 34.25 44.61 42.81
N SER E 201 32.99 44.21 42.80
CA SER E 201 32.11 44.36 43.95
C SER E 201 31.75 42.98 44.49
N TYR E 202 31.76 42.86 45.81
CA TYR E 202 31.29 41.68 46.49
C TYR E 202 30.00 42.04 47.22
N VAL E 203 28.91 41.40 46.85
CA VAL E 203 27.58 41.75 47.33
C VAL E 203 27.12 40.64 48.27
N LEU E 204 26.80 41.01 49.50
CA LEU E 204 26.23 40.11 50.49
C LEU E 204 24.80 40.54 50.74
N ILE E 205 23.85 39.65 50.43
CA ILE E 205 22.43 39.90 50.62
C ILE E 205 21.99 39.07 51.81
N ASP E 206 21.40 39.74 52.79
CA ASP E 206 21.02 39.17 54.07
C ASP E 206 19.51 39.25 54.24
N ASP E 207 19.05 38.90 55.44
CA ASP E 207 17.61 38.88 55.71
C ASP E 207 17.01 40.28 55.61
N GLN E 208 17.68 41.27 56.20
CA GLN E 208 17.14 42.64 56.19
C GLN E 208 18.17 43.68 55.79
N HIS E 209 19.35 43.27 55.33
CA HIS E 209 20.37 44.21 54.88
C HIS E 209 21.04 43.68 53.62
N ILE E 210 21.57 44.61 52.82
CA ILE E 210 22.38 44.27 51.65
C ILE E 210 23.61 45.16 51.69
N THR E 211 24.78 44.54 51.50
CA THR E 211 26.06 45.21 51.65
C THR E 211 26.92 44.94 50.43
N THR E 212 27.79 45.90 50.10
CA THR E 212 28.70 45.77 48.98
C THR E 212 30.08 46.26 49.37
N TRP E 213 31.10 45.46 49.07
CA TRP E 213 32.49 45.87 49.19
C TRP E 213 33.06 46.04 47.80
N THR E 214 33.58 47.23 47.50
CA THR E 214 33.99 47.56 46.14
C THR E 214 35.48 47.86 46.09
N TYR E 215 36.18 47.19 45.19
CA TYR E 215 37.56 47.49 44.83
C TYR E 215 37.56 48.21 43.49
N TYR E 216 38.17 49.39 43.44
CA TYR E 216 38.09 50.27 42.30
C TYR E 216 39.34 50.18 41.44
N ASP E 217 39.15 50.24 40.13
CA ASP E 217 40.22 50.25 39.14
C ASP E 217 41.16 49.05 39.35
N ILE E 218 40.59 47.88 39.16
CA ILE E 218 41.31 46.63 39.36
C ILE E 218 41.52 45.97 38.00
N ILE E 219 42.29 44.90 38.00
CA ILE E 219 42.52 44.07 36.82
C ILE E 219 41.98 42.67 37.12
N VAL E 220 41.17 42.16 36.22
CA VAL E 220 40.61 40.82 36.40
C VAL E 220 41.69 39.80 36.12
N SER E 221 41.74 38.76 36.95
CA SER E 221 42.70 37.68 36.80
C SER E 221 42.10 36.52 36.03
N ASP E 222 42.97 35.59 35.61
CA ASP E 222 42.51 34.42 34.87
C ASP E 222 41.61 33.52 35.69
N SER E 223 41.69 33.59 37.02
CA SER E 223 40.81 32.82 37.90
C SER E 223 39.49 33.52 38.18
N GLY E 224 39.24 34.66 37.53
CA GLY E 224 38.04 35.43 37.78
C GLY E 224 38.15 36.39 38.94
N GLY E 225 39.27 36.43 39.63
CA GLY E 225 39.48 37.32 40.75
C GLY E 225 40.25 38.56 40.37
N ILE E 226 40.85 39.18 41.38
CA ILE E 226 41.63 40.41 41.21
C ILE E 226 43.10 40.06 41.13
N SER E 227 43.79 40.59 40.13
CA SER E 227 45.23 40.41 39.99
C SER E 227 46.00 41.66 40.39
N LYS E 228 45.66 42.81 39.83
CA LYS E 228 46.34 44.06 40.12
C LYS E 228 45.29 45.12 40.43
N ILE E 229 45.67 46.08 41.28
CA ILE E 229 44.79 47.19 41.62
C ILE E 229 45.55 48.48 41.42
N TRP E 230 44.80 49.57 41.20
CA TRP E 230 45.39 50.88 41.07
C TRP E 230 45.84 51.39 42.44
N ASP E 231 46.87 52.23 42.42
CA ASP E 231 47.37 52.86 43.64
C ASP E 231 47.83 54.25 43.25
N GLN E 232 47.10 55.27 43.71
CA GLN E 232 47.44 56.63 43.38
C GLN E 232 48.76 57.05 44.02
N SER E 233 49.03 56.55 45.23
CA SER E 233 50.29 56.85 45.89
C SER E 233 51.50 56.27 45.17
N LEU E 234 51.29 55.25 44.36
CA LEU E 234 52.39 54.62 43.63
C LEU E 234 52.95 55.59 42.59
N ASN E 235 54.02 55.15 41.94
CA ASN E 235 54.70 55.94 40.90
C ASN E 235 55.08 57.31 41.43
N TYR E 236 55.65 57.35 42.63
CA TYR E 236 56.04 58.58 43.30
C TYR E 236 54.84 59.51 43.46
N GLY E 237 53.68 58.93 43.73
CA GLY E 237 52.45 59.68 43.90
C GLY E 237 51.63 59.84 42.64
N LYS E 238 52.16 59.43 41.49
CA LYS E 238 51.40 59.55 40.25
C LYS E 238 50.40 58.42 40.07
N GLY E 239 50.66 57.27 40.68
CA GLY E 239 49.75 56.16 40.63
C GLY E 239 50.14 55.14 39.57
N ALA E 240 49.95 53.87 39.90
CA ALA E 240 50.26 52.77 38.98
C ALA E 240 49.54 51.51 39.47
N TYR E 241 49.66 50.45 38.68
CA TYR E 241 49.04 49.18 39.02
C TYR E 241 50.02 48.33 39.83
N ARG E 242 49.57 47.86 40.99
CA ARG E 242 50.39 47.03 41.87
C ARG E 242 49.62 45.78 42.24
N SER E 243 50.37 44.74 42.61
CA SER E 243 49.75 43.46 42.93
C SER E 243 48.83 43.58 44.14
N ILE E 244 47.76 42.79 44.13
CA ILE E 244 46.77 42.83 45.19
C ILE E 244 47.34 42.20 46.45
N ASP E 245 47.07 42.82 47.60
CA ASP E 245 47.49 42.29 48.89
C ASP E 245 46.30 41.64 49.57
N LYS E 246 46.45 40.37 49.95
CA LYS E 246 45.35 39.61 50.52
C LYS E 246 45.10 39.92 51.98
N GLU E 247 45.95 40.72 52.63
CA GLU E 247 45.76 41.08 54.02
C GLU E 247 45.70 42.57 54.28
N LYS E 248 46.23 43.41 53.39
CA LYS E 248 46.28 44.84 53.61
C LYS E 248 45.35 45.65 52.73
N ASP E 249 44.97 45.12 51.56
CA ASP E 249 44.05 45.81 50.67
C ASP E 249 42.63 45.53 51.13
N LYS E 250 42.02 46.52 51.78
CA LYS E 250 40.71 46.37 52.39
C LYS E 250 39.71 47.28 51.70
N ALA E 251 38.47 46.79 51.57
CA ALA E 251 37.39 47.54 50.96
C ALA E 251 36.40 47.96 52.03
N ASP E 252 36.00 49.22 52.02
CA ASP E 252 35.05 49.72 52.99
C ASP E 252 33.64 49.33 52.58
N PRO E 253 32.88 48.63 53.43
CA PRO E 253 31.53 48.24 53.04
C PRO E 253 30.59 49.43 52.93
N VAL E 254 29.64 49.31 52.01
CA VAL E 254 28.50 50.22 51.92
C VAL E 254 27.25 49.36 51.99
N SER E 255 26.41 49.61 52.98
CA SER E 255 25.27 48.75 53.24
C SER E 255 24.01 49.57 53.44
N PHE E 256 22.87 48.95 53.16
CA PHE E 256 21.59 49.57 53.47
C PHE E 256 20.54 48.47 53.65
N ALA E 257 19.47 48.82 54.34
CA ALA E 257 18.41 47.89 54.67
C ALA E 257 17.30 48.00 53.63
N HIS E 258 17.01 46.89 52.97
CA HIS E 258 15.95 46.87 51.97
C HIS E 258 14.56 46.72 52.57
N ASN E 259 14.47 46.37 53.85
CA ASN E 259 13.20 46.26 54.56
C ASN E 259 12.26 45.24 53.92
N ARG E 260 12.83 44.29 53.18
CA ARG E 260 12.01 43.23 52.60
C ARG E 260 11.51 42.25 53.64
N GLY E 261 12.22 42.09 54.75
CA GLY E 261 11.89 41.09 55.73
C GLY E 261 12.41 39.70 55.40
N SER E 262 12.95 39.51 54.20
CA SER E 262 13.52 38.23 53.80
C SER E 262 14.52 38.51 52.68
N CYS E 263 15.35 37.52 52.39
CA CYS E 263 16.37 37.69 51.36
C CYS E 263 15.70 37.84 50.00
N PRO E 264 15.90 38.96 49.30
CA PRO E 264 15.20 39.19 48.03
C PRO E 264 15.85 38.48 46.85
N VAL E 265 16.06 37.18 47.00
CA VAL E 265 16.56 36.34 45.92
C VAL E 265 15.72 35.07 45.85
N VAL E 266 15.64 34.49 44.66
CA VAL E 266 14.95 33.24 44.42
C VAL E 266 15.81 32.37 43.53
N ARG E 267 15.90 31.09 43.86
CA ARG E 267 16.69 30.15 43.08
C ARG E 267 15.75 29.16 42.41
N TYR E 268 15.85 29.05 41.09
CA TYR E 268 15.16 28.00 40.35
C TYR E 268 16.12 26.83 40.20
N ARG E 269 15.69 25.65 40.63
CA ARG E 269 16.52 24.46 40.68
C ARG E 269 15.81 23.38 39.88
N MET E 270 16.34 23.09 38.68
CA MET E 270 15.79 22.00 37.89
C MET E 270 16.05 20.67 38.58
N ASP E 271 15.03 19.81 38.57
CA ASP E 271 15.16 18.51 39.23
C ASP E 271 16.25 17.68 38.57
N GLU E 272 16.96 16.91 39.39
CA GLU E 272 18.11 16.15 38.89
C GLU E 272 17.70 15.15 37.82
N SER E 273 16.55 14.47 38.02
CA SER E 273 16.09 13.52 37.02
C SER E 273 15.74 14.22 35.71
N LEU E 274 15.38 15.49 35.76
CA LEU E 274 15.04 16.25 34.55
C LEU E 274 16.26 16.91 33.92
N TYR E 275 17.29 17.20 34.70
CA TYR E 275 18.47 17.89 34.19
C TYR E 275 19.28 16.92 33.33
N MET E 276 19.14 17.05 32.01
CA MET E 276 19.78 16.13 31.08
C MET E 276 21.19 16.55 30.69
N ALA E 277 21.52 17.84 30.80
CA ALA E 277 22.82 18.32 30.36
C ALA E 277 23.97 17.66 31.13
N ASP E 278 23.70 17.19 32.35
CA ASP E 278 24.72 16.52 33.14
C ASP E 278 25.13 15.19 32.54
N GLN E 279 24.31 14.61 31.66
CA GLN E 279 24.52 13.26 31.19
C GLN E 279 24.82 13.17 29.69
N VAL E 280 25.04 14.31 29.02
CA VAL E 280 25.28 14.28 27.59
C VAL E 280 26.49 15.12 27.23
N TYR E 281 26.96 15.95 28.16
CA TYR E 281 28.06 16.87 27.84
C TYR E 281 29.32 16.10 27.49
N LEU E 282 29.60 15.00 28.20
CA LEU E 282 30.72 14.14 27.84
C LEU E 282 30.52 13.57 26.44
N ALA E 283 29.29 13.16 26.12
CA ALA E 283 29.02 12.70 24.76
C ALA E 283 29.25 13.80 23.74
N GLN E 284 28.92 15.04 24.10
CA GLN E 284 29.11 16.14 23.16
C GLN E 284 30.59 16.41 22.90
N ARG E 285 31.42 16.39 23.95
CA ARG E 285 32.85 16.60 23.72
C ARG E 285 33.45 15.41 22.98
N MET E 286 32.95 14.20 23.23
CA MET E 286 33.35 13.05 22.44
C MET E 286 32.99 13.25 20.98
N ILE E 287 31.82 13.82 20.71
CA ILE E 287 31.41 14.11 19.34
C ILE E 287 32.37 15.11 18.70
N TYR E 288 32.75 16.14 19.44
CA TYR E 288 33.73 17.11 18.93
C TYR E 288 35.02 16.40 18.50
N GLY E 289 35.58 15.60 19.41
CA GLY E 289 36.83 14.94 19.10
C GLY E 289 36.73 13.97 17.95
N LEU E 290 35.65 13.16 17.94
CA LEU E 290 35.46 12.19 16.89
C LEU E 290 35.25 12.86 15.53
N SER E 291 34.50 13.96 15.50
CA SER E 291 34.31 14.67 14.25
C SER E 291 35.62 15.23 13.73
N MET E 292 36.44 15.80 14.61
CA MET E 292 37.73 16.31 14.18
C MET E 292 38.59 15.20 13.59
N ASN E 293 38.66 14.06 14.29
CA ASN E 293 39.46 12.95 13.79
C ASN E 293 38.91 12.43 12.47
N LEU E 294 37.59 12.33 12.35
CA LEU E 294 36.98 11.83 11.12
C LEU E 294 37.30 12.73 9.94
N PHE E 295 37.16 14.05 10.12
CA PHE E 295 37.47 14.96 9.02
C PHE E 295 38.95 14.91 8.67
N HIS E 296 39.82 14.80 9.66
CA HIS E 296 41.25 14.70 9.37
C HIS E 296 41.55 13.44 8.56
N THR E 297 40.97 12.31 8.96
CA THR E 297 41.20 11.06 8.23
C THR E 297 40.66 11.14 6.81
N ALA E 298 39.46 11.70 6.64
CA ALA E 298 38.87 11.80 5.31
C ALA E 298 39.69 12.71 4.43
N ALA E 299 40.19 13.83 4.97
CA ALA E 299 41.02 14.72 4.17
C ALA E 299 42.33 14.05 3.78
N ASN E 300 42.95 13.31 4.71
CA ASN E 300 44.22 12.68 4.41
C ASN E 300 44.09 11.43 3.56
N ALA E 301 42.88 10.91 3.38
CA ALA E 301 42.69 9.73 2.53
C ALA E 301 41.63 9.97 1.45
N GLY E 302 41.29 11.22 1.18
CA GLY E 302 40.24 11.51 0.21
C GLY E 302 40.70 11.62 -1.22
N PHE E 303 41.99 11.85 -1.45
CA PHE E 303 42.46 12.04 -2.81
C PHE E 303 42.51 10.72 -3.56
N VAL E 304 42.63 10.81 -4.89
CA VAL E 304 42.72 9.65 -5.75
C VAL E 304 44.10 9.62 -6.37
N GLN E 305 44.82 8.53 -6.16
CA GLN E 305 46.18 8.40 -6.67
C GLN E 305 46.20 7.48 -7.89
N LYS E 306 47.00 7.84 -8.88
CA LYS E 306 47.09 7.07 -10.10
C LYS E 306 48.54 6.68 -10.37
N TRP E 307 48.81 5.39 -10.32
CA TRP E 307 50.17 4.90 -10.54
C TRP E 307 50.25 4.11 -11.83
N ILE E 308 51.48 3.92 -12.31
CA ILE E 308 51.74 3.24 -13.56
C ILE E 308 52.76 2.15 -13.33
N ARG E 309 52.95 1.33 -14.34
CA ARG E 309 54.04 0.38 -14.41
C ARG E 309 54.68 0.58 -15.78
N PRO E 310 55.83 1.24 -15.86
CA PRO E 310 56.36 1.63 -17.17
C PRO E 310 56.60 0.43 -18.06
N TYR E 311 56.36 0.63 -19.35
CA TYR E 311 56.52 -0.42 -20.35
C TYR E 311 57.90 -0.33 -20.97
N ILE E 312 58.59 -1.47 -21.04
CA ILE E 312 59.94 -1.50 -21.56
C ILE E 312 59.99 -2.24 -22.90
N PRO E 332 68.53 2.26 -15.66
CA PRO E 332 68.77 3.63 -16.12
C PRO E 332 67.81 4.63 -15.49
N LYS E 333 68.24 5.29 -14.41
CA LYS E 333 67.35 6.19 -13.69
C LYS E 333 66.99 7.41 -14.55
N GLU E 334 67.93 7.88 -15.37
CA GLU E 334 67.63 9.00 -16.26
C GLU E 334 66.57 8.62 -17.29
N ALA E 335 66.66 7.40 -17.81
CA ALA E 335 65.63 6.92 -18.74
C ALA E 335 64.29 6.81 -18.04
N LEU E 336 64.29 6.36 -16.78
CA LEU E 336 63.04 6.29 -16.03
C LEU E 336 62.46 7.67 -15.80
N ASN E 337 63.31 8.66 -15.51
CA ASN E 337 62.82 10.02 -15.37
C ASN E 337 62.20 10.53 -16.66
N GLU E 338 62.86 10.27 -17.79
CA GLU E 338 62.29 10.65 -19.07
C GLU E 338 60.94 9.97 -19.29
N ILE E 339 60.83 8.70 -18.94
CA ILE E 339 59.58 7.96 -19.11
C ILE E 339 58.43 8.56 -18.30
N ILE E 340 58.65 8.80 -17.01
CA ILE E 340 57.58 9.32 -16.16
C ILE E 340 57.17 10.72 -16.60
N LYS E 341 58.11 11.51 -17.11
CA LYS E 341 57.77 12.83 -17.61
C LYS E 341 56.81 12.67 -18.76
N LYS E 342 57.18 11.86 -19.74
CA LYS E 342 56.31 11.62 -20.89
C LYS E 342 54.95 11.10 -20.46
N TYR E 343 54.93 10.14 -19.55
CA TYR E 343 53.66 9.56 -19.09
C TYR E 343 52.74 10.63 -18.53
N ALA E 344 53.27 11.46 -17.64
CA ALA E 344 52.47 12.55 -17.06
C ALA E 344 51.90 13.45 -18.14
N GLU E 345 52.73 13.87 -19.09
CA GLU E 345 52.28 14.74 -20.16
C GLU E 345 51.13 14.12 -20.94
N SER E 346 51.27 12.86 -21.32
CA SER E 346 50.24 12.20 -22.11
C SER E 346 49.26 11.40 -21.27
N LEU E 347 48.74 12.00 -20.20
CA LEU E 347 47.75 11.32 -19.38
C LEU E 347 46.42 12.06 -19.42
N GLY E 348 45.70 11.94 -20.54
CA GLY E 348 44.41 12.58 -20.66
C GLY E 348 43.52 11.80 -21.60
N ASP E 349 42.33 12.36 -21.85
CA ASP E 349 41.39 11.72 -22.75
C ASP E 349 41.86 11.75 -24.19
N GLU E 350 42.70 12.72 -24.55
CA GLU E 350 43.15 12.90 -25.92
C GLU E 350 44.46 12.17 -26.20
N SER E 351 44.74 11.09 -25.46
CA SER E 351 45.98 10.35 -25.65
C SER E 351 45.77 8.91 -25.20
N VAL E 352 46.41 7.98 -25.92
CA VAL E 352 46.47 6.59 -25.52
C VAL E 352 47.87 6.30 -25.02
N ILE E 353 47.99 5.98 -23.75
CA ILE E 353 49.29 5.77 -23.15
C ILE E 353 49.73 4.33 -23.41
N MET E 354 51.03 4.11 -23.34
CA MET E 354 51.64 2.85 -23.76
C MET E 354 52.12 2.04 -22.57
N ALA E 355 51.50 2.21 -21.41
CA ALA E 355 52.02 1.68 -20.17
C ALA E 355 51.67 0.20 -20.03
N ASP E 356 51.98 -0.37 -18.87
CA ASP E 356 51.73 -1.78 -18.56
C ASP E 356 50.65 -1.99 -17.53
N PHE E 357 50.41 -1.00 -16.66
CA PHE E 357 49.35 -1.09 -15.66
C PHE E 357 49.11 0.31 -15.11
N PHE E 358 47.88 0.81 -15.24
CA PHE E 358 47.58 2.20 -14.89
C PHE E 358 46.28 2.29 -14.08
N THR E 359 46.15 1.47 -13.05
CA THR E 359 44.91 1.52 -12.28
C THR E 359 44.77 2.86 -11.58
N PHE E 360 43.52 3.28 -11.41
CA PHE E 360 43.19 4.47 -10.63
C PHE E 360 42.96 4.02 -9.19
N GLU E 361 43.96 4.23 -8.34
CA GLU E 361 43.86 3.78 -6.96
C GLU E 361 43.03 4.77 -6.16
N GLU E 362 42.06 4.25 -5.40
CA GLU E 362 41.12 5.09 -4.68
C GLU E 362 40.72 4.40 -3.38
N LEU E 363 40.44 5.21 -2.37
CA LEU E 363 39.94 4.68 -1.11
C LEU E 363 38.52 4.15 -1.28
N ALA E 364 38.30 2.91 -0.86
CA ALA E 364 36.95 2.35 -0.93
C ALA E 364 36.02 3.06 0.05
N GLY E 365 36.37 3.05 1.33
CA GLY E 365 35.63 3.79 2.33
C GLY E 365 34.68 2.90 3.10
N THR E 366 35.13 2.39 4.23
CA THR E 366 34.28 1.64 5.15
C THR E 366 34.50 2.13 6.57
N SER E 367 35.70 2.66 6.84
CA SER E 367 35.99 3.22 8.16
C SER E 367 35.36 4.60 8.33
N VAL E 368 35.28 5.37 7.25
CA VAL E 368 34.68 6.69 7.34
C VAL E 368 33.21 6.59 7.72
N GLU E 369 32.47 5.69 7.05
CA GLU E 369 31.09 5.47 7.44
C GLU E 369 30.96 4.81 8.80
N MET E 370 31.97 4.05 9.23
CA MET E 370 31.97 3.52 10.59
C MET E 370 32.02 4.65 11.61
N GLN E 371 32.94 5.59 11.43
CA GLN E 371 33.01 6.73 12.34
C GLN E 371 31.77 7.61 12.24
N ILE E 372 31.21 7.73 11.04
CA ILE E 372 29.96 8.46 10.89
C ILE E 372 28.85 7.80 11.69
N GLY E 373 28.77 6.47 11.65
CA GLY E 373 27.78 5.76 12.44
C GLY E 373 28.01 5.93 13.93
N LEU E 374 29.28 5.95 14.36
CA LEU E 374 29.57 6.17 15.77
C LEU E 374 29.10 7.55 16.22
N ILE E 375 29.41 8.59 15.43
CA ILE E 375 28.96 9.93 15.76
C ILE E 375 27.44 10.00 15.72
N GLU E 376 26.82 9.29 14.78
CA GLU E 376 25.36 9.28 14.70
C GLU E 376 24.75 8.64 15.93
N ARG E 377 25.35 7.55 16.43
CA ARG E 377 24.81 6.93 17.63
C ARG E 377 25.02 7.81 18.86
N LEU E 378 26.13 8.55 18.92
CA LEU E 378 26.30 9.51 20.01
C LEU E 378 25.23 10.59 19.96
N ARG E 379 24.96 11.11 18.76
CA ARG E 379 23.89 12.11 18.61
C ARG E 379 22.53 11.53 18.96
N ASN E 380 22.29 10.27 18.58
CA ASN E 380 21.03 9.62 18.92
C ASN E 380 20.89 9.48 20.43
N TYR E 381 21.97 9.13 21.12
CA TYR E 381 21.89 9.09 22.58
C TYR E 381 21.62 10.47 23.15
N ILE E 382 22.26 11.49 22.60
CA ILE E 382 22.04 12.85 23.09
C ILE E 382 20.57 13.23 22.95
N PHE E 383 19.96 12.89 21.81
CA PHE E 383 18.56 13.24 21.60
C PHE E 383 17.59 12.29 22.28
N THR E 384 18.04 11.11 22.70
CA THR E 384 17.19 10.22 23.46
C THR E 384 17.35 10.38 24.97
N ALA E 385 18.31 11.19 25.41
CA ALA E 385 18.35 11.55 26.83
C ALA E 385 17.05 12.24 27.23
N ILE E 386 16.57 13.14 26.40
CA ILE E 386 15.19 13.58 26.44
C ILE E 386 14.39 12.64 25.56
N LEU E 387 13.13 12.40 25.93
CA LEU E 387 12.35 11.40 25.21
C LEU E 387 11.93 11.92 23.84
N PHE E 388 12.90 12.11 22.96
CA PHE E 388 12.65 12.69 21.65
C PHE E 388 13.37 11.89 20.58
N ASN E 389 12.79 11.87 19.38
CA ASN E 389 13.34 11.14 18.24
C ASN E 389 13.85 12.13 17.20
N ASN E 390 15.15 12.06 16.90
CA ASN E 390 15.76 12.94 15.91
C ASN E 390 15.37 12.59 14.48
N ALA E 391 14.77 11.42 14.25
CA ALA E 391 14.40 11.01 12.91
C ALA E 391 13.37 11.95 12.29
N LYS E 392 12.73 12.79 13.10
CA LYS E 392 11.85 13.82 12.56
C LYS E 392 12.59 14.69 11.55
N PHE E 393 13.86 15.00 11.81
CA PHE E 393 14.67 15.79 10.90
C PHE E 393 15.90 15.01 10.44
N GLU E 394 15.71 13.74 10.13
CA GLU E 394 16.76 12.90 9.55
C GLU E 394 16.43 12.44 8.15
N GLN E 395 15.17 12.13 7.86
CA GLN E 395 14.75 11.69 6.54
C GLN E 395 13.30 12.05 6.28
N ALA E 404 -1.83 17.78 7.88
CA ALA E 404 -2.17 16.43 8.29
C ALA E 404 -0.98 15.74 8.95
N ALA E 405 -0.06 15.23 8.13
CA ALA E 405 1.12 14.55 8.66
C ALA E 405 2.27 15.52 8.86
N LYS E 406 2.67 16.23 7.81
CA LYS E 406 3.77 17.18 7.92
C LYS E 406 3.35 18.44 8.67
N GLU E 407 2.04 18.60 8.93
CA GLU E 407 1.58 19.74 9.72
C GLU E 407 2.20 19.73 11.11
N ILE E 408 2.54 18.57 11.64
CA ILE E 408 3.20 18.49 12.94
C ILE E 408 4.57 19.15 12.86
N ASP E 409 5.34 18.84 11.82
CA ASP E 409 6.65 19.48 11.64
C ASP E 409 6.49 20.97 11.40
N PHE E 410 5.46 21.37 10.65
CA PHE E 410 5.20 22.78 10.44
C PHE E 410 4.93 23.49 11.76
N TYR E 411 4.15 22.85 12.64
CA TYR E 411 3.88 23.43 13.96
C TYR E 411 5.15 23.48 14.80
N VAL E 412 6.02 22.47 14.67
CA VAL E 412 7.29 22.49 15.36
C VAL E 412 8.10 23.71 14.96
N GLN E 413 8.13 24.01 13.66
CA GLN E 413 8.76 25.25 13.21
C GLN E 413 8.04 26.48 13.77
N ASN E 414 6.71 26.44 13.78
CA ASN E 414 5.94 27.56 14.28
C ASN E 414 6.25 27.86 15.73
N LEU E 415 6.72 26.86 16.49
CA LEU E 415 7.07 27.10 17.88
C LEU E 415 8.23 28.10 17.99
N ALA E 416 9.33 27.84 17.28
CA ALA E 416 10.44 28.78 17.27
C ALA E 416 10.03 30.09 16.62
N LEU E 417 9.13 30.03 15.64
CA LEU E 417 8.61 31.26 15.06
C LEU E 417 7.90 32.09 16.11
N LYS E 418 7.12 31.46 16.98
CA LYS E 418 6.41 32.18 18.04
C LYS E 418 7.39 32.76 19.05
N ASP E 419 8.45 32.03 19.37
CA ASP E 419 9.46 32.57 20.29
C ASP E 419 10.10 33.82 19.72
N HIS E 420 10.59 33.74 18.49
CA HIS E 420 11.18 34.92 17.85
C HIS E 420 10.14 36.03 17.70
N GLY E 421 8.88 35.67 17.50
CA GLY E 421 7.84 36.69 17.39
C GLY E 421 7.61 37.42 18.69
N SER E 422 7.65 36.71 19.81
CA SER E 422 7.54 37.38 21.10
C SER E 422 8.70 38.34 21.31
N GLY E 423 9.93 37.90 20.99
CA GLY E 423 11.06 38.81 21.06
C GLY E 423 10.88 40.03 20.17
N ILE E 424 10.39 39.81 18.95
CA ILE E 424 10.17 40.90 18.01
C ILE E 424 9.13 41.87 18.53
N VAL E 425 8.07 41.35 19.15
CA VAL E 425 7.02 42.21 19.69
C VAL E 425 7.57 43.06 20.82
N GLU E 426 8.41 42.47 21.68
CA GLU E 426 9.04 43.26 22.74
C GLU E 426 9.89 44.38 22.15
N PHE E 427 10.71 44.05 21.16
CA PHE E 427 11.56 45.06 20.53
C PHE E 427 10.72 46.15 19.87
N THR E 428 9.62 45.76 19.22
CA THR E 428 8.75 46.72 18.55
C THR E 428 8.08 47.64 19.56
N ARG E 429 7.67 47.10 20.71
CA ARG E 429 7.11 47.95 21.75
C ARG E 429 8.13 48.97 22.23
N SER E 430 9.37 48.53 22.44
CA SER E 430 10.41 49.48 22.85
C SER E 430 10.64 50.55 21.79
N LEU E 431 10.70 50.14 20.51
CA LEU E 431 10.92 51.08 19.43
C LEU E 431 9.78 52.09 19.34
N LEU E 432 8.55 51.62 19.48
CA LEU E 432 7.40 52.52 19.42
C LEU E 432 7.39 53.48 20.61
N HIS E 433 7.81 53.01 21.78
CA HIS E 433 7.92 53.91 22.92
C HIS E 433 8.94 55.02 22.64
N HIS E 434 10.10 54.65 22.10
CA HIS E 434 11.10 55.66 21.78
C HIS E 434 10.59 56.62 20.71
N THR E 435 9.88 56.09 19.71
CA THR E 435 9.34 56.95 18.66
C THR E 435 8.32 57.93 19.22
N ALA E 436 7.44 57.46 20.11
CA ALA E 436 6.48 58.35 20.74
C ALA E 436 7.18 59.42 21.55
N LYS E 437 8.25 59.04 22.25
CA LYS E 437 9.04 60.04 22.95
C LYS E 437 9.68 61.04 21.99
N ALA E 438 9.99 60.60 20.77
CA ALA E 438 10.56 61.52 19.78
C ALA E 438 9.57 62.60 19.39
N PHE E 439 8.29 62.24 19.24
CA PHE E 439 7.26 63.24 18.92
C PHE E 439 7.00 64.20 20.06
N GLY E 440 7.60 63.98 21.24
CA GLY E 440 7.31 64.77 22.41
C GLY E 440 6.16 64.23 23.24
N TYR E 441 5.49 63.18 22.79
CA TYR E 441 4.45 62.56 23.59
C TYR E 441 5.08 61.76 24.73
N ASP E 442 4.38 61.73 25.86
CA ASP E 442 4.88 61.08 27.07
C ASP E 442 4.49 59.61 27.16
N SER E 443 4.30 58.95 26.03
CA SER E 443 3.86 57.55 25.97
C SER E 443 2.52 57.46 26.69
N GLY E 444 2.26 56.33 27.35
CA GLY E 444 0.98 56.12 28.00
C GLY E 444 0.31 54.86 27.49
N GLY E 445 0.08 53.90 28.38
CA GLY E 445 -0.36 52.59 27.96
C GLY E 445 0.72 51.74 27.32
N SER E 446 1.94 52.27 27.23
CA SER E 446 3.11 51.59 26.69
C SER E 446 2.91 51.10 25.26
N ILE E 447 1.89 51.59 24.57
CA ILE E 447 1.65 51.28 23.16
C ILE E 447 1.53 49.77 22.97
N VAL E 448 0.34 49.23 23.22
CA VAL E 448 0.17 47.78 23.13
C VAL E 448 0.36 47.33 21.69
N VAL E 449 1.03 46.20 21.53
CA VAL E 449 1.34 45.64 20.22
C VAL E 449 1.05 44.14 20.26
N SER E 450 0.33 43.65 19.26
CA SER E 450 0.00 42.24 19.17
C SER E 450 0.42 41.69 17.81
N GLY E 451 0.42 40.37 17.70
CA GLY E 451 0.80 39.68 16.49
C GLY E 451 2.04 38.84 16.70
N MET E 452 2.52 38.28 15.58
CA MET E 452 3.69 37.41 15.58
C MET E 452 3.55 36.25 16.55
N ASP E 453 2.33 35.73 16.70
CA ASP E 453 2.05 34.66 17.64
C ASP E 453 1.29 33.49 17.04
N ARG E 454 0.71 33.64 15.86
CA ARG E 454 -0.07 32.58 15.22
C ARG E 454 0.47 32.39 13.80
N TYR E 455 1.49 31.55 13.67
CA TYR E 455 2.05 31.17 12.39
C TYR E 455 1.39 29.87 11.95
N ASP E 456 0.60 29.93 10.89
CA ASP E 456 -0.16 28.76 10.46
C ASP E 456 -0.43 28.85 8.97
N VAL E 457 -0.36 27.70 8.29
CA VAL E 457 -0.68 27.65 6.87
C VAL E 457 -2.17 27.90 6.69
N ARG E 458 -2.50 28.74 5.70
CA ARG E 458 -3.89 29.05 5.38
C ARG E 458 -4.57 29.64 6.61
N PRO E 459 -4.22 30.85 7.03
CA PRO E 459 -4.72 31.39 8.30
C PRO E 459 -6.07 32.09 8.18
N ILE E 460 -6.47 32.45 6.96
CA ILE E 460 -7.67 33.27 6.79
C ILE E 460 -8.90 32.50 7.24
N GLU E 461 -9.07 31.27 6.74
CA GLU E 461 -10.26 30.52 7.09
C GLU E 461 -10.24 30.06 8.54
N GLN E 462 -9.07 29.96 9.17
CA GLN E 462 -9.03 29.69 10.60
C GLN E 462 -9.64 30.85 11.38
N VAL E 463 -9.30 32.08 11.01
CA VAL E 463 -9.90 33.24 11.65
C VAL E 463 -11.39 33.31 11.33
N LEU E 464 -11.78 32.94 10.11
CA LEU E 464 -13.20 32.90 9.76
C LEU E 464 -13.94 31.89 10.64
N SER E 465 -13.35 30.72 10.84
CA SER E 465 -13.96 29.71 11.71
C SER E 465 -14.06 30.22 13.14
N LEU E 466 -13.02 30.91 13.63
CA LEU E 466 -13.09 31.49 14.97
C LEU E 466 -14.24 32.48 15.07
N ILE E 467 -14.39 33.34 14.06
CA ILE E 467 -15.47 34.33 14.07
C ILE E 467 -16.81 33.63 14.09
N GLU E 468 -16.99 32.62 13.24
CA GLU E 468 -18.27 31.93 13.15
C GLU E 468 -18.60 31.22 14.45
N ARG E 469 -17.61 30.53 15.04
CA ARG E 469 -17.86 29.82 16.30
C ARG E 469 -18.19 30.80 17.41
N LEU E 470 -17.53 31.97 17.43
CA LEU E 470 -17.88 32.98 18.41
C LEU E 470 -19.31 33.47 18.23
N PHE E 471 -19.72 33.68 16.98
CA PHE E 471 -21.07 34.20 16.73
C PHE E 471 -22.15 33.15 16.98
N LYS E 472 -21.81 31.86 16.90
CA LYS E 472 -22.81 30.82 17.17
C LYS E 472 -23.11 30.70 18.64
N LEU E 473 -22.27 31.27 19.52
CA LEU E 473 -22.51 31.22 20.94
C LEU E 473 -23.68 32.13 21.32
N PRO E 474 -24.27 31.92 22.50
CA PRO E 474 -25.31 32.84 22.98
C PRO E 474 -24.79 34.27 22.99
N GLN E 475 -25.43 35.12 22.19
CA GLN E 475 -24.93 36.47 21.96
C GLN E 475 -24.88 37.27 23.26
N LEU E 476 -25.76 36.95 24.21
CA LEU E 476 -25.74 37.67 25.48
C LEU E 476 -24.49 37.37 26.29
N ALA E 477 -23.78 36.29 25.99
CA ALA E 477 -22.62 35.87 26.75
C ALA E 477 -21.30 36.32 26.13
N ILE E 478 -21.34 37.02 24.99
CA ILE E 478 -20.12 37.41 24.30
C ILE E 478 -19.95 38.92 24.45
N PRO E 479 -18.90 39.39 25.11
CA PRO E 479 -18.66 40.83 25.19
C PRO E 479 -18.28 41.39 23.83
N LYS E 480 -18.57 42.68 23.65
CA LYS E 480 -18.26 43.32 22.38
C LYS E 480 -16.77 43.38 22.12
N ASP E 481 -15.97 43.42 23.19
CA ASP E 481 -14.52 43.53 23.03
C ASP E 481 -13.93 42.32 22.33
N LEU E 482 -14.39 41.12 22.69
CA LEU E 482 -13.88 39.91 22.06
C LEU E 482 -14.21 39.88 20.57
N LEU E 483 -15.45 40.22 20.22
CA LEU E 483 -15.84 40.28 18.82
C LEU E 483 -15.03 41.32 18.07
N ILE E 484 -14.82 42.48 18.70
CA ILE E 484 -14.02 43.53 18.05
C ILE E 484 -12.61 43.03 17.79
N GLU E 485 -12.01 42.36 18.77
CA GLU E 485 -10.65 41.86 18.61
C GLU E 485 -10.57 40.83 17.49
N SER E 486 -11.50 39.88 17.47
CA SER E 486 -11.47 38.85 16.44
C SER E 486 -11.71 39.44 15.05
N MET E 487 -12.67 40.34 14.93
CA MET E 487 -12.93 40.98 13.65
C MET E 487 -11.75 41.83 13.20
N SER E 488 -11.07 42.51 14.13
CA SER E 488 -9.88 43.28 13.77
C SER E 488 -8.77 42.37 13.29
N GLN E 489 -8.60 41.21 13.92
CA GLN E 489 -7.61 40.25 13.46
C GLN E 489 -7.93 39.80 12.04
N LEU E 490 -9.21 39.49 11.77
CA LEU E 490 -9.60 39.12 10.42
C LEU E 490 -9.34 40.25 9.44
N SER E 491 -9.66 41.48 9.83
CA SER E 491 -9.49 42.62 8.93
C SER E 491 -8.03 42.85 8.58
N ARG E 492 -7.14 42.75 9.57
CA ARG E 492 -5.73 42.94 9.28
C ARG E 492 -5.10 41.72 8.63
N LEU E 493 -5.77 40.57 8.66
CA LEU E 493 -5.26 39.43 7.91
C LEU E 493 -5.69 39.47 6.45
N ILE E 494 -6.91 39.94 6.17
CA ILE E 494 -7.40 39.91 4.80
C ILE E 494 -6.66 40.92 3.93
N ILE E 495 -6.40 42.11 4.46
CA ILE E 495 -5.65 43.13 3.73
C ILE E 495 -4.33 43.36 4.46
N GLU E 496 -3.23 43.19 3.72
CA GLU E 496 -1.90 43.50 4.22
C GLU E 496 -1.22 44.40 3.20
N ASN E 497 -0.03 44.88 3.54
CA ASN E 497 0.76 45.80 2.73
C ASN E 497 0.04 47.11 2.50
N THR E 498 -1.05 47.37 3.21
CA THR E 498 -1.83 48.59 3.05
C THR E 498 -1.37 49.65 4.05
N THR E 499 -1.70 50.89 3.75
CA THR E 499 -1.36 52.00 4.63
C THR E 499 -2.06 51.83 5.97
N PHE E 500 -1.38 52.27 7.04
CA PHE E 500 -1.97 52.22 8.37
C PHE E 500 -3.30 52.98 8.42
N GLU E 501 -3.44 54.00 7.58
CA GLU E 501 -4.72 54.72 7.49
C GLU E 501 -5.85 53.79 7.08
N TYR E 502 -5.61 52.95 6.07
CA TYR E 502 -6.65 52.05 5.57
C TYR E 502 -7.08 51.06 6.65
N LYS E 503 -6.10 50.45 7.33
CA LYS E 503 -6.42 49.51 8.39
C LYS E 503 -7.16 50.18 9.53
N ASN E 504 -6.74 51.40 9.90
CA ASN E 504 -7.42 52.12 10.97
C ASN E 504 -8.87 52.43 10.59
N THR E 505 -9.09 52.84 9.34
CA THR E 505 -10.46 53.13 8.90
C THR E 505 -11.31 51.87 8.95
N LEU E 506 -10.77 50.75 8.46
CA LEU E 506 -11.53 49.50 8.49
C LEU E 506 -11.84 49.07 9.92
N ASN E 507 -10.85 49.18 10.81
CA ASN E 507 -11.08 48.80 12.20
C ASN E 507 -12.11 49.69 12.86
N ASP E 508 -12.08 51.00 12.59
CA ASP E 508 -13.08 51.88 13.17
C ASP E 508 -14.48 51.55 12.66
N ALA E 509 -14.61 51.26 11.37
CA ALA E 509 -15.92 50.86 10.84
C ALA E 509 -16.39 49.57 11.50
N ILE E 510 -15.48 48.60 11.67
CA ILE E 510 -15.84 47.35 12.31
C ILE E 510 -16.31 47.59 13.75
N ILE E 511 -15.59 48.44 14.47
CA ILE E 511 -15.95 48.73 15.86
C ILE E 511 -17.34 49.35 15.93
N SER E 512 -17.60 50.33 15.08
CA SER E 512 -18.90 50.99 15.10
C SER E 512 -20.02 50.00 14.76
N ASN E 513 -19.81 49.17 13.74
CA ASN E 513 -20.84 48.22 13.34
C ASN E 513 -21.10 47.19 14.43
N ILE E 514 -20.03 46.70 15.07
CA ILE E 514 -20.19 45.72 16.14
C ILE E 514 -20.94 46.34 17.32
N ASP E 515 -20.61 47.59 17.66
CA ASP E 515 -21.32 48.27 18.73
C ASP E 515 -22.81 48.40 18.41
N GLU E 516 -23.12 48.78 17.17
CA GLU E 516 -24.52 48.89 16.77
C GLU E 516 -25.24 47.55 16.86
N TYR E 517 -24.61 46.48 16.38
CA TYR E 517 -25.22 45.16 16.44
C TYR E 517 -25.45 44.71 17.88
N LEU E 518 -24.46 44.92 18.74
CA LEU E 518 -24.61 44.52 20.14
C LEU E 518 -25.71 45.31 20.82
N ASN E 519 -25.78 46.62 20.56
CA ASN E 519 -26.86 47.43 21.14
C ASN E 519 -28.21 46.96 20.64
N SER E 520 -28.31 46.64 19.35
CA SER E 520 -29.57 46.16 18.79
C SER E 520 -30.00 44.86 19.45
N VAL E 521 -29.08 43.91 19.59
CA VAL E 521 -29.46 42.65 20.19
C VAL E 521 -29.79 42.83 21.68
N LYS E 522 -29.11 43.76 22.35
CA LYS E 522 -29.43 44.03 23.75
C LYS E 522 -30.83 44.59 23.90
N LYS E 523 -31.19 45.57 23.08
CA LYS E 523 -32.54 46.13 23.15
C LYS E 523 -33.60 45.15 22.68
N GLN E 524 -33.25 44.21 21.80
CA GLN E 524 -34.18 43.16 21.43
C GLN E 524 -34.41 42.21 22.60
N SER E 525 -33.34 41.86 23.31
CA SER E 525 -33.46 40.96 24.46
C SER E 525 -34.21 41.62 25.62
N ASN E 526 -34.05 42.94 25.78
CA ASN E 526 -34.71 43.62 26.89
C ASN E 526 -36.22 43.53 26.78
N ASP E 527 -36.77 43.68 25.57
CA ASP E 527 -38.21 43.60 25.38
C ASP E 527 -38.55 42.53 24.35
N MET F 1 26.08 64.65 27.55
CA MET F 1 26.38 65.97 28.06
C MET F 1 26.95 66.86 26.97
N LEU F 2 27.36 68.08 27.35
CA LEU F 2 27.83 69.06 26.37
C LEU F 2 29.36 68.98 26.27
N TYR F 3 29.84 68.56 25.10
CA TYR F 3 31.27 68.55 24.82
C TYR F 3 31.62 69.72 23.91
N THR F 4 32.68 70.44 24.25
CA THR F 4 33.13 71.58 23.47
C THR F 4 34.63 71.60 23.26
N ASP F 5 35.31 70.47 23.46
CA ASP F 5 36.77 70.39 23.37
C ASP F 5 37.15 69.51 22.19
N SER F 6 38.05 70.01 21.35
CA SER F 6 38.57 69.21 20.25
C SER F 6 39.37 68.04 20.80
N LEU F 7 39.25 66.90 20.14
CA LEU F 7 39.89 65.66 20.60
C LEU F 7 40.79 65.12 19.50
N ASN F 8 41.94 64.60 19.91
CA ASN F 8 42.87 63.99 18.96
C ASN F 8 42.30 62.67 18.44
N TYR F 9 42.82 62.24 17.28
CA TYR F 9 42.31 61.03 16.64
C TYR F 9 42.41 59.82 17.54
N LYS F 10 43.42 59.76 18.40
CA LYS F 10 43.54 58.64 19.33
C LYS F 10 42.35 58.59 20.28
N GLN F 11 41.92 59.74 20.78
CA GLN F 11 40.79 59.76 21.70
C GLN F 11 39.50 59.31 21.01
N LEU F 12 39.26 59.79 19.79
CA LEU F 12 38.06 59.39 19.08
C LEU F 12 38.08 57.90 18.74
N SER F 13 39.22 57.39 18.30
CA SER F 13 39.29 56.05 17.72
C SER F 13 39.34 54.95 18.76
N THR F 14 39.22 55.26 20.04
CA THR F 14 39.29 54.22 21.06
C THR F 14 38.10 53.28 20.96
N VAL F 15 38.34 52.00 21.23
CA VAL F 15 37.31 50.97 21.21
C VAL F 15 37.40 50.18 22.50
N SER F 16 36.26 49.95 23.14
CA SER F 16 36.25 49.24 24.41
C SER F 16 36.73 47.80 24.22
N ASP F 17 37.24 47.23 25.32
CA ASP F 17 37.86 45.91 25.23
C ASP F 17 36.88 44.84 24.79
N ASP F 18 35.65 44.88 25.33
CA ASP F 18 34.66 43.88 24.93
C ASP F 18 34.33 43.99 23.45
N MET F 19 34.18 45.22 22.95
CA MET F 19 33.95 45.40 21.53
C MET F 19 35.15 44.95 20.71
N GLN F 20 36.36 45.25 21.18
CA GLN F 20 37.56 44.79 20.50
C GLN F 20 37.60 43.27 20.41
N SER F 21 37.11 42.58 21.44
CA SER F 21 37.12 41.12 21.41
C SER F 21 36.00 40.58 20.53
N TYR F 22 34.84 41.25 20.52
CA TYR F 22 33.67 40.69 19.86
C TYR F 22 33.57 41.03 18.38
N LEU F 23 34.06 42.20 17.95
CA LEU F 23 33.91 42.57 16.55
C LEU F 23 34.56 41.60 15.58
N PRO F 24 35.78 41.09 15.79
CA PRO F 24 36.35 40.16 14.80
C PRO F 24 35.51 38.91 14.57
N VAL F 25 34.99 38.29 15.62
CA VAL F 25 34.20 37.08 15.43
C VAL F 25 32.88 37.40 14.74
N ALA F 26 32.28 38.54 15.07
CA ALA F 26 31.06 38.95 14.38
C ALA F 26 31.32 39.18 12.90
N LYS F 27 32.44 39.83 12.57
CA LYS F 27 32.79 40.03 11.17
C LYS F 27 33.00 38.71 10.46
N GLU F 28 33.70 37.77 11.11
CA GLU F 28 33.94 36.46 10.50
C GLU F 28 32.62 35.74 10.24
N ILE F 29 31.72 35.74 11.23
CA ILE F 29 30.44 35.05 11.07
C ILE F 29 29.62 35.70 9.98
N ALA F 30 29.60 37.04 9.94
CA ALA F 30 28.85 37.73 8.90
C ALA F 30 29.39 37.41 7.51
N LYS F 31 30.72 37.40 7.37
CA LYS F 31 31.32 37.08 6.08
C LYS F 31 30.99 35.65 5.67
N ILE F 32 31.04 34.71 6.61
CA ILE F 32 30.72 33.32 6.30
C ILE F 32 29.27 33.19 5.86
N ALA F 33 28.36 33.83 6.60
CA ALA F 33 26.94 33.67 6.32
C ALA F 33 26.54 34.34 5.01
N GLN F 34 26.98 35.58 4.80
CA GLN F 34 26.58 36.31 3.60
C GLN F 34 27.11 35.65 2.35
N GLY F 35 28.37 35.19 2.37
CA GLY F 35 28.94 34.54 1.21
C GLY F 35 29.00 35.49 0.04
N GLY F 36 28.60 35.01 -1.13
CA GLY F 36 28.60 35.85 -2.31
C GLY F 36 30.01 36.07 -2.87
N HIS F 37 30.13 37.14 -3.64
CA HIS F 37 31.40 37.45 -4.27
C HIS F 37 32.44 37.94 -3.28
N GLU F 38 32.03 38.34 -2.07
CA GLU F 38 32.99 38.82 -1.09
C GLU F 38 33.88 37.72 -0.55
N LEU F 39 33.53 36.46 -0.76
CA LEU F 39 34.34 35.37 -0.25
C LEU F 39 35.68 35.30 -0.97
N ASP F 40 36.75 35.08 -0.20
CA ASP F 40 38.08 34.88 -0.75
C ASP F 40 38.48 33.44 -0.59
N PRO F 41 38.67 32.69 -1.68
CA PRO F 41 38.98 31.26 -1.55
C PRO F 41 40.24 30.97 -0.75
N GLU F 42 41.22 31.89 -0.77
CA GLU F 42 42.47 31.67 -0.05
C GLU F 42 42.22 31.36 1.42
N ASP F 43 41.24 32.02 2.02
CA ASP F 43 40.96 31.84 3.44
C ASP F 43 40.32 30.50 3.77
N TYR F 44 39.87 29.75 2.77
CA TYR F 44 39.15 28.50 3.00
C TYR F 44 39.80 27.36 2.24
N LEU F 45 41.12 27.26 2.36
CA LEU F 45 41.90 26.24 1.69
C LEU F 45 42.34 25.18 2.68
N LEU F 46 42.01 23.92 2.38
CA LEU F 46 42.54 22.78 3.14
C LEU F 46 43.78 22.23 2.40
N ILE F 47 44.75 23.13 2.22
CA ILE F 47 45.94 22.81 1.45
C ILE F 47 46.78 21.76 2.16
N ARG F 48 47.39 20.86 1.39
CA ARG F 48 48.27 19.83 1.94
C ARG F 48 49.62 20.45 2.28
N ASP F 49 49.58 21.37 3.24
CA ASP F 49 50.77 21.92 3.90
C ASP F 49 51.74 22.52 2.89
N GLU F 50 51.29 23.58 2.23
CA GLU F 50 52.12 24.41 1.36
C GLU F 50 52.73 23.60 0.21
N GLU F 51 51.87 23.15 -0.69
CA GLU F 51 52.32 22.52 -1.92
C GLU F 51 52.59 23.62 -2.96
N SER F 52 52.91 23.23 -4.18
CA SER F 52 53.29 24.20 -5.21
C SER F 52 52.14 25.18 -5.46
N PRO F 53 52.43 26.47 -5.62
CA PRO F 53 51.36 27.45 -5.83
C PRO F 53 50.55 27.22 -7.09
N GLY F 54 51.12 26.57 -8.11
CA GLY F 54 50.35 26.32 -9.32
C GLY F 54 49.12 25.46 -9.08
N VAL F 55 49.32 24.35 -8.36
CA VAL F 55 48.19 23.51 -8.02
C VAL F 55 47.25 24.22 -7.06
N THR F 56 47.77 25.08 -6.19
CA THR F 56 46.89 25.85 -5.31
C THR F 56 45.96 26.76 -6.11
N LYS F 57 46.50 27.45 -7.11
CA LYS F 57 45.65 28.31 -7.93
C LYS F 57 44.70 27.50 -8.79
N LYS F 58 45.14 26.33 -9.27
CA LYS F 58 44.24 25.46 -10.02
C LYS F 58 43.08 25.01 -9.15
N ARG F 59 43.35 24.69 -7.89
CA ARG F 59 42.30 24.31 -6.96
C ARG F 59 41.38 25.50 -6.67
N ILE F 60 41.95 26.69 -6.52
CA ILE F 60 41.16 27.89 -6.26
C ILE F 60 40.21 28.17 -7.42
N GLU F 61 40.65 27.88 -8.64
CA GLU F 61 39.77 28.08 -9.79
C GLU F 61 38.48 27.27 -9.69
N LYS F 62 38.48 26.21 -8.89
CA LYS F 62 37.31 25.35 -8.73
C LYS F 62 36.53 25.67 -7.47
N PHE F 63 36.47 26.94 -7.08
CA PHE F 63 35.78 27.35 -5.87
C PHE F 63 34.32 27.61 -6.19
N ALA F 64 33.43 26.76 -5.67
CA ALA F 64 32.00 26.90 -5.86
C ALA F 64 31.34 26.86 -4.49
N PRO F 65 31.25 28.00 -3.81
CA PRO F 65 30.73 28.01 -2.44
C PRO F 65 29.25 27.66 -2.41
N GLU F 66 28.89 26.76 -1.51
CA GLU F 66 27.50 26.39 -1.26
C GLU F 66 27.12 26.92 0.11
N ASN F 67 26.56 28.12 0.14
CA ASN F 67 26.24 28.81 1.38
C ASN F 67 24.92 28.28 1.93
N TYR F 68 24.98 27.09 2.53
CA TYR F 68 23.80 26.55 3.19
C TYR F 68 23.39 27.39 4.39
N LEU F 69 24.36 28.02 5.06
CA LEU F 69 24.03 28.92 6.15
C LEU F 69 23.20 30.10 5.65
N GLY F 70 23.57 30.64 4.48
CA GLY F 70 22.75 31.69 3.89
C GLY F 70 21.34 31.22 3.58
N ALA F 71 21.22 29.99 3.11
CA ALA F 71 19.89 29.43 2.85
C ALA F 71 19.09 29.29 4.13
N ALA F 72 19.73 28.86 5.22
CA ALA F 72 19.04 28.74 6.50
C ALA F 72 18.60 30.11 7.02
N ILE F 73 19.46 31.12 6.89
CA ILE F 73 19.10 32.46 7.31
C ILE F 73 17.93 32.99 6.49
N ARG F 74 17.96 32.76 5.19
CA ARG F 74 16.86 33.15 4.32
C ARG F 74 15.57 32.45 4.73
N LEU F 75 15.65 31.15 5.02
CA LEU F 75 14.47 30.40 5.43
C LEU F 75 13.89 30.96 6.72
N GLN F 76 14.74 31.21 7.72
CA GLN F 76 14.25 31.75 8.98
C GLN F 76 13.62 33.13 8.79
N ARG F 77 14.27 33.99 7.99
CA ARG F 77 13.73 35.31 7.74
C ARG F 77 12.37 35.23 7.07
N VAL F 78 12.23 34.38 6.06
CA VAL F 78 10.97 34.26 5.35
C VAL F 78 9.88 33.71 6.27
N LEU F 79 10.22 32.69 7.06
CA LEU F 79 9.25 32.13 7.99
C LEU F 79 8.77 33.16 8.99
N GLN F 80 9.68 33.97 9.53
CA GLN F 80 9.27 35.01 10.46
C GLN F 80 8.45 36.08 9.76
N LYS F 81 8.81 36.43 8.52
CA LYS F 81 8.04 37.38 7.74
C LYS F 81 6.62 36.89 7.49
N SER F 82 6.41 35.57 7.48
CA SER F 82 5.07 35.02 7.28
C SER F 82 4.10 35.42 8.39
N GLY F 83 4.59 35.88 9.52
CA GLY F 83 3.72 36.25 10.61
C GLY F 83 3.00 37.57 10.36
N VAL F 84 2.21 37.98 11.35
CA VAL F 84 1.40 39.18 11.29
C VAL F 84 1.81 40.10 12.43
N LEU F 85 1.98 41.39 12.13
CA LEU F 85 2.30 42.41 13.12
C LEU F 85 1.16 43.40 13.19
N GLU F 86 0.68 43.68 14.40
CA GLU F 86 -0.49 44.51 14.61
C GLU F 86 -0.17 45.63 15.60
N ILE F 87 -0.64 46.84 15.28
CA ILE F 87 -0.52 47.98 16.16
C ILE F 87 -1.92 48.45 16.51
N LYS F 88 -2.24 48.50 17.80
CA LYS F 88 -3.54 49.01 18.23
C LYS F 88 -3.54 50.53 18.17
N SER F 89 -4.37 51.09 17.29
CA SER F 89 -4.36 52.54 17.08
C SER F 89 -4.74 53.30 18.33
N ASP F 90 -5.75 52.83 19.07
CA ASP F 90 -6.23 53.55 20.24
C ASP F 90 -5.18 53.69 21.32
N SER F 91 -4.21 52.79 21.37
CA SER F 91 -3.16 52.86 22.38
C SER F 91 -2.05 53.84 22.04
N LEU F 92 -2.04 54.38 20.83
CA LEU F 92 -1.01 55.34 20.45
C LEU F 92 -1.26 56.68 21.13
N PRO F 93 -0.30 57.21 21.87
CA PRO F 93 -0.50 58.52 22.49
C PRO F 93 -0.50 59.64 21.47
N GLY F 94 -1.14 60.74 21.83
CA GLY F 94 -1.16 61.90 20.96
C GLY F 94 -2.07 61.71 19.76
N ASP F 95 -1.88 62.61 18.79
CA ASP F 95 -2.69 62.58 17.58
C ASP F 95 -2.42 61.32 16.78
N LEU F 96 -3.48 60.73 16.24
CA LEU F 96 -3.33 59.53 15.44
C LEU F 96 -2.90 59.83 14.02
N THR F 97 -3.28 61.00 13.49
CA THR F 97 -2.94 61.34 12.11
C THR F 97 -1.44 61.41 11.90
N VAL F 98 -0.73 62.00 12.86
CA VAL F 98 0.73 62.07 12.75
C VAL F 98 1.33 60.68 12.82
N TRP F 99 0.75 59.79 13.63
CA TRP F 99 1.23 58.41 13.68
C TRP F 99 1.06 57.73 12.33
N GLU F 100 -0.09 57.92 11.69
CA GLU F 100 -0.29 57.33 10.37
C GLU F 100 0.69 57.92 9.35
N SER F 101 0.90 59.23 9.40
CA SER F 101 1.85 59.86 8.49
C SER F 101 3.25 59.28 8.67
N PHE F 102 3.66 59.08 9.92
CA PHE F 102 4.96 58.45 10.17
C PHE F 102 4.97 57.02 9.66
N PHE F 103 3.90 56.26 9.89
CA PHE F 103 3.87 54.87 9.47
C PHE F 103 3.79 54.70 7.97
N ASN F 104 3.50 55.78 7.22
CA ASN F 104 3.61 55.70 5.77
C ASN F 104 5.05 55.37 5.35
N LYS F 105 6.03 55.99 5.99
CA LYS F 105 7.44 55.75 5.71
C LYS F 105 8.20 55.81 7.03
N VAL F 106 8.49 54.63 7.60
CA VAL F 106 9.12 54.58 8.92
C VAL F 106 10.62 54.81 8.87
N ASP F 107 11.24 54.80 7.70
CA ASP F 107 12.67 54.99 7.60
C ASP F 107 13.01 55.51 6.22
N LYS F 108 14.30 55.84 6.03
CA LYS F 108 14.76 56.38 4.76
C LYS F 108 14.73 55.34 3.64
N ARG F 109 14.59 54.06 3.99
CA ARG F 109 14.52 52.99 3.00
C ARG F 109 13.11 52.74 2.51
N ASN F 110 12.14 53.55 2.95
CA ASN F 110 10.74 53.53 2.53
C ASN F 110 10.00 52.27 2.97
N SER F 111 10.64 51.37 3.69
CA SER F 111 9.96 50.16 4.15
C SER F 111 8.91 50.50 5.21
N SER F 112 7.93 49.62 5.33
CA SER F 112 6.91 49.78 6.35
C SER F 112 7.44 49.31 7.70
N LEU F 113 6.61 49.44 8.74
CA LEU F 113 7.05 49.08 10.08
C LEU F 113 7.41 47.61 10.18
N LYS F 114 6.54 46.74 9.66
CA LYS F 114 6.81 45.32 9.71
C LYS F 114 8.06 44.96 8.91
N ASP F 115 8.22 45.56 7.73
CA ASP F 115 9.39 45.29 6.92
C ASP F 115 10.67 45.72 7.64
N PHE F 116 10.64 46.90 8.25
CA PHE F 116 11.82 47.38 8.97
C PHE F 116 12.14 46.48 10.16
N VAL F 117 11.12 46.06 10.90
CA VAL F 117 11.36 45.20 12.06
C VAL F 117 11.90 43.85 11.60
N ILE F 118 11.40 43.33 10.48
CA ILE F 118 11.91 42.05 9.97
C ILE F 118 13.35 42.20 9.49
N ASP F 119 13.69 43.35 8.89
CA ASP F 119 15.07 43.58 8.51
C ASP F 119 15.98 43.65 9.74
N VAL F 120 15.51 44.30 10.81
CA VAL F 120 16.28 44.34 12.05
C VAL F 120 16.46 42.93 12.59
N PHE F 121 15.40 42.14 12.56
CA PHE F 121 15.47 40.76 13.03
C PHE F 121 16.47 39.96 12.21
N THR F 122 16.48 40.16 10.89
CA THR F 122 17.43 39.45 10.04
C THR F 122 18.87 39.86 10.36
N GLU F 123 19.10 41.16 10.55
CA GLU F 123 20.44 41.63 10.88
C GLU F 123 20.90 41.03 12.21
N ALA F 124 20.00 40.96 13.19
CA ALA F 124 20.35 40.30 14.44
C ALA F 124 20.57 38.81 14.25
N LEU F 125 19.83 38.20 13.33
CA LEU F 125 19.95 36.77 13.09
C LEU F 125 21.31 36.42 12.53
N VAL F 126 21.81 37.21 11.57
CA VAL F 126 23.14 36.93 11.04
C VAL F 126 24.21 37.28 12.07
N ASN F 127 23.98 38.32 12.88
CA ASN F 127 24.89 38.67 13.96
C ASN F 127 24.11 39.50 14.98
N LYS F 128 24.20 39.10 16.25
CA LYS F 128 23.34 39.69 17.28
C LYS F 128 23.61 41.18 17.47
N TYR F 129 22.84 41.81 18.36
CA TYR F 129 23.00 43.23 18.70
C TYR F 129 22.83 44.12 17.47
N CYS F 130 21.60 44.13 16.94
CA CYS F 130 21.24 45.08 15.90
C CYS F 130 20.82 46.39 16.53
N TYR F 131 21.46 47.48 16.14
CA TYR F 131 21.24 48.79 16.75
C TYR F 131 20.43 49.67 15.84
N VAL F 132 19.42 50.33 16.40
CA VAL F 132 18.55 51.24 15.66
C VAL F 132 18.53 52.57 16.40
N GLN F 133 18.57 53.67 15.63
CA GLN F 133 18.51 55.00 16.18
C GLN F 133 17.32 55.74 15.57
N VAL F 134 16.67 56.57 16.38
CA VAL F 134 15.53 57.36 15.96
C VAL F 134 15.94 58.83 15.96
N GLU F 135 15.83 59.49 14.81
CA GLU F 135 16.25 60.88 14.72
C GLU F 135 15.22 61.69 13.95
N LEU F 136 15.55 62.97 13.73
CA LEU F 136 14.66 63.94 13.11
C LEU F 136 15.37 64.59 11.93
N SER F 137 14.72 65.62 11.38
CA SER F 137 15.35 66.47 10.38
C SER F 137 15.80 67.78 11.01
N LYS F 138 16.80 68.41 10.40
CA LYS F 138 17.44 69.60 10.95
C LYS F 138 17.00 70.84 10.21
N LEU F 139 16.56 71.86 10.95
CA LEU F 139 16.17 73.14 10.39
C LEU F 139 16.82 74.24 11.23
N ASP F 140 17.47 75.19 10.56
CA ASP F 140 18.18 76.28 11.23
C ASP F 140 17.77 77.61 10.61
N PHE F 141 17.54 78.60 11.46
CA PHE F 141 17.18 79.94 11.02
C PHE F 141 17.78 80.98 11.96
N ASP F 142 17.90 82.20 11.46
CA ASP F 142 18.45 83.31 12.21
C ASP F 142 17.34 84.27 12.62
N THR F 143 17.67 85.17 13.55
CA THR F 143 16.73 86.15 14.10
C THR F 143 15.46 85.44 14.60
N VAL F 144 15.68 84.35 15.34
CA VAL F 144 14.58 83.49 15.77
C VAL F 144 13.84 84.15 16.92
N THR F 145 12.52 84.19 16.82
CA THR F 145 11.65 84.64 17.90
C THR F 145 11.02 83.42 18.57
N GLU F 146 10.09 83.68 19.50
CA GLU F 146 9.42 82.58 20.18
C GLU F 146 8.54 81.78 19.22
N ALA F 147 7.85 82.45 18.30
CA ALA F 147 7.02 81.75 17.33
C ALA F 147 7.86 80.88 16.40
N GLU F 148 9.02 81.39 15.99
CA GLU F 148 9.91 80.59 15.14
C GLU F 148 10.40 79.35 15.87
N ALA F 149 10.75 79.49 17.16
CA ALA F 149 11.16 78.32 17.95
C ALA F 149 10.01 77.33 18.09
N GLU F 150 8.79 77.83 18.30
CA GLU F 150 7.63 76.95 18.39
C GLU F 150 7.43 76.18 17.09
N GLY F 151 7.55 76.86 15.96
CA GLY F 151 7.43 76.18 14.68
C GLY F 151 8.52 75.14 14.46
N ILE F 152 9.75 75.47 14.83
CA ILE F 152 10.86 74.53 14.70
C ILE F 152 10.59 73.29 15.55
N LEU F 153 10.12 73.48 16.77
CA LEU F 153 9.79 72.35 17.63
C LEU F 153 8.65 71.52 17.04
N SER F 154 7.67 72.17 16.42
CA SER F 154 6.51 71.47 15.88
C SER F 154 6.76 70.82 14.52
N THR F 155 7.88 71.13 13.86
CA THR F 155 8.17 70.61 12.53
C THR F 155 9.13 69.43 12.56
N ARG F 156 9.03 68.57 13.57
CA ARG F 156 9.93 67.42 13.68
C ARG F 156 9.31 66.19 13.01
N LYS F 157 10.09 65.53 12.16
CA LYS F 157 9.65 64.35 11.42
C LYS F 157 10.66 63.23 11.65
N PRO F 158 10.37 62.31 12.56
CA PRO F 158 11.35 61.28 12.93
C PRO F 158 11.42 60.15 11.92
N TYR F 159 12.54 59.43 11.98
CA TYR F 159 12.73 58.23 11.17
C TYR F 159 13.83 57.40 11.81
N TYR F 160 13.91 56.15 11.38
CA TYR F 160 14.82 55.16 11.93
C TYR F 160 16.07 55.04 11.08
N PHE F 161 17.13 54.52 11.70
CA PHE F 161 18.41 54.37 11.04
C PHE F 161 19.15 53.20 11.69
N LYS F 162 19.50 52.20 10.89
CA LYS F 162 20.15 51.00 11.40
C LYS F 162 21.66 51.22 11.44
N ILE F 163 22.23 51.22 12.63
CA ILE F 163 23.66 51.41 12.80
C ILE F 163 24.37 50.09 12.55
N PRO F 164 25.33 50.02 11.64
CA PRO F 164 26.07 48.77 11.44
C PRO F 164 26.79 48.35 12.71
N LEU F 165 26.83 47.04 12.95
CA LEU F 165 27.48 46.54 14.15
C LEU F 165 28.98 46.84 14.14
N GLN F 166 29.63 46.66 12.99
CA GLN F 166 31.06 46.90 12.91
C GLN F 166 31.41 48.38 13.12
N SER F 167 30.44 49.28 12.96
CA SER F 167 30.68 50.69 13.21
C SER F 167 30.54 51.05 14.67
N ILE F 168 30.07 50.13 15.52
CA ILE F 168 29.97 50.41 16.95
C ILE F 168 31.36 50.42 17.55
N MET F 169 31.65 51.44 18.35
CA MET F 169 32.96 51.57 18.97
C MET F 169 32.92 51.34 20.47
N VAL F 170 31.98 51.95 21.19
CA VAL F 170 31.86 51.76 22.63
C VAL F 170 30.43 52.08 23.01
N GLU F 171 29.94 51.45 24.06
CA GLU F 171 28.61 51.78 24.56
C GLU F 171 28.51 51.39 26.02
N LYS F 172 27.85 52.24 26.80
CA LYS F 172 27.49 51.94 28.18
C LYS F 172 26.00 51.65 28.22
N CYS F 173 25.67 50.41 28.57
CA CYS F 173 24.29 49.96 28.62
C CYS F 173 24.12 49.01 29.80
N ASP F 174 22.99 49.14 30.48
CA ASP F 174 22.61 48.22 31.55
C ASP F 174 21.42 47.40 31.06
N GLY F 175 21.56 46.08 31.08
CA GLY F 175 20.56 45.22 30.49
C GLY F 175 20.41 45.49 29.01
N ASP F 176 19.20 45.86 28.59
CA ASP F 176 18.96 46.25 27.20
C ASP F 176 18.97 47.75 26.98
N THR F 177 18.62 48.54 27.99
CA THR F 177 18.64 49.98 27.86
C THR F 177 20.08 50.47 27.72
N ILE F 178 20.28 51.41 26.80
CA ILE F 178 21.60 51.93 26.49
C ILE F 178 21.75 53.30 27.12
N GLN F 179 22.69 53.44 28.06
CA GLN F 179 22.94 54.74 28.66
C GLN F 179 23.53 55.70 27.64
N TRP F 180 24.58 55.28 26.93
CA TRP F 180 25.13 56.11 25.86
C TRP F 180 25.93 55.22 24.92
N ILE F 181 26.25 55.76 23.75
CA ILE F 181 26.96 54.98 22.75
C ILE F 181 27.74 55.86 21.78
N LYS F 182 29.00 55.51 21.54
CA LYS F 182 29.82 56.17 20.54
C LYS F 182 30.11 55.19 19.41
N TYR F 183 29.78 55.59 18.19
CA TYR F 183 30.01 54.79 17.00
C TYR F 183 30.64 55.66 15.91
N LYS F 184 30.98 55.02 14.79
CA LYS F 184 31.65 55.69 13.69
C LYS F 184 30.76 55.65 12.45
N ARG F 185 31.03 56.56 11.53
CA ARG F 185 30.23 56.69 10.32
C ARG F 185 31.09 57.29 9.23
N LEU F 186 31.37 56.50 8.19
CA LEU F 186 32.12 56.96 7.03
C LEU F 186 31.12 57.45 5.98
N ASP F 187 31.01 58.76 5.81
CA ASP F 187 30.07 59.32 4.86
C ASP F 187 30.80 59.84 3.64
N LYS F 188 30.35 59.42 2.46
CA LYS F 188 31.03 59.73 1.21
C LYS F 188 30.32 60.90 0.53
N ILE F 189 31.06 61.97 0.30
CA ILE F 189 30.59 63.10 -0.50
C ILE F 189 30.91 62.76 -1.95
N ASP F 190 29.88 62.49 -2.73
CA ASP F 190 30.04 62.11 -4.14
C ASP F 190 29.95 63.35 -5.00
N ASN F 191 30.94 63.53 -5.88
CA ASN F 191 30.95 64.63 -6.80
C ASN F 191 30.62 64.12 -8.19
N PRO F 192 29.62 64.69 -8.87
CA PRO F 192 29.22 64.15 -10.18
C PRO F 192 30.30 64.23 -11.23
N PHE F 193 31.31 65.08 -11.05
CA PHE F 193 32.38 65.24 -12.03
C PHE F 193 33.73 65.27 -11.35
N ASP F 194 33.92 64.45 -10.33
CA ASP F 194 35.19 64.42 -9.61
C ASP F 194 35.25 63.14 -8.78
N LYS F 195 36.44 62.87 -8.24
CA LYS F 195 36.64 61.70 -7.40
C LYS F 195 35.83 61.81 -6.12
N THR F 196 35.34 60.67 -5.65
CA THR F 196 34.57 60.64 -4.40
C THR F 196 35.44 61.06 -3.23
N ILE F 197 34.91 61.95 -2.39
CA ILE F 197 35.58 62.37 -1.17
C ILE F 197 34.96 61.62 0.00
N TYR F 198 35.75 61.41 1.06
CA TYR F 198 35.28 60.69 2.23
C TYR F 198 35.45 61.56 3.47
N ASN F 199 34.46 61.51 4.36
CA ASN F 199 34.55 62.11 5.67
C ASN F 199 34.31 61.05 6.72
N MET F 200 34.93 61.22 7.89
CA MET F 200 34.83 60.27 8.98
C MET F 200 34.22 60.99 10.17
N SER F 201 33.07 60.51 10.63
CA SER F 201 32.39 61.12 11.76
C SER F 201 32.35 60.13 12.91
N TYR F 202 32.60 60.64 14.11
CA TYR F 202 32.45 59.88 15.34
C TYR F 202 31.29 60.47 16.10
N VAL F 203 30.23 59.69 16.28
CA VAL F 203 28.98 60.15 16.85
C VAL F 203 28.84 59.58 18.25
N LEU F 204 28.71 60.45 19.23
CA LEU F 204 28.46 60.07 20.61
C LEU F 204 27.04 60.49 20.96
N ILE F 205 26.19 59.51 21.25
CA ILE F 205 24.80 59.75 21.62
C ILE F 205 24.69 59.53 23.12
N ASP F 206 24.21 60.56 23.82
CA ASP F 206 24.17 60.60 25.27
C ASP F 206 22.72 60.70 25.74
N ASP F 207 22.55 60.92 27.04
CA ASP F 207 21.21 60.96 27.62
C ASP F 207 20.38 62.12 27.06
N GLN F 208 20.99 63.31 26.99
CA GLN F 208 20.26 64.48 26.52
C GLN F 208 21.04 65.29 25.48
N HIS F 209 22.16 64.76 24.98
CA HIS F 209 22.92 65.44 23.95
C HIS F 209 23.43 64.43 22.94
N ILE F 210 23.66 64.90 21.72
CA ILE F 210 24.30 64.12 20.67
C ILE F 210 25.38 64.97 20.04
N THR F 211 26.57 64.40 19.89
CA THR F 211 27.75 65.12 19.45
C THR F 211 28.41 64.36 18.30
N THR F 212 29.05 65.11 17.40
CA THR F 212 29.75 64.51 16.28
C THR F 212 31.10 65.20 16.10
N TRP F 213 32.16 64.41 15.99
CA TRP F 213 33.48 64.90 15.61
C TRP F 213 33.75 64.45 14.18
N THR F 214 34.07 65.40 13.30
CA THR F 214 34.18 65.11 11.88
C THR F 214 35.58 65.41 11.38
N TYR F 215 36.19 64.45 10.70
CA TYR F 215 37.42 64.64 9.94
C TYR F 215 37.07 64.66 8.46
N TYR F 216 37.49 65.72 7.78
CA TYR F 216 37.06 65.98 6.41
C TYR F 216 38.15 65.57 5.42
N ASP F 217 37.72 65.00 4.31
CA ASP F 217 38.59 64.62 3.20
C ASP F 217 39.72 63.71 3.69
N ILE F 218 39.31 62.54 4.17
CA ILE F 218 40.23 61.56 4.71
C ILE F 218 40.30 60.37 3.77
N ILE F 219 41.22 59.46 4.07
CA ILE F 219 41.37 58.20 3.35
C ILE F 219 41.10 57.07 4.34
N VAL F 220 40.23 56.15 3.96
CA VAL F 220 39.92 55.03 4.82
C VAL F 220 41.07 54.03 4.78
N SER F 221 41.40 53.47 5.94
CA SER F 221 42.48 52.50 6.06
C SER F 221 41.91 51.08 6.04
N ASP F 222 42.82 50.11 5.88
CA ASP F 222 42.41 48.71 5.84
C ASP F 222 41.81 48.24 7.15
N SER F 223 42.12 48.92 8.25
CA SER F 223 41.53 48.60 9.55
C SER F 223 40.19 49.28 9.78
N GLY F 224 39.68 50.00 8.79
CA GLY F 224 38.44 50.74 8.94
C GLY F 224 38.61 52.13 9.51
N GLY F 225 39.82 52.52 9.87
CA GLY F 225 40.10 53.83 10.40
C GLY F 225 40.59 54.80 9.36
N ILE F 226 41.26 55.85 9.82
CA ILE F 226 41.79 56.90 8.96
C ILE F 226 43.27 56.64 8.74
N SER F 227 43.70 56.69 7.48
CA SER F 227 45.10 56.55 7.12
C SER F 227 45.73 57.88 6.74
N LYS F 228 45.12 58.62 5.81
CA LYS F 228 45.64 59.89 5.34
C LYS F 228 44.52 60.92 5.38
N ILE F 229 44.88 62.18 5.64
CA ILE F 229 43.93 63.27 5.65
C ILE F 229 44.44 64.38 4.73
N TRP F 230 43.51 65.19 4.24
CA TRP F 230 43.86 66.34 3.43
C TRP F 230 44.47 67.43 4.29
N ASP F 231 45.36 68.22 3.69
CA ASP F 231 45.97 69.35 4.36
C ASP F 231 46.15 70.44 3.31
N GLN F 232 45.37 71.51 3.42
CA GLN F 232 45.46 72.59 2.45
C GLN F 232 46.80 73.29 2.54
N SER F 233 47.35 73.43 3.74
CA SER F 233 48.65 74.06 3.92
C SER F 233 49.77 73.25 3.27
N LEU F 234 49.57 71.96 3.04
CA LEU F 234 50.60 71.13 2.43
C LEU F 234 50.84 71.55 0.99
N ASN F 235 51.84 70.92 0.36
CA ASN F 235 52.21 71.19 -1.02
C ASN F 235 52.48 72.68 -1.23
N TYR F 236 53.24 73.27 -0.30
CA TYR F 236 53.55 74.71 -0.32
C TYR F 236 52.27 75.54 -0.33
N GLY F 237 51.26 75.07 0.40
CA GLY F 237 49.98 75.75 0.49
C GLY F 237 48.95 75.28 -0.52
N LYS F 238 49.34 74.43 -1.47
CA LYS F 238 48.38 73.93 -2.45
C LYS F 238 47.52 72.81 -1.87
N GLY F 239 48.03 72.07 -0.90
CA GLY F 239 47.28 71.02 -0.25
C GLY F 239 47.60 69.65 -0.81
N ALA F 240 47.67 68.66 0.07
CA ALA F 240 47.97 67.30 -0.31
C ALA F 240 47.55 66.37 0.83
N TYR F 241 47.68 65.07 0.59
CA TYR F 241 47.33 64.06 1.58
C TYR F 241 48.55 63.74 2.44
N ARG F 242 48.37 63.81 3.76
CA ARG F 242 49.44 63.53 4.70
C ARG F 242 48.94 62.53 5.74
N SER F 243 49.89 61.82 6.35
CA SER F 243 49.54 60.80 7.32
C SER F 243 48.84 61.41 8.53
N ILE F 244 47.91 60.66 9.09
CA ILE F 244 47.12 61.13 10.23
C ILE F 244 48.00 61.17 11.47
N ASP F 245 47.85 62.22 12.27
CA ASP F 245 48.56 62.36 13.53
C ASP F 245 47.62 62.02 14.67
N LYS F 246 48.02 61.08 15.52
CA LYS F 246 47.16 60.61 16.59
C LYS F 246 47.13 61.55 17.79
N GLU F 247 47.96 62.58 17.81
CA GLU F 247 47.98 63.53 18.92
C GLU F 247 47.75 64.97 18.51
N LYS F 248 47.97 65.33 17.24
CA LYS F 248 47.86 66.71 16.81
C LYS F 248 46.70 66.98 15.87
N ASP F 249 46.17 65.96 15.21
CA ASP F 249 45.02 66.13 14.32
C ASP F 249 43.76 66.03 15.16
N LYS F 250 43.14 67.17 15.44
CA LYS F 250 42.00 67.26 16.32
C LYS F 250 40.77 67.68 15.55
N ALA F 251 39.62 67.10 15.91
CA ALA F 251 38.35 67.42 15.29
C ALA F 251 37.49 68.22 16.26
N ASP F 252 36.92 69.31 15.78
CA ASP F 252 36.08 70.15 16.63
C ASP F 252 34.69 69.54 16.74
N PRO F 253 34.20 69.28 17.95
CA PRO F 253 32.86 68.70 18.09
C PRO F 253 31.77 69.66 17.66
N VAL F 254 30.69 69.10 17.15
CA VAL F 254 29.43 69.81 16.95
C VAL F 254 28.34 69.01 17.65
N SER F 255 27.66 69.65 18.60
CA SER F 255 26.73 68.95 19.46
C SER F 255 25.43 69.72 19.57
N PHE F 256 24.35 68.98 19.83
CA PHE F 256 23.07 69.60 20.12
C PHE F 256 22.24 68.65 20.97
N ALA F 257 21.26 69.22 21.66
CA ALA F 257 20.42 68.48 22.59
C ALA F 257 19.15 68.04 21.88
N HIS F 258 18.91 66.73 21.86
CA HIS F 258 17.71 66.19 21.24
C HIS F 258 16.49 66.26 22.15
N ASN F 259 16.69 66.54 23.45
CA ASN F 259 15.59 66.71 24.40
C ASN F 259 14.71 65.46 24.49
N ARG F 260 15.27 64.30 24.14
CA ARG F 260 14.52 63.07 24.27
C ARG F 260 14.38 62.63 25.72
N GLY F 261 15.29 63.06 26.59
CA GLY F 261 15.31 62.59 27.97
C GLY F 261 15.94 61.24 28.17
N SER F 262 16.28 60.54 27.08
CA SER F 262 16.96 59.26 27.16
C SER F 262 17.70 59.05 25.84
N CYS F 263 18.60 58.08 25.84
CA CYS F 263 19.39 57.82 24.64
C CYS F 263 18.47 57.28 23.55
N PRO F 264 18.36 57.94 22.41
CA PRO F 264 17.42 57.52 21.36
C PRO F 264 17.96 56.38 20.50
N VAL F 265 18.38 55.30 21.14
CA VAL F 265 18.80 54.10 20.45
C VAL F 265 18.16 52.89 21.12
N VAL F 266 17.95 51.84 20.34
CA VAL F 266 17.41 50.58 20.84
C VAL F 266 18.24 49.45 20.24
N ARG F 267 18.58 48.47 21.07
CA ARG F 267 19.36 47.32 20.65
C ARG F 267 18.48 46.08 20.70
N TYR F 268 18.36 45.40 19.57
CA TYR F 268 17.71 44.10 19.53
C TYR F 268 18.79 43.04 19.70
N ARG F 269 18.61 42.18 20.70
CA ARG F 269 19.60 41.18 21.08
C ARG F 269 18.94 39.82 21.02
N MET F 270 19.26 39.04 19.98
CA MET F 270 18.74 37.68 19.88
C MET F 270 19.33 36.82 20.99
N ASP F 271 18.48 36.00 21.60
CA ASP F 271 18.92 35.16 22.71
C ASP F 271 19.98 34.18 22.23
N GLU F 272 20.94 33.89 23.12
CA GLU F 272 22.07 33.04 22.75
C GLU F 272 21.61 31.64 22.34
N SER F 273 20.63 31.09 23.05
CA SER F 273 20.10 29.78 22.71
C SER F 273 19.45 29.78 21.32
N LEU F 274 18.93 30.93 20.88
CA LEU F 274 18.31 31.03 19.58
C LEU F 274 19.29 31.41 18.48
N TYR F 275 20.38 32.10 18.82
CA TYR F 275 21.36 32.53 17.83
C TYR F 275 22.14 31.32 17.33
N MET F 276 21.75 30.81 16.17
CA MET F 276 22.35 29.60 15.63
C MET F 276 23.59 29.85 14.79
N ALA F 277 23.74 31.06 14.23
CA ALA F 277 24.86 31.33 13.34
C ALA F 277 26.20 31.17 14.06
N ASP F 278 26.22 31.32 15.38
CA ASP F 278 27.44 31.15 16.14
C ASP F 278 27.93 29.70 16.14
N GLN F 279 27.06 28.75 15.82
CA GLN F 279 27.37 27.34 15.96
C GLN F 279 27.42 26.60 14.63
N VAL F 280 27.34 27.29 13.50
CA VAL F 280 27.34 26.62 12.21
C VAL F 280 28.32 27.25 11.24
N TYR F 281 28.82 28.45 11.58
CA TYR F 281 29.69 29.15 10.64
C TYR F 281 30.98 28.38 10.39
N LEU F 282 31.54 27.76 11.44
CA LEU F 282 32.69 26.88 11.24
C LEU F 282 32.35 25.73 10.32
N ALA F 283 31.16 25.13 10.50
CA ALA F 283 30.72 24.08 9.59
C ALA F 283 30.60 24.61 8.16
N GLN F 284 30.16 25.86 8.01
CA GLN F 284 30.01 26.42 6.67
C GLN F 284 31.36 26.61 5.98
N ARG F 285 32.36 27.13 6.71
CA ARG F 285 33.67 27.27 6.10
C ARG F 285 34.32 25.91 5.84
N MET F 286 34.04 24.93 6.71
CA MET F 286 34.48 23.57 6.44
C MET F 286 33.85 23.04 5.16
N ILE F 287 32.57 23.37 4.94
CA ILE F 287 31.90 22.98 3.70
C ILE F 287 32.58 23.63 2.50
N TYR F 288 32.92 24.91 2.61
CA TYR F 288 33.65 25.58 1.54
C TYR F 288 34.92 24.82 1.19
N GLY F 289 35.75 24.55 2.19
CA GLY F 289 37.01 23.87 1.93
C GLY F 289 36.82 22.49 1.36
N LEU F 290 35.90 21.72 1.94
CA LEU F 290 35.67 20.36 1.49
C LEU F 290 35.13 20.33 0.07
N SER F 291 34.24 21.26 -0.28
CA SER F 291 33.73 21.32 -1.65
C SER F 291 34.84 21.64 -2.63
N MET F 292 35.71 22.60 -2.27
CA MET F 292 36.81 22.92 -3.18
C MET F 292 37.71 21.71 -3.39
N ASN F 293 38.06 21.02 -2.31
CA ASN F 293 38.91 19.84 -2.43
C ASN F 293 38.22 18.74 -3.24
N LEU F 294 36.92 18.54 -3.01
CA LEU F 294 36.19 17.50 -3.73
C LEU F 294 36.16 17.78 -5.22
N PHE F 295 35.87 19.02 -5.61
CA PHE F 295 35.85 19.34 -7.03
C PHE F 295 37.23 19.23 -7.65
N HIS F 296 38.28 19.62 -6.92
CA HIS F 296 39.63 19.46 -7.44
C HIS F 296 39.96 18.00 -7.67
N THR F 297 39.65 17.14 -6.70
CA THR F 297 39.92 15.72 -6.85
C THR F 297 39.14 15.12 -8.01
N ALA F 298 37.85 15.47 -8.12
CA ALA F 298 37.02 14.93 -9.19
C ALA F 298 37.53 15.37 -10.56
N ALA F 299 37.92 16.64 -10.68
CA ALA F 299 38.45 17.11 -11.96
C ALA F 299 39.76 16.41 -12.31
N ASN F 300 40.63 16.23 -11.32
CA ASN F 300 41.92 15.60 -11.60
C ASN F 300 41.82 14.09 -11.81
N ALA F 301 40.73 13.46 -11.40
CA ALA F 301 40.58 12.02 -11.57
C ALA F 301 39.37 11.64 -12.40
N GLY F 302 38.72 12.61 -13.05
CA GLY F 302 37.49 12.33 -13.76
C GLY F 302 37.67 11.81 -15.18
N PHE F 303 38.85 11.99 -15.76
CA PHE F 303 39.06 11.60 -17.14
C PHE F 303 39.23 10.09 -17.25
N VAL F 304 39.06 9.57 -18.48
CA VAL F 304 39.17 8.15 -18.76
C VAL F 304 40.42 7.93 -19.60
N GLN F 305 41.30 7.06 -19.12
CA GLN F 305 42.56 6.77 -19.81
C GLN F 305 42.46 5.41 -20.49
N LYS F 306 43.01 5.31 -21.68
CA LYS F 306 43.01 4.07 -22.44
C LYS F 306 44.43 3.68 -22.80
N TRP F 307 44.90 2.59 -22.22
CA TRP F 307 46.25 2.13 -22.49
C TRP F 307 46.23 0.82 -23.29
N ILE F 308 47.37 0.53 -23.91
CA ILE F 308 47.49 -0.64 -24.77
C ILE F 308 48.69 -1.45 -24.33
N ARG F 309 48.80 -2.64 -24.90
CA ARG F 309 50.00 -3.46 -24.80
C ARG F 309 50.33 -3.88 -26.22
N PRO F 310 51.36 -3.30 -26.83
CA PRO F 310 51.59 -3.52 -28.25
C PRO F 310 51.85 -4.99 -28.56
N TYR F 311 51.36 -5.42 -29.71
CA TYR F 311 51.50 -6.79 -30.15
C TYR F 311 52.71 -6.93 -31.07
N ILE F 312 53.54 -7.93 -30.83
CA ILE F 312 54.76 -8.12 -31.60
C ILE F 312 54.66 -9.37 -32.47
N PRO F 332 63.71 -1.54 -29.97
CA PRO F 332 63.62 -0.55 -31.05
C PRO F 332 62.63 0.57 -30.73
N LYS F 333 63.14 1.66 -30.15
CA LYS F 333 62.26 2.74 -29.72
C LYS F 333 61.59 3.41 -30.91
N GLU F 334 62.27 3.49 -32.06
CA GLU F 334 61.65 4.05 -33.24
C GLU F 334 60.49 3.18 -33.72
N ALA F 335 60.67 1.86 -33.65
CA ALA F 335 59.58 0.96 -34.00
C ALA F 335 58.41 1.12 -33.03
N LEU F 336 58.71 1.31 -31.75
CA LEU F 336 57.67 1.47 -30.75
C LEU F 336 56.85 2.72 -31.05
N ASN F 337 57.51 3.75 -31.55
CA ASN F 337 56.81 4.98 -31.90
C ASN F 337 55.86 4.72 -33.04
N GLU F 338 56.31 3.98 -34.06
CA GLU F 338 55.44 3.64 -35.17
C GLU F 338 54.21 2.89 -34.66
N ILE F 339 54.43 1.93 -33.75
CA ILE F 339 53.32 1.14 -33.22
C ILE F 339 52.28 2.03 -32.54
N ILE F 340 52.71 2.87 -31.59
CA ILE F 340 51.75 3.69 -30.86
C ILE F 340 51.07 4.70 -31.80
N LYS F 341 51.78 5.20 -32.81
CA LYS F 341 51.16 6.10 -33.77
C LYS F 341 50.04 5.37 -34.48
N LYS F 342 50.36 4.20 -35.04
CA LYS F 342 49.36 3.41 -35.75
C LYS F 342 48.16 3.13 -34.85
N TYR F 343 48.41 2.73 -33.61
CA TYR F 343 47.33 2.40 -32.69
C TYR F 343 46.42 3.59 -32.50
N ALA F 344 46.99 4.75 -32.20
CA ALA F 344 46.19 5.96 -32.02
C ALA F 344 45.34 6.25 -33.24
N GLU F 345 45.93 6.18 -34.42
CA GLU F 345 45.20 6.44 -35.65
C GLU F 345 44.00 5.52 -35.81
N SER F 346 44.20 4.22 -35.58
CA SER F 346 43.12 3.27 -35.74
C SER F 346 42.45 2.91 -34.43
N LEU F 347 42.05 3.91 -33.66
CA LEU F 347 41.35 3.65 -32.41
C LEU F 347 39.93 4.19 -32.48
N GLY F 348 39.07 3.53 -33.25
CA GLY F 348 37.69 3.96 -33.36
C GLY F 348 36.79 2.79 -33.67
N ASP F 349 35.51 3.10 -33.88
CA ASP F 349 34.53 2.06 -34.20
C ASP F 349 34.74 1.45 -35.57
N GLU F 350 35.34 2.20 -36.49
CA GLU F 350 35.52 1.76 -37.87
C GLU F 350 36.85 1.05 -38.09
N SER F 351 37.40 0.44 -37.05
CA SER F 351 38.68 -0.24 -37.18
C SER F 351 38.80 -1.31 -36.10
N VAL F 352 39.45 -2.41 -36.45
CA VAL F 352 39.79 -3.47 -35.51
C VAL F 352 41.30 -3.42 -35.27
N ILE F 353 41.68 -3.13 -34.05
CA ILE F 353 43.09 -2.98 -33.72
C ILE F 353 43.68 -4.36 -33.43
N MET F 354 45.00 -4.44 -33.52
CA MET F 354 45.72 -5.71 -33.46
C MET F 354 46.50 -5.85 -32.16
N ALA F 355 46.07 -5.17 -31.11
CA ALA F 355 46.87 -5.04 -29.90
C ALA F 355 46.76 -6.31 -29.05
N ASP F 356 47.35 -6.26 -27.87
CA ASP F 356 47.37 -7.38 -26.93
C ASP F 356 46.51 -7.14 -25.70
N PHE F 357 46.30 -5.89 -25.30
CA PHE F 357 45.46 -5.57 -24.16
C PHE F 357 45.11 -4.09 -24.23
N PHE F 358 43.82 -3.78 -24.31
CA PHE F 358 43.37 -2.40 -24.53
C PHE F 358 42.23 -2.04 -23.59
N THR F 359 42.40 -2.30 -22.30
CA THR F 359 41.34 -1.95 -21.37
C THR F 359 41.13 -0.44 -21.32
N PHE F 360 39.88 -0.04 -21.08
CA PHE F 360 39.53 1.35 -20.84
C PHE F 360 39.63 1.61 -19.35
N GLU F 361 40.72 2.23 -18.93
CA GLU F 361 40.94 2.47 -17.51
C GLU F 361 40.11 3.66 -17.06
N GLU F 362 39.40 3.50 -15.95
CA GLU F 362 38.49 4.52 -15.47
C GLU F 362 38.40 4.47 -13.95
N LEU F 363 38.22 5.63 -13.35
CA LEU F 363 38.01 5.70 -11.91
C LEU F 363 36.67 5.07 -11.55
N ALA F 364 36.68 4.19 -10.54
CA ALA F 364 35.43 3.62 -10.07
C ALA F 364 34.59 4.67 -9.33
N GLY F 365 35.15 5.25 -8.28
CA GLY F 365 34.53 6.34 -7.56
C GLY F 365 33.84 5.87 -6.30
N THR F 366 34.56 5.93 -5.19
CA THR F 366 33.99 5.65 -3.87
C THR F 366 34.41 6.74 -2.90
N SER F 367 35.56 7.36 -3.16
CA SER F 367 35.99 8.48 -2.35
C SER F 367 35.22 9.74 -2.66
N VAL F 368 34.85 9.95 -3.92
CA VAL F 368 34.08 11.13 -4.28
C VAL F 368 32.73 11.12 -3.59
N GLU F 369 32.04 9.99 -3.63
CA GLU F 369 30.78 9.88 -2.90
C GLU F 369 30.99 9.91 -1.39
N MET F 370 32.15 9.49 -0.90
CA MET F 370 32.45 9.63 0.52
C MET F 370 32.50 11.10 0.92
N GLN F 371 33.23 11.91 0.15
CA GLN F 371 33.30 13.34 0.44
C GLN F 371 31.94 14.00 0.24
N ILE F 372 31.17 13.52 -0.73
CA ILE F 372 29.81 14.03 -0.91
C ILE F 372 28.98 13.75 0.32
N GLY F 373 29.10 12.54 0.88
CA GLY F 373 28.38 12.22 2.11
C GLY F 373 28.83 13.08 3.28
N LEU F 374 30.13 13.37 3.37
CA LEU F 374 30.62 14.24 4.43
C LEU F 374 30.03 15.63 4.32
N ILE F 375 30.05 16.20 3.11
CA ILE F 375 29.47 17.53 2.91
C ILE F 375 27.96 17.49 3.19
N GLU F 376 27.30 16.40 2.80
CA GLU F 376 25.88 16.27 3.04
C GLU F 376 25.58 16.24 4.54
N ARG F 377 26.41 15.53 5.32
CA ARG F 377 26.18 15.49 6.76
C ARG F 377 26.47 16.83 7.41
N LEU F 378 27.46 17.58 6.89
CA LEU F 378 27.67 18.93 7.40
C LEU F 378 26.48 19.82 7.11
N ARG F 379 25.92 19.74 5.90
CA ARG F 379 24.73 20.50 5.57
C ARG F 379 23.55 20.08 6.45
N ASN F 380 23.41 18.77 6.70
CA ASN F 380 22.34 18.28 7.56
C ASN F 380 22.48 18.82 8.97
N TYR F 381 23.72 18.88 9.50
CA TYR F 381 23.90 19.49 10.80
C TYR F 381 23.53 20.97 10.77
N ILE F 382 23.93 21.68 9.71
CA ILE F 382 23.60 23.09 9.62
C ILE F 382 22.09 23.29 9.64
N PHE F 383 21.35 22.46 8.92
CA PHE F 383 19.90 22.60 8.89
C PHE F 383 19.21 22.00 10.10
N THR F 384 19.88 21.16 10.88
CA THR F 384 19.31 20.67 12.12
C THR F 384 19.71 21.50 13.33
N ALA F 385 20.60 22.48 13.16
CA ALA F 385 20.84 23.45 14.22
C ALA F 385 19.54 24.18 14.56
N ILE F 386 18.81 24.58 13.55
CA ILE F 386 17.40 24.92 13.69
C ILE F 386 16.60 23.63 13.51
N LEU F 387 15.49 23.51 14.24
CA LEU F 387 14.76 22.25 14.23
C LEU F 387 14.03 22.07 12.90
N PHE F 388 14.78 21.88 11.82
CA PHE F 388 14.22 21.78 10.49
C PHE F 388 14.85 20.62 9.74
N ASN F 389 14.07 20.03 8.83
CA ASN F 389 14.52 18.90 8.03
C ASN F 389 14.69 19.34 6.58
N ASN F 390 15.92 19.19 6.06
CA ASN F 390 16.22 19.56 4.69
C ASN F 390 15.63 18.59 3.67
N ALA F 391 15.15 17.43 4.11
CA ALA F 391 14.61 16.44 3.18
C ALA F 391 13.36 16.97 2.48
N LYS F 392 12.77 18.06 2.96
CA LYS F 392 11.68 18.70 2.24
C LYS F 392 12.10 19.05 0.82
N PHE F 393 13.34 19.47 0.62
CA PHE F 393 13.87 19.79 -0.70
C PHE F 393 15.09 18.95 -1.03
N GLU F 394 15.02 17.66 -0.70
CA GLU F 394 16.06 16.71 -1.08
C GLU F 394 15.56 15.63 -2.03
N GLN F 395 14.33 15.17 -1.85
CA GLN F 395 13.76 14.15 -2.73
C GLN F 395 12.23 14.28 -2.80
N ALA F 404 -2.96 19.25 -0.68
CA ALA F 404 -3.09 18.40 0.50
C ALA F 404 -1.73 18.10 1.10
N ALA F 405 -0.92 17.30 0.40
CA ALA F 405 0.41 16.96 0.88
C ALA F 405 1.45 17.97 0.40
N LYS F 406 1.57 18.13 -0.92
CA LYS F 406 2.53 19.09 -1.46
C LYS F 406 2.06 20.53 -1.28
N GLU F 407 0.81 20.71 -0.83
CA GLU F 407 0.33 22.06 -0.54
C GLU F 407 1.16 22.74 0.54
N ILE F 408 1.76 21.96 1.43
CA ILE F 408 2.64 22.53 2.45
C ILE F 408 3.87 23.14 1.78
N ASP F 409 4.48 22.42 0.84
CA ASP F 409 5.62 22.97 0.11
C ASP F 409 5.20 24.19 -0.71
N PHE F 410 4.00 24.15 -1.30
CA PHE F 410 3.52 25.30 -2.03
C PHE F 410 3.37 26.51 -1.11
N TYR F 411 2.87 26.31 0.09
CA TYR F 411 2.77 27.40 1.06
C TYR F 411 4.14 27.90 1.48
N VAL F 412 5.11 26.98 1.61
CA VAL F 412 6.47 27.39 1.93
C VAL F 412 7.00 28.33 0.85
N GLN F 413 6.76 28.00 -0.42
CA GLN F 413 7.11 28.92 -1.50
C GLN F 413 6.34 30.24 -1.37
N ASN F 414 5.04 30.14 -1.06
CA ASN F 414 4.21 31.34 -0.93
C ASN F 414 4.73 32.28 0.14
N LEU F 415 5.47 31.76 1.12
CA LEU F 415 6.02 32.64 2.16
C LEU F 415 7.02 33.62 1.56
N ALA F 416 8.00 33.12 0.81
CA ALA F 416 8.94 34.01 0.14
C ALA F 416 8.24 34.86 -0.90
N LEU F 417 7.20 34.30 -1.53
CA LEU F 417 6.40 35.09 -2.46
C LEU F 417 5.78 36.29 -1.76
N LYS F 418 5.26 36.09 -0.55
CA LYS F 418 4.66 37.18 0.21
C LYS F 418 5.70 38.20 0.63
N ASP F 419 6.90 37.75 0.99
CA ASP F 419 7.95 38.70 1.33
C ASP F 419 8.29 39.60 0.15
N HIS F 420 8.57 38.98 -1.00
CA HIS F 420 8.85 39.76 -2.20
C HIS F 420 7.66 40.63 -2.59
N GLY F 421 6.44 40.15 -2.33
CA GLY F 421 5.27 40.94 -2.63
C GLY F 421 5.16 42.18 -1.78
N SER F 422 5.51 42.07 -0.49
CA SER F 422 5.53 43.25 0.37
C SER F 422 6.56 44.26 -0.13
N GLY F 423 7.75 43.78 -0.49
CA GLY F 423 8.74 44.68 -1.08
C GLY F 423 8.23 45.34 -2.35
N ILE F 424 7.58 44.57 -3.21
CA ILE F 424 7.05 45.08 -4.46
C ILE F 424 5.97 46.13 -4.20
N VAL F 425 5.12 45.89 -3.21
CA VAL F 425 4.07 46.86 -2.89
C VAL F 425 4.68 48.16 -2.38
N GLU F 426 5.72 48.08 -1.55
CA GLU F 426 6.40 49.29 -1.12
C GLU F 426 6.97 50.06 -2.32
N PHE F 427 7.65 49.35 -3.22
CA PHE F 427 8.22 50.00 -4.39
C PHE F 427 7.13 50.62 -5.25
N THR F 428 6.01 49.93 -5.41
CA THR F 428 4.91 50.43 -6.22
C THR F 428 4.29 51.68 -5.60
N ARG F 429 4.17 51.70 -4.27
CA ARG F 429 3.67 52.89 -3.60
C ARG F 429 4.60 54.07 -3.85
N SER F 430 5.92 53.86 -3.75
CA SER F 430 6.85 54.94 -4.03
C SER F 430 6.74 55.41 -5.48
N LEU F 431 6.64 54.47 -6.41
CA LEU F 431 6.53 54.82 -7.83
C LEU F 431 5.26 55.61 -8.10
N LEU F 432 4.14 55.20 -7.50
CA LEU F 432 2.89 55.92 -7.70
C LEU F 432 2.94 57.30 -7.07
N HIS F 433 3.62 57.43 -5.93
CA HIS F 433 3.80 58.77 -5.35
C HIS F 433 4.57 59.68 -6.29
N HIS F 434 5.66 59.17 -6.87
CA HIS F 434 6.43 59.98 -7.82
C HIS F 434 5.59 60.31 -9.06
N THR F 435 4.82 59.34 -9.54
CA THR F 435 3.98 59.59 -10.71
C THR F 435 2.94 60.66 -10.42
N ALA F 436 2.30 60.60 -9.26
CA ALA F 436 1.35 61.63 -8.87
C ALA F 436 2.03 62.99 -8.79
N LYS F 437 3.24 63.04 -8.25
CA LYS F 437 3.99 64.29 -8.23
C LYS F 437 4.28 64.77 -9.65
N ALA F 438 4.43 63.85 -10.60
CA ALA F 438 4.68 64.24 -11.98
C ALA F 438 3.47 64.96 -12.58
N PHE F 439 2.26 64.51 -12.27
CA PHE F 439 1.06 65.17 -12.75
C PHE F 439 0.85 66.54 -12.11
N GLY F 440 1.72 66.94 -11.18
CA GLY F 440 1.52 68.17 -10.44
C GLY F 440 0.65 68.03 -9.21
N TYR F 441 0.12 66.84 -8.95
CA TYR F 441 -0.66 66.61 -7.75
C TYR F 441 0.25 66.49 -6.53
N ASP F 442 -0.26 66.89 -5.37
CA ASP F 442 0.50 66.89 -4.13
C ASP F 442 0.36 65.58 -3.36
N SER F 443 0.08 64.48 -4.04
CA SER F 443 -0.16 63.18 -3.41
C SER F 443 -1.32 63.34 -2.43
N GLY F 444 -1.32 62.58 -1.34
CA GLY F 444 -2.40 62.60 -0.38
C GLY F 444 -2.95 61.22 -0.12
N GLY F 445 -2.93 60.79 1.14
CA GLY F 445 -3.24 59.42 1.47
C GLY F 445 -2.18 58.43 1.05
N SER F 446 -1.06 58.90 0.51
CA SER F 446 0.08 58.09 0.08
C SER F 446 -0.28 57.02 -0.92
N ILE F 447 -1.48 57.09 -1.53
CA ILE F 447 -1.91 56.17 -2.58
C ILE F 447 -1.84 54.74 -2.05
N VAL F 448 -2.89 54.30 -1.35
CA VAL F 448 -2.87 52.97 -0.77
C VAL F 448 -2.87 51.92 -1.87
N VAL F 449 -2.03 50.91 -1.70
CA VAL F 449 -1.88 49.82 -2.66
C VAL F 449 -1.90 48.51 -1.89
N SER F 450 -2.75 47.58 -2.32
CA SER F 450 -2.82 46.25 -1.71
C SER F 450 -2.51 45.19 -2.74
N GLY F 451 -2.59 43.94 -2.30
CA GLY F 451 -2.30 42.80 -3.14
C GLY F 451 -0.91 42.25 -2.88
N MET F 452 -0.54 41.26 -3.70
CA MET F 452 0.75 40.58 -3.59
C MET F 452 0.96 40.01 -2.19
N ASP F 453 -0.10 39.51 -1.58
CA ASP F 453 -0.04 38.99 -0.23
C ASP F 453 -0.71 37.63 -0.06
N ARG F 454 -1.51 37.19 -1.03
CA ARG F 454 -2.21 35.91 -0.96
C ARG F 454 -1.89 35.12 -2.22
N TYR F 455 -0.81 34.35 -2.17
CA TYR F 455 -0.44 33.45 -3.25
C TYR F 455 -0.97 32.06 -2.91
N ASP F 456 -1.93 31.59 -3.69
CA ASP F 456 -2.56 30.31 -3.39
C ASP F 456 -3.11 29.70 -4.67
N VAL F 457 -2.98 28.37 -4.78
CA VAL F 457 -3.54 27.67 -5.93
C VAL F 457 -5.05 27.73 -5.86
N ARG F 458 -5.68 27.98 -7.01
CA ARG F 458 -7.13 28.05 -7.12
C ARG F 458 -7.66 29.11 -6.17
N PRO F 459 -7.43 30.39 -6.44
CA PRO F 459 -7.78 31.43 -5.46
C PRO F 459 -9.21 31.92 -5.57
N ILE F 460 -9.87 31.65 -6.70
CA ILE F 460 -11.19 32.23 -6.94
C ILE F 460 -12.20 31.68 -5.93
N GLU F 461 -12.26 30.36 -5.78
CA GLU F 461 -13.24 29.80 -4.87
C GLU F 461 -12.90 30.05 -3.41
N GLN F 462 -11.63 30.30 -3.09
CA GLN F 462 -11.30 30.73 -1.73
C GLN F 462 -11.93 32.08 -1.43
N VAL F 463 -11.86 33.02 -2.38
CA VAL F 463 -12.50 34.31 -2.19
C VAL F 463 -14.02 34.16 -2.16
N LEU F 464 -14.55 33.25 -2.99
CA LEU F 464 -15.99 32.98 -2.94
C LEU F 464 -16.41 32.45 -1.58
N SER F 465 -15.62 31.53 -1.02
CA SER F 465 -15.92 31.01 0.32
C SER F 465 -15.84 32.12 1.36
N LEU F 466 -14.84 33.00 1.25
CA LEU F 466 -14.76 34.12 2.17
C LEU F 466 -16.00 35.00 2.10
N ILE F 467 -16.44 35.30 0.87
CA ILE F 467 -17.64 36.12 0.68
C ILE F 467 -18.85 35.45 1.32
N GLU F 468 -19.02 34.15 1.05
CA GLU F 468 -20.17 33.42 1.56
C GLU F 468 -20.16 33.38 3.09
N ARG F 469 -19.01 33.08 3.67
CA ARG F 469 -18.92 33.02 5.13
C ARG F 469 -19.19 34.39 5.75
N LEU F 470 -18.72 35.46 5.11
CA LEU F 470 -19.05 36.80 5.60
C LEU F 470 -20.54 37.06 5.53
N PHE F 471 -21.19 36.66 4.44
CA PHE F 471 -22.62 36.93 4.31
C PHE F 471 -23.47 36.06 5.22
N LYS F 472 -22.97 34.89 5.64
CA LYS F 472 -23.73 34.05 6.55
C LYS F 472 -23.75 34.60 7.97
N LEU F 473 -22.86 35.54 8.29
CA LEU F 473 -22.82 36.14 9.61
C LEU F 473 -24.02 37.06 9.82
N PRO F 474 -24.34 37.37 11.06
CA PRO F 474 -25.40 38.36 11.32
C PRO F 474 -25.13 39.66 10.58
N GLN F 475 -26.04 40.00 9.65
CA GLN F 475 -25.80 41.12 8.76
C GLN F 475 -25.64 42.43 9.52
N LEU F 476 -26.30 42.55 10.68
CA LEU F 476 -26.17 43.76 11.48
C LEU F 476 -24.77 43.92 12.05
N ALA F 477 -23.98 42.86 12.08
CA ALA F 477 -22.65 42.89 12.68
C ALA F 477 -21.54 43.06 11.66
N ILE F 478 -21.85 43.18 10.38
CA ILE F 478 -20.85 43.27 9.32
C ILE F 478 -20.87 44.69 8.78
N PRO F 479 -19.78 45.45 8.90
CA PRO F 479 -19.74 46.77 8.29
C PRO F 479 -19.72 46.68 6.77
N LYS F 480 -20.23 47.74 6.13
CA LYS F 480 -20.27 47.75 4.67
C LYS F 480 -18.86 47.77 4.09
N ASP F 481 -17.90 48.33 4.82
CA ASP F 481 -16.54 48.44 4.29
C ASP F 481 -15.91 47.07 4.09
N LEU F 482 -16.12 46.15 5.03
CA LEU F 482 -15.56 44.81 4.88
C LEU F 482 -16.14 44.09 3.68
N LEU F 483 -17.46 44.17 3.50
CA LEU F 483 -18.09 43.56 2.33
C LEU F 483 -17.59 44.20 1.05
N ILE F 484 -17.45 45.52 1.03
CA ILE F 484 -16.94 46.20 -0.15
C ILE F 484 -15.53 45.71 -0.48
N GLU F 485 -14.68 45.60 0.54
CA GLU F 485 -13.30 45.16 0.30
C GLU F 485 -13.27 43.74 -0.23
N SER F 486 -14.04 42.83 0.37
CA SER F 486 -14.03 41.45 -0.08
C SER F 486 -14.59 41.30 -1.49
N MET F 487 -15.70 41.99 -1.78
CA MET F 487 -16.27 41.94 -3.12
C MET F 487 -15.32 42.57 -4.15
N SER F 488 -14.62 43.63 -3.78
CA SER F 488 -13.64 44.23 -4.69
C SER F 488 -12.50 43.27 -4.95
N GLN F 489 -12.06 42.54 -3.93
CA GLN F 489 -11.02 41.53 -4.13
C GLN F 489 -11.50 40.47 -5.11
N LEU F 490 -12.74 40.01 -4.94
CA LEU F 490 -13.30 39.04 -5.87
C LEU F 490 -13.37 39.59 -7.28
N SER F 491 -13.80 40.85 -7.42
CA SER F 491 -13.93 41.46 -8.73
C SER F 491 -12.58 41.57 -9.43
N ARG F 492 -11.55 42.02 -8.70
CA ARG F 492 -10.24 42.16 -9.32
C ARG F 492 -9.55 40.82 -9.51
N LEU F 493 -10.02 39.76 -8.85
CA LEU F 493 -9.48 38.44 -9.14
C LEU F 493 -10.16 37.78 -10.33
N ILE F 494 -11.47 37.98 -10.50
CA ILE F 494 -12.19 37.27 -11.55
C ILE F 494 -11.79 37.79 -12.93
N ILE F 495 -11.61 39.11 -13.06
CA ILE F 495 -11.19 39.72 -14.31
C ILE F 495 -9.81 40.32 -14.09
N GLU F 496 -8.86 39.91 -14.91
CA GLU F 496 -7.51 40.48 -14.91
C GLU F 496 -7.16 40.84 -16.34
N ASN F 497 -6.01 41.47 -16.52
CA ASN F 497 -5.52 41.95 -17.81
C ASN F 497 -6.45 42.97 -18.44
N THR F 498 -7.42 43.48 -17.70
CA THR F 498 -8.37 44.45 -18.20
C THR F 498 -7.92 45.86 -17.88
N THR F 499 -8.49 46.82 -18.61
CA THR F 499 -8.18 48.23 -18.38
C THR F 499 -8.58 48.63 -16.97
N PHE F 500 -7.77 49.50 -16.37
CA PHE F 500 -8.09 50.01 -15.03
C PHE F 500 -9.47 50.66 -15.01
N GLU F 501 -9.90 51.23 -16.13
CA GLU F 501 -11.24 51.80 -16.20
C GLU F 501 -12.31 50.74 -15.97
N TYR F 502 -12.14 49.56 -16.57
CA TYR F 502 -13.13 48.50 -16.41
C TYR F 502 -13.23 48.06 -14.96
N LYS F 503 -12.09 47.85 -14.30
CA LYS F 503 -12.10 47.46 -12.90
C LYS F 503 -12.70 48.56 -12.03
N ASN F 504 -12.41 49.82 -12.34
CA ASN F 504 -12.99 50.91 -11.57
C ASN F 504 -14.51 50.94 -11.71
N THR F 505 -15.02 50.73 -12.93
CA THR F 505 -16.46 50.70 -13.13
C THR F 505 -17.09 49.55 -12.35
N LEU F 506 -16.48 48.37 -12.41
CA LEU F 506 -17.03 47.22 -11.69
C LEU F 506 -17.03 47.48 -10.18
N ASN F 507 -15.94 48.04 -9.66
CA ASN F 507 -15.86 48.31 -8.23
C ASN F 507 -16.88 49.35 -7.81
N ASP F 508 -17.09 50.38 -8.63
CA ASP F 508 -18.10 51.38 -8.29
C ASP F 508 -19.49 50.78 -8.28
N ALA F 509 -19.81 49.92 -9.24
CA ALA F 509 -21.10 49.25 -9.24
C ALA F 509 -21.26 48.39 -7.99
N ILE F 510 -20.20 47.66 -7.63
CA ILE F 510 -20.25 46.83 -6.44
C ILE F 510 -20.49 47.68 -5.20
N ILE F 511 -19.80 48.82 -5.09
CA ILE F 511 -19.95 49.67 -3.92
C ILE F 511 -21.38 50.18 -3.82
N SER F 512 -21.93 50.66 -4.95
CA SER F 512 -23.29 51.17 -4.92
C SER F 512 -24.29 50.09 -4.53
N ASN F 513 -24.14 48.88 -5.11
CA ASN F 513 -25.08 47.81 -4.81
C ASN F 513 -24.99 47.38 -3.35
N ILE F 514 -23.76 47.29 -2.82
CA ILE F 514 -23.58 46.91 -1.42
C ILE F 514 -24.18 47.96 -0.50
N ASP F 515 -23.99 49.24 -0.83
CA ASP F 515 -24.59 50.30 -0.03
C ASP F 515 -26.10 50.19 -0.02
N GLU F 516 -26.69 49.95 -1.20
CA GLU F 516 -28.15 49.80 -1.27
C GLU F 516 -28.63 48.62 -0.44
N TYR F 517 -27.93 47.48 -0.53
CA TYR F 517 -28.34 46.30 0.24
C TYR F 517 -28.22 46.56 1.73
N LEU F 518 -27.14 47.19 2.17
CA LEU F 518 -26.97 47.47 3.59
C LEU F 518 -28.03 48.42 4.09
N ASN F 519 -28.34 49.47 3.32
CA ASN F 519 -29.39 50.39 3.72
C ASN F 519 -30.74 49.68 3.79
N SER F 520 -31.02 48.80 2.83
CA SER F 520 -32.28 48.06 2.84
C SER F 520 -32.39 47.19 4.07
N VAL F 521 -31.32 46.45 4.40
CA VAL F 521 -31.40 45.59 5.57
C VAL F 521 -31.47 46.42 6.86
N LYS F 522 -30.83 47.58 6.88
CA LYS F 522 -30.91 48.45 8.04
C LYS F 522 -32.34 48.95 8.26
N LYS F 523 -32.99 49.43 7.20
CA LYS F 523 -34.35 49.91 7.33
C LYS F 523 -35.32 48.76 7.61
N GLN F 524 -35.02 47.54 7.16
CA GLN F 524 -35.84 46.40 7.53
C GLN F 524 -35.69 46.08 9.01
N SER F 525 -34.47 46.15 9.54
CA SER F 525 -34.24 45.87 10.94
C SER F 525 -34.83 46.95 11.84
N ASN F 526 -34.86 48.20 11.38
CA ASN F 526 -35.38 49.29 12.20
C ASN F 526 -36.86 49.07 12.52
N ASP F 527 -37.64 48.64 11.54
CA ASP F 527 -39.06 48.41 11.75
C ASP F 527 -39.42 46.95 11.43
N MET G 1 20.72 71.31 -9.97
CA MET G 1 20.89 72.74 -10.18
C MET G 1 21.11 73.05 -11.66
N LEU G 2 21.38 74.32 -11.95
CA LEU G 2 21.51 74.76 -13.34
C LEU G 2 22.97 74.74 -13.76
N TYR G 3 23.31 73.87 -14.70
CA TYR G 3 24.66 73.81 -15.26
C TYR G 3 24.66 74.46 -16.64
N THR G 4 25.65 75.31 -16.88
CA THR G 4 25.77 76.01 -18.16
C THR G 4 27.20 75.99 -18.69
N ASP G 5 28.07 75.17 -18.14
CA ASP G 5 29.48 75.14 -18.53
C ASP G 5 29.78 73.82 -19.24
N SER G 6 30.42 73.92 -20.40
CA SER G 6 30.84 72.72 -21.12
C SER G 6 31.90 71.98 -20.31
N LEU G 7 31.86 70.65 -20.37
CA LEU G 7 32.75 69.80 -19.61
C LEU G 7 33.52 68.88 -20.54
N ASN G 8 34.79 68.64 -20.22
CA ASN G 8 35.61 67.72 -20.99
C ASN G 8 35.16 66.29 -20.74
N TYR G 9 35.56 65.40 -21.66
CA TYR G 9 35.13 64.01 -21.58
C TYR G 9 35.53 63.36 -20.27
N LYS G 10 36.68 63.75 -19.71
CA LYS G 10 37.12 63.17 -18.45
C LYS G 10 36.13 63.49 -17.34
N GLN G 11 35.63 64.73 -17.29
CA GLN G 11 34.68 65.10 -16.25
C GLN G 11 33.38 64.33 -16.40
N LEU G 12 32.87 64.18 -17.63
CA LEU G 12 31.64 63.44 -17.82
C LEU G 12 31.81 61.97 -17.48
N SER G 13 32.93 61.38 -17.86
CA SER G 13 33.10 59.94 -17.81
C SER G 13 33.47 59.41 -16.42
N THR G 14 33.57 60.27 -15.42
CA THR G 14 33.96 59.81 -14.09
C THR G 14 32.91 58.88 -13.51
N VAL G 15 33.38 57.89 -12.76
CA VAL G 15 32.51 56.90 -12.10
C VAL G 15 32.93 56.80 -10.65
N SER G 16 31.94 56.80 -9.75
CA SER G 16 32.24 56.74 -8.33
C SER G 16 32.90 55.41 -7.98
N ASP G 17 33.68 55.43 -6.89
CA ASP G 17 34.48 54.26 -6.53
C ASP G 17 33.60 53.05 -6.23
N ASP G 18 32.50 53.26 -5.49
CA ASP G 18 31.62 52.15 -5.17
C ASP G 18 31.01 51.54 -6.44
N MET G 19 30.58 52.39 -7.37
CA MET G 19 30.08 51.88 -8.64
C MET G 19 31.18 51.19 -9.42
N GLN G 20 32.40 51.74 -9.40
CA GLN G 20 33.52 51.08 -10.07
C GLN G 20 33.76 49.69 -9.51
N SER G 21 33.58 49.52 -8.20
CA SER G 21 33.79 48.21 -7.59
C SER G 21 32.62 47.27 -7.88
N TYR G 22 31.41 47.80 -7.93
CA TYR G 22 30.22 46.95 -8.00
C TYR G 22 29.82 46.57 -9.42
N LEU G 23 30.06 47.43 -10.40
CA LEU G 23 29.64 47.13 -11.76
C LEU G 23 30.24 45.84 -12.34
N PRO G 24 31.53 45.54 -12.18
CA PRO G 24 32.04 44.29 -12.77
C PRO G 24 31.35 43.04 -12.24
N VAL G 25 31.12 42.94 -10.93
CA VAL G 25 30.50 41.74 -10.39
C VAL G 25 29.05 41.65 -10.85
N ALA G 26 28.35 42.79 -10.94
CA ALA G 26 26.99 42.78 -11.44
C ALA G 26 26.95 42.31 -12.89
N LYS G 27 27.89 42.79 -13.71
CA LYS G 27 27.96 42.35 -15.09
C LYS G 27 28.23 40.86 -15.19
N GLU G 28 29.16 40.36 -14.36
CA GLU G 28 29.47 38.93 -14.37
C GLU G 28 28.26 38.10 -13.99
N ILE G 29 27.56 38.51 -12.93
CA ILE G 29 26.38 37.76 -12.48
C ILE G 29 25.28 37.79 -13.54
N ALA G 30 25.07 38.96 -14.16
CA ALA G 30 24.06 39.07 -15.20
C ALA G 30 24.40 38.18 -16.39
N LYS G 31 25.67 38.17 -16.80
CA LYS G 31 26.07 37.31 -17.90
C LYS G 31 25.87 35.84 -17.57
N ILE G 32 26.23 35.44 -16.34
CA ILE G 32 26.06 34.05 -15.94
C ILE G 32 24.58 33.67 -15.94
N ALA G 33 23.74 34.53 -15.37
CA ALA G 33 22.32 34.20 -15.23
C ALA G 33 21.61 34.17 -16.58
N GLN G 34 21.83 35.20 -17.40
CA GLN G 34 21.13 35.28 -18.67
C GLN G 34 21.53 34.14 -19.61
N GLY G 35 22.81 33.80 -19.63
CA GLY G 35 23.27 32.72 -20.49
C GLY G 35 23.01 33.04 -21.95
N GLY G 36 22.47 32.06 -22.67
CA GLY G 36 22.15 32.27 -24.06
C GLY G 36 23.39 32.28 -24.95
N HIS G 37 23.23 32.87 -26.14
CA HIS G 37 24.31 32.92 -27.10
C HIS G 37 25.43 33.87 -26.68
N GLU G 38 25.17 34.77 -25.73
CA GLU G 38 26.20 35.71 -25.30
C GLU G 38 27.32 35.04 -24.53
N LEU G 39 27.12 33.81 -24.07
CA LEU G 39 28.17 33.13 -23.32
C LEU G 39 29.35 32.80 -24.22
N ASP G 40 30.56 33.01 -23.70
CA ASP G 40 31.79 32.67 -24.39
C ASP G 40 32.40 31.45 -23.73
N PRO G 41 32.50 30.31 -24.41
CA PRO G 41 33.04 29.10 -23.76
C PRO G 41 34.45 29.27 -23.23
N GLU G 42 35.26 30.12 -23.86
CA GLU G 42 36.64 30.30 -23.41
C GLU G 42 36.71 30.69 -21.94
N ASP G 43 35.77 31.52 -21.48
CA ASP G 43 35.77 31.99 -20.12
C ASP G 43 35.40 30.93 -19.10
N TYR G 44 34.91 29.77 -19.54
CA TYR G 44 34.44 28.72 -18.62
C TYR G 44 35.11 27.40 -18.93
N LEU G 45 36.43 27.45 -19.09
CA LEU G 45 37.22 26.26 -19.41
C LEU G 45 37.98 25.80 -18.18
N LEU G 46 37.79 24.53 -17.81
CA LEU G 46 38.62 23.90 -16.79
C LEU G 46 39.77 23.14 -17.45
N ILE G 47 40.55 23.89 -18.23
CA ILE G 47 41.63 23.32 -19.03
C ILE G 47 42.73 22.78 -18.12
N ARG G 48 43.32 21.65 -18.53
CA ARG G 48 44.42 21.06 -17.78
C ARG G 48 45.71 21.83 -18.08
N ASP G 49 45.70 23.10 -17.67
CA ASP G 49 46.88 23.96 -17.62
C ASP G 49 47.56 24.07 -18.99
N GLU G 50 46.84 24.66 -19.93
CA GLU G 50 47.37 25.04 -21.23
C GLU G 50 47.92 23.84 -22.00
N GLU G 51 46.99 22.95 -22.40
CA GLU G 51 47.34 21.87 -23.29
C GLU G 51 47.24 22.37 -24.74
N SER G 52 47.36 21.48 -25.70
CA SER G 52 47.38 21.87 -27.10
C SER G 52 46.09 22.58 -27.48
N PRO G 53 46.14 23.67 -28.24
CA PRO G 53 44.91 24.39 -28.59
C PRO G 53 43.93 23.57 -29.42
N GLY G 54 44.40 22.55 -30.14
CA GLY G 54 43.48 21.73 -30.91
C GLY G 54 42.47 21.02 -30.04
N VAL G 55 42.94 20.38 -28.97
CA VAL G 55 42.04 19.73 -28.04
C VAL G 55 41.18 20.76 -27.31
N THR G 56 41.71 21.95 -27.04
CA THR G 56 40.91 23.00 -26.41
C THR G 56 39.73 23.39 -27.28
N LYS G 57 39.97 23.58 -28.58
CA LYS G 57 38.88 23.92 -29.48
C LYS G 57 37.91 22.75 -29.66
N LYS G 58 38.43 21.52 -29.67
CA LYS G 58 37.54 20.36 -29.74
C LYS G 58 36.63 20.30 -28.52
N ARG G 59 37.18 20.59 -27.34
CA ARG G 59 36.37 20.64 -26.13
C ARG G 59 35.36 21.78 -26.18
N ILE G 60 35.77 22.94 -26.70
CA ILE G 60 34.86 24.08 -26.83
C ILE G 60 33.70 23.73 -27.74
N GLU G 61 33.94 22.95 -28.78
CA GLU G 61 32.85 22.55 -29.68
C GLU G 61 31.75 21.80 -28.95
N LYS G 62 32.05 21.22 -27.78
CA LYS G 62 31.07 20.46 -27.01
C LYS G 62 30.50 21.28 -25.86
N PHE G 63 30.32 22.58 -26.06
CA PHE G 63 29.80 23.46 -25.02
C PHE G 63 28.28 23.49 -25.10
N ALA G 64 27.62 22.92 -24.09
CA ALA G 64 26.16 22.90 -23.99
C ALA G 64 25.78 23.46 -22.63
N PRO G 65 25.61 24.78 -22.53
CA PRO G 65 25.35 25.38 -21.23
C PRO G 65 23.96 25.02 -20.72
N GLU G 66 23.90 24.56 -19.47
CA GLU G 66 22.64 24.27 -18.80
C GLU G 66 22.44 25.34 -17.73
N ASN G 67 21.71 26.40 -18.10
CA ASN G 67 21.54 27.56 -17.25
C ASN G 67 20.42 27.28 -16.24
N TYR G 68 20.76 26.51 -15.21
CA TYR G 68 19.81 26.26 -14.14
C TYR G 68 19.50 27.52 -13.36
N LEU G 69 20.47 28.44 -13.26
CA LEU G 69 20.20 29.73 -12.64
C LEU G 69 19.15 30.51 -13.40
N GLY G 70 19.21 30.47 -14.74
CA GLY G 70 18.16 31.09 -15.52
C GLY G 70 16.81 30.46 -15.28
N ALA G 71 16.78 29.13 -15.13
CA ALA G 71 15.53 28.45 -14.82
C ALA G 71 14.99 28.89 -13.46
N ALA G 72 15.86 29.03 -12.47
CA ALA G 72 15.43 29.48 -11.15
C ALA G 72 14.90 30.90 -11.21
N ILE G 73 15.56 31.78 -11.96
CA ILE G 73 15.09 33.15 -12.10
C ILE G 73 13.71 33.17 -12.78
N ARG G 74 13.56 32.36 -13.82
CA ARG G 74 12.27 32.25 -14.49
C ARG G 74 11.20 31.76 -13.53
N LEU G 75 11.51 30.75 -12.72
CA LEU G 75 10.55 30.22 -11.78
C LEU G 75 10.12 31.27 -10.76
N GLN G 76 11.10 32.00 -10.20
CA GLN G 76 10.77 33.03 -9.23
C GLN G 76 9.92 34.13 -9.85
N ARG G 77 10.28 34.56 -11.07
CA ARG G 77 9.51 35.59 -11.74
C ARG G 77 8.08 35.14 -11.99
N VAL G 78 7.91 33.92 -12.47
CA VAL G 78 6.56 33.42 -12.75
C VAL G 78 5.75 33.29 -11.47
N LEU G 79 6.36 32.76 -10.40
CA LEU G 79 5.66 32.63 -9.13
C LEU G 79 5.22 33.98 -8.60
N GLN G 80 6.10 35.00 -8.68
CA GLN G 80 5.71 36.32 -8.22
C GLN G 80 4.63 36.92 -9.11
N LYS G 81 4.71 36.67 -10.42
CA LYS G 81 3.67 37.13 -11.35
C LYS G 81 2.33 36.50 -11.04
N SER G 82 2.32 35.30 -10.44
CA SER G 82 1.05 34.65 -10.09
C SER G 82 0.24 35.43 -9.07
N GLY G 83 0.85 36.38 -8.36
CA GLY G 83 0.12 37.15 -7.38
C GLY G 83 -0.79 38.18 -8.02
N VAL G 84 -1.46 38.95 -7.16
CA VAL G 84 -2.43 39.95 -7.57
C VAL G 84 -1.95 41.31 -7.07
N LEU G 85 -1.93 42.30 -7.96
CA LEU G 85 -1.60 43.67 -7.62
C LEU G 85 -2.80 44.55 -7.94
N GLU G 86 -3.24 45.33 -6.95
CA GLU G 86 -4.45 46.11 -7.05
C GLU G 86 -4.20 47.53 -6.55
N ILE G 87 -4.91 48.48 -7.15
CA ILE G 87 -4.80 49.89 -6.79
C ILE G 87 -6.18 50.38 -6.36
N LYS G 88 -6.24 51.03 -5.20
CA LYS G 88 -7.50 51.61 -4.75
C LYS G 88 -7.72 52.94 -5.44
N SER G 89 -8.75 53.01 -6.30
CA SER G 89 -8.96 54.20 -7.12
C SER G 89 -9.26 55.43 -6.26
N ASP G 90 -10.04 55.27 -5.19
CA ASP G 90 -10.43 56.42 -4.38
C ASP G 90 -9.25 57.11 -3.72
N SER G 91 -8.13 56.42 -3.53
CA SER G 91 -6.97 57.01 -2.91
C SER G 91 -6.08 57.78 -3.88
N LEU G 92 -6.35 57.70 -5.18
CA LEU G 92 -5.55 58.40 -6.15
C LEU G 92 -5.86 59.89 -6.09
N PRO G 93 -4.88 60.76 -5.88
CA PRO G 93 -5.15 62.20 -5.86
C PRO G 93 -5.49 62.71 -7.24
N GLY G 94 -6.22 63.81 -7.28
CA GLY G 94 -6.58 64.43 -8.54
C GLY G 94 -7.65 63.66 -9.28
N ASP G 95 -7.78 64.01 -10.55
CA ASP G 95 -8.79 63.38 -11.41
C ASP G 95 -8.48 61.91 -11.61
N LEU G 96 -9.53 61.08 -11.55
CA LEU G 96 -9.36 59.66 -11.78
C LEU G 96 -9.23 59.33 -13.27
N THR G 97 -9.85 60.13 -14.14
CA THR G 97 -9.81 59.84 -15.56
C THR G 97 -8.40 59.88 -16.10
N VAL G 98 -7.61 60.88 -15.69
CA VAL G 98 -6.23 60.96 -16.15
C VAL G 98 -5.42 59.79 -15.60
N TRP G 99 -5.71 59.35 -14.38
CA TRP G 99 -5.02 58.19 -13.83
C TRP G 99 -5.30 56.95 -14.66
N GLU G 100 -6.57 56.75 -15.04
CA GLU G 100 -6.90 55.60 -15.88
C GLU G 100 -6.23 55.69 -17.25
N SER G 101 -6.23 56.89 -17.83
CA SER G 101 -5.58 57.08 -19.12
C SER G 101 -4.09 56.73 -19.03
N PHE G 102 -3.43 57.15 -17.96
CA PHE G 102 -2.03 56.79 -17.76
C PHE G 102 -1.88 55.28 -17.58
N PHE G 103 -2.77 54.67 -16.81
CA PHE G 103 -2.67 53.24 -16.54
C PHE G 103 -2.98 52.39 -17.77
N ASN G 104 -3.55 52.98 -18.81
CA ASN G 104 -3.68 52.25 -20.06
C ASN G 104 -2.32 51.84 -20.62
N LYS G 105 -1.34 52.75 -20.55
CA LYS G 105 0.02 52.48 -21.02
C LYS G 105 0.97 53.19 -20.06
N VAL G 106 1.55 52.43 -19.12
CA VAL G 106 2.41 53.03 -18.10
C VAL G 106 3.83 53.28 -18.59
N ASP G 107 4.20 52.76 -19.76
CA ASP G 107 5.55 52.96 -20.26
C ASP G 107 5.55 52.79 -21.77
N LYS G 108 6.71 53.06 -22.37
CA LYS G 108 6.85 52.96 -23.82
C LYS G 108 6.77 51.53 -24.31
N ARG G 109 6.89 50.54 -23.43
CA ARG G 109 6.80 49.15 -23.79
C ARG G 109 5.37 48.62 -23.78
N ASN G 110 4.38 49.48 -23.52
CA ASN G 110 2.96 49.20 -23.55
C ASN G 110 2.51 48.25 -22.45
N SER G 111 3.40 47.82 -21.57
CA SER G 111 3.01 46.92 -20.49
C SER G 111 2.14 47.64 -19.47
N SER G 112 1.31 46.88 -18.78
CA SER G 112 0.47 47.43 -17.73
C SER G 112 1.31 47.67 -16.47
N LEU G 113 0.67 48.22 -15.44
CA LEU G 113 1.41 48.55 -14.21
C LEU G 113 1.98 47.30 -13.56
N LYS G 114 1.17 46.25 -13.44
CA LYS G 114 1.65 45.02 -12.83
C LYS G 114 2.77 44.40 -13.65
N ASP G 115 2.63 44.40 -14.97
CA ASP G 115 3.68 43.85 -15.82
C ASP G 115 4.98 44.63 -15.67
N PHE G 116 4.88 45.96 -15.64
CA PHE G 116 6.09 46.77 -15.48
C PHE G 116 6.75 46.53 -14.13
N VAL G 117 5.95 46.44 -13.06
CA VAL G 117 6.52 46.21 -11.74
C VAL G 117 7.15 44.83 -11.66
N ILE G 118 6.54 43.83 -12.31
CA ILE G 118 7.13 42.50 -12.32
C ILE G 118 8.44 42.49 -13.12
N ASP G 119 8.49 43.25 -14.21
CA ASP G 119 9.74 43.36 -14.96
C ASP G 119 10.83 44.02 -14.12
N VAL G 120 10.46 45.06 -13.37
CA VAL G 120 11.41 45.70 -12.46
C VAL G 120 11.89 44.71 -11.42
N PHE G 121 10.96 43.93 -10.86
CA PHE G 121 11.33 42.92 -9.88
C PHE G 121 12.28 41.89 -10.48
N THR G 122 12.04 41.48 -11.72
CA THR G 122 12.93 40.52 -12.37
C THR G 122 14.31 41.10 -12.59
N GLU G 123 14.37 42.36 -13.03
CA GLU G 123 15.66 43.01 -13.24
C GLU G 123 16.43 43.10 -11.93
N ALA G 124 15.74 43.43 -10.84
CA ALA G 124 16.40 43.43 -9.54
C ALA G 124 16.81 42.03 -9.11
N LEU G 125 16.01 41.02 -9.48
CA LEU G 125 16.30 39.65 -9.11
C LEU G 125 17.59 39.16 -9.75
N VAL G 126 17.78 39.44 -11.04
CA VAL G 126 19.03 39.03 -11.67
C VAL G 126 20.19 39.86 -11.14
N ASN G 127 19.96 41.15 -10.86
CA ASN G 127 20.98 42.01 -10.28
C ASN G 127 20.28 43.16 -9.57
N LYS G 128 20.64 43.40 -8.31
CA LYS G 128 19.89 44.34 -7.48
C LYS G 128 19.98 45.76 -8.02
N TYR G 129 19.29 46.69 -7.36
CA TYR G 129 19.31 48.11 -7.71
C TYR G 129 18.80 48.33 -9.14
N CYS G 130 17.52 48.03 -9.32
CA CYS G 130 16.85 48.38 -10.57
C CYS G 130 16.35 49.81 -10.49
N TYR G 131 16.75 50.63 -11.45
CA TYR G 131 16.45 52.06 -11.44
C TYR G 131 15.36 52.39 -12.44
N VAL G 132 14.38 53.19 -12.00
CA VAL G 132 13.27 53.60 -12.85
C VAL G 132 13.16 55.11 -12.79
N GLN G 133 12.92 55.73 -13.95
CA GLN G 133 12.75 57.16 -14.04
C GLN G 133 11.37 57.47 -14.62
N VAL G 134 10.74 58.52 -14.11
CA VAL G 134 9.42 58.95 -14.57
C VAL G 134 9.59 60.29 -15.27
N GLU G 135 9.21 60.36 -16.55
CA GLU G 135 9.39 61.59 -17.31
C GLU G 135 8.13 61.91 -18.10
N LEU G 136 8.24 62.92 -18.95
CA LEU G 136 7.11 63.47 -19.70
C LEU G 136 7.48 63.55 -21.17
N SER G 137 6.61 64.19 -21.94
CA SER G 137 6.89 64.53 -23.33
C SER G 137 7.23 66.01 -23.43
N LYS G 138 8.01 66.35 -24.46
CA LYS G 138 8.54 67.70 -24.61
C LYS G 138 7.80 68.44 -25.71
N LEU G 139 7.35 69.65 -25.41
CA LEU G 139 6.66 70.52 -26.37
C LEU G 139 7.27 71.91 -26.27
N ASP G 140 7.64 72.48 -27.42
CA ASP G 140 8.27 73.79 -27.47
C ASP G 140 7.58 74.65 -28.51
N PHE G 141 7.32 75.92 -28.15
CA PHE G 141 6.68 76.87 -29.04
C PHE G 141 7.26 78.26 -28.79
N ASP G 142 7.10 79.12 -29.79
CA ASP G 142 7.60 80.49 -29.74
C ASP G 142 6.43 81.46 -29.55
N THR G 143 6.79 82.70 -29.17
CA THR G 143 5.82 83.75 -28.89
C THR G 143 4.77 83.27 -27.88
N VAL G 144 5.25 82.62 -26.82
CA VAL G 144 4.39 81.99 -25.84
C VAL G 144 3.77 83.06 -24.94
N THR G 145 2.45 82.98 -24.76
CA THR G 145 1.73 83.83 -23.82
C THR G 145 1.42 83.01 -22.56
N GLU G 146 0.63 83.61 -21.67
CA GLU G 146 0.25 82.90 -20.44
C GLU G 146 -0.64 81.70 -20.74
N ALA G 147 -1.56 81.83 -21.70
CA ALA G 147 -2.43 80.71 -22.05
C ALA G 147 -1.63 79.57 -22.67
N GLU G 148 -0.65 79.90 -23.51
CA GLU G 148 0.19 78.86 -24.10
C GLU G 148 0.97 78.11 -23.03
N ALA G 149 1.52 78.85 -22.06
CA ALA G 149 2.22 78.20 -20.95
C ALA G 149 1.29 77.32 -20.14
N GLU G 150 0.07 77.79 -19.89
CA GLU G 150 -0.92 76.99 -19.17
C GLU G 150 -1.22 75.69 -19.91
N GLY G 151 -1.40 75.78 -21.23
CA GLY G 151 -1.64 74.58 -22.02
C GLY G 151 -0.47 73.62 -22.00
N ILE G 152 0.75 74.16 -22.11
CA ILE G 152 1.94 73.32 -22.06
C ILE G 152 2.04 72.60 -20.72
N LEU G 153 1.76 73.31 -19.63
CA LEU G 153 1.79 72.68 -18.31
C LEU G 153 0.69 71.62 -18.19
N SER G 154 -0.47 71.86 -18.80
CA SER G 154 -1.59 70.93 -18.70
C SER G 154 -1.47 69.74 -19.65
N THR G 155 -0.54 69.77 -20.60
CA THR G 155 -0.42 68.70 -21.59
C THR G 155 0.74 67.75 -21.29
N ARG G 156 0.98 67.45 -20.02
CA ARG G 156 2.05 66.54 -19.64
C ARG G 156 1.53 65.11 -19.54
N LYS G 157 2.23 64.18 -20.20
CA LYS G 157 1.85 62.76 -20.24
C LYS G 157 3.04 61.93 -19.79
N PRO G 158 3.11 61.58 -18.52
CA PRO G 158 4.30 60.89 -17.99
C PRO G 158 4.35 59.42 -18.39
N TYR G 159 5.54 58.86 -18.27
CA TYR G 159 5.76 57.44 -18.51
C TYR G 159 7.06 57.03 -17.83
N TYR G 160 7.22 55.71 -17.70
CA TYR G 160 8.34 55.13 -16.98
C TYR G 160 9.44 54.69 -17.94
N PHE G 161 10.65 54.58 -17.41
CA PHE G 161 11.82 54.22 -18.20
C PHE G 161 12.82 53.54 -17.30
N LYS G 162 13.18 52.30 -17.64
CA LYS G 162 14.09 51.50 -16.83
C LYS G 162 15.53 51.81 -17.23
N ILE G 163 16.30 52.37 -16.30
CA ILE G 163 17.69 52.70 -16.56
C ILE G 163 18.53 51.45 -16.36
N PRO G 164 19.30 51.01 -17.35
CA PRO G 164 20.17 49.85 -17.16
C PRO G 164 21.17 50.09 -16.04
N LEU G 165 21.43 49.04 -15.25
CA LEU G 165 22.34 49.18 -14.12
C LEU G 165 23.75 49.52 -14.60
N GLN G 166 24.22 48.87 -15.66
CA GLN G 166 25.56 49.11 -16.16
C GLN G 166 25.72 50.53 -16.69
N SER G 167 24.63 51.21 -17.03
CA SER G 167 24.71 52.60 -17.48
C SER G 167 24.77 53.59 -16.34
N ILE G 168 24.61 53.14 -15.10
CA ILE G 168 24.71 54.04 -13.96
C ILE G 168 26.17 54.42 -13.75
N MET G 169 26.43 55.70 -13.58
CA MET G 169 27.79 56.18 -13.38
C MET G 169 28.05 56.64 -11.95
N VAL G 170 27.17 57.47 -11.38
CA VAL G 170 27.33 57.93 -10.01
C VAL G 170 25.97 58.32 -9.49
N GLU G 171 25.76 58.18 -8.18
CA GLU G 171 24.51 58.64 -7.60
C GLU G 171 24.74 58.95 -6.13
N LYS G 172 24.10 60.03 -5.67
CA LYS G 172 24.05 60.37 -4.27
C LYS G 172 22.65 60.06 -3.77
N CYS G 173 22.56 59.13 -2.82
CA CYS G 173 21.29 58.68 -2.29
C CYS G 173 21.47 58.34 -0.82
N ASP G 174 20.48 58.69 -0.01
CA ASP G 174 20.43 58.33 1.40
C ASP G 174 19.32 57.32 1.59
N GLY G 175 19.66 56.15 2.11
CA GLY G 175 18.72 55.06 2.20
C GLY G 175 18.24 54.65 0.82
N ASP G 176 16.92 54.72 0.59
CA ASP G 176 16.36 54.42 -0.71
C ASP G 176 16.12 55.65 -1.57
N THR G 177 15.84 56.79 -0.96
CA THR G 177 15.63 58.03 -1.70
C THR G 177 16.93 58.47 -2.36
N ILE G 178 16.82 58.92 -3.60
CA ILE G 178 17.97 59.30 -4.41
C ILE G 178 18.04 60.82 -4.48
N GLN G 179 19.11 61.40 -3.94
CA GLN G 179 19.27 62.84 -4.02
C GLN G 179 19.53 63.28 -5.45
N TRP G 180 20.48 62.63 -6.13
CA TRP G 180 20.71 62.93 -7.53
C TRP G 180 21.46 61.76 -8.15
N ILE G 181 21.49 61.74 -9.49
CA ILE G 181 22.13 60.62 -10.18
C ILE G 181 22.58 61.01 -11.58
N LYS G 182 23.81 60.65 -11.93
CA LYS G 182 24.32 60.82 -13.28
C LYS G 182 24.55 59.45 -13.89
N TYR G 183 23.97 59.22 -15.07
CA TYR G 183 24.12 57.97 -15.80
C TYR G 183 24.41 58.28 -17.27
N LYS G 184 24.65 57.22 -18.04
CA LYS G 184 24.99 57.33 -19.44
C LYS G 184 23.91 56.69 -20.30
N ARG G 185 23.86 57.10 -21.56
CA ARG G 185 22.84 56.63 -22.48
C ARG G 185 23.41 56.71 -23.90
N LEU G 186 23.62 55.56 -24.51
CA LEU G 186 24.10 55.48 -25.88
C LEU G 186 22.89 55.35 -26.80
N ASP G 187 22.56 56.42 -27.52
CA ASP G 187 21.39 56.42 -28.38
C ASP G 187 21.82 56.37 -29.84
N LYS G 188 21.24 55.44 -30.58
CA LYS G 188 21.63 55.18 -31.95
C LYS G 188 20.64 55.87 -32.89
N ILE G 189 21.16 56.77 -33.73
CA ILE G 189 20.39 57.36 -34.80
C ILE G 189 20.49 56.43 -35.99
N ASP G 190 19.38 55.79 -36.34
CA ASP G 190 19.34 54.82 -37.43
C ASP G 190 18.91 55.50 -38.71
N ASN G 191 19.68 55.30 -39.76
CA ASN G 191 19.38 55.85 -41.06
C ASN G 191 18.90 54.73 -41.98
N PRO G 192 17.72 54.88 -42.60
CA PRO G 192 17.19 53.78 -43.41
C PRO G 192 18.05 53.41 -44.61
N PHE G 193 18.95 54.30 -45.04
CA PHE G 193 19.80 54.03 -46.20
C PHE G 193 21.23 54.44 -45.93
N ASP G 194 21.71 54.20 -44.71
CA ASP G 194 23.07 54.58 -44.34
C ASP G 194 23.47 53.84 -43.08
N LYS G 195 24.75 53.90 -42.76
CA LYS G 195 25.27 53.27 -41.56
C LYS G 195 24.69 53.93 -40.32
N THR G 196 24.46 53.11 -39.28
CA THR G 196 23.94 53.62 -38.03
C THR G 196 24.93 54.60 -37.39
N ILE G 197 24.41 55.73 -36.92
CA ILE G 197 25.22 56.70 -36.20
C ILE G 197 24.94 56.54 -34.71
N TYR G 198 25.93 56.88 -33.88
CA TYR G 198 25.79 56.76 -32.44
C TYR G 198 26.04 58.09 -31.77
N ASN G 199 25.25 58.39 -30.74
CA ASN G 199 25.48 59.53 -29.88
C ASN G 199 25.58 59.05 -28.44
N MET G 200 26.37 59.78 -27.65
CA MET G 200 26.58 59.46 -26.25
C MET G 200 26.01 60.60 -25.42
N SER G 201 25.13 60.29 -24.48
CA SER G 201 24.53 61.29 -23.62
C SER G 201 24.86 60.96 -22.18
N TYR G 202 25.24 61.98 -21.42
CA TYR G 202 25.42 61.87 -19.98
C TYR G 202 24.32 62.69 -19.33
N VAL G 203 23.44 62.00 -18.60
CA VAL G 203 22.25 62.60 -18.04
C VAL G 203 22.46 62.72 -16.54
N LEU G 204 22.38 63.95 -16.03
CA LEU G 204 22.44 64.22 -14.61
C LEU G 204 21.06 64.69 -14.16
N ILE G 205 20.45 63.94 -13.26
CA ILE G 205 19.12 64.24 -12.72
C ILE G 205 19.31 64.73 -11.30
N ASP G 206 18.80 65.92 -11.02
CA ASP G 206 19.00 66.62 -9.76
C ASP G 206 17.65 66.82 -9.07
N ASP G 207 17.67 67.59 -7.99
CA ASP G 207 16.45 67.81 -7.22
C ASP G 207 15.40 68.55 -8.02
N GLN G 208 15.80 69.60 -8.76
CA GLN G 208 14.84 70.39 -9.52
C GLN G 208 15.31 70.66 -10.94
N HIS G 209 16.39 70.04 -11.40
CA HIS G 209 16.86 70.21 -12.76
C HIS G 209 17.33 68.88 -13.33
N ILE G 210 17.27 68.77 -14.65
CA ILE G 210 17.82 67.63 -15.37
C ILE G 210 18.62 68.16 -16.55
N THR G 211 19.83 67.63 -16.71
CA THR G 211 20.79 68.13 -17.69
C THR G 211 21.34 66.97 -18.50
N THR G 212 21.68 67.25 -19.76
CA THR G 212 22.27 66.26 -20.64
C THR G 212 23.45 66.87 -21.36
N TRP G 213 24.57 66.14 -21.38
CA TRP G 213 25.72 66.47 -22.20
C TRP G 213 25.81 65.45 -23.32
N THR G 214 25.85 65.90 -24.56
CA THR G 214 25.77 65.01 -25.71
C THR G 214 27.00 65.15 -26.58
N TYR G 215 27.62 64.02 -26.88
CA TYR G 215 28.66 63.90 -27.89
C TYR G 215 28.05 63.23 -29.11
N TYR G 216 28.16 63.87 -30.26
CA TYR G 216 27.46 63.46 -31.47
C TYR G 216 28.40 62.70 -32.40
N ASP G 217 27.86 61.65 -33.03
CA ASP G 217 28.56 60.86 -34.03
C ASP G 217 29.89 60.34 -33.48
N ILE G 218 29.76 59.50 -32.45
CA ILE G 218 30.90 58.93 -31.77
C ILE G 218 30.99 57.44 -32.09
N ILE G 219 32.07 56.82 -31.65
CA ILE G 219 32.27 55.39 -31.77
C ILE G 219 32.36 54.81 -30.36
N VAL G 220 31.57 53.80 -30.08
CA VAL G 220 31.58 53.17 -28.77
C VAL G 220 32.85 52.33 -28.62
N SER G 221 33.44 52.38 -27.43
CA SER G 221 34.64 51.63 -27.13
C SER G 221 34.30 50.32 -26.43
N ASP G 222 35.30 49.44 -26.34
CA ASP G 222 35.11 48.16 -25.68
C ASP G 222 34.82 48.30 -24.19
N SER G 223 35.19 49.42 -23.59
CA SER G 223 34.91 49.68 -22.19
C SER G 223 33.55 50.33 -21.97
N GLY G 224 32.76 50.48 -23.02
CA GLY G 224 31.47 51.14 -22.94
C GLY G 224 31.52 52.65 -23.09
N GLY G 225 32.71 53.23 -23.23
CA GLY G 225 32.86 54.65 -23.40
C GLY G 225 33.03 55.05 -24.85
N ILE G 226 33.61 56.23 -25.05
CA ILE G 226 33.83 56.79 -26.38
C ILE G 226 35.28 56.52 -26.78
N SER G 227 35.48 56.02 -28.00
CA SER G 227 36.81 55.82 -28.55
C SER G 227 37.17 56.85 -29.61
N LYS G 228 36.29 57.05 -30.59
CA LYS G 228 36.52 58.00 -31.66
C LYS G 228 35.29 58.88 -31.81
N ILE G 229 35.51 60.13 -32.21
CA ILE G 229 34.41 61.06 -32.47
C ILE G 229 34.58 61.64 -33.87
N TRP G 230 33.47 62.08 -34.44
CA TRP G 230 33.50 62.74 -35.73
C TRP G 230 34.07 64.14 -35.59
N ASP G 231 34.71 64.60 -36.67
CA ASP G 231 35.25 65.96 -36.71
C ASP G 231 35.07 66.46 -38.13
N GLN G 232 34.16 67.41 -38.32
CA GLN G 232 33.90 67.93 -39.65
C GLN G 232 35.11 68.70 -40.17
N SER G 233 35.82 69.40 -39.28
CA SER G 233 37.02 70.13 -39.70
C SER G 233 38.13 69.21 -40.18
N LEU G 234 38.11 67.95 -39.77
CA LEU G 234 39.14 67.00 -40.17
C LEU G 234 39.03 66.73 -41.67
N ASN G 235 40.00 65.96 -42.18
CA ASN G 235 40.05 65.60 -43.60
C ASN G 235 40.03 66.84 -44.48
N TYR G 236 40.83 67.83 -44.11
CA TYR G 236 40.89 69.11 -44.82
C TYR G 236 39.51 69.77 -44.89
N GLY G 237 38.74 69.63 -43.81
CA GLY G 237 37.40 70.17 -43.73
C GLY G 237 36.31 69.22 -44.18
N LYS G 238 36.66 68.06 -44.72
CA LYS G 238 35.63 67.11 -45.15
C LYS G 238 35.09 66.29 -43.98
N GLY G 239 35.89 66.11 -42.94
CA GLY G 239 35.44 65.41 -41.75
C GLY G 239 35.91 63.97 -41.72
N ALA G 240 36.26 63.50 -40.52
CA ALA G 240 36.74 62.13 -40.33
C ALA G 240 36.64 61.79 -38.85
N TYR G 241 36.91 60.54 -38.52
CA TYR G 241 36.89 60.07 -37.14
C TYR G 241 38.27 60.23 -36.52
N ARG G 242 38.32 60.92 -35.38
CA ARG G 242 39.56 61.16 -34.67
C ARG G 242 39.41 60.75 -33.22
N SER G 243 40.54 60.44 -32.59
CA SER G 243 40.52 59.95 -31.22
C SER G 243 39.95 61.00 -30.28
N ILE G 244 39.25 60.53 -29.25
CA ILE G 244 38.61 61.41 -28.30
C ILE G 244 39.67 62.07 -27.42
N ASP G 245 39.52 63.37 -27.18
CA ASP G 245 40.41 64.12 -26.29
C ASP G 245 39.73 64.28 -24.94
N LYS G 246 40.42 63.84 -23.88
CA LYS G 246 39.84 63.87 -22.55
C LYS G 246 39.87 65.25 -21.90
N GLU G 247 40.52 66.23 -22.52
CA GLU G 247 40.57 67.58 -21.96
C GLU G 247 40.07 68.66 -22.90
N LYS G 248 40.02 68.41 -24.21
CA LYS G 248 39.65 69.44 -25.17
C LYS G 248 38.31 69.19 -25.84
N ASP G 249 37.83 67.95 -25.87
CA ASP G 249 36.53 67.63 -26.47
C ASP G 249 35.46 67.88 -25.41
N LYS G 250 34.74 68.98 -25.53
CA LYS G 250 33.78 69.41 -24.53
C LYS G 250 32.37 69.36 -25.12
N ALA G 251 31.41 68.96 -24.29
CA ALA G 251 30.01 68.89 -24.68
C ALA G 251 29.24 70.00 -23.99
N ASP G 252 28.45 70.73 -24.74
CA ASP G 252 27.65 71.81 -24.17
C ASP G 252 26.42 71.24 -23.49
N PRO G 253 26.19 71.52 -22.21
CA PRO G 253 25.00 70.99 -21.53
C PRO G 253 23.72 71.60 -22.07
N VAL G 254 22.66 70.79 -22.05
CA VAL G 254 21.31 71.26 -22.26
C VAL G 254 20.49 70.83 -21.06
N SER G 255 19.90 71.80 -20.36
CA SER G 255 19.26 71.53 -19.08
C SER G 255 17.89 72.18 -19.04
N PHE G 256 17.01 71.59 -18.22
CA PHE G 256 15.73 72.20 -17.95
C PHE G 256 15.21 71.70 -16.61
N ALA G 257 14.28 72.46 -16.04
CA ALA G 257 13.75 72.18 -14.71
C ALA G 257 12.44 71.39 -14.87
N HIS G 258 12.39 70.22 -14.25
CA HIS G 258 11.20 69.39 -14.28
C HIS G 258 10.17 69.79 -13.25
N ASN G 259 10.53 70.65 -12.29
CA ASN G 259 9.61 71.18 -11.29
C ASN G 259 8.96 70.07 -10.45
N ARG G 260 9.61 68.91 -10.40
CA ARG G 260 9.10 67.83 -9.57
C ARG G 260 9.29 68.10 -8.09
N GLY G 261 10.26 68.92 -7.73
CA GLY G 261 10.61 69.13 -6.35
C GLY G 261 11.46 68.04 -5.73
N SER G 262 11.71 66.96 -6.46
CA SER G 262 12.55 65.87 -5.99
C SER G 262 13.06 65.12 -7.22
N CYS G 263 14.07 64.30 -7.01
CA CYS G 263 14.66 63.57 -8.11
C CYS G 263 13.66 62.54 -8.63
N PRO G 264 13.25 62.60 -9.89
CA PRO G 264 12.22 61.69 -10.41
C PRO G 264 12.77 60.32 -10.77
N VAL G 265 13.44 59.68 -9.82
CA VAL G 265 13.91 58.31 -9.99
C VAL G 265 13.60 57.52 -8.72
N VAL G 266 13.37 56.23 -8.90
CA VAL G 266 13.12 55.31 -7.81
C VAL G 266 13.98 54.07 -8.02
N ARG G 267 14.62 53.61 -6.95
CA ARG G 267 15.47 52.44 -7.00
C ARG G 267 14.82 51.32 -6.21
N TYR G 268 14.61 50.18 -6.87
CA TYR G 268 14.17 48.98 -6.18
C TYR G 268 15.41 48.16 -5.83
N ARG G 269 15.53 47.83 -4.55
CA ARG G 269 16.71 47.17 -4.00
C ARG G 269 16.25 45.89 -3.32
N MET G 270 16.50 44.75 -3.95
CA MET G 270 16.19 43.48 -3.33
C MET G 270 17.08 43.26 -2.11
N ASP G 271 16.49 42.77 -1.03
CA ASP G 271 17.22 42.56 0.20
C ASP G 271 18.33 41.53 -0.01
N GLU G 272 19.45 41.73 0.67
CA GLU G 272 20.61 40.88 0.47
C GLU G 272 20.31 39.43 0.83
N SER G 273 19.56 39.21 1.92
CA SER G 273 19.19 37.86 2.31
C SER G 273 18.31 37.19 1.26
N LEU G 274 17.54 37.97 0.51
CA LEU G 274 16.69 37.42 -0.52
C LEU G 274 17.37 37.32 -1.88
N TYR G 275 18.40 38.12 -2.11
CA TYR G 275 19.11 38.12 -3.39
C TYR G 275 19.95 36.86 -3.49
N MET G 276 19.45 35.87 -4.23
CA MET G 276 20.10 34.58 -4.32
C MET G 276 21.12 34.48 -5.45
N ALA G 277 21.00 35.33 -6.48
CA ALA G 277 21.90 35.23 -7.62
C ALA G 277 23.35 35.46 -7.22
N ASP G 278 23.59 36.20 -6.14
CA ASP G 278 24.95 36.45 -5.69
C ASP G 278 25.63 35.19 -5.18
N GLN G 279 24.86 34.16 -4.85
CA GLN G 279 25.41 32.97 -4.19
C GLN G 279 25.32 31.72 -5.04
N VAL G 280 24.96 31.82 -6.31
CA VAL G 280 24.82 30.63 -7.14
C VAL G 280 25.51 30.81 -8.48
N TYR G 281 25.89 32.04 -8.81
CA TYR G 281 26.47 32.29 -10.13
C TYR G 281 27.80 31.55 -10.29
N LEU G 282 28.60 31.49 -9.23
CA LEU G 282 29.82 30.69 -9.26
C LEU G 282 29.48 29.22 -9.50
N ALA G 283 28.44 28.72 -8.84
CA ALA G 283 28.00 27.36 -9.07
C ALA G 283 27.56 27.16 -10.52
N GLN G 284 26.92 28.17 -11.10
CA GLN G 284 26.47 28.03 -12.49
C GLN G 284 27.64 27.98 -13.45
N ARG G 285 28.66 28.82 -13.26
CA ARG G 285 29.82 28.75 -14.15
C ARG G 285 30.60 27.46 -13.93
N MET G 286 30.62 26.97 -12.68
CA MET G 286 31.19 25.65 -12.43
C MET G 286 30.43 24.57 -13.18
N ILE G 287 29.11 24.70 -13.24
CA ILE G 287 28.29 23.74 -14.00
C ILE G 287 28.65 23.81 -15.47
N TYR G 288 28.82 25.02 -16.01
CA TYR G 288 29.23 25.15 -17.40
C TYR G 288 30.52 24.38 -17.66
N GLY G 289 31.55 24.65 -16.84
CA GLY G 289 32.83 24.00 -17.05
C GLY G 289 32.76 22.49 -16.90
N LEU G 290 32.08 22.03 -15.85
CA LEU G 290 31.96 20.60 -15.60
C LEU G 290 31.20 19.89 -16.71
N SER G 291 30.14 20.51 -17.22
CA SER G 291 29.39 19.91 -18.32
C SER G 291 30.26 19.81 -19.57
N MET G 292 31.03 20.86 -19.86
CA MET G 292 31.91 20.79 -21.02
C MET G 292 32.92 19.66 -20.88
N ASN G 293 33.55 19.56 -19.70
CA ASN G 293 34.52 18.49 -19.49
C ASN G 293 33.87 17.11 -19.56
N LEU G 294 32.67 16.98 -19.00
CA LEU G 294 31.97 15.70 -19.01
C LEU G 294 31.65 15.26 -20.43
N PHE G 295 31.13 16.17 -21.24
CA PHE G 295 30.81 15.81 -22.62
C PHE G 295 32.07 15.49 -23.42
N HIS G 296 33.15 16.24 -23.17
CA HIS G 296 34.41 15.92 -23.86
C HIS G 296 34.89 14.52 -23.49
N THR G 297 34.86 14.18 -22.20
CA THR G 297 35.30 12.85 -21.78
C THR G 297 34.40 11.77 -22.37
N ALA G 298 33.09 11.97 -22.36
CA ALA G 298 32.17 10.98 -22.90
C ALA G 298 32.41 10.78 -24.40
N ALA G 299 32.61 11.88 -25.14
CA ALA G 299 32.87 11.75 -26.57
C ALA G 299 34.18 11.04 -26.83
N ASN G 300 35.22 11.33 -26.05
CA ASN G 300 36.52 10.72 -26.29
C ASN G 300 36.62 9.30 -25.75
N ALA G 301 35.65 8.85 -24.95
CA ALA G 301 35.69 7.49 -24.42
C ALA G 301 34.39 6.73 -24.69
N GLY G 302 33.55 7.23 -25.59
CA GLY G 302 32.26 6.59 -25.82
C GLY G 302 32.27 5.50 -26.86
N PHE G 303 33.28 5.45 -27.72
CA PHE G 303 33.29 4.47 -28.78
C PHE G 303 33.64 3.09 -28.23
N VAL G 304 33.38 2.06 -29.03
CA VAL G 304 33.63 0.67 -28.66
C VAL G 304 34.72 0.14 -29.57
N GLN G 305 35.81 -0.36 -28.97
CA GLN G 305 36.94 -0.88 -29.72
C GLN G 305 36.90 -2.40 -29.71
N LYS G 306 37.33 -3.01 -30.80
CA LYS G 306 37.34 -4.46 -30.92
C LYS G 306 38.69 -4.93 -31.42
N TRP G 307 39.44 -5.58 -30.53
CA TRP G 307 40.76 -6.04 -30.89
C TRP G 307 40.79 -7.56 -31.03
N ILE G 308 41.85 -8.05 -31.65
CA ILE G 308 41.99 -9.47 -31.96
C ILE G 308 43.34 -9.95 -31.47
N ARG G 309 43.54 -11.25 -31.57
CA ARG G 309 44.84 -11.87 -31.37
C ARG G 309 45.00 -12.87 -32.50
N PRO G 310 45.83 -12.57 -33.51
CA PRO G 310 45.85 -13.42 -34.70
C PRO G 310 46.23 -14.85 -34.38
N TYR G 311 45.59 -15.78 -35.08
CA TYR G 311 45.84 -17.20 -34.90
C TYR G 311 46.82 -17.69 -35.96
N ILE G 312 47.87 -18.36 -35.53
CA ILE G 312 48.92 -18.80 -36.45
C ILE G 312 48.83 -20.32 -36.68
N PRO G 332 56.96 -11.71 -39.83
CA PRO G 332 56.57 -11.29 -41.19
C PRO G 332 55.50 -10.20 -41.17
N LYS G 333 55.93 -8.94 -41.24
CA LYS G 333 54.98 -7.84 -41.14
C LYS G 333 54.00 -7.84 -42.30
N GLU G 334 54.45 -8.23 -43.50
CA GLU G 334 53.53 -8.31 -44.63
C GLU G 334 52.46 -9.38 -44.40
N ALA G 335 52.86 -10.52 -43.82
CA ALA G 335 51.89 -11.55 -43.50
C ALA G 335 50.90 -11.06 -42.46
N LEU G 336 51.38 -10.30 -41.47
CA LEU G 336 50.47 -9.74 -40.47
C LEU G 336 49.51 -8.74 -41.10
N ASN G 337 49.99 -7.92 -42.05
CA ASN G 337 49.11 -7.01 -42.76
C ASN G 337 48.03 -7.78 -43.52
N GLU G 338 48.43 -8.85 -44.21
CA GLU G 338 47.45 -9.67 -44.90
C GLU G 338 46.42 -10.24 -43.93
N ILE G 339 46.88 -10.70 -42.77
CA ILE G 339 45.99 -11.28 -41.76
C ILE G 339 44.95 -10.28 -41.24
N ILE G 340 45.40 -9.08 -40.85
CA ILE G 340 44.48 -8.10 -40.30
C ILE G 340 43.49 -7.63 -41.36
N LYS G 341 43.90 -7.61 -42.63
CA LYS G 341 42.97 -7.25 -43.69
C LYS G 341 41.88 -8.29 -43.74
N LYS G 342 42.27 -9.56 -43.83
CA LYS G 342 41.30 -10.65 -43.85
C LYS G 342 40.36 -10.59 -42.66
N TYR G 343 40.91 -10.38 -41.47
CA TYR G 343 40.09 -10.34 -40.26
C TYR G 343 39.03 -9.27 -40.36
N ALA G 344 39.43 -8.06 -40.74
CA ALA G 344 38.47 -6.96 -40.89
C ALA G 344 37.37 -7.32 -41.87
N GLU G 345 37.73 -7.89 -43.01
CA GLU G 345 36.75 -8.27 -44.02
C GLU G 345 35.72 -9.24 -43.46
N SER G 346 36.16 -10.27 -42.75
CA SER G 346 35.24 -11.27 -42.22
C SER G 346 34.87 -11.02 -40.76
N LEU G 347 34.48 -9.79 -40.44
CA LEU G 347 34.05 -9.48 -39.08
C LEU G 347 32.59 -9.09 -39.06
N GLY G 348 31.69 -10.05 -39.26
CA GLY G 348 30.27 -9.78 -39.22
C GLY G 348 29.50 -11.00 -38.78
N ASP G 349 28.18 -10.88 -38.79
CA ASP G 349 27.32 -11.99 -38.39
C ASP G 349 27.36 -13.14 -39.39
N GLU G 350 27.65 -12.85 -40.66
CA GLU G 350 27.63 -13.86 -41.71
C GLU G 350 28.97 -14.53 -41.90
N SER G 351 29.81 -14.58 -40.87
CA SER G 351 31.11 -15.21 -40.97
C SER G 351 31.58 -15.64 -39.60
N VAL G 352 32.32 -16.74 -39.55
CA VAL G 352 32.97 -17.22 -38.35
C VAL G 352 34.47 -16.98 -38.48
N ILE G 353 34.99 -16.10 -37.65
CA ILE G 353 36.40 -15.74 -37.73
C ILE G 353 37.23 -16.82 -37.04
N MET G 354 38.51 -16.88 -37.39
CA MET G 354 39.40 -17.95 -36.98
C MET G 354 40.43 -17.47 -35.97
N ALA G 355 40.11 -16.44 -35.21
CA ALA G 355 41.09 -15.75 -34.40
C ALA G 355 41.32 -16.48 -33.08
N ASP G 356 42.09 -15.86 -32.19
CA ASP G 356 42.43 -16.44 -30.90
C ASP G 356 41.79 -15.70 -29.72
N PHE G 357 41.47 -14.43 -29.88
CA PHE G 357 40.80 -13.66 -28.84
C PHE G 357 40.24 -12.40 -29.46
N PHE G 358 38.92 -12.21 -29.38
CA PHE G 358 38.26 -11.11 -30.07
C PHE G 358 37.26 -10.42 -29.14
N THR G 359 37.69 -10.05 -27.94
CA THR G 359 36.76 -9.37 -27.04
C THR G 359 36.33 -8.02 -27.62
N PHE G 360 35.10 -7.64 -27.30
CA PHE G 360 34.58 -6.32 -27.64
C PHE G 360 34.91 -5.39 -26.48
N GLU G 361 35.97 -4.62 -26.62
CA GLU G 361 36.40 -3.74 -25.54
C GLU G 361 35.49 -2.53 -25.48
N GLU G 362 35.02 -2.20 -24.27
CA GLU G 362 34.06 -1.13 -24.08
C GLU G 362 34.29 -0.46 -22.74
N LEU G 363 34.03 0.84 -22.69
CA LEU G 363 34.10 1.56 -21.42
C LEU G 363 32.96 1.11 -20.51
N ALA G 364 33.31 0.76 -19.26
CA ALA G 364 32.28 0.39 -18.30
C ALA G 364 31.43 1.60 -17.91
N GLY G 365 32.07 2.63 -17.39
CA GLY G 365 31.40 3.87 -17.08
C GLY G 365 31.04 3.98 -15.61
N THR G 366 31.93 4.61 -14.84
CA THR G 366 31.64 4.93 -13.45
C THR G 366 32.01 6.38 -13.17
N SER G 367 32.98 6.90 -13.93
CA SER G 367 33.38 8.29 -13.78
C SER G 367 32.37 9.23 -14.43
N VAL G 368 31.75 8.81 -15.53
CA VAL G 368 30.77 9.66 -16.21
C VAL G 368 29.58 9.91 -15.29
N GLU G 369 29.07 8.86 -14.66
CA GLU G 369 27.98 9.06 -13.70
C GLU G 369 28.46 9.80 -12.45
N MET G 370 29.75 9.70 -12.11
CA MET G 370 30.28 10.50 -11.01
C MET G 370 30.19 11.99 -11.33
N GLN G 371 30.64 12.38 -12.52
CA GLN G 371 30.54 13.79 -12.92
C GLN G 371 29.08 14.21 -13.07
N ILE G 372 28.23 13.30 -13.54
CA ILE G 372 26.80 13.60 -13.62
C ILE G 372 26.24 13.87 -12.23
N GLY G 373 26.64 13.07 -11.25
CA GLY G 373 26.19 13.32 -9.88
C GLY G 373 26.71 14.63 -9.32
N LEU G 374 27.95 14.99 -9.66
CA LEU G 374 28.49 16.28 -9.22
C LEU G 374 27.69 17.44 -9.81
N ILE G 375 27.41 17.38 -11.11
CA ILE G 375 26.61 18.42 -11.73
C ILE G 375 25.21 18.45 -11.14
N GLU G 376 24.66 17.27 -10.86
CA GLU G 376 23.33 17.20 -10.25
C GLU G 376 23.32 17.83 -8.87
N ARG G 377 24.37 17.61 -8.08
CA ARG G 377 24.41 18.22 -6.75
C ARG G 377 24.60 19.73 -6.84
N LEU G 378 25.35 20.20 -7.83
CA LEU G 378 25.45 21.64 -8.03
C LEU G 378 24.10 22.24 -8.41
N ARG G 379 23.37 21.57 -9.30
CA ARG G 379 22.02 22.03 -9.65
C ARG G 379 21.10 21.99 -8.45
N ASN G 380 21.21 20.94 -7.61
CA ASN G 380 20.39 20.86 -6.42
C ASN G 380 20.69 21.99 -5.45
N TYR G 381 21.97 22.35 -5.31
CA TYR G 381 22.30 23.50 -4.48
C TYR G 381 21.72 24.78 -5.06
N ILE G 382 21.79 24.94 -6.39
CA ILE G 382 21.25 26.13 -7.03
C ILE G 382 19.76 26.24 -6.74
N PHE G 383 19.04 25.13 -6.84
CA PHE G 383 17.60 25.16 -6.61
C PHE G 383 17.23 25.17 -5.14
N THR G 384 18.14 24.81 -4.24
CA THR G 384 17.89 24.91 -2.81
C THR G 384 18.37 26.22 -2.22
N ALA G 385 19.06 27.05 -2.99
CA ALA G 385 19.33 28.41 -2.53
C ALA G 385 18.03 29.14 -2.26
N ILE G 386 17.07 29.01 -3.14
CA ILE G 386 15.68 29.30 -2.85
C ILE G 386 15.05 28.04 -2.27
N LEU G 387 14.09 28.19 -1.37
CA LEU G 387 13.56 27.03 -0.69
C LEU G 387 12.65 26.22 -1.61
N PHE G 388 13.22 25.62 -2.65
CA PHE G 388 12.45 24.88 -3.64
C PHE G 388 13.12 23.55 -3.92
N ASN G 389 12.32 22.57 -4.29
CA ASN G 389 12.78 21.21 -4.58
C ASN G 389 12.64 20.93 -6.07
N ASN G 390 13.75 20.61 -6.72
CA ASN G 390 13.75 20.31 -8.14
C ASN G 390 13.14 18.95 -8.47
N ALA G 391 12.94 18.09 -7.46
CA ALA G 391 12.38 16.77 -7.70
C ALA G 391 10.97 16.84 -8.27
N LYS G 392 10.32 18.00 -8.20
CA LYS G 392 9.03 18.18 -8.85
C LYS G 392 9.13 17.86 -10.33
N PHE G 393 10.25 18.21 -10.97
CA PHE G 393 10.46 17.92 -12.37
C PHE G 393 11.72 17.08 -12.58
N GLU G 394 11.92 16.10 -11.72
CA GLU G 394 12.99 15.12 -11.87
C GLU G 394 12.49 13.71 -12.11
N GLN G 395 11.41 13.31 -11.45
CA GLN G 395 10.83 11.99 -11.65
C GLN G 395 9.34 11.99 -11.33
N ALA G 404 -5.78 16.54 -8.39
CA ALA G 404 -5.55 16.22 -7.00
C ALA G 404 -4.07 16.33 -6.64
N ALA G 405 -3.28 15.36 -7.09
CA ALA G 405 -1.84 15.38 -6.82
C ALA G 405 -1.08 16.12 -7.90
N LYS G 406 -1.22 15.68 -9.16
CA LYS G 406 -0.54 16.33 -10.26
C LYS G 406 -1.18 17.68 -10.61
N GLU G 407 -2.35 17.97 -10.02
CA GLU G 407 -2.98 19.27 -10.25
C GLU G 407 -2.09 20.40 -9.79
N ILE G 408 -1.23 20.16 -8.80
CA ILE G 408 -0.28 21.18 -8.37
C ILE G 408 0.71 21.49 -9.48
N ASP G 409 1.24 20.46 -10.14
CA ASP G 409 2.14 20.69 -11.27
C ASP G 409 1.40 21.38 -12.41
N PHE G 410 0.16 21.00 -12.64
CA PHE G 410 -0.64 21.66 -13.67
C PHE G 410 -0.80 23.13 -13.36
N TYR G 411 -1.04 23.48 -12.10
CA TYR G 411 -1.15 24.88 -11.71
C TYR G 411 0.19 25.60 -11.86
N VAL G 412 1.29 24.90 -11.58
CA VAL G 412 2.61 25.48 -11.79
C VAL G 412 2.79 25.86 -13.26
N GLN G 413 2.38 24.98 -14.17
CA GLN G 413 2.39 25.32 -15.58
C GLN G 413 1.45 26.51 -15.87
N ASN G 414 0.27 26.50 -15.25
CA ASN G 414 -0.69 27.56 -15.47
C ASN G 414 -0.14 28.92 -15.06
N LEU G 415 0.83 28.94 -14.14
CA LEU G 415 1.43 30.21 -13.75
C LEU G 415 2.13 30.88 -14.92
N ALA G 416 3.03 30.14 -15.58
CA ALA G 416 3.70 30.69 -16.76
C ALA G 416 2.71 30.93 -17.88
N LEU G 417 1.66 30.09 -17.97
CA LEU G 417 0.61 30.34 -18.94
C LEU G 417 -0.05 31.69 -18.69
N LYS G 418 -0.31 32.03 -17.42
CA LYS G 418 -0.93 33.30 -17.10
C LYS G 418 0.00 34.46 -17.42
N ASP G 419 1.30 34.30 -17.17
CA ASP G 419 2.25 35.35 -17.52
C ASP G 419 2.24 35.62 -19.02
N HIS G 420 2.40 34.57 -19.81
CA HIS G 420 2.35 34.74 -21.27
C HIS G 420 0.99 35.26 -21.72
N GLY G 421 -0.08 34.90 -21.02
CA GLY G 421 -1.39 35.40 -21.37
C GLY G 421 -1.52 36.89 -21.13
N SER G 422 -0.95 37.38 -20.03
CA SER G 422 -0.94 38.83 -19.80
C SER G 422 -0.19 39.55 -20.90
N GLY G 423 0.98 39.02 -21.28
CA GLY G 423 1.71 39.61 -22.40
C GLY G 423 0.90 39.59 -23.69
N ILE G 424 0.22 38.48 -23.95
CA ILE G 424 -0.60 38.34 -25.14
C ILE G 424 -1.74 39.33 -25.13
N VAL G 425 -2.36 39.54 -23.98
CA VAL G 425 -3.47 40.49 -23.88
C VAL G 425 -2.98 41.90 -24.15
N GLU G 426 -1.81 42.25 -23.63
CA GLU G 426 -1.25 43.56 -23.92
C GLU G 426 -1.02 43.73 -25.43
N PHE G 427 -0.42 42.72 -26.06
CA PHE G 427 -0.16 42.80 -27.49
C PHE G 427 -1.46 42.89 -28.28
N THR G 428 -2.48 42.14 -27.87
CA THR G 428 -3.77 42.18 -28.55
C THR G 428 -4.44 43.53 -28.40
N ARG G 429 -4.33 44.15 -27.23
CA ARG G 429 -4.87 45.50 -27.05
C ARG G 429 -4.18 46.47 -28.00
N SER G 430 -2.86 46.39 -28.10
CA SER G 430 -2.16 47.27 -29.04
C SER G 430 -2.59 47.02 -30.47
N LEU G 431 -2.71 45.75 -30.86
CA LEU G 431 -3.11 45.41 -32.22
C LEU G 431 -4.52 45.92 -32.52
N LEU G 432 -5.43 45.77 -31.57
CA LEU G 432 -6.80 46.26 -31.78
C LEU G 432 -6.83 47.77 -31.85
N HIS G 433 -6.00 48.45 -31.08
CA HIS G 433 -5.91 49.90 -31.18
C HIS G 433 -5.47 50.32 -32.58
N HIS G 434 -4.43 49.66 -33.11
CA HIS G 434 -3.98 49.98 -34.46
C HIS G 434 -5.05 49.67 -35.49
N THR G 435 -5.75 48.54 -35.32
CA THR G 435 -6.81 48.18 -36.26
C THR G 435 -7.94 49.21 -36.24
N ALA G 436 -8.34 49.66 -35.06
CA ALA G 436 -9.36 50.68 -34.95
C ALA G 436 -8.90 51.97 -35.62
N LYS G 437 -7.62 52.32 -35.45
CA LYS G 437 -7.08 53.47 -36.15
C LYS G 437 -7.11 53.27 -37.66
N ALA G 438 -6.99 52.02 -38.12
CA ALA G 438 -7.05 51.75 -39.55
C ALA G 438 -8.42 52.09 -40.14
N PHE G 439 -9.49 51.79 -39.40
CA PHE G 439 -10.83 52.14 -39.85
C PHE G 439 -11.09 53.63 -39.82
N GLY G 440 -10.15 54.43 -39.31
CA GLY G 440 -10.36 55.84 -39.12
C GLY G 440 -11.00 56.22 -37.80
N TYR G 441 -11.35 55.24 -36.97
CA TYR G 441 -11.88 55.53 -35.65
C TYR G 441 -10.76 55.99 -34.73
N ASP G 442 -11.12 56.88 -33.79
CA ASP G 442 -10.16 57.48 -32.87
C ASP G 442 -9.98 56.67 -31.59
N SER G 443 -10.23 55.36 -31.64
CA SER G 443 -10.17 54.48 -30.47
C SER G 443 -11.15 55.02 -29.42
N GLY G 444 -10.84 54.84 -28.15
CA GLY G 444 -11.73 55.24 -27.07
C GLY G 444 -11.99 54.09 -26.12
N GLY G 445 -11.67 54.28 -24.85
CA GLY G 445 -11.70 53.19 -23.90
C GLY G 445 -10.57 52.20 -24.09
N SER G 446 -9.68 52.43 -25.05
CA SER G 446 -8.52 51.59 -25.34
C SER G 446 -8.88 50.14 -25.63
N ILE G 447 -10.16 49.86 -25.93
CA ILE G 447 -10.60 48.53 -26.33
C ILE G 447 -10.24 47.51 -25.26
N VAL G 448 -11.09 47.39 -24.23
CA VAL G 448 -10.77 46.48 -23.14
C VAL G 448 -10.80 45.05 -23.63
N VAL G 449 -9.79 44.28 -23.24
CA VAL G 449 -9.64 42.88 -23.64
C VAL G 449 -9.33 42.06 -22.39
N SER G 450 -10.09 40.99 -22.19
CA SER G 450 -9.87 40.09 -21.06
C SER G 450 -9.62 38.68 -21.56
N GLY G 451 -9.39 37.78 -20.62
CA GLY G 451 -9.09 36.39 -20.92
C GLY G 451 -7.61 36.10 -20.77
N MET G 452 -7.25 34.87 -21.14
CA MET G 452 -5.86 34.39 -21.05
C MET G 452 -5.32 34.53 -19.63
N ASP G 453 -6.18 34.34 -18.63
CA ASP G 453 -5.79 34.48 -17.24
C ASP G 453 -6.22 33.33 -16.36
N ARG G 454 -7.09 32.43 -16.84
CA ARG G 454 -7.59 31.31 -16.05
C ARG G 454 -7.40 30.04 -16.88
N TYR G 455 -6.23 29.43 -16.75
CA TYR G 455 -5.92 28.16 -17.39
C TYR G 455 -6.17 27.04 -16.37
N ASP G 456 -7.18 26.22 -16.62
CA ASP G 456 -7.55 25.19 -15.66
C ASP G 456 -8.22 24.03 -16.39
N VAL G 457 -7.94 22.82 -15.93
CA VAL G 457 -8.57 21.64 -16.49
C VAL G 457 -10.04 21.64 -16.13
N ARG G 458 -10.90 21.32 -17.10
CA ARG G 458 -12.34 21.24 -16.90
C ARG G 458 -12.85 22.59 -16.39
N PRO G 459 -12.85 23.63 -17.22
CA PRO G 459 -13.17 24.96 -16.72
C PRO G 459 -14.66 25.28 -16.72
N ILE G 460 -15.45 24.51 -17.46
CA ILE G 460 -16.86 24.84 -17.63
C ILE G 460 -17.59 24.76 -16.29
N GLU G 461 -17.43 23.66 -15.56
CA GLU G 461 -18.15 23.51 -14.30
C GLU G 461 -17.59 24.43 -13.23
N GLN G 462 -16.34 24.88 -13.35
CA GLN G 462 -15.84 25.90 -12.44
C GLN G 462 -16.61 27.20 -12.61
N VAL G 463 -16.85 27.61 -13.86
CA VAL G 463 -17.64 28.80 -14.12
C VAL G 463 -19.08 28.59 -13.68
N LEU G 464 -19.62 27.38 -13.89
CA LEU G 464 -20.96 27.09 -13.42
C LEU G 464 -21.06 27.21 -11.90
N SER G 465 -20.06 26.69 -11.18
CA SER G 465 -20.03 26.82 -9.73
C SER G 465 -19.93 28.28 -9.32
N LEU G 466 -19.11 29.07 -10.01
CA LEU G 466 -19.04 30.49 -9.71
C LEU G 466 -20.39 31.16 -9.88
N ILE G 467 -21.08 30.85 -10.98
CA ILE G 467 -22.41 31.43 -11.23
C ILE G 467 -23.36 31.03 -10.11
N GLU G 468 -23.38 29.76 -9.74
CA GLU G 468 -24.30 29.29 -8.71
C GLU G 468 -24.01 29.95 -7.37
N ARG G 469 -22.73 30.03 -6.99
CA ARG G 469 -22.38 30.66 -5.73
C ARG G 469 -22.76 32.13 -5.72
N LEU G 470 -22.57 32.82 -6.85
CA LEU G 470 -23.00 34.21 -6.92
C LEU G 470 -24.51 34.33 -6.75
N PHE G 471 -25.27 33.44 -7.38
CA PHE G 471 -26.73 33.52 -7.30
C PHE G 471 -27.26 33.11 -5.94
N LYS G 472 -26.51 32.32 -5.18
CA LYS G 472 -26.95 31.94 -3.84
C LYS G 472 -26.81 33.08 -2.84
N LEU G 473 -26.03 34.10 -3.17
CA LEU G 473 -25.85 35.24 -2.29
C LEU G 473 -27.12 36.08 -2.25
N PRO G 474 -27.28 36.93 -1.23
CA PRO G 474 -28.41 37.85 -1.22
C PRO G 474 -28.46 38.68 -2.48
N GLN G 475 -29.54 38.51 -3.25
CA GLN G 475 -29.62 39.11 -4.58
C GLN G 475 -29.56 40.62 -4.52
N LEU G 476 -30.03 41.22 -3.42
CA LEU G 476 -29.95 42.66 -3.28
C LEU G 476 -28.52 43.16 -3.15
N ALA G 477 -27.58 42.27 -2.83
CA ALA G 477 -26.20 42.66 -2.61
C ALA G 477 -25.29 42.38 -3.81
N ILE G 478 -25.84 41.91 -4.92
CA ILE G 478 -25.05 41.56 -6.09
C ILE G 478 -25.36 42.57 -7.19
N PRO G 479 -24.39 43.35 -7.66
CA PRO G 479 -24.65 44.26 -8.78
C PRO G 479 -24.88 43.49 -10.06
N LYS G 480 -25.64 44.11 -10.97
CA LYS G 480 -25.93 43.45 -12.23
C LYS G 480 -24.67 43.27 -13.07
N ASP G 481 -23.68 44.16 -12.89
CA ASP G 481 -22.47 44.08 -13.71
C ASP G 481 -21.69 42.80 -13.42
N LEU G 482 -21.59 42.40 -12.16
CA LEU G 482 -20.88 41.18 -11.83
C LEU G 482 -21.55 39.96 -12.44
N LEU G 483 -22.89 39.89 -12.33
CA LEU G 483 -23.62 38.79 -12.94
C LEU G 483 -23.45 38.78 -14.44
N ILE G 484 -23.50 39.96 -15.06
CA ILE G 484 -23.32 40.04 -16.51
C ILE G 484 -21.93 39.53 -16.90
N GLU G 485 -20.90 39.93 -16.15
CA GLU G 485 -19.55 39.50 -16.46
C GLU G 485 -19.40 37.99 -16.33
N SER G 486 -19.92 37.42 -15.22
CA SER G 486 -19.79 35.98 -15.02
C SER G 486 -20.56 35.19 -16.06
N MET G 487 -21.79 35.62 -16.37
CA MET G 487 -22.57 34.95 -17.40
C MET G 487 -21.93 35.07 -18.77
N SER G 488 -21.33 36.22 -19.08
CA SER G 488 -20.64 36.38 -20.34
C SER G 488 -19.43 35.45 -20.42
N GLN G 489 -18.71 35.31 -19.31
CA GLN G 489 -17.59 34.36 -19.29
C GLN G 489 -18.07 32.94 -19.55
N LEU G 490 -19.19 32.56 -18.93
CA LEU G 490 -19.75 31.23 -19.18
C LEU G 490 -20.15 31.09 -20.65
N SER G 491 -20.78 32.13 -21.22
CA SER G 491 -21.24 32.07 -22.59
C SER G 491 -20.07 31.92 -23.56
N ARG G 492 -18.99 32.68 -23.34
CA ARG G 492 -17.85 32.59 -24.23
C ARG G 492 -17.02 31.34 -23.97
N LEU G 493 -17.22 30.67 -22.84
CA LEU G 493 -16.56 29.39 -22.62
C LEU G 493 -17.33 28.23 -23.24
N ILE G 494 -18.67 28.27 -23.19
CA ILE G 494 -19.46 27.13 -23.66
C ILE G 494 -19.37 27.01 -25.17
N ILE G 495 -19.40 28.13 -25.89
CA ILE G 495 -19.28 28.13 -27.35
C ILE G 495 -17.97 28.83 -27.71
N GLU G 496 -17.12 28.13 -28.44
CA GLU G 496 -15.90 28.69 -28.99
C GLU G 496 -15.86 28.37 -30.47
N ASN G 497 -14.85 28.91 -31.16
CA ASN G 497 -14.68 28.76 -32.60
C ASN G 497 -15.86 29.33 -33.39
N THR G 498 -16.74 30.07 -32.74
CA THR G 498 -17.92 30.64 -33.38
C THR G 498 -17.63 32.06 -33.84
N THR G 499 -18.46 32.52 -34.78
CA THR G 499 -18.34 33.89 -35.27
C THR G 499 -18.56 34.88 -34.15
N PHE G 500 -17.82 35.99 -34.19
CA PHE G 500 -17.97 37.04 -33.19
C PHE G 500 -19.40 37.55 -33.15
N GLU G 501 -20.12 37.49 -34.28
CA GLU G 501 -21.52 37.88 -34.29
C GLU G 501 -22.34 37.02 -33.35
N TYR G 502 -22.12 35.70 -33.37
CA TYR G 502 -22.89 34.80 -32.53
C TYR G 502 -22.64 35.08 -31.05
N LYS G 503 -21.37 35.26 -30.68
CA LYS G 503 -21.04 35.58 -29.30
C LYS G 503 -21.65 36.91 -28.88
N ASN G 504 -21.62 37.91 -29.76
CA ASN G 504 -22.21 39.20 -29.43
C ASN G 504 -23.71 39.08 -29.23
N THR G 505 -24.39 38.31 -30.07
CA THR G 505 -25.83 38.11 -29.91
C THR G 505 -26.14 37.43 -28.58
N LEU G 506 -25.38 36.38 -28.25
CA LEU G 506 -25.61 35.69 -26.99
C LEU G 506 -25.36 36.61 -25.80
N ASN G 507 -24.29 37.41 -25.85
CA ASN G 507 -24.00 38.32 -24.76
C ASN G 507 -25.08 39.38 -24.61
N ASP G 508 -25.58 39.91 -25.72
CA ASP G 508 -26.65 40.90 -25.63
C ASP G 508 -27.92 40.30 -25.04
N ALA G 509 -28.26 39.06 -25.44
CA ALA G 509 -29.43 38.41 -24.86
C ALA G 509 -29.24 38.20 -23.36
N ILE G 510 -28.05 37.78 -22.96
CA ILE G 510 -27.75 37.58 -21.55
C ILE G 510 -27.90 38.89 -20.78
N ILE G 511 -27.37 39.98 -21.34
CA ILE G 511 -27.45 41.27 -20.66
C ILE G 511 -28.89 41.69 -20.48
N SER G 512 -29.70 41.57 -21.54
CA SER G 512 -31.09 41.97 -21.44
C SER G 512 -31.83 41.12 -20.41
N ASN G 513 -31.60 39.82 -20.42
CA ASN G 513 -32.30 38.93 -19.49
C ASN G 513 -31.91 39.23 -18.05
N ILE G 514 -30.60 39.45 -17.81
CA ILE G 514 -30.14 39.75 -16.47
C ILE G 514 -30.72 41.07 -15.99
N ASP G 515 -30.78 42.07 -16.87
CA ASP G 515 -31.38 43.35 -16.50
C ASP G 515 -32.85 43.17 -16.11
N GLU G 516 -33.59 42.38 -16.90
CA GLU G 516 -34.98 42.14 -16.57
C GLU G 516 -35.13 41.43 -15.23
N TYR G 517 -34.30 40.41 -14.98
CA TYR G 517 -34.38 39.69 -13.71
C TYR G 517 -34.05 40.60 -12.53
N LEU G 518 -33.01 41.43 -12.67
CA LEU G 518 -32.64 42.33 -11.59
C LEU G 518 -33.74 43.34 -11.31
N ASN G 519 -34.34 43.91 -12.37
CA ASN G 519 -35.43 44.84 -12.18
C ASN G 519 -36.62 44.17 -11.51
N SER G 520 -36.92 42.93 -11.91
CA SER G 520 -38.04 42.21 -11.31
C SER G 520 -37.80 41.97 -9.82
N VAL G 521 -36.59 41.53 -9.46
CA VAL G 521 -36.33 41.26 -8.05
C VAL G 521 -36.29 42.57 -7.26
N LYS G 522 -35.85 43.66 -7.88
CA LYS G 522 -35.86 44.96 -7.20
C LYS G 522 -37.28 45.40 -6.90
N LYS G 523 -38.17 45.32 -7.89
CA LYS G 523 -39.55 45.72 -7.66
C LYS G 523 -40.27 44.77 -6.72
N GLN G 524 -39.88 43.49 -6.68
CA GLN G 524 -40.44 42.58 -5.70
C GLN G 524 -40.00 42.97 -4.29
N SER G 525 -38.72 43.33 -4.13
CA SER G 525 -38.23 43.73 -2.82
C SER G 525 -38.82 45.05 -2.35
N ASN G 526 -39.11 45.96 -3.30
CA ASN G 526 -39.65 47.26 -2.92
C ASN G 526 -41.00 47.12 -2.23
N ASP G 527 -41.87 46.26 -2.73
CA ASP G 527 -43.18 46.06 -2.14
C ASP G 527 -43.39 44.60 -1.74
N MET H 1 7.76 59.67 -44.68
CA MET H 1 7.69 60.87 -45.51
C MET H 1 7.65 60.51 -46.99
N LEU H 2 7.66 61.52 -47.84
CA LEU H 2 7.52 61.31 -49.28
C LEU H 2 8.90 61.17 -49.91
N TYR H 3 9.19 60.00 -50.46
CA TYR H 3 10.42 59.76 -51.21
C TYR H 3 10.11 59.69 -52.69
N THR H 4 10.91 60.39 -53.50
CA THR H 4 10.72 60.41 -54.94
C THR H 4 12.03 60.21 -55.70
N ASP H 5 13.09 59.78 -55.03
CA ASP H 5 14.40 59.63 -55.65
C ASP H 5 14.76 58.16 -55.76
N SER H 6 15.17 57.74 -56.96
CA SER H 6 15.64 56.38 -57.15
C SER H 6 16.91 56.15 -56.34
N LEU H 7 17.05 54.96 -55.79
CA LEU H 7 18.16 54.61 -54.93
C LEU H 7 18.90 53.40 -55.48
N ASN H 8 20.22 53.41 -55.36
CA ASN H 8 21.02 52.28 -55.80
C ASN H 8 20.82 51.09 -54.87
N TYR H 9 21.16 49.90 -55.39
CA TYR H 9 20.96 48.68 -54.62
C TYR H 9 21.71 48.71 -53.29
N LYS H 10 22.86 49.37 -53.24
CA LYS H 10 23.59 49.48 -51.98
C LYS H 10 22.78 50.23 -50.94
N GLN H 11 22.13 51.32 -51.33
CA GLN H 11 21.33 52.07 -50.38
C GLN H 11 20.14 51.26 -49.89
N LEU H 12 19.46 50.54 -50.79
CA LEU H 12 18.32 49.73 -50.37
C LEU H 12 18.76 48.60 -49.45
N SER H 13 19.87 47.95 -49.77
CA SER H 13 20.24 46.71 -49.10
C SER H 13 20.94 46.91 -47.77
N THR H 14 21.07 48.14 -47.28
CA THR H 14 21.74 48.37 -46.02
C THR H 14 20.97 47.75 -44.87
N VAL H 15 21.72 47.26 -43.87
CA VAL H 15 21.15 46.64 -42.69
C VAL H 15 21.82 47.24 -41.47
N SER H 16 21.02 47.59 -40.47
CA SER H 16 21.56 48.20 -39.26
C SER H 16 22.48 47.22 -38.53
N ASP H 17 23.42 47.77 -37.78
CA ASP H 17 24.44 46.94 -37.13
C ASP H 17 23.83 45.98 -36.14
N ASP H 18 22.86 46.44 -35.34
CA ASP H 18 22.24 45.55 -34.36
C ASP H 18 21.51 44.41 -35.06
N MET H 19 20.79 44.71 -36.14
CA MET H 19 20.15 43.64 -36.90
C MET H 19 21.17 42.72 -37.54
N GLN H 20 22.28 43.28 -38.05
CA GLN H 20 23.34 42.44 -38.60
C GLN H 20 23.89 41.48 -37.55
N SER H 21 23.98 41.93 -36.29
CA SER H 21 24.50 41.06 -35.24
C SER H 21 23.46 40.04 -34.81
N TYR H 22 22.19 40.43 -34.79
CA TYR H 22 21.15 39.57 -34.21
C TYR H 22 20.57 38.56 -35.18
N LEU H 23 20.49 38.88 -36.47
CA LEU H 23 19.87 37.96 -37.41
C LEU H 23 20.54 36.59 -37.49
N PRO H 24 21.87 36.46 -37.54
CA PRO H 24 22.45 35.11 -37.62
C PRO H 24 22.07 34.20 -36.47
N VAL H 25 22.09 34.71 -35.24
CA VAL H 25 21.75 33.85 -34.10
C VAL H 25 20.27 33.49 -34.13
N ALA H 26 19.42 34.43 -34.56
CA ALA H 26 18.00 34.12 -34.69
C ALA H 26 17.77 33.04 -35.73
N LYS H 27 18.47 33.13 -36.86
CA LYS H 27 18.35 32.10 -37.90
C LYS H 27 18.83 30.76 -37.38
N GLU H 28 19.95 30.74 -36.66
CA GLU H 28 20.46 29.49 -36.11
C GLU H 28 19.48 28.86 -35.14
N ILE H 29 18.91 29.67 -34.24
CA ILE H 29 17.97 29.15 -33.26
C ILE H 29 16.71 28.64 -33.95
N ALA H 30 16.22 29.38 -34.95
CA ALA H 30 15.03 28.95 -35.67
C ALA H 30 15.28 27.63 -36.39
N LYS H 31 16.44 27.49 -37.04
CA LYS H 31 16.77 26.25 -37.73
C LYS H 31 16.86 25.09 -36.74
N ILE H 32 17.49 25.32 -35.59
CA ILE H 32 17.61 24.26 -34.59
C ILE H 32 16.24 23.84 -34.08
N ALA H 33 15.38 24.81 -33.78
CA ALA H 33 14.08 24.50 -33.19
C ALA H 33 13.15 23.83 -34.18
N GLN H 34 13.06 24.37 -35.40
CA GLN H 34 12.13 23.81 -36.38
C GLN H 34 12.53 22.40 -36.78
N GLY H 35 13.82 22.16 -36.96
CA GLY H 35 14.27 20.83 -37.35
C GLY H 35 13.71 20.43 -38.68
N GLY H 36 13.21 19.19 -38.77
CA GLY H 36 12.62 18.72 -40.00
C GLY H 36 13.67 18.39 -41.04
N HIS H 37 13.22 18.37 -42.30
CA HIS H 37 14.11 18.03 -43.41
C HIS H 37 15.13 19.12 -43.70
N GLU H 38 14.92 20.34 -43.19
CA GLU H 38 15.86 21.41 -43.44
C GLU H 38 17.18 21.22 -42.73
N LEU H 39 17.26 20.32 -41.76
CA LEU H 39 18.50 20.09 -41.04
C LEU H 39 19.54 19.46 -41.95
N ASP H 40 20.77 19.95 -41.82
CA ASP H 40 21.90 19.39 -42.55
C ASP H 40 22.81 18.66 -41.57
N PRO H 41 22.96 17.34 -41.68
CA PRO H 41 23.77 16.61 -40.69
C PRO H 41 25.21 17.08 -40.61
N GLU H 42 25.77 17.57 -41.72
CA GLU H 42 27.16 18.04 -41.73
C GLU H 42 27.41 19.06 -40.62
N ASP H 43 26.45 19.95 -40.39
CA ASP H 43 26.62 21.01 -39.41
C ASP H 43 26.59 20.51 -37.97
N TYR H 44 26.20 19.26 -37.73
CA TYR H 44 26.05 18.73 -36.38
C TYR H 44 26.85 17.45 -36.22
N LEU H 45 28.10 17.48 -36.67
CA LEU H 45 28.99 16.33 -36.60
C LEU H 45 30.02 16.53 -35.50
N LEU H 46 30.11 15.57 -34.59
CA LEU H 46 31.19 15.54 -33.61
C LEU H 46 32.30 14.62 -34.11
N ILE H 47 32.82 14.97 -35.28
CA ILE H 47 33.80 14.16 -35.98
C ILE H 47 35.11 14.14 -35.20
N ARG H 48 35.79 12.99 -35.21
CA ARG H 48 37.08 12.83 -34.55
C ARG H 48 38.17 13.46 -35.43
N ASP H 49 38.05 14.78 -35.61
CA ASP H 49 39.08 15.62 -36.21
C ASP H 49 39.47 15.14 -37.61
N GLU H 50 38.50 15.18 -38.52
CA GLU H 50 38.72 14.94 -39.94
C GLU H 50 39.28 13.54 -40.19
N GLU H 51 38.44 12.54 -39.93
CA GLU H 51 38.76 11.17 -40.30
C GLU H 51 38.35 10.95 -41.77
N SER H 52 38.45 9.72 -42.23
CA SER H 52 38.17 9.44 -43.64
C SER H 52 36.73 9.82 -43.99
N PRO H 53 36.50 10.43 -45.15
CA PRO H 53 35.14 10.85 -45.51
C PRO H 53 34.16 9.70 -45.65
N GLY H 54 34.62 8.49 -45.96
CA GLY H 54 33.71 7.37 -46.08
C GLY H 54 32.98 7.08 -44.79
N VAL H 55 33.73 7.00 -43.69
CA VAL H 55 33.10 6.82 -42.39
C VAL H 55 32.25 8.01 -42.01
N THR H 56 32.64 9.21 -42.43
CA THR H 56 31.81 10.39 -42.16
C THR H 56 30.45 10.26 -42.83
N LYS H 57 30.41 9.84 -44.09
CA LYS H 57 29.13 9.68 -44.76
C LYS H 57 28.34 8.52 -44.18
N LYS H 58 29.03 7.45 -43.76
CA LYS H 58 28.33 6.34 -43.13
C LYS H 58 27.68 6.78 -41.82
N ARG H 59 28.39 7.63 -41.06
CA ARG H 59 27.81 8.19 -39.84
C ARG H 59 26.63 9.11 -40.15
N ILE H 60 26.76 9.92 -41.21
CA ILE H 60 25.68 10.82 -41.61
C ILE H 60 24.44 10.03 -41.98
N GLU H 61 24.61 8.86 -42.59
CA GLU H 61 23.46 8.05 -42.96
C GLU H 61 22.59 7.68 -41.76
N LYS H 62 23.14 7.70 -40.55
CA LYS H 62 22.41 7.34 -39.35
C LYS H 62 21.96 8.57 -38.57
N PHE H 63 21.60 9.64 -39.28
CA PHE H 63 21.17 10.89 -38.65
C PHE H 63 19.67 10.81 -38.39
N ALA H 64 19.30 10.73 -37.11
CA ALA H 64 17.89 10.68 -36.70
C ALA H 64 17.67 11.80 -35.69
N PRO H 65 17.33 13.00 -36.15
CA PRO H 65 17.20 14.13 -35.23
C PRO H 65 16.00 13.96 -34.31
N GLU H 66 16.24 14.15 -33.02
CA GLU H 66 15.20 14.13 -32.01
C GLU H 66 15.01 15.55 -31.52
N ASN H 67 14.08 16.27 -32.13
CA ASN H 67 13.87 17.69 -31.88
C ASN H 67 13.01 17.85 -30.63
N TYR H 68 13.63 17.63 -29.47
CA TYR H 68 12.93 17.84 -28.22
C TYR H 68 12.60 19.32 -28.01
N LEU H 69 13.41 20.22 -28.56
CA LEU H 69 13.08 21.63 -28.51
C LEU H 69 11.80 21.92 -29.29
N GLY H 70 11.65 21.29 -30.45
CA GLY H 70 10.39 21.42 -31.17
C GLY H 70 9.21 20.90 -30.38
N ALA H 71 9.40 19.80 -29.67
CA ALA H 71 8.34 19.27 -28.83
C ALA H 71 7.98 20.24 -27.71
N ALA H 72 8.99 20.86 -27.10
CA ALA H 72 8.73 21.84 -26.05
C ALA H 72 7.98 23.05 -26.60
N ILE H 73 8.38 23.53 -27.78
CA ILE H 73 7.68 24.66 -28.40
C ILE H 73 6.23 24.28 -28.69
N ARG H 74 6.02 23.08 -29.21
CA ARG H 74 4.67 22.61 -29.47
C ARG H 74 3.85 22.54 -28.19
N LEU H 75 4.45 22.05 -27.11
CA LEU H 75 3.75 21.95 -25.84
C LEU H 75 3.36 23.33 -25.32
N GLN H 76 4.30 24.28 -25.38
CA GLN H 76 4.00 25.63 -24.91
C GLN H 76 2.90 26.27 -25.74
N ARG H 77 2.98 26.12 -27.07
CA ARG H 77 1.95 26.69 -27.93
C ARG H 77 0.58 26.10 -27.62
N VAL H 78 0.52 24.77 -27.45
CA VAL H 78 -0.76 24.12 -27.18
C VAL H 78 -1.31 24.56 -25.83
N LEU H 79 -0.45 24.62 -24.81
CA LEU H 79 -0.89 25.06 -23.49
C LEU H 79 -1.43 26.48 -23.53
N GLN H 80 -0.74 27.38 -24.23
CA GLN H 80 -1.24 28.74 -24.34
C GLN H 80 -2.54 28.80 -25.14
N LYS H 81 -2.66 27.97 -26.18
CA LYS H 81 -3.89 27.89 -26.94
C LYS H 81 -5.06 27.41 -26.09
N SER H 82 -4.78 26.63 -25.04
CA SER H 82 -5.83 26.16 -24.16
C SER H 82 -6.57 27.28 -23.44
N GLY H 83 -6.00 28.47 -23.39
CA GLY H 83 -6.66 29.57 -22.72
C GLY H 83 -7.80 30.15 -23.52
N VAL H 84 -8.42 31.18 -22.97
CA VAL H 84 -9.58 31.84 -23.57
C VAL H 84 -9.23 33.30 -23.81
N LEU H 85 -9.50 33.78 -25.02
CA LEU H 85 -9.31 35.18 -25.37
C LEU H 85 -10.66 35.77 -25.78
N GLU H 86 -11.03 36.88 -25.15
CA GLU H 86 -12.35 37.47 -25.34
C GLU H 86 -12.23 38.96 -25.59
N ILE H 87 -13.15 39.51 -26.38
CA ILE H 87 -13.20 40.93 -26.71
C ILE H 87 -14.53 41.46 -26.24
N LYS H 88 -14.50 42.55 -25.45
CA LYS H 88 -15.72 43.20 -25.04
C LYS H 88 -16.27 44.06 -26.18
N SER H 89 -17.43 43.68 -26.72
CA SER H 89 -17.95 44.34 -27.91
C SER H 89 -18.27 45.81 -27.63
N ASP H 90 -18.81 46.13 -26.47
CA ASP H 90 -19.24 47.50 -26.18
C ASP H 90 -18.07 48.48 -26.18
N SER H 91 -16.85 48.01 -25.93
CA SER H 91 -15.69 48.90 -25.91
C SER H 91 -15.12 49.17 -27.29
N LEU H 92 -15.59 48.48 -28.32
CA LEU H 92 -15.09 48.71 -29.66
C LEU H 92 -15.62 50.03 -30.19
N PRO H 93 -14.76 50.94 -30.64
CA PRO H 93 -15.24 52.20 -31.19
C PRO H 93 -15.90 52.00 -32.53
N GLY H 94 -16.75 52.95 -32.90
CA GLY H 94 -17.41 52.90 -34.18
C GLY H 94 -18.47 51.82 -34.26
N ASP H 95 -18.88 51.55 -35.50
CA ASP H 95 -19.91 50.54 -35.75
C ASP H 95 -19.42 49.16 -35.33
N LEU H 96 -20.31 48.39 -34.71
CA LEU H 96 -19.97 47.03 -34.32
C LEU H 96 -20.02 46.06 -35.49
N THR H 97 -20.90 46.32 -36.46
CA THR H 97 -21.06 45.41 -37.59
C THR H 97 -19.78 45.28 -38.38
N VAL H 98 -19.09 46.39 -38.62
CA VAL H 98 -17.83 46.33 -39.36
C VAL H 98 -16.78 45.59 -38.54
N TRP H 99 -16.81 45.73 -37.21
CA TRP H 99 -15.89 44.96 -36.38
C TRP H 99 -16.13 43.47 -36.50
N GLU H 100 -17.40 43.06 -36.49
CA GLU H 100 -17.71 41.64 -36.66
C GLU H 100 -17.30 41.14 -38.04
N SER H 101 -17.55 41.94 -39.07
CA SER H 101 -17.15 41.55 -40.43
C SER H 101 -15.65 41.37 -40.51
N PHE H 102 -14.88 42.27 -39.90
CA PHE H 102 -13.43 42.11 -39.87
C PHE H 102 -13.03 40.86 -39.09
N PHE H 103 -13.68 40.62 -37.95
CA PHE H 103 -13.32 39.48 -37.12
C PHE H 103 -13.70 38.15 -37.76
N ASN H 104 -14.54 38.16 -38.80
CA ASN H 104 -14.78 36.93 -39.54
C ASN H 104 -13.49 36.40 -40.15
N LYS H 105 -12.66 37.28 -40.70
CA LYS H 105 -11.37 36.91 -41.30
C LYS H 105 -10.38 38.03 -41.00
N VAL H 106 -9.54 37.82 -39.98
CA VAL H 106 -8.61 38.86 -39.55
C VAL H 106 -7.34 38.91 -40.38
N ASP H 107 -7.09 37.92 -41.22
CA ASP H 107 -5.88 37.91 -42.03
C ASP H 107 -6.11 37.07 -43.27
N LYS H 108 -5.13 37.09 -44.17
CA LYS H 108 -5.25 36.37 -45.42
C LYS H 108 -5.20 34.86 -45.23
N ARG H 109 -4.80 34.39 -44.05
CA ARG H 109 -4.75 32.97 -43.75
C ARG H 109 -6.06 32.45 -43.19
N ASN H 110 -7.09 33.29 -43.14
CA ASN H 110 -8.46 32.94 -42.73
C ASN H 110 -8.57 32.60 -41.25
N SER H 111 -7.48 32.67 -40.49
CA SER H 111 -7.54 32.35 -39.07
C SER H 111 -8.32 33.43 -38.30
N SER H 112 -8.91 33.02 -37.18
CA SER H 112 -9.62 33.96 -36.32
C SER H 112 -8.63 34.78 -35.53
N LEU H 113 -9.16 35.72 -34.72
CA LEU H 113 -8.29 36.61 -33.96
C LEU H 113 -7.43 35.83 -32.96
N LYS H 114 -8.04 34.91 -32.22
CA LYS H 114 -7.28 34.13 -31.26
C LYS H 114 -6.23 33.26 -31.94
N ASP H 115 -6.60 32.65 -33.06
CA ASP H 115 -5.64 31.82 -33.79
C ASP H 115 -4.47 32.65 -34.29
N PHE H 116 -4.75 33.84 -34.83
CA PHE H 116 -3.67 34.70 -35.31
C PHE H 116 -2.77 35.14 -34.18
N VAL H 117 -3.34 35.51 -33.04
CA VAL H 117 -2.53 35.95 -31.91
C VAL H 117 -1.68 34.79 -31.38
N ILE H 118 -2.24 33.58 -31.36
CA ILE H 118 -1.47 32.43 -30.91
C ILE H 118 -0.35 32.12 -31.90
N ASP H 119 -0.60 32.30 -33.20
CA ASP H 119 0.48 32.11 -34.17
C ASP H 119 1.58 33.14 -33.98
N VAL H 120 1.20 34.39 -33.70
CA VAL H 120 2.19 35.42 -33.42
C VAL H 120 2.99 35.06 -32.17
N PHE H 121 2.30 34.57 -31.14
CA PHE H 121 2.98 34.14 -29.93
C PHE H 121 3.95 33.01 -30.20
N THR H 122 3.55 32.07 -31.06
CA THR H 122 4.44 30.95 -31.39
C THR H 122 5.67 31.44 -32.15
N GLU H 123 5.47 32.35 -33.10
CA GLU H 123 6.60 32.89 -33.86
C GLU H 123 7.56 33.61 -32.93
N ALA H 124 7.03 34.37 -31.97
CA ALA H 124 7.90 35.00 -30.98
C ALA H 124 8.57 33.97 -30.08
N LEU H 125 7.88 32.88 -29.80
CA LEU H 125 8.41 31.85 -28.91
C LEU H 125 9.62 31.18 -29.54
N VAL H 126 9.55 30.85 -30.83
CA VAL H 126 10.72 30.26 -31.48
C VAL H 126 11.83 31.30 -31.64
N ASN H 127 11.46 32.55 -31.95
CA ASN H 127 12.43 33.63 -32.04
C ASN H 127 11.70 34.94 -31.78
N LYS H 128 12.22 35.75 -30.85
CA LYS H 128 11.50 36.92 -30.38
C LYS H 128 11.29 37.95 -31.48
N TYR H 129 10.59 39.03 -31.15
CA TYR H 129 10.33 40.14 -32.07
C TYR H 129 9.55 39.66 -33.30
N CYS H 130 8.31 39.24 -33.05
CA CYS H 130 7.39 38.95 -34.14
C CYS H 130 6.71 40.23 -34.59
N TYR H 131 6.79 40.53 -35.88
CA TYR H 131 6.29 41.79 -36.42
C TYR H 131 5.00 41.57 -37.19
N VAL H 132 4.02 42.42 -36.94
CA VAL H 132 2.73 42.36 -37.61
C VAL H 132 2.42 43.72 -38.22
N GLN H 133 1.89 43.72 -39.44
CA GLN H 133 1.50 44.94 -40.11
C GLN H 133 0.02 44.89 -40.46
N VAL H 134 -0.64 46.03 -40.37
CA VAL H 134 -2.06 46.15 -40.67
C VAL H 134 -2.20 47.00 -41.94
N GLU H 135 -2.83 46.43 -42.96
CA GLU H 135 -2.96 47.16 -44.23
C GLU H 135 -4.37 47.00 -44.78
N LEU H 136 -4.58 47.54 -45.97
CA LEU H 136 -5.89 47.60 -46.61
C LEU H 136 -5.79 47.01 -48.02
N SER H 137 -6.87 47.14 -48.76
CA SER H 137 -6.88 46.80 -50.19
C SER H 137 -6.76 48.07 -51.02
N LYS H 138 -6.25 47.92 -52.24
CA LYS H 138 -5.96 49.05 -53.11
C LYS H 138 -7.00 49.15 -54.22
N LEU H 139 -7.56 50.34 -54.39
CA LEU H 139 -8.51 50.62 -55.45
C LEU H 139 -8.13 51.94 -56.11
N ASP H 140 -8.05 51.94 -57.44
CA ASP H 140 -7.63 53.12 -58.19
C ASP H 140 -8.62 53.37 -59.33
N PHE H 141 -8.99 54.64 -59.53
CA PHE H 141 -9.90 55.03 -60.58
C PHE H 141 -9.50 56.40 -61.11
N ASP H 142 -9.95 56.70 -62.32
CA ASP H 142 -9.67 57.96 -62.98
C ASP H 142 -10.91 58.85 -62.99
N THR H 143 -10.70 60.13 -63.30
CA THR H 143 -11.74 61.14 -63.30
C THR H 143 -12.51 61.14 -61.97
N VAL H 144 -11.75 61.10 -60.88
CA VAL H 144 -12.32 60.96 -59.55
C VAL H 144 -12.94 62.28 -59.10
N THR H 145 -14.17 62.20 -58.61
CA THR H 145 -14.85 63.34 -58.01
C THR H 145 -14.81 63.19 -56.49
N GLU H 146 -15.51 64.09 -55.79
CA GLU H 146 -15.55 64.02 -54.33
C GLU H 146 -16.29 62.77 -53.86
N ALA H 147 -17.38 62.40 -54.54
CA ALA H 147 -18.12 61.20 -54.16
C ALA H 147 -17.28 59.96 -54.37
N GLU H 148 -16.52 59.90 -55.46
CA GLU H 148 -15.65 58.76 -55.70
C GLU H 148 -14.58 58.63 -54.62
N ALA H 149 -13.99 59.76 -54.21
CA ALA H 149 -13.01 59.73 -53.13
C ALA H 149 -13.66 59.29 -51.82
N GLU H 150 -14.88 59.75 -51.55
CA GLU H 150 -15.58 59.33 -50.35
C GLU H 150 -15.81 57.83 -50.35
N GLY H 151 -16.24 57.29 -51.49
CA GLY H 151 -16.43 55.85 -51.59
C GLY H 151 -15.14 55.07 -51.41
N ILE H 152 -14.05 55.56 -52.01
CA ILE H 152 -12.75 54.90 -51.87
C ILE H 152 -12.33 54.88 -50.41
N LEU H 153 -12.51 56.01 -49.71
CA LEU H 153 -12.17 56.06 -48.29
C LEU H 153 -13.05 55.11 -47.47
N SER H 154 -14.34 55.01 -47.84
CA SER H 154 -15.26 54.17 -47.09
C SER H 154 -15.14 52.69 -47.42
N THR H 155 -14.40 52.32 -48.46
CA THR H 155 -14.27 50.92 -48.87
C THR H 155 -12.95 50.30 -48.44
N ARG H 156 -12.46 50.65 -47.24
CA ARG H 156 -11.21 50.07 -46.75
C ARG H 156 -11.49 48.82 -45.92
N LYS H 157 -10.80 47.73 -46.24
CA LYS H 157 -10.96 46.45 -45.58
C LYS H 157 -9.59 45.99 -45.08
N PRO H 158 -9.28 46.25 -43.81
CA PRO H 158 -7.94 45.95 -43.31
C PRO H 158 -7.74 44.47 -43.02
N TYR H 159 -6.46 44.10 -42.93
CA TYR H 159 -6.07 42.75 -42.56
C TYR H 159 -4.63 42.77 -42.09
N TYR H 160 -4.24 41.69 -41.43
CA TYR H 160 -2.94 41.56 -40.81
C TYR H 160 -1.98 40.78 -41.69
N PHE H 161 -0.69 41.02 -41.46
CA PHE H 161 0.36 40.39 -42.26
C PHE H 161 1.59 40.23 -41.38
N LYS H 162 2.05 39.00 -41.22
CA LYS H 162 3.20 38.71 -40.35
C LYS H 162 4.48 38.86 -41.15
N ILE H 163 5.29 39.84 -40.77
CA ILE H 163 6.57 40.08 -41.44
C ILE H 163 7.61 39.12 -40.87
N PRO H 164 8.26 38.31 -41.71
CA PRO H 164 9.30 37.42 -41.20
C PRO H 164 10.44 38.20 -40.56
N LEU H 165 10.99 37.66 -39.48
CA LEU H 165 12.07 38.34 -38.79
C LEU H 165 13.30 38.48 -39.66
N GLN H 166 13.64 37.43 -40.41
CA GLN H 166 14.82 37.47 -41.28
C GLN H 166 14.68 38.50 -42.39
N SER H 167 13.45 38.90 -42.73
CA SER H 167 13.25 39.92 -43.74
C SER H 167 13.36 41.33 -43.19
N ILE H 168 13.46 41.49 -41.88
CA ILE H 168 13.64 42.81 -41.29
C ILE H 168 15.04 43.32 -41.59
N MET H 169 15.14 44.56 -42.04
CA MET H 169 16.44 45.13 -42.37
C MET H 169 16.88 46.22 -41.41
N VAL H 170 16.00 47.17 -41.08
CA VAL H 170 16.33 48.22 -40.13
C VAL H 170 15.03 48.74 -39.55
N GLU H 171 15.08 49.20 -38.31
CA GLU H 171 13.89 49.82 -37.73
C GLU H 171 14.31 50.78 -36.64
N LYS H 172 13.63 51.92 -36.59
CA LYS H 172 13.76 52.88 -35.51
C LYS H 172 12.54 52.76 -34.61
N CYS H 173 12.76 52.33 -33.38
CA CYS H 173 11.69 52.10 -32.43
C CYS H 173 12.17 52.50 -31.04
N ASP H 174 11.28 53.13 -30.28
CA ASP H 174 11.53 53.46 -28.89
C ASP H 174 10.63 52.59 -28.03
N GLY H 175 11.22 51.83 -27.11
CA GLY H 175 10.47 50.86 -26.35
C GLY H 175 9.84 49.83 -27.26
N ASP H 176 8.51 49.69 -27.18
CA ASP H 176 7.79 48.79 -28.07
C ASP H 176 7.21 49.49 -29.29
N THR H 177 6.90 50.78 -29.20
CA THR H 177 6.40 51.51 -30.34
C THR H 177 7.48 51.66 -31.40
N ILE H 178 7.08 51.50 -32.66
CA ILE H 178 8.01 51.53 -33.78
C ILE H 178 7.82 52.83 -34.54
N GLN H 179 8.86 53.67 -34.56
CA GLN H 179 8.78 54.91 -35.31
C GLN H 179 8.71 54.64 -36.81
N TRP H 180 9.62 53.83 -37.32
CA TRP H 180 9.56 53.45 -38.73
C TRP H 180 10.37 52.16 -38.93
N ILE H 181 10.16 51.52 -40.08
CA ILE H 181 10.83 50.25 -40.33
C ILE H 181 10.98 49.98 -41.82
N LYS H 182 12.17 49.57 -42.23
CA LYS H 182 12.43 49.14 -43.59
C LYS H 182 12.75 47.65 -43.59
N TYR H 183 12.00 46.89 -44.39
CA TYR H 183 12.20 45.45 -44.52
C TYR H 183 12.19 45.07 -45.99
N LYS H 184 12.42 43.80 -46.26
CA LYS H 184 12.50 43.27 -47.61
C LYS H 184 11.38 42.25 -47.83
N ARG H 185 11.06 42.02 -49.10
CA ARG H 185 9.98 41.12 -49.46
C ARG H 185 10.28 40.55 -50.85
N LEU H 186 10.49 39.25 -50.92
CA LEU H 186 10.72 38.55 -52.18
C LEU H 186 9.40 37.98 -52.65
N ASP H 187 8.81 38.58 -53.67
CA ASP H 187 7.52 38.13 -54.17
C ASP H 187 7.69 37.44 -55.51
N LYS H 188 7.14 36.24 -55.63
CA LYS H 188 7.32 35.41 -56.82
C LYS H 188 6.10 35.56 -57.71
N ILE H 189 6.33 35.97 -58.95
CA ILE H 189 5.30 35.97 -59.98
C ILE H 189 5.34 34.60 -60.64
N ASP H 190 4.31 33.80 -60.39
CA ASP H 190 4.22 32.44 -60.91
C ASP H 190 3.48 32.45 -62.23
N ASN H 191 4.10 31.86 -63.25
CA ASN H 191 3.48 31.74 -64.55
C ASN H 191 3.01 30.31 -64.74
N PRO H 192 1.73 30.09 -65.06
CA PRO H 192 1.23 28.71 -65.15
C PRO H 192 1.90 27.88 -66.23
N PHE H 193 2.54 28.51 -67.21
CA PHE H 193 3.19 27.78 -68.30
C PHE H 193 4.57 28.35 -68.57
N ASP H 194 5.30 28.72 -67.52
CA ASP H 194 6.63 29.26 -67.67
C ASP H 194 7.34 29.21 -66.33
N LYS H 195 8.65 29.47 -66.38
CA LYS H 195 9.46 29.48 -65.17
C LYS H 195 9.03 30.60 -64.23
N THR H 196 9.10 30.33 -62.93
CA THR H 196 8.74 31.32 -61.93
C THR H 196 9.67 32.52 -62.01
N ILE H 197 9.10 33.73 -61.99
CA ILE H 197 9.88 34.96 -61.96
C ILE H 197 9.88 35.47 -60.54
N TYR H 198 10.93 36.21 -60.17
CA TYR H 198 11.06 36.76 -58.83
C TYR H 198 11.22 38.27 -58.89
N ASN H 199 10.59 38.96 -57.94
CA ASN H 199 10.79 40.38 -57.75
C ASN H 199 11.23 40.61 -56.31
N MET H 200 12.03 41.65 -56.12
CA MET H 200 12.55 42.00 -54.80
C MET H 200 12.07 43.39 -54.46
N SER H 201 11.29 43.52 -53.41
CA SER H 201 10.77 44.81 -52.98
C SER H 201 11.36 45.18 -51.62
N TYR H 202 11.71 46.44 -51.47
CA TYR H 202 12.14 47.00 -50.21
C TYR H 202 11.06 47.96 -49.74
N VAL H 203 10.47 47.68 -48.60
CA VAL H 203 9.32 48.41 -48.10
C VAL H 203 9.76 49.22 -46.89
N LEU H 204 9.57 50.52 -46.97
CA LEU H 204 9.83 51.43 -45.86
C LEU H 204 8.51 51.98 -45.37
N ILE H 205 8.18 51.69 -44.11
CA ILE H 205 6.94 52.12 -43.48
C ILE H 205 7.29 53.22 -42.50
N ASP H 206 6.67 54.38 -42.68
CA ASP H 206 6.97 55.60 -41.95
C ASP H 206 5.75 56.02 -41.13
N ASP H 207 5.84 57.20 -40.53
CA ASP H 207 4.76 57.68 -39.68
C ASP H 207 3.48 57.92 -40.48
N GLN H 208 3.58 58.53 -41.65
CA GLN H 208 2.41 58.83 -42.45
C GLN H 208 2.57 58.44 -43.92
N HIS H 209 3.63 57.72 -44.28
CA HIS H 209 3.82 57.27 -45.65
C HIS H 209 4.37 55.86 -45.65
N ILE H 210 4.10 55.15 -46.74
CA ILE H 210 4.68 53.84 -46.99
C ILE H 210 5.20 53.81 -48.42
N THR H 211 6.43 53.35 -48.60
CA THR H 211 7.12 53.40 -49.88
C THR H 211 7.70 52.03 -50.21
N THR H 212 7.77 51.73 -51.50
CA THR H 212 8.32 50.47 -51.97
C THR H 212 9.26 50.73 -53.15
N TRP H 213 10.45 50.14 -53.10
CA TRP H 213 11.37 50.11 -54.22
C TRP H 213 11.42 48.68 -54.75
N THR H 214 11.12 48.51 -56.03
CA THR H 214 10.97 47.17 -56.59
C THR H 214 12.00 46.93 -57.70
N TYR H 215 12.71 45.83 -57.59
CA TYR H 215 13.57 45.30 -58.65
C TYR H 215 12.88 44.11 -59.28
N TYR H 216 12.71 44.16 -60.60
CA TYR H 216 11.89 43.20 -61.33
C TYR H 216 12.76 42.14 -62.00
N ASP H 217 12.28 40.90 -61.99
CA ASP H 217 12.93 39.78 -62.66
C ASP H 217 14.38 39.65 -62.22
N ILE H 218 14.55 39.38 -60.94
CA ILE H 218 15.86 39.25 -60.33
C ILE H 218 16.09 37.79 -59.95
N ILE H 219 17.31 37.49 -59.53
CA ILE H 219 17.69 36.18 -59.03
C ILE H 219 18.11 36.34 -57.58
N VAL H 220 17.54 35.52 -56.71
CA VAL H 220 17.88 35.57 -55.30
C VAL H 220 19.25 34.95 -55.10
N SER H 221 20.05 35.59 -54.24
CA SER H 221 21.39 35.11 -53.94
C SER H 221 21.38 34.27 -52.67
N ASP H 222 22.49 33.58 -52.44
CA ASP H 222 22.61 32.73 -51.26
C ASP H 222 22.55 33.53 -49.96
N SER H 223 22.91 34.81 -49.99
CA SER H 223 22.83 35.66 -48.82
C SER H 223 21.44 36.27 -48.64
N GLY H 224 20.47 35.86 -49.45
CA GLY H 224 19.14 36.42 -49.38
C GLY H 224 18.94 37.68 -50.18
N GLY H 225 19.99 38.20 -50.81
CA GLY H 225 19.90 39.40 -51.61
C GLY H 225 19.74 39.11 -53.09
N ILE H 226 20.10 40.10 -53.90
CA ILE H 226 19.99 40.00 -55.36
C ILE H 226 21.35 39.65 -55.92
N SER H 227 21.39 38.66 -56.80
CA SER H 227 22.61 38.27 -57.49
C SER H 227 22.62 38.72 -58.94
N LYS H 228 21.58 38.41 -59.70
CA LYS H 228 21.47 38.78 -61.10
C LYS H 228 20.12 39.42 -61.35
N ILE H 229 20.08 40.34 -62.30
CA ILE H 229 18.83 40.99 -62.70
C ILE H 229 18.67 40.89 -64.20
N TRP H 230 17.43 40.98 -64.65
CA TRP H 230 17.13 40.97 -66.07
C TRP H 230 17.51 42.31 -66.70
N ASP H 231 17.87 42.25 -67.98
CA ASP H 231 18.19 43.46 -68.73
C ASP H 231 17.69 43.22 -70.15
N GLN H 232 16.63 43.95 -70.54
CA GLN H 232 16.08 43.77 -71.87
C GLN H 232 17.04 44.26 -72.94
N SER H 233 17.81 45.32 -72.64
CA SER H 233 18.78 45.83 -73.59
C SER H 233 19.91 44.84 -73.84
N LEU H 234 20.14 43.91 -72.92
CA LEU H 234 21.21 42.93 -73.08
C LEU H 234 20.89 41.99 -74.24
N ASN H 235 21.86 41.12 -74.54
CA ASN H 235 21.73 40.13 -75.62
C ASN H 235 21.39 40.81 -76.94
N TYR H 236 22.10 41.90 -77.24
CA TYR H 236 21.87 42.71 -78.43
C TYR H 236 20.42 43.20 -78.49
N GLY H 237 19.87 43.54 -77.33
CA GLY H 237 18.51 44.02 -77.22
C GLY H 237 17.49 42.93 -76.94
N LYS H 238 17.89 41.67 -76.96
CA LYS H 238 16.95 40.59 -76.68
C LYS H 238 16.74 40.39 -75.19
N GLY H 239 17.71 40.76 -74.37
CA GLY H 239 17.59 40.67 -72.94
C GLY H 239 18.23 39.41 -72.37
N ALA H 240 18.85 39.57 -71.21
CA ALA H 240 19.51 38.45 -70.53
C ALA H 240 19.75 38.84 -69.07
N TYR H 241 20.26 37.89 -68.30
CA TYR H 241 20.56 38.12 -66.90
C TYR H 241 21.98 38.61 -66.74
N ARG H 242 22.15 39.72 -66.02
CA ARG H 242 23.45 40.31 -65.78
C ARG H 242 23.62 40.60 -64.31
N SER H 243 24.88 40.68 -63.88
CA SER H 243 25.17 40.87 -62.47
C SER H 243 24.64 42.22 -61.99
N ILE H 244 24.22 42.25 -60.73
CA ILE H 244 23.63 43.45 -60.15
C ILE H 244 24.71 44.49 -59.91
N ASP H 245 24.41 45.74 -60.22
CA ASP H 245 25.31 46.86 -59.99
C ASP H 245 24.86 47.61 -58.73
N LYS H 246 25.78 47.75 -57.77
CA LYS H 246 25.44 48.37 -56.49
C LYS H 246 25.39 49.89 -56.55
N GLU H 247 25.78 50.50 -57.67
CA GLU H 247 25.75 51.94 -57.80
C GLU H 247 24.92 52.44 -58.97
N LYS H 248 24.67 51.61 -59.98
CA LYS H 248 23.97 52.05 -61.17
C LYS H 248 22.57 51.47 -61.33
N ASP H 249 22.31 50.31 -60.73
CA ASP H 249 20.98 49.68 -60.80
C ASP H 249 20.11 50.32 -59.73
N LYS H 250 19.21 51.20 -60.15
CA LYS H 250 18.39 51.99 -59.24
C LYS H 250 16.92 51.62 -59.42
N ALA H 251 16.18 51.61 -58.32
CA ALA H 251 14.76 51.30 -58.32
C ALA H 251 13.98 52.58 -58.05
N ASP H 252 12.95 52.83 -58.85
CA ASP H 252 12.12 54.01 -58.68
C ASP H 252 11.11 53.77 -57.56
N PRO H 253 11.08 54.60 -56.52
CA PRO H 253 10.13 54.39 -55.43
C PRO H 253 8.69 54.61 -55.88
N VAL H 254 7.79 53.86 -55.27
CA VAL H 254 6.36 54.10 -55.36
C VAL H 254 5.83 54.21 -53.93
N SER H 255 5.24 55.36 -53.61
CA SER H 255 4.87 55.66 -52.23
C SER H 255 3.44 56.17 -52.17
N PHE H 256 2.82 55.98 -51.02
CA PHE H 256 1.51 56.58 -50.77
C PHE H 256 1.32 56.73 -49.27
N ALA H 257 0.42 57.63 -48.91
CA ALA H 257 0.16 57.98 -47.52
C ALA H 257 -1.02 57.15 -47.01
N HIS H 258 -0.78 56.37 -45.95
CA HIS H 258 -1.84 55.56 -45.37
C HIS H 258 -2.73 56.35 -44.42
N ASN H 259 -2.33 57.56 -44.03
CA ASN H 259 -3.13 58.44 -43.18
C ASN H 259 -3.46 57.78 -41.84
N ARG H 260 -2.64 56.83 -41.41
CA ARG H 260 -2.83 56.21 -40.11
C ARG H 260 -2.46 57.15 -38.97
N GLY H 261 -1.58 58.12 -39.22
CA GLY H 261 -1.06 58.96 -38.17
C GLY H 261 0.04 58.33 -37.35
N SER H 262 0.34 57.05 -37.56
CA SER H 262 1.41 56.36 -36.87
C SER H 262 1.82 55.17 -37.72
N CYS H 263 2.97 54.60 -37.40
CA CYS H 263 3.47 53.46 -38.15
C CYS H 263 2.55 52.27 -37.95
N PRO H 264 1.94 51.72 -39.00
CA PRO H 264 0.97 50.64 -38.84
C PRO H 264 1.63 49.26 -38.68
N VAL H 265 2.55 49.18 -37.73
CA VAL H 265 3.17 47.91 -37.37
C VAL H 265 3.19 47.78 -35.86
N VAL H 266 3.18 46.53 -35.39
CA VAL H 266 3.26 46.21 -33.98
C VAL H 266 4.24 45.06 -33.80
N ARG H 267 5.10 45.17 -32.80
CA ARG H 267 6.10 44.15 -32.52
C ARG H 267 5.75 43.48 -31.20
N TYR H 268 5.61 42.16 -31.22
CA TYR H 268 5.47 41.39 -30.00
C TYR H 268 6.85 40.89 -29.59
N ARG H 269 7.24 41.18 -28.36
CA ARG H 269 8.58 40.90 -27.86
C ARG H 269 8.45 40.05 -26.61
N MET H 270 8.77 38.77 -26.72
CA MET H 270 8.77 37.90 -25.55
C MET H 270 9.87 38.32 -24.59
N ASP H 271 9.54 38.35 -23.30
CA ASP H 271 10.50 38.77 -22.29
C ASP H 271 11.70 37.82 -22.27
N GLU H 272 12.88 38.39 -22.00
CA GLU H 272 14.11 37.61 -22.07
C GLU H 272 14.09 36.48 -21.06
N SER H 273 13.59 36.74 -19.85
CA SER H 273 13.52 35.69 -18.84
C SER H 273 12.57 34.57 -19.25
N LEU H 274 11.60 34.88 -20.10
CA LEU H 274 10.64 33.88 -20.56
C LEU H 274 11.09 33.18 -21.83
N TYR H 275 11.93 33.81 -22.65
CA TYR H 275 12.38 33.25 -23.91
C TYR H 275 13.36 32.13 -23.62
N MET H 276 12.89 30.88 -23.67
CA MET H 276 13.71 29.73 -23.34
C MET H 276 14.52 29.20 -24.51
N ALA H 277 14.10 29.47 -25.75
CA ALA H 277 14.79 28.91 -26.90
C ALA H 277 16.23 29.38 -26.98
N ASP H 278 16.55 30.53 -26.40
CA ASP H 278 17.90 31.04 -26.42
C ASP H 278 18.85 30.18 -25.58
N GLN H 279 18.32 29.35 -24.69
CA GLN H 279 19.14 28.63 -23.73
C GLN H 279 19.08 27.12 -23.89
N VAL H 280 18.50 26.62 -24.97
CA VAL H 280 18.40 25.18 -25.14
C VAL H 280 18.82 24.77 -26.55
N TYR H 281 18.94 25.74 -27.46
CA TYR H 281 19.24 25.39 -28.85
C TYR H 281 20.61 24.73 -28.96
N LEU H 282 21.59 25.21 -28.19
CA LEU H 282 22.89 24.54 -28.14
C LEU H 282 22.74 23.12 -27.63
N ALA H 283 21.91 22.93 -26.60
CA ALA H 283 21.66 21.58 -26.10
C ALA H 283 20.99 20.73 -27.18
N GLN H 284 20.11 21.32 -27.99
CA GLN H 284 19.45 20.56 -29.04
C GLN H 284 20.43 20.11 -30.11
N ARG H 285 21.34 21.00 -30.54
CA ARG H 285 22.31 20.59 -31.54
C ARG H 285 23.30 19.58 -30.95
N MET H 286 23.62 19.72 -29.67
CA MET H 286 24.41 18.71 -28.99
C MET H 286 23.70 17.36 -29.01
N ILE H 287 22.38 17.37 -28.81
CA ILE H 287 21.60 16.14 -28.86
C ILE H 287 21.67 15.53 -30.26
N TYR H 288 21.56 16.36 -31.29
CA TYR H 288 21.69 15.85 -32.66
C TYR H 288 23.03 15.13 -32.84
N GLY H 289 24.12 15.80 -32.48
CA GLY H 289 25.43 15.20 -32.67
C GLY H 289 25.62 13.93 -31.85
N LEU H 290 25.21 13.96 -30.59
CA LEU H 290 25.37 12.81 -29.73
C LEU H 290 24.53 11.64 -30.20
N SER H 291 23.31 11.89 -30.68
CA SER H 291 22.48 10.82 -31.20
C SER H 291 23.11 10.19 -32.44
N MET H 292 23.65 11.02 -33.33
CA MET H 292 24.30 10.47 -34.51
C MET H 292 25.48 9.59 -34.13
N ASN H 293 26.32 10.08 -33.20
CA ASN H 293 27.47 9.28 -32.77
C ASN H 293 27.03 8.00 -32.07
N LEU H 294 25.98 8.08 -31.26
CA LEU H 294 25.51 6.90 -30.54
C LEU H 294 25.00 5.85 -31.51
N PHE H 295 24.21 6.24 -32.50
CA PHE H 295 23.71 5.26 -33.45
C PHE H 295 24.84 4.69 -34.29
N HIS H 296 25.82 5.50 -34.67
CA HIS H 296 26.96 4.97 -35.41
C HIS H 296 27.71 3.94 -34.58
N THR H 297 27.97 4.23 -33.31
CA THR H 297 28.69 3.28 -32.46
C THR H 297 27.89 2.01 -32.28
N ALA H 298 26.58 2.12 -32.03
CA ALA H 298 25.75 0.94 -31.84
C ALA H 298 25.72 0.08 -33.09
N ALA H 299 25.62 0.71 -34.27
CA ALA H 299 25.63 -0.06 -35.51
C ALA H 299 26.96 -0.75 -35.73
N ASN H 300 28.07 -0.06 -35.44
CA ASN H 300 29.38 -0.64 -35.67
C ASN H 300 29.79 -1.64 -34.60
N ALA H 301 29.05 -1.73 -33.49
CA ALA H 301 29.37 -2.71 -32.45
C ALA H 301 28.16 -3.57 -32.08
N GLY H 302 27.12 -3.57 -32.91
CA GLY H 302 25.90 -4.30 -32.57
C GLY H 302 25.90 -5.76 -32.99
N PHE H 303 26.73 -6.14 -33.95
CA PHE H 303 26.72 -7.51 -34.44
C PHE H 303 27.36 -8.45 -33.45
N VAL H 304 27.12 -9.74 -33.64
CA VAL H 304 27.66 -10.79 -32.77
C VAL H 304 28.66 -11.60 -33.58
N GLN H 305 29.88 -11.70 -33.09
CA GLN H 305 30.94 -12.43 -33.77
C GLN H 305 31.15 -13.77 -33.08
N LYS H 306 31.37 -14.81 -33.87
CA LYS H 306 31.60 -16.14 -33.35
C LYS H 306 32.92 -16.69 -33.87
N TRP H 307 33.87 -16.88 -32.96
CA TRP H 307 35.17 -17.38 -33.36
C TRP H 307 35.40 -18.78 -32.81
N ILE H 308 36.38 -19.46 -33.37
CA ILE H 308 36.69 -20.83 -33.03
C ILE H 308 38.17 -20.95 -32.71
N ARG H 309 38.55 -22.12 -32.23
CA ARG H 309 39.94 -22.52 -32.07
C ARG H 309 40.05 -23.92 -32.65
N PRO H 310 40.59 -24.08 -33.85
CA PRO H 310 40.51 -25.38 -34.52
C PRO H 310 41.18 -26.48 -33.71
N TYR H 311 40.59 -27.67 -33.78
CA TYR H 311 41.08 -28.83 -33.05
C TYR H 311 41.98 -29.67 -33.94
N ILE H 312 43.16 -30.00 -33.44
CA ILE H 312 44.14 -30.75 -34.23
C ILE H 312 44.27 -32.17 -33.69
N PRO H 332 50.22 -25.75 -42.01
CA PRO H 332 49.57 -25.99 -43.31
C PRO H 332 48.39 -25.06 -43.53
N LYS H 333 48.60 -23.98 -44.27
CA LYS H 333 47.55 -22.99 -44.47
C LYS H 333 46.39 -23.58 -45.28
N GLU H 334 46.68 -24.45 -46.24
CA GLU H 334 45.62 -25.08 -47.01
C GLU H 334 44.77 -25.98 -46.12
N ALA H 335 45.40 -26.70 -45.20
CA ALA H 335 44.65 -27.51 -44.24
C ALA H 335 43.78 -26.64 -43.35
N LEU H 336 44.31 -25.48 -42.94
CA LEU H 336 43.52 -24.56 -42.13
C LEU H 336 42.33 -24.02 -42.92
N ASN H 337 42.53 -23.73 -44.21
CA ASN H 337 41.41 -23.30 -45.04
C ASN H 337 40.34 -24.39 -45.13
N GLU H 338 40.77 -25.64 -45.26
CA GLU H 338 39.81 -26.74 -45.26
C GLU H 338 39.06 -26.78 -43.93
N ILE H 339 39.78 -26.59 -42.82
CA ILE H 339 39.16 -26.67 -41.50
C ILE H 339 38.08 -25.60 -41.29
N ILE H 340 38.40 -24.35 -41.57
CA ILE H 340 37.42 -23.28 -41.36
C ILE H 340 36.21 -23.44 -42.27
N LYS H 341 36.42 -23.96 -43.49
CA LYS H 341 35.30 -24.20 -44.38
C LYS H 341 34.38 -25.23 -43.75
N LYS H 342 34.94 -26.36 -43.34
CA LYS H 342 34.16 -27.41 -42.70
C LYS H 342 33.42 -26.87 -41.48
N TYR H 343 34.11 -26.10 -40.65
CA TYR H 343 33.50 -25.57 -39.44
C TYR H 343 32.29 -24.73 -39.77
N ALA H 344 32.43 -23.81 -40.72
CA ALA H 344 31.30 -22.97 -41.13
C ALA H 344 30.12 -23.80 -41.60
N GLU H 345 30.39 -24.80 -42.43
CA GLU H 345 29.32 -25.66 -42.93
C GLU H 345 28.57 -26.34 -41.81
N SER H 346 29.28 -26.86 -40.82
CA SER H 346 28.64 -27.56 -39.72
C SER H 346 28.48 -26.69 -38.47
N LEU H 347 27.96 -25.48 -38.65
CA LEU H 347 27.73 -24.61 -37.50
C LEU H 347 26.24 -24.32 -37.34
N GLY H 348 25.49 -25.32 -36.87
CA GLY H 348 24.07 -25.13 -36.64
C GLY H 348 23.57 -26.07 -35.56
N ASP H 349 22.25 -26.01 -35.33
CA ASP H 349 21.64 -26.86 -34.31
C ASP H 349 21.69 -28.33 -34.68
N GLU H 350 21.76 -28.65 -35.98
CA GLU H 350 21.73 -30.03 -36.45
C GLU H 350 23.12 -30.61 -36.62
N SER H 351 24.10 -30.12 -35.86
CA SER H 351 25.46 -30.63 -35.97
C SER H 351 26.20 -30.38 -34.67
N VAL H 352 27.07 -31.31 -34.31
CA VAL H 352 27.98 -31.15 -33.18
C VAL H 352 29.38 -30.93 -33.74
N ILE H 353 29.93 -29.74 -33.49
CA ILE H 353 31.23 -29.40 -34.04
C ILE H 353 32.32 -29.95 -33.14
N MET H 354 33.51 -30.13 -33.71
CA MET H 354 34.61 -30.83 -33.06
C MET H 354 35.71 -29.87 -32.62
N ALA H 355 35.36 -28.61 -32.39
CA ALA H 355 36.35 -27.57 -32.19
C ALA H 355 36.92 -27.62 -30.77
N ASP H 356 37.75 -26.63 -30.44
CA ASP H 356 38.38 -26.53 -29.13
C ASP H 356 37.86 -25.38 -28.29
N PHE H 357 37.35 -24.32 -28.92
CA PHE H 357 36.75 -23.20 -28.20
C PHE H 357 35.92 -22.41 -29.17
N PHE H 358 34.62 -22.27 -28.90
CA PHE H 358 33.69 -21.65 -29.84
C PHE H 358 32.76 -20.67 -29.12
N THR H 359 33.32 -19.75 -28.34
CA THR H 359 32.47 -18.81 -27.64
C THR H 359 31.75 -17.89 -28.64
N PHE H 360 30.54 -17.48 -28.26
CA PHE H 360 29.78 -16.48 -29.00
C PHE H 360 30.17 -15.11 -28.44
N GLU H 361 31.05 -14.42 -29.15
CA GLU H 361 31.53 -13.13 -28.66
C GLU H 361 30.49 -12.05 -28.98
N GLU H 362 30.16 -11.25 -27.97
CA GLU H 362 29.11 -10.26 -28.09
C GLU H 362 29.43 -9.05 -27.25
N LEU H 363 29.03 -7.88 -27.73
CA LEU H 363 29.20 -6.66 -26.94
C LEU H 363 28.32 -6.70 -25.70
N ALA H 364 28.92 -6.42 -24.54
CA ALA H 364 28.13 -6.36 -23.31
C ALA H 364 27.20 -5.15 -23.33
N GLY H 365 27.77 -3.96 -23.45
CA GLY H 365 26.99 -2.75 -23.57
C GLY H 365 26.89 -2.01 -22.26
N THR H 366 27.79 -1.04 -22.05
CA THR H 366 27.72 -0.15 -20.91
C THR H 366 27.92 1.29 -21.36
N SER H 367 28.64 1.45 -22.48
CA SER H 367 28.84 2.78 -23.04
C SER H 367 27.62 3.27 -23.79
N VAL H 368 26.88 2.35 -24.42
CA VAL H 368 25.68 2.75 -25.16
C VAL H 368 24.66 3.33 -24.21
N GLU H 369 24.41 2.67 -23.08
CA GLU H 369 23.50 3.23 -22.10
C GLU H 369 24.08 4.48 -21.43
N MET H 370 25.41 4.61 -21.38
CA MET H 370 26.01 5.85 -20.89
C MET H 370 25.64 7.01 -21.80
N GLN H 371 25.81 6.84 -23.10
CA GLN H 371 25.45 7.91 -24.04
C GLN H 371 23.94 8.14 -24.04
N ILE H 372 23.16 7.07 -23.88
CA ILE H 372 21.72 7.23 -23.76
C ILE H 372 21.37 8.09 -22.55
N GLY H 373 22.04 7.85 -21.42
CA GLY H 373 21.81 8.67 -20.24
C GLY H 373 22.23 10.11 -20.44
N LEU H 374 23.32 10.33 -21.17
CA LEU H 374 23.74 11.70 -21.46
C LEU H 374 22.70 12.43 -22.30
N ILE H 375 22.22 11.77 -23.36
CA ILE H 375 21.17 12.38 -24.19
C ILE H 375 19.90 12.60 -23.36
N GLU H 376 19.59 11.66 -22.48
CA GLU H 376 18.42 11.80 -21.62
C GLU H 376 18.55 13.00 -20.70
N ARG H 377 19.73 13.23 -20.14
CA ARG H 377 19.92 14.38 -19.27
C ARG H 377 19.87 15.67 -20.05
N LEU H 378 20.36 15.69 -21.30
CA LEU H 378 20.20 16.87 -22.13
C LEU H 378 18.73 17.16 -22.41
N ARG H 379 17.96 16.12 -22.73
CA ARG H 379 16.53 16.29 -22.93
C ARG H 379 15.83 16.76 -21.66
N ASN H 380 16.24 16.23 -20.50
CA ASN H 380 15.68 16.66 -19.24
C ASN H 380 15.97 18.13 -18.97
N TYR H 381 17.18 18.58 -19.28
CA TYR H 381 17.46 20.00 -19.15
C TYR H 381 16.60 20.82 -20.09
N ILE H 382 16.43 20.34 -21.33
CA ILE H 382 15.60 21.07 -22.28
C ILE H 382 14.19 21.23 -21.75
N PHE H 383 13.64 20.16 -21.17
CA PHE H 383 12.27 20.22 -20.66
C PHE H 383 12.17 20.88 -19.30
N THR H 384 13.27 21.04 -18.57
CA THR H 384 13.25 21.77 -17.32
C THR H 384 13.63 23.24 -17.49
N ALA H 385 14.04 23.65 -18.69
CA ALA H 385 14.18 25.07 -18.95
C ALA H 385 12.84 25.78 -18.74
N ILE H 386 11.78 25.19 -19.23
CA ILE H 386 10.43 25.51 -18.79
C ILE H 386 10.13 24.63 -17.59
N LEU H 387 9.34 25.14 -16.65
CA LEU H 387 9.11 24.40 -15.42
C LEU H 387 8.18 23.22 -15.66
N PHE H 388 8.64 22.24 -16.45
CA PHE H 388 7.82 21.09 -16.83
C PHE H 388 8.62 19.82 -16.63
N ASN H 389 7.90 18.74 -16.33
CA ASN H 389 8.49 17.43 -16.09
C ASN H 389 8.13 16.50 -17.24
N ASN H 390 9.16 15.99 -17.92
CA ASN H 390 8.95 15.07 -19.03
C ASN H 390 8.53 13.67 -18.59
N ALA H 391 8.65 13.36 -17.30
CA ALA H 391 8.28 12.04 -16.80
C ALA H 391 6.81 11.75 -17.01
N LYS H 392 5.99 12.77 -17.29
CA LYS H 392 4.61 12.54 -17.64
C LYS H 392 4.49 11.58 -18.82
N PHE H 393 5.41 11.67 -19.78
CA PHE H 393 5.43 10.78 -20.93
C PHE H 393 6.74 10.01 -21.01
N GLU H 394 7.22 9.53 -19.88
CA GLU H 394 8.40 8.66 -19.82
C GLU H 394 8.08 7.27 -19.32
N GLN H 395 7.20 7.15 -18.33
CA GLN H 395 6.80 5.85 -17.81
C GLN H 395 5.39 5.89 -17.25
N ALA H 404 -9.54 10.67 -13.19
CA ALA H 404 -8.98 10.93 -11.86
C ALA H 404 -7.50 11.28 -11.95
N ALA H 405 -6.66 10.24 -12.11
CA ALA H 405 -5.22 10.46 -12.21
C ALA H 405 -4.80 10.67 -13.66
N LYS H 406 -5.09 9.69 -14.51
CA LYS H 406 -4.71 9.79 -15.92
C LYS H 406 -5.58 10.79 -16.67
N GLU H 407 -6.66 11.26 -16.03
CA GLU H 407 -7.51 12.28 -16.65
C GLU H 407 -6.72 13.55 -16.96
N ILE H 408 -5.68 13.83 -16.17
CA ILE H 408 -4.83 14.99 -16.44
C ILE H 408 -4.11 14.81 -17.77
N ASP H 409 -3.53 13.63 -18.00
CA ASP H 409 -2.89 13.35 -19.28
C ASP H 409 -3.90 13.39 -20.43
N PHE H 410 -5.10 12.87 -20.18
CA PHE H 410 -6.14 12.93 -21.20
C PHE H 410 -6.47 14.37 -21.56
N TYR H 411 -6.56 15.25 -20.56
CA TYR H 411 -6.81 16.66 -20.81
C TYR H 411 -5.64 17.30 -21.55
N VAL H 412 -4.41 16.88 -21.23
CA VAL H 412 -3.24 17.37 -21.96
C VAL H 412 -3.38 17.05 -23.44
N GLN H 413 -3.79 15.82 -23.75
CA GLN H 413 -4.07 15.47 -25.15
C GLN H 413 -5.21 16.33 -25.71
N ASN H 414 -6.26 16.53 -24.91
CA ASN H 414 -7.40 17.32 -25.36
C ASN H 414 -7.00 18.74 -25.72
N LEU H 415 -5.91 19.24 -25.14
CA LEU H 415 -5.45 20.58 -25.49
C LEU H 415 -5.06 20.68 -26.97
N ALA H 416 -4.19 19.77 -27.41
CA ALA H 416 -3.82 19.74 -28.83
C ALA H 416 -5.01 19.39 -29.69
N LEU H 417 -5.92 18.55 -29.16
CA LEU H 417 -7.14 18.26 -29.89
C LEU H 417 -7.95 19.53 -30.12
N LYS H 418 -8.04 20.39 -29.10
CA LYS H 418 -8.78 21.65 -29.24
C LYS H 418 -8.09 22.58 -30.24
N ASP H 419 -6.77 22.62 -30.23
CA ASP H 419 -6.06 23.44 -31.22
C ASP H 419 -6.37 22.98 -32.64
N HIS H 420 -6.20 21.69 -32.91
CA HIS H 420 -6.52 21.17 -34.23
C HIS H 420 -8.00 21.35 -34.55
N GLY H 421 -8.86 21.30 -33.53
CA GLY H 421 -10.27 21.50 -33.77
C GLY H 421 -10.59 22.93 -34.18
N SER H 422 -9.91 23.90 -33.59
CA SER H 422 -10.10 25.29 -34.01
C SER H 422 -9.64 25.47 -35.46
N GLY H 423 -8.50 24.89 -35.81
CA GLY H 423 -8.08 24.94 -37.21
C GLY H 423 -9.08 24.28 -38.14
N ILE H 424 -9.62 23.13 -37.74
CA ILE H 424 -10.60 22.41 -38.53
C ILE H 424 -11.87 23.24 -38.70
N VAL H 425 -12.30 23.92 -37.64
CA VAL H 425 -13.51 24.75 -37.72
C VAL H 425 -13.29 25.91 -38.68
N GLU H 426 -12.11 26.52 -38.63
CA GLU H 426 -11.82 27.58 -39.60
C GLU H 426 -11.88 27.06 -41.04
N PHE H 427 -11.25 25.90 -41.27
CA PHE H 427 -11.27 25.33 -42.62
C PHE H 427 -12.69 24.99 -43.05
N THR H 428 -13.49 24.46 -42.13
CA THR H 428 -14.87 24.10 -42.45
C THR H 428 -15.69 25.34 -42.77
N ARG H 429 -15.47 26.43 -42.04
CA ARG H 429 -16.16 27.67 -42.36
C ARG H 429 -15.81 28.14 -43.77
N SER H 430 -14.53 28.08 -44.12
CA SER H 430 -14.13 28.47 -45.47
C SER H 430 -14.78 27.57 -46.52
N LEU H 431 -14.78 26.26 -46.27
CA LEU H 431 -15.35 25.32 -47.22
C LEU H 431 -16.85 25.56 -47.39
N LEU H 432 -17.56 25.82 -46.28
CA LEU H 432 -18.98 26.08 -46.37
C LEU H 432 -19.26 27.39 -47.10
N HIS H 433 -18.41 28.40 -46.90
CA HIS H 433 -18.58 29.64 -47.66
C HIS H 433 -18.43 29.38 -49.15
N HIS H 434 -17.42 28.61 -49.54
CA HIS H 434 -17.25 28.30 -50.95
C HIS H 434 -18.43 27.50 -51.49
N THR H 435 -18.92 26.55 -50.70
CA THR H 435 -20.06 25.75 -51.13
C THR H 435 -21.30 26.62 -51.32
N ALA H 436 -21.55 27.54 -50.39
CA ALA H 436 -22.67 28.45 -50.53
C ALA H 436 -22.53 29.30 -51.77
N LYS H 437 -21.30 29.75 -52.06
CA LYS H 437 -21.07 30.49 -53.30
C LYS H 437 -21.34 29.60 -54.51
N ALA H 438 -21.10 28.30 -54.39
CA ALA H 438 -21.36 27.38 -55.51
C ALA H 438 -22.85 27.32 -55.83
N PHE H 439 -23.70 27.32 -54.80
CA PHE H 439 -25.15 27.32 -55.02
C PHE H 439 -25.66 28.62 -55.62
N GLY H 440 -24.81 29.62 -55.77
CA GLY H 440 -25.24 30.94 -56.20
C GLY H 440 -25.66 31.86 -55.07
N TYR H 441 -25.69 31.37 -53.83
CA TYR H 441 -26.00 32.23 -52.70
C TYR H 441 -24.81 33.10 -52.37
N ASP H 442 -25.10 34.31 -51.87
CA ASP H 442 -24.07 35.29 -51.56
C ASP H 442 -23.55 35.19 -50.14
N SER H 443 -23.61 34.00 -49.55
CA SER H 443 -23.21 33.77 -48.15
C SER H 443 -24.05 34.69 -47.27
N GLY H 444 -23.49 35.12 -46.15
CA GLY H 444 -24.23 35.94 -45.21
C GLY H 444 -24.15 35.36 -43.81
N GLY H 445 -23.66 36.15 -42.86
CA GLY H 445 -23.37 35.64 -41.54
C GLY H 445 -22.18 34.71 -41.49
N SER H 446 -21.48 34.52 -42.61
CA SER H 446 -20.28 33.71 -42.73
C SER H 446 -20.49 32.26 -42.29
N ILE H 447 -21.74 31.82 -42.14
CA ILE H 447 -22.08 30.43 -41.82
C ILE H 447 -21.39 30.02 -40.52
N VAL H 448 -22.02 30.32 -39.39
CA VAL H 448 -21.41 30.01 -38.10
C VAL H 448 -21.27 28.51 -37.94
N VAL H 449 -20.10 28.08 -37.48
CA VAL H 449 -19.80 26.68 -37.24
C VAL H 449 -19.14 26.56 -35.86
N SER H 450 -19.68 25.67 -35.04
CA SER H 450 -19.13 25.42 -33.72
C SER H 450 -18.71 23.96 -33.59
N GLY H 451 -18.27 23.59 -32.41
CA GLY H 451 -17.82 22.24 -32.13
C GLY H 451 -16.31 22.12 -32.18
N MET H 452 -15.85 20.88 -32.04
CA MET H 452 -14.42 20.56 -32.04
C MET H 452 -13.67 21.36 -30.98
N ASP H 453 -14.32 21.58 -29.83
CA ASP H 453 -13.73 22.37 -28.76
C ASP H 453 -13.82 21.72 -27.39
N ARG H 454 -14.61 20.66 -27.23
CA ARG H 454 -14.78 19.98 -25.96
C ARG H 454 -14.56 18.49 -26.18
N TYR H 455 -13.30 18.07 -26.07
CA TYR H 455 -12.93 16.67 -26.14
C TYR H 455 -12.82 16.14 -24.72
N ASP H 456 -13.73 15.24 -24.35
CA ASP H 456 -13.76 14.76 -22.98
C ASP H 456 -14.38 13.36 -22.95
N VAL H 457 -13.84 12.52 -22.07
CA VAL H 457 -14.38 11.18 -21.90
C VAL H 457 -15.76 11.27 -21.26
N ARG H 458 -16.71 10.50 -21.79
CA ARG H 458 -18.07 10.45 -21.26
C ARG H 458 -18.67 11.85 -21.29
N PRO H 459 -18.97 12.39 -22.47
CA PRO H 459 -19.39 13.79 -22.55
C PRO H 459 -20.88 14.01 -22.36
N ILE H 460 -21.67 12.94 -22.47
CA ILE H 460 -23.13 13.09 -22.45
C ILE H 460 -23.60 13.60 -21.09
N GLU H 461 -23.15 12.95 -20.01
CA GLU H 461 -23.61 13.36 -18.69
C GLU H 461 -23.02 14.70 -18.27
N GLN H 462 -21.89 15.11 -18.85
CA GLN H 462 -21.39 16.46 -18.60
C GLN H 462 -22.35 17.49 -19.16
N VAL H 463 -22.85 17.27 -20.38
CA VAL H 463 -23.84 18.17 -20.95
C VAL H 463 -25.13 18.11 -20.16
N LEU H 464 -25.51 16.93 -19.69
CA LEU H 464 -26.71 16.81 -18.85
C LEU H 464 -26.54 17.62 -17.56
N SER H 465 -25.38 17.54 -16.94
CA SER H 465 -25.11 18.32 -15.73
C SER H 465 -25.16 19.81 -16.03
N LEU H 466 -24.60 20.23 -17.16
CA LEU H 466 -24.69 21.64 -17.55
C LEU H 466 -26.13 22.08 -17.70
N ILE H 467 -26.95 21.26 -18.35
CA ILE H 467 -28.37 21.59 -18.53
C ILE H 467 -29.06 21.71 -17.18
N GLU H 468 -28.81 20.75 -16.30
CA GLU H 468 -29.48 20.76 -15.00
C GLU H 468 -29.06 21.96 -14.17
N ARG H 469 -27.76 22.27 -14.15
CA ARG H 469 -27.28 23.41 -13.39
C ARG H 469 -27.85 24.71 -13.94
N LEU H 470 -27.98 24.80 -15.28
CA LEU H 470 -28.60 25.98 -15.86
C LEU H 470 -30.06 26.10 -15.45
N PHE H 471 -30.78 24.98 -15.43
CA PHE H 471 -32.20 25.03 -15.08
C PHE H 471 -32.43 25.28 -13.60
N LYS H 472 -31.47 24.93 -12.75
CA LYS H 472 -31.63 25.18 -11.31
C LYS H 472 -31.47 26.66 -10.97
N LEU H 473 -30.92 27.45 -11.88
CA LEU H 473 -30.78 28.87 -11.65
C LEU H 473 -32.13 29.58 -11.70
N PRO H 474 -32.21 30.79 -11.14
CA PRO H 474 -33.45 31.57 -11.28
C PRO H 474 -33.83 31.73 -12.74
N GLN H 475 -34.99 31.18 -13.09
CA GLN H 475 -35.39 31.10 -14.49
C GLN H 475 -35.52 32.48 -15.13
N LEU H 476 -35.85 33.49 -14.33
CA LEU H 476 -35.96 34.84 -14.86
C LEU H 476 -34.62 35.39 -15.31
N ALA H 477 -33.52 34.82 -14.84
CA ALA H 477 -32.19 35.32 -15.16
C ALA H 477 -31.51 34.57 -16.30
N ILE H 478 -32.17 33.58 -16.89
CA ILE H 478 -31.57 32.77 -17.94
C ILE H 478 -32.24 33.14 -19.27
N PRO H 479 -31.50 33.70 -20.23
CA PRO H 479 -32.09 33.97 -21.55
C PRO H 479 -32.40 32.67 -22.28
N LYS H 480 -33.39 32.75 -23.17
CA LYS H 480 -33.79 31.57 -23.92
C LYS H 480 -32.68 31.09 -24.85
N ASP H 481 -31.81 32.01 -25.29
CA ASP H 481 -30.76 31.64 -26.23
C ASP H 481 -29.76 30.67 -25.60
N LEU H 482 -29.39 30.91 -24.34
CA LEU H 482 -28.44 30.01 -23.67
C LEU H 482 -29.04 28.62 -23.51
N LEU H 483 -30.30 28.53 -23.08
CA LEU H 483 -30.96 27.24 -22.96
C LEU H 483 -31.06 26.54 -24.31
N ILE H 484 -31.39 27.30 -25.36
CA ILE H 484 -31.48 26.71 -26.69
C ILE H 484 -30.12 26.16 -27.12
N GLU H 485 -29.05 26.91 -26.87
CA GLU H 485 -27.72 26.46 -27.25
C GLU H 485 -27.34 25.18 -26.51
N SER H 486 -27.55 25.16 -25.19
CA SER H 486 -27.19 23.98 -24.41
C SER H 486 -28.01 22.76 -24.81
N MET H 487 -29.32 22.94 -24.99
CA MET H 487 -30.17 21.84 -25.43
C MET H 487 -29.79 21.35 -26.82
N SER H 488 -29.43 22.26 -27.73
CA SER H 488 -28.99 21.85 -29.05
C SER H 488 -27.70 21.06 -28.97
N GLN H 489 -26.77 21.47 -28.10
CA GLN H 489 -25.55 20.71 -27.92
C GLN H 489 -25.85 19.30 -27.43
N LEU H 490 -26.76 19.19 -26.46
CA LEU H 490 -27.16 17.87 -25.98
C LEU H 490 -27.80 17.05 -27.09
N SER H 491 -28.66 17.68 -27.90
CA SER H 491 -29.36 16.96 -28.96
C SER H 491 -28.38 16.44 -30.00
N ARG H 492 -27.41 17.25 -30.39
CA ARG H 492 -26.47 16.80 -31.39
C ARG H 492 -25.38 15.90 -30.81
N LEU H 493 -25.28 15.82 -29.49
CA LEU H 493 -24.39 14.83 -28.90
C LEU H 493 -25.07 13.49 -28.72
N ILE H 494 -26.36 13.46 -28.40
CA ILE H 494 -27.02 12.20 -28.12
C ILE H 494 -27.19 11.38 -29.40
N ILE H 495 -27.52 12.04 -30.51
CA ILE H 495 -27.66 11.36 -31.80
C ILE H 495 -26.58 11.89 -32.73
N GLU H 496 -25.76 10.97 -33.24
CA GLU H 496 -24.75 11.28 -34.24
C GLU H 496 -24.93 10.31 -35.40
N ASN H 497 -24.18 10.56 -36.47
CA ASN H 497 -24.23 9.78 -37.70
C ASN H 497 -25.60 9.85 -38.39
N THR H 498 -26.52 10.66 -37.86
CA THR H 498 -27.83 10.83 -38.44
C THR H 498 -27.83 11.95 -39.47
N THR H 499 -28.84 11.94 -40.32
CA THR H 499 -28.95 12.94 -41.38
C THR H 499 -29.07 14.33 -40.77
N PHE H 500 -28.45 15.31 -41.44
CA PHE H 500 -28.53 16.69 -40.99
C PHE H 500 -29.97 17.16 -40.89
N GLU H 501 -30.85 16.63 -41.73
CA GLU H 501 -32.26 16.98 -41.65
C GLU H 501 -32.87 16.52 -40.33
N TYR H 502 -32.50 15.33 -39.86
CA TYR H 502 -33.01 14.84 -38.59
C TYR H 502 -32.59 15.74 -37.44
N LYS H 503 -31.32 16.14 -37.42
CA LYS H 503 -30.84 17.05 -36.39
C LYS H 503 -31.55 18.39 -36.48
N ASN H 504 -31.79 18.88 -37.70
CA ASN H 504 -32.51 20.15 -37.85
C ASN H 504 -33.92 20.05 -37.29
N THR H 505 -34.61 18.94 -37.56
CA THR H 505 -35.95 18.76 -37.02
C THR H 505 -35.94 18.73 -35.50
N LEU H 506 -34.99 17.99 -34.93
CA LEU H 506 -34.90 17.93 -33.47
C LEU H 506 -34.61 19.29 -32.87
N ASN H 507 -33.69 20.04 -33.48
CA ASN H 507 -33.36 21.37 -32.97
C ASN H 507 -34.54 22.32 -33.08
N ASP H 508 -35.29 22.25 -34.17
CA ASP H 508 -36.47 23.10 -34.30
C ASP H 508 -37.51 22.77 -33.23
N ALA H 509 -37.73 21.48 -32.96
CA ALA H 509 -38.66 21.10 -31.90
C ALA H 509 -38.17 21.62 -30.55
N ILE H 510 -36.87 21.50 -30.29
CA ILE H 510 -36.31 21.98 -29.04
C ILE H 510 -36.51 23.49 -28.90
N ILE H 511 -36.25 24.23 -29.98
CA ILE H 511 -36.39 25.69 -29.93
C ILE H 511 -37.84 26.06 -29.65
N SER H 512 -38.79 25.43 -30.34
CA SER H 512 -40.19 25.75 -30.10
C SER H 512 -40.60 25.45 -28.67
N ASN H 513 -40.18 24.30 -28.15
CA ASN H 513 -40.57 23.91 -26.80
C ASN H 513 -39.96 24.85 -25.77
N ILE H 514 -38.70 25.22 -25.96
CA ILE H 514 -38.04 26.14 -25.03
C ILE H 514 -38.72 27.51 -25.05
N ASP H 515 -39.09 27.98 -26.24
CA ASP H 515 -39.79 29.25 -26.34
C ASP H 515 -41.12 29.19 -25.60
N GLU H 516 -41.87 28.09 -25.79
CA GLU H 516 -43.12 27.94 -25.08
C GLU H 516 -42.94 27.93 -23.57
N TYR H 517 -41.94 27.19 -23.08
CA TYR H 517 -41.69 27.14 -21.64
C TYR H 517 -41.29 28.50 -21.09
N LEU H 518 -40.43 29.23 -21.80
CA LEU H 518 -40.02 30.54 -21.34
C LEU H 518 -41.19 31.52 -21.32
N ASN H 519 -42.03 31.48 -22.34
CA ASN H 519 -43.21 32.34 -22.35
C ASN H 519 -44.15 31.98 -21.21
N SER H 520 -44.33 30.70 -20.94
CA SER H 520 -45.19 30.26 -19.85
C SER H 520 -44.67 30.76 -18.51
N VAL H 521 -43.37 30.61 -18.27
CA VAL H 521 -42.83 31.05 -16.99
C VAL H 521 -42.87 32.57 -16.89
N LYS H 522 -42.70 33.28 -18.01
CA LYS H 522 -42.80 34.73 -17.99
C LYS H 522 -44.21 35.18 -17.61
N LYS H 523 -45.22 34.60 -18.24
CA LYS H 523 -46.59 34.97 -17.92
C LYS H 523 -46.99 34.53 -16.51
N GLN H 524 -46.40 33.44 -16.00
CA GLN H 524 -46.64 33.07 -14.62
C GLN H 524 -46.02 34.09 -13.66
N SER H 525 -44.82 34.56 -13.97
CA SER H 525 -44.17 35.55 -13.12
C SER H 525 -44.88 36.90 -13.17
N ASN H 526 -45.45 37.25 -14.33
CA ASN H 526 -46.12 38.54 -14.46
C ASN H 526 -47.31 38.66 -13.51
N ASP H 527 -48.09 37.59 -13.38
CA ASP H 527 -49.25 37.60 -12.50
C ASP H 527 -49.16 36.49 -11.46
N MET I 1 -9.02 32.92 -66.70
CA MET I 1 -9.41 33.60 -67.93
C MET I 1 -9.66 32.60 -69.04
N LEU I 2 -9.94 33.10 -70.24
CA LEU I 2 -10.31 32.25 -71.37
C LEU I 2 -9.06 31.90 -72.17
N TYR I 3 -8.70 30.62 -72.19
CA TYR I 3 -7.60 30.14 -73.01
C TYR I 3 -8.16 29.37 -74.20
N THR I 4 -7.64 29.67 -75.40
CA THR I 4 -8.08 29.00 -76.62
C THR I 4 -6.92 28.57 -77.50
N ASP I 5 -5.71 28.48 -76.96
CA ASP I 5 -4.52 28.15 -77.72
C ASP I 5 -3.98 26.81 -77.27
N SER I 6 -3.73 25.92 -78.23
CA SER I 6 -3.09 24.65 -77.92
C SER I 6 -1.68 24.87 -77.40
N LEU I 7 -1.28 24.07 -76.43
CA LEU I 7 0.01 24.22 -75.78
C LEU I 7 0.81 22.91 -75.90
N ASN I 8 2.11 23.04 -76.12
CA ASN I 8 2.97 21.88 -76.18
C ASN I 8 3.13 21.24 -74.81
N TYR I 9 3.53 19.97 -74.81
CA TYR I 9 3.65 19.23 -73.56
C TYR I 9 4.60 19.91 -72.58
N LYS I 10 5.64 20.58 -73.09
CA LYS I 10 6.56 21.28 -72.21
C LYS I 10 5.85 22.39 -71.44
N GLN I 11 4.98 23.13 -72.12
CA GLN I 11 4.26 24.22 -71.45
C GLN I 11 3.33 23.68 -70.37
N LEU I 12 2.60 22.60 -70.67
CA LEU I 12 1.70 22.04 -69.66
C LEU I 12 2.47 21.46 -68.48
N SER I 13 3.56 20.76 -68.75
CA SER I 13 4.24 19.98 -67.72
C SER I 13 5.12 20.81 -66.80
N THR I 14 5.13 22.13 -66.93
CA THR I 14 5.99 22.94 -66.09
C THR I 14 5.53 22.89 -64.64
N VAL I 15 6.50 22.92 -63.73
CA VAL I 15 6.24 22.89 -62.30
C VAL I 15 7.04 24.00 -61.65
N SER I 16 6.39 24.77 -60.77
CA SER I 16 7.07 25.89 -60.13
C SER I 16 8.20 25.41 -59.25
N ASP I 17 9.17 26.29 -59.01
CA ASP I 17 10.39 25.91 -58.31
C ASP I 17 10.09 25.46 -56.89
N ASP I 18 9.21 26.18 -56.18
CA ASP I 18 8.88 25.80 -54.82
C ASP I 18 8.22 24.43 -54.78
N MET I 19 7.31 24.15 -55.71
CA MET I 19 6.70 22.82 -55.78
C MET I 19 7.75 21.77 -56.14
N GLN I 20 8.67 22.10 -57.07
CA GLN I 20 9.73 21.17 -57.40
C GLN I 20 10.58 20.83 -56.18
N SER I 21 10.80 21.80 -55.30
CA SER I 21 11.61 21.54 -54.11
C SER I 21 10.81 20.78 -53.06
N TYR I 22 9.52 21.05 -52.95
CA TYR I 22 8.74 20.51 -51.84
C TYR I 22 8.15 19.13 -52.12
N LEU I 23 7.80 18.83 -53.36
CA LEU I 23 7.16 17.54 -53.65
C LEU I 23 8.01 16.33 -53.26
N PRO I 24 9.32 16.28 -53.54
CA PRO I 24 10.07 15.07 -53.15
C PRO I 24 10.04 14.77 -51.65
N VAL I 25 10.20 15.79 -50.80
CA VAL I 25 10.21 15.54 -49.37
C VAL I 25 8.82 15.12 -48.90
N ALA I 26 7.77 15.72 -49.47
CA ALA I 26 6.42 15.31 -49.13
C ALA I 26 6.17 13.85 -49.52
N LYS I 27 6.64 13.45 -50.70
CA LYS I 27 6.49 12.06 -51.13
C LYS I 27 7.25 11.13 -50.21
N GLU I 28 8.47 11.50 -49.82
CA GLU I 28 9.25 10.67 -48.91
C GLU I 28 8.54 10.52 -47.57
N ILE I 29 8.04 11.61 -47.02
CA ILE I 29 7.36 11.56 -45.72
C ILE I 29 6.09 10.72 -45.82
N ALA I 30 5.33 10.89 -46.89
CA ALA I 30 4.11 10.10 -47.06
C ALA I 30 4.43 8.62 -47.19
N LYS I 31 5.47 8.27 -47.95
CA LYS I 31 5.85 6.87 -48.08
C LYS I 31 6.28 6.30 -46.73
N ILE I 32 7.05 7.06 -45.96
CA ILE I 32 7.50 6.58 -44.66
C ILE I 32 6.31 6.37 -43.73
N ALA I 33 5.38 7.33 -43.71
CA ALA I 33 4.27 7.25 -42.76
C ALA I 33 3.29 6.15 -43.13
N GLN I 34 2.92 6.06 -44.41
CA GLN I 34 1.93 5.07 -44.83
C GLN I 34 2.45 3.66 -44.64
N GLY I 35 3.71 3.42 -44.97
CA GLY I 35 4.28 2.09 -44.82
C GLY I 35 3.54 1.08 -45.69
N GLY I 36 3.22 -0.07 -45.11
CA GLY I 36 2.51 -1.09 -45.84
C GLY I 36 3.39 -1.80 -46.86
N HIS I 37 2.72 -2.41 -47.83
CA HIS I 37 3.43 -3.17 -48.85
C HIS I 37 4.21 -2.29 -49.81
N GLU I 38 3.92 -0.99 -49.84
CA GLU I 38 4.64 -0.09 -50.75
C GLU I 38 6.09 0.11 -50.35
N LEU I 39 6.45 -0.23 -49.12
CA LEU I 39 7.83 -0.04 -48.68
C LEU I 39 8.77 -0.97 -49.42
N ASP I 40 9.92 -0.42 -49.82
CA ASP I 40 10.98 -1.19 -50.46
C ASP I 40 12.15 -1.34 -49.49
N PRO I 41 12.48 -2.55 -49.05
CA PRO I 41 13.55 -2.70 -48.05
C PRO I 41 14.89 -2.16 -48.52
N GLU I 42 15.16 -2.19 -49.82
CA GLU I 42 16.43 -1.73 -50.34
C GLU I 42 16.74 -0.30 -49.89
N ASP I 43 15.71 0.55 -49.83
CA ASP I 43 15.90 1.95 -49.47
C ASP I 43 16.20 2.16 -47.99
N TYR I 44 16.05 1.14 -47.15
CA TYR I 44 16.21 1.28 -45.71
C TYR I 44 17.20 0.27 -45.19
N LEU I 45 18.34 0.15 -45.86
CA LEU I 45 19.38 -0.79 -45.50
C LEU I 45 20.54 -0.06 -44.86
N LEU I 46 20.92 -0.50 -43.65
CA LEU I 46 22.16 -0.05 -43.02
C LEU I 46 23.29 -1.02 -43.32
N ILE I 47 23.51 -1.22 -44.61
CA ILE I 47 24.48 -2.20 -45.09
C ILE I 47 25.88 -1.81 -44.68
N ARG I 48 26.70 -2.81 -44.34
CA ARG I 48 28.09 -2.59 -43.97
C ARG I 48 28.93 -2.37 -45.24
N ASP I 49 28.60 -1.28 -45.93
CA ASP I 49 29.40 -0.74 -47.03
C ASP I 49 29.61 -1.77 -48.14
N GLU I 50 28.50 -2.18 -48.76
CA GLU I 50 28.51 -3.02 -49.96
C GLU I 50 29.20 -4.36 -49.70
N GLU I 51 28.57 -5.17 -48.86
CA GLU I 51 29.01 -6.55 -48.66
C GLU I 51 28.38 -7.42 -49.73
N SER I 52 28.59 -8.73 -49.64
CA SER I 52 28.12 -9.64 -50.68
C SER I 52 26.60 -9.55 -50.83
N PRO I 53 26.08 -9.54 -52.05
CA PRO I 53 24.62 -9.41 -52.22
C PRO I 53 23.82 -10.55 -51.64
N GLY I 54 24.42 -11.73 -51.47
CA GLY I 54 23.68 -12.83 -50.88
C GLY I 54 23.23 -12.54 -49.46
N VAL I 55 24.16 -12.05 -48.64
CA VAL I 55 23.79 -11.66 -47.29
C VAL I 55 22.86 -10.47 -47.30
N THR I 56 22.98 -9.58 -48.28
CA THR I 56 22.05 -8.46 -48.37
C THR I 56 20.63 -8.94 -48.59
N LYS I 57 20.44 -9.90 -49.50
CA LYS I 57 19.10 -10.41 -49.74
C LYS I 57 18.61 -11.23 -48.56
N LYS I 58 19.51 -11.95 -47.88
CA LYS I 58 19.11 -12.68 -46.68
C LYS I 58 18.62 -11.72 -45.61
N ARG I 59 19.29 -10.59 -45.45
CA ARG I 59 18.85 -9.57 -44.50
C ARG I 59 17.53 -8.96 -44.93
N ILE I 60 17.36 -8.72 -46.23
CA ILE I 60 16.11 -8.16 -46.74
C ILE I 60 14.95 -9.09 -46.46
N GLU I 61 15.18 -10.41 -46.53
CA GLU I 61 14.11 -11.35 -46.23
C GLU I 61 13.56 -11.18 -44.83
N LYS I 62 14.32 -10.56 -43.93
CA LYS I 62 13.90 -10.36 -42.55
C LYS I 62 13.38 -8.96 -42.31
N PHE I 63 12.72 -8.37 -43.30
CA PHE I 63 12.21 -7.01 -43.20
C PHE I 63 10.82 -7.05 -42.57
N ALA I 64 10.70 -6.55 -41.34
CA ALA I 64 9.43 -6.49 -40.63
C ALA I 64 9.23 -5.06 -40.17
N PRO I 65 8.67 -4.21 -41.02
CA PRO I 65 8.54 -2.79 -40.67
C PRO I 65 7.54 -2.58 -39.54
N GLU I 66 7.96 -1.79 -38.55
CA GLU I 66 7.10 -1.39 -37.44
C GLU I 66 6.82 0.10 -37.62
N ASN I 67 5.68 0.41 -38.25
CA ASN I 67 5.33 1.78 -38.58
C ASN I 67 4.67 2.44 -37.37
N TYR I 68 5.52 2.82 -36.41
CA TYR I 68 5.03 3.56 -35.25
C TYR I 68 4.51 4.93 -35.66
N LEU I 69 5.08 5.53 -36.70
CA LEU I 69 4.55 6.80 -37.21
C LEU I 69 3.13 6.62 -37.72
N GLY I 70 2.86 5.52 -38.42
CA GLY I 70 1.50 5.24 -38.83
C GLY I 70 0.56 5.08 -37.65
N ALA I 71 1.03 4.43 -36.59
CA ALA I 71 0.22 4.31 -35.38
C ALA I 71 -0.07 5.66 -34.76
N ALA I 72 0.92 6.54 -34.72
CA ALA I 72 0.71 7.88 -34.17
C ALA I 72 -0.28 8.67 -35.01
N ILE I 73 -0.17 8.58 -36.35
CA ILE I 73 -1.11 9.27 -37.22
C ILE I 73 -2.52 8.74 -37.00
N ARG I 74 -2.66 7.42 -36.89
CA ARG I 74 -3.96 6.81 -36.62
C ARG I 74 -4.51 7.29 -35.29
N LEU I 75 -3.66 7.37 -34.26
CA LEU I 75 -4.11 7.83 -32.95
C LEU I 75 -4.59 9.27 -33.01
N GLN I 76 -3.83 10.14 -33.67
CA GLN I 76 -4.25 11.54 -33.78
C GLN I 76 -5.55 11.67 -34.55
N ARG I 77 -5.69 10.93 -35.65
CA ARG I 77 -6.92 10.98 -36.43
C ARG I 77 -8.11 10.53 -35.60
N VAL I 78 -7.96 9.43 -34.87
CA VAL I 78 -9.06 8.91 -34.07
C VAL I 78 -9.42 9.89 -32.96
N LEU I 79 -8.41 10.45 -32.29
CA LEU I 79 -8.67 11.42 -31.23
C LEU I 79 -9.43 12.63 -31.77
N GLN I 80 -9.01 13.15 -32.92
CA GLN I 80 -9.71 14.29 -33.50
C GLN I 80 -11.13 13.90 -33.93
N LYS I 81 -11.31 12.69 -34.47
CA LYS I 81 -12.62 12.21 -34.83
C LYS I 81 -13.54 12.10 -33.63
N SER I 82 -12.97 11.90 -32.43
CA SER I 82 -13.78 11.81 -31.22
C SER I 82 -14.52 13.10 -30.91
N GLY I 83 -14.14 14.22 -31.52
CA GLY I 83 -14.82 15.47 -31.26
C GLY I 83 -16.17 15.56 -31.93
N VAL I 84 -16.81 16.71 -31.77
CA VAL I 84 -18.14 16.97 -32.30
C VAL I 84 -18.05 18.16 -33.24
N LEU I 85 -18.62 18.00 -34.43
CA LEU I 85 -18.71 19.09 -35.41
C LEU I 85 -20.18 19.38 -35.69
N GLU I 86 -20.58 20.64 -35.51
CA GLU I 86 -21.97 21.04 -35.60
C GLU I 86 -22.12 22.24 -36.53
N ILE I 87 -23.18 22.22 -37.33
CA ILE I 87 -23.51 23.31 -38.25
C ILE I 87 -24.84 23.88 -37.80
N LYS I 88 -24.87 25.19 -37.54
CA LYS I 88 -26.10 25.83 -37.12
C LYS I 88 -26.92 26.24 -38.35
N SER I 89 -28.08 25.59 -38.54
CA SER I 89 -28.82 25.70 -39.79
C SER I 89 -29.29 27.13 -40.07
N ASP I 90 -29.71 27.85 -39.03
CA ASP I 90 -30.28 29.17 -39.23
C ASP I 90 -29.32 30.14 -39.90
N SER I 91 -28.01 29.89 -39.83
CA SER I 91 -27.03 30.76 -40.46
C SER I 91 -26.78 30.40 -41.92
N LEU I 92 -27.30 29.28 -42.39
CA LEU I 92 -27.08 28.88 -43.78
C LEU I 92 -27.87 29.78 -44.70
N PRO I 93 -27.24 30.44 -45.68
CA PRO I 93 -27.99 31.28 -46.60
C PRO I 93 -28.83 30.43 -47.55
N GLY I 94 -29.88 31.05 -48.06
CA GLY I 94 -30.74 30.37 -49.01
C GLY I 94 -31.62 29.31 -48.36
N ASP I 95 -32.21 28.48 -49.21
CA ASP I 95 -33.10 27.43 -48.75
C ASP I 95 -32.35 26.41 -47.92
N LEU I 96 -32.98 25.97 -46.81
CA LEU I 96 -32.37 24.96 -45.97
C LEU I 96 -32.50 23.56 -46.55
N THR I 97 -33.56 23.32 -47.31
CA THR I 97 -33.80 21.98 -47.86
C THR I 97 -32.66 21.56 -48.78
N VAL I 98 -32.21 22.47 -49.65
CA VAL I 98 -31.11 22.13 -50.54
C VAL I 98 -29.83 21.89 -49.75
N TRP I 99 -29.62 22.63 -48.66
CA TRP I 99 -28.46 22.39 -47.82
C TRP I 99 -28.50 21.00 -47.21
N GLU I 100 -29.67 20.59 -46.72
CA GLU I 100 -29.80 19.25 -46.17
C GLU I 100 -29.58 18.18 -47.24
N SER I 101 -30.13 18.40 -48.44
CA SER I 101 -29.92 17.45 -49.52
C SER I 101 -28.44 17.32 -49.86
N PHE I 102 -27.72 18.44 -49.90
CA PHE I 102 -26.29 18.39 -50.13
C PHE I 102 -25.57 17.65 -49.00
N PHE I 103 -25.97 17.93 -47.76
CA PHE I 103 -25.30 17.30 -46.62
C PHE I 103 -25.61 15.81 -46.50
N ASN I 104 -26.61 15.32 -47.23
CA ASN I 104 -26.80 13.88 -47.30
C ASN I 104 -25.56 13.18 -47.87
N LYS I 105 -24.98 13.75 -48.92
CA LYS I 105 -23.78 13.22 -49.55
C LYS I 105 -22.92 14.39 -49.99
N VAL I 106 -21.90 14.73 -49.19
CA VAL I 106 -21.08 15.91 -49.46
C VAL I 106 -20.01 15.67 -50.51
N ASP I 107 -19.76 14.41 -50.89
CA ASP I 107 -18.75 14.12 -51.88
C ASP I 107 -19.07 12.79 -52.56
N LYS I 108 -18.26 12.46 -53.56
CA LYS I 108 -18.48 11.22 -54.32
C LYS I 108 -18.17 9.99 -53.48
N ARG I 109 -17.48 10.14 -52.36
CA ARG I 109 -17.16 9.02 -51.48
C ARG I 109 -18.26 8.71 -50.48
N ASN I 110 -19.39 9.42 -50.56
CA ASN I 110 -20.59 9.23 -49.75
C ASN I 110 -20.39 9.59 -48.28
N SER I 111 -19.21 10.07 -47.89
CA SER I 111 -18.98 10.43 -46.51
C SER I 111 -19.77 11.67 -46.13
N SER I 112 -20.05 11.82 -44.83
CA SER I 112 -20.73 12.99 -44.34
C SER I 112 -19.75 14.15 -44.22
N LEU I 113 -20.26 15.31 -43.81
CA LEU I 113 -19.41 16.50 -43.72
C LEU I 113 -18.29 16.30 -42.71
N LYS I 114 -18.62 15.81 -41.53
CA LYS I 114 -17.59 15.59 -40.51
C LYS I 114 -16.58 14.55 -40.98
N ASP I 115 -17.04 13.47 -41.61
CA ASP I 115 -16.12 12.45 -42.10
C ASP I 115 -15.19 13.01 -43.15
N PHE I 116 -15.72 13.81 -44.09
CA PHE I 116 -14.89 14.39 -45.12
C PHE I 116 -13.87 15.35 -44.53
N VAL I 117 -14.28 16.18 -43.57
CA VAL I 117 -13.36 17.13 -42.96
C VAL I 117 -12.28 16.39 -42.19
N ILE I 118 -12.64 15.29 -41.53
CA ILE I 118 -11.64 14.52 -40.79
C ILE I 118 -10.66 13.85 -41.77
N ASP I 119 -11.16 13.39 -42.92
CA ASP I 119 -10.27 12.83 -43.92
C ASP I 119 -9.31 13.89 -44.46
N VAL I 120 -9.81 15.10 -44.67
CA VAL I 120 -8.95 16.20 -45.10
C VAL I 120 -7.90 16.50 -44.03
N PHE I 121 -8.31 16.50 -42.77
CA PHE I 121 -7.38 16.73 -41.67
C PHE I 121 -6.32 15.64 -41.63
N THR I 122 -6.71 14.39 -41.85
CA THR I 122 -5.74 13.30 -41.85
C THR I 122 -4.75 13.45 -43.00
N GLU I 123 -5.25 13.79 -44.19
CA GLU I 123 -4.36 13.99 -45.33
C GLU I 123 -3.37 15.10 -45.06
N ALA I 124 -3.83 16.19 -44.44
CA ALA I 124 -2.91 17.26 -44.06
C ALA I 124 -1.94 16.81 -42.97
N LEU I 125 -2.41 15.93 -42.09
CA LEU I 125 -1.56 15.45 -41.00
C LEU I 125 -0.40 14.63 -41.52
N VAL I 126 -0.65 13.74 -42.48
CA VAL I 126 0.46 12.98 -43.05
C VAL I 126 1.35 13.88 -43.90
N ASN I 127 0.75 14.85 -44.61
CA ASN I 127 1.53 15.82 -45.37
C ASN I 127 0.68 17.07 -45.55
N LYS I 128 1.23 18.23 -45.23
CA LYS I 128 0.45 19.46 -45.17
C LYS I 128 -0.12 19.84 -46.53
N TYR I 129 -0.89 20.92 -46.57
CA TYR I 129 -1.47 21.46 -47.80
C TYR I 129 -2.39 20.42 -48.47
N CYS I 130 -3.48 20.11 -47.80
CA CYS I 130 -4.53 19.30 -48.41
C CYS I 130 -5.46 20.20 -49.21
N TYR I 131 -5.64 19.89 -50.49
CA TYR I 131 -6.41 20.73 -51.40
C TYR I 131 -7.76 20.10 -51.69
N VAL I 132 -8.81 20.91 -51.61
CA VAL I 132 -10.17 20.47 -51.89
C VAL I 132 -10.76 21.40 -52.94
N GLN I 133 -11.50 20.83 -53.89
CA GLN I 133 -12.17 21.58 -54.93
C GLN I 133 -13.67 21.29 -54.87
N VAL I 134 -14.47 22.31 -55.16
CA VAL I 134 -15.93 22.20 -55.16
C VAL I 134 -16.40 22.36 -56.59
N GLU I 135 -17.10 21.34 -57.11
CA GLU I 135 -17.54 21.39 -58.49
C GLU I 135 -19.00 20.93 -58.58
N LEU I 136 -19.50 20.86 -59.82
CA LEU I 136 -20.89 20.55 -60.10
C LEU I 136 -20.96 19.40 -61.09
N SER I 137 -22.17 19.11 -61.55
CA SER I 137 -22.39 18.16 -62.63
C SER I 137 -22.60 18.91 -63.94
N LYS I 138 -22.28 18.25 -65.04
CA LYS I 138 -22.32 18.89 -66.36
C LYS I 138 -23.52 18.40 -67.15
N LEU I 139 -24.27 19.35 -67.70
CA LEU I 139 -25.42 19.07 -68.55
C LEU I 139 -25.35 19.95 -69.79
N ASP I 140 -25.50 19.34 -70.96
CA ASP I 140 -25.39 20.05 -72.23
C ASP I 140 -26.59 19.72 -73.10
N PHE I 141 -27.15 20.74 -73.75
CA PHE I 141 -28.30 20.57 -74.63
C PHE I 141 -28.19 21.57 -75.78
N ASP I 142 -28.89 21.26 -76.87
CA ASP I 142 -28.91 22.08 -78.06
C ASP I 142 -30.26 22.79 -78.19
N THR I 143 -30.30 23.80 -79.07
CA THR I 143 -31.47 24.63 -79.29
C THR I 143 -31.99 25.20 -77.97
N VAL I 144 -31.06 25.71 -77.17
CA VAL I 144 -31.37 26.15 -75.82
C VAL I 144 -32.08 27.50 -75.87
N THR I 145 -33.19 27.60 -75.15
CA THR I 145 -33.91 28.85 -74.97
C THR I 145 -33.59 29.42 -73.59
N GLU I 146 -34.28 30.49 -73.22
CA GLU I 146 -34.05 31.10 -71.90
C GLU I 146 -34.52 30.18 -70.78
N ALA I 147 -35.64 29.48 -70.97
CA ALA I 147 -36.13 28.56 -69.96
C ALA I 147 -35.16 27.39 -69.77
N GLU I 148 -34.59 26.88 -70.86
CA GLU I 148 -33.62 25.80 -70.77
C GLU I 148 -32.38 26.25 -70.00
N ALA I 149 -31.90 27.47 -70.26
CA ALA I 149 -30.76 28.00 -69.53
C ALA I 149 -31.10 28.16 -68.05
N GLU I 150 -32.31 28.63 -67.74
CA GLU I 150 -32.73 28.77 -66.35
C GLU I 150 -32.73 27.41 -65.65
N GLY I 151 -33.26 26.39 -66.32
CA GLY I 151 -33.25 25.06 -65.74
C GLY I 151 -31.84 24.52 -65.53
N ILE I 152 -30.97 24.74 -66.50
CA ILE I 152 -29.58 24.29 -66.37
C ILE I 152 -28.91 24.97 -65.18
N LEU I 153 -29.14 26.28 -65.02
CA LEU I 153 -28.58 26.99 -63.88
C LEU I 153 -29.16 26.47 -62.57
N SER I 154 -30.45 26.14 -62.55
CA SER I 154 -31.11 25.68 -61.33
C SER I 154 -30.82 24.22 -60.99
N THR I 155 -30.23 23.46 -61.92
CA THR I 155 -29.97 22.04 -61.69
C THR I 155 -28.51 21.75 -61.34
N ARG I 156 -27.89 22.62 -60.55
CA ARG I 156 -26.51 22.40 -60.14
C ARG I 156 -26.44 21.66 -58.81
N LYS I 157 -25.64 20.59 -58.77
CA LYS I 157 -25.50 19.75 -57.59
C LYS I 157 -24.01 19.65 -57.25
N PRO I 158 -23.54 20.47 -56.31
CA PRO I 158 -22.10 20.52 -56.03
C PRO I 158 -21.63 19.35 -55.18
N TYR I 159 -20.33 19.12 -55.23
CA TYR I 159 -19.68 18.12 -54.41
C TYR I 159 -18.20 18.42 -54.34
N TYR I 160 -17.54 17.79 -53.38
CA TYR I 160 -16.13 18.04 -53.08
C TYR I 160 -15.25 16.99 -53.73
N PHE I 161 -13.98 17.36 -53.92
CA PHE I 161 -13.01 16.49 -54.56
C PHE I 161 -11.63 16.82 -54.01
N LYS I 162 -10.97 15.83 -53.42
CA LYS I 162 -9.67 16.02 -52.80
C LYS I 162 -8.57 15.85 -53.84
N ILE I 163 -7.86 16.94 -54.12
CA ILE I 163 -6.78 16.90 -55.10
C ILE I 163 -5.53 16.34 -54.44
N PRO I 164 -4.92 15.29 -54.97
CA PRO I 164 -3.68 14.77 -54.38
C PRO I 164 -2.59 15.83 -54.41
N LEU I 165 -1.78 15.86 -53.35
CA LEU I 165 -0.71 16.85 -53.26
C LEU I 165 0.31 16.65 -54.36
N GLN I 166 0.69 15.40 -54.64
CA GLN I 166 1.68 15.14 -55.68
C GLN I 166 1.18 15.52 -57.06
N SER I 167 -0.12 15.64 -57.25
CA SER I 167 -0.66 16.08 -58.53
C SER I 167 -0.66 17.59 -58.69
N ILE I 168 -0.35 18.33 -57.64
CA ILE I 168 -0.27 19.79 -57.75
C ILE I 168 0.97 20.15 -58.54
N MET I 169 0.81 21.05 -59.49
CA MET I 169 1.93 21.48 -60.33
C MET I 169 2.36 22.91 -60.06
N VAL I 170 1.42 23.86 -60.00
CA VAL I 170 1.76 25.24 -59.72
C VAL I 170 0.51 25.90 -59.14
N GLU I 171 0.71 26.90 -58.29
CA GLU I 171 -0.43 27.65 -57.79
C GLU I 171 0.03 29.03 -57.35
N LYS I 172 -0.81 30.01 -57.63
CA LYS I 172 -0.63 31.38 -57.13
C LYS I 172 -1.64 31.60 -56.03
N CYS I 173 -1.16 31.81 -54.81
CA CYS I 173 -2.00 31.97 -53.64
C CYS I 173 -1.36 32.97 -52.71
N ASP I 174 -2.18 33.82 -52.11
CA ASP I 174 -1.75 34.76 -51.08
C ASP I 174 -2.37 34.31 -49.76
N GLY I 175 -1.52 34.06 -48.76
CA GLY I 175 -1.99 33.49 -47.52
C GLY I 175 -2.62 32.14 -47.75
N ASP I 176 -3.86 31.96 -47.29
CA ASP I 176 -4.61 30.73 -47.53
C ASP I 176 -5.48 30.77 -48.77
N THR I 177 -5.92 31.95 -49.19
CA THR I 177 -6.71 32.09 -50.40
C THR I 177 -5.85 31.79 -51.63
N ILE I 178 -6.43 31.06 -52.58
CA ILE I 178 -5.72 30.64 -53.78
C ILE I 178 -6.24 31.46 -54.96
N GLN I 179 -5.35 32.23 -55.56
CA GLN I 179 -5.73 32.99 -56.75
C GLN I 179 -6.02 32.06 -57.92
N TRP I 180 -5.10 31.14 -58.21
CA TRP I 180 -5.35 30.14 -59.25
C TRP I 180 -4.42 28.96 -59.03
N ILE I 181 -4.73 27.85 -59.70
CA ILE I 181 -3.94 26.64 -59.51
C ILE I 181 -4.02 25.72 -60.72
N LYS I 182 -2.86 25.23 -61.16
CA LYS I 182 -2.79 24.23 -62.22
C LYS I 182 -2.27 22.94 -61.64
N TYR I 183 -3.02 21.85 -61.83
CA TYR I 183 -2.65 20.53 -61.34
C TYR I 183 -2.86 19.51 -62.46
N LYS I 184 -2.47 18.27 -62.19
CA LYS I 184 -2.55 17.19 -63.16
C LYS I 184 -3.52 16.12 -62.66
N ARG I 185 -4.01 15.32 -63.60
CA ARG I 185 -5.00 14.29 -63.28
C ARG I 185 -4.88 13.18 -64.32
N LEU I 186 -4.46 12.00 -63.87
CA LEU I 186 -4.36 10.83 -64.73
C LEU I 186 -5.66 10.04 -64.59
N ASP I 187 -6.52 10.09 -65.62
CA ASP I 187 -7.80 9.41 -65.56
C ASP I 187 -7.76 8.19 -66.46
N LYS I 188 -8.15 7.04 -65.90
CA LYS I 188 -8.06 5.77 -66.60
C LYS I 188 -9.41 5.39 -67.17
N ILE I 189 -9.48 5.22 -68.48
CA ILE I 189 -10.65 4.69 -69.15
C ILE I 189 -10.52 3.17 -69.12
N ASP I 190 -11.37 2.52 -68.33
CA ASP I 190 -11.34 1.07 -68.17
C ASP I 190 -12.29 0.44 -69.16
N ASN I 191 -11.78 -0.52 -69.93
CA ASN I 191 -12.59 -1.26 -70.88
C ASN I 191 -12.88 -2.64 -70.31
N PRO I 192 -14.14 -3.04 -70.22
CA PRO I 192 -14.45 -4.34 -69.59
C PRO I 192 -13.87 -5.52 -70.33
N PHE I 193 -13.50 -5.38 -71.60
CA PHE I 193 -12.96 -6.49 -72.37
C PHE I 193 -11.73 -6.05 -73.16
N ASP I 194 -10.91 -5.19 -72.57
CA ASP I 194 -9.71 -4.70 -73.24
C ASP I 194 -8.77 -4.09 -72.21
N LYS I 195 -7.56 -3.82 -72.65
CA LYS I 195 -6.55 -3.22 -71.78
C LYS I 195 -6.97 -1.82 -71.35
N THR I 196 -6.64 -1.46 -70.12
CA THR I 196 -6.96 -0.14 -69.61
C THR I 196 -6.24 0.94 -70.40
N ILE I 197 -6.97 1.99 -70.78
CA ILE I 197 -6.39 3.14 -71.47
C ILE I 197 -6.21 4.25 -70.45
N TYR I 198 -5.24 5.12 -70.68
CA TYR I 198 -4.95 6.23 -69.79
C TYR I 198 -5.04 7.55 -70.54
N ASN I 199 -5.59 8.57 -69.89
CA ASN I 199 -5.55 9.93 -70.39
C ASN I 199 -4.93 10.83 -69.33
N MET I 200 -4.28 11.89 -69.79
CA MET I 200 -3.60 12.83 -68.91
C MET I 200 -4.24 14.20 -69.10
N SER I 201 -4.76 14.76 -68.03
CA SER I 201 -5.41 16.06 -68.08
C SER I 201 -4.65 17.04 -67.20
N TYR I 202 -4.44 18.23 -67.73
CA TYR I 202 -3.87 19.34 -66.97
C TYR I 202 -4.96 20.36 -66.77
N VAL I 203 -5.34 20.58 -65.51
CA VAL I 203 -6.48 21.40 -65.14
C VAL I 203 -5.96 22.69 -64.54
N LEU I 204 -6.34 23.81 -65.14
CA LEU I 204 -6.04 25.13 -64.62
C LEU I 204 -7.33 25.76 -64.13
N ILE I 205 -7.40 26.04 -62.84
CA ILE I 205 -8.56 26.65 -62.20
C ILE I 205 -8.21 28.09 -61.91
N ASP I 206 -9.01 29.01 -62.43
CA ASP I 206 -8.76 30.44 -62.39
C ASP I 206 -9.87 31.13 -61.61
N ASP I 207 -9.84 32.47 -61.64
CA ASP I 207 -10.82 33.23 -60.87
C ASP I 207 -12.23 33.01 -61.38
N GLN I 208 -12.44 33.04 -62.70
CA GLN I 208 -13.77 32.87 -63.26
C GLN I 208 -13.81 31.87 -64.41
N HIS I 209 -12.74 31.12 -64.64
CA HIS I 209 -12.73 30.10 -65.67
C HIS I 209 -11.97 28.87 -65.18
N ILE I 210 -12.32 27.72 -65.75
CA ILE I 210 -11.61 26.47 -65.51
C ILE I 210 -11.36 25.83 -66.87
N THR I 211 -10.11 25.39 -67.08
CA THR I 211 -9.67 24.89 -68.37
C THR I 211 -8.96 23.56 -68.18
N THR I 212 -9.08 22.69 -69.19
CA THR I 212 -8.42 21.40 -69.17
C THR I 212 -7.77 21.13 -70.51
N TRP I 213 -6.50 20.73 -70.47
CA TRP I 213 -5.80 20.22 -71.65
C TRP I 213 -5.63 18.72 -71.50
N THR I 214 -6.11 17.97 -72.49
CA THR I 214 -6.17 16.52 -72.37
C THR I 214 -5.33 15.87 -73.46
N TYR I 215 -4.46 14.95 -73.04
CA TYR I 215 -3.74 14.05 -73.93
C TYR I 215 -4.35 12.66 -73.81
N TYR I 216 -4.75 12.10 -74.95
CA TYR I 216 -5.54 10.87 -74.97
C TYR I 216 -4.66 9.68 -75.31
N ASP I 217 -4.93 8.57 -74.62
CA ASP I 217 -4.26 7.28 -74.87
C ASP I 217 -2.75 7.43 -74.76
N ILE I 218 -2.33 7.79 -73.55
CA ILE I 218 -0.92 8.02 -73.26
C ILE I 218 -0.40 6.90 -72.37
N ILE I 219 0.90 6.91 -72.15
CA ILE I 219 1.56 5.98 -71.23
C ILE I 219 2.20 6.80 -70.13
N VAL I 220 1.93 6.43 -68.88
CA VAL I 220 2.49 7.15 -67.74
C VAL I 220 3.95 6.77 -67.59
N SER I 221 4.79 7.76 -67.30
CA SER I 221 6.21 7.55 -67.12
C SER I 221 6.54 7.38 -65.63
N ASP I 222 7.77 6.93 -65.37
CA ASP I 222 8.21 6.71 -64.00
C ASP I 222 8.28 8.01 -63.20
N SER I 223 8.37 9.15 -63.88
CA SER I 223 8.38 10.45 -63.22
C SER I 223 6.98 11.00 -63.00
N GLY I 224 5.95 10.24 -63.33
CA GLY I 224 4.58 10.71 -63.23
C GLY I 224 4.07 11.46 -64.44
N GLY I 225 4.91 11.67 -65.44
CA GLY I 225 4.53 12.37 -66.64
C GLY I 225 4.14 11.43 -67.76
N ILE I 226 4.21 11.93 -68.99
CA ILE I 226 3.86 11.18 -70.18
C ILE I 226 5.15 10.68 -70.84
N SER I 227 5.18 9.40 -71.18
CA SER I 227 6.30 8.81 -71.89
C SER I 227 5.98 8.55 -73.35
N LYS I 228 4.89 7.85 -73.63
CA LYS I 228 4.48 7.52 -74.99
C LYS I 228 3.03 7.88 -75.18
N ILE I 229 2.67 8.28 -76.40
CA ILE I 229 1.30 8.61 -76.75
C ILE I 229 0.89 7.82 -77.97
N TRP I 230 -0.41 7.63 -78.13
CA TRP I 230 -0.95 6.96 -79.30
C TRP I 230 -0.88 7.88 -80.51
N ASP I 231 -0.76 7.26 -81.68
CA ASP I 231 -0.76 8.00 -82.93
C ASP I 231 -1.44 7.11 -83.98
N GLN I 232 -2.64 7.51 -84.40
CA GLN I 232 -3.38 6.71 -85.37
C GLN I 232 -2.68 6.71 -86.72
N SER I 233 -2.04 7.82 -87.08
CA SER I 233 -1.31 7.88 -88.34
C SER I 233 -0.11 6.96 -88.36
N LEU I 234 0.40 6.55 -87.19
CA LEU I 234 1.55 5.67 -87.13
C LEU I 234 1.20 4.29 -87.68
N ASN I 235 2.21 3.43 -87.77
CA ASN I 235 2.05 2.07 -88.27
C ASN I 235 1.40 2.06 -89.64
N TYR I 236 1.88 2.94 -90.52
CA TYR I 236 1.33 3.10 -91.87
C TYR I 236 -0.15 3.43 -91.81
N GLY I 237 -0.55 4.23 -90.82
CA GLY I 237 -1.92 4.61 -90.63
C GLY I 237 -2.72 3.72 -89.70
N LYS I 238 -2.15 2.59 -89.27
CA LYS I 238 -2.86 1.72 -88.35
C LYS I 238 -2.80 2.23 -86.92
N GLY I 239 -1.77 2.96 -86.56
CA GLY I 239 -1.66 3.54 -85.24
C GLY I 239 -0.74 2.74 -84.34
N ALA I 240 0.04 3.45 -83.53
CA ALA I 240 0.98 2.82 -82.62
C ALA I 240 1.40 3.83 -81.56
N TYR I 241 2.20 3.38 -80.60
CA TYR I 241 2.68 4.24 -79.53
C TYR I 241 4.03 4.83 -79.93
N ARG I 242 4.14 6.15 -79.83
CA ARG I 242 5.36 6.87 -80.18
C ARG I 242 5.74 7.80 -79.04
N SER I 243 7.03 8.13 -78.98
CA SER I 243 7.54 8.97 -77.91
C SER I 243 6.90 10.35 -77.96
N ILE I 244 6.70 10.94 -76.77
CA ILE I 244 6.06 12.24 -76.66
C ILE I 244 7.01 13.32 -77.15
N ASP I 245 6.47 14.28 -77.91
CA ASP I 245 7.23 15.42 -78.37
C ASP I 245 6.91 16.63 -77.51
N LYS I 246 7.95 17.24 -76.94
CA LYS I 246 7.76 18.36 -76.01
C LYS I 246 7.47 19.67 -76.72
N GLU I 247 7.57 19.73 -78.04
CA GLU I 247 7.29 20.95 -78.78
C GLU I 247 6.21 20.82 -79.84
N LYS I 248 5.90 19.61 -80.31
CA LYS I 248 4.96 19.42 -81.38
C LYS I 248 3.66 18.75 -80.96
N ASP I 249 3.68 17.98 -79.87
CA ASP I 249 2.47 17.32 -79.37
C ASP I 249 1.70 18.33 -78.52
N LYS I 250 0.64 18.88 -79.09
CA LYS I 250 -0.12 19.95 -78.46
C LYS I 250 -1.53 19.45 -78.10
N ALA I 251 -2.04 19.92 -76.97
CA ALA I 251 -3.38 19.56 -76.51
C ALA I 251 -4.29 20.77 -76.65
N ASP I 252 -5.46 20.56 -77.23
CA ASP I 252 -6.42 21.65 -77.39
C ASP I 252 -7.16 21.88 -76.08
N PRO I 253 -7.16 23.10 -75.55
CA PRO I 253 -7.86 23.36 -74.30
C PRO I 253 -9.37 23.26 -74.47
N VAL I 254 -10.03 22.83 -73.40
CA VAL I 254 -11.49 22.94 -73.26
C VAL I 254 -11.76 23.67 -71.97
N SER I 255 -12.44 24.80 -72.06
CA SER I 255 -12.61 25.68 -70.92
C SER I 255 -14.06 26.11 -70.79
N PHE I 256 -14.45 26.42 -69.54
CA PHE I 256 -15.76 26.99 -69.30
C PHE I 256 -15.72 27.80 -68.02
N ALA I 257 -16.67 28.71 -67.89
CA ALA I 257 -16.72 29.63 -66.77
C ALA I 257 -17.65 29.07 -65.70
N HIS I 258 -17.13 28.89 -64.49
CA HIS I 258 -17.93 28.39 -63.39
C HIS I 258 -18.75 29.48 -62.71
N ASN I 259 -18.46 30.75 -62.99
CA ASN I 259 -19.22 31.88 -62.47
C ASN I 259 -19.20 31.92 -60.94
N ARG I 260 -18.20 31.28 -60.33
CA ARG I 260 -18.07 31.34 -58.88
C ARG I 260 -17.64 32.72 -58.39
N GLY I 261 -16.95 33.49 -59.22
CA GLY I 261 -16.38 34.75 -58.80
C GLY I 261 -15.07 34.64 -58.06
N SER I 262 -14.65 33.43 -57.72
CA SER I 262 -13.37 33.19 -57.06
C SER I 262 -12.96 31.77 -57.36
N CYS I 263 -11.69 31.47 -57.10
CA CYS I 263 -11.18 30.13 -57.39
C CYS I 263 -11.85 29.13 -56.47
N PRO I 264 -12.56 28.14 -56.99
CA PRO I 264 -13.31 27.20 -56.14
C PRO I 264 -12.43 26.09 -55.56
N VAL I 265 -11.35 26.48 -54.89
CA VAL I 265 -10.51 25.54 -54.18
C VAL I 265 -10.20 26.12 -52.80
N VAL I 266 -9.95 25.22 -51.85
CA VAL I 266 -9.57 25.59 -50.49
C VAL I 266 -8.41 24.70 -50.07
N ARG I 267 -7.42 25.31 -49.44
CA ARG I 267 -6.24 24.58 -48.96
C ARG I 267 -6.25 24.58 -47.45
N TYR I 268 -6.22 23.39 -46.86
CA TYR I 268 -6.01 23.25 -45.43
C TYR I 268 -4.52 23.07 -45.17
N ARG I 269 -3.96 23.94 -44.34
CA ARG I 269 -2.53 23.98 -44.08
C ARG I 269 -2.32 23.79 -42.58
N MET I 270 -1.87 22.62 -42.18
CA MET I 270 -1.55 22.40 -40.78
C MET I 270 -0.36 23.24 -40.36
N ASP I 271 -0.45 23.84 -39.18
CA ASP I 271 0.60 24.72 -38.70
C ASP I 271 1.90 23.94 -38.53
N GLU I 272 3.02 24.61 -38.82
CA GLU I 272 4.32 23.94 -38.79
C GLU I 272 4.63 23.40 -37.40
N SER I 273 4.32 24.16 -36.36
CA SER I 273 4.55 23.70 -34.99
C SER I 273 3.72 22.46 -34.67
N LEU I 274 2.59 22.28 -35.35
CA LEU I 274 1.74 21.12 -35.11
C LEU I 274 2.08 19.95 -36.04
N TYR I 275 2.64 20.22 -37.20
CA TYR I 275 2.96 19.17 -38.17
C TYR I 275 4.14 18.37 -37.65
N MET I 276 3.87 17.21 -37.06
CA MET I 276 4.91 16.41 -36.43
C MET I 276 5.57 15.42 -37.38
N ALA I 277 4.90 15.05 -38.47
CA ALA I 277 5.46 14.06 -39.38
C ALA I 277 6.78 14.52 -39.99
N ASP I 278 7.00 15.83 -40.07
CA ASP I 278 8.25 16.34 -40.61
C ASP I 278 9.43 16.05 -39.70
N GLN I 279 9.19 15.72 -38.44
CA GLN I 279 10.26 15.59 -37.46
C GLN I 279 10.43 14.17 -36.94
N VAL I 280 9.73 13.19 -37.51
CA VAL I 280 9.83 11.83 -36.99
C VAL I 280 10.05 10.82 -38.11
N TYR I 281 9.87 11.25 -39.36
CA TYR I 281 9.97 10.31 -40.47
C TYR I 281 11.38 9.73 -40.59
N LEU I 282 12.40 10.56 -40.35
CA LEU I 282 13.77 10.06 -40.32
C LEU I 282 13.93 9.03 -39.21
N ALA I 283 13.35 9.30 -38.04
CA ALA I 283 13.38 8.32 -36.96
C ALA I 283 12.68 7.04 -37.38
N GLN I 284 11.59 7.14 -38.13
CA GLN I 284 10.87 5.95 -38.58
C GLN I 284 11.71 5.11 -39.54
N ARG I 285 12.39 5.75 -40.48
CA ARG I 285 13.22 4.97 -41.40
C ARG I 285 14.43 4.40 -40.68
N MET I 286 14.97 5.11 -39.69
CA MET I 286 16.01 4.53 -38.84
C MET I 286 15.48 3.32 -38.10
N ILE I 287 14.23 3.37 -37.65
CA ILE I 287 13.61 2.21 -36.99
C ILE I 287 13.54 1.04 -37.96
N TYR I 288 13.13 1.31 -39.20
CA TYR I 288 13.11 0.25 -40.21
C TYR I 288 14.47 -0.42 -40.34
N GLY I 289 15.51 0.39 -40.55
CA GLY I 289 16.83 -0.17 -40.74
C GLY I 289 17.34 -0.92 -39.53
N LEU I 290 17.15 -0.33 -38.34
CA LEU I 290 17.62 -0.96 -37.12
C LEU I 290 16.89 -2.26 -36.84
N SER I 291 15.58 -2.30 -37.10
CA SER I 291 14.84 -3.54 -36.91
C SER I 291 15.32 -4.63 -37.85
N MET I 292 15.57 -4.27 -39.12
CA MET I 292 16.09 -5.26 -40.06
C MET I 292 17.42 -5.81 -39.58
N ASN I 293 18.33 -4.92 -39.18
CA ASN I 293 19.64 -5.37 -38.72
C ASN I 293 19.52 -6.22 -37.46
N LEU I 294 18.64 -5.82 -36.53
CA LEU I 294 18.47 -6.57 -35.30
C LEU I 294 17.97 -7.97 -35.57
N PHE I 295 16.95 -8.11 -36.43
CA PHE I 295 16.44 -9.44 -36.74
C PHE I 295 17.48 -10.28 -37.46
N HIS I 296 18.25 -9.67 -38.36
CA HIS I 296 19.31 -10.42 -39.03
C HIS I 296 20.35 -10.93 -38.03
N THR I 297 20.79 -10.06 -37.11
CA THR I 297 21.77 -10.48 -36.11
C THR I 297 21.21 -11.59 -35.22
N ALA I 298 19.97 -11.43 -34.78
CA ALA I 298 19.37 -12.43 -33.91
C ALA I 298 19.23 -13.77 -34.61
N ALA I 299 18.82 -13.76 -35.87
CA ALA I 299 18.71 -15.00 -36.63
C ALA I 299 20.06 -15.66 -36.82
N ASN I 300 21.10 -14.87 -37.13
CA ASN I 300 22.41 -15.43 -37.37
C ASN I 300 23.14 -15.83 -36.08
N ALA I 301 22.65 -15.41 -34.92
CA ALA I 301 23.30 -15.79 -33.66
C ALA I 301 22.33 -16.43 -32.68
N GLY I 302 21.15 -16.85 -33.15
CA GLY I 302 20.15 -17.40 -32.26
C GLY I 302 20.29 -18.87 -31.96
N PHE I 303 21.00 -19.61 -32.80
CA PHE I 303 21.08 -21.05 -32.63
C PHE I 303 22.05 -21.42 -31.51
N VAL I 304 21.93 -22.65 -31.02
CA VAL I 304 22.76 -23.17 -29.94
C VAL I 304 23.71 -24.20 -30.52
N GLN I 305 25.00 -23.99 -30.34
CA GLN I 305 26.01 -24.91 -30.85
C GLN I 305 26.54 -25.77 -29.71
N LYS I 306 26.78 -27.03 -30.00
CA LYS I 306 27.29 -27.97 -29.01
C LYS I 306 28.57 -28.61 -29.53
N TRP I 307 29.68 -28.33 -28.87
CA TRP I 307 30.96 -28.88 -29.29
C TRP I 307 31.49 -29.87 -28.25
N ILE I 308 32.44 -30.69 -28.69
CA ILE I 308 32.99 -31.74 -27.85
C ILE I 308 34.50 -31.63 -27.85
N ARG I 309 35.13 -32.40 -26.97
CA ARG I 309 36.55 -32.61 -26.97
C ARG I 309 36.76 -34.12 -26.89
N PRO I 310 37.11 -34.76 -27.99
CA PRO I 310 37.11 -36.23 -28.00
C PRO I 310 38.07 -36.81 -26.97
N TYR I 311 37.66 -37.94 -26.39
CA TYR I 311 38.43 -38.60 -25.36
C TYR I 311 39.30 -39.69 -25.99
N ILE I 312 40.58 -39.69 -25.65
CA ILE I 312 41.50 -40.65 -26.24
C ILE I 312 41.95 -41.69 -25.20
N PRO I 332 45.32 -39.41 -36.54
CA PRO I 332 44.51 -40.25 -37.41
C PRO I 332 43.17 -39.60 -37.76
N LYS I 333 43.10 -38.99 -38.95
CA LYS I 333 41.89 -38.27 -39.33
C LYS I 333 40.72 -39.22 -39.51
N GLU I 334 40.96 -40.42 -40.04
CA GLU I 334 39.87 -41.39 -40.19
C GLU I 334 39.33 -41.82 -38.83
N ALA I 335 40.23 -42.01 -37.85
CA ALA I 335 39.77 -42.32 -36.50
C ALA I 335 38.96 -41.19 -35.91
N LEU I 336 39.37 -39.95 -36.17
CA LEU I 336 38.61 -38.81 -35.69
C LEU I 336 37.23 -38.75 -36.34
N ASN I 337 37.15 -39.06 -37.64
CA ASN I 337 35.85 -39.11 -38.30
C ASN I 337 34.97 -40.18 -37.68
N GLU I 338 35.54 -41.33 -37.34
CA GLU I 338 34.76 -42.36 -36.66
C GLU I 338 34.27 -41.83 -35.32
N ILE I 339 35.13 -41.13 -34.59
CA ILE I 339 34.77 -40.63 -33.26
C ILE I 339 33.60 -39.65 -33.30
N ILE I 340 33.67 -38.65 -34.17
CA ILE I 340 32.61 -37.65 -34.23
C ILE I 340 31.30 -38.27 -34.69
N LYS I 341 31.36 -39.28 -35.56
CA LYS I 341 30.15 -39.96 -35.99
C LYS I 341 29.52 -40.62 -34.78
N LYS I 342 30.30 -41.41 -34.06
CA LYS I 342 29.80 -42.09 -32.87
C LYS I 342 29.20 -41.10 -31.89
N TYR I 343 29.91 -40.01 -31.63
CA TYR I 343 29.44 -39.01 -30.67
C TYR I 343 28.08 -38.47 -31.06
N ALA I 344 27.93 -38.07 -32.32
CA ALA I 344 26.66 -37.55 -32.81
C ALA I 344 25.52 -38.53 -32.57
N GLU I 345 25.74 -39.80 -32.90
CA GLU I 345 24.71 -40.82 -32.72
C GLU I 345 24.26 -40.91 -31.26
N SER I 346 25.20 -40.93 -30.33
CA SER I 346 24.86 -41.05 -28.92
C SER I 346 24.87 -39.72 -28.18
N LEU I 347 24.14 -38.74 -28.70
CA LEU I 347 24.07 -37.45 -28.05
C LEU I 347 22.63 -37.09 -27.66
N GLY I 348 22.07 -37.79 -26.69
CA GLY I 348 20.71 -37.53 -26.27
C GLY I 348 20.52 -37.90 -24.82
N ASP I 349 19.25 -37.94 -24.41
CA ASP I 349 18.91 -38.26 -23.03
C ASP I 349 19.13 -39.73 -22.70
N GLU I 350 19.07 -40.60 -23.70
CA GLU I 350 19.16 -42.04 -23.49
C GLU I 350 20.56 -42.59 -23.69
N SER I 351 21.59 -41.78 -23.40
CA SER I 351 22.96 -42.23 -23.57
C SER I 351 23.88 -41.41 -22.70
N VAL I 352 24.94 -42.07 -22.20
CA VAL I 352 26.02 -41.40 -21.49
C VAL I 352 27.24 -41.38 -22.41
N ILE I 353 27.70 -40.20 -22.77
CA ILE I 353 28.80 -40.07 -23.71
C ILE I 353 30.11 -40.09 -22.94
N MET I 354 31.18 -40.42 -23.64
CA MET I 354 32.49 -40.68 -23.04
C MET I 354 33.47 -39.55 -23.29
N ALA I 355 32.97 -38.38 -23.63
CA ALA I 355 33.80 -37.29 -24.13
C ALA I 355 34.59 -36.65 -23.00
N ASP I 356 35.33 -35.59 -23.32
CA ASP I 356 36.16 -34.86 -22.36
C ASP I 356 35.62 -33.49 -22.02
N PHE I 357 34.84 -32.87 -22.91
CA PHE I 357 34.23 -31.58 -22.64
C PHE I 357 33.12 -31.35 -23.64
N PHE I 358 31.89 -31.19 -23.16
CA PHE I 358 30.72 -31.11 -24.03
C PHE I 358 29.81 -29.96 -23.63
N THR I 359 30.36 -28.77 -23.47
CA THR I 359 29.52 -27.64 -23.09
C THR I 359 28.53 -27.32 -24.21
N PHE I 360 27.36 -26.81 -23.81
CA PHE I 360 26.37 -26.28 -24.75
C PHE I 360 26.66 -24.80 -24.93
N GLU I 361 27.19 -24.45 -26.08
CA GLU I 361 27.58 -23.06 -26.32
C GLU I 361 26.36 -22.28 -26.82
N GLU I 362 26.09 -21.15 -26.17
CA GLU I 362 24.90 -20.37 -26.47
C GLU I 362 25.22 -18.89 -26.36
N LEU I 363 24.53 -18.08 -27.16
CA LEU I 363 24.67 -16.64 -27.06
C LEU I 363 24.02 -16.13 -25.78
N ALA I 364 24.79 -15.44 -24.95
CA ALA I 364 24.24 -14.89 -23.71
C ALA I 364 23.18 -13.84 -24.01
N GLY I 365 23.52 -12.85 -24.84
CA GLY I 365 22.56 -11.88 -25.31
C GLY I 365 22.60 -10.60 -24.50
N THR I 366 23.35 -9.63 -24.97
CA THR I 366 23.36 -8.30 -24.36
C THR I 366 23.26 -7.23 -25.45
N SER I 367 23.73 -7.56 -26.65
CA SER I 367 23.63 -6.63 -27.76
C SER I 367 22.23 -6.59 -28.34
N VAL I 368 21.53 -7.73 -28.32
CA VAL I 368 20.17 -7.77 -28.86
C VAL I 368 19.26 -6.87 -28.05
N GLU I 369 19.34 -6.96 -26.72
CA GLU I 369 18.55 -6.05 -25.90
C GLU I 369 19.05 -4.61 -25.99
N MET I 370 20.32 -4.40 -26.31
CA MET I 370 20.80 -3.04 -26.56
C MET I 370 20.11 -2.44 -27.79
N GLN I 371 20.06 -3.19 -28.88
CA GLN I 371 19.39 -2.70 -30.08
C GLN I 371 17.89 -2.57 -29.85
N ILE I 372 17.31 -3.46 -29.05
CA ILE I 372 15.90 -3.34 -28.69
C ILE I 372 15.67 -2.05 -27.93
N GLY I 373 16.56 -1.71 -26.99
CA GLY I 373 16.43 -0.45 -26.29
C GLY I 373 16.57 0.75 -27.19
N LEU I 374 17.48 0.67 -28.16
CA LEU I 374 17.62 1.77 -29.12
C LEU I 374 16.35 1.98 -29.92
N ILE I 375 15.79 0.89 -30.44
CA ILE I 375 14.54 0.99 -31.19
C ILE I 375 13.42 1.49 -30.30
N GLU I 376 13.40 1.05 -29.04
CA GLU I 376 12.38 1.50 -28.10
C GLU I 376 12.50 2.98 -27.84
N ARG I 377 13.72 3.50 -27.71
CA ARG I 377 13.88 4.93 -27.48
C ARG I 377 13.51 5.73 -28.73
N LEU I 378 13.76 5.19 -29.92
CA LEU I 378 13.30 5.86 -31.13
C LEU I 378 11.77 5.92 -31.17
N ARG I 379 11.12 4.81 -30.83
CA ARG I 379 9.66 4.80 -30.77
C ARG I 379 9.14 5.76 -29.71
N ASN I 380 9.82 5.83 -28.56
CA ASN I 380 9.42 6.75 -27.52
C ASN I 380 9.54 8.19 -27.98
N TYR I 381 10.61 8.52 -28.72
CA TYR I 381 10.70 9.86 -29.27
C TYR I 381 9.58 10.12 -30.27
N ILE I 382 9.27 9.13 -31.11
CA ILE I 382 8.19 9.32 -32.08
C ILE I 382 6.88 9.62 -31.38
N PHE I 383 6.59 8.90 -30.29
CA PHE I 383 5.35 9.10 -29.58
C PHE I 383 5.38 10.30 -28.64
N THR I 384 6.56 10.82 -28.32
CA THR I 384 6.65 12.05 -27.53
C THR I 384 6.77 13.29 -28.40
N ALA I 385 6.91 13.14 -29.71
CA ALA I 385 6.80 14.30 -30.59
C ALA I 385 5.43 14.95 -30.42
N ILE I 386 4.39 14.14 -30.37
CA ILE I 386 3.11 14.56 -29.83
C ILE I 386 3.15 14.31 -28.33
N LEU I 387 2.49 15.17 -27.57
CA LEU I 387 2.59 15.06 -26.11
C LEU I 387 1.82 13.87 -25.59
N PHE I 388 2.29 12.66 -25.91
CA PHE I 388 1.60 11.43 -25.57
C PHE I 388 2.59 10.42 -25.01
N ASN I 389 2.10 9.55 -24.13
CA ASN I 389 2.92 8.53 -23.49
C ASN I 389 2.49 7.15 -24.01
N ASN I 390 3.45 6.43 -24.60
CA ASN I 390 3.18 5.09 -25.12
C ASN I 390 3.03 4.05 -24.03
N ALA I 391 3.40 4.37 -22.78
CA ALA I 391 3.31 3.41 -21.70
C ALA I 391 1.88 2.97 -21.44
N LYS I 392 0.90 3.70 -21.97
CA LYS I 392 -0.49 3.27 -21.89
C LYS I 392 -0.65 1.87 -22.47
N PHE I 393 0.07 1.56 -23.54
CA PHE I 393 0.02 0.24 -24.16
C PHE I 393 1.40 -0.41 -24.18
N GLU I 394 2.14 -0.28 -23.09
CA GLU I 394 3.42 -0.95 -22.92
C GLU I 394 3.41 -1.97 -21.80
N GLN I 395 2.71 -1.69 -20.71
CA GLN I 395 2.62 -2.63 -19.60
C GLN I 395 1.33 -2.41 -18.80
N ALA I 404 -13.18 2.87 -14.04
CA ALA I 404 -12.47 3.76 -13.14
C ALA I 404 -11.09 4.12 -13.70
N ALA I 405 -10.13 3.19 -13.56
CA ALA I 405 -8.79 3.44 -14.08
C ALA I 405 -8.65 2.95 -15.52
N LYS I 406 -8.95 1.68 -15.76
CA LYS I 406 -8.86 1.13 -17.11
C LYS I 406 -9.99 1.63 -18.00
N GLU I 407 -10.99 2.29 -17.41
CA GLU I 407 -12.07 2.87 -18.21
C GLU I 407 -11.54 3.89 -19.21
N ILE I 408 -10.43 4.56 -18.88
CA ILE I 408 -9.82 5.49 -19.82
C ILE I 408 -9.32 4.76 -21.05
N ASP I 409 -8.64 3.62 -20.86
CA ASP I 409 -8.20 2.82 -21.99
C ASP I 409 -9.39 2.29 -22.78
N PHE I 410 -10.45 1.89 -22.07
CA PHE I 410 -11.65 1.44 -22.76
C PHE I 410 -12.24 2.54 -23.63
N TYR I 411 -12.26 3.78 -23.12
CA TYR I 411 -12.74 4.91 -23.91
C TYR I 411 -11.83 5.18 -25.09
N VAL I 412 -10.52 5.01 -24.90
CA VAL I 412 -9.58 5.17 -26.02
C VAL I 412 -9.92 4.20 -27.13
N GLN I 413 -10.20 2.94 -26.77
CA GLN I 413 -10.68 1.98 -27.76
C GLN I 413 -12.00 2.43 -28.39
N ASN I 414 -12.91 2.94 -27.55
CA ASN I 414 -14.21 3.37 -28.03
C ASN I 414 -14.09 4.48 -29.06
N LEU I 415 -13.00 5.24 -29.01
CA LEU I 415 -12.82 6.30 -30.01
C LEU I 415 -12.70 5.73 -31.43
N ALA I 416 -11.80 4.77 -31.61
CA ALA I 416 -11.68 4.11 -32.91
C ALA I 416 -12.95 3.34 -33.23
N LEU I 417 -13.60 2.78 -32.21
CA LEU I 417 -14.89 2.14 -32.43
C LEU I 417 -15.90 3.11 -33.02
N LYS I 418 -15.94 4.33 -32.49
CA LYS I 418 -16.86 5.34 -33.01
C LYS I 418 -16.52 5.75 -34.43
N ASP I 419 -15.23 5.85 -34.74
CA ASP I 419 -14.83 6.18 -36.11
C ASP I 419 -15.31 5.11 -37.09
N HIS I 420 -14.99 3.84 -36.79
CA HIS I 420 -15.47 2.76 -37.64
C HIS I 420 -16.99 2.70 -37.67
N GLY I 421 -17.64 3.07 -36.57
CA GLY I 421 -19.10 3.08 -36.56
C GLY I 421 -19.68 4.13 -37.47
N SER I 422 -19.06 5.31 -37.52
CA SER I 422 -19.50 6.33 -38.46
C SER I 422 -19.35 5.85 -39.89
N GLY I 423 -18.22 5.23 -40.21
CA GLY I 423 -18.06 4.66 -41.54
C GLY I 423 -19.10 3.60 -41.84
N ILE I 424 -19.38 2.74 -40.86
CA ILE I 424 -20.38 1.68 -41.02
C ILE I 424 -21.76 2.26 -41.25
N VAL I 425 -22.10 3.34 -40.53
CA VAL I 425 -23.41 3.96 -40.69
C VAL I 425 -23.54 4.56 -42.08
N GLU I 426 -22.47 5.20 -42.58
CA GLU I 426 -22.51 5.72 -43.95
C GLU I 426 -22.74 4.59 -44.96
N PHE I 427 -22.00 3.49 -44.81
CA PHE I 427 -22.16 2.36 -45.72
C PHE I 427 -23.57 1.79 -45.63
N THR I 428 -24.11 1.69 -44.42
CA THR I 428 -25.45 1.15 -44.24
C THR I 428 -26.50 2.06 -44.86
N ARG I 429 -26.32 3.38 -44.76
CA ARG I 429 -27.24 4.29 -45.42
C ARG I 429 -27.21 4.09 -46.93
N SER I 430 -26.01 3.95 -47.51
CA SER I 430 -25.93 3.70 -48.94
C SER I 430 -26.60 2.38 -49.32
N LEU I 431 -26.35 1.34 -48.53
CA LEU I 431 -26.94 0.03 -48.82
C LEU I 431 -28.46 0.09 -48.74
N LEU I 432 -28.99 0.78 -47.73
CA LEU I 432 -30.44 0.90 -47.59
C LEU I 432 -31.04 1.71 -48.73
N HIS I 433 -30.32 2.74 -49.19
CA HIS I 433 -30.79 3.49 -50.35
C HIS I 433 -30.90 2.59 -51.57
N HIS I 434 -29.86 1.79 -51.82
CA HIS I 434 -29.91 0.86 -52.96
C HIS I 434 -31.03 -0.16 -52.80
N THR I 435 -31.22 -0.66 -51.58
CA THR I 435 -32.28 -1.64 -51.34
C THR I 435 -33.65 -1.03 -51.59
N ALA I 436 -33.87 0.20 -51.13
CA ALA I 436 -35.14 0.88 -51.40
C ALA I 436 -35.33 1.08 -52.88
N LYS I 437 -34.26 1.40 -53.60
CA LYS I 437 -34.35 1.49 -55.06
C LYS I 437 -34.71 0.14 -55.67
N ALA I 438 -34.27 -0.96 -55.04
CA ALA I 438 -34.60 -2.28 -55.57
C ALA I 438 -36.09 -2.56 -55.50
N PHE I 439 -36.76 -2.13 -54.43
CA PHE I 439 -38.20 -2.29 -54.32
C PHE I 439 -38.96 -1.41 -55.30
N GLY I 440 -38.27 -0.57 -56.06
CA GLY I 440 -38.91 0.40 -56.92
C GLY I 440 -39.29 1.69 -56.24
N TYR I 441 -39.02 1.82 -54.95
CA TYR I 441 -39.25 3.07 -54.24
C TYR I 441 -38.19 4.09 -54.62
N ASP I 442 -38.58 5.36 -54.61
CA ASP I 442 -37.71 6.45 -55.02
C ASP I 442 -36.92 7.04 -53.86
N SER I 443 -36.64 6.26 -52.84
CA SER I 443 -35.96 6.72 -51.62
C SER I 443 -36.77 7.87 -51.03
N GLY I 444 -36.11 8.84 -50.41
CA GLY I 444 -36.80 9.94 -49.77
C GLY I 444 -36.44 10.04 -48.31
N GLY I 445 -35.86 11.17 -47.90
CA GLY I 445 -35.31 11.30 -46.58
C GLY I 445 -34.01 10.55 -46.38
N SER I 446 -33.50 9.90 -47.41
CA SER I 446 -32.22 9.19 -47.43
C SER I 446 -32.12 8.12 -46.34
N ILE I 447 -33.24 7.73 -45.74
CA ILE I 447 -33.29 6.63 -44.76
C ILE I 447 -32.32 6.91 -43.63
N VAL I 448 -32.76 7.72 -42.65
CA VAL I 448 -31.88 8.07 -41.55
C VAL I 448 -31.52 6.82 -40.75
N VAL I 449 -30.26 6.73 -40.34
CA VAL I 449 -29.74 5.59 -39.60
C VAL I 449 -28.94 6.10 -38.41
N SER I 450 -29.22 5.57 -37.23
CA SER I 450 -28.54 5.97 -36.01
C SER I 450 -27.80 4.76 -35.42
N GLY I 451 -27.01 5.03 -34.39
CA GLY I 451 -26.29 4.00 -33.69
C GLY I 451 -24.82 3.99 -34.04
N MET I 452 -24.12 3.00 -33.48
CA MET I 452 -22.68 2.83 -33.68
C MET I 452 -21.90 4.08 -33.29
N ASP I 453 -22.37 4.76 -32.25
CA ASP I 453 -21.74 5.99 -31.79
C ASP I 453 -21.47 6.03 -30.30
N ARG I 454 -22.05 5.11 -29.52
CA ARG I 454 -21.86 5.09 -28.07
C ARG I 454 -21.47 3.68 -27.66
N TYR I 455 -20.18 3.42 -27.62
CA TYR I 455 -19.62 2.16 -27.15
C TYR I 455 -19.20 2.35 -25.70
N ASP I 456 -19.89 1.67 -24.78
CA ASP I 456 -19.60 1.85 -23.37
C ASP I 456 -19.99 0.60 -22.60
N VAL I 457 -19.18 0.27 -21.59
CA VAL I 457 -19.47 -0.86 -20.74
C VAL I 457 -20.72 -0.56 -19.91
N ARG I 458 -21.62 -1.55 -19.82
CA ARG I 458 -22.85 -1.41 -19.03
C ARG I 458 -23.65 -0.22 -19.55
N PRO I 459 -24.22 -0.31 -20.74
CA PRO I 459 -24.86 0.87 -21.35
C PRO I 459 -26.31 1.06 -20.93
N ILE I 460 -26.95 0.02 -20.40
CA ILE I 460 -28.38 0.10 -20.11
C ILE I 460 -28.66 1.15 -19.05
N GLU I 461 -27.94 1.10 -17.93
CA GLU I 461 -28.22 2.05 -16.86
C GLU I 461 -27.77 3.45 -17.21
N GLN I 462 -26.82 3.61 -18.13
CA GLN I 462 -26.50 4.95 -18.61
C GLN I 462 -27.69 5.57 -19.35
N VAL I 463 -28.36 4.78 -20.19
CA VAL I 463 -29.54 5.27 -20.87
C VAL I 463 -30.67 5.50 -19.87
N LEU I 464 -30.78 4.64 -18.86
CA LEU I 464 -31.77 4.86 -17.81
C LEU I 464 -31.53 6.17 -17.08
N SER I 465 -30.26 6.45 -16.75
CA SER I 465 -29.91 7.71 -16.11
C SER I 465 -30.23 8.89 -17.01
N LEU I 466 -29.95 8.77 -18.30
CA LEU I 466 -30.30 9.84 -19.24
C LEU I 466 -31.80 10.10 -19.24
N ILE I 467 -32.59 9.02 -19.28
CA ILE I 467 -34.04 9.16 -19.26
C ILE I 467 -34.50 9.85 -17.99
N GLU I 468 -33.97 9.41 -16.84
CA GLU I 468 -34.38 9.97 -15.56
C GLU I 468 -34.02 11.44 -15.48
N ARG I 469 -32.80 11.80 -15.88
CA ARG I 469 -32.38 13.20 -15.82
C ARG I 469 -33.22 14.05 -16.74
N LEU I 470 -33.57 13.53 -17.91
CA LEU I 470 -34.46 14.27 -18.80
C LEU I 470 -35.82 14.49 -18.16
N PHE I 471 -36.36 13.47 -17.50
CA PHE I 471 -37.69 13.61 -16.91
C PHE I 471 -37.69 14.49 -15.66
N LYS I 472 -36.55 14.61 -14.99
CA LYS I 472 -36.49 15.49 -13.82
C LYS I 472 -36.49 16.95 -14.20
N LEU I 473 -36.23 17.27 -15.47
CA LEU I 473 -36.23 18.65 -15.93
C LEU I 473 -37.66 19.19 -15.98
N PRO I 474 -37.83 20.51 -16.00
CA PRO I 474 -39.17 21.08 -16.18
C PRO I 474 -39.83 20.53 -17.43
N GLN I 475 -40.93 19.80 -17.23
CA GLN I 475 -41.56 19.08 -18.32
C GLN I 475 -42.01 20.01 -19.44
N LEU I 476 -42.36 21.25 -19.10
CA LEU I 476 -42.77 22.20 -20.13
C LEU I 476 -41.63 22.57 -21.06
N ALA I 477 -40.39 22.34 -20.65
CA ALA I 477 -39.22 22.72 -21.43
C ALA I 477 -38.64 21.57 -22.26
N ILE I 478 -39.23 20.39 -22.21
CA ILE I 478 -38.70 19.22 -22.90
C ILE I 478 -39.63 18.90 -24.07
N PRO I 479 -39.16 18.99 -25.31
CA PRO I 479 -39.99 18.59 -26.45
C PRO I 479 -40.24 17.10 -26.45
N LYS I 480 -41.37 16.70 -27.04
CA LYS I 480 -41.72 15.29 -27.09
C LYS I 480 -40.73 14.50 -27.94
N ASP I 481 -40.12 15.16 -28.92
CA ASP I 481 -39.20 14.45 -29.82
C ASP I 481 -37.98 13.93 -29.07
N LEU I 482 -37.42 14.73 -28.16
CA LEU I 482 -36.27 14.29 -27.41
C LEU I 482 -36.60 13.09 -26.52
N LEU I 483 -37.75 13.14 -25.85
CA LEU I 483 -38.17 12.02 -25.03
C LEU I 483 -38.39 10.78 -25.88
N ILE I 484 -39.01 10.95 -27.04
CA ILE I 484 -39.25 9.81 -27.94
C ILE I 484 -37.92 9.21 -28.36
N GLU I 485 -36.95 10.04 -28.73
CA GLU I 485 -35.66 9.54 -29.17
C GLU I 485 -34.96 8.77 -28.05
N SER I 486 -34.94 9.34 -26.85
CA SER I 486 -34.26 8.69 -25.74
C SER I 486 -34.94 7.37 -25.37
N MET I 487 -36.27 7.37 -25.30
CA MET I 487 -37.00 6.14 -25.00
C MET I 487 -36.81 5.09 -26.08
N SER I 488 -36.75 5.50 -27.36
CA SER I 488 -36.49 4.56 -28.42
C SER I 488 -35.10 3.96 -28.30
N GLN I 489 -34.11 4.78 -27.92
CA GLN I 489 -32.76 4.25 -27.70
C GLN I 489 -32.77 3.22 -26.59
N LEU I 490 -33.47 3.51 -25.49
CA LEU I 490 -33.59 2.55 -24.41
C LEU I 490 -34.28 1.27 -24.87
N SER I 491 -35.35 1.41 -25.65
CA SER I 491 -36.09 0.25 -26.12
C SER I 491 -35.25 -0.64 -27.01
N ARG I 492 -34.49 -0.05 -27.92
CA ARG I 492 -33.66 -0.85 -28.79
C ARG I 492 -32.42 -1.37 -28.09
N LEU I 493 -32.04 -0.79 -26.95
CA LEU I 493 -30.94 -1.34 -26.18
C LEU I 493 -31.38 -2.50 -25.30
N ILE I 494 -32.59 -2.43 -24.73
CA ILE I 494 -33.01 -3.48 -23.80
C ILE I 494 -33.28 -4.78 -24.54
N ILE I 495 -33.90 -4.72 -25.71
CA ILE I 495 -34.17 -5.91 -26.51
C ILE I 495 -33.35 -5.80 -27.79
N GLU I 496 -32.51 -6.81 -28.03
CA GLU I 496 -31.76 -6.93 -29.27
C GLU I 496 -31.99 -8.32 -29.83
N ASN I 497 -31.47 -8.56 -31.03
CA ASN I 497 -31.64 -9.82 -31.76
C ASN I 497 -33.09 -10.13 -32.06
N THR I 498 -33.99 -9.17 -31.89
CA THR I 498 -35.41 -9.37 -32.13
C THR I 498 -35.78 -8.92 -33.53
N THR I 499 -36.93 -9.39 -34.00
CA THR I 499 -37.42 -9.02 -35.31
C THR I 499 -37.67 -7.52 -35.37
N PHE I 500 -37.39 -6.93 -36.55
CA PHE I 500 -37.65 -5.51 -36.74
C PHE I 500 -39.12 -5.17 -36.47
N GLU I 501 -40.02 -6.12 -36.71
CA GLU I 501 -41.43 -5.91 -36.37
C GLU I 501 -41.61 -5.64 -34.89
N TYR I 502 -40.94 -6.42 -34.04
CA TYR I 502 -41.10 -6.25 -32.59
C TYR I 502 -40.60 -4.89 -32.14
N LYS I 503 -39.43 -4.48 -32.63
CA LYS I 503 -38.90 -3.17 -32.26
C LYS I 503 -39.80 -2.05 -32.77
N ASN I 504 -40.34 -2.20 -33.98
CA ASN I 504 -41.24 -1.18 -34.51
C ASN I 504 -42.50 -1.07 -33.66
N THR I 505 -43.06 -2.21 -33.24
CA THR I 505 -44.24 -2.18 -32.39
C THR I 505 -43.95 -1.50 -31.07
N LEU I 506 -42.81 -1.85 -30.45
CA LEU I 506 -42.47 -1.24 -29.17
C LEU I 506 -42.26 0.26 -29.32
N ASN I 507 -41.57 0.69 -30.39
CA ASN I 507 -41.34 2.12 -30.60
C ASN I 507 -42.64 2.86 -30.85
N ASP I 508 -43.55 2.26 -31.62
CA ASP I 508 -44.84 2.92 -31.84
C ASP I 508 -45.63 3.06 -30.54
N ALA I 509 -45.63 2.02 -29.71
CA ALA I 509 -46.31 2.13 -28.41
C ALA I 509 -45.68 3.22 -27.56
N ILE I 510 -44.35 3.30 -27.56
CA ILE I 510 -43.65 4.33 -26.79
C ILE I 510 -44.04 5.71 -27.30
N ILE I 511 -44.08 5.88 -28.63
CA ILE I 511 -44.42 7.18 -29.19
C ILE I 511 -45.84 7.59 -28.78
N SER I 512 -46.79 6.66 -28.89
CA SER I 512 -48.16 6.99 -28.52
C SER I 512 -48.27 7.34 -27.05
N ASN I 513 -47.61 6.58 -26.18
CA ASN I 513 -47.70 6.84 -24.75
C ASN I 513 -47.06 8.18 -24.40
N ILE I 514 -45.92 8.49 -25.01
CA ILE I 514 -45.26 9.76 -24.75
C ILE I 514 -46.13 10.92 -25.22
N ASP I 515 -46.76 10.77 -26.38
CA ASP I 515 -47.66 11.82 -26.87
C ASP I 515 -48.82 12.03 -25.90
N GLU I 516 -49.41 10.94 -25.41
CA GLU I 516 -50.48 11.07 -24.45
C GLU I 516 -50.04 11.76 -23.17
N TYR I 517 -48.86 11.39 -22.66
CA TYR I 517 -48.35 12.02 -21.43
C TYR I 517 -48.08 13.51 -21.63
N LEU I 518 -47.48 13.86 -22.77
CA LEU I 518 -47.19 15.27 -23.05
C LEU I 518 -48.48 16.07 -23.17
N ASN I 519 -49.48 15.52 -23.87
CA ASN I 519 -50.75 16.22 -23.98
C ASN I 519 -51.42 16.38 -22.62
N SER I 520 -51.35 15.34 -21.79
CA SER I 520 -51.94 15.41 -20.46
C SER I 520 -51.27 16.50 -19.62
N VAL I 521 -49.94 16.55 -19.63
CA VAL I 521 -49.28 17.56 -18.82
C VAL I 521 -49.52 18.95 -19.40
N LYS I 522 -49.64 19.07 -20.72
CA LYS I 522 -49.95 20.36 -21.33
C LYS I 522 -51.32 20.86 -20.88
N LYS I 523 -52.34 19.99 -20.95
CA LYS I 523 -53.67 20.41 -20.52
C LYS I 523 -53.75 20.63 -19.02
N GLN I 524 -52.94 19.93 -18.22
CA GLN I 524 -52.87 20.22 -16.80
C GLN I 524 -52.27 21.60 -16.56
N SER I 525 -51.22 21.94 -17.30
CA SER I 525 -50.60 23.26 -17.13
C SER I 525 -51.50 24.38 -17.61
N ASN I 526 -52.30 24.13 -18.65
CA ASN I 526 -53.18 25.16 -19.18
C ASN I 526 -54.20 25.61 -18.15
N ASP I 527 -54.77 24.67 -17.41
CA ASP I 527 -55.76 24.98 -16.39
C ASP I 527 -55.32 24.49 -15.02
N MET J 1 -25.26 -1.80 -70.64
CA MET J 1 -25.99 -1.79 -71.90
C MET J 1 -26.31 -3.21 -72.35
N LEU J 2 -26.87 -3.34 -73.56
CA LEU J 2 -27.31 -4.64 -74.07
C LEU J 2 -26.20 -5.27 -74.89
N TYR J 3 -25.66 -6.39 -74.40
CA TYR J 3 -24.67 -7.16 -75.14
C TYR J 3 -25.32 -8.40 -75.74
N THR J 4 -25.05 -8.65 -77.01
CA THR J 4 -25.61 -9.80 -77.70
C THR J 4 -24.57 -10.56 -78.53
N ASP J 5 -23.29 -10.30 -78.31
CA ASP J 5 -22.22 -10.92 -79.09
C ASP J 5 -21.41 -11.85 -78.22
N SER J 6 -21.18 -13.06 -78.71
CA SER J 6 -20.33 -13.99 -78.00
C SER J 6 -18.90 -13.48 -77.96
N LEU J 7 -18.21 -13.73 -76.84
CA LEU J 7 -16.86 -13.24 -76.63
C LEU J 7 -15.93 -14.42 -76.36
N ASN J 8 -14.72 -14.34 -76.89
CA ASN J 8 -13.72 -15.36 -76.64
C ASN J 8 -13.23 -15.27 -75.20
N TYR J 9 -12.63 -16.37 -74.72
CA TYR J 9 -12.18 -16.44 -73.34
C TYR J 9 -11.18 -15.34 -73.00
N LYS J 10 -10.37 -14.93 -73.97
CA LYS J 10 -9.42 -13.85 -73.71
C LYS J 10 -10.13 -12.55 -73.36
N GLN J 11 -11.22 -12.24 -74.08
CA GLN J 11 -11.96 -11.02 -73.79
C GLN J 11 -12.59 -11.07 -72.41
N LEU J 12 -13.20 -12.21 -72.05
CA LEU J 12 -13.82 -12.31 -70.73
C LEU J 12 -12.78 -12.24 -69.61
N SER J 13 -11.64 -12.91 -69.79
CA SER J 13 -10.71 -13.10 -68.71
C SER J 13 -9.80 -11.90 -68.45
N THR J 14 -10.00 -10.79 -69.15
CA THR J 14 -9.13 -9.63 -68.96
C THR J 14 -9.32 -9.05 -67.56
N VAL J 15 -8.22 -8.55 -67.00
CA VAL J 15 -8.22 -7.93 -65.67
C VAL J 15 -7.51 -6.60 -65.79
N SER J 16 -8.10 -5.57 -65.19
CA SER J 16 -7.51 -4.24 -65.27
C SER J 16 -6.16 -4.21 -64.56
N ASP J 17 -5.30 -3.29 -65.00
CA ASP J 17 -3.94 -3.25 -64.50
C ASP J 17 -3.88 -3.00 -63.00
N ASP J 18 -4.71 -2.06 -62.50
CA ASP J 18 -4.70 -1.79 -61.07
C ASP J 18 -5.15 -3.01 -60.28
N MET J 19 -6.17 -3.71 -60.75
CA MET J 19 -6.57 -4.95 -60.07
C MET J 19 -5.49 -6.01 -60.18
N GLN J 20 -4.82 -6.10 -61.33
CA GLN J 20 -3.71 -7.04 -61.46
C GLN J 20 -2.61 -6.75 -60.46
N SER J 21 -2.35 -5.47 -60.17
CA SER J 21 -1.32 -5.13 -59.21
C SER J 21 -1.78 -5.36 -57.78
N TYR J 22 -3.07 -5.12 -57.50
CA TYR J 22 -3.54 -5.11 -56.13
C TYR J 22 -3.97 -6.49 -55.62
N LEU J 23 -4.50 -7.34 -56.49
CA LEU J 23 -4.99 -8.64 -56.03
C LEU J 23 -3.92 -9.51 -55.35
N PRO J 24 -2.69 -9.62 -55.84
CA PRO J 24 -1.72 -10.47 -55.14
C PRO J 24 -1.45 -10.05 -53.70
N VAL J 25 -1.30 -8.75 -53.44
CA VAL J 25 -1.01 -8.32 -52.08
C VAL J 25 -2.23 -8.55 -51.18
N ALA J 26 -3.43 -8.34 -51.72
CA ALA J 26 -4.63 -8.63 -50.95
C ALA J 26 -4.73 -10.10 -50.60
N LYS J 27 -4.42 -10.97 -51.56
CA LYS J 27 -4.42 -12.40 -51.30
C LYS J 27 -3.40 -12.78 -50.24
N GLU J 28 -2.19 -12.21 -50.34
CA GLU J 28 -1.16 -12.49 -49.35
C GLU J 28 -1.58 -12.06 -47.95
N ILE J 29 -2.13 -10.85 -47.83
CA ILE J 29 -2.56 -10.35 -46.53
C ILE J 29 -3.69 -11.19 -45.98
N ALA J 30 -4.65 -11.57 -46.83
CA ALA J 30 -5.75 -12.41 -46.38
C ALA J 30 -5.25 -13.77 -45.90
N LYS J 31 -4.31 -14.37 -46.63
CA LYS J 31 -3.75 -15.65 -46.21
C LYS J 31 -3.02 -15.53 -44.89
N ILE J 32 -2.25 -14.46 -44.71
CA ILE J 32 -1.54 -14.26 -43.46
C ILE J 32 -2.51 -14.09 -42.30
N ALA J 33 -3.54 -13.27 -42.49
CA ALA J 33 -4.46 -12.96 -41.40
C ALA J 33 -5.31 -14.16 -41.03
N GLN J 34 -5.87 -14.85 -42.03
CA GLN J 34 -6.75 -15.98 -41.74
C GLN J 34 -6.00 -17.11 -41.07
N GLY J 35 -4.78 -17.39 -41.52
CA GLY J 35 -4.01 -18.48 -40.92
C GLY J 35 -4.71 -19.81 -41.09
N GLY J 36 -4.77 -20.58 -40.02
CA GLY J 36 -5.45 -21.86 -40.06
C GLY J 36 -4.65 -22.90 -40.83
N HIS J 37 -5.38 -23.94 -41.27
CA HIS J 37 -4.74 -25.03 -41.98
C HIS J 37 -4.28 -24.65 -43.38
N GLU J 38 -4.77 -23.53 -43.91
CA GLU J 38 -4.37 -23.12 -45.25
C GLU J 38 -2.93 -22.65 -45.32
N LEU J 39 -2.30 -22.36 -44.18
CA LEU J 39 -0.92 -21.91 -44.19
C LEU J 39 0.02 -23.03 -44.65
N ASP J 40 0.99 -22.66 -45.48
CA ASP J 40 2.01 -23.58 -45.94
C ASP J 40 3.33 -23.22 -45.27
N PRO J 41 3.89 -24.09 -44.43
CA PRO J 41 5.13 -23.74 -43.72
C PRO J 41 6.29 -23.41 -44.65
N GLU J 42 6.33 -24.03 -45.83
CA GLU J 42 7.43 -23.78 -46.76
C GLU J 42 7.59 -22.30 -47.07
N ASP J 43 6.48 -21.58 -47.19
CA ASP J 43 6.51 -20.17 -47.53
C ASP J 43 7.03 -19.29 -46.41
N TYR J 44 7.17 -19.81 -45.20
CA TYR J 44 7.56 -19.01 -44.04
C TYR J 44 8.77 -19.63 -43.35
N LEU J 45 9.78 -19.98 -44.14
CA LEU J 45 11.00 -20.60 -43.65
C LEU J 45 12.15 -19.60 -43.66
N LEU J 46 12.81 -19.44 -42.52
CA LEU J 46 14.05 -18.68 -42.46
C LEU J 46 15.24 -19.64 -42.56
N ILE J 47 15.26 -20.37 -43.67
CA ILE J 47 16.25 -21.42 -43.88
C ILE J 47 17.63 -20.80 -44.06
N ARG J 48 18.65 -21.48 -43.54
CA ARG J 48 20.04 -21.04 -43.67
C ARG J 48 20.55 -21.38 -45.07
N ASP J 49 19.90 -20.78 -46.06
CA ASP J 49 20.36 -20.78 -47.45
C ASP J 49 20.56 -22.19 -47.98
N GLU J 50 19.45 -22.93 -48.06
CA GLU J 50 19.39 -24.23 -48.72
C GLU J 50 20.34 -25.24 -48.05
N GLU J 51 20.01 -25.60 -46.82
CA GLU J 51 20.70 -26.69 -46.14
C GLU J 51 20.03 -28.01 -46.53
N SER J 52 20.42 -29.10 -45.89
CA SER J 52 19.91 -30.41 -46.25
C SER J 52 18.39 -30.45 -46.08
N PRO J 53 17.64 -31.01 -47.03
CA PRO J 53 16.18 -31.03 -46.91
C PRO J 53 15.67 -31.82 -45.71
N GLY J 54 16.45 -32.77 -45.19
CA GLY J 54 15.99 -33.50 -44.02
C GLY J 54 15.77 -32.61 -42.82
N VAL J 55 16.76 -31.74 -42.53
CA VAL J 55 16.59 -30.80 -41.44
C VAL J 55 15.50 -29.79 -41.76
N THR J 56 15.32 -29.43 -43.03
CA THR J 56 14.23 -28.52 -43.40
C THR J 56 12.88 -29.13 -43.05
N LYS J 57 12.66 -30.39 -43.39
CA LYS J 57 11.40 -31.04 -43.06
C LYS J 57 11.25 -31.25 -41.57
N LYS J 58 12.35 -31.53 -40.87
CA LYS J 58 12.28 -31.65 -39.41
C LYS J 58 11.87 -30.33 -38.77
N ARG J 59 12.40 -29.22 -39.29
CA ARG J 59 12.00 -27.90 -38.82
C ARG J 59 10.54 -27.62 -39.14
N ILE J 60 10.10 -28.00 -40.34
CA ILE J 60 8.72 -27.78 -40.74
C ILE J 60 7.77 -28.53 -39.82
N GLU J 61 8.16 -29.72 -39.37
CA GLU J 61 7.32 -30.49 -38.47
C GLU J 61 6.98 -29.74 -37.20
N LYS J 62 7.78 -28.75 -36.81
CA LYS J 62 7.56 -27.96 -35.61
C LYS J 62 6.92 -26.62 -35.90
N PHE J 63 6.02 -26.57 -36.88
CA PHE J 63 5.37 -25.33 -37.27
C PHE J 63 4.09 -25.15 -36.45
N ALA J 64 4.11 -24.18 -35.54
CA ALA J 64 2.95 -23.86 -34.70
C ALA J 64 2.66 -22.37 -34.85
N PRO J 65 1.85 -21.99 -35.83
CA PRO J 65 1.62 -20.57 -36.09
C PRO J 65 0.81 -19.93 -34.97
N GLU J 66 1.26 -18.76 -34.54
CA GLU J 66 0.51 -17.92 -33.60
C GLU J 66 -0.03 -16.74 -34.38
N ASN J 67 -1.29 -16.84 -34.81
CA ASN J 67 -1.92 -15.81 -35.64
C ASN J 67 -2.41 -14.68 -34.74
N TYR J 68 -1.46 -13.88 -34.27
CA TYR J 68 -1.83 -12.71 -33.47
C TYR J 68 -2.60 -11.69 -34.29
N LEU J 69 -2.32 -11.61 -35.59
CA LEU J 69 -3.11 -10.75 -36.46
C LEU J 69 -4.56 -11.21 -36.52
N GLY J 70 -4.77 -12.53 -36.58
CA GLY J 70 -6.13 -13.04 -36.51
C GLY J 70 -6.81 -12.69 -35.20
N ALA J 71 -6.06 -12.76 -34.10
CA ALA J 71 -6.62 -12.38 -32.81
C ALA J 71 -7.00 -10.90 -32.79
N ALA J 72 -6.17 -10.05 -33.37
CA ALA J 72 -6.48 -8.62 -33.43
C ALA J 72 -7.71 -8.36 -34.29
N ILE J 73 -7.82 -9.05 -35.41
CA ILE J 73 -9.00 -8.89 -36.26
C ILE J 73 -10.25 -9.35 -35.51
N ARG J 74 -10.16 -10.47 -34.81
CA ARG J 74 -11.28 -10.94 -34.01
C ARG J 74 -11.66 -9.93 -32.94
N LEU J 75 -10.66 -9.35 -32.28
CA LEU J 75 -10.94 -8.36 -31.24
C LEU J 75 -11.63 -7.14 -31.80
N GLN J 76 -11.15 -6.63 -32.93
CA GLN J 76 -11.77 -5.47 -33.54
C GLN J 76 -13.20 -5.77 -33.98
N ARG J 77 -13.41 -6.93 -34.60
CA ARG J 77 -14.75 -7.30 -35.02
C ARG J 77 -15.70 -7.40 -33.84
N VAL J 78 -15.26 -8.03 -32.75
CA VAL J 78 -16.12 -8.18 -31.59
C VAL J 78 -16.42 -6.83 -30.96
N LEU J 79 -15.40 -5.96 -30.84
CA LEU J 79 -15.61 -4.64 -30.28
C LEU J 79 -16.61 -3.84 -31.11
N GLN J 80 -16.49 -3.89 -32.43
CA GLN J 80 -17.45 -3.18 -33.26
C GLN J 80 -18.84 -3.79 -33.16
N LYS J 81 -18.92 -5.12 -33.07
CA LYS J 81 -20.20 -5.79 -32.88
C LYS J 81 -20.87 -5.38 -31.57
N SER J 82 -20.08 -4.97 -30.57
CA SER J 82 -20.65 -4.53 -29.30
C SER J 82 -21.52 -3.29 -29.44
N GLY J 83 -21.41 -2.56 -30.55
CA GLY J 83 -22.20 -1.37 -30.73
C GLY J 83 -23.65 -1.68 -31.06
N VAL J 84 -24.41 -0.62 -31.28
CA VAL J 84 -25.84 -0.70 -31.57
C VAL J 84 -26.10 -0.09 -32.93
N LEU J 85 -26.90 -0.76 -33.74
CA LEU J 85 -27.32 -0.27 -35.04
C LEU J 85 -28.81 0.01 -35.02
N GLU J 86 -29.19 1.21 -35.44
CA GLU J 86 -30.56 1.68 -35.31
C GLU J 86 -31.11 2.10 -36.67
N ILE J 87 -32.32 1.64 -36.99
CA ILE J 87 -33.01 2.01 -38.22
C ILE J 87 -34.32 2.68 -37.82
N LYS J 88 -34.55 3.88 -38.35
CA LYS J 88 -35.78 4.60 -38.05
C LYS J 88 -36.87 4.23 -39.03
N SER J 89 -37.94 3.59 -38.53
CA SER J 89 -38.97 3.04 -39.41
C SER J 89 -39.66 4.12 -40.22
N ASP J 90 -39.97 5.27 -39.61
CA ASP J 90 -40.73 6.31 -40.29
C ASP J 90 -40.00 6.86 -41.50
N SER J 91 -38.67 6.77 -41.55
CA SER J 91 -37.91 7.28 -42.67
C SER J 91 -37.84 6.30 -43.83
N LEU J 92 -38.31 5.08 -43.66
CA LEU J 92 -38.29 4.10 -44.74
C LEU J 92 -39.36 4.44 -45.76
N PRO J 93 -39.00 4.62 -47.03
CA PRO J 93 -40.03 4.93 -48.03
C PRO J 93 -40.90 3.71 -48.32
N GLY J 94 -42.11 4.00 -48.80
CA GLY J 94 -43.02 2.93 -49.16
C GLY J 94 -43.60 2.22 -47.95
N ASP J 95 -44.16 1.05 -48.22
CA ASP J 95 -44.80 0.25 -47.18
C ASP J 95 -43.77 -0.21 -46.17
N LEU J 96 -44.15 -0.17 -44.89
CA LEU J 96 -43.26 -0.62 -43.83
C LEU J 96 -43.28 -2.15 -43.69
N THR J 97 -44.41 -2.78 -44.00
CA THR J 97 -44.52 -4.22 -43.84
C THR J 97 -43.52 -4.96 -44.72
N VAL J 98 -43.37 -4.52 -45.98
CA VAL J 98 -42.39 -5.15 -46.86
C VAL J 98 -40.98 -4.92 -46.33
N TRP J 99 -40.71 -3.76 -45.73
CA TRP J 99 -39.40 -3.53 -45.14
C TRP J 99 -39.13 -4.50 -44.00
N GLU J 100 -40.12 -4.72 -43.14
CA GLU J 100 -39.94 -5.68 -42.05
C GLU J 100 -39.75 -7.09 -42.59
N SER J 101 -40.52 -7.47 -43.60
CA SER J 101 -40.37 -8.78 -44.21
C SER J 101 -38.96 -8.96 -44.76
N PHE J 102 -38.43 -7.96 -45.44
CA PHE J 102 -37.06 -8.02 -45.92
C PHE J 102 -36.07 -8.12 -44.76
N PHE J 103 -36.29 -7.34 -43.71
CA PHE J 103 -35.35 -7.33 -42.59
C PHE J 103 -35.40 -8.62 -41.79
N ASN J 104 -36.42 -9.46 -42.00
CA ASN J 104 -36.39 -10.79 -41.38
C ASN J 104 -35.19 -11.58 -41.87
N LYS J 105 -34.89 -11.52 -43.16
CA LYS J 105 -33.76 -12.22 -43.76
C LYS J 105 -33.18 -11.32 -44.85
N VAL J 106 -32.05 -10.66 -44.54
CA VAL J 106 -31.46 -9.71 -45.48
C VAL J 106 -30.55 -10.37 -46.50
N ASP J 107 -30.19 -11.64 -46.33
CA ASP J 107 -29.31 -12.30 -47.26
C ASP J 107 -29.55 -13.80 -47.21
N LYS J 108 -28.93 -14.52 -48.15
CA LYS J 108 -29.10 -15.96 -48.23
C LYS J 108 -28.47 -16.67 -47.03
N ARG J 109 -27.63 -16.00 -46.26
CA ARG J 109 -27.02 -16.57 -45.07
C ARG J 109 -27.89 -16.41 -43.84
N ASN J 110 -29.09 -15.85 -43.99
CA ASN J 110 -30.11 -15.70 -42.94
C ASN J 110 -29.71 -14.73 -41.84
N SER J 111 -28.57 -14.06 -41.95
CA SER J 111 -28.16 -13.11 -40.93
C SER J 111 -29.04 -11.86 -40.98
N SER J 112 -29.12 -11.17 -39.85
CA SER J 112 -29.88 -9.93 -39.78
C SER J 112 -29.06 -8.79 -40.39
N LEU J 113 -29.65 -7.60 -40.41
CA LEU J 113 -28.99 -6.46 -41.03
C LEU J 113 -27.70 -6.11 -40.32
N LYS J 114 -27.73 -6.04 -38.98
CA LYS J 114 -26.53 -5.71 -38.23
C LYS J 114 -25.46 -6.79 -38.42
N ASP J 115 -25.85 -8.06 -38.40
CA ASP J 115 -24.89 -9.13 -38.60
C ASP J 115 -24.25 -9.04 -39.97
N PHE J 116 -25.05 -8.76 -41.01
CA PHE J 116 -24.51 -8.65 -42.36
C PHE J 116 -23.55 -7.47 -42.46
N VAL J 117 -23.91 -6.33 -41.87
CA VAL J 117 -23.03 -5.18 -41.95
C VAL J 117 -21.74 -5.42 -41.18
N ILE J 118 -21.81 -6.13 -40.06
CA ILE J 118 -20.61 -6.45 -39.31
C ILE J 118 -19.73 -7.42 -40.10
N ASP J 119 -20.35 -8.37 -40.80
CA ASP J 119 -19.57 -9.27 -41.65
C ASP J 119 -18.88 -8.50 -42.78
N VAL J 120 -19.58 -7.54 -43.37
CA VAL J 120 -18.98 -6.69 -44.39
C VAL J 120 -17.82 -5.90 -43.81
N PHE J 121 -18.00 -5.36 -42.62
CA PHE J 121 -16.93 -4.63 -41.96
C PHE J 121 -15.73 -5.52 -41.69
N THR J 122 -15.97 -6.75 -41.26
CA THR J 122 -14.87 -7.68 -41.02
C THR J 122 -14.13 -8.01 -42.31
N GLU J 123 -14.87 -8.26 -43.39
CA GLU J 123 -14.23 -8.55 -44.67
C GLU J 123 -13.39 -7.38 -45.13
N ALA J 124 -13.89 -6.16 -44.96
CA ALA J 124 -13.08 -4.99 -45.28
C ALA J 124 -11.87 -4.87 -44.36
N LEU J 125 -12.04 -5.25 -43.10
CA LEU J 125 -10.97 -5.15 -42.12
C LEU J 125 -9.80 -6.05 -42.49
N VAL J 126 -10.09 -7.29 -42.89
CA VAL J 126 -8.99 -8.17 -43.30
C VAL J 126 -8.41 -7.70 -44.64
N ASN J 127 -9.26 -7.21 -45.54
CA ASN J 127 -8.79 -6.66 -46.81
C ASN J 127 -9.85 -5.69 -47.32
N LYS J 128 -9.42 -4.48 -47.66
CA LYS J 128 -10.36 -3.41 -47.97
C LYS J 128 -11.20 -3.73 -49.20
N TYR J 129 -12.12 -2.82 -49.55
CA TYR J 129 -12.98 -2.95 -50.72
C TYR J 129 -13.83 -4.22 -50.66
N CYS J 130 -14.73 -4.25 -49.68
CA CYS J 130 -15.74 -5.30 -49.60
C CYS J 130 -16.91 -4.90 -50.50
N TYR J 131 -17.27 -5.79 -51.43
CA TYR J 131 -18.30 -5.49 -52.42
C TYR J 131 -19.58 -6.24 -52.10
N VAL J 132 -20.70 -5.55 -52.18
CA VAL J 132 -22.01 -6.12 -51.92
C VAL J 132 -22.92 -5.82 -53.10
N GLN J 133 -23.74 -6.80 -53.49
CA GLN J 133 -24.70 -6.65 -54.56
C GLN J 133 -26.09 -6.96 -54.04
N VAL J 134 -27.08 -6.24 -54.56
CA VAL J 134 -28.48 -6.42 -54.18
C VAL J 134 -29.23 -6.93 -55.40
N GLU J 135 -29.87 -8.09 -55.27
CA GLU J 135 -30.55 -8.68 -56.42
C GLU J 135 -31.91 -9.23 -56.00
N LEU J 136 -32.57 -9.91 -56.94
CA LEU J 136 -33.93 -10.39 -56.80
C LEU J 136 -34.01 -11.85 -57.25
N SER J 137 -35.23 -12.35 -57.36
CA SER J 137 -35.50 -13.67 -57.92
C SER J 137 -36.04 -13.53 -59.34
N LYS J 138 -35.93 -14.61 -60.11
CA LYS J 138 -36.29 -14.60 -61.53
C LYS J 138 -37.54 -15.44 -61.76
N LEU J 139 -38.49 -14.89 -62.51
CA LEU J 139 -39.71 -15.57 -62.88
C LEU J 139 -39.96 -15.37 -64.37
N ASP J 140 -40.28 -16.45 -65.08
CA ASP J 140 -40.48 -16.41 -66.53
C ASP J 140 -41.76 -17.15 -66.89
N PHE J 141 -42.54 -16.58 -67.82
CA PHE J 141 -43.77 -17.19 -68.29
C PHE J 141 -43.99 -16.84 -69.75
N ASP J 142 -44.83 -17.63 -70.41
CA ASP J 142 -45.18 -17.43 -71.80
C ASP J 142 -46.60 -16.89 -71.92
N THR J 143 -46.92 -16.39 -73.11
CA THR J 143 -48.22 -15.78 -73.40
C THR J 143 -48.56 -14.70 -72.37
N VAL J 144 -47.57 -13.87 -72.08
CA VAL J 144 -47.69 -12.88 -71.01
C VAL J 144 -48.59 -11.73 -71.49
N THR J 145 -49.55 -11.37 -70.65
CA THR J 145 -50.40 -10.21 -70.87
C THR J 145 -49.93 -9.07 -69.98
N GLU J 146 -50.70 -7.97 -69.97
CA GLU J 146 -50.33 -6.84 -69.13
C GLU J 146 -50.44 -7.18 -67.65
N ALA J 147 -51.48 -7.94 -67.27
CA ALA J 147 -51.63 -8.34 -65.87
C ALA J 147 -50.49 -9.25 -65.43
N GLU J 148 -50.07 -10.17 -66.30
CA GLU J 148 -48.95 -11.03 -65.97
C GLU J 148 -47.67 -10.24 -65.77
N ALA J 149 -47.43 -9.25 -66.63
CA ALA J 149 -46.26 -8.38 -66.46
C ALA J 149 -46.34 -7.59 -65.16
N GLU J 150 -47.54 -7.10 -64.82
CA GLU J 150 -47.71 -6.39 -63.55
C GLU J 150 -47.39 -7.29 -62.38
N GLY J 151 -47.88 -8.53 -62.40
CA GLY J 151 -47.56 -9.46 -61.33
C GLY J 151 -46.08 -9.77 -61.24
N ILE J 152 -45.43 -9.98 -62.38
CA ILE J 152 -44.00 -10.25 -62.40
C ILE J 152 -43.23 -9.08 -61.80
N LEU J 153 -43.61 -7.85 -62.15
CA LEU J 153 -42.97 -6.69 -61.57
C LEU J 153 -43.22 -6.59 -60.07
N SER J 154 -44.41 -7.00 -59.63
CA SER J 154 -44.78 -6.89 -58.22
C SER J 154 -44.27 -8.05 -57.37
N THR J 155 -43.67 -9.08 -57.97
CA THR J 155 -43.22 -10.25 -57.22
C THR J 155 -41.71 -10.25 -56.98
N ARG J 156 -41.12 -9.09 -56.71
CA ARG J 156 -39.68 -8.99 -56.50
C ARG J 156 -39.34 -9.05 -55.02
N LYS J 157 -38.37 -9.91 -54.67
CA LYS J 157 -37.92 -10.09 -53.29
C LYS J 157 -36.41 -10.00 -53.26
N PRO J 158 -35.86 -8.86 -52.83
CA PRO J 158 -34.41 -8.66 -52.93
C PRO J 158 -33.65 -9.32 -51.79
N TYR J 159 -32.34 -9.43 -52.00
CA TYR J 159 -31.43 -9.92 -50.98
C TYR J 159 -30.01 -9.51 -51.36
N TYR J 160 -29.12 -9.64 -50.39
CA TYR J 160 -27.73 -9.20 -50.51
C TYR J 160 -26.82 -10.37 -50.84
N PHE J 161 -25.67 -10.04 -51.41
CA PHE J 161 -24.68 -11.04 -51.83
C PHE J 161 -23.30 -10.41 -51.79
N LYS J 162 -22.41 -11.00 -51.01
CA LYS J 162 -21.06 -10.47 -50.83
C LYS J 162 -20.16 -11.04 -51.93
N ILE J 163 -19.64 -10.17 -52.78
CA ILE J 163 -18.75 -10.58 -53.85
C ILE J 163 -17.34 -10.71 -53.30
N PRO J 164 -16.69 -11.87 -53.44
CA PRO J 164 -15.32 -12.00 -52.98
C PRO J 164 -14.40 -11.02 -53.71
N LEU J 165 -13.43 -10.48 -52.98
CA LEU J 165 -12.53 -9.50 -53.57
C LEU J 165 -11.69 -10.13 -54.68
N GLN J 166 -11.19 -11.34 -54.46
CA GLN J 166 -10.36 -12.00 -55.46
C GLN J 166 -11.14 -12.31 -56.73
N SER J 167 -12.47 -12.38 -56.66
CA SER J 167 -13.28 -12.62 -57.84
C SER J 167 -13.52 -11.35 -58.66
N ILE J 168 -13.14 -10.18 -58.14
CA ILE J 168 -13.29 -8.94 -58.89
C ILE J 168 -12.29 -8.92 -60.03
N MET J 169 -12.75 -8.59 -61.23
CA MET J 169 -11.88 -8.52 -62.38
C MET J 169 -11.61 -7.11 -62.86
N VAL J 170 -12.65 -6.29 -63.01
CA VAL J 170 -12.47 -4.91 -63.43
C VAL J 170 -13.68 -4.13 -62.95
N GLU J 171 -13.48 -2.84 -62.68
CA GLU J 171 -14.61 -1.99 -62.32
C GLU J 171 -14.29 -0.55 -62.65
N LYS J 172 -15.29 0.17 -63.15
CA LYS J 172 -15.21 1.61 -63.35
C LYS J 172 -16.06 2.25 -62.27
N CYS J 173 -15.40 3.01 -61.39
CA CYS J 173 -16.06 3.69 -60.28
C CYS J 173 -15.42 5.06 -60.10
N ASP J 174 -16.27 6.06 -59.85
CA ASP J 174 -15.82 7.40 -59.50
C ASP J 174 -16.12 7.62 -58.03
N GLY J 175 -15.08 7.96 -57.26
CA GLY J 175 -15.22 8.04 -55.83
C GLY J 175 -15.62 6.69 -55.24
N ASP J 176 -16.75 6.64 -54.55
CA ASP J 176 -17.28 5.39 -54.03
C ASP J 176 -18.34 4.77 -54.93
N THR J 177 -19.09 5.58 -55.65
CA THR J 177 -20.12 5.05 -56.55
C THR J 177 -19.48 4.27 -57.68
N ILE J 178 -20.06 3.12 -57.99
CA ILE J 178 -19.53 2.21 -59.00
C ILE J 178 -20.34 2.38 -60.27
N GLN J 179 -19.69 2.85 -61.34
CA GLN J 179 -20.37 2.98 -62.62
C GLN J 179 -20.71 1.60 -63.19
N TRP J 180 -19.74 0.69 -63.23
CA TRP J 180 -20.01 -0.67 -63.66
C TRP J 180 -18.90 -1.57 -63.14
N ILE J 181 -19.17 -2.88 -63.17
CA ILE J 181 -18.19 -3.82 -62.65
C ILE J 181 -18.35 -5.21 -63.26
N LYS J 182 -17.23 -5.80 -63.69
CA LYS J 182 -17.20 -7.18 -64.18
C LYS J 182 -16.40 -8.02 -63.21
N TYR J 183 -17.00 -9.10 -62.73
CA TYR J 183 -16.36 -10.04 -61.83
C TYR J 183 -16.61 -11.46 -62.30
N LYS J 184 -16.03 -12.42 -61.59
CA LYS J 184 -16.12 -13.83 -61.95
C LYS J 184 -16.81 -14.60 -60.83
N ARG J 185 -17.36 -15.75 -61.20
CA ARG J 185 -18.12 -16.57 -60.26
C ARG J 185 -18.01 -18.02 -60.70
N LEU J 186 -17.35 -18.84 -59.90
CA LEU J 186 -17.21 -20.26 -60.17
C LEU J 186 -18.32 -20.99 -59.41
N ASP J 187 -19.33 -21.46 -60.13
CA ASP J 187 -20.46 -22.12 -59.50
C ASP J 187 -20.41 -23.62 -59.78
N LYS J 188 -20.52 -24.41 -58.71
CA LYS J 188 -20.39 -25.85 -58.79
C LYS J 188 -21.77 -26.49 -58.84
N ILE J 189 -22.03 -27.25 -59.90
CA ILE J 189 -23.21 -28.09 -59.98
C ILE J 189 -22.87 -29.42 -59.32
N ASP J 190 -23.49 -29.68 -58.18
CA ASP J 190 -23.22 -30.89 -57.40
C ASP J 190 -24.21 -31.96 -57.78
N ASN J 191 -23.69 -33.15 -58.09
CA ASN J 191 -24.53 -34.29 -58.41
C ASN J 191 -24.48 -35.27 -57.25
N PRO J 192 -25.63 -35.66 -56.69
CA PRO J 192 -25.61 -36.53 -55.52
C PRO J 192 -24.99 -37.89 -55.76
N PHE J 193 -24.88 -38.33 -57.02
CA PHE J 193 -24.31 -39.63 -57.34
C PHE J 193 -23.34 -39.52 -58.51
N ASP J 194 -22.53 -38.46 -58.53
CA ASP J 194 -21.58 -38.26 -59.61
C ASP J 194 -20.57 -37.20 -59.18
N LYS J 195 -19.51 -37.08 -59.98
CA LYS J 195 -18.48 -36.10 -59.73
C LYS J 195 -19.03 -34.68 -59.86
N THR J 196 -18.53 -33.78 -59.03
CA THR J 196 -18.94 -32.39 -59.08
C THR J 196 -18.57 -31.76 -60.42
N ILE J 197 -19.51 -31.06 -61.03
CA ILE J 197 -19.26 -30.32 -62.26
C ILE J 197 -19.07 -28.86 -61.91
N TYR J 198 -18.30 -28.14 -62.71
CA TYR J 198 -18.01 -26.74 -62.48
C TYR J 198 -18.42 -25.91 -63.69
N ASN J 199 -18.97 -24.72 -63.42
CA ASN J 199 -19.22 -23.73 -64.45
C ASN J 199 -18.56 -22.43 -64.07
N MET J 200 -18.14 -21.67 -65.07
CA MET J 200 -17.49 -20.38 -64.87
C MET J 200 -18.37 -19.31 -65.46
N SER J 201 -18.73 -18.31 -64.65
CA SER J 201 -19.56 -17.21 -65.11
C SER J 201 -18.81 -15.91 -64.97
N TYR J 202 -18.89 -15.08 -65.99
CA TYR J 202 -18.38 -13.73 -65.94
C TYR J 202 -19.57 -12.78 -65.94
N VAL J 203 -19.73 -12.05 -64.86
CA VAL J 203 -20.90 -11.21 -64.64
C VAL J 203 -20.48 -9.76 -64.79
N LEU J 204 -21.12 -9.06 -65.71
CA LEU J 204 -20.92 -7.63 -65.91
C LEU J 204 -22.19 -6.91 -65.48
N ILE J 205 -22.06 -6.03 -64.49
CA ILE J 205 -23.16 -5.26 -63.96
C ILE J 205 -22.98 -3.82 -64.42
N ASP J 206 -24.00 -3.29 -65.08
CA ASP J 206 -23.96 -1.99 -65.74
C ASP J 206 -24.99 -1.07 -65.11
N ASP J 207 -25.17 0.10 -65.72
CA ASP J 207 -26.10 1.09 -65.18
C ASP J 207 -27.53 0.57 -65.20
N GLN J 208 -27.96 -0.03 -66.31
CA GLN J 208 -29.33 -0.51 -66.42
C GLN J 208 -29.42 -1.92 -66.98
N HIS J 209 -28.31 -2.64 -67.08
CA HIS J 209 -28.32 -4.02 -67.55
C HIS J 209 -27.33 -4.85 -66.75
N ILE J 210 -27.59 -6.15 -66.69
CA ILE J 210 -26.69 -7.12 -66.10
C ILE J 210 -26.58 -8.30 -67.05
N THR J 211 -25.35 -8.74 -67.30
CA THR J 211 -25.07 -9.76 -68.30
C THR J 211 -24.17 -10.82 -67.70
N THR J 212 -24.32 -12.06 -68.17
CA THR J 212 -23.49 -13.16 -67.73
C THR J 212 -23.04 -13.97 -68.93
N TRP J 213 -21.74 -14.27 -68.98
CA TRP J 213 -21.17 -15.20 -69.95
C TRP J 213 -20.78 -16.46 -69.22
N THR J 214 -21.30 -17.61 -69.65
CA THR J 214 -21.12 -18.84 -68.91
C THR J 214 -20.41 -19.88 -69.76
N TYR J 215 -19.34 -20.45 -69.22
CA TYR J 215 -18.67 -21.61 -69.76
C TYR J 215 -19.04 -22.82 -68.91
N TYR J 216 -19.55 -23.86 -69.55
CA TYR J 216 -20.14 -24.99 -68.86
C TYR J 216 -19.18 -26.17 -68.82
N ASP J 217 -19.18 -26.88 -67.69
CA ASP J 217 -18.39 -28.09 -67.49
C ASP J 217 -16.91 -27.83 -67.80
N ILE J 218 -16.34 -26.93 -67.01
CA ILE J 218 -14.96 -26.52 -67.16
C ILE J 218 -14.14 -27.09 -66.02
N ILE J 219 -12.82 -26.96 -66.14
CA ILE J 219 -11.88 -27.33 -65.08
C ILE J 219 -11.18 -26.06 -64.61
N VAL J 220 -11.19 -25.82 -63.32
CA VAL J 220 -10.54 -24.64 -62.77
C VAL J 220 -9.03 -24.83 -62.82
N SER J 221 -8.32 -23.76 -63.16
CA SER J 221 -6.86 -23.79 -63.25
C SER J 221 -6.25 -23.24 -61.97
N ASP J 222 -4.93 -23.44 -61.84
CA ASP J 222 -4.21 -22.97 -60.67
C ASP J 222 -4.20 -21.46 -60.56
N SER J 223 -4.40 -20.75 -61.66
CA SER J 223 -4.47 -19.30 -61.66
C SER J 223 -5.87 -18.78 -61.39
N GLY J 224 -6.83 -19.66 -61.11
CA GLY J 224 -8.20 -19.26 -60.91
C GLY J 224 -9.03 -19.18 -62.18
N GLY J 225 -8.43 -19.42 -63.33
CA GLY J 225 -9.14 -19.39 -64.59
C GLY J 225 -9.57 -20.77 -65.04
N ILE J 226 -9.79 -20.89 -66.35
CA ILE J 226 -10.24 -22.14 -66.97
C ILE J 226 -9.04 -22.80 -67.62
N SER J 227 -8.85 -24.09 -67.35
CA SER J 227 -7.81 -24.88 -67.97
C SER J 227 -8.35 -25.80 -69.06
N LYS J 228 -9.38 -26.57 -68.76
CA LYS J 228 -9.97 -27.50 -69.70
C LYS J 228 -11.47 -27.31 -69.71
N ILE J 229 -12.09 -27.56 -70.87
CA ILE J 229 -13.54 -27.49 -71.01
C ILE J 229 -14.03 -28.78 -71.63
N TRP J 230 -15.29 -29.11 -71.35
CA TRP J 230 -15.92 -30.27 -71.97
C TRP J 230 -16.21 -29.99 -73.44
N ASP J 231 -16.21 -31.05 -74.23
CA ASP J 231 -16.52 -30.94 -75.65
C ASP J 231 -17.24 -32.24 -76.03
N GLN J 232 -18.53 -32.13 -76.33
CA GLN J 232 -19.30 -33.31 -76.68
C GLN J 232 -18.85 -33.88 -78.02
N SER J 233 -18.44 -33.01 -78.95
CA SER J 233 -17.97 -33.46 -80.25
C SER J 233 -16.67 -34.25 -80.14
N LEU J 234 -15.93 -34.09 -79.05
CA LEU J 234 -14.68 -34.81 -78.87
C LEU J 234 -14.95 -36.31 -78.72
N ASN J 235 -13.86 -37.08 -78.68
CA ASN J 235 -13.93 -38.53 -78.54
C ASN J 235 -14.82 -39.14 -79.63
N TYR J 236 -14.62 -38.69 -80.86
CA TYR J 236 -15.42 -39.12 -82.01
C TYR J 236 -16.90 -38.86 -81.77
N GLY J 237 -17.20 -37.75 -81.10
CA GLY J 237 -18.56 -37.39 -80.77
C GLY J 237 -19.03 -37.84 -79.41
N LYS J 238 -18.24 -38.64 -78.70
CA LYS J 238 -18.63 -39.08 -77.37
C LYS J 238 -18.40 -38.00 -76.31
N GLY J 239 -17.41 -37.15 -76.51
CA GLY J 239 -17.15 -36.05 -75.61
C GLY J 239 -15.99 -36.32 -74.67
N ALA J 240 -15.20 -35.28 -74.43
CA ALA J 240 -14.04 -35.37 -73.56
C ALA J 240 -13.60 -33.97 -73.18
N TYR J 241 -12.58 -33.89 -72.32
CA TYR J 241 -12.04 -32.60 -71.89
C TYR J 241 -10.90 -32.18 -72.81
N ARG J 242 -10.98 -30.95 -73.31
CA ARG J 242 -9.96 -30.40 -74.19
C ARG J 242 -9.53 -29.04 -73.68
N SER J 243 -8.32 -28.64 -74.05
CA SER J 243 -7.77 -27.39 -73.56
C SER J 243 -8.58 -26.21 -74.08
N ILE J 244 -8.62 -25.15 -73.25
CA ILE J 244 -9.41 -23.98 -73.58
C ILE J 244 -8.73 -23.20 -74.71
N ASP J 245 -9.52 -22.70 -75.65
CA ASP J 245 -9.03 -21.86 -76.73
C ASP J 245 -9.37 -20.41 -76.44
N LYS J 246 -8.35 -19.55 -76.45
CA LYS J 246 -8.54 -18.14 -76.09
C LYS J 246 -9.15 -17.32 -77.21
N GLU J 247 -9.29 -17.88 -78.41
CA GLU J 247 -9.90 -17.15 -79.53
C GLU J 247 -11.09 -17.85 -80.15
N LYS J 248 -11.25 -19.15 -79.96
CA LYS J 248 -12.33 -19.90 -80.60
C LYS J 248 -13.41 -20.38 -79.65
N ASP J 249 -13.11 -20.50 -78.36
CA ASP J 249 -14.09 -20.91 -77.37
C ASP J 249 -14.83 -19.66 -76.90
N LYS J 250 -16.04 -19.47 -77.39
CA LYS J 250 -16.82 -18.27 -77.12
C LYS J 250 -18.05 -18.62 -76.29
N ALA J 251 -18.40 -17.73 -75.37
CA ALA J 251 -19.56 -17.88 -74.51
C ALA J 251 -20.65 -16.92 -74.96
N ASP J 252 -21.87 -17.44 -75.12
CA ASP J 252 -22.98 -16.60 -75.53
C ASP J 252 -23.51 -15.83 -74.32
N PRO J 253 -23.61 -14.51 -74.38
CA PRO J 253 -24.11 -13.76 -73.23
C PRO J 253 -25.59 -13.98 -73.00
N VAL J 254 -25.99 -13.91 -71.73
CA VAL J 254 -27.38 -13.83 -71.33
C VAL J 254 -27.53 -12.58 -70.48
N SER J 255 -28.38 -11.66 -70.91
CA SER J 255 -28.47 -10.35 -70.29
C SER J 255 -29.92 -9.98 -70.03
N PHE J 256 -30.13 -9.15 -69.02
CA PHE J 256 -31.44 -8.59 -68.77
C PHE J 256 -31.29 -7.28 -68.01
N ALA J 257 -32.33 -6.46 -68.08
CA ALA J 257 -32.32 -5.13 -67.48
C ALA J 257 -32.97 -5.19 -66.11
N HIS J 258 -32.22 -4.78 -65.09
CA HIS J 258 -32.75 -4.77 -63.73
C HIS J 258 -33.59 -3.54 -63.43
N ASN J 259 -33.54 -2.52 -64.29
CA ASN J 259 -34.37 -1.31 -64.15
C ASN J 259 -34.10 -0.59 -62.83
N ARG J 260 -32.93 -0.83 -62.24
CA ARG J 260 -32.56 -0.11 -61.02
C ARG J 260 -32.25 1.35 -61.29
N GLY J 261 -31.83 1.69 -62.50
CA GLY J 261 -31.39 3.04 -62.80
C GLY J 261 -29.97 3.33 -62.36
N SER J 262 -29.32 2.43 -61.64
CA SER J 262 -27.94 2.59 -61.23
C SER J 262 -27.37 1.21 -60.97
N CYS J 263 -26.06 1.13 -60.87
CA CYS J 263 -25.41 -0.16 -60.66
C CYS J 263 -25.75 -0.67 -59.26
N PRO J 264 -26.37 -1.83 -59.14
CA PRO J 264 -26.80 -2.33 -57.82
C PRO J 264 -25.67 -2.98 -57.04
N VAL J 265 -24.57 -2.24 -56.86
CA VAL J 265 -23.46 -2.69 -56.03
C VAL J 265 -23.00 -1.54 -55.16
N VAL J 266 -22.50 -1.89 -53.97
CA VAL J 266 -21.96 -0.93 -53.03
C VAL J 266 -20.62 -1.46 -52.52
N ARG J 267 -19.62 -0.59 -52.47
CA ARG J 267 -18.30 -0.96 -52.01
C ARG J 267 -18.04 -0.25 -50.68
N TYR J 268 -17.74 -1.05 -49.66
CA TYR J 268 -17.27 -0.50 -48.39
C TYR J 268 -15.75 -0.48 -48.43
N ARG J 269 -15.18 0.69 -48.17
CA ARG J 269 -13.74 0.93 -48.31
C ARG J 269 -13.24 1.49 -46.98
N MET J 270 -12.55 0.65 -46.21
CA MET J 270 -11.96 1.13 -44.97
C MET J 270 -10.86 2.13 -45.26
N ASP J 271 -10.82 3.19 -44.48
CA ASP J 271 -9.83 4.25 -44.69
C ASP J 271 -8.43 3.70 -44.52
N GLU J 272 -7.49 4.22 -45.32
CA GLU J 272 -6.14 3.71 -45.32
C GLU J 272 -5.48 3.87 -43.95
N SER J 273 -5.71 5.00 -43.29
CA SER J 273 -5.15 5.22 -41.97
C SER J 273 -5.69 4.23 -40.95
N LEU J 274 -6.91 3.73 -41.17
CA LEU J 274 -7.52 2.76 -40.25
C LEU J 274 -7.20 1.32 -40.61
N TYR J 275 -6.88 1.04 -41.88
CA TYR J 275 -6.60 -0.31 -42.31
C TYR J 275 -5.24 -0.74 -41.78
N MET J 276 -5.24 -1.51 -40.69
CA MET J 276 -4.00 -1.90 -40.02
C MET J 276 -3.39 -3.17 -40.58
N ALA J 277 -4.18 -4.02 -41.23
CA ALA J 277 -3.66 -5.30 -41.71
C ALA J 277 -2.54 -5.10 -42.73
N ASP J 278 -2.54 -3.97 -43.44
CA ASP J 278 -1.49 -3.70 -44.40
C ASP J 278 -0.14 -3.51 -43.74
N GLN J 279 -0.10 -3.21 -42.44
CA GLN J 279 1.14 -2.83 -41.77
C GLN J 279 1.58 -3.84 -40.72
N VAL J 280 0.95 -5.01 -40.65
CA VAL J 280 1.32 -5.98 -39.63
C VAL J 280 1.49 -7.37 -40.22
N TYR J 281 1.03 -7.57 -41.46
CA TYR J 281 1.07 -8.89 -42.05
C TYR J 281 2.51 -9.39 -42.21
N LEU J 282 3.42 -8.49 -42.59
CA LEU J 282 4.84 -8.84 -42.63
C LEU J 282 5.33 -9.25 -41.25
N ALA J 283 4.92 -8.51 -40.22
CA ALA J 283 5.27 -8.88 -38.86
C ALA J 283 4.71 -10.25 -38.50
N GLN J 284 3.50 -10.56 -38.99
CA GLN J 284 2.90 -11.86 -38.67
C GLN J 284 3.67 -13.01 -39.33
N ARG J 285 4.06 -12.85 -40.60
CA ARG J 285 4.83 -13.91 -41.23
C ARG J 285 6.22 -14.02 -40.61
N MET J 286 6.79 -12.89 -40.18
CA MET J 286 8.03 -12.94 -39.43
C MET J 286 7.86 -13.72 -38.14
N ILE J 287 6.71 -13.54 -37.47
CA ILE J 287 6.42 -14.30 -36.26
C ILE J 287 6.34 -15.78 -36.57
N TYR J 288 5.69 -16.15 -37.68
CA TYR J 288 5.64 -17.55 -38.08
C TYR J 288 7.05 -18.12 -38.21
N GLY J 289 7.90 -17.44 -38.98
CA GLY J 289 9.25 -17.96 -39.19
C GLY J 289 10.06 -18.03 -37.91
N LEU J 290 9.99 -16.99 -37.10
CA LEU J 290 10.75 -16.95 -35.85
C LEU J 290 10.28 -18.03 -34.88
N SER J 291 8.98 -18.25 -34.80
CA SER J 291 8.47 -19.30 -33.93
C SER J 291 8.94 -20.66 -34.39
N MET J 292 8.92 -20.92 -35.70
CA MET J 292 9.40 -22.21 -36.19
C MET J 292 10.87 -22.40 -35.85
N ASN J 293 11.69 -21.37 -36.08
CA ASN J 293 13.11 -21.47 -35.77
C ASN J 293 13.34 -21.67 -34.28
N LEU J 294 12.59 -20.95 -33.45
CA LEU J 294 12.74 -21.06 -32.00
C LEU J 294 12.41 -22.47 -31.52
N PHE J 295 11.31 -23.04 -32.01
CA PHE J 295 10.95 -24.39 -31.58
C PHE J 295 11.96 -25.41 -32.08
N HIS J 296 12.47 -25.23 -33.30
CA HIS J 296 13.50 -26.14 -33.79
C HIS J 296 14.75 -26.07 -32.92
N THR J 297 15.19 -24.86 -32.58
CA THR J 297 16.38 -24.70 -31.75
C THR J 297 16.16 -25.32 -30.36
N ALA J 298 14.99 -25.07 -29.77
CA ALA J 298 14.71 -25.63 -28.45
C ALA J 298 14.68 -27.14 -28.48
N ALA J 299 14.07 -27.72 -29.51
CA ALA J 299 14.03 -29.17 -29.62
C ALA J 299 15.42 -29.76 -29.81
N ASN J 300 16.25 -29.12 -30.63
CA ASN J 300 17.59 -29.65 -30.87
C ASN J 300 18.57 -29.36 -29.73
N ALA J 301 18.21 -28.47 -28.80
CA ALA J 301 19.06 -28.20 -27.65
C ALA J 301 18.36 -28.55 -26.33
N GLY J 302 17.26 -29.30 -26.39
CA GLY J 302 16.56 -29.67 -25.19
C GLY J 302 17.11 -30.89 -24.48
N PHE J 303 18.03 -31.61 -25.11
CA PHE J 303 18.62 -32.78 -24.50
C PHE J 303 19.44 -32.38 -23.27
N VAL J 304 19.53 -33.30 -22.31
CA VAL J 304 20.43 -33.19 -21.18
C VAL J 304 21.44 -34.31 -21.29
N GLN J 305 22.71 -33.97 -21.43
CA GLN J 305 23.75 -34.95 -21.68
C GLN J 305 24.58 -35.15 -20.42
N LYS J 306 24.96 -36.41 -20.18
CA LYS J 306 25.76 -36.76 -19.02
C LYS J 306 27.00 -37.50 -19.46
N TRP J 307 28.14 -36.82 -19.40
CA TRP J 307 29.39 -37.45 -19.79
C TRP J 307 30.21 -37.84 -18.57
N ILE J 308 31.21 -38.69 -18.81
CA ILE J 308 32.04 -39.22 -17.74
C ILE J 308 33.50 -39.07 -18.12
N ARG J 309 34.37 -39.27 -17.16
CA ARG J 309 35.79 -39.43 -17.36
C ARG J 309 36.18 -40.74 -16.70
N PRO J 310 36.39 -41.81 -17.45
CA PRO J 310 36.58 -43.11 -16.84
C PRO J 310 37.78 -43.13 -15.89
N TYR J 311 37.62 -43.86 -14.80
CA TYR J 311 38.66 -43.95 -13.77
C TYR J 311 39.47 -45.21 -13.97
N ILE J 312 40.78 -45.05 -14.13
CA ILE J 312 41.66 -46.18 -14.40
C ILE J 312 42.35 -46.64 -13.12
N PRO J 332 43.47 -49.60 -24.94
CA PRO J 332 42.61 -50.77 -25.11
C PRO J 332 41.16 -50.40 -25.38
N LYS J 333 40.78 -50.34 -26.66
CA LYS J 333 39.43 -49.90 -27.00
C LYS J 333 38.38 -50.87 -26.47
N GLU J 334 38.68 -52.17 -26.46
CA GLU J 334 37.73 -53.13 -25.91
C GLU J 334 37.54 -52.93 -24.42
N ALA J 335 38.62 -52.62 -23.70
CA ALA J 335 38.50 -52.34 -22.28
C ALA J 335 37.66 -51.09 -22.05
N LEU J 336 37.84 -50.07 -22.87
CA LEU J 336 37.03 -48.87 -22.74
C LEU J 336 35.56 -49.15 -23.05
N ASN J 337 35.30 -50.01 -24.03
CA ASN J 337 33.92 -50.40 -24.30
C ASN J 337 33.31 -51.12 -23.11
N GLU J 338 34.06 -52.03 -22.49
CA GLU J 338 33.57 -52.70 -21.30
C GLU J 338 33.29 -51.70 -20.19
N ILE J 339 34.17 -50.71 -20.03
CA ILE J 339 33.99 -49.68 -18.99
C ILE J 339 32.71 -48.87 -19.19
N ILE J 340 32.49 -48.37 -20.41
CA ILE J 340 31.31 -47.54 -20.66
C ILE J 340 30.02 -48.36 -20.53
N LYS J 341 30.08 -49.65 -20.83
CA LYS J 341 28.91 -50.50 -20.65
C LYS J 341 28.59 -50.53 -19.18
N LYS J 342 29.58 -50.87 -18.36
CA LYS J 342 29.38 -50.92 -16.91
C LYS J 342 28.86 -49.60 -16.37
N TYR J 343 29.46 -48.50 -16.79
CA TYR J 343 29.05 -47.18 -16.30
C TYR J 343 27.57 -46.94 -16.56
N ALA J 344 27.13 -47.19 -17.78
CA ALA J 344 25.72 -47.02 -18.13
C ALA J 344 24.82 -47.87 -17.24
N GLU J 345 25.19 -49.12 -17.03
CA GLU J 345 24.39 -50.01 -16.20
C GLU J 345 24.25 -49.48 -14.78
N SER J 346 25.34 -49.02 -14.19
CA SER J 346 25.30 -48.54 -12.82
C SER J 346 25.16 -47.03 -12.72
N LEU J 347 24.23 -46.45 -13.48
CA LEU J 347 24.00 -45.02 -13.41
C LEU J 347 22.60 -44.75 -12.87
N GLY J 348 22.41 -44.92 -11.58
CA GLY J 348 21.12 -44.66 -10.96
C GLY J 348 21.28 -44.27 -9.51
N ASP J 349 20.14 -44.02 -8.88
CA ASP J 349 20.16 -43.65 -7.46
C ASP J 349 20.60 -44.80 -6.57
N GLU J 350 20.44 -46.04 -7.04
CA GLU J 350 20.75 -47.22 -6.24
C GLU J 350 22.18 -47.72 -6.46
N SER J 351 23.07 -46.83 -6.87
CA SER J 351 24.45 -47.22 -7.12
C SER J 351 25.36 -46.01 -7.00
N VAL J 352 26.58 -46.25 -6.51
CA VAL J 352 27.63 -45.25 -6.46
C VAL J 352 28.67 -45.60 -7.53
N ILE J 353 28.78 -44.74 -8.52
CA ILE J 353 29.70 -44.99 -9.62
C ILE J 353 31.11 -44.60 -9.21
N MET J 354 32.10 -45.14 -9.91
CA MET J 354 33.49 -45.03 -9.53
C MET J 354 34.27 -44.14 -10.50
N ALA J 355 33.61 -43.17 -11.11
CA ALA J 355 34.19 -42.42 -12.21
C ALA J 355 35.08 -41.30 -11.68
N ASP J 356 35.55 -40.44 -12.59
CA ASP J 356 36.42 -39.33 -12.27
C ASP J 356 35.76 -37.97 -12.45
N PHE J 357 34.76 -37.87 -13.32
CA PHE J 357 34.03 -36.61 -13.51
C PHE J 357 32.75 -36.94 -14.25
N PHE J 358 31.60 -36.63 -13.65
CA PHE J 358 30.30 -37.02 -14.19
C PHE J 358 29.31 -35.85 -14.13
N THR J 359 29.72 -34.69 -14.63
CA THR J 359 28.79 -33.56 -14.61
C THR J 359 27.57 -33.84 -15.48
N PHE J 360 26.43 -33.31 -15.05
CA PHE J 360 25.20 -33.36 -15.83
C PHE J 360 25.18 -32.13 -16.73
N GLU J 361 25.59 -32.29 -17.98
CA GLU J 361 25.68 -31.17 -18.90
C GLU J 361 24.29 -30.79 -19.36
N GLU J 362 24.00 -29.49 -19.37
CA GLU J 362 22.67 -29.00 -19.70
C GLU J 362 22.77 -27.62 -20.30
N LEU J 363 21.83 -27.31 -21.20
CA LEU J 363 21.75 -25.97 -21.78
C LEU J 363 21.29 -24.98 -20.70
N ALA J 364 22.03 -23.87 -20.58
CA ALA J 364 21.60 -22.83 -19.64
C ALA J 364 20.34 -22.14 -20.13
N GLY J 365 20.39 -21.55 -21.32
CA GLY J 365 19.23 -20.95 -21.93
C GLY J 365 19.22 -19.44 -21.77
N THR J 366 19.73 -18.75 -22.77
CA THR J 366 19.66 -17.29 -22.82
C THR J 366 19.21 -16.83 -24.18
N SER J 367 19.55 -17.61 -25.22
CA SER J 367 19.11 -17.30 -26.58
C SER J 367 17.65 -17.65 -26.78
N VAL J 368 17.16 -18.68 -26.11
CA VAL J 368 15.75 -19.06 -26.26
C VAL J 368 14.85 -17.94 -25.76
N GLU J 369 15.14 -17.40 -24.58
CA GLU J 369 14.37 -16.26 -24.11
C GLU J 369 14.65 -15.01 -24.92
N MET J 370 15.81 -14.92 -25.58
CA MET J 370 16.05 -13.81 -26.50
C MET J 370 15.07 -13.86 -27.67
N GLN J 371 14.94 -15.02 -28.30
CA GLN J 371 13.99 -15.17 -29.40
C GLN J 371 12.56 -15.02 -28.90
N ILE J 372 12.28 -15.48 -27.68
CA ILE J 372 10.96 -15.29 -27.10
C ILE J 372 10.65 -13.80 -26.96
N GLY J 373 11.64 -13.03 -26.50
CA GLY J 373 11.44 -11.59 -26.39
C GLY J 373 11.26 -10.92 -27.74
N LEU J 374 11.98 -11.40 -28.76
CA LEU J 374 11.80 -10.85 -30.10
C LEU J 374 10.38 -11.10 -30.61
N ILE J 375 9.90 -12.34 -30.45
CA ILE J 375 8.54 -12.66 -30.87
C ILE J 375 7.53 -11.86 -30.06
N GLU J 376 7.81 -11.68 -28.77
CA GLU J 376 6.92 -10.90 -27.92
C GLU J 376 6.85 -9.45 -28.37
N ARG J 377 7.99 -8.88 -28.76
CA ARG J 377 7.96 -7.50 -29.22
C ARG J 377 7.27 -7.37 -30.58
N LEU J 378 7.40 -8.39 -31.44
CA LEU J 378 6.62 -8.38 -32.68
C LEU J 378 5.13 -8.43 -32.40
N ARG J 379 4.72 -9.28 -31.47
CA ARG J 379 3.31 -9.34 -31.07
C ARG J 379 2.85 -8.03 -30.46
N ASN J 380 3.70 -7.40 -29.65
CA ASN J 380 3.37 -6.12 -29.06
C ASN J 380 3.17 -5.06 -30.13
N TYR J 381 4.03 -5.05 -31.15
CA TYR J 381 3.83 -4.12 -32.25
C TYR J 381 2.53 -4.41 -32.97
N ILE J 382 2.21 -5.69 -33.19
CA ILE J 382 0.97 -6.04 -33.87
C ILE J 382 -0.22 -5.51 -33.08
N PHE J 383 -0.19 -5.65 -31.76
CA PHE J 383 -1.32 -5.20 -30.95
C PHE J 383 -1.30 -3.70 -30.69
N THR J 384 -0.17 -3.02 -30.89
CA THR J 384 -0.12 -1.58 -30.77
C THR J 384 -0.33 -0.87 -32.10
N ALA J 385 -0.42 -1.61 -33.20
CA ALA J 385 -0.86 -1.00 -34.45
C ALA J 385 -2.25 -0.41 -34.28
N ILE J 386 -3.14 -1.14 -33.65
CA ILE J 386 -4.35 -0.58 -33.08
C ILE J 386 -4.01 -0.12 -31.67
N LEU J 387 -4.68 0.93 -31.21
CA LEU J 387 -4.31 1.50 -29.91
C LEU J 387 -4.79 0.61 -28.78
N PHE J 388 -4.21 -0.58 -28.65
CA PHE J 388 -4.63 -1.55 -27.64
C PHE J 388 -3.41 -2.15 -26.97
N ASN J 389 -3.58 -2.55 -25.72
CA ASN J 389 -2.52 -3.13 -24.91
C ASN J 389 -2.79 -4.60 -24.68
N ASN J 390 -1.88 -5.46 -25.11
CA ASN J 390 -2.03 -6.90 -24.92
C ASN J 390 -1.86 -7.34 -23.47
N ALA J 391 -1.33 -6.47 -22.61
CA ALA J 391 -1.11 -6.84 -21.22
C ALA J 391 -2.40 -7.15 -20.49
N LYS J 392 -3.55 -6.78 -21.07
CA LYS J 392 -4.83 -7.18 -20.51
C LYS J 392 -4.92 -8.69 -20.38
N PHE J 393 -4.38 -9.43 -21.35
CA PHE J 393 -4.36 -10.88 -21.31
C PHE J 393 -2.94 -11.42 -21.38
N GLU J 394 -2.02 -10.79 -20.66
CA GLU J 394 -0.66 -11.27 -20.52
C GLU J 394 -0.30 -11.67 -19.11
N GLN J 395 -0.76 -10.92 -18.11
CA GLN J 395 -0.50 -11.26 -16.72
C GLN J 395 -1.60 -10.72 -15.81
N ALA J 404 -15.54 -4.84 -10.58
CA ALA J 404 -15.02 -3.47 -10.55
C ALA J 404 -13.81 -3.33 -11.47
N ALA J 405 -12.71 -3.98 -11.11
CA ALA J 405 -11.50 -3.91 -11.92
C ALA J 405 -11.50 -4.98 -13.01
N LYS J 406 -11.60 -6.25 -12.61
CA LYS J 406 -11.66 -7.33 -13.59
C LYS J 406 -13.00 -7.37 -14.30
N GLU J 407 -13.97 -6.58 -13.84
CA GLU J 407 -15.25 -6.48 -14.52
C GLU J 407 -15.08 -6.00 -15.96
N ILE J 408 -14.03 -5.22 -16.21
CA ILE J 408 -13.74 -4.78 -17.58
C ILE J 408 -13.39 -5.97 -18.46
N ASP J 409 -12.53 -6.87 -17.95
CA ASP J 409 -12.20 -8.08 -18.69
C ASP J 409 -13.43 -8.96 -18.86
N PHE J 410 -14.28 -9.03 -17.83
CA PHE J 410 -15.51 -9.80 -17.94
C PHE J 410 -16.40 -9.23 -19.05
N TYR J 411 -16.50 -7.91 -19.13
CA TYR J 411 -17.28 -7.28 -20.19
C TYR J 411 -16.65 -7.54 -21.56
N VAL J 412 -15.32 -7.55 -21.63
CA VAL J 412 -14.65 -7.87 -22.88
C VAL J 412 -15.05 -9.27 -23.35
N GLN J 413 -15.08 -10.23 -22.42
CA GLN J 413 -15.59 -11.56 -22.76
C GLN J 413 -17.05 -11.50 -23.18
N ASN J 414 -17.86 -10.71 -22.46
CA ASN J 414 -19.28 -10.60 -22.78
C ASN J 414 -19.50 -10.07 -24.18
N LEU J 415 -18.54 -9.32 -24.72
CA LEU J 415 -18.69 -8.83 -26.10
C LEU J 415 -18.75 -9.99 -27.10
N ALA J 416 -17.76 -10.88 -27.04
CA ALA J 416 -17.78 -12.05 -27.90
C ALA J 416 -18.96 -12.94 -27.57
N LEU J 417 -19.35 -13.00 -26.29
CA LEU J 417 -20.54 -13.75 -25.93
C LEU J 417 -21.78 -13.18 -26.64
N LYS J 418 -21.88 -11.86 -26.71
CA LYS J 418 -23.02 -11.24 -27.39
C LYS J 418 -22.99 -11.52 -28.88
N ASP J 419 -21.80 -11.51 -29.49
CA ASP J 419 -21.70 -11.84 -30.91
C ASP J 419 -22.19 -13.27 -31.18
N HIS J 420 -21.65 -14.23 -30.43
CA HIS J 420 -22.10 -15.61 -30.59
C HIS J 420 -23.59 -15.74 -30.25
N GLY J 421 -24.09 -14.94 -29.32
CA GLY J 421 -25.50 -14.98 -28.99
C GLY J 421 -26.38 -14.50 -30.13
N SER J 422 -25.94 -13.46 -30.84
CA SER J 422 -26.69 -13.01 -32.00
C SER J 422 -26.72 -14.10 -33.07
N GLY J 423 -25.57 -14.74 -33.31
CA GLY J 423 -25.56 -15.86 -34.24
C GLY J 423 -26.49 -16.98 -33.81
N ILE J 424 -26.47 -17.29 -32.51
CA ILE J 424 -27.33 -18.36 -31.96
C ILE J 424 -28.80 -18.00 -32.11
N VAL J 425 -29.15 -16.73 -31.90
CA VAL J 425 -30.53 -16.31 -32.04
C VAL J 425 -30.99 -16.44 -33.49
N GLU J 426 -30.12 -16.06 -34.43
CA GLU J 426 -30.46 -16.26 -35.85
C GLU J 426 -30.71 -17.74 -36.15
N PHE J 427 -29.81 -18.60 -35.69
CA PHE J 427 -29.96 -20.03 -35.94
C PHE J 427 -31.23 -20.56 -35.29
N THR J 428 -31.54 -20.10 -34.08
CA THR J 428 -32.73 -20.56 -33.39
C THR J 428 -34.00 -20.10 -34.10
N ARG J 429 -33.99 -18.88 -34.63
CA ARG J 429 -35.14 -18.42 -35.42
C ARG J 429 -35.34 -19.30 -36.64
N SER J 430 -34.25 -19.64 -37.34
CA SER J 430 -34.38 -20.52 -38.50
C SER J 430 -34.91 -21.89 -38.09
N LEU J 431 -34.38 -22.44 -36.99
CA LEU J 431 -34.82 -23.75 -36.53
C LEU J 431 -36.29 -23.74 -36.15
N LEU J 432 -36.74 -22.68 -35.46
CA LEU J 432 -38.14 -22.60 -35.09
C LEU J 432 -39.04 -22.42 -36.31
N HIS J 433 -38.56 -21.70 -37.33
CA HIS J 433 -39.33 -21.60 -38.56
C HIS J 433 -39.50 -22.97 -39.21
N HIS J 434 -38.42 -23.74 -39.28
CA HIS J 434 -38.53 -25.08 -39.86
C HIS J 434 -39.45 -25.96 -39.02
N THR J 435 -39.36 -25.86 -37.70
CA THR J 435 -40.21 -26.66 -36.83
C THR J 435 -41.68 -26.30 -37.03
N ALA J 436 -41.98 -25.01 -37.13
CA ALA J 436 -43.35 -24.58 -37.39
C ALA J 436 -43.84 -25.12 -38.73
N LYS J 437 -42.97 -25.10 -39.73
CA LYS J 437 -43.33 -25.70 -41.02
C LYS J 437 -43.56 -27.20 -40.89
N ALA J 438 -42.89 -27.84 -39.93
CA ALA J 438 -43.09 -29.28 -39.72
C ALA J 438 -44.50 -29.57 -39.22
N PHE J 439 -45.04 -28.72 -38.34
CA PHE J 439 -46.40 -28.90 -37.87
C PHE J 439 -47.44 -28.61 -38.94
N GLY J 440 -47.02 -28.19 -40.13
CA GLY J 440 -47.94 -27.77 -41.17
C GLY J 440 -48.37 -26.32 -41.07
N TYR J 441 -47.89 -25.58 -40.08
CA TYR J 441 -48.19 -24.16 -39.98
C TYR J 441 -47.39 -23.38 -41.01
N ASP J 442 -47.96 -22.27 -41.47
CA ASP J 442 -47.34 -21.43 -42.48
C ASP J 442 -46.46 -20.34 -41.89
N SER J 443 -45.93 -20.57 -40.69
CA SER J 443 -45.13 -19.57 -39.96
C SER J 443 -45.98 -18.31 -39.81
N GLY J 444 -45.34 -17.14 -39.80
CA GLY J 444 -46.05 -15.90 -39.59
C GLY J 444 -45.42 -15.09 -38.48
N GLY J 445 -44.99 -13.88 -38.79
CA GLY J 445 -44.20 -13.10 -37.85
C GLY J 445 -42.80 -13.62 -37.64
N SER J 446 -42.40 -14.65 -38.37
CA SER J 446 -41.07 -15.25 -38.35
C SER J 446 -40.65 -15.70 -36.97
N ILE J 447 -41.58 -15.80 -36.02
CA ILE J 447 -41.32 -16.37 -34.70
C ILE J 447 -40.22 -15.56 -34.00
N VAL J 448 -40.59 -14.46 -33.35
CA VAL J 448 -39.58 -13.62 -32.72
C VAL J 448 -38.92 -14.36 -31.58
N VAL J 449 -37.61 -14.21 -31.47
CA VAL J 449 -36.80 -14.83 -30.42
C VAL J 449 -35.86 -13.78 -29.86
N SER J 450 -35.82 -13.66 -28.55
CA SER J 450 -34.93 -12.71 -27.88
C SER J 450 -34.04 -13.46 -26.89
N GLY J 451 -33.15 -12.71 -26.26
CA GLY J 451 -32.20 -13.25 -25.32
C GLY J 451 -30.82 -13.38 -25.93
N MET J 452 -29.92 -13.99 -25.16
CA MET J 452 -28.53 -14.19 -25.55
C MET J 452 -27.87 -12.87 -25.94
N ASP J 453 -28.22 -11.80 -25.25
CA ASP J 453 -27.70 -10.48 -25.55
C ASP J 453 -27.18 -9.73 -24.34
N ARG J 454 -27.49 -10.18 -23.12
CA ARG J 454 -27.05 -9.50 -21.90
C ARG J 454 -26.37 -10.54 -21.01
N TYR J 455 -25.07 -10.72 -21.22
CA TYR J 455 -24.25 -11.59 -20.40
C TYR J 455 -23.60 -10.73 -19.32
N ASP J 456 -24.01 -10.94 -18.07
CA ASP J 456 -23.52 -10.10 -16.98
C ASP J 456 -23.56 -10.89 -15.68
N VAL J 457 -22.55 -10.64 -14.83
CA VAL J 457 -22.50 -11.28 -13.53
C VAL J 457 -23.61 -10.72 -12.65
N ARG J 458 -24.32 -11.61 -11.95
CA ARG J 458 -25.38 -11.22 -11.04
C ARG J 458 -26.45 -10.42 -11.79
N PRO J 459 -27.22 -11.05 -12.66
CA PRO J 459 -28.13 -10.30 -13.53
C PRO J 459 -29.48 -10.00 -12.91
N ILE J 460 -29.84 -10.72 -11.85
CA ILE J 460 -31.19 -10.60 -11.30
C ILE J 460 -31.44 -9.20 -10.76
N GLU J 461 -30.51 -8.69 -9.93
CA GLU J 461 -30.73 -7.38 -9.35
C GLU J 461 -30.56 -6.27 -10.38
N GLN J 462 -29.84 -6.50 -11.47
CA GLN J 462 -29.81 -5.52 -12.55
C GLN J 462 -31.19 -5.38 -13.17
N VAL J 463 -31.88 -6.50 -13.41
CA VAL J 463 -33.23 -6.43 -13.95
C VAL J 463 -34.18 -5.82 -12.92
N LEU J 464 -33.98 -6.13 -11.64
CA LEU J 464 -34.79 -5.50 -10.60
C LEU J 464 -34.61 -4.00 -10.59
N SER J 465 -33.36 -3.53 -10.72
CA SER J 465 -33.10 -2.11 -10.78
C SER J 465 -33.74 -1.48 -12.02
N LEU J 466 -33.67 -2.17 -13.16
CA LEU J 466 -34.33 -1.66 -14.35
C LEU J 466 -35.83 -1.52 -14.13
N ILE J 467 -36.45 -2.52 -13.51
CA ILE J 467 -37.89 -2.47 -13.24
C ILE J 467 -38.21 -1.30 -12.33
N GLU J 468 -37.43 -1.13 -11.26
CA GLU J 468 -37.69 -0.06 -10.31
C GLU J 468 -37.53 1.31 -10.97
N ARG J 469 -36.47 1.48 -11.74
CA ARG J 469 -36.25 2.77 -12.42
C ARG J 469 -37.37 3.06 -13.40
N LEU J 470 -37.85 2.04 -14.11
CA LEU J 470 -38.99 2.24 -15.00
C LEU J 470 -40.22 2.67 -14.23
N PHE J 471 -40.47 2.03 -13.09
CA PHE J 471 -41.67 2.35 -12.32
C PHE J 471 -41.58 3.71 -11.64
N LYS J 472 -40.38 4.21 -11.37
CA LYS J 472 -40.25 5.52 -10.75
C LYS J 472 -40.57 6.65 -11.71
N LEU J 473 -40.56 6.39 -13.02
CA LEU J 473 -40.87 7.41 -14.00
C LEU J 473 -42.35 7.76 -13.96
N PRO J 474 -42.74 8.92 -14.49
CA PRO J 474 -44.16 9.24 -14.61
C PRO J 474 -44.92 8.15 -15.33
N GLN J 475 -45.85 7.52 -14.61
CA GLN J 475 -46.53 6.33 -15.13
C GLN J 475 -47.29 6.64 -16.41
N LEU J 476 -47.75 7.88 -16.57
CA LEU J 476 -48.44 8.24 -17.80
C LEU J 476 -47.52 8.22 -19.01
N ALA J 477 -46.20 8.23 -18.80
CA ALA J 477 -45.24 8.26 -19.89
C ALA J 477 -44.67 6.90 -20.23
N ILE J 478 -45.07 5.84 -19.53
CA ILE J 478 -44.52 4.51 -19.74
C ILE J 478 -45.59 3.66 -20.41
N PRO J 479 -45.37 3.18 -21.64
CA PRO J 479 -46.34 2.28 -22.26
C PRO J 479 -46.37 0.94 -21.56
N LYS J 480 -47.53 0.28 -21.66
CA LYS J 480 -47.67 -1.03 -21.01
C LYS J 480 -46.74 -2.06 -21.63
N ASP J 481 -46.41 -1.90 -22.91
CA ASP J 481 -45.57 -2.89 -23.58
C ASP J 481 -44.17 -2.93 -22.98
N LEU J 482 -43.59 -1.77 -22.67
CA LEU J 482 -42.26 -1.75 -22.07
C LEU J 482 -42.26 -2.44 -20.71
N LEU J 483 -43.25 -2.13 -19.88
CA LEU J 483 -43.35 -2.78 -18.57
C LEU J 483 -43.54 -4.28 -18.72
N ILE J 484 -44.38 -4.69 -19.68
CA ILE J 484 -44.59 -6.11 -19.91
C ILE J 484 -43.29 -6.78 -20.31
N GLU J 485 -42.53 -6.15 -21.21
CA GLU J 485 -41.27 -6.73 -21.66
C GLU J 485 -40.27 -6.86 -20.50
N SER J 486 -40.13 -5.80 -19.71
CA SER J 486 -39.17 -5.85 -18.61
C SER J 486 -39.58 -6.88 -17.56
N MET J 487 -40.86 -6.91 -17.19
CA MET J 487 -41.34 -7.89 -16.23
C MET J 487 -41.20 -9.31 -16.76
N SER J 488 -41.44 -9.52 -18.05
CA SER J 488 -41.25 -10.85 -18.63
C SER J 488 -39.79 -11.26 -18.59
N GLN J 489 -38.88 -10.32 -18.86
CA GLN J 489 -37.46 -10.62 -18.75
C GLN J 489 -37.11 -11.03 -17.32
N LEU J 490 -37.63 -10.31 -16.34
CA LEU J 490 -37.41 -10.68 -14.95
C LEU J 490 -37.97 -12.07 -14.65
N SER J 491 -39.17 -12.35 -15.16
CA SER J 491 -39.81 -13.64 -14.90
C SER J 491 -39.00 -14.79 -15.49
N ARG J 492 -38.53 -14.64 -16.72
CA ARG J 492 -37.77 -15.73 -17.33
C ARG J 492 -36.32 -15.75 -16.88
N LEU J 493 -35.88 -14.73 -16.13
CA LEU J 493 -34.58 -14.82 -15.48
C LEU J 493 -34.66 -15.46 -14.11
N ILE J 494 -35.71 -15.19 -13.35
CA ILE J 494 -35.79 -15.71 -11.98
C ILE J 494 -35.96 -17.22 -11.98
N ILE J 495 -36.82 -17.75 -12.85
CA ILE J 495 -37.04 -19.18 -12.96
C ILE J 495 -36.50 -19.65 -14.30
N GLU J 496 -35.59 -20.61 -14.25
CA GLU J 496 -35.06 -21.26 -15.44
C GLU J 496 -35.20 -22.76 -15.25
N ASN J 497 -34.84 -23.51 -16.29
CA ASN J 497 -34.95 -24.97 -16.33
C ASN J 497 -36.39 -25.45 -16.15
N THR J 498 -37.36 -24.56 -16.21
CA THR J 498 -38.77 -24.90 -16.05
C THR J 498 -39.41 -25.16 -17.40
N THR J 499 -40.52 -25.88 -17.36
CA THR J 499 -41.27 -26.17 -18.57
C THR J 499 -41.77 -24.89 -19.20
N PHE J 500 -41.82 -24.87 -20.53
CA PHE J 500 -42.31 -23.69 -21.25
C PHE J 500 -43.73 -23.34 -20.82
N GLU J 501 -44.51 -24.34 -20.39
CA GLU J 501 -45.84 -24.07 -19.88
C GLU J 501 -45.80 -23.16 -18.66
N TYR J 502 -44.88 -23.42 -17.74
CA TYR J 502 -44.79 -22.64 -16.52
C TYR J 502 -44.43 -21.19 -16.82
N LYS J 503 -43.44 -20.98 -17.70
CA LYS J 503 -43.05 -19.63 -18.08
C LYS J 503 -44.19 -18.92 -18.80
N ASN J 504 -44.91 -19.64 -19.67
CA ASN J 504 -46.04 -19.02 -20.37
C ASN J 504 -47.13 -18.60 -19.39
N THR J 505 -47.43 -19.44 -18.40
CA THR J 505 -48.44 -19.09 -17.42
C THR J 505 -48.02 -17.86 -16.62
N LEU J 506 -46.76 -17.83 -16.19
CA LEU J 506 -46.27 -16.68 -15.43
C LEU J 506 -46.32 -15.41 -16.27
N ASN J 507 -45.90 -15.49 -17.53
CA ASN J 507 -45.93 -14.31 -18.39
C ASN J 507 -47.34 -13.82 -18.65
N ASP J 508 -48.28 -14.75 -18.86
CA ASP J 508 -49.66 -14.33 -19.07
C ASP J 508 -50.24 -13.66 -17.83
N ALA J 509 -49.94 -14.20 -16.64
CA ALA J 509 -50.40 -13.56 -15.41
C ALA J 509 -49.80 -12.16 -15.28
N ILE J 510 -48.51 -12.03 -15.58
CA ILE J 510 -47.86 -10.72 -15.53
C ILE J 510 -48.53 -9.75 -16.48
N ILE J 511 -48.82 -10.20 -17.70
CA ILE J 511 -49.44 -9.32 -18.69
C ILE J 511 -50.80 -8.86 -18.21
N SER J 512 -51.61 -9.78 -17.70
CA SER J 512 -52.94 -9.41 -17.23
C SER J 512 -52.86 -8.43 -16.07
N ASN J 513 -51.97 -8.68 -15.12
CA ASN J 513 -51.85 -7.81 -13.96
C ASN J 513 -51.36 -6.42 -14.35
N ILE J 514 -50.38 -6.35 -15.26
CA ILE J 514 -49.87 -5.06 -15.71
C ILE J 514 -50.96 -4.29 -16.45
N ASP J 515 -51.74 -4.99 -17.28
CA ASP J 515 -52.84 -4.33 -17.98
C ASP J 515 -53.85 -3.75 -16.99
N GLU J 516 -54.20 -4.54 -15.96
CA GLU J 516 -55.12 -4.04 -14.95
C GLU J 516 -54.58 -2.82 -14.24
N TYR J 517 -53.30 -2.85 -13.85
CA TYR J 517 -52.71 -1.71 -13.15
C TYR J 517 -52.67 -0.48 -14.04
N LEU J 518 -52.29 -0.65 -15.31
CA LEU J 518 -52.23 0.49 -16.22
C LEU J 518 -53.62 1.08 -16.44
N ASN J 519 -54.63 0.22 -16.61
CA ASN J 519 -55.98 0.72 -16.78
C ASN J 519 -56.45 1.46 -15.54
N SER J 520 -56.12 0.94 -14.36
CA SER J 520 -56.51 1.59 -13.11
C SER J 520 -55.89 2.97 -13.01
N VAL J 521 -54.58 3.08 -13.29
CA VAL J 521 -53.93 4.38 -13.17
C VAL J 521 -54.45 5.32 -14.25
N LYS J 522 -54.77 4.80 -15.43
CA LYS J 522 -55.33 5.65 -16.49
C LYS J 522 -56.67 6.22 -16.08
N LYS J 523 -57.57 5.38 -15.56
CA LYS J 523 -58.88 5.88 -15.14
C LYS J 523 -58.77 6.77 -13.90
N GLN J 524 -57.76 6.58 -13.07
CA GLN J 524 -57.52 7.52 -11.97
C GLN J 524 -57.09 8.88 -12.52
N SER J 525 -56.19 8.89 -13.50
CA SER J 525 -55.73 10.14 -14.08
C SER J 525 -56.83 10.85 -14.85
N ASN J 526 -57.76 10.10 -15.44
CA ASN J 526 -58.83 10.71 -16.22
C ASN J 526 -59.71 11.60 -15.35
N ASP J 527 -60.03 11.14 -14.14
CA ASP J 527 -60.85 11.93 -13.23
C ASP J 527 -60.12 12.19 -11.91
N MET K 1 -36.76 -35.34 -54.96
CA MET K 1 -37.67 -35.94 -55.93
C MET K 1 -37.82 -37.44 -55.65
N LEU K 2 -38.57 -38.12 -56.51
CA LEU K 2 -38.89 -39.53 -56.32
C LEU K 2 -37.86 -40.39 -57.02
N TYR K 3 -37.06 -41.12 -56.26
CA TYR K 3 -36.11 -42.07 -56.80
C TYR K 3 -36.66 -43.49 -56.64
N THR K 4 -36.57 -44.29 -57.70
CA THR K 4 -37.05 -45.66 -57.66
C THR K 4 -36.06 -46.64 -58.29
N ASP K 5 -34.82 -46.23 -58.52
CA ASP K 5 -33.83 -47.06 -59.18
C ASP K 5 -32.75 -47.46 -58.19
N SER K 6 -32.45 -48.75 -58.13
CA SER K 6 -31.36 -49.23 -57.30
C SER K 6 -30.03 -48.68 -57.82
N LEU K 7 -29.14 -48.36 -56.89
CA LEU K 7 -27.87 -47.74 -57.23
C LEU K 7 -26.73 -48.59 -56.67
N ASN K 8 -25.64 -48.67 -57.45
CA ASN K 8 -24.47 -49.41 -57.00
C ASN K 8 -23.77 -48.66 -55.87
N TYR K 9 -22.94 -49.41 -55.13
CA TYR K 9 -22.25 -48.82 -53.98
C TYR K 9 -21.38 -47.64 -54.39
N LYS K 10 -20.82 -47.67 -55.59
CA LYS K 10 -20.00 -46.54 -56.05
C LYS K 10 -20.84 -45.28 -56.15
N GLN K 11 -22.05 -45.38 -56.68
CA GLN K 11 -22.91 -44.20 -56.79
C GLN K 11 -23.30 -43.67 -55.41
N LEU K 12 -23.64 -44.55 -54.48
CA LEU K 12 -24.01 -44.09 -53.14
C LEU K 12 -22.82 -43.44 -52.43
N SER K 13 -21.64 -44.04 -52.56
CA SER K 13 -20.51 -43.66 -51.71
C SER K 13 -19.76 -42.44 -52.23
N THR K 14 -20.24 -41.79 -53.29
CA THR K 14 -19.53 -40.64 -53.82
C THR K 14 -19.55 -39.48 -52.82
N VAL K 15 -18.49 -38.70 -52.81
CA VAL K 15 -18.34 -37.55 -51.93
C VAL K 15 -17.87 -36.36 -52.77
N SER K 16 -18.49 -35.21 -52.56
CA SER K 16 -18.12 -34.03 -53.32
C SER K 16 -16.69 -33.61 -53.02
N ASP K 17 -16.08 -32.94 -54.00
CA ASP K 17 -14.66 -32.60 -53.88
C ASP K 17 -14.40 -31.69 -52.70
N ASP K 18 -15.25 -30.69 -52.49
CA ASP K 18 -15.04 -29.77 -51.37
C ASP K 18 -15.15 -30.52 -50.04
N MET K 19 -16.12 -31.42 -49.91
CA MET K 19 -16.21 -32.23 -48.70
C MET K 19 -15.02 -33.15 -48.56
N GLN K 20 -14.55 -33.73 -49.68
CA GLN K 20 -13.36 -34.57 -49.62
C GLN K 20 -12.15 -33.79 -49.12
N SER K 21 -12.06 -32.50 -49.49
CA SER K 21 -10.93 -31.70 -49.04
C SER K 21 -11.10 -31.28 -47.58
N TYR K 22 -12.33 -30.99 -47.17
CA TYR K 22 -12.56 -30.40 -45.85
C TYR K 22 -12.67 -31.42 -44.73
N LEU K 23 -13.20 -32.61 -44.99
CA LEU K 23 -13.39 -33.58 -43.92
C LEU K 23 -12.11 -33.98 -43.20
N PRO K 24 -10.99 -34.25 -43.86
CA PRO K 24 -9.78 -34.64 -43.09
C PRO K 24 -9.33 -33.59 -42.09
N VAL K 25 -9.33 -32.32 -42.46
CA VAL K 25 -8.87 -31.29 -41.52
C VAL K 25 -9.86 -31.15 -40.37
N ALA K 26 -11.15 -31.28 -40.67
CA ALA K 26 -12.16 -31.23 -39.60
C ALA K 26 -11.97 -32.39 -38.63
N LYS K 27 -11.71 -33.58 -39.15
CA LYS K 27 -11.46 -34.73 -38.27
C LYS K 27 -10.21 -34.53 -37.44
N GLU K 28 -9.15 -33.99 -38.05
CA GLU K 28 -7.92 -33.74 -37.30
C GLU K 28 -8.15 -32.74 -36.18
N ILE K 29 -8.86 -31.65 -36.48
CA ILE K 29 -9.10 -30.62 -35.46
C ILE K 29 -9.99 -31.18 -34.36
N ALA K 30 -11.00 -31.96 -34.71
CA ALA K 30 -11.87 -32.55 -33.70
C ALA K 30 -11.10 -33.50 -32.80
N LYS K 31 -10.23 -34.33 -33.39
CA LYS K 31 -9.43 -35.24 -32.59
C LYS K 31 -8.50 -34.48 -31.66
N ILE K 32 -7.87 -33.42 -32.16
CA ILE K 32 -6.96 -32.64 -31.32
C ILE K 32 -7.72 -31.99 -30.17
N ALA K 33 -8.89 -31.41 -30.46
CA ALA K 33 -9.62 -30.67 -29.43
C ALA K 33 -10.21 -31.60 -28.39
N GLN K 34 -10.86 -32.69 -28.82
CA GLN K 34 -11.50 -33.59 -27.87
C GLN K 34 -10.49 -34.27 -26.97
N GLY K 35 -9.36 -34.69 -27.53
CA GLY K 35 -8.34 -35.35 -26.72
C GLY K 35 -8.87 -36.64 -26.11
N GLY K 36 -8.60 -36.82 -24.82
CA GLY K 36 -9.08 -38.01 -24.15
C GLY K 36 -8.28 -39.24 -24.53
N HIS K 37 -8.91 -40.40 -24.29
CA HIS K 37 -8.25 -41.67 -24.58
C HIS K 37 -8.10 -41.94 -26.06
N GLU K 38 -8.84 -41.22 -26.92
CA GLU K 38 -8.75 -41.44 -28.34
C GLU K 38 -7.41 -40.99 -28.93
N LEU K 39 -6.64 -40.20 -28.20
CA LEU K 39 -5.36 -39.73 -28.69
C LEU K 39 -4.37 -40.88 -28.83
N ASP K 40 -3.62 -40.87 -29.92
CA ASP K 40 -2.56 -41.84 -30.15
C ASP K 40 -1.22 -41.14 -30.04
N PRO K 41 -0.38 -41.49 -29.04
CA PRO K 41 0.88 -40.77 -28.87
C PRO K 41 1.80 -40.84 -30.09
N GLU K 42 1.72 -41.93 -30.87
CA GLU K 42 2.57 -42.09 -32.04
C GLU K 42 2.45 -40.89 -32.98
N ASP K 43 1.24 -40.37 -33.14
CA ASP K 43 0.99 -39.27 -34.06
C ASP K 43 1.57 -37.94 -33.57
N TYR K 44 2.01 -37.85 -32.32
CA TYR K 44 2.48 -36.59 -31.75
C TYR K 44 3.86 -36.76 -31.16
N LEU K 45 4.75 -37.40 -31.93
CA LEU K 45 6.12 -37.65 -31.50
C LEU K 45 7.07 -36.71 -32.21
N LEU K 46 7.87 -35.98 -31.44
CA LEU K 46 8.98 -35.20 -32.00
C LEU K 46 10.28 -36.01 -31.92
N ILE K 47 10.23 -37.18 -32.54
CA ILE K 47 11.33 -38.13 -32.47
C ILE K 47 12.56 -37.57 -33.17
N ARG K 48 13.74 -37.87 -32.62
CA ARG K 48 15.00 -37.46 -33.21
C ARG K 48 15.33 -38.39 -34.39
N ASP K 49 14.47 -38.34 -35.40
CA ASP K 49 14.72 -38.95 -36.70
C ASP K 49 14.98 -40.46 -36.58
N GLU K 50 13.96 -41.17 -36.12
CA GLU K 50 13.96 -42.63 -36.11
C GLU K 50 15.11 -43.21 -35.29
N GLU K 51 15.06 -42.97 -33.98
CA GLU K 51 15.99 -43.60 -33.06
C GLU K 51 15.48 -44.99 -32.71
N SER K 52 16.14 -45.67 -31.78
CA SER K 52 15.78 -47.03 -31.44
C SER K 52 14.34 -47.10 -30.95
N PRO K 53 13.56 -48.09 -31.37
CA PRO K 53 12.14 -48.17 -30.94
C PRO K 53 11.98 -48.34 -29.44
N GLY K 54 12.95 -48.91 -28.74
CA GLY K 54 12.82 -49.06 -27.30
C GLY K 54 12.67 -47.73 -26.59
N VAL K 55 13.55 -46.78 -26.91
CA VAL K 55 13.43 -45.45 -26.33
C VAL K 55 12.17 -44.76 -26.81
N THR K 56 11.72 -45.03 -28.03
CA THR K 56 10.47 -44.44 -28.50
C THR K 56 9.29 -44.91 -27.65
N LYS K 57 9.23 -46.20 -27.35
CA LYS K 57 8.14 -46.70 -26.52
C LYS K 57 8.28 -46.21 -25.08
N LYS K 58 9.51 -46.07 -24.58
CA LYS K 58 9.70 -45.52 -23.24
C LYS K 58 9.21 -44.08 -23.18
N ARG K 59 9.47 -43.31 -24.23
CA ARG K 59 8.96 -41.94 -24.31
C ARG K 59 7.44 -41.92 -24.40
N ILE K 60 6.87 -42.83 -25.18
CA ILE K 60 5.42 -42.91 -25.31
C ILE K 60 4.77 -43.22 -23.98
N GLU K 61 5.42 -44.02 -23.14
CA GLU K 61 4.88 -44.33 -21.82
C GLU K 61 4.68 -43.08 -20.98
N LYS K 62 5.38 -41.98 -21.30
CA LYS K 62 5.29 -40.75 -20.55
C LYS K 62 4.40 -39.73 -21.24
N PHE K 63 3.33 -40.18 -21.90
CA PHE K 63 2.42 -39.30 -22.63
C PHE K 63 1.33 -38.82 -21.67
N ALA K 64 1.35 -37.53 -21.36
CA ALA K 64 0.34 -36.91 -20.49
C ALA K 64 -0.23 -35.72 -21.23
N PRO K 65 -1.28 -35.92 -22.03
CA PRO K 65 -1.81 -34.83 -22.85
C PRO K 65 -2.48 -33.77 -21.99
N GLU K 66 -2.08 -32.52 -22.21
CA GLU K 66 -2.69 -31.37 -21.55
C GLU K 66 -3.52 -30.64 -22.60
N ASN K 67 -4.80 -30.97 -22.66
CA ASN K 67 -5.70 -30.46 -23.70
C ASN K 67 -6.21 -29.09 -23.27
N TYR K 68 -5.33 -28.09 -23.41
CA TYR K 68 -5.74 -26.72 -23.14
C TYR K 68 -6.79 -26.24 -24.13
N LEU K 69 -6.75 -26.75 -25.36
CA LEU K 69 -7.80 -26.43 -26.32
C LEU K 69 -9.15 -26.94 -25.85
N GLY K 70 -9.19 -28.14 -25.29
CA GLY K 70 -10.43 -28.63 -24.71
C GLY K 70 -10.91 -27.75 -23.57
N ALA K 71 -9.99 -27.26 -22.75
CA ALA K 71 -10.36 -26.36 -21.67
C ALA K 71 -10.94 -25.06 -22.22
N ALA K 72 -10.34 -24.53 -23.29
CA ALA K 72 -10.87 -23.31 -23.89
C ALA K 72 -12.26 -23.53 -24.48
N ILE K 73 -12.47 -24.68 -25.13
CA ILE K 73 -13.79 -24.99 -25.67
C ILE K 73 -14.81 -25.10 -24.55
N ARG K 74 -14.43 -25.77 -23.47
CA ARG K 74 -15.30 -25.88 -22.31
C ARG K 74 -15.64 -24.51 -21.74
N LEU K 75 -14.65 -23.63 -21.64
CA LEU K 75 -14.87 -22.30 -21.11
C LEU K 75 -15.84 -21.51 -21.99
N GLN K 76 -15.63 -21.56 -23.31
CA GLN K 76 -16.51 -20.85 -24.21
C GLN K 76 -17.93 -21.38 -24.15
N ARG K 77 -18.08 -22.71 -24.11
CA ARG K 77 -19.42 -23.30 -24.02
C ARG K 77 -20.11 -22.89 -22.74
N VAL K 78 -19.39 -22.91 -21.62
CA VAL K 78 -19.99 -22.54 -20.34
C VAL K 78 -20.38 -21.07 -20.33
N LEU K 79 -19.50 -20.21 -20.83
CA LEU K 79 -19.80 -18.78 -20.88
C LEU K 79 -21.03 -18.51 -21.73
N GLN K 80 -21.14 -19.18 -22.89
CA GLN K 80 -22.32 -18.99 -23.71
C GLN K 80 -23.57 -19.54 -23.03
N LYS K 81 -23.44 -20.67 -22.34
CA LYS K 81 -24.55 -21.23 -21.58
C LYS K 81 -25.02 -20.29 -20.49
N SER K 82 -24.14 -19.43 -19.99
CA SER K 82 -24.52 -18.48 -18.95
C SER K 82 -25.58 -17.49 -19.42
N GLY K 83 -25.79 -17.35 -20.72
CA GLY K 83 -26.78 -16.41 -21.21
C GLY K 83 -28.20 -16.93 -21.04
N VAL K 84 -29.14 -16.13 -21.51
CA VAL K 84 -30.57 -16.41 -21.39
C VAL K 84 -31.16 -16.49 -22.80
N LEU K 85 -31.92 -17.54 -23.06
CA LEU K 85 -32.63 -17.70 -24.32
C LEU K 85 -34.12 -17.81 -24.03
N GLU K 86 -34.91 -16.94 -24.65
CA GLU K 86 -36.33 -16.84 -24.37
C GLU K 86 -37.12 -16.85 -25.68
N ILE K 87 -38.29 -17.48 -25.64
CA ILE K 87 -39.19 -17.57 -26.79
C ILE K 87 -40.47 -16.85 -26.43
N LYS K 88 -40.88 -15.91 -27.28
CA LYS K 88 -42.13 -15.19 -27.06
C LYS K 88 -43.30 -16.00 -27.56
N SER K 89 -44.16 -16.43 -26.64
CA SER K 89 -45.22 -17.38 -26.98
C SER K 89 -46.20 -16.82 -28.00
N ASP K 90 -46.55 -15.54 -27.87
CA ASP K 90 -47.58 -14.95 -28.73
C ASP K 90 -47.18 -14.98 -30.21
N SER K 91 -45.89 -15.00 -30.52
CA SER K 91 -45.43 -15.03 -31.90
C SER K 91 -45.43 -16.43 -32.50
N LEU K 92 -45.66 -17.46 -31.71
CA LEU K 92 -45.68 -18.81 -32.24
C LEU K 92 -46.96 -19.03 -33.02
N PRO K 93 -46.88 -19.45 -34.28
CA PRO K 93 -48.10 -19.71 -35.05
C PRO K 93 -48.81 -20.95 -34.56
N GLY K 94 -50.10 -21.03 -34.87
CA GLY K 94 -50.87 -22.20 -34.50
C GLY K 94 -51.15 -22.27 -33.00
N ASP K 95 -51.58 -23.45 -32.59
CA ASP K 95 -51.90 -23.70 -31.20
C ASP K 95 -50.66 -23.59 -30.33
N LEU K 96 -50.81 -22.95 -29.18
CA LEU K 96 -49.70 -22.85 -28.24
C LEU K 96 -49.47 -24.14 -27.46
N THR K 97 -50.54 -24.90 -27.22
CA THR K 97 -50.41 -26.13 -26.44
C THR K 97 -49.47 -27.13 -27.11
N VAL K 98 -49.58 -27.28 -28.42
CA VAL K 98 -48.70 -28.21 -29.13
C VAL K 98 -47.27 -27.69 -29.09
N TRP K 99 -47.07 -26.37 -29.16
CA TRP K 99 -45.72 -25.82 -29.04
C TRP K 99 -45.12 -26.14 -27.69
N GLU K 100 -45.90 -26.00 -26.62
CA GLU K 100 -45.40 -26.31 -25.29
C GLU K 100 -45.10 -27.81 -25.16
N SER K 101 -45.98 -28.65 -25.70
CA SER K 101 -45.74 -30.09 -25.64
C SER K 101 -44.45 -30.45 -26.36
N PHE K 102 -44.20 -29.85 -27.52
CA PHE K 102 -42.96 -30.08 -28.23
C PHE K 102 -41.77 -29.58 -27.41
N PHE K 103 -41.90 -28.40 -26.80
CA PHE K 103 -40.80 -27.84 -26.03
C PHE K 103 -40.51 -28.61 -24.75
N ASN K 104 -41.42 -29.50 -24.34
CA ASN K 104 -41.10 -30.39 -23.23
C ASN K 104 -39.88 -31.25 -23.55
N LYS K 105 -39.82 -31.78 -24.78
CA LYS K 105 -38.69 -32.61 -25.23
C LYS K 105 -38.45 -32.28 -26.70
N VAL K 106 -37.44 -31.44 -26.97
CA VAL K 106 -37.18 -31.00 -28.33
C VAL K 106 -36.38 -32.02 -29.14
N ASP K 107 -35.83 -33.05 -28.51
CA ASP K 107 -35.05 -34.04 -29.24
C ASP K 107 -35.05 -35.35 -28.46
N LYS K 108 -34.48 -36.38 -29.08
CA LYS K 108 -34.43 -37.69 -28.45
C LYS K 108 -33.50 -37.74 -27.25
N ARG K 109 -32.66 -36.72 -27.06
CA ARG K 109 -31.76 -36.65 -25.92
C ARG K 109 -32.39 -35.99 -24.70
N ASN K 110 -33.67 -35.64 -24.78
CA ASN K 110 -34.48 -35.08 -23.70
C ASN K 110 -34.06 -33.68 -23.30
N SER K 111 -33.06 -33.09 -23.94
CA SER K 111 -32.62 -31.74 -23.60
C SER K 111 -33.68 -30.71 -24.00
N SER K 112 -33.68 -29.59 -23.29
CA SER K 112 -34.58 -28.50 -23.61
C SER K 112 -34.06 -27.75 -24.83
N LEU K 113 -34.82 -26.72 -25.26
CA LEU K 113 -34.45 -25.97 -26.46
C LEU K 113 -33.11 -25.27 -26.27
N LYS K 114 -32.93 -24.60 -25.14
CA LYS K 114 -31.67 -23.90 -24.89
C LYS K 114 -30.51 -24.88 -24.82
N ASP K 115 -30.71 -26.02 -24.16
CA ASP K 115 -29.64 -27.01 -24.06
C ASP K 115 -29.27 -27.55 -25.44
N PHE K 116 -30.27 -27.83 -26.26
CA PHE K 116 -30.00 -28.34 -27.61
C PHE K 116 -29.26 -27.30 -28.44
N VAL K 117 -29.68 -26.04 -28.36
CA VAL K 117 -29.01 -25.01 -29.15
C VAL K 117 -27.59 -24.81 -28.66
N ILE K 118 -27.36 -24.90 -27.36
CA ILE K 118 -25.99 -24.77 -26.85
C ILE K 118 -25.14 -25.95 -27.28
N ASP K 119 -25.72 -27.15 -27.34
CA ASP K 119 -24.98 -28.29 -27.84
C ASP K 119 -24.63 -28.13 -29.31
N VAL K 120 -25.56 -27.59 -30.10
CA VAL K 120 -25.27 -27.30 -31.50
C VAL K 120 -24.16 -26.27 -31.62
N PHE K 121 -24.22 -25.24 -30.78
CA PHE K 121 -23.16 -24.23 -30.77
C PHE K 121 -21.82 -24.83 -30.42
N THR K 122 -21.79 -25.75 -29.45
CA THR K 122 -20.54 -26.40 -29.07
C THR K 122 -20.00 -27.25 -30.21
N GLU K 123 -20.88 -28.01 -30.88
CA GLU K 123 -20.43 -28.83 -31.99
C GLU K 123 -19.86 -27.96 -33.10
N ALA K 124 -20.50 -26.82 -33.39
CA ALA K 124 -19.93 -25.89 -34.35
C ALA K 124 -18.63 -25.29 -33.87
N LEU K 125 -18.51 -25.07 -32.57
CA LEU K 125 -17.32 -24.46 -32.00
C LEU K 125 -16.11 -25.37 -32.17
N VAL K 126 -16.27 -26.66 -31.92
CA VAL K 126 -15.15 -27.57 -32.14
C VAL K 126 -14.87 -27.74 -33.62
N ASN K 127 -15.92 -27.78 -34.44
CA ASN K 127 -15.77 -27.85 -35.90
C ASN K 127 -17.02 -27.28 -36.53
N LYS K 128 -16.85 -26.32 -37.45
CA LYS K 128 -17.98 -25.56 -37.97
C LYS K 128 -18.96 -26.44 -38.74
N TYR K 129 -20.05 -25.84 -39.21
CA TYR K 129 -21.07 -26.52 -40.00
C TYR K 129 -21.70 -27.67 -39.21
N CYS K 130 -22.41 -27.29 -38.15
CA CYS K 130 -23.22 -28.25 -37.41
C CYS K 130 -24.58 -28.38 -38.09
N TYR K 131 -24.97 -29.61 -38.42
CA TYR K 131 -26.18 -29.87 -39.18
C TYR K 131 -27.25 -30.45 -38.29
N VAL K 132 -28.47 -29.92 -38.40
CA VAL K 132 -29.62 -30.38 -37.64
C VAL K 132 -30.74 -30.70 -38.59
N GLN K 133 -31.44 -31.80 -38.34
CA GLN K 133 -32.59 -32.22 -39.14
C GLN K 133 -33.82 -32.32 -38.25
N VAL K 134 -34.97 -31.94 -38.80
CA VAL K 134 -36.24 -31.99 -38.09
C VAL K 134 -37.10 -33.06 -38.75
N GLU K 135 -37.52 -34.06 -37.97
CA GLU K 135 -38.30 -35.15 -38.53
C GLU K 135 -39.47 -35.49 -37.61
N LEU K 136 -40.19 -36.54 -37.98
CA LEU K 136 -41.41 -36.96 -37.28
C LEU K 136 -41.29 -38.43 -36.89
N SER K 137 -42.40 -38.98 -36.41
CA SER K 137 -42.52 -40.40 -36.17
C SER K 137 -43.32 -41.05 -37.30
N LYS K 138 -43.08 -42.34 -37.50
CA LYS K 138 -43.66 -43.07 -38.62
C LYS K 138 -44.79 -43.98 -38.15
N LEU K 139 -45.95 -43.87 -38.79
CA LEU K 139 -47.09 -44.71 -38.51
C LEU K 139 -47.67 -45.22 -39.83
N ASP K 140 -47.88 -46.53 -39.93
CA ASP K 140 -48.37 -47.15 -41.16
C ASP K 140 -49.54 -48.06 -40.82
N PHE K 141 -50.59 -47.99 -41.65
CA PHE K 141 -51.77 -48.82 -41.48
C PHE K 141 -52.33 -49.19 -42.84
N ASP K 142 -53.12 -50.26 -42.87
CA ASP K 142 -53.75 -50.76 -44.08
C ASP K 142 -55.23 -50.44 -44.08
N THR K 143 -55.85 -50.57 -45.25
CA THR K 143 -57.26 -50.25 -45.46
C THR K 143 -57.58 -48.85 -44.98
N VAL K 144 -56.72 -47.91 -45.35
CA VAL K 144 -56.81 -46.54 -44.85
C VAL K 144 -57.93 -45.81 -45.57
N THR K 145 -58.78 -45.14 -44.80
CA THR K 145 -59.82 -44.27 -45.32
C THR K 145 -59.37 -42.82 -45.18
N GLU K 146 -60.27 -41.89 -45.50
CA GLU K 146 -59.93 -40.47 -45.37
C GLU K 146 -59.73 -40.07 -43.91
N ALA K 147 -60.56 -40.62 -43.01
CA ALA K 147 -60.40 -40.31 -41.59
C ALA K 147 -59.08 -40.82 -41.04
N GLU K 148 -58.68 -42.02 -41.47
CA GLU K 148 -57.41 -42.57 -41.04
C GLU K 148 -56.24 -41.70 -41.51
N ALA K 149 -56.30 -41.24 -42.77
CA ALA K 149 -55.27 -40.34 -43.28
C ALA K 149 -55.24 -39.04 -42.50
N GLU K 150 -56.42 -38.49 -42.17
CA GLU K 150 -56.49 -37.27 -41.39
C GLU K 150 -55.85 -37.47 -40.02
N GLY K 151 -56.13 -38.59 -39.37
CA GLY K 151 -55.52 -38.88 -38.08
C GLY K 151 -54.01 -39.03 -38.18
N ILE K 152 -53.54 -39.71 -39.23
CA ILE K 152 -52.10 -39.89 -39.42
C ILE K 152 -51.43 -38.52 -39.61
N LEU K 153 -52.06 -37.65 -40.40
CA LEU K 153 -51.51 -36.31 -40.60
C LEU K 153 -51.50 -35.52 -39.30
N SER K 154 -52.54 -35.67 -38.48
CA SER K 154 -52.65 -34.92 -37.24
C SER K 154 -51.79 -35.48 -36.11
N THR K 155 -51.26 -36.69 -36.25
CA THR K 155 -50.47 -37.33 -35.20
C THR K 155 -48.96 -37.19 -35.44
N ARG K 156 -48.51 -36.07 -35.99
CA ARG K 156 -47.09 -35.87 -36.22
C ARG K 156 -46.43 -35.23 -35.00
N LYS K 157 -45.32 -35.83 -34.56
CA LYS K 157 -44.59 -35.36 -33.38
C LYS K 157 -43.14 -35.14 -33.78
N PRO K 158 -42.77 -33.92 -34.13
CA PRO K 158 -41.42 -33.67 -34.65
C PRO K 158 -40.38 -33.64 -33.55
N TYR K 159 -39.13 -33.84 -33.97
CA TYR K 159 -37.99 -33.75 -33.08
C TYR K 159 -36.73 -33.51 -33.91
N TYR K 160 -35.68 -33.11 -33.22
CA TYR K 160 -34.41 -32.72 -33.85
C TYR K 160 -33.41 -33.86 -33.79
N PHE K 161 -32.46 -33.82 -34.73
CA PHE K 161 -31.44 -34.85 -34.85
C PHE K 161 -30.17 -34.21 -35.40
N LYS K 162 -29.08 -34.32 -34.65
CA LYS K 162 -27.82 -33.70 -35.04
C LYS K 162 -27.05 -34.65 -35.93
N ILE K 163 -26.85 -34.26 -37.19
CA ILE K 163 -26.12 -35.07 -38.15
C ILE K 163 -24.62 -34.84 -37.95
N PRO K 164 -23.84 -35.88 -37.69
CA PRO K 164 -22.40 -35.69 -37.54
C PRO K 164 -21.78 -35.13 -38.81
N LEU K 165 -20.79 -34.25 -38.64
CA LEU K 165 -20.16 -33.63 -39.79
C LEU K 165 -19.45 -34.66 -40.65
N GLN K 166 -18.75 -35.61 -40.01
CA GLN K 166 -18.02 -36.63 -40.77
C GLN K 166 -18.95 -37.53 -41.56
N SER K 167 -20.24 -37.59 -41.21
CA SER K 167 -21.19 -38.39 -41.96
C SER K 167 -21.76 -37.65 -43.16
N ILE K 168 -21.47 -36.36 -43.30
CA ILE K 168 -21.94 -35.60 -44.46
C ILE K 168 -21.15 -36.03 -45.68
N MET K 169 -21.87 -36.31 -46.77
CA MET K 169 -21.23 -36.75 -48.00
C MET K 169 -21.26 -35.70 -49.10
N VAL K 170 -22.42 -35.10 -49.36
CA VAL K 170 -22.53 -34.05 -50.36
C VAL K 170 -23.74 -33.20 -50.01
N GLU K 171 -23.68 -31.91 -50.36
CA GLU K 171 -24.84 -31.07 -50.15
C GLU K 171 -24.80 -29.92 -51.14
N LYS K 172 -25.97 -29.59 -51.69
CA LYS K 172 -26.14 -28.40 -52.50
C LYS K 172 -26.88 -27.37 -51.66
N CYS K 173 -26.18 -26.27 -51.35
CA CYS K 173 -26.72 -25.21 -50.53
C CYS K 173 -26.27 -23.87 -51.08
N ASP K 174 -27.18 -22.91 -51.08
CA ASP K 174 -26.88 -21.54 -51.47
C ASP K 174 -26.96 -20.67 -50.22
N GLY K 175 -25.88 -19.94 -49.94
CA GLY K 175 -25.79 -19.20 -48.70
C GLY K 175 -25.83 -20.14 -47.52
N ASP K 176 -26.81 -19.95 -46.63
CA ASP K 176 -27.02 -20.87 -45.52
C ASP K 176 -28.15 -21.85 -45.74
N THR K 177 -29.12 -21.52 -46.59
CA THR K 177 -30.19 -22.45 -46.92
C THR K 177 -29.64 -23.62 -47.72
N ILE K 178 -30.13 -24.81 -47.41
CA ILE K 178 -29.64 -26.05 -48.01
C ILE K 178 -30.68 -26.54 -49.00
N GLN K 179 -30.32 -26.60 -50.28
CA GLN K 179 -31.25 -27.11 -51.28
C GLN K 179 -31.47 -28.60 -51.09
N TRP K 180 -30.40 -29.37 -50.96
CA TRP K 180 -30.55 -30.80 -50.68
C TRP K 180 -29.23 -31.32 -50.11
N ILE K 181 -29.30 -32.50 -49.50
CA ILE K 181 -28.11 -33.06 -48.86
C ILE K 181 -28.18 -34.58 -48.78
N LYS K 182 -27.08 -35.23 -49.15
CA LYS K 182 -26.92 -36.67 -49.00
C LYS K 182 -25.84 -36.95 -47.97
N TYR K 183 -26.19 -37.73 -46.95
CA TYR K 183 -25.25 -38.11 -45.89
C TYR K 183 -25.39 -39.60 -45.63
N LYS K 184 -24.53 -40.11 -44.75
CA LYS K 184 -24.49 -41.53 -44.41
C LYS K 184 -24.86 -41.72 -42.95
N ARG K 185 -25.27 -42.95 -42.63
CA ARG K 185 -25.73 -43.28 -41.28
C ARG K 185 -25.48 -44.75 -41.04
N LEU K 186 -24.59 -45.06 -40.11
CA LEU K 186 -24.29 -46.44 -39.72
C LEU K 186 -25.14 -46.78 -38.51
N ASP K 187 -26.17 -47.59 -38.70
CA ASP K 187 -27.07 -47.94 -37.61
C ASP K 187 -26.85 -49.38 -37.20
N LYS K 188 -26.64 -49.60 -35.91
CA LYS K 188 -26.30 -50.91 -35.38
C LYS K 188 -27.56 -51.57 -34.82
N ILE K 189 -27.88 -52.74 -35.36
CA ILE K 189 -28.93 -53.59 -34.80
C ILE K 189 -28.28 -54.45 -33.73
N ASP K 190 -28.61 -54.18 -32.48
CA ASP K 190 -28.04 -54.90 -31.34
C ASP K 190 -28.93 -56.07 -30.97
N ASN K 191 -28.33 -57.24 -30.88
CA ASN K 191 -29.05 -58.44 -30.46
C ASN K 191 -28.67 -58.76 -29.03
N PRO K 192 -29.65 -58.92 -28.13
CA PRO K 192 -29.31 -59.15 -26.72
C PRO K 192 -28.55 -60.43 -26.47
N PHE K 193 -28.59 -61.39 -27.39
CA PHE K 193 -27.90 -62.67 -27.22
C PHE K 193 -27.16 -63.06 -28.48
N ASP K 194 -26.55 -62.09 -29.16
CA ASP K 194 -25.82 -62.36 -30.39
C ASP K 194 -24.93 -61.17 -30.71
N LYS K 195 -24.04 -61.38 -31.67
CA LYS K 195 -23.12 -60.33 -32.10
C LYS K 195 -23.88 -59.17 -32.73
N THR K 196 -23.39 -57.96 -32.49
CA THR K 196 -24.02 -56.77 -33.07
C THR K 196 -23.95 -56.81 -34.58
N ILE K 197 -25.07 -56.51 -35.23
CA ILE K 197 -25.13 -56.41 -36.68
C ILE K 197 -25.11 -54.94 -37.05
N TYR K 198 -24.59 -54.63 -38.24
CA TYR K 198 -24.50 -53.26 -38.71
C TYR K 198 -25.22 -53.11 -40.04
N ASN K 199 -25.90 -51.97 -40.20
CA ASN K 199 -26.48 -51.58 -41.47
C ASN K 199 -25.95 -50.21 -41.86
N MET K 200 -25.84 -49.98 -43.16
CA MET K 200 -25.33 -48.73 -43.70
C MET K 200 -26.43 -48.10 -44.55
N SER K 201 -26.88 -46.92 -44.15
CA SER K 201 -27.93 -46.23 -44.88
C SER K 201 -27.36 -44.94 -45.47
N TYR K 202 -27.74 -44.66 -46.69
CA TYR K 202 -27.43 -43.40 -47.35
C TYR K 202 -28.73 -42.63 -47.51
N VAL K 203 -28.79 -41.47 -46.88
CA VAL K 203 -30.01 -40.67 -46.79
C VAL K 203 -29.83 -39.44 -47.66
N LEU K 204 -30.73 -39.28 -48.62
CA LEU K 204 -30.79 -38.10 -49.46
C LEU K 204 -32.04 -37.32 -49.13
N ILE K 205 -31.87 -36.10 -48.65
CA ILE K 205 -32.96 -35.21 -48.27
C ILE K 205 -33.07 -34.14 -49.34
N ASP K 206 -34.26 -34.03 -49.92
CA ASP K 206 -34.53 -33.17 -51.06
C ASP K 206 -35.57 -32.12 -50.67
N ASP K 207 -36.02 -31.36 -51.67
CA ASP K 207 -36.97 -30.28 -51.41
C ASP K 207 -38.30 -30.82 -50.88
N GLN K 208 -38.82 -31.88 -51.50
CA GLN K 208 -40.10 -32.43 -51.08
C GLN K 208 -40.08 -33.95 -50.92
N HIS K 209 -38.90 -34.58 -50.96
CA HIS K 209 -38.80 -36.02 -50.76
C HIS K 209 -37.58 -36.33 -49.92
N ILE K 210 -37.64 -37.47 -49.24
CA ILE K 210 -36.50 -38.01 -48.51
C ILE K 210 -36.39 -39.49 -48.85
N THR K 211 -35.18 -39.93 -49.18
CA THR K 211 -34.94 -41.28 -49.67
C THR K 211 -33.78 -41.90 -48.90
N THR K 212 -33.84 -43.23 -48.74
CA THR K 212 -32.79 -43.97 -48.05
C THR K 212 -32.45 -45.22 -48.85
N TRP K 213 -31.16 -45.45 -49.05
CA TRP K 213 -30.65 -46.70 -49.60
C TRP K 213 -29.94 -47.45 -48.49
N THR K 214 -30.36 -48.68 -48.23
CA THR K 214 -29.86 -49.41 -47.07
C THR K 214 -29.15 -50.69 -47.51
N TYR K 215 -27.94 -50.88 -47.01
CA TYR K 215 -27.20 -52.12 -47.12
C TYR K 215 -27.22 -52.82 -45.77
N TYR K 216 -27.68 -54.07 -45.77
CA TYR K 216 -27.95 -54.80 -44.55
C TYR K 216 -26.82 -55.76 -44.21
N ASP K 217 -26.51 -55.87 -42.92
CA ASP K 217 -25.52 -56.81 -42.41
C ASP K 217 -24.18 -56.63 -43.12
N ILE K 218 -23.61 -55.44 -42.93
CA ILE K 218 -22.36 -55.07 -43.57
C ILE K 218 -21.28 -54.98 -42.50
N ILE K 219 -20.04 -54.81 -42.96
CA ILE K 219 -18.89 -54.59 -42.08
C ILE K 219 -18.32 -53.22 -42.39
N VAL K 220 -18.13 -52.42 -41.35
CA VAL K 220 -17.58 -51.08 -41.54
C VAL K 220 -16.09 -51.19 -41.81
N SER K 221 -15.61 -50.39 -42.75
CA SER K 221 -14.20 -50.37 -43.12
C SER K 221 -13.47 -49.26 -42.38
N ASP K 222 -12.14 -49.32 -42.44
CA ASP K 222 -11.32 -48.32 -41.76
C ASP K 222 -11.50 -46.93 -42.34
N SER K 223 -11.98 -46.82 -43.58
CA SER K 223 -12.26 -45.53 -44.20
C SER K 223 -13.66 -45.03 -43.89
N GLY K 224 -14.40 -45.73 -43.03
CA GLY K 224 -15.77 -45.37 -42.73
C GLY K 224 -16.80 -45.91 -43.68
N GLY K 225 -16.38 -46.62 -44.73
CA GLY K 225 -17.28 -47.19 -45.70
C GLY K 225 -17.59 -48.65 -45.41
N ILE K 226 -18.01 -49.35 -46.46
CA ILE K 226 -18.37 -50.75 -46.38
C ILE K 226 -17.21 -51.59 -46.91
N SER K 227 -16.82 -52.60 -46.14
CA SER K 227 -15.77 -53.54 -46.55
C SER K 227 -16.35 -54.88 -46.99
N LYS K 228 -17.17 -55.50 -46.16
CA LYS K 228 -17.77 -56.79 -46.46
C LYS K 228 -19.27 -56.71 -46.21
N ILE K 229 -20.03 -57.49 -46.98
CA ILE K 229 -21.47 -57.58 -46.80
C ILE K 229 -21.87 -59.04 -46.68
N TRP K 230 -23.01 -59.26 -46.05
CA TRP K 230 -23.56 -60.60 -45.94
C TRP K 230 -24.13 -61.06 -47.27
N ASP K 231 -24.09 -62.37 -47.48
CA ASP K 231 -24.66 -62.97 -48.68
C ASP K 231 -25.25 -64.31 -48.27
N GLN K 232 -26.58 -64.40 -48.25
CA GLN K 232 -27.23 -65.64 -47.83
C GLN K 232 -26.96 -66.76 -48.82
N SER K 233 -26.88 -66.43 -50.11
CA SER K 233 -26.58 -67.44 -51.13
C SER K 233 -25.19 -68.02 -50.98
N LEU K 234 -24.28 -67.32 -50.31
CA LEU K 234 -22.92 -67.79 -50.13
C LEU K 234 -22.89 -69.01 -49.22
N ASN K 235 -21.70 -69.58 -49.05
CA ASN K 235 -21.49 -70.75 -48.21
C ASN K 235 -22.42 -71.89 -48.60
N TYR K 236 -22.51 -72.13 -49.91
CA TYR K 236 -23.40 -73.15 -50.47
C TYR K 236 -24.85 -72.91 -50.05
N GLY K 237 -25.23 -71.64 -49.97
CA GLY K 237 -26.56 -71.24 -49.58
C GLY K 237 -26.72 -70.95 -48.10
N LYS K 238 -25.71 -71.25 -47.28
CA LYS K 238 -25.82 -70.97 -45.86
C LYS K 238 -25.56 -69.50 -45.56
N GLY K 239 -24.79 -68.82 -46.39
CA GLY K 239 -24.53 -67.41 -46.22
C GLY K 239 -23.19 -67.15 -45.54
N ALA K 240 -22.52 -66.10 -45.98
CA ALA K 240 -21.22 -65.72 -45.45
C ALA K 240 -20.92 -64.27 -45.82
N TYR K 241 -19.83 -63.75 -45.31
CA TYR K 241 -19.41 -62.39 -45.61
C TYR K 241 -18.50 -62.38 -46.83
N ARG K 242 -18.83 -61.53 -47.81
CA ARG K 242 -18.05 -61.41 -49.03
C ARG K 242 -17.76 -59.96 -49.31
N SER K 243 -16.70 -59.72 -50.08
CA SER K 243 -16.26 -58.36 -50.35
C SER K 243 -17.33 -57.59 -51.12
N ILE K 244 -17.42 -56.29 -50.84
CA ILE K 244 -18.43 -55.44 -51.46
C ILE K 244 -18.07 -55.22 -52.92
N ASP K 245 -19.09 -55.29 -53.79
CA ASP K 245 -18.93 -55.03 -55.21
C ASP K 245 -19.42 -53.62 -55.51
N LYS K 246 -18.56 -52.80 -56.12
CA LYS K 246 -18.89 -51.41 -56.37
C LYS K 246 -19.79 -51.22 -57.58
N GLU K 247 -20.06 -52.27 -58.36
CA GLU K 247 -20.93 -52.16 -59.52
C GLU K 247 -22.12 -53.10 -59.50
N LYS K 248 -22.09 -54.18 -58.72
CA LYS K 248 -23.16 -55.16 -58.72
C LYS K 248 -23.98 -55.18 -57.45
N ASP K 249 -23.42 -54.74 -56.33
CA ASP K 249 -24.15 -54.69 -55.06
C ASP K 249 -24.97 -53.41 -55.03
N LYS K 250 -26.27 -53.55 -55.25
CA LYS K 250 -27.17 -52.40 -55.38
C LYS K 250 -28.18 -52.40 -54.25
N ALA K 251 -28.52 -51.22 -53.76
CA ALA K 251 -29.50 -51.03 -52.70
C ALA K 251 -30.77 -50.45 -53.28
N ASP K 252 -31.90 -51.03 -52.92
CA ASP K 252 -33.19 -50.54 -53.40
C ASP K 252 -33.62 -49.33 -52.58
N PRO K 253 -33.88 -48.19 -53.19
CA PRO K 253 -34.29 -47.01 -52.42
C PRO K 253 -35.66 -47.19 -51.80
N VAL K 254 -35.83 -46.57 -50.64
CA VAL K 254 -37.14 -46.39 -50.01
C VAL K 254 -37.31 -44.90 -49.75
N SER K 255 -38.35 -44.31 -50.33
CA SER K 255 -38.51 -42.87 -50.30
C SER K 255 -39.93 -42.51 -49.91
N PHE K 256 -40.07 -41.31 -49.35
CA PHE K 256 -41.39 -40.77 -49.07
C PHE K 256 -41.30 -39.25 -49.03
N ALA K 257 -42.45 -38.60 -49.22
CA ALA K 257 -42.54 -37.15 -49.30
C ALA K 257 -42.91 -36.61 -47.93
N HIS K 258 -42.06 -35.73 -47.39
CA HIS K 258 -42.34 -35.13 -46.10
C HIS K 258 -43.28 -33.93 -46.19
N ASN K 259 -43.55 -33.43 -47.39
CA ASN K 259 -44.50 -32.34 -47.61
C ASN K 259 -44.10 -31.08 -46.84
N ARG K 260 -42.81 -30.95 -46.51
CA ARG K 260 -42.35 -29.75 -45.84
C ARG K 260 -42.30 -28.56 -46.76
N GLY K 261 -42.18 -28.77 -48.08
CA GLY K 261 -42.00 -27.69 -49.01
C GLY K 261 -40.59 -27.18 -49.11
N SER K 262 -39.69 -27.63 -48.25
CA SER K 262 -38.29 -27.24 -48.28
C SER K 262 -37.50 -28.31 -47.57
N CYS K 263 -36.18 -28.28 -47.76
CA CYS K 263 -35.31 -29.28 -47.14
C CYS K 263 -35.35 -29.11 -45.63
N PRO K 264 -35.77 -30.12 -44.88
CA PRO K 264 -35.90 -29.96 -43.41
C PRO K 264 -34.58 -30.13 -42.68
N VAL K 265 -33.57 -29.38 -43.11
CA VAL K 265 -32.29 -29.33 -42.41
C VAL K 265 -31.87 -27.88 -42.26
N VAL K 266 -31.08 -27.62 -41.22
CA VAL K 266 -30.52 -26.30 -40.94
C VAL K 266 -29.07 -26.48 -40.58
N ARG K 267 -28.22 -25.62 -41.12
CA ARG K 267 -26.79 -25.66 -40.84
C ARG K 267 -26.40 -24.41 -40.05
N TYR K 268 -25.80 -24.62 -38.89
CA TYR K 268 -25.21 -23.54 -38.13
C TYR K 268 -23.74 -23.44 -38.51
N ARG K 269 -23.32 -22.24 -38.93
CA ARG K 269 -22.00 -22.00 -39.48
C ARG K 269 -21.35 -20.90 -38.67
N MET K 270 -20.42 -21.27 -37.79
CA MET K 270 -19.68 -20.26 -37.04
C MET K 270 -18.80 -19.44 -37.96
N ASP K 271 -18.79 -18.13 -37.75
CA ASP K 271 -18.02 -17.23 -38.60
C ASP K 271 -16.54 -17.56 -38.52
N GLU K 272 -15.84 -17.41 -39.65
CA GLU K 272 -14.44 -17.78 -39.72
C GLU K 272 -13.59 -16.97 -38.75
N SER K 273 -13.87 -15.67 -38.62
CA SER K 273 -13.12 -14.85 -37.69
C SER K 273 -13.35 -15.27 -36.25
N LEU K 274 -14.50 -15.89 -35.95
CA LEU K 274 -14.79 -16.35 -34.61
C LEU K 274 -14.34 -17.76 -34.34
N TYR K 275 -14.21 -18.59 -35.39
CA TYR K 275 -13.81 -19.98 -35.23
C TYR K 275 -12.33 -20.03 -34.88
N MET K 276 -12.04 -20.23 -33.59
CA MET K 276 -10.67 -20.20 -33.11
C MET K 276 -9.97 -21.56 -33.18
N ALA K 277 -10.73 -22.65 -33.21
CA ALA K 277 -10.12 -23.98 -33.19
C ALA K 277 -9.24 -24.21 -34.40
N ASP K 278 -9.50 -23.51 -35.51
CA ASP K 278 -8.69 -23.66 -36.71
C ASP K 278 -7.28 -23.13 -36.51
N GLN K 279 -7.05 -22.30 -35.50
CA GLN K 279 -5.79 -21.59 -35.36
C GLN K 279 -5.02 -21.99 -34.11
N VAL K 280 -5.44 -23.02 -33.39
CA VAL K 280 -4.77 -23.40 -32.16
C VAL K 280 -4.50 -24.90 -32.12
N TYR K 281 -5.12 -25.66 -33.02
CA TYR K 281 -5.00 -27.11 -32.97
C TYR K 281 -3.56 -27.54 -33.21
N LEU K 282 -2.86 -26.87 -34.14
CA LEU K 282 -1.44 -27.14 -34.33
C LEU K 282 -0.65 -26.83 -33.06
N ALA K 283 -0.98 -25.73 -32.39
CA ALA K 283 -0.34 -25.42 -31.13
C ALA K 283 -0.63 -26.50 -30.09
N GLN K 284 -1.84 -27.05 -30.10
CA GLN K 284 -2.17 -28.10 -29.14
C GLN K 284 -1.38 -29.37 -29.39
N ARG K 285 -1.23 -29.77 -30.66
CA ARG K 285 -0.44 -30.97 -30.93
C ARG K 285 1.03 -30.73 -30.65
N MET K 286 1.52 -29.52 -30.88
CA MET K 286 2.88 -29.18 -30.47
C MET K 286 3.02 -29.26 -28.95
N ILE K 287 1.98 -28.86 -28.22
CA ILE K 287 2.01 -28.98 -26.77
C ILE K 287 2.10 -30.44 -26.36
N TYR K 288 1.32 -31.30 -27.01
CA TYR K 288 1.42 -32.73 -26.73
C TYR K 288 2.85 -33.24 -26.92
N GLY K 289 3.43 -32.95 -28.08
CA GLY K 289 4.78 -33.45 -28.35
C GLY K 289 5.81 -32.90 -27.39
N LEU K 290 5.75 -31.58 -27.13
CA LEU K 290 6.71 -30.95 -26.25
C LEU K 290 6.58 -31.46 -24.82
N SER K 291 5.35 -31.68 -24.36
CA SER K 291 5.16 -32.23 -23.02
C SER K 291 5.74 -33.63 -22.92
N MET K 292 5.52 -34.47 -23.94
CA MET K 292 6.08 -35.80 -23.92
C MET K 292 7.61 -35.74 -23.85
N ASN K 293 8.22 -34.91 -24.70
CA ASN K 293 9.67 -34.80 -24.70
C ASN K 293 10.19 -34.25 -23.37
N LEU K 294 9.49 -33.26 -22.80
CA LEU K 294 9.91 -32.68 -21.54
C LEU K 294 9.89 -33.72 -20.42
N PHE K 295 8.80 -34.49 -20.33
CA PHE K 295 8.73 -35.50 -19.28
C PHE K 295 9.78 -36.58 -19.49
N HIS K 296 10.03 -36.97 -20.75
CA HIS K 296 11.07 -37.97 -21.00
C HIS K 296 12.44 -37.45 -20.55
N THR K 297 12.76 -36.20 -20.90
CA THR K 297 14.05 -35.64 -20.51
C THR K 297 14.17 -35.53 -18.99
N ALA K 298 13.11 -35.07 -18.34
CA ALA K 298 13.15 -34.93 -16.88
C ALA K 298 13.32 -36.28 -16.21
N ALA K 299 12.63 -37.30 -16.69
CA ALA K 299 12.78 -38.63 -16.12
C ALA K 299 14.19 -39.18 -16.34
N ASN K 300 14.75 -38.97 -17.53
CA ASN K 300 16.08 -39.48 -17.81
C ASN K 300 17.19 -38.67 -17.18
N ALA K 301 16.90 -37.48 -16.66
CA ALA K 301 17.93 -36.66 -16.00
C ALA K 301 17.54 -36.26 -14.59
N GLY K 302 16.49 -36.86 -14.04
CA GLY K 302 16.02 -36.47 -12.72
C GLY K 302 16.73 -37.12 -11.56
N PHE K 303 17.37 -38.26 -11.78
CA PHE K 303 18.01 -38.97 -10.68
C PHE K 303 19.31 -38.28 -10.26
N VAL K 304 19.75 -38.59 -9.05
CA VAL K 304 20.96 -38.01 -8.47
C VAL K 304 22.04 -39.07 -8.41
N GLN K 305 23.16 -38.81 -9.07
CA GLN K 305 24.29 -39.73 -9.07
C GLN K 305 25.31 -39.31 -8.04
N LYS K 306 25.91 -40.28 -7.37
CA LYS K 306 26.95 -40.02 -6.39
C LYS K 306 28.19 -40.83 -6.71
N TRP K 307 29.26 -40.12 -7.06
CA TRP K 307 30.50 -40.79 -7.41
C TRP K 307 31.58 -40.54 -6.36
N ILE K 308 32.64 -41.33 -6.44
CA ILE K 308 33.73 -41.26 -5.47
C ILE K 308 35.04 -41.19 -6.21
N ARG K 309 36.11 -41.03 -5.46
CA ARG K 309 37.47 -41.14 -5.93
C ARG K 309 38.22 -41.93 -4.87
N PRO K 310 38.49 -43.21 -5.10
CA PRO K 310 39.00 -44.05 -4.02
C PRO K 310 40.32 -43.54 -3.47
N TYR K 311 40.50 -43.70 -2.16
CA TYR K 311 41.70 -43.23 -1.48
C TYR K 311 42.69 -44.39 -1.34
N ILE K 312 43.93 -44.14 -1.74
CA ILE K 312 44.96 -45.17 -1.72
C ILE K 312 45.99 -44.89 -0.63
N PRO K 332 45.34 -52.95 -9.63
CA PRO K 332 44.68 -54.13 -9.07
C PRO K 332 43.16 -54.03 -9.15
N LYS K 333 42.57 -54.59 -10.20
CA LYS K 333 41.13 -54.47 -10.40
C LYS K 333 40.35 -55.17 -9.30
N GLU K 334 40.87 -56.29 -8.79
CA GLU K 334 40.18 -56.97 -7.68
C GLU K 334 40.20 -56.11 -6.43
N ALA K 335 41.31 -55.42 -6.17
CA ALA K 335 41.36 -54.50 -5.05
C ALA K 335 40.38 -53.36 -5.23
N LEU K 336 40.25 -52.86 -6.46
CA LEU K 336 39.27 -51.81 -6.73
C LEU K 336 37.85 -52.31 -6.50
N ASN K 337 37.57 -53.55 -6.90
CA ASN K 337 36.25 -54.11 -6.64
C ASN K 337 35.98 -54.21 -5.14
N GLU K 338 36.97 -54.67 -4.38
CA GLU K 338 36.82 -54.72 -2.93
C GLU K 338 36.56 -53.32 -2.36
N ILE K 339 37.28 -52.32 -2.85
CA ILE K 339 37.12 -50.95 -2.37
C ILE K 339 35.72 -50.40 -2.63
N ILE K 340 35.21 -50.53 -3.85
CA ILE K 340 33.90 -49.98 -4.17
C ILE K 340 32.80 -50.71 -3.40
N LYS K 341 32.99 -51.99 -3.14
CA LYS K 341 32.01 -52.72 -2.34
C LYS K 341 31.97 -52.11 -0.96
N LYS K 342 33.13 -51.99 -0.32
CA LYS K 342 33.21 -51.39 1.01
C LYS K 342 32.59 -49.99 1.01
N TYR K 343 32.93 -49.18 0.03
CA TYR K 343 32.42 -47.81 -0.03
C TYR K 343 30.90 -47.80 -0.04
N ALA K 344 30.30 -48.59 -0.92
CA ALA K 344 28.84 -48.67 -1.00
C ALA K 344 28.23 -49.06 0.34
N GLU K 345 28.79 -50.06 1.00
CA GLU K 345 28.28 -50.50 2.28
C GLU K 345 28.28 -49.38 3.31
N SER K 346 29.39 -48.64 3.39
CA SER K 346 29.49 -47.58 4.38
C SER K 346 29.18 -46.20 3.80
N LEU K 347 28.05 -46.07 3.11
CA LEU K 347 27.66 -44.79 2.57
C LEU K 347 26.33 -44.32 3.16
N GLY K 348 26.36 -43.89 4.42
CA GLY K 348 25.17 -43.40 5.08
C GLY K 348 25.51 -42.41 6.16
N ASP K 349 24.50 -42.02 6.93
CA ASP K 349 24.70 -41.09 8.02
C ASP K 349 25.49 -41.68 9.17
N GLU K 350 25.43 -43.01 9.33
CA GLU K 350 26.06 -43.68 10.46
C GLU K 350 27.46 -44.16 10.14
N SER K 351 28.16 -43.50 9.23
CA SER K 351 29.51 -43.90 8.87
C SER K 351 30.25 -42.71 8.29
N VAL K 352 31.55 -42.66 8.56
CA VAL K 352 32.44 -41.67 7.97
C VAL K 352 33.33 -42.40 6.96
N ILE K 353 33.16 -42.08 5.69
CA ILE K 353 33.89 -42.76 4.64
C ILE K 353 35.27 -42.14 4.51
N MET K 354 36.20 -42.91 3.93
CA MET K 354 37.61 -42.56 3.89
C MET K 354 38.05 -42.15 2.49
N ALA K 355 37.13 -41.65 1.68
CA ALA K 355 37.37 -41.45 0.26
C ALA K 355 38.18 -40.17 0.03
N ASP K 356 38.36 -39.82 -1.23
CA ASP K 356 39.10 -38.64 -1.65
C ASP K 356 38.22 -37.55 -2.25
N PHE K 357 37.08 -37.92 -2.82
CA PHE K 357 36.14 -36.95 -3.37
C PHE K 357 34.81 -37.63 -3.58
N PHE K 358 33.76 -37.14 -2.92
CA PHE K 358 32.47 -37.81 -2.92
C PHE K 358 31.33 -36.82 -3.17
N THR K 359 31.46 -35.99 -4.20
CA THR K 359 30.40 -35.03 -4.46
C THR K 359 29.10 -35.73 -4.84
N PHE K 360 27.99 -35.10 -4.45
CA PHE K 360 26.66 -35.56 -4.86
C PHE K 360 26.33 -34.86 -6.17
N GLU K 361 26.46 -35.59 -7.27
CA GLU K 361 26.22 -34.98 -8.58
C GLU K 361 24.72 -34.92 -8.85
N GLU K 362 24.25 -33.75 -9.28
CA GLU K 362 22.84 -33.52 -9.47
C GLU K 362 22.63 -32.58 -10.64
N LEU K 363 21.53 -32.79 -11.36
CA LEU K 363 21.17 -31.88 -12.44
C LEU K 363 20.76 -30.53 -11.88
N ALA K 364 21.35 -29.46 -12.40
CA ALA K 364 20.97 -28.12 -11.96
C ALA K 364 19.55 -27.80 -12.40
N GLY K 365 19.29 -27.88 -13.70
CA GLY K 365 17.96 -27.68 -14.22
C GLY K 365 17.76 -26.26 -14.72
N THR K 366 18.03 -26.05 -16.01
CA THR K 366 17.75 -24.78 -16.66
C THR K 366 17.01 -25.03 -17.97
N SER K 367 17.23 -26.19 -18.57
CA SER K 367 16.53 -26.55 -19.79
C SER K 367 15.11 -27.00 -19.51
N VAL K 368 14.88 -27.64 -18.36
CA VAL K 368 13.54 -28.11 -18.04
C VAL K 368 12.59 -26.93 -17.89
N GLU K 369 13.00 -25.90 -17.17
CA GLU K 369 12.17 -24.71 -17.07
C GLU K 369 12.09 -23.96 -18.40
N MET K 370 13.10 -24.10 -19.26
CA MET K 370 13.00 -23.53 -20.60
C MET K 370 11.86 -24.17 -21.39
N GLN K 371 11.81 -25.51 -21.40
CA GLN K 371 10.73 -26.20 -22.09
C GLN K 371 9.39 -25.91 -21.42
N ILE K 372 9.39 -25.78 -20.09
CA ILE K 372 8.16 -25.43 -19.38
C ILE K 372 7.68 -24.06 -19.84
N GLY K 373 8.59 -23.11 -19.98
CA GLY K 373 8.21 -21.79 -20.47
C GLY K 373 7.70 -21.81 -21.90
N LEU K 374 8.30 -22.66 -22.74
CA LEU K 374 7.81 -22.80 -24.11
C LEU K 374 6.38 -23.34 -24.13
N ILE K 375 6.12 -24.39 -23.36
CA ILE K 375 4.77 -24.93 -23.27
C ILE K 375 3.82 -23.90 -22.70
N GLU K 376 4.29 -23.13 -21.71
CA GLU K 376 3.45 -22.10 -21.12
C GLU K 376 3.10 -21.02 -22.15
N ARG K 377 4.05 -20.63 -22.99
CA ARG K 377 3.75 -19.63 -24.01
C ARG K 377 2.80 -20.19 -25.07
N LEU K 378 2.92 -21.49 -25.39
CA LEU K 378 1.95 -22.08 -26.31
C LEU K 378 0.55 -22.07 -25.69
N ARG K 379 0.44 -22.43 -24.41
CA ARG K 379 -0.86 -22.37 -23.73
C ARG K 379 -1.38 -20.95 -23.67
N ASN K 380 -0.50 -19.97 -23.43
CA ASN K 380 -0.93 -18.58 -23.40
C ASN K 380 -1.45 -18.14 -24.76
N TYR K 381 -0.80 -18.55 -25.83
CA TYR K 381 -1.33 -18.25 -27.16
C TYR K 381 -2.68 -18.90 -27.37
N ILE K 382 -2.83 -20.15 -26.93
CA ILE K 382 -4.11 -20.84 -27.08
C ILE K 382 -5.21 -20.07 -26.37
N PHE K 383 -4.93 -19.59 -25.16
CA PHE K 383 -5.95 -18.86 -24.40
C PHE K 383 -6.10 -17.41 -24.83
N THR K 384 -5.14 -16.86 -25.57
CA THR K 384 -5.29 -15.52 -26.11
C THR K 384 -5.83 -15.51 -27.53
N ALA K 385 -6.00 -16.67 -28.15
CA ALA K 385 -6.74 -16.72 -29.40
C ALA K 385 -8.15 -16.20 -29.20
N ILE K 386 -8.79 -16.60 -28.13
CA ILE K 386 -9.96 -15.91 -27.60
C ILE K 386 -9.45 -14.83 -26.65
N LEU K 387 -10.16 -13.72 -26.58
CA LEU K 387 -9.66 -12.60 -25.79
C LEU K 387 -9.79 -12.87 -24.30
N PHE K 388 -9.05 -13.86 -23.80
CA PHE K 388 -9.15 -14.27 -22.41
C PHE K 388 -7.76 -14.40 -21.82
N ASN K 389 -7.66 -14.17 -20.51
CA ASN K 389 -6.40 -14.24 -19.78
C ASN K 389 -6.43 -15.44 -18.85
N ASN K 390 -5.48 -16.35 -19.04
CA ASN K 390 -5.38 -17.55 -18.21
C ASN K 390 -4.84 -17.26 -16.82
N ALA K 391 -4.29 -16.06 -16.58
CA ALA K 391 -3.74 -15.73 -15.28
C ALA K 391 -4.80 -15.75 -14.19
N LYS K 392 -6.08 -15.74 -14.57
CA LYS K 392 -7.14 -15.91 -13.59
C LYS K 392 -6.95 -17.19 -12.79
N PHE K 393 -6.50 -18.26 -13.44
CA PHE K 393 -6.24 -19.52 -12.77
C PHE K 393 -4.78 -19.94 -12.91
N GLU K 394 -3.88 -18.98 -12.76
CA GLU K 394 -2.45 -19.24 -12.73
C GLU K 394 -1.81 -18.91 -11.38
N GLN K 395 -2.26 -17.84 -10.73
CA GLN K 395 -1.74 -17.47 -9.43
C GLN K 395 -2.78 -16.70 -8.61
N ALA K 404 -16.54 -9.62 -3.74
CA ALA K 404 -15.92 -8.38 -4.20
C ALA K 404 -14.96 -8.65 -5.35
N ALA K 405 -13.74 -9.06 -5.01
CA ALA K 405 -12.73 -9.36 -6.04
C ALA K 405 -12.82 -10.81 -6.50
N LYS K 406 -12.70 -11.75 -5.57
CA LYS K 406 -12.77 -13.17 -5.92
C LYS K 406 -14.19 -13.60 -6.28
N GLU K 407 -15.17 -12.73 -6.03
CA GLU K 407 -16.55 -13.04 -6.39
C GLU K 407 -16.69 -13.27 -7.90
N ILE K 408 -15.83 -12.63 -8.70
CA ILE K 408 -15.85 -12.86 -10.14
C ILE K 408 -15.47 -14.30 -10.46
N ASP K 409 -14.39 -14.79 -9.82
CA ASP K 409 -14.01 -16.19 -10.01
C ASP K 409 -15.08 -17.14 -9.50
N PHE K 410 -15.71 -16.79 -8.38
CA PHE K 410 -16.79 -17.62 -7.87
C PHE K 410 -17.94 -17.68 -8.87
N TYR K 411 -18.28 -16.56 -9.49
CA TYR K 411 -19.32 -16.55 -10.52
C TYR K 411 -18.89 -17.37 -11.74
N VAL K 412 -17.61 -17.31 -12.09
CA VAL K 412 -17.11 -18.13 -13.18
C VAL K 412 -17.35 -19.60 -12.90
N GLN K 413 -17.07 -20.03 -11.67
CA GLN K 413 -17.40 -21.40 -11.27
C GLN K 413 -18.91 -21.64 -11.35
N ASN K 414 -19.69 -20.67 -10.87
CA ASN K 414 -21.14 -20.80 -10.88
C ASN K 414 -21.69 -21.00 -12.29
N LEU K 415 -20.97 -20.53 -13.30
CA LEU K 415 -21.42 -20.72 -14.68
C LEU K 415 -21.47 -22.21 -15.03
N ALA K 416 -20.37 -22.92 -14.81
CA ALA K 416 -20.36 -24.36 -15.05
C ALA K 416 -21.32 -25.07 -14.11
N LEU K 417 -21.46 -24.54 -12.88
CA LEU K 417 -22.44 -25.11 -11.97
C LEU K 417 -23.84 -25.00 -12.55
N LYS K 418 -24.18 -23.87 -13.16
CA LYS K 418 -25.49 -23.70 -13.77
C LYS K 418 -25.69 -24.63 -14.96
N ASP K 419 -24.64 -24.83 -15.76
CA ASP K 419 -24.74 -25.77 -16.88
C ASP K 419 -25.06 -27.17 -16.38
N HIS K 420 -24.25 -27.67 -15.44
CA HIS K 420 -24.51 -28.99 -14.87
C HIS K 420 -25.87 -29.04 -14.19
N GLY K 421 -26.31 -27.92 -13.60
CA GLY K 421 -27.61 -27.90 -12.97
C GLY K 421 -28.74 -28.03 -13.96
N SER K 422 -28.62 -27.39 -15.13
CA SER K 422 -29.62 -27.56 -16.17
C SER K 422 -29.68 -29.01 -16.63
N GLY K 423 -28.52 -29.63 -16.83
CA GLY K 423 -28.51 -31.05 -17.17
C GLY K 423 -29.16 -31.90 -16.10
N ILE K 424 -28.86 -31.60 -14.83
CA ILE K 424 -29.42 -32.34 -13.71
C ILE K 424 -30.93 -32.17 -13.66
N VAL K 425 -31.44 -30.97 -13.92
CA VAL K 425 -32.87 -30.74 -13.90
C VAL K 425 -33.55 -31.51 -15.01
N GLU K 426 -32.94 -31.56 -16.20
CA GLU K 426 -33.50 -32.38 -17.27
C GLU K 426 -33.58 -33.85 -16.86
N PHE K 427 -32.48 -34.37 -16.30
CA PHE K 427 -32.48 -35.76 -15.87
C PHE K 427 -33.52 -36.01 -14.79
N THR K 428 -33.67 -35.07 -13.86
CA THR K 428 -34.65 -35.22 -12.78
C THR K 428 -36.06 -35.21 -13.33
N ARG K 429 -36.34 -34.36 -14.32
CA ARG K 429 -37.66 -34.37 -14.95
C ARG K 429 -37.94 -35.71 -15.59
N SER K 430 -36.95 -36.28 -16.30
CA SER K 430 -37.15 -37.59 -16.90
C SER K 430 -37.40 -38.65 -15.83
N LEU K 431 -36.61 -38.62 -14.75
CA LEU K 431 -36.76 -39.60 -13.69
C LEU K 431 -38.13 -39.49 -13.03
N LEU K 432 -38.60 -38.27 -12.79
CA LEU K 432 -39.91 -38.08 -12.19
C LEU K 432 -41.02 -38.53 -13.12
N HIS K 433 -40.86 -38.32 -14.43
CA HIS K 433 -41.84 -38.83 -15.36
C HIS K 433 -41.91 -40.35 -15.31
N HIS K 434 -40.76 -41.01 -15.28
CA HIS K 434 -40.76 -42.47 -15.18
C HIS K 434 -41.38 -42.93 -13.86
N THR K 435 -41.07 -42.23 -12.76
CA THR K 435 -41.64 -42.60 -11.48
C THR K 435 -43.14 -42.45 -11.47
N ALA K 436 -43.65 -41.37 -12.04
CA ALA K 436 -45.10 -41.18 -12.15
C ALA K 436 -45.72 -42.28 -12.97
N LYS K 437 -45.05 -42.68 -14.06
CA LYS K 437 -45.54 -43.80 -14.83
C LYS K 437 -45.53 -45.09 -14.02
N ALA K 438 -44.59 -45.21 -13.07
CA ALA K 438 -44.55 -46.41 -12.23
C ALA K 438 -45.77 -46.49 -11.32
N PHE K 439 -46.23 -45.36 -10.80
CA PHE K 439 -47.44 -45.35 -9.97
C PHE K 439 -48.71 -45.64 -10.77
N GLY K 440 -48.61 -45.73 -12.09
CA GLY K 440 -49.77 -45.87 -12.93
C GLY K 440 -50.38 -44.57 -13.38
N TYR K 441 -49.87 -43.43 -12.90
CA TYR K 441 -50.34 -42.14 -13.36
C TYR K 441 -49.79 -41.86 -14.75
N ASP K 442 -50.58 -41.16 -15.57
CA ASP K 442 -50.25 -40.88 -16.96
C ASP K 442 -49.46 -39.58 -17.13
N SER K 443 -48.70 -39.18 -16.12
CA SER K 443 -47.95 -37.92 -16.13
C SER K 443 -48.95 -36.78 -16.35
N GLY K 444 -48.53 -35.73 -17.04
CA GLY K 444 -49.37 -34.56 -17.22
C GLY K 444 -48.71 -33.31 -16.70
N GLY K 445 -48.46 -32.34 -17.59
CA GLY K 445 -47.66 -31.20 -17.24
C GLY K 445 -46.17 -31.50 -17.16
N SER K 446 -45.78 -32.75 -17.40
CA SER K 446 -44.40 -33.20 -17.42
C SER K 446 -43.65 -32.90 -16.12
N ILE K 447 -44.37 -32.62 -15.03
CA ILE K 447 -43.78 -32.44 -13.70
C ILE K 447 -42.73 -31.35 -13.76
N VAL K 448 -43.15 -30.09 -13.63
CA VAL K 448 -42.21 -28.99 -13.71
C VAL K 448 -41.25 -29.05 -12.54
N VAL K 449 -39.96 -28.86 -12.83
CA VAL K 449 -38.91 -28.91 -11.82
C VAL K 449 -38.00 -27.71 -12.03
N SER K 450 -37.77 -26.95 -10.97
CA SER K 450 -36.89 -25.79 -11.03
C SER K 450 -35.75 -25.96 -10.04
N GLY K 451 -34.88 -24.95 -9.97
CA GLY K 451 -33.72 -24.97 -9.13
C GLY K 451 -32.46 -25.29 -9.91
N MET K 452 -31.36 -25.43 -9.15
CA MET K 452 -30.05 -25.71 -9.72
C MET K 452 -29.66 -24.67 -10.76
N ASP K 453 -30.05 -23.41 -10.54
CA ASP K 453 -29.77 -22.34 -11.48
C ASP K 453 -29.18 -21.10 -10.84
N ARG K 454 -29.19 -20.99 -9.52
CA ARG K 454 -28.67 -19.81 -8.82
C ARG K 454 -27.72 -20.30 -7.74
N TYR K 455 -26.45 -20.45 -8.11
CA TYR K 455 -25.38 -20.80 -7.18
C TYR K 455 -24.69 -19.51 -6.75
N ASP K 456 -24.83 -19.15 -5.48
CA ASP K 456 -24.28 -17.89 -5.01
C ASP K 456 -24.00 -17.99 -3.52
N VAL K 457 -22.89 -17.35 -3.10
CA VAL K 457 -22.55 -17.30 -1.69
C VAL K 457 -23.57 -16.45 -0.96
N ARG K 458 -24.01 -16.93 0.21
CA ARG K 458 -24.97 -16.20 1.04
C ARG K 458 -26.23 -15.93 0.24
N PRO K 459 -27.03 -16.95 -0.06
CA PRO K 459 -28.16 -16.75 -0.97
C PRO K 459 -29.44 -16.29 -0.27
N ILE K 460 -29.51 -16.44 1.05
CA ILE K 460 -30.76 -16.17 1.76
C ILE K 460 -31.12 -14.70 1.67
N GLU K 461 -30.15 -13.82 1.99
CA GLU K 461 -30.46 -12.39 1.97
C GLU K 461 -30.64 -11.86 0.56
N GLN K 462 -30.08 -12.54 -0.45
CA GLN K 462 -30.38 -12.15 -1.83
C GLN K 462 -31.85 -12.38 -2.15
N VAL K 463 -32.39 -13.53 -1.72
CA VAL K 463 -33.81 -13.79 -1.91
C VAL K 463 -34.65 -12.82 -1.08
N LEU K 464 -34.19 -12.49 0.12
CA LEU K 464 -34.89 -11.50 0.94
C LEU K 464 -34.93 -10.15 0.24
N SER K 465 -33.81 -9.74 -0.35
CA SER K 465 -33.77 -8.49 -1.10
C SER K 465 -34.70 -8.53 -2.29
N LEU K 466 -34.74 -9.66 -3.00
CA LEU K 466 -35.67 -9.79 -4.11
C LEU K 466 -37.11 -9.63 -3.65
N ILE K 467 -37.46 -10.28 -2.53
CA ILE K 467 -38.81 -10.17 -1.99
C ILE K 467 -39.14 -8.72 -1.65
N GLU K 468 -38.22 -8.06 -0.96
CA GLU K 468 -38.47 -6.68 -0.54
C GLU K 468 -38.62 -5.76 -1.73
N ARG K 469 -37.74 -5.89 -2.73
CA ARG K 469 -37.83 -5.04 -3.91
C ARG K 469 -39.12 -5.30 -4.67
N LEU K 470 -39.56 -6.55 -4.73
CA LEU K 470 -40.84 -6.84 -5.35
C LEU K 470 -41.99 -6.18 -4.59
N PHE K 471 -41.95 -6.23 -3.27
CA PHE K 471 -43.04 -5.66 -2.49
C PHE K 471 -43.04 -4.14 -2.49
N LYS K 472 -41.88 -3.50 -2.71
CA LYS K 472 -41.85 -2.05 -2.77
C LYS K 472 -42.47 -1.51 -4.05
N LEU K 473 -42.67 -2.36 -5.05
CA LEU K 473 -43.29 -1.94 -6.30
C LEU K 473 -44.77 -1.65 -6.09
N PRO K 474 -45.39 -0.91 -7.01
CA PRO K 474 -46.84 -0.72 -6.95
C PRO K 474 -47.57 -2.06 -6.91
N GLN K 475 -48.27 -2.30 -5.80
CA GLN K 475 -48.86 -3.61 -5.55
C GLN K 475 -49.86 -3.99 -6.64
N LEU K 476 -50.53 -3.00 -7.24
CA LEU K 476 -51.48 -3.31 -8.30
C LEU K 476 -50.80 -3.87 -9.54
N ALA K 477 -49.49 -3.68 -9.68
CA ALA K 477 -48.76 -4.11 -10.87
C ALA K 477 -48.04 -5.44 -10.68
N ILE K 478 -48.17 -6.08 -9.52
CA ILE K 478 -47.46 -7.32 -9.24
C ILE K 478 -48.50 -8.45 -9.22
N PRO K 479 -48.42 -9.41 -10.13
CA PRO K 479 -49.34 -10.56 -10.08
C PRO K 479 -49.03 -11.43 -8.87
N LYS K 480 -50.06 -12.14 -8.40
CA LYS K 480 -49.88 -12.99 -7.23
C LYS K 480 -48.93 -14.14 -7.52
N ASP K 481 -48.85 -14.56 -8.79
CA ASP K 481 -48.00 -15.70 -9.13
C ASP K 481 -46.53 -15.41 -8.90
N LEU K 482 -46.08 -14.20 -9.25
CA LEU K 482 -44.69 -13.84 -9.03
C LEU K 482 -44.34 -13.81 -7.55
N LEU K 483 -45.22 -13.21 -6.73
CA LEU K 483 -45.00 -13.20 -5.30
C LEU K 483 -44.99 -14.61 -4.72
N ILE K 484 -45.90 -15.45 -5.19
CA ILE K 484 -45.94 -16.84 -4.72
C ILE K 484 -44.64 -17.55 -5.06
N GLU K 485 -44.15 -17.35 -6.29
CA GLU K 485 -42.90 -18.01 -6.70
C GLU K 485 -41.73 -17.54 -5.86
N SER K 486 -41.61 -16.22 -5.65
CA SER K 486 -40.48 -15.71 -4.87
C SER K 486 -40.55 -16.17 -3.42
N MET K 487 -41.75 -16.12 -2.81
CA MET K 487 -41.91 -16.58 -1.44
C MET K 487 -41.64 -18.07 -1.32
N SER K 488 -42.05 -18.86 -2.32
CA SER K 488 -41.76 -20.29 -2.30
C SER K 488 -40.26 -20.55 -2.39
N GLN K 489 -39.57 -19.77 -3.22
CA GLN K 489 -38.11 -19.90 -3.30
C GLN K 489 -37.48 -19.60 -1.95
N LEU K 490 -37.94 -18.53 -1.29
CA LEU K 490 -37.42 -18.22 0.04
C LEU K 490 -37.71 -19.34 1.03
N SER K 491 -38.92 -19.90 0.98
CA SER K 491 -39.32 -20.94 1.91
C SER K 491 -38.46 -22.19 1.71
N ARG K 492 -38.23 -22.58 0.47
CA ARG K 492 -37.42 -23.77 0.22
C ARG K 492 -35.94 -23.51 0.43
N LEU K 493 -35.52 -22.25 0.46
CA LEU K 493 -34.13 -21.97 0.81
C LEU K 493 -33.90 -21.92 2.31
N ILE K 494 -34.86 -21.40 3.08
CA ILE K 494 -34.65 -21.24 4.51
C ILE K 494 -34.60 -22.59 5.22
N ILE K 495 -35.47 -23.51 4.83
CA ILE K 495 -35.50 -24.86 5.39
C ILE K 495 -35.12 -25.84 4.31
N GLU K 496 -34.08 -26.62 4.57
CA GLU K 496 -33.66 -27.70 3.69
C GLU K 496 -33.50 -28.95 4.54
N ASN K 497 -33.25 -30.08 3.86
CA ASN K 497 -33.12 -31.39 4.49
C ASN K 497 -34.40 -31.83 5.18
N THR K 498 -35.50 -31.10 5.00
CA THR K 498 -36.78 -31.41 5.61
C THR K 498 -37.63 -32.26 4.68
N THR K 499 -38.62 -32.93 5.26
CA THR K 499 -39.50 -33.78 4.50
C THR K 499 -40.29 -32.96 3.48
N PHE K 500 -40.56 -33.55 2.33
CA PHE K 500 -41.36 -32.89 1.29
C PHE K 500 -42.71 -32.46 1.83
N GLU K 501 -43.24 -33.20 2.81
CA GLU K 501 -44.50 -32.80 3.44
C GLU K 501 -44.38 -31.43 4.09
N TYR K 502 -43.29 -31.19 4.81
CA TYR K 502 -43.13 -29.91 5.50
C TYR K 502 -43.06 -28.75 4.51
N LYS K 503 -42.28 -28.92 3.44
CA LYS K 503 -42.17 -27.89 2.43
C LYS K 503 -43.52 -27.65 1.74
N ASN K 504 -44.26 -28.72 1.47
CA ASN K 504 -45.56 -28.56 0.84
C ASN K 504 -46.52 -27.80 1.75
N THR K 505 -46.50 -28.11 3.05
CA THR K 505 -47.36 -27.39 3.98
C THR K 505 -47.00 -25.91 4.04
N LEU K 506 -45.70 -25.61 4.11
CA LEU K 506 -45.28 -24.22 4.15
C LEU K 506 -45.67 -23.48 2.88
N ASN K 507 -45.48 -24.12 1.72
CA ASN K 507 -45.85 -23.49 0.46
C ASN K 507 -47.35 -23.25 0.36
N ASP K 508 -48.16 -24.20 0.82
CA ASP K 508 -49.60 -24.01 0.80
C ASP K 508 -50.03 -22.86 1.70
N ALA K 509 -49.43 -22.76 2.90
CA ALA K 509 -49.73 -21.64 3.78
C ALA K 509 -49.34 -20.31 3.13
N ILE K 510 -48.16 -20.29 2.49
CA ILE K 510 -47.72 -19.08 1.82
C ILE K 510 -48.68 -18.69 0.71
N ILE K 511 -49.13 -19.66 -0.08
CA ILE K 511 -50.04 -19.38 -1.18
C ILE K 511 -51.35 -18.80 -0.64
N SER K 512 -51.90 -19.43 0.39
CA SER K 512 -53.16 -18.92 0.95
C SER K 512 -53.00 -17.51 1.49
N ASN K 513 -51.91 -17.25 2.22
CA ASN K 513 -51.71 -15.93 2.80
C ASN K 513 -51.52 -14.87 1.74
N ILE K 514 -50.76 -15.20 0.69
CA ILE K 514 -50.54 -14.26 -0.40
C ILE K 514 -51.85 -13.95 -1.13
N ASP K 515 -52.67 -14.98 -1.35
CA ASP K 515 -53.96 -14.76 -1.98
C ASP K 515 -54.83 -13.84 -1.14
N GLU K 516 -54.85 -14.07 0.19
CA GLU K 516 -55.62 -13.21 1.06
C GLU K 516 -55.13 -11.77 1.02
N TYR K 517 -53.81 -11.57 1.06
CA TYR K 517 -53.26 -10.22 1.01
C TYR K 517 -53.58 -9.53 -0.30
N LEU K 518 -53.46 -10.25 -1.42
CA LEU K 518 -53.75 -9.65 -2.71
C LEU K 518 -55.22 -9.28 -2.83
N ASN K 519 -56.11 -10.16 -2.36
CA ASN K 519 -57.53 -9.84 -2.38
C ASN K 519 -57.84 -8.63 -1.50
N SER K 520 -57.20 -8.55 -0.33
CA SER K 520 -57.42 -7.42 0.56
C SER K 520 -56.98 -6.12 -0.10
N VAL K 521 -55.80 -6.12 -0.72
CA VAL K 521 -55.32 -4.89 -1.34
C VAL K 521 -56.17 -4.54 -2.56
N LYS K 522 -56.68 -5.55 -3.27
CA LYS K 522 -57.56 -5.28 -4.40
C LYS K 522 -58.85 -4.61 -3.94
N LYS K 523 -59.49 -5.16 -2.90
CA LYS K 523 -60.72 -4.55 -2.41
C LYS K 523 -60.47 -3.20 -1.76
N GLN K 524 -59.29 -2.97 -1.21
CA GLN K 524 -58.95 -1.64 -0.72
C GLN K 524 -58.81 -0.65 -1.86
N SER K 525 -58.17 -1.06 -2.95
CA SER K 525 -58.01 -0.17 -4.10
C SER K 525 -59.33 0.09 -4.81
N ASN K 526 -60.24 -0.87 -4.81
CA ASN K 526 -61.52 -0.69 -5.50
C ASN K 526 -62.32 0.45 -4.88
N ASP K 527 -62.34 0.53 -3.55
CA ASP K 527 -63.08 1.59 -2.87
C ASP K 527 -62.15 2.41 -1.98
N MET L 1 -40.18 -58.41 -24.28
CA MET L 1 -41.16 -59.43 -24.66
C MET L 1 -41.04 -60.65 -23.73
N LEU L 2 -41.82 -61.68 -24.02
CA LEU L 2 -41.89 -62.86 -23.17
C LEU L 2 -40.88 -63.90 -23.64
N TYR L 3 -39.87 -64.15 -22.82
CA TYR L 3 -38.90 -65.21 -23.10
C TYR L 3 -39.19 -66.41 -22.21
N THR L 4 -39.19 -67.60 -22.80
CA THR L 4 -39.45 -68.83 -22.06
C THR L 4 -38.47 -69.94 -22.42
N ASP L 5 -37.33 -69.62 -23.00
CA ASP L 5 -36.35 -70.60 -23.45
C ASP L 5 -35.07 -70.46 -22.64
N SER L 6 -34.59 -71.58 -22.10
CA SER L 6 -33.30 -71.57 -21.41
C SER L 6 -32.18 -71.26 -22.40
N LEU L 7 -31.20 -70.50 -21.94
CA LEU L 7 -30.10 -70.04 -22.77
C LEU L 7 -28.78 -70.48 -22.18
N ASN L 8 -27.85 -70.87 -23.05
CA ASN L 8 -26.52 -71.26 -22.59
C ASN L 8 -25.74 -70.04 -22.11
N TYR L 9 -24.71 -70.30 -21.30
CA TYR L 9 -23.93 -69.22 -20.72
C TYR L 9 -23.33 -68.31 -21.79
N LYS L 10 -22.98 -68.87 -22.95
CA LYS L 10 -22.43 -68.05 -24.02
C LYS L 10 -23.45 -67.01 -24.49
N GLN L 11 -24.71 -67.41 -24.61
CA GLN L 11 -25.73 -66.47 -25.06
C GLN L 11 -25.96 -65.37 -24.04
N LEU L 12 -26.01 -65.70 -22.75
CA LEU L 12 -26.19 -64.67 -21.73
C LEU L 12 -25.00 -63.73 -21.67
N SER L 13 -23.79 -64.27 -21.73
CA SER L 13 -22.59 -63.50 -21.44
C SER L 13 -22.14 -62.61 -22.59
N THR L 14 -22.90 -62.54 -23.68
CA THR L 14 -22.47 -61.72 -24.80
C THR L 14 -22.49 -60.24 -24.44
N VAL L 15 -21.53 -59.49 -24.98
CA VAL L 15 -21.40 -58.06 -24.75
C VAL L 15 -21.24 -57.38 -26.10
N SER L 16 -22.00 -56.31 -26.31
CA SER L 16 -21.95 -55.61 -27.58
C SER L 16 -20.58 -55.00 -27.82
N ASP L 17 -20.24 -54.81 -29.09
CA ASP L 17 -18.89 -54.38 -29.45
C ASP L 17 -18.57 -53.01 -28.86
N ASP L 18 -19.52 -52.07 -28.91
CA ASP L 18 -19.26 -50.75 -28.35
C ASP L 18 -19.03 -50.82 -26.85
N MET L 19 -19.81 -51.63 -26.14
CA MET L 19 -19.56 -51.81 -24.72
C MET L 19 -18.23 -52.50 -24.47
N GLN L 20 -17.88 -53.49 -25.30
CA GLN L 20 -16.58 -54.13 -25.16
C GLN L 20 -15.45 -53.13 -25.33
N SER L 21 -15.61 -52.15 -26.23
CA SER L 21 -14.56 -51.16 -26.43
C SER L 21 -14.54 -50.13 -25.30
N TYR L 22 -15.71 -49.77 -24.77
CA TYR L 22 -15.79 -48.66 -23.85
C TYR L 22 -15.56 -49.05 -22.39
N LEU L 23 -15.94 -50.26 -21.98
CA LEU L 23 -15.80 -50.64 -20.58
C LEU L 23 -14.37 -50.59 -20.06
N PRO L 24 -13.34 -51.07 -20.78
CA PRO L 24 -11.98 -51.00 -20.22
C PRO L 24 -11.52 -49.59 -19.90
N VAL L 25 -11.77 -48.63 -20.79
CA VAL L 25 -11.31 -47.27 -20.53
C VAL L 25 -12.08 -46.65 -19.37
N ALA L 26 -13.38 -46.95 -19.28
CA ALA L 26 -14.16 -46.47 -18.14
C ALA L 26 -13.64 -47.05 -16.83
N LYS L 27 -13.31 -48.34 -16.83
CA LYS L 27 -12.75 -48.95 -15.62
C LYS L 27 -11.42 -48.31 -15.26
N GLU L 28 -10.56 -48.07 -16.25
CA GLU L 28 -9.27 -47.44 -15.98
C GLU L 28 -9.45 -46.05 -15.40
N ILE L 29 -10.35 -45.25 -15.98
CA ILE L 29 -10.57 -43.89 -15.50
C ILE L 29 -11.14 -43.92 -14.08
N ALA L 30 -12.09 -44.83 -13.83
CA ALA L 30 -12.67 -44.93 -12.49
C ALA L 30 -11.62 -45.32 -11.46
N LYS L 31 -10.76 -46.28 -11.81
CA LYS L 31 -9.70 -46.70 -10.89
C LYS L 31 -8.74 -45.56 -10.61
N ILE L 32 -8.38 -44.80 -11.65
CA ILE L 32 -7.47 -43.67 -11.47
C ILE L 32 -8.10 -42.62 -10.58
N ALA L 33 -9.37 -42.29 -10.82
CA ALA L 33 -10.01 -41.21 -10.08
C ALA L 33 -10.27 -41.59 -8.64
N GLN L 34 -10.80 -42.79 -8.39
CA GLN L 34 -11.14 -43.19 -7.04
C GLN L 34 -9.89 -43.32 -6.17
N GLY L 35 -8.82 -43.88 -6.72
CA GLY L 35 -7.60 -44.03 -5.95
C GLY L 35 -7.81 -44.92 -4.74
N GLY L 36 -7.30 -44.49 -3.60
CA GLY L 36 -7.48 -45.26 -2.38
C GLY L 36 -6.59 -46.48 -2.34
N HIS L 37 -6.99 -47.44 -1.50
CA HIS L 37 -6.22 -48.66 -1.33
C HIS L 37 -6.30 -49.57 -2.54
N GLU L 38 -7.26 -49.36 -3.44
CA GLU L 38 -7.39 -50.22 -4.61
C GLU L 38 -6.26 -50.01 -5.60
N LEU L 39 -5.49 -48.93 -5.48
CA LEU L 39 -4.40 -48.68 -6.41
C LEU L 39 -3.29 -49.71 -6.23
N ASP L 40 -2.76 -50.19 -7.36
CA ASP L 40 -1.63 -51.10 -7.36
C ASP L 40 -0.40 -50.37 -7.87
N PRO L 41 0.64 -50.18 -7.05
CA PRO L 41 1.80 -49.40 -7.52
C PRO L 41 2.47 -49.98 -8.74
N GLU L 42 2.42 -51.30 -8.92
CA GLU L 42 3.06 -51.93 -10.07
C GLU L 42 2.62 -51.31 -11.38
N ASP L 43 1.35 -50.96 -11.49
CA ASP L 43 0.80 -50.41 -12.72
C ASP L 43 1.25 -48.99 -13.01
N TYR L 44 1.88 -48.31 -12.06
CA TYR L 44 2.25 -46.91 -12.21
C TYR L 44 3.74 -46.71 -11.94
N LEU L 45 4.56 -47.57 -12.53
CA LEU L 45 6.00 -47.53 -12.34
C LEU L 45 6.67 -46.97 -13.59
N LEU L 46 7.47 -45.93 -13.40
CA LEU L 46 8.34 -45.42 -14.47
C LEU L 46 9.74 -46.04 -14.33
N ILE L 47 9.75 -47.38 -14.37
CA ILE L 47 10.97 -48.14 -14.14
C ILE L 47 11.96 -47.92 -15.27
N ARG L 48 13.24 -47.84 -14.93
CA ARG L 48 14.31 -47.68 -15.92
C ARG L 48 14.57 -49.03 -16.61
N ASP L 49 13.56 -49.48 -17.34
CA ASP L 49 13.67 -50.61 -18.27
C ASP L 49 14.17 -51.87 -17.58
N GLU L 50 13.37 -52.35 -16.62
CA GLU L 50 13.57 -53.64 -15.98
C GLU L 50 14.93 -53.71 -15.26
N GLU L 51 15.05 -52.94 -14.19
CA GLU L 51 16.21 -53.02 -13.32
C GLU L 51 15.95 -54.12 -12.28
N SER L 52 16.86 -54.29 -11.32
CA SER L 52 16.76 -55.37 -10.35
C SER L 52 15.45 -55.26 -9.57
N PRO L 53 14.76 -56.38 -9.32
CA PRO L 53 13.50 -56.31 -8.59
C PRO L 53 13.62 -55.77 -7.18
N GLY L 54 14.78 -55.89 -6.55
CA GLY L 54 14.94 -55.37 -5.19
C GLY L 54 14.72 -53.87 -5.13
N VAL L 55 15.38 -53.13 -6.03
CA VAL L 55 15.17 -51.69 -6.08
C VAL L 55 13.75 -51.35 -6.51
N THR L 56 13.13 -52.18 -7.36
CA THR L 56 11.75 -51.94 -7.74
C THR L 56 10.83 -52.03 -6.53
N LYS L 57 11.01 -53.04 -5.69
CA LYS L 57 10.19 -53.16 -4.50
C LYS L 57 10.50 -52.05 -3.49
N LYS L 58 11.77 -51.64 -3.39
CA LYS L 58 12.10 -50.53 -2.51
C LYS L 58 11.42 -49.25 -2.96
N ARG L 59 11.37 -49.03 -4.28
CA ARG L 59 10.65 -47.88 -4.83
C ARG L 59 9.16 -47.98 -4.57
N ILE L 60 8.60 -49.18 -4.72
CA ILE L 60 7.18 -49.39 -4.49
C ILE L 60 6.83 -49.09 -3.04
N GLU L 61 7.72 -49.40 -2.11
CA GLU L 61 7.47 -49.09 -0.71
C GLU L 61 7.24 -47.61 -0.47
N LYS L 62 7.70 -46.75 -1.37
CA LYS L 62 7.56 -45.31 -1.25
C LYS L 62 6.41 -44.77 -2.09
N PHE L 63 5.33 -45.53 -2.21
CA PHE L 63 4.19 -45.13 -3.04
C PHE L 63 3.23 -44.32 -2.17
N ALA L 64 3.12 -43.03 -2.47
CA ALA L 64 2.23 -42.12 -1.76
C ALA L 64 1.36 -41.42 -2.79
N PRO L 65 0.25 -42.02 -3.18
CA PRO L 65 -0.56 -41.44 -4.27
C PRO L 65 -1.22 -40.15 -3.82
N GLU L 66 -1.11 -39.13 -4.68
CA GLU L 66 -1.77 -37.85 -4.47
C GLU L 66 -2.86 -37.72 -5.52
N ASN L 67 -4.07 -38.12 -5.13
CA ASN L 67 -5.21 -38.18 -6.06
C ASN L 67 -5.82 -36.78 -6.17
N TYR L 68 -5.14 -35.92 -6.94
CA TYR L 68 -5.70 -34.60 -7.20
C TYR L 68 -6.97 -34.69 -8.04
N LEU L 69 -7.07 -35.71 -8.90
CA LEU L 69 -8.31 -35.91 -9.64
C LEU L 69 -9.47 -36.22 -8.71
N GLY L 70 -9.23 -37.03 -7.67
CA GLY L 70 -10.25 -37.26 -6.68
C GLY L 70 -10.66 -35.98 -5.96
N ALA L 71 -9.68 -35.12 -5.67
CA ALA L 71 -9.99 -33.83 -5.04
C ALA L 71 -10.84 -32.97 -5.97
N ALA L 72 -10.54 -32.96 -7.26
CA ALA L 72 -11.33 -32.18 -8.20
C ALA L 72 -12.74 -32.72 -8.31
N ILE L 73 -12.90 -34.04 -8.35
CA ILE L 73 -14.23 -34.64 -8.41
C ILE L 73 -15.01 -34.29 -7.14
N ARG L 74 -14.36 -34.37 -5.99
CA ARG L 74 -15.01 -33.98 -4.73
C ARG L 74 -15.42 -32.52 -4.75
N LEU L 75 -14.56 -31.65 -5.27
CA LEU L 75 -14.89 -30.22 -5.34
C LEU L 75 -16.09 -29.99 -6.23
N GLN L 76 -16.11 -30.61 -7.42
CA GLN L 76 -17.25 -30.43 -8.31
C GLN L 76 -18.53 -30.95 -7.70
N ARG L 77 -18.47 -32.13 -7.06
CA ARG L 77 -19.66 -32.68 -6.43
C ARG L 77 -20.18 -31.76 -5.33
N VAL L 78 -19.29 -31.25 -4.49
CA VAL L 78 -19.70 -30.37 -3.40
C VAL L 78 -20.29 -29.08 -3.95
N LEU L 79 -19.65 -28.49 -4.96
CA LEU L 79 -20.17 -27.27 -5.56
C LEU L 79 -21.56 -27.48 -6.14
N GLN L 80 -21.77 -28.59 -6.84
CA GLN L 80 -23.09 -28.86 -7.39
C GLN L 80 -24.11 -29.12 -6.28
N LYS L 81 -23.70 -29.81 -5.21
CA LYS L 81 -24.57 -30.03 -4.07
C LYS L 81 -24.97 -28.72 -3.40
N SER L 82 -24.14 -27.69 -3.52
CA SER L 82 -24.47 -26.39 -2.93
C SER L 82 -25.72 -25.76 -3.54
N GLY L 83 -26.16 -26.24 -4.71
CA GLY L 83 -27.34 -25.68 -5.33
C GLY L 83 -28.62 -26.12 -4.65
N VAL L 84 -29.74 -25.67 -5.22
CA VAL L 84 -31.07 -25.94 -4.69
C VAL L 84 -31.87 -26.68 -5.75
N LEU L 85 -32.51 -27.78 -5.35
CA LEU L 85 -33.40 -28.53 -6.22
C LEU L 85 -34.79 -28.56 -5.61
N GLU L 86 -35.79 -28.18 -6.40
CA GLU L 86 -37.15 -28.02 -5.91
C GLU L 86 -38.13 -28.69 -6.85
N ILE L 87 -39.23 -29.18 -6.30
CA ILE L 87 -40.30 -29.82 -7.06
C ILE L 87 -41.58 -29.04 -6.79
N LYS L 88 -42.27 -28.66 -7.86
CA LYS L 88 -43.57 -28.01 -7.72
C LYS L 88 -44.64 -29.05 -7.46
N SER L 89 -45.21 -29.04 -6.25
CA SER L 89 -46.14 -30.08 -5.85
C SER L 89 -47.38 -30.12 -6.73
N ASP L 90 -47.91 -28.95 -7.10
CA ASP L 90 -49.15 -28.90 -7.87
C ASP L 90 -49.02 -29.57 -9.23
N SER L 91 -47.82 -29.67 -9.79
CA SER L 91 -47.62 -30.29 -11.08
C SER L 91 -47.53 -31.81 -11.01
N LEU L 92 -47.46 -32.38 -9.81
CA LEU L 92 -47.38 -33.83 -9.69
C LEU L 92 -48.72 -34.46 -10.00
N PRO L 93 -48.78 -35.40 -10.95
CA PRO L 93 -50.06 -36.06 -11.24
C PRO L 93 -50.48 -36.98 -10.11
N GLY L 94 -51.78 -37.22 -10.04
CA GLY L 94 -52.32 -38.12 -9.05
C GLY L 94 -52.30 -37.53 -7.64
N ASP L 95 -52.48 -38.42 -6.67
CA ASP L 95 -52.52 -38.01 -5.27
C ASP L 95 -51.16 -37.47 -4.85
N LEU L 96 -51.19 -36.38 -4.08
CA LEU L 96 -49.95 -35.79 -3.58
C LEU L 96 -49.40 -36.55 -2.38
N THR L 97 -50.29 -37.16 -1.58
CA THR L 97 -49.84 -37.86 -0.38
C THR L 97 -48.91 -39.02 -0.71
N VAL L 98 -49.23 -39.78 -1.75
CA VAL L 98 -48.37 -40.88 -2.15
C VAL L 98 -47.04 -40.35 -2.66
N TRP L 99 -47.05 -39.20 -3.33
CA TRP L 99 -45.79 -38.59 -3.77
C TRP L 99 -44.92 -38.22 -2.57
N GLU L 100 -45.52 -37.62 -1.55
CA GLU L 100 -44.76 -37.29 -0.34
C GLU L 100 -44.22 -38.55 0.34
N SER L 101 -45.04 -39.59 0.42
CA SER L 101 -44.59 -40.83 1.03
C SER L 101 -43.41 -41.41 0.28
N PHE L 102 -43.45 -41.37 -1.06
CA PHE L 102 -42.32 -41.82 -1.85
C PHE L 102 -41.10 -40.95 -1.61
N PHE L 103 -41.29 -39.63 -1.56
CA PHE L 103 -40.16 -38.73 -1.39
C PHE L 103 -39.56 -38.79 0.00
N ASN L 104 -40.24 -39.43 0.96
CA ASN L 104 -39.60 -39.70 2.25
C ASN L 104 -38.35 -40.54 2.08
N LYS L 105 -38.43 -41.57 1.24
CA LYS L 105 -37.30 -42.45 0.95
C LYS L 105 -37.36 -42.83 -0.53
N VAL L 106 -36.56 -42.15 -1.35
CA VAL L 106 -36.61 -42.35 -2.79
C VAL L 106 -35.86 -43.59 -3.25
N ASP L 107 -35.04 -44.20 -2.39
CA ASP L 107 -34.29 -45.37 -2.78
C ASP L 107 -33.96 -46.19 -1.54
N LYS L 108 -33.35 -47.35 -1.76
CA LYS L 108 -33.01 -48.24 -0.67
C LYS L 108 -31.89 -47.69 0.20
N ARG L 109 -31.18 -46.66 -0.26
CA ARG L 109 -30.10 -46.04 0.50
C ARG L 109 -30.58 -44.94 1.41
N ASN L 110 -31.90 -44.72 1.51
CA ASN L 110 -32.55 -43.77 2.39
C ASN L 110 -32.29 -42.32 2.03
N SER L 111 -31.52 -42.05 0.97
CA SER L 111 -31.23 -40.68 0.58
C SER L 111 -32.48 -39.99 0.04
N SER L 112 -32.50 -38.66 0.13
CA SER L 112 -33.60 -37.89 -0.42
C SER L 112 -33.43 -37.75 -1.93
N LEU L 113 -34.39 -37.08 -2.57
CA LEU L 113 -34.35 -36.94 -4.02
C LEU L 113 -33.12 -36.17 -4.47
N LYS L 114 -32.84 -35.04 -3.82
CA LYS L 114 -31.67 -34.25 -4.19
C LYS L 114 -30.39 -35.03 -3.96
N ASP L 115 -30.30 -35.74 -2.83
CA ASP L 115 -29.10 -36.52 -2.55
C ASP L 115 -28.90 -37.61 -3.58
N PHE L 116 -29.97 -38.30 -3.95
CA PHE L 116 -29.85 -39.36 -4.96
C PHE L 116 -29.44 -38.79 -6.30
N VAL L 117 -30.02 -37.66 -6.70
CA VAL L 117 -29.67 -37.06 -7.99
C VAL L 117 -28.23 -36.60 -7.97
N ILE L 118 -27.76 -36.06 -6.85
CA ILE L 118 -26.37 -35.63 -6.76
C ILE L 118 -25.43 -36.84 -6.82
N ASP L 119 -25.82 -37.96 -6.20
CA ASP L 119 -25.02 -39.17 -6.30
C ASP L 119 -24.96 -39.67 -7.73
N VAL L 120 -26.08 -39.61 -8.44
CA VAL L 120 -26.10 -39.99 -9.86
C VAL L 120 -25.18 -39.06 -10.66
N PHE L 121 -25.25 -37.76 -10.37
CA PHE L 121 -24.38 -36.81 -11.05
C PHE L 121 -22.91 -37.11 -10.78
N THR L 122 -22.58 -37.46 -9.54
CA THR L 122 -21.20 -37.79 -9.20
C THR L 122 -20.74 -39.04 -9.94
N GLU L 123 -21.59 -40.06 -9.99
CA GLU L 123 -21.23 -41.28 -10.70
C GLU L 123 -21.00 -41.00 -12.18
N ALA L 124 -21.84 -40.15 -12.77
CA ALA L 124 -21.61 -39.76 -14.16
C ALA L 124 -20.35 -38.92 -14.29
N LEU L 125 -20.04 -38.12 -13.29
CA LEU L 125 -18.85 -37.27 -13.34
C LEU L 125 -17.58 -38.09 -13.36
N VAL L 126 -17.50 -39.13 -12.53
CA VAL L 126 -16.31 -39.98 -12.57
C VAL L 126 -16.28 -40.81 -13.85
N ASN L 127 -17.46 -41.25 -14.33
CA ASN L 127 -17.54 -41.96 -15.59
C ASN L 127 -18.95 -41.81 -16.12
N LYS L 128 -19.09 -41.40 -17.39
CA LYS L 128 -20.38 -41.02 -17.94
C LYS L 128 -21.35 -42.20 -17.97
N TYR L 129 -22.58 -41.94 -18.41
CA TYR L 129 -23.62 -42.96 -18.56
C TYR L 129 -23.92 -43.64 -17.22
N CYS L 130 -24.48 -42.86 -16.31
CA CYS L 130 -25.00 -43.42 -15.06
C CYS L 130 -26.43 -43.91 -15.29
N TYR L 131 -26.66 -45.17 -14.98
CA TYR L 131 -27.95 -45.81 -15.26
C TYR L 131 -28.75 -45.98 -13.99
N VAL L 132 -30.03 -45.62 -14.04
CA VAL L 132 -30.93 -45.74 -12.91
C VAL L 132 -32.16 -46.52 -13.36
N GLN L 133 -32.63 -47.42 -12.52
CA GLN L 133 -33.83 -48.20 -12.78
C GLN L 133 -34.85 -47.96 -11.68
N VAL L 134 -36.13 -47.95 -12.06
CA VAL L 134 -37.23 -47.75 -11.13
C VAL L 134 -38.02 -49.04 -11.04
N GLU L 135 -38.13 -49.59 -9.83
CA GLU L 135 -38.81 -50.86 -9.66
C GLU L 135 -39.74 -50.80 -8.46
N LEU L 136 -40.37 -51.93 -8.15
CA LEU L 136 -41.37 -52.03 -7.11
C LEU L 136 -41.00 -53.15 -6.15
N SER L 137 -41.91 -53.47 -5.23
CA SER L 137 -41.79 -54.63 -4.37
C SER L 137 -42.67 -55.76 -4.89
N LYS L 138 -42.28 -56.99 -4.57
CA LYS L 138 -42.94 -58.17 -5.11
C LYS L 138 -43.81 -58.82 -4.04
N LEU L 139 -45.06 -59.10 -4.40
CA LEU L 139 -46.01 -59.78 -3.52
C LEU L 139 -46.70 -60.87 -4.32
N ASP L 140 -46.71 -62.09 -3.79
CA ASP L 140 -47.30 -63.24 -4.46
C ASP L 140 -48.26 -63.95 -3.52
N PHE L 141 -49.44 -64.28 -4.02
CA PHE L 141 -50.46 -64.99 -3.25
C PHE L 141 -51.18 -65.97 -4.15
N ASP L 142 -51.81 -66.97 -3.52
CA ASP L 142 -52.54 -68.01 -4.22
C ASP L 142 -54.04 -67.82 -4.02
N THR L 143 -54.81 -68.51 -4.85
CA THR L 143 -56.28 -68.40 -4.86
C THR L 143 -56.71 -66.95 -4.97
N VAL L 144 -56.08 -66.23 -5.90
CA VAL L 144 -56.30 -64.80 -6.04
C VAL L 144 -57.62 -64.54 -6.74
N THR L 145 -58.42 -63.64 -6.18
CA THR L 145 -59.65 -63.17 -6.78
C THR L 145 -59.40 -61.79 -7.39
N GLU L 146 -60.47 -61.16 -7.87
CA GLU L 146 -60.33 -59.83 -8.46
C GLU L 146 -59.95 -58.79 -7.41
N ALA L 147 -60.51 -58.89 -6.21
CA ALA L 147 -60.17 -57.96 -5.14
C ALA L 147 -58.70 -58.10 -4.73
N GLU L 148 -58.20 -59.34 -4.67
CA GLU L 148 -56.80 -59.55 -4.34
C GLU L 148 -55.88 -58.94 -5.40
N ALA L 149 -56.23 -59.10 -6.68
CA ALA L 149 -55.46 -58.49 -7.75
C ALA L 149 -55.50 -56.97 -7.65
N GLU L 150 -56.66 -56.41 -7.32
CA GLU L 150 -56.77 -54.96 -7.15
C GLU L 150 -55.87 -54.48 -6.03
N GLY L 151 -55.87 -55.20 -4.90
CA GLY L 151 -55.00 -54.83 -3.79
C GLY L 151 -53.53 -54.93 -4.15
N ILE L 152 -53.15 -55.98 -4.87
CA ILE L 152 -51.77 -56.15 -5.29
C ILE L 152 -51.35 -54.99 -6.20
N LEU L 153 -52.23 -54.60 -7.12
CA LEU L 153 -51.93 -53.47 -8.00
C LEU L 153 -51.82 -52.17 -7.20
N SER L 154 -52.66 -52.00 -6.18
CA SER L 154 -52.66 -50.78 -5.39
C SER L 154 -51.55 -50.72 -4.34
N THR L 155 -50.86 -51.82 -4.08
CA THR L 155 -49.82 -51.87 -3.06
C THR L 155 -48.41 -51.80 -3.65
N ARG L 156 -48.21 -51.01 -4.70
CA ARG L 156 -46.90 -50.89 -5.32
C ARG L 156 -46.13 -49.72 -4.70
N LYS L 157 -44.89 -49.98 -4.30
CA LYS L 157 -44.03 -48.99 -3.65
C LYS L 157 -42.73 -48.90 -4.43
N PRO L 158 -42.61 -47.95 -5.35
CA PRO L 158 -41.44 -47.89 -6.22
C PRO L 158 -40.23 -47.31 -5.51
N TYR L 159 -39.06 -47.61 -6.08
CA TYR L 159 -37.80 -47.06 -5.60
C TYR L 159 -36.77 -47.18 -6.71
N TYR L 160 -35.68 -46.45 -6.54
CA TYR L 160 -34.63 -46.34 -7.53
C TYR L 160 -33.48 -47.28 -7.21
N PHE L 161 -32.71 -47.60 -8.25
CA PHE L 161 -31.58 -48.52 -8.13
C PHE L 161 -30.55 -48.15 -9.17
N LYS L 162 -29.34 -47.84 -8.72
CA LYS L 162 -28.26 -47.40 -9.59
C LYS L 162 -27.52 -48.62 -10.13
N ILE L 163 -27.61 -48.84 -11.44
CA ILE L 163 -26.94 -49.97 -12.07
C ILE L 163 -25.48 -49.60 -12.32
N PRO L 164 -24.53 -50.39 -11.83
CA PRO L 164 -23.12 -50.09 -12.10
C PRO L 164 -22.84 -50.12 -13.59
N LEU L 165 -21.97 -49.21 -14.03
CA LEU L 165 -21.64 -49.14 -15.46
C LEU L 165 -20.95 -50.40 -15.93
N GLN L 166 -20.01 -50.93 -15.13
CA GLN L 166 -19.29 -52.13 -15.53
C GLN L 166 -20.21 -53.34 -15.61
N SER L 167 -21.38 -53.30 -14.98
CA SER L 167 -22.33 -54.40 -15.07
C SER L 167 -23.21 -54.32 -16.31
N ILE L 168 -23.14 -53.22 -17.06
CA ILE L 168 -23.91 -53.11 -18.30
C ILE L 168 -23.30 -54.02 -19.34
N MET L 169 -24.13 -54.79 -20.03
CA MET L 169 -23.65 -55.71 -21.04
C MET L 169 -24.05 -55.30 -22.45
N VAL L 170 -25.31 -54.94 -22.68
CA VAL L 170 -25.75 -54.48 -23.99
C VAL L 170 -26.99 -53.63 -23.78
N GLU L 171 -27.20 -52.67 -24.68
CA GLU L 171 -28.41 -51.88 -24.61
C GLU L 171 -28.72 -51.31 -25.98
N LYS L 172 -30.01 -51.30 -26.32
CA LYS L 172 -30.50 -50.63 -27.51
C LYS L 172 -31.20 -49.35 -27.06
N CYS L 173 -30.64 -48.20 -27.45
CA CYS L 173 -31.16 -46.91 -27.06
C CYS L 173 -31.01 -45.95 -28.24
N ASP L 174 -32.02 -45.12 -28.43
CA ASP L 174 -32.00 -44.06 -29.43
C ASP L 174 -31.94 -42.73 -28.68
N GLY L 175 -30.91 -41.94 -28.96
CA GLY L 175 -30.69 -40.72 -28.20
C GLY L 175 -30.46 -41.04 -26.74
N ASP L 176 -31.29 -40.47 -25.87
CA ASP L 176 -31.23 -40.76 -24.44
C ASP L 176 -32.22 -41.83 -23.99
N THR L 177 -33.34 -41.97 -24.69
CA THR L 177 -34.31 -43.00 -24.36
C THR L 177 -33.72 -44.38 -24.66
N ILE L 178 -33.97 -45.32 -23.75
CA ILE L 178 -33.44 -46.67 -23.86
C ILE L 178 -34.56 -47.61 -24.26
N GLN L 179 -34.42 -48.23 -25.44
CA GLN L 179 -35.42 -49.20 -25.88
C GLN L 179 -35.38 -50.45 -25.01
N TRP L 180 -34.19 -51.02 -24.79
CA TRP L 180 -34.07 -52.14 -23.88
C TRP L 180 -32.62 -52.26 -23.44
N ILE L 181 -32.40 -53.04 -22.37
CA ILE L 181 -31.05 -53.17 -21.84
C ILE L 181 -30.87 -54.48 -21.09
N LYS L 182 -29.77 -55.18 -21.37
CA LYS L 182 -29.38 -56.37 -20.63
C LYS L 182 -28.11 -56.09 -19.86
N TYR L 183 -28.15 -56.33 -18.56
CA TYR L 183 -27.02 -56.13 -17.67
C TYR L 183 -26.87 -57.34 -16.77
N LYS L 184 -25.81 -57.33 -15.96
CA LYS L 184 -25.49 -58.43 -15.07
C LYS L 184 -25.54 -57.97 -13.62
N ARG L 185 -25.71 -58.92 -12.72
CA ARG L 185 -25.86 -58.62 -11.30
C ARG L 185 -25.38 -59.83 -10.51
N LEU L 186 -24.29 -59.65 -9.76
CA LEU L 186 -23.76 -60.69 -8.89
C LEU L 186 -24.32 -60.48 -7.50
N ASP L 187 -25.25 -61.34 -7.09
CA ASP L 187 -25.89 -61.19 -5.79
C ASP L 187 -25.37 -62.26 -4.84
N LYS L 188 -24.93 -61.84 -3.67
CA LYS L 188 -24.29 -62.73 -2.70
C LYS L 188 -25.30 -63.13 -1.64
N ILE L 189 -25.54 -64.43 -1.52
CA ILE L 189 -26.34 -64.98 -0.43
C ILE L 189 -25.39 -65.22 0.73
N ASP L 190 -25.53 -64.42 1.78
CA ASP L 190 -24.67 -64.50 2.95
C ASP L 190 -25.30 -65.41 3.99
N ASN L 191 -24.52 -66.39 4.46
CA ASN L 191 -24.98 -67.30 5.49
C ASN L 191 -24.32 -66.92 6.80
N PRO L 192 -25.09 -66.70 7.86
CA PRO L 192 -24.49 -66.25 9.13
C PRO L 192 -23.51 -67.24 9.73
N PHE L 193 -23.58 -68.51 9.36
CA PHE L 193 -22.69 -69.54 9.90
C PHE L 193 -22.14 -70.43 8.80
N ASP L 194 -21.81 -69.85 7.65
CA ASP L 194 -21.28 -70.61 6.54
C ASP L 194 -20.65 -69.66 5.54
N LYS L 195 -19.92 -70.23 4.59
CA LYS L 195 -19.25 -69.44 3.56
C LYS L 195 -20.27 -68.74 2.68
N THR L 196 -19.93 -67.53 2.24
CA THR L 196 -20.81 -66.78 1.36
C THR L 196 -21.00 -67.50 0.03
N ILE L 197 -22.26 -67.58 -0.42
CA ILE L 197 -22.58 -68.16 -1.71
C ILE L 197 -22.83 -67.01 -2.69
N TYR L 198 -22.58 -67.26 -3.98
CA TYR L 198 -22.78 -66.26 -5.01
C TYR L 198 -23.73 -66.78 -6.07
N ASN L 199 -24.62 -65.90 -6.53
CA ASN L 199 -25.46 -66.17 -7.69
C ASN L 199 -25.21 -65.10 -8.73
N MET L 200 -25.38 -65.48 -9.99
CA MET L 200 -25.16 -64.58 -11.11
C MET L 200 -26.48 -64.44 -11.88
N SER L 201 -26.96 -63.22 -12.01
CA SER L 201 -28.22 -62.97 -12.71
C SER L 201 -27.96 -62.07 -13.91
N TYR L 202 -28.58 -62.43 -15.02
CA TYR L 202 -28.57 -61.60 -16.22
C TYR L 202 -29.98 -61.07 -16.41
N VAL L 203 -30.12 -59.75 -16.33
CA VAL L 203 -31.41 -59.09 -16.32
C VAL L 203 -31.58 -58.38 -17.65
N LEU L 204 -32.64 -58.72 -18.36
CA LEU L 204 -33.02 -58.05 -19.60
C LEU L 204 -34.30 -57.28 -19.35
N ILE L 205 -34.22 -55.95 -19.47
CA ILE L 205 -35.35 -55.06 -19.28
C ILE L 205 -35.81 -54.61 -20.66
N ASP L 206 -37.07 -54.84 -20.96
CA ASP L 206 -37.66 -54.62 -22.27
C ASP L 206 -38.75 -53.57 -22.17
N ASP L 207 -39.49 -53.39 -23.27
CA ASP L 207 -40.53 -52.37 -23.32
C ASP L 207 -41.64 -52.66 -22.32
N GLN L 208 -42.11 -53.91 -22.27
CA GLN L 208 -43.22 -54.27 -21.39
C GLN L 208 -42.94 -55.54 -20.59
N HIS L 209 -41.72 -56.07 -20.62
CA HIS L 209 -41.37 -57.24 -19.83
C HIS L 209 -39.98 -57.07 -19.25
N ILE L 210 -39.75 -57.75 -18.13
CA ILE L 210 -38.43 -57.83 -17.51
C ILE L 210 -38.16 -59.30 -17.19
N THR L 211 -36.97 -59.77 -17.57
CA THR L 211 -36.62 -61.18 -17.45
C THR L 211 -35.28 -61.31 -16.76
N THR L 212 -35.10 -62.41 -16.04
CA THR L 212 -33.85 -62.70 -15.35
C THR L 212 -33.47 -64.15 -15.58
N TRP L 213 -32.23 -64.38 -15.97
CA TRP L 213 -31.64 -65.72 -16.01
C TRP L 213 -30.65 -65.84 -14.86
N THR L 214 -30.82 -66.86 -14.03
CA THR L 214 -30.02 -66.97 -12.81
C THR L 214 -29.23 -68.27 -12.81
N TYR L 215 -27.93 -68.14 -12.53
CA TYR L 215 -27.05 -69.27 -12.24
C TYR L 215 -26.75 -69.27 -10.75
N TYR L 216 -27.00 -70.40 -10.10
CA TYR L 216 -26.95 -70.49 -8.64
C TYR L 216 -25.65 -71.14 -8.19
N ASP L 217 -25.11 -70.61 -7.09
CA ASP L 217 -23.91 -71.15 -6.45
C ASP L 217 -22.76 -71.26 -7.44
N ILE L 218 -22.35 -70.09 -7.93
CA ILE L 218 -21.29 -69.99 -8.92
C ILE L 218 -20.05 -69.38 -8.27
N ILE L 219 -18.97 -69.37 -9.03
CA ILE L 219 -17.73 -68.72 -8.61
C ILE L 219 -17.42 -67.62 -9.61
N VAL L 220 -17.17 -66.43 -9.10
CA VAL L 220 -16.87 -65.29 -9.96
C VAL L 220 -15.45 -65.42 -10.48
N SER L 221 -15.27 -65.15 -11.77
CA SER L 221 -13.97 -65.22 -12.41
C SER L 221 -13.29 -63.85 -12.40
N ASP L 222 -12.00 -63.86 -12.71
CA ASP L 222 -11.23 -62.61 -12.73
C ASP L 222 -11.72 -61.65 -13.80
N SER L 223 -12.41 -62.15 -14.82
CA SER L 223 -12.97 -61.29 -15.86
C SER L 223 -14.36 -60.77 -15.50
N GLY L 224 -14.84 -61.05 -14.29
CA GLY L 224 -16.18 -60.66 -13.89
C GLY L 224 -17.26 -61.64 -14.27
N GLY L 225 -16.93 -62.72 -14.96
CA GLY L 225 -17.89 -63.73 -15.36
C GLY L 225 -17.92 -64.90 -14.41
N ILE L 226 -18.42 -66.02 -14.91
CA ILE L 226 -18.54 -67.25 -14.14
C ILE L 226 -17.39 -68.18 -14.50
N SER L 227 -16.72 -68.71 -13.48
CA SER L 227 -15.64 -69.68 -13.68
C SER L 227 -16.07 -71.11 -13.33
N LYS L 228 -16.64 -71.30 -12.15
CA LYS L 228 -17.07 -72.61 -11.69
C LYS L 228 -18.48 -72.51 -11.16
N ILE L 229 -19.25 -73.58 -11.33
CA ILE L 229 -20.61 -73.65 -10.83
C ILE L 229 -20.78 -74.91 -10.00
N TRP L 230 -21.75 -74.89 -9.10
CA TRP L 230 -22.05 -76.05 -8.28
C TRP L 230 -22.77 -77.10 -9.11
N ASP L 231 -22.61 -78.36 -8.71
CA ASP L 231 -23.29 -79.47 -9.37
C ASP L 231 -23.58 -80.50 -8.29
N GLN L 232 -24.85 -80.66 -7.94
CA GLN L 232 -25.21 -81.60 -6.90
C GLN L 232 -24.95 -83.03 -7.33
N SER L 233 -25.13 -83.34 -8.61
CA SER L 233 -24.87 -84.67 -9.12
C SER L 233 -23.38 -85.04 -9.06
N LEU L 234 -22.50 -84.05 -8.99
CA LEU L 234 -21.08 -84.30 -8.93
C LEU L 234 -20.71 -84.97 -7.60
N ASN L 235 -19.43 -85.35 -7.49
CA ASN L 235 -18.91 -86.00 -6.29
C ASN L 235 -19.72 -87.23 -5.93
N TYR L 236 -20.02 -88.05 -6.94
CA TYR L 236 -20.83 -89.25 -6.78
C TYR L 236 -22.20 -88.92 -6.19
N GLY L 237 -22.74 -87.77 -6.59
CA GLY L 237 -24.03 -87.31 -6.11
C GLY L 237 -23.95 -86.38 -4.91
N LYS L 238 -22.78 -86.23 -4.30
CA LYS L 238 -22.66 -85.33 -3.16
C LYS L 238 -22.59 -83.86 -3.60
N GLY L 239 -22.09 -83.61 -4.80
CA GLY L 239 -22.02 -82.26 -5.33
C GLY L 239 -20.65 -81.64 -5.14
N ALA L 240 -20.23 -80.88 -6.15
CA ALA L 240 -18.93 -80.22 -6.13
C ALA L 240 -18.93 -79.10 -7.17
N TYR L 241 -17.84 -78.35 -7.21
CA TYR L 241 -17.69 -77.26 -8.16
C TYR L 241 -17.03 -77.77 -9.43
N ARG L 242 -17.65 -77.48 -10.57
CA ARG L 242 -17.13 -77.91 -11.86
C ARG L 242 -17.09 -76.72 -12.81
N SER L 243 -16.24 -76.82 -13.82
CA SER L 243 -16.06 -75.71 -14.75
C SER L 243 -17.36 -75.43 -15.52
N ILE L 244 -17.57 -74.16 -15.82
CA ILE L 244 -18.78 -73.74 -16.51
C ILE L 244 -18.74 -74.20 -17.96
N ASP L 245 -19.87 -74.69 -18.46
CA ASP L 245 -19.99 -75.10 -19.85
C ASP L 245 -20.74 -74.01 -20.62
N LYS L 246 -20.12 -73.52 -21.69
CA LYS L 246 -20.69 -72.41 -22.46
C LYS L 246 -21.80 -72.84 -23.40
N GLU L 247 -22.04 -74.14 -23.55
CA GLU L 247 -23.11 -74.63 -24.42
C GLU L 247 -24.13 -75.51 -23.72
N LYS L 248 -23.80 -76.12 -22.58
CA LYS L 248 -24.70 -77.04 -21.92
C LYS L 248 -25.26 -76.53 -20.61
N ASP L 249 -24.60 -75.57 -19.96
CA ASP L 249 -25.10 -75.00 -18.71
C ASP L 249 -26.08 -73.90 -19.05
N LYS L 250 -27.36 -74.19 -18.91
CA LYS L 250 -28.43 -73.28 -19.31
C LYS L 250 -29.20 -72.80 -18.09
N ALA L 251 -29.62 -71.54 -18.12
CA ALA L 251 -30.39 -70.93 -17.05
C ALA L 251 -31.83 -70.74 -17.52
N ASP L 252 -32.78 -71.15 -16.69
CA ASP L 252 -34.19 -70.99 -17.03
C ASP L 252 -34.64 -69.57 -16.75
N PRO L 253 -35.18 -68.85 -17.72
CA PRO L 253 -35.62 -67.47 -17.48
C PRO L 253 -36.82 -67.42 -16.55
N VAL L 254 -36.87 -66.35 -15.76
CA VAL L 254 -38.05 -65.98 -15.01
C VAL L 254 -38.40 -64.55 -15.41
N SER L 255 -39.60 -64.35 -15.93
CA SER L 255 -39.98 -63.07 -16.51
C SER L 255 -41.34 -62.65 -16.01
N PHE L 256 -41.56 -61.33 -16.00
CA PHE L 256 -42.87 -60.79 -15.69
C PHE L 256 -43.00 -59.42 -16.33
N ALA L 257 -44.25 -59.00 -16.52
CA ALA L 257 -44.55 -57.75 -17.20
C ALA L 257 -44.75 -56.65 -16.16
N HIS L 258 -43.96 -55.59 -16.27
CA HIS L 258 -44.09 -54.46 -15.34
C HIS L 258 -45.20 -53.50 -15.74
N ASN L 259 -45.74 -53.62 -16.95
CA ASN L 259 -46.85 -52.82 -17.41
C ASN L 259 -46.53 -51.32 -17.38
N ARG L 260 -45.24 -50.98 -17.45
CA ARG L 260 -44.86 -49.58 -17.49
C ARG L 260 -45.16 -48.95 -18.85
N GLY L 261 -45.23 -49.75 -19.91
CA GLY L 261 -45.39 -49.22 -21.25
C GLY L 261 -44.11 -48.73 -21.88
N SER L 262 -43.02 -48.66 -21.13
CA SER L 262 -41.71 -48.26 -21.64
C SER L 262 -40.66 -48.85 -20.74
N CYS L 263 -39.42 -48.85 -21.21
CA CYS L 263 -38.33 -49.41 -20.44
C CYS L 263 -38.11 -48.56 -19.19
N PRO L 264 -38.22 -49.12 -17.99
CA PRO L 264 -38.13 -48.31 -16.77
C PRO L 264 -36.68 -48.07 -16.33
N VAL L 265 -35.89 -47.53 -17.25
CA VAL L 265 -34.52 -47.10 -16.94
C VAL L 265 -34.30 -45.72 -17.54
N VAL L 266 -33.39 -44.98 -16.91
CA VAL L 266 -33.00 -43.66 -17.36
C VAL L 266 -31.49 -43.56 -17.29
N ARG L 267 -30.88 -43.01 -18.33
CA ARG L 267 -29.43 -42.84 -18.39
C ARG L 267 -29.10 -41.37 -18.33
N TYR L 268 -28.28 -40.99 -17.35
CA TYR L 268 -27.72 -39.64 -17.30
C TYR L 268 -26.37 -39.66 -18.00
N ARG L 269 -26.23 -38.79 -18.99
CA ARG L 269 -25.05 -38.76 -19.86
C ARG L 269 -24.46 -37.36 -19.79
N MET L 270 -23.35 -37.23 -19.07
CA MET L 270 -22.66 -35.95 -19.01
C MET L 270 -22.09 -35.61 -20.38
N ASP L 271 -22.23 -34.34 -20.77
CA ASP L 271 -21.76 -33.90 -22.08
C ASP L 271 -20.24 -34.07 -22.18
N GLU L 272 -19.78 -34.41 -23.38
CA GLU L 272 -18.37 -34.69 -23.57
C GLU L 272 -17.50 -33.49 -23.25
N SER L 273 -17.95 -32.29 -23.64
CA SER L 273 -17.20 -31.08 -23.34
C SER L 273 -17.10 -30.84 -21.84
N LEU L 274 -18.09 -31.30 -21.07
CA LEU L 274 -18.08 -31.15 -19.63
C LEU L 274 -17.34 -32.27 -18.91
N TYR L 275 -17.30 -33.46 -19.51
CA TYR L 275 -16.67 -34.62 -18.87
C TYR L 275 -15.16 -34.42 -18.89
N MET L 276 -14.60 -33.99 -17.76
CA MET L 276 -13.19 -33.67 -17.67
C MET L 276 -12.32 -34.86 -17.30
N ALA L 277 -12.90 -35.88 -16.65
CA ALA L 277 -12.11 -37.02 -16.19
C ALA L 277 -11.43 -37.74 -17.35
N ASP L 278 -12.00 -37.66 -18.55
CA ASP L 278 -11.40 -38.30 -19.71
C ASP L 278 -10.09 -37.65 -20.12
N GLN L 279 -9.82 -36.43 -19.66
CA GLN L 279 -8.68 -35.66 -20.12
C GLN L 279 -7.64 -35.40 -19.03
N VAL L 280 -7.77 -36.01 -17.87
CA VAL L 280 -6.83 -35.74 -16.78
C VAL L 280 -6.36 -37.03 -16.13
N TYR L 281 -7.02 -38.15 -16.44
CA TYR L 281 -6.66 -39.41 -15.77
C TYR L 281 -5.24 -39.83 -16.13
N LEU L 282 -4.84 -39.64 -17.38
CA LEU L 282 -3.45 -39.89 -17.75
C LEU L 282 -2.51 -39.01 -16.96
N ALA L 283 -2.87 -37.73 -16.81
CA ALA L 283 -2.06 -36.84 -15.97
C ALA L 283 -2.00 -37.33 -14.54
N GLN L 284 -3.10 -37.90 -14.03
CA GLN L 284 -3.11 -38.39 -12.66
C GLN L 284 -2.18 -39.59 -12.49
N ARG L 285 -2.21 -40.54 -13.42
CA ARG L 285 -1.30 -41.68 -13.30
C ARG L 285 0.15 -41.25 -13.51
N MET L 286 0.36 -40.25 -14.37
CA MET L 286 1.69 -39.67 -14.49
C MET L 286 2.14 -39.07 -13.17
N ILE L 287 1.23 -38.41 -12.46
CA ILE L 287 1.54 -37.86 -11.15
C ILE L 287 1.92 -38.98 -10.18
N TYR L 288 1.17 -40.08 -10.21
CA TYR L 288 1.51 -41.22 -9.36
C TYR L 288 2.94 -41.68 -9.62
N GLY L 289 3.28 -41.91 -10.89
CA GLY L 289 4.61 -42.40 -11.20
C GLY L 289 5.70 -41.40 -10.82
N LEU L 290 5.48 -40.13 -11.15
CA LEU L 290 6.48 -39.11 -10.87
C LEU L 290 6.68 -38.93 -9.37
N SER L 291 5.60 -38.98 -8.59
CA SER L 291 5.73 -38.88 -7.15
C SER L 291 6.52 -40.05 -6.57
N MET L 292 6.24 -41.26 -7.07
CA MET L 292 7.00 -42.41 -6.59
C MET L 292 8.48 -42.25 -6.89
N ASN L 293 8.80 -41.86 -8.13
CA ASN L 293 10.20 -41.70 -8.50
C ASN L 293 10.86 -40.58 -7.69
N LEU L 294 10.14 -39.48 -7.47
CA LEU L 294 10.69 -38.37 -6.72
C LEU L 294 11.00 -38.77 -5.29
N PHE L 295 10.08 -39.47 -4.63
CA PHE L 295 10.34 -39.90 -3.26
C PHE L 295 11.48 -40.90 -3.20
N HIS L 296 11.57 -41.81 -4.17
CA HIS L 296 12.68 -42.74 -4.19
C HIS L 296 14.01 -42.02 -4.34
N THR L 297 14.08 -41.06 -5.26
CA THR L 297 15.33 -40.30 -5.45
C THR L 297 15.68 -39.52 -4.21
N ALA L 298 14.71 -38.85 -3.60
CA ALA L 298 14.98 -38.05 -2.40
C ALA L 298 15.46 -38.93 -1.25
N ALA L 299 14.84 -40.09 -1.07
CA ALA L 299 15.26 -41.00 -0.01
C ALA L 299 16.67 -41.52 -0.27
N ASN L 300 16.99 -41.86 -1.51
CA ASN L 300 18.32 -42.40 -1.81
C ASN L 300 19.40 -41.33 -1.84
N ALA L 301 19.05 -40.05 -1.92
CA ALA L 301 20.06 -38.99 -1.92
C ALA L 301 19.84 -37.99 -0.80
N GLY L 302 19.04 -38.35 0.23
CA GLY L 302 18.74 -37.40 1.28
C GLY L 302 19.72 -37.37 2.42
N PHE L 303 20.52 -38.42 2.59
CA PHE L 303 21.42 -38.48 3.73
C PHE L 303 22.61 -37.56 3.53
N VAL L 304 23.33 -37.29 4.62
CA VAL L 304 24.50 -36.44 4.62
C VAL L 304 25.71 -37.30 4.91
N GLN L 305 26.69 -37.28 4.01
CA GLN L 305 27.90 -38.08 4.15
C GLN L 305 29.06 -37.21 4.57
N LYS L 306 29.91 -37.73 5.43
CA LYS L 306 31.06 -37.00 5.92
C LYS L 306 32.33 -37.81 5.70
N TRP L 307 33.20 -37.30 4.86
CA TRP L 307 34.44 -38.00 4.54
C TRP L 307 35.64 -37.23 5.08
N ILE L 308 36.76 -37.94 5.21
CA ILE L 308 37.98 -37.37 5.77
C ILE L 308 39.13 -37.59 4.81
N ARG L 309 40.24 -36.95 5.11
CA ARG L 309 41.51 -37.21 4.46
C ARG L 309 42.53 -37.41 5.57
N PRO L 310 42.93 -38.64 5.87
CA PRO L 310 43.74 -38.87 7.06
C PRO L 310 45.05 -38.12 7.02
N TYR L 311 45.49 -37.67 8.19
CA TYR L 311 46.71 -36.89 8.33
C TYR L 311 47.86 -37.82 8.68
N ILE L 312 48.99 -37.66 8.00
CA ILE L 312 50.13 -38.52 8.19
C ILE L 312 51.29 -37.76 8.84
N PRO L 332 50.22 -49.03 4.58
CA PRO L 332 49.85 -49.85 5.74
C PRO L 332 48.34 -49.88 5.96
N LYS L 333 47.67 -50.92 5.45
CA LYS L 333 46.22 -50.98 5.55
C LYS L 333 45.77 -51.13 6.99
N GLU L 334 46.53 -51.86 7.81
CA GLU L 334 46.17 -51.99 9.22
C GLU L 334 46.27 -50.64 9.93
N ALA L 335 47.29 -49.86 9.61
CA ALA L 335 47.40 -48.52 10.17
C ALA L 335 46.24 -47.65 9.73
N LEU L 336 45.82 -47.78 8.47
CA LEU L 336 44.68 -47.02 7.99
C LEU L 336 43.40 -47.44 8.72
N ASN L 337 43.23 -48.73 8.99
CA ASN L 337 42.08 -49.18 9.75
C ASN L 337 42.09 -48.60 11.16
N GLU L 338 43.27 -48.54 11.77
CA GLU L 338 43.38 -47.91 13.09
C GLU L 338 42.98 -46.44 12.99
N ILE L 339 43.43 -45.75 11.96
CA ILE L 339 43.15 -44.33 11.81
C ILE L 339 41.66 -44.03 11.67
N ILE L 340 40.97 -44.73 10.77
CA ILE L 340 39.55 -44.47 10.57
C ILE L 340 38.74 -44.82 11.82
N LYS L 341 39.16 -45.84 12.57
CA LYS L 341 38.48 -46.16 13.81
C LYS L 341 38.60 -45.00 14.76
N LYS L 342 39.83 -44.54 14.99
CA LYS L 342 40.05 -43.40 15.88
C LYS L 342 39.24 -42.19 15.45
N TYR L 343 39.26 -41.87 14.16
CA TYR L 343 38.54 -40.71 13.65
C TYR L 343 37.06 -40.80 13.97
N ALA L 344 36.44 -41.94 13.68
CA ALA L 344 35.03 -42.13 13.96
C ALA L 344 34.71 -41.88 15.43
N GLU L 345 35.51 -42.44 16.33
CA GLU L 345 35.29 -42.27 17.76
C GLU L 345 35.29 -40.80 18.16
N SER L 346 36.24 -40.04 17.66
CA SER L 346 36.34 -38.63 18.04
C SER L 346 35.77 -37.70 16.98
N LEU L 347 34.52 -37.92 16.58
CA LEU L 347 33.89 -37.05 15.58
C LEU L 347 32.65 -36.39 16.14
N GLY L 348 32.82 -35.45 17.08
CA GLY L 348 31.68 -34.78 17.67
C GLY L 348 32.08 -33.39 18.13
N ASP L 349 31.20 -32.79 18.94
CA ASP L 349 31.45 -31.45 19.44
C ASP L 349 32.48 -31.42 20.54
N GLU L 350 32.70 -32.55 21.23
CA GLU L 350 33.61 -32.61 22.36
C GLU L 350 34.99 -33.13 21.97
N SER L 351 35.43 -32.86 20.75
CA SER L 351 36.75 -33.32 20.31
C SER L 351 37.21 -32.47 19.13
N VAL L 352 38.52 -32.25 19.07
CA VAL L 352 39.16 -31.62 17.92
C VAL L 352 39.93 -32.68 17.16
N ILE L 353 39.52 -32.96 15.94
CA ILE L 353 40.13 -34.00 15.15
C ILE L 353 41.38 -33.45 14.47
N MET L 354 42.24 -34.35 14.04
CA MET L 354 43.57 -34.00 13.54
C MET L 354 43.70 -34.24 12.04
N ALA L 355 42.57 -34.29 11.33
CA ALA L 355 42.55 -34.75 9.95
C ALA L 355 43.07 -33.65 9.01
N ASP L 356 42.99 -33.92 7.71
CA ASP L 356 43.46 -33.01 6.67
C ASP L 356 42.32 -32.37 5.89
N PHE L 357 41.16 -33.01 5.82
CA PHE L 357 40.01 -32.45 5.13
C PHE L 357 38.77 -33.22 5.55
N PHE L 358 37.80 -32.54 6.14
CA PHE L 358 36.63 -33.20 6.72
C PHE L 358 35.33 -32.49 6.31
N THR L 359 35.17 -32.22 5.03
CA THR L 359 33.95 -31.53 4.61
C THR L 359 32.72 -32.41 4.87
N PHE L 360 31.60 -31.76 5.14
CA PHE L 360 30.31 -32.42 5.27
C PHE L 360 29.67 -32.42 3.89
N GLU L 361 29.69 -33.56 3.23
CA GLU L 361 29.15 -33.65 1.88
C GLU L 361 27.64 -33.79 1.95
N GLU L 362 26.93 -33.01 1.13
CA GLU L 362 25.48 -32.96 1.19
C GLU L 362 24.93 -32.77 -0.21
N LEU L 363 23.69 -33.21 -0.42
CA LEU L 363 23.04 -33.04 -1.71
C LEU L 363 22.80 -31.56 -1.99
N ALA L 364 23.05 -31.15 -3.23
CA ALA L 364 22.79 -29.76 -3.61
C ALA L 364 21.30 -29.45 -3.55
N GLY L 365 20.46 -30.40 -3.93
CA GLY L 365 19.02 -30.21 -3.89
C GLY L 365 18.54 -29.24 -4.95
N THR L 366 18.67 -29.60 -6.22
CA THR L 366 18.28 -28.73 -7.31
C THR L 366 17.34 -29.44 -8.27
N SER L 367 17.51 -30.75 -8.41
CA SER L 367 16.62 -31.52 -9.27
C SER L 367 15.35 -31.93 -8.54
N VAL L 368 15.40 -32.03 -7.21
CA VAL L 368 14.22 -32.42 -6.45
C VAL L 368 13.11 -31.39 -6.62
N GLU L 369 13.45 -30.11 -6.52
CA GLU L 369 12.44 -29.09 -6.76
C GLU L 369 12.05 -29.01 -8.24
N MET L 370 12.92 -29.47 -9.14
CA MET L 370 12.52 -29.58 -10.54
C MET L 370 11.39 -30.59 -10.71
N GLN L 371 11.56 -31.77 -10.12
CA GLN L 371 10.50 -32.77 -10.18
C GLN L 371 9.25 -32.30 -9.43
N ILE L 372 9.45 -31.58 -8.33
CA ILE L 372 8.32 -31.00 -7.61
C ILE L 372 7.56 -30.03 -8.49
N GLY L 373 8.28 -29.21 -9.24
CA GLY L 373 7.62 -28.28 -10.16
C GLY L 373 6.88 -29.00 -11.28
N LEU L 374 7.46 -30.10 -11.76
CA LEU L 374 6.76 -30.88 -12.79
C LEU L 374 5.45 -31.44 -12.25
N ILE L 375 5.49 -32.02 -11.05
CA ILE L 375 4.27 -32.55 -10.44
C ILE L 375 3.28 -31.42 -10.18
N GLU L 376 3.79 -30.26 -9.76
CA GLU L 376 2.93 -29.12 -9.48
C GLU L 376 2.24 -28.64 -10.76
N ARG L 377 2.96 -28.62 -11.88
CA ARG L 377 2.34 -28.20 -13.13
C ARG L 377 1.34 -29.23 -13.62
N LEU L 378 1.59 -30.52 -13.38
CA LEU L 378 0.57 -31.51 -13.71
C LEU L 378 -0.69 -31.32 -12.87
N ARG L 379 -0.53 -31.06 -11.57
CA ARG L 379 -1.67 -30.77 -10.72
C ARG L 379 -2.39 -29.50 -11.16
N ASN L 380 -1.64 -28.48 -11.56
CA ASN L 380 -2.26 -27.24 -12.04
C ASN L 380 -3.06 -27.49 -13.30
N TYR L 381 -2.54 -28.32 -14.21
CA TYR L 381 -3.33 -28.67 -15.39
C TYR L 381 -4.60 -29.42 -14.99
N ILE L 382 -4.48 -30.35 -14.04
CA ILE L 382 -5.65 -31.09 -13.60
C ILE L 382 -6.72 -30.15 -13.07
N PHE L 383 -6.31 -29.16 -12.27
CA PHE L 383 -7.28 -28.24 -11.69
C PHE L 383 -7.71 -27.14 -12.65
N THR L 384 -6.97 -26.92 -13.75
CA THR L 384 -7.42 -25.98 -14.77
C THR L 384 -8.19 -26.64 -15.89
N ALA L 385 -8.29 -27.97 -15.89
CA ALA L 385 -9.22 -28.64 -16.80
C ALA L 385 -10.64 -28.15 -16.54
N ILE L 386 -11.01 -28.05 -15.29
CA ILE L 386 -12.16 -27.26 -14.87
C ILE L 386 -11.66 -25.84 -14.64
N LEU L 387 -12.50 -24.86 -14.91
CA LEU L 387 -12.04 -23.47 -14.83
C LEU L 387 -11.87 -23.04 -13.38
N PHE L 388 -10.90 -23.62 -12.69
CA PHE L 388 -10.70 -23.36 -11.27
C PHE L 388 -9.21 -23.14 -11.00
N ASN L 389 -8.93 -22.33 -9.99
CA ASN L 389 -7.57 -22.00 -9.59
C ASN L 389 -7.26 -22.66 -8.25
N ASN L 390 -6.22 -23.49 -8.24
CA ASN L 390 -5.81 -24.17 -7.01
C ASN L 390 -5.11 -23.25 -6.02
N ALA L 391 -4.71 -22.05 -6.46
CA ALA L 391 -4.01 -21.13 -5.58
C ALA L 391 -4.85 -20.72 -4.38
N LYS L 392 -6.17 -20.96 -4.43
CA LYS L 392 -7.01 -20.74 -3.27
C LYS L 392 -6.49 -21.50 -2.05
N PHE L 393 -5.98 -22.71 -2.27
CA PHE L 393 -5.42 -23.51 -1.19
C PHE L 393 -3.96 -23.86 -1.47
N GLU L 394 -3.20 -22.88 -1.97
CA GLU L 394 -1.77 -23.03 -2.15
C GLU L 394 -0.96 -22.08 -1.27
N GLN L 395 -1.45 -20.87 -1.04
CA GLN L 395 -0.77 -19.92 -0.19
C GLN L 395 -1.75 -18.94 0.44
N ALA L 404 -15.31 -11.14 4.59
CA ALA L 404 -15.03 -10.24 3.48
C ALA L 404 -14.23 -10.96 2.39
N ALA L 405 -12.93 -11.12 2.64
CA ALA L 405 -12.07 -11.80 1.66
C ALA L 405 -12.01 -13.29 1.93
N LYS L 406 -11.60 -13.68 3.14
CA LYS L 406 -11.52 -15.10 3.48
C LYS L 406 -12.90 -15.71 3.69
N GLU L 407 -13.94 -14.88 3.73
CA GLU L 407 -15.30 -15.40 3.85
C GLU L 407 -15.65 -16.28 2.67
N ILE L 408 -15.05 -16.04 1.50
CA ILE L 408 -15.29 -16.90 0.36
C ILE L 408 -14.75 -18.30 0.62
N ASP L 409 -13.54 -18.40 1.17
CA ASP L 409 -12.98 -19.70 1.52
C ASP L 409 -13.82 -20.37 2.60
N PHE L 410 -14.30 -19.57 3.57
CA PHE L 410 -15.16 -20.13 4.61
C PHE L 410 -16.43 -20.71 4.01
N TYR L 411 -17.03 -20.01 3.05
CA TYR L 411 -18.21 -20.53 2.37
C TYR L 411 -17.88 -21.78 1.57
N VAL L 412 -16.70 -21.83 0.96
CA VAL L 412 -16.28 -23.04 0.25
C VAL L 412 -16.26 -24.22 1.21
N GLN L 413 -15.72 -24.03 2.40
CA GLN L 413 -15.78 -25.07 3.42
C GLN L 413 -17.22 -25.39 3.79
N ASN L 414 -18.05 -24.36 3.94
CA ASN L 414 -19.45 -24.56 4.31
C ASN L 414 -20.19 -25.40 3.30
N LEU L 415 -19.73 -25.41 2.05
CA LEU L 415 -20.39 -26.24 1.04
C LEU L 415 -20.29 -27.72 1.39
N ALA L 416 -19.06 -28.20 1.65
CA ALA L 416 -18.89 -29.59 2.07
C ALA L 416 -19.55 -29.84 3.42
N LEU L 417 -19.55 -28.81 4.28
CA LEU L 417 -20.26 -28.93 5.54
C LEU L 417 -21.74 -29.19 5.32
N LYS L 418 -22.34 -28.48 4.36
CA LYS L 418 -23.76 -28.67 4.04
C LYS L 418 -24.01 -30.05 3.46
N ASP L 419 -23.10 -30.54 2.62
CA ASP L 419 -23.26 -31.89 2.08
C ASP L 419 -23.27 -32.94 3.19
N HIS L 420 -22.25 -32.89 4.05
CA HIS L 420 -22.21 -33.83 5.16
C HIS L 420 -23.40 -33.62 6.09
N GLY L 421 -23.89 -32.39 6.22
CA GLY L 421 -25.05 -32.15 7.05
C GLY L 421 -26.31 -32.78 6.49
N SER L 422 -26.48 -32.74 5.17
CA SER L 422 -27.61 -33.41 4.55
C SER L 422 -27.55 -34.91 4.81
N GLY L 423 -26.35 -35.49 4.63
CA GLY L 423 -26.20 -36.91 4.96
C GLY L 423 -26.51 -37.21 6.42
N ILE L 424 -26.04 -36.35 7.32
CA ILE L 424 -26.28 -36.52 8.74
C ILE L 424 -27.77 -36.43 9.05
N VAL L 425 -28.48 -35.50 8.41
CA VAL L 425 -29.92 -35.36 8.65
C VAL L 425 -30.66 -36.59 8.18
N GLU L 426 -30.27 -37.15 7.03
CA GLU L 426 -30.88 -38.39 6.57
C GLU L 426 -30.66 -39.51 7.58
N PHE L 427 -29.43 -39.65 8.05
CA PHE L 427 -29.13 -40.71 9.03
C PHE L 427 -29.92 -40.49 10.32
N THR L 428 -30.03 -39.23 10.76
CA THR L 428 -30.78 -38.93 11.98
C THR L 428 -32.26 -39.24 11.82
N ARG L 429 -32.82 -38.95 10.64
CA ARG L 429 -34.20 -39.31 10.40
C ARG L 429 -34.41 -40.81 10.48
N SER L 430 -33.50 -41.59 9.89
CA SER L 430 -33.61 -43.04 9.99
C SER L 430 -33.49 -43.51 11.43
N LEU L 431 -32.54 -42.95 12.18
CA LEU L 431 -32.35 -43.34 13.57
C LEU L 431 -33.59 -43.02 14.40
N LEU L 432 -34.18 -41.84 14.18
CA LEU L 432 -35.37 -41.46 14.93
C LEU L 432 -36.55 -42.35 14.55
N HIS L 433 -36.65 -42.74 13.29
CA HIS L 433 -37.70 -43.68 12.90
C HIS L 433 -37.55 -45.00 13.64
N HIS L 434 -36.33 -45.53 13.69
CA HIS L 434 -36.10 -46.78 14.41
C HIS L 434 -36.39 -46.61 15.91
N THR L 435 -36.00 -45.47 16.48
CA THR L 435 -36.26 -45.23 17.90
C THR L 435 -37.76 -45.17 18.18
N ALA L 436 -38.51 -44.49 17.32
CA ALA L 436 -39.96 -44.43 17.50
C ALA L 436 -40.56 -45.82 17.37
N LYS L 437 -40.03 -46.65 16.46
CA LYS L 437 -40.47 -48.02 16.39
C LYS L 437 -40.15 -48.79 17.67
N ALA L 438 -39.05 -48.43 18.33
CA ALA L 438 -38.69 -49.10 19.59
C ALA L 438 -39.72 -48.82 20.68
N PHE L 439 -40.22 -47.59 20.76
CA PHE L 439 -41.25 -47.27 21.73
C PHE L 439 -42.58 -47.95 21.43
N GLY L 440 -42.69 -48.67 20.33
CA GLY L 440 -43.94 -49.26 19.90
C GLY L 440 -44.81 -48.35 19.05
N TYR L 441 -44.39 -47.11 18.85
CA TYR L 441 -45.13 -46.20 17.98
C TYR L 441 -44.90 -46.57 16.52
N ASP L 442 -45.91 -46.30 15.69
CA ASP L 442 -45.89 -46.67 14.28
C ASP L 442 -45.34 -45.56 13.40
N SER L 443 -44.46 -44.72 13.92
CA SER L 443 -43.90 -43.57 13.20
C SER L 443 -45.08 -42.70 12.75
N GLY L 444 -44.95 -42.05 11.60
CA GLY L 444 -45.96 -41.14 11.13
C GLY L 444 -45.41 -39.75 10.90
N GLY L 445 -45.49 -39.26 9.66
CA GLY L 445 -44.82 -38.05 9.29
C GLY L 445 -43.32 -38.19 9.15
N SER L 446 -42.78 -39.39 9.33
CA SER L 446 -41.38 -39.72 9.19
C SER L 446 -40.46 -38.87 10.05
N ILE L 447 -41.01 -38.17 11.05
CA ILE L 447 -40.22 -37.40 12.01
C ILE L 447 -39.34 -36.40 11.27
N VAL L 448 -39.91 -35.25 10.90
CA VAL L 448 -39.15 -34.27 10.14
C VAL L 448 -38.02 -33.73 10.99
N VAL L 449 -36.87 -33.49 10.35
CA VAL L 449 -35.67 -33.02 11.01
C VAL L 449 -35.08 -31.89 10.20
N SER L 450 -34.70 -30.80 10.87
CA SER L 450 -34.13 -29.64 10.22
C SER L 450 -32.74 -29.37 10.77
N GLY L 451 -32.02 -28.48 10.11
CA GLY L 451 -30.71 -28.05 10.54
C GLY L 451 -29.61 -28.62 9.67
N MET L 452 -28.37 -28.37 10.12
CA MET L 452 -27.16 -28.82 9.43
C MET L 452 -27.14 -28.35 7.98
N ASP L 453 -27.67 -27.15 7.73
CA ASP L 453 -27.74 -26.61 6.38
C ASP L 453 -27.22 -25.19 6.26
N ARG L 454 -27.00 -24.49 7.37
CA ARG L 454 -26.54 -23.11 7.35
C ARG L 454 -25.34 -23.00 8.29
N TYR L 455 -24.15 -23.20 7.74
CA TYR L 455 -22.90 -23.03 8.47
C TYR L 455 -22.35 -21.65 8.13
N ASP L 456 -22.32 -20.75 9.11
CA ASP L 456 -21.88 -19.40 8.86
C ASP L 456 -21.33 -18.78 10.13
N VAL L 457 -20.27 -17.98 9.98
CA VAL L 457 -19.70 -17.27 11.10
C VAL L 457 -20.69 -16.22 11.60
N ARG L 458 -20.83 -16.14 12.92
CA ARG L 458 -21.73 -15.17 13.55
C ARG L 458 -23.15 -15.36 13.03
N PRO L 459 -23.81 -16.46 13.41
CA PRO L 459 -25.11 -16.77 12.80
C PRO L 459 -26.29 -16.11 13.48
N ILE L 460 -26.10 -15.64 14.71
CA ILE L 460 -27.23 -15.12 15.48
C ILE L 460 -27.81 -13.87 14.82
N GLU L 461 -26.96 -12.91 14.49
CA GLU L 461 -27.47 -11.66 13.92
C GLU L 461 -27.97 -11.86 12.50
N GLN L 462 -27.50 -12.88 11.78
CA GLN L 462 -28.09 -13.19 10.49
C GLN L 462 -29.55 -13.62 10.65
N VAL L 463 -29.83 -14.46 11.64
CA VAL L 463 -31.21 -14.86 11.91
C VAL L 463 -32.02 -13.67 12.40
N LEU L 464 -31.40 -12.80 13.21
CA LEU L 464 -32.09 -11.58 13.64
C LEU L 464 -32.46 -10.70 12.45
N SER L 465 -31.53 -10.55 11.51
CA SER L 465 -31.81 -9.77 10.30
C SER L 465 -32.92 -10.41 9.49
N LEU L 466 -32.91 -11.74 9.38
CA LEU L 466 -33.99 -12.43 8.67
C LEU L 466 -35.34 -12.15 9.33
N ILE L 467 -35.39 -12.22 10.66
CA ILE L 467 -36.63 -11.97 11.39
C ILE L 467 -37.09 -10.53 11.13
N GLU L 468 -36.17 -9.58 11.23
CA GLU L 468 -36.53 -8.18 11.05
C GLU L 468 -37.04 -7.91 9.64
N ARG L 469 -36.34 -8.44 8.63
CA ARG L 469 -36.77 -8.24 7.25
C ARG L 469 -38.13 -8.87 7.00
N LEU L 470 -38.38 -10.04 7.59
CA LEU L 470 -39.71 -10.65 7.47
C LEU L 470 -40.77 -9.77 8.10
N PHE L 471 -40.49 -9.20 9.27
CA PHE L 471 -41.50 -8.39 9.95
C PHE L 471 -41.71 -7.04 9.28
N LYS L 472 -40.72 -6.53 8.55
CA LYS L 472 -40.90 -5.28 7.85
C LYS L 472 -41.80 -5.41 6.62
N LEU L 473 -42.05 -6.64 6.17
CA LEU L 473 -42.91 -6.87 5.04
C LEU L 473 -44.37 -6.61 5.41
N PRO L 474 -45.23 -6.40 4.42
CA PRO L 474 -46.66 -6.27 4.71
C PRO L 474 -47.17 -7.46 5.51
N GLN L 475 -47.63 -7.19 6.74
CA GLN L 475 -47.97 -8.25 7.67
C GLN L 475 -49.09 -9.13 7.12
N LEU L 476 -49.98 -8.57 6.30
CA LEU L 476 -51.05 -9.36 5.73
C LEU L 476 -50.55 -10.40 4.74
N ALA L 477 -49.32 -10.23 4.23
CA ALA L 477 -48.78 -11.12 3.21
C ALA L 477 -47.86 -12.19 3.78
N ILE L 478 -47.67 -12.25 5.09
CA ILE L 478 -46.75 -13.19 5.71
C ILE L 478 -47.57 -14.23 6.46
N PRO L 479 -47.51 -15.51 6.06
CA PRO L 479 -48.21 -16.54 6.82
C PRO L 479 -47.57 -16.74 8.19
N LYS L 480 -48.40 -17.20 9.13
CA LYS L 480 -47.90 -17.42 10.49
C LYS L 480 -46.86 -18.53 10.53
N ASP L 481 -46.94 -19.48 9.60
CA ASP L 481 -46.01 -20.60 9.62
C ASP L 481 -44.58 -20.16 9.36
N LEU L 482 -44.38 -19.23 8.43
CA LEU L 482 -43.03 -18.74 8.16
C LEU L 482 -42.45 -18.02 9.36
N LEU L 483 -43.25 -17.17 10.00
CA LEU L 483 -42.79 -16.48 11.20
C LEU L 483 -42.46 -17.48 12.31
N ILE L 484 -43.31 -18.49 12.48
CA ILE L 484 -43.06 -19.49 13.51
C ILE L 484 -41.76 -20.22 13.22
N GLU L 485 -41.52 -20.59 11.96
CA GLU L 485 -40.30 -21.30 11.61
C GLU L 485 -39.06 -20.44 11.87
N SER L 486 -39.10 -19.19 11.45
CA SER L 486 -37.94 -18.31 11.64
C SER L 486 -37.69 -18.05 13.12
N MET L 487 -38.74 -17.79 13.89
CA MET L 487 -38.58 -17.57 15.32
C MET L 487 -38.08 -18.83 16.03
N SER L 488 -38.54 -20.00 15.60
CA SER L 488 -38.03 -21.24 16.19
C SER L 488 -36.56 -21.43 15.87
N GLN L 489 -36.14 -21.10 14.66
CA GLN L 489 -34.73 -21.16 14.32
C GLN L 489 -33.91 -20.24 15.21
N LEU L 490 -34.40 -19.02 15.42
CA LEU L 490 -33.71 -18.09 16.32
C LEU L 490 -33.66 -18.64 17.74
N SER L 491 -34.76 -19.21 18.21
CA SER L 491 -34.82 -19.73 19.57
C SER L 491 -33.84 -20.87 19.77
N ARG L 492 -33.77 -21.80 18.80
CA ARG L 492 -32.84 -22.90 18.95
C ARG L 492 -31.41 -22.50 18.68
N LEU L 493 -31.18 -21.35 18.04
CA LEU L 493 -29.81 -20.86 17.90
C LEU L 493 -29.33 -20.12 19.14
N ILE L 494 -30.22 -19.36 19.79
CA ILE L 494 -29.78 -18.54 20.93
C ILE L 494 -29.43 -19.43 22.12
N ILE L 495 -30.21 -20.46 22.38
CA ILE L 495 -29.94 -21.40 23.46
C ILE L 495 -29.62 -22.76 22.86
N GLU L 496 -28.45 -23.28 23.20
CA GLU L 496 -28.03 -24.62 22.80
C GLU L 496 -27.56 -25.35 24.05
N ASN L 497 -27.28 -26.64 23.89
CA ASN L 497 -26.87 -27.52 24.98
C ASN L 497 -27.92 -27.63 26.07
N THR L 498 -29.13 -27.13 25.83
CA THR L 498 -30.21 -27.18 26.80
C THR L 498 -31.07 -28.42 26.57
N THR L 499 -31.83 -28.78 27.60
CA THR L 499 -32.72 -29.92 27.51
C THR L 499 -33.75 -29.71 26.41
N PHE L 500 -34.09 -30.80 25.71
CA PHE L 500 -35.12 -30.72 24.68
C PHE L 500 -36.43 -30.21 25.25
N GLU L 501 -36.70 -30.47 26.53
CA GLU L 501 -37.90 -29.94 27.17
C GLU L 501 -37.90 -28.41 27.16
N TYR L 502 -36.76 -27.80 27.48
CA TYR L 502 -36.69 -26.34 27.53
C TYR L 502 -36.93 -25.74 26.14
N LYS L 503 -36.31 -26.32 25.11
CA LYS L 503 -36.52 -25.84 23.75
C LYS L 503 -37.97 -26.01 23.33
N ASN L 504 -38.60 -27.14 23.69
CA ASN L 504 -40.00 -27.33 23.36
C ASN L 504 -40.87 -26.30 24.03
N THR L 505 -40.60 -25.99 25.30
CA THR L 505 -41.39 -24.98 26.00
C THR L 505 -41.24 -23.62 25.32
N LEU L 506 -40.01 -23.24 24.98
CA LEU L 506 -39.78 -21.96 24.34
C LEU L 506 -40.48 -21.90 22.98
N ASN L 507 -40.39 -22.97 22.20
CA ASN L 507 -41.05 -22.99 20.90
C ASN L 507 -42.56 -22.91 21.03
N ASP L 508 -43.14 -23.59 22.01
CA ASP L 508 -44.58 -23.52 22.21
C ASP L 508 -45.00 -22.11 22.60
N ALA L 509 -44.23 -21.45 23.47
CA ALA L 509 -44.55 -20.07 23.83
C ALA L 509 -44.47 -19.17 22.61
N ILE L 510 -43.45 -19.36 21.78
CA ILE L 510 -43.30 -18.57 20.56
C ILE L 510 -44.49 -18.78 19.65
N ILE L 511 -44.92 -20.03 19.48
CA ILE L 511 -46.05 -20.32 18.59
C ILE L 511 -47.31 -19.63 19.09
N SER L 512 -47.58 -19.74 20.39
CA SER L 512 -48.77 -19.12 20.94
C SER L 512 -48.74 -17.61 20.76
N ASN L 513 -47.59 -16.98 21.04
CA ASN L 513 -47.49 -15.54 20.93
C ASN L 513 -47.65 -15.08 19.49
N ILE L 514 -47.04 -15.81 18.55
CA ILE L 514 -47.16 -15.45 17.14
C ILE L 514 -48.60 -15.60 16.68
N ASP L 515 -49.29 -16.65 17.12
CA ASP L 515 -50.69 -16.81 16.77
C ASP L 515 -51.52 -15.65 17.29
N GLU L 516 -51.28 -15.25 18.55
CA GLU L 516 -52.01 -14.12 19.10
C GLU L 516 -51.75 -12.84 18.32
N TYR L 517 -50.48 -12.58 17.97
CA TYR L 517 -50.16 -11.37 17.21
C TYR L 517 -50.81 -11.39 15.83
N LEU L 518 -50.77 -12.53 15.16
CA LEU L 518 -51.39 -12.62 13.83
C LEU L 518 -52.88 -12.40 13.90
N ASN L 519 -53.54 -13.00 14.90
CA ASN L 519 -54.98 -12.81 15.06
C ASN L 519 -55.29 -11.35 15.36
N SER L 520 -54.48 -10.70 16.20
CA SER L 520 -54.70 -9.30 16.53
C SER L 520 -54.58 -8.42 15.29
N VAL L 521 -53.53 -8.65 14.49
CA VAL L 521 -53.37 -7.82 13.31
C VAL L 521 -54.45 -8.11 12.28
N LYS L 522 -54.92 -9.36 12.21
CA LYS L 522 -56.02 -9.69 11.31
C LYS L 522 -57.29 -8.95 11.69
N LYS L 523 -57.66 -8.99 12.98
CA LYS L 523 -58.85 -8.29 13.43
C LYS L 523 -58.70 -6.77 13.34
N GLN L 524 -57.48 -6.25 13.47
CA GLN L 524 -57.27 -4.83 13.24
C GLN L 524 -57.48 -4.47 11.78
N SER L 525 -56.99 -5.32 10.86
CA SER L 525 -57.15 -5.04 9.45
C SER L 525 -58.60 -5.19 9.00
N ASN L 526 -59.35 -6.10 9.63
CA ASN L 526 -60.74 -6.31 9.23
C ASN L 526 -61.58 -5.06 9.45
N ASP L 527 -61.37 -4.38 10.56
CA ASP L 527 -62.13 -3.16 10.86
C ASP L 527 -61.19 -1.98 11.07
#